data_7C8H
#
_entry.id   7C8H
#
_cell.length_a   144.620
_cell.length_b   185.800
_cell.length_c   162.890
_cell.angle_alpha   90.000
_cell.angle_beta   99.610
_cell.angle_gamma   90.000
#
_symmetry.space_group_name_H-M   'P 1 21 1'
#
loop_
_entity.id
_entity.type
_entity.pdbx_description
1 polymer 'Xylulose-5-phosphate/fructose-6-phosphate phosphoketolase'
2 non-polymer 'THIAMINE DIPHOSPHATE'
3 non-polymer 'CALCIUM ION'
4 non-polymer '(2S)-2-hydroxybutanedioic acid'
5 non-polymer 'MALONIC ACID'
6 non-polymer 'SUCCINIC ACID'
7 water water
#
_entity_poly.entity_id   1
_entity_poly.type   'polypeptide(L)'
_entity_poly.pdbx_seq_one_letter_code
;MTSPVIGTPWKKLNAPVSEEALEGVDKYWRVANYLSIGQIYLRSNPLMKEPFTREDVKHRLVGHWGTTPGLNFLIGHINR
FIADHGQNTVIIMGPGHGGPAGTSQSYLDGTYTETFPKITKDEAGLQKFFRQFSYPGGIPSHFAPETPGSIHEGGELGYA
LSHAYGAIMDNPSLFVPAIVGDGEAETGPLATGWQSNKLVNPRTDGIVLPILHLNGYKIANPTILSRISDEELHEFFHGM
GYEPYEFVAGFDDEDHMSIHRRFAELWETIWDEICDIKATAQTDNVHRPFYPMLIFRTPKGWTCPKYIDGKKTEGSWRSH
QVPLASARDTEAHFEVLKNWLESYKPEELFDANGAVKDDVLAFMPKGELRIGANPNANGGVIRNDLKLPNLEDYEVKEVA
EYGHGWGQLEATRTLGAYTRDIIKNNPRDFRIFGPDETASNRLQASYEVTNKQWDAGYISDEVDEHMHVSGQVVEQLSEH
QMEGFLEAYLLTGRHGIWSSYESFVHVIDSMLNQHAKWLEATVREIPWRKPIASMNLLVSSHVWRQDHNGFSHQDPGVTS
VLLNKCFHNDHVIGIYFATDANMLLAIAEKCYKSTNKINAIIAGKQPAATWLTLDEARAELEKGAAAWDWASTAKNNDEA
EVVLAAAGDVPTQEIMAASDKLKELGVKFKVVNVADLLSLQSAKENDEALTDEEFADIFTADKPVLFAYHSYAHDVRGLI
YDRPNHDNFNVHGYEEEGSTTTPYDMVRVNRIDRYELTAEALRMIDADKYADKIDELEKFRDEAFQFAVDNGYDHPDYTD
WVYSGVNTDKKGAVTATAATAGDNEHHHHHH
;
_entity_poly.pdbx_strand_id   A,B,C,D,E,F,G,H
#
# COMPACT_ATOMS: atom_id res chain seq x y z
N THR A 2 -24.92 21.75 43.91
CA THR A 2 -24.27 20.94 42.86
C THR A 2 -25.36 20.27 42.02
N SER A 3 -25.04 19.92 40.78
CA SER A 3 -26.02 19.29 39.85
C SER A 3 -26.42 17.93 40.41
N PRO A 4 -27.72 17.56 40.29
CA PRO A 4 -28.18 16.25 40.73
C PRO A 4 -27.85 15.19 39.68
N VAL A 5 -27.50 14.00 40.14
CA VAL A 5 -27.40 12.80 39.27
C VAL A 5 -28.81 12.26 39.07
N ILE A 6 -29.29 12.32 37.83
CA ILE A 6 -30.63 11.90 37.39
C ILE A 6 -30.53 10.68 36.47
N GLY A 7 -31.36 9.66 36.74
CA GLY A 7 -31.47 8.43 35.94
C GLY A 7 -30.20 7.60 36.02
N THR A 8 -29.95 6.82 34.97
CA THR A 8 -28.82 5.86 34.82
C THR A 8 -27.89 6.35 33.72
N PRO A 9 -26.90 7.22 34.03
CA PRO A 9 -26.09 7.85 32.98
C PRO A 9 -25.06 6.93 32.28
N TRP A 10 -24.84 7.20 30.99
CA TRP A 10 -23.75 6.61 30.20
C TRP A 10 -23.88 5.08 30.21
N LYS A 11 -25.09 4.60 29.93
CA LYS A 11 -25.45 3.17 29.86
C LYS A 11 -25.62 2.78 28.38
N LYS A 12 -24.82 1.80 27.90
CA LYS A 12 -25.07 1.12 26.60
C LYS A 12 -26.39 0.32 26.65
N LEU A 13 -27.07 0.25 25.52
CA LEU A 13 -28.31 -0.56 25.33
C LEU A 13 -27.96 -2.04 25.38
N ASN A 14 -26.82 -2.44 24.79
CA ASN A 14 -26.32 -3.85 24.72
C ASN A 14 -27.45 -4.76 24.19
N ALA A 15 -27.97 -4.43 23.00
CA ALA A 15 -29.19 -4.97 22.34
C ALA A 15 -29.59 -4.02 21.20
N PRO A 16 -30.15 -4.50 20.08
CA PRO A 16 -30.51 -3.61 18.99
C PRO A 16 -31.77 -2.84 19.42
N VAL A 17 -31.99 -1.69 18.80
CA VAL A 17 -33.22 -0.89 19.06
C VAL A 17 -34.39 -1.72 18.55
N SER A 18 -35.40 -1.85 19.39
CA SER A 18 -36.60 -2.69 19.10
C SER A 18 -37.36 -2.05 17.94
N GLU A 19 -37.99 -2.88 17.10
CA GLU A 19 -38.81 -2.41 15.96
C GLU A 19 -39.95 -1.55 16.50
N GLU A 20 -40.51 -1.85 17.67
CA GLU A 20 -41.73 -1.18 18.20
C GLU A 20 -41.39 0.23 18.69
N ALA A 21 -40.14 0.46 19.10
CA ALA A 21 -39.61 1.78 19.46
C ALA A 21 -39.54 2.64 18.19
N LEU A 22 -38.98 2.12 17.09
CA LEU A 22 -38.87 2.88 15.81
C LEU A 22 -40.26 3.24 15.26
N GLU A 23 -41.26 2.36 15.37
CA GLU A 23 -42.64 2.69 14.95
C GLU A 23 -43.13 3.84 15.81
N GLY A 24 -42.81 3.83 17.11
CA GLY A 24 -43.01 4.99 17.99
C GLY A 24 -42.37 6.25 17.39
N VAL A 25 -41.09 6.19 17.02
CA VAL A 25 -40.32 7.39 16.61
C VAL A 25 -41.00 7.93 15.36
N ASP A 26 -41.29 7.04 14.41
CA ASP A 26 -41.90 7.41 13.10
C ASP A 26 -43.26 8.06 13.35
N LYS A 27 -43.98 7.63 14.39
CA LYS A 27 -45.29 8.19 14.79
C LYS A 27 -45.09 9.57 15.46
N TYR A 28 -44.06 9.70 16.31
CA TYR A 28 -43.66 10.99 16.93
C TYR A 28 -43.41 11.98 15.79
N TRP A 29 -42.51 11.61 14.89
CA TRP A 29 -42.12 12.48 13.76
C TRP A 29 -43.35 13.01 13.03
N ARG A 30 -44.24 12.09 12.67
CA ARG A 30 -45.48 12.40 11.92
C ARG A 30 -46.36 13.30 12.79
N VAL A 31 -46.55 12.98 14.06
CA VAL A 31 -47.45 13.79 14.92
C VAL A 31 -46.78 15.14 15.23
N ALA A 32 -45.46 15.17 15.50
CA ALA A 32 -44.69 16.42 15.74
C ALA A 32 -44.74 17.35 14.52
N ASN A 33 -44.54 16.82 13.32
CA ASN A 33 -44.62 17.60 12.05
C ASN A 33 -46.02 18.14 11.84
N TYR A 34 -47.04 17.35 12.21
CA TYR A 34 -48.47 17.71 12.06
C TYR A 34 -48.80 18.85 13.04
N LEU A 35 -48.36 18.72 14.28
CA LEU A 35 -48.55 19.75 15.33
C LEU A 35 -47.81 21.02 14.88
N SER A 36 -46.63 20.86 14.30
CA SER A 36 -45.75 21.95 13.83
C SER A 36 -46.42 22.71 12.69
N ILE A 37 -46.90 22.02 11.67
CA ILE A 37 -47.67 22.69 10.58
C ILE A 37 -48.95 23.28 11.19
N GLY A 38 -49.55 22.58 12.17
CA GLY A 38 -50.77 23.02 12.88
C GLY A 38 -50.59 24.41 13.48
N GLN A 39 -49.53 24.58 14.26
CA GLN A 39 -49.21 25.83 14.96
C GLN A 39 -49.01 26.97 13.94
N ILE A 40 -48.40 26.67 12.81
CA ILE A 40 -48.10 27.74 11.81
C ILE A 40 -49.39 28.16 11.07
N TYR A 41 -50.21 27.22 10.61
CA TYR A 41 -51.25 27.47 9.56
C TYR A 41 -52.69 27.47 10.10
N LEU A 42 -53.01 26.86 11.24
CA LEU A 42 -54.43 26.59 11.62
C LEU A 42 -54.82 27.41 12.86
N ARG A 43 -55.92 28.17 12.74
CA ARG A 43 -56.54 28.90 13.87
C ARG A 43 -57.60 28.00 14.51
N SER A 44 -58.13 27.02 13.77
CA SER A 44 -59.24 26.15 14.24
C SER A 44 -59.27 24.81 13.48
N ASN A 45 -60.11 23.89 13.95
CA ASN A 45 -60.34 22.55 13.33
C ASN A 45 -59.00 21.81 13.21
N PRO A 46 -58.30 21.58 14.35
CA PRO A 46 -56.97 20.99 14.36
C PRO A 46 -56.85 19.64 13.67
N LEU A 47 -57.94 18.87 13.69
CA LEU A 47 -57.98 17.48 13.17
C LEU A 47 -58.69 17.42 11.82
N MET A 48 -59.00 18.55 11.18
CA MET A 48 -59.61 18.62 9.82
C MET A 48 -60.91 17.80 9.77
N LYS A 49 -61.77 17.93 10.79
CA LYS A 49 -63.18 17.45 10.77
C LYS A 49 -63.88 18.18 9.62
N GLU A 50 -64.70 17.50 8.81
CA GLU A 50 -65.60 18.16 7.83
C GLU A 50 -66.56 19.09 8.57
N PRO A 51 -66.67 20.38 8.21
CA PRO A 51 -66.01 20.96 7.04
C PRO A 51 -64.62 21.57 7.35
N PHE A 52 -63.64 21.34 6.48
CA PHE A 52 -62.28 21.93 6.60
C PHE A 52 -62.03 22.86 5.42
N THR A 53 -61.87 24.16 5.70
CA THR A 53 -61.88 25.27 4.71
C THR A 53 -60.78 26.29 5.02
N ARG A 54 -60.58 27.26 4.13
CA ARG A 54 -59.67 28.42 4.28
C ARG A 54 -59.98 29.19 5.57
N GLU A 55 -61.19 29.09 6.11
CA GLU A 55 -61.66 29.82 7.32
C GLU A 55 -60.86 29.33 8.55
N ASP A 56 -60.36 28.10 8.49
CA ASP A 56 -59.61 27.39 9.56
C ASP A 56 -58.12 27.78 9.56
N VAL A 57 -57.63 28.44 8.51
CA VAL A 57 -56.20 28.82 8.31
C VAL A 57 -55.99 30.22 8.90
N LYS A 58 -54.84 30.45 9.53
CA LYS A 58 -54.49 31.75 10.15
C LYS A 58 -54.36 32.81 9.05
N HIS A 59 -54.68 34.06 9.37
CA HIS A 59 -54.67 35.20 8.41
C HIS A 59 -53.22 35.57 8.06
N ARG A 60 -52.30 35.57 9.03
CA ARG A 60 -50.86 35.90 8.87
C ARG A 60 -50.11 34.62 9.22
N LEU A 61 -49.28 34.13 8.31
CA LEU A 61 -48.47 32.91 8.60
C LEU A 61 -47.18 33.35 9.27
N VAL A 62 -46.99 32.96 10.53
CA VAL A 62 -45.79 33.32 11.34
C VAL A 62 -45.18 32.01 11.82
N GLY A 63 -43.88 31.88 11.66
CA GLY A 63 -43.15 30.67 12.08
C GLY A 63 -42.41 30.04 10.93
N HIS A 64 -41.59 29.03 11.20
CA HIS A 64 -40.60 28.49 10.26
C HIS A 64 -40.82 26.99 10.10
N TRP A 65 -41.04 26.56 8.87
CA TRP A 65 -41.13 25.12 8.53
C TRP A 65 -39.73 24.55 8.39
N GLY A 66 -38.86 25.17 7.58
CA GLY A 66 -37.62 24.58 7.01
C GLY A 66 -36.84 23.69 7.98
N THR A 67 -36.42 24.27 9.11
CA THR A 67 -35.58 23.60 10.12
C THR A 67 -36.40 22.53 10.83
N THR A 68 -37.70 22.78 11.03
CA THR A 68 -38.60 22.04 11.95
C THR A 68 -38.64 20.52 11.71
N PRO A 69 -38.93 20.00 10.49
CA PRO A 69 -39.07 18.56 10.31
C PRO A 69 -37.75 17.83 10.61
N GLY A 70 -36.62 18.49 10.41
CA GLY A 70 -35.32 17.93 10.81
C GLY A 70 -35.21 17.86 12.33
N LEU A 71 -35.60 18.92 13.02
CA LEU A 71 -35.64 18.94 14.51
C LEU A 71 -36.61 17.88 15.04
N ASN A 72 -37.81 17.80 14.46
CA ASN A 72 -38.79 16.80 14.91
C ASN A 72 -38.18 15.40 14.81
N PHE A 73 -37.41 15.12 13.77
CA PHE A 73 -36.82 13.80 13.51
C PHE A 73 -35.86 13.48 14.64
N LEU A 74 -34.95 14.42 14.93
CA LEU A 74 -33.84 14.25 15.91
C LEU A 74 -34.41 14.08 17.33
N ILE A 75 -35.40 14.90 17.70
CA ILE A 75 -36.00 14.94 19.07
C ILE A 75 -36.77 13.63 19.34
N GLY A 76 -37.51 13.14 18.33
CA GLY A 76 -38.14 11.81 18.32
C GLY A 76 -37.13 10.74 18.67
N HIS A 77 -36.01 10.74 17.96
CA HIS A 77 -34.93 9.75 18.16
C HIS A 77 -34.24 9.97 19.51
N ILE A 78 -34.13 11.22 19.94
CA ILE A 78 -33.52 11.53 21.27
C ILE A 78 -34.46 11.08 22.41
N ASN A 79 -35.77 11.24 22.26
CA ASN A 79 -36.79 10.77 23.23
C ASN A 79 -36.74 9.23 23.37
N ARG A 80 -36.72 8.52 22.24
CA ARG A 80 -36.54 7.06 22.22
C ARG A 80 -35.28 6.73 23.01
N PHE A 81 -34.18 7.41 22.68
CA PHE A 81 -32.85 7.22 23.32
C PHE A 81 -32.95 7.47 24.83
N ILE A 82 -33.66 8.54 25.25
CA ILE A 82 -33.74 8.88 26.70
C ILE A 82 -34.44 7.74 27.44
N ALA A 83 -35.53 7.20 26.89
CA ALA A 83 -36.37 6.17 27.57
C ALA A 83 -35.59 4.87 27.64
N ASP A 84 -34.97 4.47 26.52
CA ASP A 84 -34.23 3.18 26.48
C ASP A 84 -33.07 3.24 27.47
N HIS A 85 -32.43 4.41 27.65
CA HIS A 85 -31.11 4.51 28.33
C HIS A 85 -31.24 5.07 29.74
N GLY A 86 -32.29 5.85 30.04
CA GLY A 86 -32.46 6.57 31.32
C GLY A 86 -31.46 7.71 31.46
N GLN A 87 -31.13 8.37 30.36
CA GLN A 87 -30.02 9.35 30.27
C GLN A 87 -30.54 10.77 30.53
N ASN A 88 -30.06 11.40 31.61
CA ASN A 88 -30.15 12.85 31.91
C ASN A 88 -29.79 13.65 30.66
N THR A 89 -30.78 14.22 29.97
CA THR A 89 -30.61 14.90 28.66
C THR A 89 -31.20 16.32 28.68
N VAL A 90 -30.39 17.30 28.26
CA VAL A 90 -30.91 18.64 27.82
C VAL A 90 -30.53 18.83 26.34
N ILE A 91 -31.47 19.26 25.51
CA ILE A 91 -31.17 19.64 24.10
C ILE A 91 -30.87 21.14 24.04
N ILE A 92 -29.95 21.53 23.16
CA ILE A 92 -29.81 22.95 22.77
C ILE A 92 -30.34 23.04 21.34
N MET A 93 -31.43 23.78 21.14
CA MET A 93 -32.00 24.02 19.81
C MET A 93 -31.38 25.31 19.21
N GLY A 94 -30.25 25.15 18.54
CA GLY A 94 -29.58 26.26 17.84
C GLY A 94 -30.55 26.97 16.92
N PRO A 95 -31.18 26.24 15.96
CA PRO A 95 -32.21 26.80 15.12
C PRO A 95 -33.47 27.11 15.95
N GLY A 96 -33.36 28.13 16.81
CA GLY A 96 -34.43 28.45 17.77
C GLY A 96 -35.72 28.84 17.09
N HIS A 97 -35.63 29.30 15.85
CA HIS A 97 -36.80 29.63 15.01
C HIS A 97 -37.62 28.36 14.73
N GLY A 98 -37.06 27.17 15.00
CA GLY A 98 -37.81 25.89 14.97
C GLY A 98 -38.72 25.72 16.18
N GLY A 99 -39.23 26.80 16.78
CA GLY A 99 -40.01 26.77 18.02
C GLY A 99 -41.13 25.74 17.99
N PRO A 100 -41.83 25.56 16.86
CA PRO A 100 -42.80 24.49 16.71
C PRO A 100 -42.32 23.10 17.14
N ALA A 101 -41.05 22.76 16.93
CA ALA A 101 -40.50 21.44 17.28
C ALA A 101 -40.41 21.33 18.81
N GLY A 102 -40.27 22.46 19.49
CA GLY A 102 -39.99 22.53 20.95
C GLY A 102 -41.27 22.53 21.72
N THR A 103 -42.28 23.23 21.20
CA THR A 103 -43.64 23.25 21.80
C THR A 103 -44.28 21.87 21.60
N SER A 104 -44.18 21.29 20.39
CA SER A 104 -44.66 19.95 20.02
C SER A 104 -44.05 18.92 20.97
N GLN A 105 -42.76 18.99 21.25
CA GLN A 105 -42.09 18.08 22.20
C GLN A 105 -42.80 18.15 23.55
N SER A 106 -43.03 19.35 24.05
CA SER A 106 -43.51 19.55 25.45
C SER A 106 -44.94 19.03 25.52
N TYR A 107 -45.71 19.26 24.48
CA TYR A 107 -47.12 18.80 24.39
C TYR A 107 -47.16 17.28 24.50
N LEU A 108 -46.27 16.63 23.73
CA LEU A 108 -46.29 15.18 23.52
C LEU A 108 -45.70 14.46 24.75
N ASP A 109 -44.83 15.10 25.50
CA ASP A 109 -44.18 14.50 26.69
C ASP A 109 -45.03 14.79 27.93
N GLY A 110 -46.04 15.65 27.82
CA GLY A 110 -47.01 15.91 28.90
C GLY A 110 -46.72 17.16 29.72
N THR A 111 -45.51 17.68 29.64
CA THR A 111 -45.07 18.85 30.43
C THR A 111 -45.85 20.10 30.01
N TYR A 112 -46.34 20.16 28.79
CA TYR A 112 -47.07 21.37 28.34
C TYR A 112 -48.38 21.46 29.11
N THR A 113 -49.12 20.35 29.16
CA THR A 113 -50.40 20.24 29.89
C THR A 113 -50.17 20.41 31.40
N GLU A 114 -49.12 19.80 31.95
CA GLU A 114 -48.82 19.96 33.40
C GLU A 114 -48.50 21.43 33.74
N THR A 115 -47.86 22.15 32.81
CA THR A 115 -47.35 23.53 33.00
C THR A 115 -48.47 24.53 32.70
N PHE A 116 -49.23 24.29 31.61
CA PHE A 116 -50.40 25.10 31.21
C PHE A 116 -51.66 24.23 31.17
N PRO A 117 -52.45 24.09 32.27
CA PRO A 117 -53.60 23.17 32.31
C PRO A 117 -54.75 23.43 31.31
N LYS A 118 -54.96 24.69 30.90
CA LYS A 118 -55.86 25.08 29.80
C LYS A 118 -55.53 24.28 28.53
N ILE A 119 -54.28 23.89 28.32
CA ILE A 119 -53.85 23.25 27.04
C ILE A 119 -53.95 21.74 27.24
N THR A 120 -55.17 21.22 27.09
CA THR A 120 -55.55 19.84 27.44
C THR A 120 -55.13 18.92 26.29
N LYS A 121 -55.23 17.60 26.50
CA LYS A 121 -54.87 16.52 25.55
C LYS A 121 -56.14 16.01 24.85
N ASP A 122 -56.75 16.84 24.01
CA ASP A 122 -58.04 16.55 23.34
C ASP A 122 -58.24 17.58 22.23
N GLU A 123 -59.30 17.47 21.44
CA GLU A 123 -59.53 18.38 20.29
C GLU A 123 -59.53 19.84 20.79
N ALA A 124 -60.01 20.08 21.99
CA ALA A 124 -60.16 21.45 22.53
C ALA A 124 -58.77 22.04 22.73
N GLY A 125 -57.89 21.33 23.43
CA GLY A 125 -56.54 21.81 23.77
C GLY A 125 -55.70 22.01 22.51
N LEU A 126 -55.84 21.07 21.59
CA LEU A 126 -55.21 21.10 20.26
C LEU A 126 -55.61 22.38 19.53
N GLN A 127 -56.88 22.79 19.59
CA GLN A 127 -57.31 24.01 18.88
C GLN A 127 -56.49 25.17 19.45
N LYS A 128 -56.46 25.30 20.77
CA LYS A 128 -55.80 26.38 21.53
C LYS A 128 -54.29 26.34 21.28
N PHE A 129 -53.73 25.14 21.26
CA PHE A 129 -52.29 24.91 21.03
C PHE A 129 -51.89 25.45 19.65
N PHE A 130 -52.67 25.19 18.60
CA PHE A 130 -52.32 25.67 17.25
C PHE A 130 -52.47 27.18 17.22
N ARG A 131 -53.64 27.66 17.61
CA ARG A 131 -53.96 29.11 17.55
C ARG A 131 -52.89 29.94 18.26
N GLN A 132 -52.49 29.54 19.48
CA GLN A 132 -51.73 30.41 20.41
C GLN A 132 -50.30 30.62 19.87
N PHE A 133 -49.88 29.79 18.92
CA PHE A 133 -48.49 29.84 18.43
C PHE A 133 -48.27 31.13 17.63
N SER A 134 -47.31 31.94 18.07
CA SER A 134 -46.91 33.20 17.36
C SER A 134 -48.17 34.06 17.15
N TYR A 135 -48.97 34.17 18.19
CA TYR A 135 -50.33 34.75 18.11
C TYR A 135 -50.50 35.76 19.23
N PRO A 136 -51.18 36.89 18.95
CA PRO A 136 -51.33 37.94 19.94
C PRO A 136 -52.05 37.35 21.15
N GLY A 137 -51.43 37.51 22.32
CA GLY A 137 -51.96 36.96 23.57
C GLY A 137 -51.49 35.54 23.76
N GLY A 138 -50.78 34.96 22.78
CA GLY A 138 -50.29 33.57 22.78
C GLY A 138 -48.81 33.45 23.12
N ILE A 139 -48.12 32.54 22.46
CA ILE A 139 -46.71 32.17 22.80
C ILE A 139 -45.82 32.50 21.59
N PRO A 140 -44.50 32.71 21.84
CA PRO A 140 -43.56 33.10 20.79
C PRO A 140 -43.27 32.07 19.67
N SER A 141 -42.55 32.52 18.63
CA SER A 141 -42.16 31.76 17.42
C SER A 141 -40.90 30.93 17.70
N HIS A 142 -40.22 31.21 18.81
CA HIS A 142 -38.88 30.63 19.09
C HIS A 142 -39.04 29.67 20.29
N PHE A 143 -37.99 28.88 20.54
CA PHE A 143 -37.90 27.95 21.69
C PHE A 143 -37.65 28.80 22.94
N ALA A 144 -38.61 29.66 23.25
CA ALA A 144 -38.48 30.77 24.21
C ALA A 144 -38.52 30.22 25.64
N PRO A 145 -38.23 31.05 26.67
CA PRO A 145 -38.26 30.57 28.06
C PRO A 145 -39.65 30.16 28.57
N GLU A 146 -40.69 30.55 27.84
CA GLU A 146 -42.09 30.12 28.10
C GLU A 146 -42.24 28.62 27.76
N THR A 147 -41.23 28.01 27.15
CA THR A 147 -41.31 26.59 26.68
C THR A 147 -40.60 25.71 27.67
N PRO A 148 -41.25 24.67 28.22
CA PRO A 148 -40.56 23.72 29.07
C PRO A 148 -39.57 22.97 28.19
N GLY A 149 -38.35 22.78 28.67
CA GLY A 149 -37.28 22.12 27.90
C GLY A 149 -36.26 23.09 27.37
N SER A 150 -36.61 24.37 27.25
CA SER A 150 -35.69 25.43 26.77
C SER A 150 -34.84 26.03 27.89
N ILE A 151 -33.53 26.06 27.63
CA ILE A 151 -32.56 26.96 28.30
C ILE A 151 -31.86 27.84 27.25
N HIS A 152 -32.39 27.93 26.02
CA HIS A 152 -31.71 28.54 24.85
C HIS A 152 -32.77 28.86 23.81
N GLU A 153 -33.06 30.13 23.58
CA GLU A 153 -34.16 30.53 22.66
C GLU A 153 -33.73 30.39 21.21
N GLY A 154 -32.47 30.67 20.88
CA GLY A 154 -31.96 30.53 19.51
C GLY A 154 -32.47 31.62 18.58
N GLY A 155 -32.77 32.81 19.14
CA GLY A 155 -33.28 33.97 18.39
C GLY A 155 -32.12 34.67 17.72
N GLU A 156 -31.15 35.08 18.53
CA GLU A 156 -29.88 35.58 18.00
C GLU A 156 -28.99 34.36 17.88
N LEU A 157 -28.70 33.96 16.64
CA LEU A 157 -27.91 32.76 16.30
C LEU A 157 -26.46 32.95 16.74
N GLY A 158 -25.82 31.88 17.21
CA GLY A 158 -24.38 31.85 17.46
C GLY A 158 -24.00 31.14 18.72
N TYR A 159 -24.91 30.97 19.68
CA TYR A 159 -24.54 30.67 21.09
C TYR A 159 -24.88 29.22 21.42
N ALA A 160 -25.20 28.43 20.39
CA ALA A 160 -25.67 27.05 20.58
C ALA A 160 -24.58 26.26 21.31
N LEU A 161 -23.32 26.46 20.95
CA LEU A 161 -22.21 25.65 21.54
C LEU A 161 -21.68 26.28 22.84
N SER A 162 -21.60 27.59 22.94
CA SER A 162 -21.17 28.20 24.22
C SER A 162 -22.17 27.75 25.30
N HIS A 163 -23.47 27.76 25.02
CA HIS A 163 -24.48 27.31 26.00
C HIS A 163 -24.38 25.79 26.26
N ALA A 164 -24.21 24.93 25.23
CA ALA A 164 -24.13 23.46 25.44
C ALA A 164 -23.04 23.16 26.46
N TYR A 165 -21.87 23.73 26.23
CA TYR A 165 -20.65 23.40 27.01
C TYR A 165 -20.75 23.98 28.43
N GLY A 166 -21.36 25.15 28.62
CA GLY A 166 -21.63 25.76 29.93
C GLY A 166 -22.54 24.87 30.76
N ALA A 167 -23.53 24.27 30.12
CA ALA A 167 -24.54 23.40 30.74
C ALA A 167 -23.90 22.14 31.33
N ILE A 168 -22.96 21.52 30.63
CA ILE A 168 -22.31 20.26 31.11
C ILE A 168 -21.18 20.53 32.10
N MET A 169 -20.74 21.77 32.30
CA MET A 169 -19.63 22.00 33.26
C MET A 169 -20.13 21.64 34.68
N ASP A 170 -19.30 20.91 35.43
CA ASP A 170 -19.63 20.42 36.80
C ASP A 170 -20.93 19.62 36.81
N ASN A 171 -21.24 18.94 35.71
CA ASN A 171 -22.56 18.27 35.54
C ASN A 171 -22.27 16.94 34.86
N PRO A 172 -21.58 16.02 35.54
CA PRO A 172 -21.06 14.82 34.88
C PRO A 172 -22.10 13.82 34.35
N SER A 173 -23.34 13.88 34.82
CA SER A 173 -24.42 12.94 34.41
C SER A 173 -25.20 13.52 33.21
N LEU A 174 -24.88 14.74 32.79
CA LEU A 174 -25.69 15.47 31.78
C LEU A 174 -25.17 15.23 30.37
N PHE A 175 -26.10 14.87 29.48
CA PHE A 175 -25.91 14.73 28.02
C PHE A 175 -26.67 15.85 27.33
N VAL A 176 -25.98 16.54 26.42
CA VAL A 176 -26.52 17.71 25.67
C VAL A 176 -26.26 17.46 24.20
N PRO A 177 -27.29 16.96 23.48
CA PRO A 177 -27.36 17.14 22.04
C PRO A 177 -27.48 18.64 21.76
N ALA A 178 -26.48 19.21 21.09
CA ALA A 178 -26.50 20.63 20.69
C ALA A 178 -26.69 20.68 19.17
N ILE A 179 -27.87 21.06 18.75
CA ILE A 179 -28.25 21.14 17.32
C ILE A 179 -27.86 22.53 16.84
N VAL A 180 -26.93 22.56 15.89
CA VAL A 180 -26.32 23.77 15.30
C VAL A 180 -26.82 23.95 13.86
N GLY A 181 -27.48 25.07 13.57
CA GLY A 181 -27.83 25.40 12.18
C GLY A 181 -26.59 25.52 11.31
N ASP A 182 -26.68 25.14 10.03
CA ASP A 182 -25.53 25.21 9.12
C ASP A 182 -25.27 26.68 8.75
N GLY A 183 -26.30 27.54 8.74
CA GLY A 183 -26.20 29.02 8.69
C GLY A 183 -25.65 29.61 10.00
N GLU A 184 -26.21 29.23 11.14
CA GLU A 184 -25.66 29.60 12.46
C GLU A 184 -24.14 29.30 12.46
N ALA A 185 -23.70 28.20 11.84
CA ALA A 185 -22.27 27.79 11.81
C ALA A 185 -21.38 28.87 11.16
N GLU A 186 -21.98 29.78 10.39
CA GLU A 186 -21.23 30.89 9.70
C GLU A 186 -21.04 32.09 10.64
N THR A 187 -21.71 32.16 11.80
CA THR A 187 -21.51 33.28 12.76
C THR A 187 -20.14 33.05 13.38
N GLY A 188 -19.51 34.13 13.88
CA GLY A 188 -18.27 34.08 14.66
C GLY A 188 -18.45 33.29 15.95
N PRO A 189 -19.44 33.66 16.81
CA PRO A 189 -19.64 32.99 18.08
C PRO A 189 -19.69 31.47 17.89
N LEU A 190 -20.37 30.99 16.86
CA LEU A 190 -20.53 29.52 16.65
C LEU A 190 -19.17 28.92 16.28
N ALA A 191 -18.44 29.61 15.39
CA ALA A 191 -17.21 29.12 14.76
C ALA A 191 -16.14 28.84 15.83
N THR A 192 -16.07 29.65 16.86
CA THR A 192 -15.12 29.45 18.00
C THR A 192 -15.71 28.47 19.02
N GLY A 193 -17.03 28.39 19.16
CA GLY A 193 -17.69 27.44 20.07
C GLY A 193 -17.23 25.99 19.91
N TRP A 194 -16.97 25.56 18.68
CA TRP A 194 -16.48 24.19 18.38
C TRP A 194 -15.25 23.93 19.23
N GLN A 195 -14.44 24.94 19.52
CA GLN A 195 -13.11 24.72 20.15
C GLN A 195 -13.30 24.44 21.66
N SER A 196 -14.53 24.54 22.17
CA SER A 196 -14.86 24.43 23.62
C SER A 196 -14.47 23.05 24.12
N ASN A 197 -14.22 22.08 23.26
CA ASN A 197 -13.95 20.69 23.66
C ASN A 197 -12.55 20.58 24.25
N LYS A 198 -11.78 21.67 24.25
CA LYS A 198 -10.44 21.67 24.92
C LYS A 198 -10.53 22.40 26.27
N LEU A 199 -11.74 22.72 26.76
CA LEU A 199 -11.93 23.43 28.05
C LEU A 199 -12.89 22.67 28.96
N VAL A 200 -13.29 21.45 28.56
CA VAL A 200 -14.15 20.56 29.40
C VAL A 200 -13.41 19.24 29.61
N ASN A 201 -13.67 18.62 30.74
CA ASN A 201 -13.09 17.32 31.13
C ASN A 201 -14.17 16.26 31.13
N PRO A 202 -13.93 15.10 30.52
CA PRO A 202 -14.96 14.07 30.40
C PRO A 202 -15.28 13.33 31.71
N ARG A 203 -14.52 13.53 32.79
CA ARG A 203 -14.85 12.92 34.11
C ARG A 203 -15.66 13.90 34.95
N THR A 204 -15.21 15.15 35.09
CA THR A 204 -15.83 16.17 35.98
C THR A 204 -16.96 16.96 35.28
N ASP A 205 -17.00 16.98 33.95
CA ASP A 205 -18.10 17.65 33.22
C ASP A 205 -18.91 16.59 32.47
N GLY A 206 -20.08 16.96 31.98
CA GLY A 206 -20.91 16.08 31.15
C GLY A 206 -20.38 15.99 29.73
N ILE A 207 -21.25 15.74 28.78
CA ILE A 207 -20.85 15.45 27.38
C ILE A 207 -21.76 16.27 26.47
N VAL A 208 -21.18 16.93 25.48
CA VAL A 208 -21.93 17.63 24.41
C VAL A 208 -21.78 16.79 23.13
N LEU A 209 -22.89 16.48 22.48
CA LEU A 209 -22.91 15.92 21.12
C LEU A 209 -23.32 17.07 20.20
N PRO A 210 -22.40 17.67 19.44
CA PRO A 210 -22.79 18.67 18.45
C PRO A 210 -23.47 17.97 17.27
N ILE A 211 -24.61 18.52 16.82
CA ILE A 211 -25.36 18.02 15.65
C ILE A 211 -25.47 19.17 14.67
N LEU A 212 -24.80 19.05 13.53
CA LEU A 212 -24.88 20.05 12.45
C LEU A 212 -26.12 19.72 11.66
N HIS A 213 -27.12 20.55 11.80
CA HIS A 213 -28.36 20.53 10.98
C HIS A 213 -28.00 21.01 9.57
N LEU A 214 -27.29 20.16 8.84
CA LEU A 214 -26.74 20.48 7.49
C LEU A 214 -27.87 20.36 6.46
N ASN A 215 -28.83 21.26 6.53
CA ASN A 215 -30.00 21.18 5.61
C ASN A 215 -29.72 22.05 4.37
N GLY A 216 -28.49 22.52 4.18
CA GLY A 216 -28.03 23.03 2.88
C GLY A 216 -28.28 24.52 2.68
N TYR A 217 -29.11 25.15 3.52
CA TYR A 217 -29.66 26.50 3.26
C TYR A 217 -29.87 27.21 4.56
N LYS A 218 -29.80 28.52 4.47
CA LYS A 218 -30.13 29.50 5.51
C LYS A 218 -31.36 30.20 4.93
N ILE A 219 -31.51 31.52 5.05
CA ILE A 219 -32.77 32.18 4.60
C ILE A 219 -32.89 32.07 3.08
N ALA A 220 -31.89 32.61 2.36
CA ALA A 220 -31.98 32.89 0.92
C ALA A 220 -30.69 32.48 0.19
N ASN A 221 -29.88 31.62 0.76
CA ASN A 221 -28.56 31.31 0.21
C ASN A 221 -28.28 29.88 0.61
N PRO A 222 -27.36 29.19 -0.09
CA PRO A 222 -26.92 27.90 0.39
C PRO A 222 -26.07 28.27 1.62
N THR A 223 -25.59 27.27 2.36
CA THR A 223 -24.66 27.46 3.46
C THR A 223 -23.29 27.04 2.98
N ILE A 224 -22.27 27.73 3.45
CA ILE A 224 -20.86 27.45 3.08
C ILE A 224 -20.62 25.95 3.31
N LEU A 225 -21.01 25.45 4.47
CA LEU A 225 -20.59 24.10 4.95
C LEU A 225 -21.31 23.01 4.14
N SER A 226 -22.46 23.29 3.53
CA SER A 226 -23.16 22.28 2.68
C SER A 226 -22.61 22.26 1.25
N ARG A 227 -21.79 23.23 0.87
CA ARG A 227 -21.38 23.41 -0.55
C ARG A 227 -19.87 23.31 -0.71
N ILE A 228 -19.14 22.98 0.35
CA ILE A 228 -17.72 22.58 0.26
C ILE A 228 -17.66 21.05 0.14
N SER A 229 -16.53 20.51 -0.29
CA SER A 229 -16.38 19.06 -0.42
C SER A 229 -16.63 18.44 0.96
N ASP A 230 -17.10 17.20 0.96
CA ASP A 230 -17.44 16.42 2.17
C ASP A 230 -16.12 16.08 2.88
N GLU A 231 -15.05 15.93 2.09
CA GLU A 231 -13.70 15.59 2.62
C GLU A 231 -13.24 16.82 3.42
N GLU A 232 -13.45 18.05 2.92
CA GLU A 232 -13.12 19.31 3.65
C GLU A 232 -13.96 19.39 4.92
N LEU A 233 -15.26 19.14 4.82
CA LEU A 233 -16.17 19.19 5.99
C LEU A 233 -15.67 18.23 7.08
N HIS A 234 -15.28 17.01 6.72
CA HIS A 234 -14.93 15.95 7.71
C HIS A 234 -13.64 16.39 8.38
N GLU A 235 -12.74 16.98 7.59
CA GLU A 235 -11.39 17.39 8.05
C GLU A 235 -11.56 18.52 9.06
N PHE A 236 -12.33 19.52 8.69
CA PHE A 236 -12.65 20.67 9.55
C PHE A 236 -13.00 20.15 10.94
N PHE A 237 -13.88 19.16 11.06
CA PHE A 237 -14.39 18.75 12.41
C PHE A 237 -13.38 17.84 13.10
N HIS A 238 -12.65 17.03 12.34
CA HIS A 238 -11.56 16.24 12.91
C HIS A 238 -10.53 17.21 13.49
N GLY A 239 -10.29 18.34 12.84
CA GLY A 239 -9.21 19.28 13.23
C GLY A 239 -9.57 20.07 14.47
N MET A 240 -10.87 20.19 14.76
CA MET A 240 -11.38 20.77 16.02
C MET A 240 -11.60 19.69 17.10
N GLY A 241 -11.10 18.47 16.89
CA GLY A 241 -10.99 17.45 17.96
C GLY A 241 -12.26 16.60 18.08
N TYR A 242 -13.01 16.49 17.00
CA TYR A 242 -14.25 15.69 16.96
C TYR A 242 -14.07 14.51 16.00
N GLU A 243 -14.82 13.43 16.26
CA GLU A 243 -14.96 12.26 15.38
C GLU A 243 -16.26 12.48 14.61
N PRO A 244 -16.18 12.92 13.34
CA PRO A 244 -17.36 13.28 12.58
C PRO A 244 -18.11 12.07 12.04
N TYR A 245 -19.39 11.93 12.35
CA TYR A 245 -20.33 10.98 11.71
C TYR A 245 -21.26 11.76 10.79
N GLU A 246 -21.57 11.21 9.63
CA GLU A 246 -22.50 11.87 8.70
C GLU A 246 -23.67 10.93 8.43
N PHE A 247 -24.88 11.46 8.59
CA PHE A 247 -26.14 10.83 8.22
C PHE A 247 -26.73 11.64 7.08
N VAL A 248 -26.94 10.96 5.96
CA VAL A 248 -27.64 11.52 4.78
C VAL A 248 -28.98 10.80 4.65
N ALA A 249 -30.08 11.53 4.58
CA ALA A 249 -31.40 10.91 4.35
C ALA A 249 -32.29 11.97 3.74
N GLY A 250 -33.23 11.54 2.91
CA GLY A 250 -34.37 12.37 2.49
C GLY A 250 -34.19 12.88 1.08
N PHE A 251 -33.05 12.61 0.48
CA PHE A 251 -32.74 13.07 -0.90
C PHE A 251 -33.19 12.03 -1.91
N ASP A 252 -33.80 10.91 -1.50
CA ASP A 252 -34.27 9.85 -2.44
C ASP A 252 -35.56 9.23 -1.89
N ASP A 253 -36.05 8.15 -2.52
CA ASP A 253 -37.36 7.52 -2.25
C ASP A 253 -37.25 6.52 -1.08
N GLU A 254 -36.13 6.48 -0.34
CA GLU A 254 -35.94 5.54 0.80
C GLU A 254 -37.10 5.70 1.79
N ASP A 255 -37.61 4.58 2.29
CA ASP A 255 -38.84 4.62 3.11
C ASP A 255 -38.39 5.00 4.52
N HIS A 256 -39.27 5.71 5.22
CA HIS A 256 -39.03 6.34 6.55
C HIS A 256 -38.51 5.32 7.56
N MET A 257 -39.00 4.09 7.58
CA MET A 257 -38.57 3.09 8.60
C MET A 257 -37.14 2.65 8.28
N SER A 258 -36.77 2.53 7.01
CA SER A 258 -35.36 2.27 6.64
C SER A 258 -34.52 3.39 7.25
N ILE A 259 -34.98 4.66 7.10
CA ILE A 259 -34.28 5.87 7.62
C ILE A 259 -34.17 5.79 9.16
N HIS A 260 -35.24 5.49 9.88
CA HIS A 260 -35.23 5.34 11.36
C HIS A 260 -34.27 4.23 11.77
N ARG A 261 -34.27 3.11 11.07
CA ARG A 261 -33.41 1.96 11.43
C ARG A 261 -31.98 2.44 11.28
N ARG A 262 -31.64 3.06 10.14
CA ARG A 262 -30.26 3.51 9.83
C ARG A 262 -29.87 4.52 10.89
N PHE A 263 -30.73 5.49 11.19
CA PHE A 263 -30.42 6.53 12.18
C PHE A 263 -30.24 5.94 13.58
N ALA A 264 -31.18 5.12 14.09
CA ALA A 264 -31.17 4.60 15.47
C ALA A 264 -29.87 3.81 15.72
N GLU A 265 -29.40 3.09 14.72
CA GLU A 265 -28.16 2.26 14.72
C GLU A 265 -26.93 3.18 14.71
N LEU A 266 -26.98 4.27 13.94
CA LEU A 266 -25.87 5.25 13.92
C LEU A 266 -25.80 5.92 15.30
N TRP A 267 -26.95 6.37 15.83
CA TRP A 267 -27.04 7.06 17.14
C TRP A 267 -26.47 6.17 18.24
N GLU A 268 -26.81 4.88 18.25
CA GLU A 268 -26.40 3.94 19.32
C GLU A 268 -24.89 3.71 19.19
N THR A 269 -24.34 3.74 17.96
CA THR A 269 -22.88 3.60 17.72
C THR A 269 -22.15 4.84 18.24
N ILE A 270 -22.66 6.03 17.94
CA ILE A 270 -22.20 7.30 18.56
C ILE A 270 -22.32 7.17 20.08
N TRP A 271 -23.46 6.71 20.60
CA TRP A 271 -23.71 6.65 22.07
C TRP A 271 -22.70 5.72 22.73
N ASP A 272 -22.41 4.60 22.09
CA ASP A 272 -21.47 3.57 22.59
C ASP A 272 -20.09 4.21 22.71
N GLU A 273 -19.69 5.04 21.75
CA GLU A 273 -18.38 5.74 21.79
C GLU A 273 -18.41 6.73 22.97
N ILE A 274 -19.48 7.52 23.11
CA ILE A 274 -19.66 8.44 24.27
C ILE A 274 -19.64 7.68 25.61
N CYS A 275 -20.19 6.48 25.72
CA CYS A 275 -20.12 5.66 26.97
C CYS A 275 -18.67 5.19 27.21
N ASP A 276 -17.91 4.84 26.16
CA ASP A 276 -16.51 4.38 26.31
C ASP A 276 -15.66 5.56 26.75
N ILE A 277 -16.01 6.76 26.29
CA ILE A 277 -15.34 8.02 26.71
C ILE A 277 -15.58 8.22 28.20
N LYS A 278 -16.81 8.08 28.68
CA LYS A 278 -17.14 8.30 30.10
C LYS A 278 -16.58 7.19 30.99
N ALA A 279 -16.57 5.93 30.53
CA ALA A 279 -15.97 4.79 31.26
C ALA A 279 -14.48 5.02 31.36
N THR A 280 -13.81 5.38 30.24
CA THR A 280 -12.35 5.67 30.22
C THR A 280 -12.03 6.85 31.16
N ALA A 281 -12.82 7.93 31.16
CA ALA A 281 -12.63 9.15 31.99
C ALA A 281 -12.51 8.81 33.49
N GLN A 282 -13.11 7.72 33.97
CA GLN A 282 -13.16 7.33 35.41
C GLN A 282 -11.76 6.87 35.80
N THR A 283 -10.99 6.36 34.83
CA THR A 283 -9.58 5.94 35.02
C THR A 283 -8.59 7.02 34.53
N ASP A 284 -8.78 7.52 33.30
CA ASP A 284 -7.85 8.44 32.58
C ASP A 284 -8.64 9.66 32.10
N ASN A 285 -8.53 10.78 32.77
CA ASN A 285 -9.21 12.00 32.31
C ASN A 285 -8.21 13.10 32.06
N VAL A 286 -6.95 12.78 31.71
CA VAL A 286 -5.97 13.83 31.35
C VAL A 286 -5.67 13.78 29.85
N HIS A 287 -6.10 12.74 29.13
CA HIS A 287 -5.98 12.62 27.66
C HIS A 287 -7.31 13.00 27.02
N ARG A 288 -7.29 14.00 26.15
CA ARG A 288 -8.51 14.51 25.48
C ARG A 288 -8.90 13.47 24.43
N PRO A 289 -10.15 12.96 24.50
CA PRO A 289 -10.66 12.11 23.43
C PRO A 289 -11.13 12.92 22.22
N PHE A 290 -11.32 12.25 21.10
CA PHE A 290 -12.09 12.83 19.97
C PHE A 290 -13.55 12.58 20.29
N TYR A 291 -14.29 13.63 20.62
CA TYR A 291 -15.73 13.58 20.95
C TYR A 291 -16.48 13.43 19.64
N PRO A 292 -17.41 12.46 19.53
CA PRO A 292 -18.26 12.33 18.35
C PRO A 292 -18.94 13.66 18.02
N MET A 293 -19.18 13.88 16.74
CA MET A 293 -20.26 14.84 16.36
C MET A 293 -21.02 14.33 15.14
N LEU A 294 -22.22 14.83 14.94
CA LEU A 294 -23.11 14.28 13.92
C LEU A 294 -23.32 15.39 12.92
N ILE A 295 -22.86 15.17 11.68
CA ILE A 295 -23.27 15.91 10.47
C ILE A 295 -24.54 15.24 10.00
N PHE A 296 -25.67 15.92 10.17
CA PHE A 296 -27.03 15.46 9.84
C PHE A 296 -27.45 16.20 8.56
N ARG A 297 -27.36 15.52 7.43
CA ARG A 297 -27.59 16.12 6.10
C ARG A 297 -28.90 15.60 5.56
N THR A 298 -29.94 16.44 5.62
CA THR A 298 -31.33 16.14 5.20
C THR A 298 -31.84 17.34 4.41
N PRO A 299 -32.91 17.20 3.61
CA PRO A 299 -33.35 18.33 2.79
C PRO A 299 -34.02 19.37 3.68
N LYS A 300 -33.77 20.66 3.46
CA LYS A 300 -34.43 21.72 4.24
C LYS A 300 -35.91 21.67 3.89
N GLY A 301 -36.78 21.73 4.89
CA GLY A 301 -38.24 21.63 4.69
C GLY A 301 -38.70 20.19 4.51
N TRP A 302 -37.82 19.22 4.74
CA TRP A 302 -38.07 17.76 4.61
C TRP A 302 -39.52 17.36 4.92
N THR A 303 -40.16 16.73 3.91
CA THR A 303 -41.50 16.07 3.90
C THR A 303 -42.59 17.04 3.45
N CYS A 304 -42.30 18.33 3.26
CA CYS A 304 -43.22 19.30 2.58
C CYS A 304 -43.22 18.94 1.10
N PRO A 305 -44.16 19.47 0.30
CA PRO A 305 -44.15 19.25 -1.13
C PRO A 305 -42.83 19.66 -1.79
N LYS A 306 -42.29 18.76 -2.59
CA LYS A 306 -41.03 18.97 -3.34
C LYS A 306 -41.12 20.27 -4.15
N TYR A 307 -42.23 20.52 -4.81
CA TYR A 307 -42.44 21.73 -5.66
C TYR A 307 -43.76 22.41 -5.28
N ILE A 308 -43.78 23.73 -5.33
CA ILE A 308 -45.00 24.55 -5.09
C ILE A 308 -44.94 25.73 -6.06
N ASP A 309 -45.86 25.74 -7.00
CA ASP A 309 -46.04 26.79 -8.04
C ASP A 309 -44.87 26.64 -8.99
N GLY A 310 -44.43 25.40 -9.21
CA GLY A 310 -43.29 25.06 -10.08
C GLY A 310 -41.96 25.58 -9.57
N LYS A 311 -41.86 26.06 -8.32
CA LYS A 311 -40.57 26.38 -7.63
C LYS A 311 -40.25 25.26 -6.62
N LYS A 312 -38.98 24.85 -6.56
CA LYS A 312 -38.46 23.81 -5.61
C LYS A 312 -38.48 24.35 -4.19
N THR A 313 -39.13 23.60 -3.28
CA THR A 313 -39.42 23.99 -1.87
C THR A 313 -38.74 23.02 -0.91
N GLU A 314 -38.94 21.71 -1.04
CA GLU A 314 -38.20 20.71 -0.24
C GLU A 314 -36.80 20.66 -0.81
N GLY A 315 -35.79 20.73 0.05
CA GLY A 315 -34.38 20.90 -0.35
C GLY A 315 -34.12 22.28 -0.95
N SER A 316 -34.71 23.31 -0.41
CA SER A 316 -34.38 24.69 -0.86
C SER A 316 -34.50 25.69 0.29
N TRP A 317 -33.88 26.83 0.05
CA TRP A 317 -34.00 28.02 0.91
C TRP A 317 -35.45 28.46 0.93
N ARG A 318 -36.22 28.12 -0.09
CA ARG A 318 -37.64 28.55 -0.24
C ARG A 318 -38.51 28.00 0.88
N SER A 319 -38.08 26.95 1.58
CA SER A 319 -38.89 26.31 2.67
C SER A 319 -38.62 26.95 4.04
N HIS A 320 -37.79 28.00 4.10
CA HIS A 320 -37.16 28.42 5.38
C HIS A 320 -38.23 28.97 6.32
N GLN A 321 -39.11 29.82 5.80
CA GLN A 321 -40.24 30.41 6.57
C GLN A 321 -41.43 29.44 6.40
N VAL A 322 -42.16 29.55 5.31
CA VAL A 322 -43.29 28.65 4.96
C VAL A 322 -43.11 28.30 3.50
N PRO A 323 -43.15 27.01 3.10
CA PRO A 323 -42.92 26.65 1.70
C PRO A 323 -44.08 27.13 0.82
N LEU A 324 -45.25 27.32 1.43
CA LEU A 324 -46.52 27.77 0.81
C LEU A 324 -46.92 29.04 1.54
N ALA A 325 -46.76 30.20 0.89
CA ALA A 325 -46.81 31.56 1.48
C ALA A 325 -48.25 31.94 1.88
N SER A 326 -49.24 31.28 1.31
CA SER A 326 -50.65 31.43 1.74
C SER A 326 -51.43 30.14 1.44
N ALA A 327 -52.39 29.82 2.31
CA ALA A 327 -53.37 28.73 2.16
C ALA A 327 -54.78 29.32 1.99
N ARG A 328 -54.93 30.62 2.22
CA ARG A 328 -56.21 31.36 2.14
C ARG A 328 -56.43 31.88 0.70
N ASP A 329 -55.37 32.28 0.00
CA ASP A 329 -55.46 33.12 -1.24
C ASP A 329 -56.20 32.38 -2.37
N THR A 330 -55.98 31.07 -2.61
CA THR A 330 -56.71 30.32 -3.66
C THR A 330 -57.18 28.94 -3.16
N GLU A 331 -58.12 28.31 -3.87
CA GLU A 331 -58.47 26.88 -3.67
C GLU A 331 -57.17 26.06 -3.72
N ALA A 332 -56.42 26.18 -4.82
CA ALA A 332 -55.29 25.28 -5.18
C ALA A 332 -54.28 25.23 -4.03
N HIS A 333 -53.88 26.39 -3.48
CA HIS A 333 -52.94 26.58 -2.34
C HIS A 333 -53.49 25.89 -1.07
N PHE A 334 -54.77 26.08 -0.76
CA PHE A 334 -55.45 25.37 0.36
C PHE A 334 -55.37 23.85 0.16
N GLU A 335 -55.64 23.37 -1.05
CA GLU A 335 -55.49 21.94 -1.43
C GLU A 335 -54.08 21.47 -1.02
N VAL A 336 -53.05 22.26 -1.33
CA VAL A 336 -51.63 21.85 -1.06
C VAL A 336 -51.50 21.63 0.45
N LEU A 337 -51.99 22.57 1.27
CA LEU A 337 -51.94 22.47 2.75
C LEU A 337 -52.66 21.20 3.20
N LYS A 338 -53.83 20.91 2.64
CA LYS A 338 -54.65 19.71 2.97
C LYS A 338 -53.86 18.42 2.66
N ASN A 339 -53.32 18.27 1.47
CA ASN A 339 -52.57 17.04 1.06
C ASN A 339 -51.29 16.92 1.90
N TRP A 340 -50.69 18.05 2.26
CA TRP A 340 -49.47 18.10 3.10
C TRP A 340 -49.81 17.57 4.51
N LEU A 341 -50.78 18.21 5.18
CA LEU A 341 -51.29 17.73 6.50
C LEU A 341 -51.75 16.26 6.38
N GLU A 342 -52.53 15.90 5.35
CA GLU A 342 -53.03 14.50 5.18
C GLU A 342 -51.86 13.53 4.98
N SER A 343 -50.71 14.00 4.49
CA SER A 343 -49.60 13.08 4.14
C SER A 343 -49.07 12.37 5.39
N TYR A 344 -49.33 12.91 6.59
CA TYR A 344 -48.79 12.41 7.88
C TYR A 344 -49.77 11.41 8.49
N LYS A 345 -51.01 11.39 7.99
CA LYS A 345 -52.04 10.35 8.30
C LYS A 345 -52.45 10.51 9.75
N PRO A 346 -53.02 11.67 10.12
CA PRO A 346 -53.30 11.98 11.51
C PRO A 346 -54.36 11.04 12.13
N GLU A 347 -55.27 10.55 11.28
CA GLU A 347 -56.30 9.51 11.57
C GLU A 347 -55.68 8.31 12.29
N GLU A 348 -54.41 7.96 12.07
CA GLU A 348 -53.66 6.91 12.81
C GLU A 348 -53.04 7.47 14.11
N LEU A 349 -53.11 8.77 14.37
CA LEU A 349 -52.26 9.40 15.41
C LEU A 349 -53.14 9.93 16.53
N PHE A 350 -54.39 10.27 16.26
CA PHE A 350 -55.34 10.75 17.30
C PHE A 350 -56.55 9.80 17.45
N ASP A 351 -57.01 9.66 18.67
CA ASP A 351 -58.29 8.96 18.96
C ASP A 351 -59.42 9.97 18.72
N ALA A 352 -60.64 9.58 19.06
CA ALA A 352 -61.87 10.32 18.70
C ALA A 352 -61.88 11.66 19.43
N ASN A 353 -61.54 11.65 20.72
CA ASN A 353 -61.71 12.85 21.60
C ASN A 353 -60.51 13.80 21.38
N GLY A 354 -59.61 13.47 20.44
CA GLY A 354 -58.57 14.40 19.93
C GLY A 354 -57.21 14.19 20.59
N ALA A 355 -57.10 13.18 21.45
CA ALA A 355 -55.86 12.88 22.18
C ALA A 355 -54.92 12.02 21.30
N VAL A 356 -53.63 12.16 21.53
CA VAL A 356 -52.61 11.36 20.81
C VAL A 356 -52.70 9.92 21.32
N LYS A 357 -52.77 8.97 20.40
CA LYS A 357 -53.00 7.54 20.72
C LYS A 357 -51.81 7.04 21.56
N ASP A 358 -52.13 6.23 22.55
CA ASP A 358 -51.21 5.48 23.42
C ASP A 358 -50.00 4.99 22.60
N ASP A 359 -50.20 4.38 21.44
CA ASP A 359 -49.12 3.66 20.71
C ASP A 359 -48.16 4.68 20.04
N VAL A 360 -48.58 5.96 19.94
CA VAL A 360 -47.71 7.08 19.49
C VAL A 360 -46.68 7.47 20.57
N LEU A 361 -46.95 7.27 21.86
CA LEU A 361 -46.13 7.84 22.98
C LEU A 361 -45.63 6.75 23.93
N ALA A 362 -45.82 5.48 23.61
CA ALA A 362 -45.43 4.35 24.50
C ALA A 362 -43.90 4.37 24.69
N PHE A 363 -43.15 4.75 23.66
CA PHE A 363 -41.66 4.71 23.65
C PHE A 363 -41.03 5.88 24.44
N MET A 364 -41.80 6.94 24.73
CA MET A 364 -41.34 8.21 25.36
C MET A 364 -40.84 8.00 26.79
N PRO A 365 -39.93 8.86 27.27
CA PRO A 365 -39.50 8.84 28.66
C PRO A 365 -40.60 9.40 29.59
N LYS A 366 -40.43 9.15 30.90
CA LYS A 366 -41.41 9.43 31.99
C LYS A 366 -40.76 10.33 33.04
N GLY A 367 -41.55 11.15 33.71
CA GLY A 367 -41.08 11.89 34.89
C GLY A 367 -39.97 12.83 34.53
N GLU A 368 -38.96 12.92 35.40
CA GLU A 368 -37.94 13.98 35.29
C GLU A 368 -36.94 13.69 34.14
N LEU A 369 -36.96 12.54 33.49
CA LEU A 369 -36.10 12.26 32.33
C LEU A 369 -36.66 12.95 31.08
N ARG A 370 -37.94 13.29 31.10
CA ARG A 370 -38.58 13.98 29.95
C ARG A 370 -37.80 15.26 29.65
N ILE A 371 -37.70 15.63 28.38
CA ILE A 371 -36.97 16.85 27.93
C ILE A 371 -37.55 18.06 28.67
N GLY A 372 -38.86 18.17 28.73
CA GLY A 372 -39.51 19.39 29.29
C GLY A 372 -39.56 19.41 30.80
N ALA A 373 -39.24 18.33 31.49
CA ALA A 373 -39.37 18.19 32.95
C ALA A 373 -38.01 18.06 33.63
N ASN A 374 -36.92 17.81 32.90
CA ASN A 374 -35.57 17.68 33.49
C ASN A 374 -35.28 18.94 34.27
N PRO A 375 -34.84 18.91 35.56
CA PRO A 375 -34.57 20.13 36.31
C PRO A 375 -33.40 20.95 35.72
N ASN A 376 -32.54 20.36 34.91
CA ASN A 376 -31.44 21.12 34.24
C ASN A 376 -32.04 22.18 33.31
N ALA A 377 -33.26 21.98 32.84
CA ALA A 377 -33.96 22.89 31.91
C ALA A 377 -34.81 23.89 32.69
N ASN A 378 -34.65 23.89 34.01
CA ASN A 378 -35.36 24.82 34.92
C ASN A 378 -34.49 24.95 36.18
N GLY A 379 -33.28 25.47 35.97
CA GLY A 379 -32.12 25.23 36.86
C GLY A 379 -32.30 25.89 38.21
N GLY A 380 -33.15 26.91 38.29
CA GLY A 380 -33.62 27.45 39.57
C GLY A 380 -34.08 26.39 40.59
N VAL A 381 -34.71 25.27 40.19
CA VAL A 381 -35.17 24.25 41.18
C VAL A 381 -33.94 23.52 41.73
N ILE A 382 -32.81 23.55 41.02
CA ILE A 382 -31.53 22.93 41.45
C ILE A 382 -30.72 23.97 42.24
N ARG A 383 -30.90 25.26 41.96
CA ARG A 383 -30.06 26.36 42.51
C ARG A 383 -30.20 26.36 44.03
N ASN A 384 -29.08 26.38 44.74
CA ASN A 384 -29.03 26.58 46.22
C ASN A 384 -28.33 27.92 46.50
N ASP A 385 -28.65 28.53 47.63
CA ASP A 385 -27.94 29.72 48.15
C ASP A 385 -26.49 29.28 48.35
N LEU A 386 -25.53 30.10 47.91
CA LEU A 386 -24.09 29.89 48.17
C LEU A 386 -23.86 29.99 49.68
N LYS A 387 -22.97 29.17 50.22
CA LYS A 387 -22.41 29.41 51.56
C LYS A 387 -21.44 30.58 51.35
N LEU A 388 -21.82 31.78 51.78
CA LEU A 388 -20.96 32.99 51.75
C LEU A 388 -20.10 33.04 53.01
N PRO A 389 -18.81 33.43 52.90
CA PRO A 389 -18.01 33.72 54.10
C PRO A 389 -18.40 35.09 54.67
N ASN A 390 -18.11 35.33 55.95
CA ASN A 390 -18.40 36.61 56.64
C ASN A 390 -17.76 37.74 55.83
N LEU A 391 -18.54 38.71 55.38
CA LEU A 391 -18.01 39.84 54.59
C LEU A 391 -16.95 40.59 55.38
N GLU A 392 -17.09 40.65 56.71
CA GLU A 392 -16.22 41.44 57.62
C GLU A 392 -14.78 40.96 57.52
N ASP A 393 -14.58 39.70 57.21
CA ASP A 393 -13.24 39.09 57.05
C ASP A 393 -12.43 39.79 55.95
N TYR A 394 -13.06 40.45 54.97
CA TYR A 394 -12.37 40.94 53.74
C TYR A 394 -12.30 42.47 53.79
N GLU A 395 -12.96 43.10 54.75
CA GLU A 395 -13.05 44.58 54.88
C GLU A 395 -11.64 45.15 54.91
N VAL A 396 -11.39 46.27 54.22
CA VAL A 396 -10.15 47.07 54.42
C VAL A 396 -10.34 47.86 55.71
N LYS A 397 -9.69 47.41 56.78
CA LYS A 397 -9.88 47.92 58.16
C LYS A 397 -9.22 49.30 58.31
N GLU A 398 -8.18 49.55 57.50
CA GLU A 398 -7.29 50.74 57.56
C GLU A 398 -8.10 52.03 57.41
N VAL A 399 -9.20 52.03 56.67
CA VAL A 399 -10.13 53.20 56.63
C VAL A 399 -10.51 53.61 58.06
N ALA A 400 -10.84 52.65 58.95
CA ALA A 400 -11.33 52.89 60.33
C ALA A 400 -10.21 53.43 61.21
N GLU A 401 -9.02 52.83 61.13
CA GLU A 401 -7.83 53.25 61.90
C GLU A 401 -7.30 54.61 61.41
N TYR A 402 -6.91 54.72 60.14
CA TYR A 402 -6.17 55.87 59.58
C TYR A 402 -7.14 56.87 58.96
N GLY A 403 -8.37 56.48 58.68
CA GLY A 403 -9.37 57.45 58.18
C GLY A 403 -9.60 57.36 56.68
N HIS A 404 -10.62 58.09 56.22
CA HIS A 404 -11.16 58.07 54.84
C HIS A 404 -10.08 58.52 53.84
N GLY A 405 -9.93 57.80 52.73
CA GLY A 405 -9.05 58.15 51.60
C GLY A 405 -7.67 57.52 51.76
N TRP A 406 -7.51 56.64 52.75
CA TRP A 406 -6.23 55.93 53.01
C TRP A 406 -5.80 55.05 51.82
N GLY A 407 -4.50 54.80 51.72
CA GLY A 407 -3.90 53.67 51.00
C GLY A 407 -3.88 53.81 49.49
N GLN A 408 -3.21 52.85 48.84
CA GLN A 408 -3.13 52.68 47.37
C GLN A 408 -3.46 51.21 47.03
N LEU A 409 -4.66 50.74 47.35
CA LEU A 409 -5.07 49.33 47.17
C LEU A 409 -5.68 49.15 45.78
N GLU A 410 -5.43 47.98 45.20
CA GLU A 410 -6.09 47.47 43.99
C GLU A 410 -7.38 46.81 44.43
N ALA A 411 -8.50 47.52 44.27
CA ALA A 411 -9.85 47.17 44.77
C ALA A 411 -10.18 45.71 44.40
N THR A 412 -9.90 45.29 43.18
CA THR A 412 -10.35 43.98 42.63
C THR A 412 -9.62 42.83 43.32
N ARG A 413 -8.47 43.07 43.95
CA ARG A 413 -7.82 42.01 44.76
C ARG A 413 -8.72 41.60 45.93
N THR A 414 -9.52 42.52 46.46
CA THR A 414 -10.42 42.25 47.61
C THR A 414 -11.54 41.31 47.13
N LEU A 415 -12.14 41.61 45.99
CA LEU A 415 -13.16 40.71 45.38
C LEU A 415 -12.53 39.37 45.04
N GLY A 416 -11.24 39.35 44.72
CA GLY A 416 -10.50 38.11 44.43
C GLY A 416 -10.37 37.21 45.64
N ALA A 417 -10.11 37.77 46.81
CA ALA A 417 -9.95 37.00 48.06
C ALA A 417 -11.30 36.41 48.47
N TYR A 418 -12.33 37.23 48.41
CA TYR A 418 -13.72 36.87 48.77
C TYR A 418 -14.19 35.77 47.84
N THR A 419 -14.01 35.94 46.53
CA THR A 419 -14.43 34.95 45.51
C THR A 419 -13.64 33.65 45.69
N ARG A 420 -12.36 33.71 46.01
CA ARG A 420 -11.52 32.53 46.32
C ARG A 420 -12.28 31.68 47.33
N ASP A 421 -12.65 32.28 48.45
CA ASP A 421 -13.19 31.58 49.64
C ASP A 421 -14.63 31.12 49.34
N ILE A 422 -15.32 31.77 48.41
CA ILE A 422 -16.65 31.32 47.95
C ILE A 422 -16.51 30.02 47.15
N ILE A 423 -15.53 29.96 46.25
CA ILE A 423 -15.14 28.68 45.58
C ILE A 423 -14.72 27.63 46.61
N LYS A 424 -14.00 28.01 47.67
CA LYS A 424 -13.55 27.03 48.70
C LYS A 424 -14.78 26.34 49.25
N ASN A 425 -15.80 27.12 49.60
CA ASN A 425 -16.98 26.68 50.39
C ASN A 425 -18.07 26.12 49.50
N ASN A 426 -17.96 26.28 48.18
CA ASN A 426 -19.06 25.96 47.24
C ASN A 426 -18.47 25.22 46.05
N PRO A 427 -17.74 24.13 46.30
CA PRO A 427 -17.01 23.44 45.24
C PRO A 427 -18.06 22.92 44.27
N ARG A 428 -17.78 22.97 42.98
CA ARG A 428 -18.67 22.42 41.92
C ARG A 428 -19.94 23.28 41.72
N ASP A 429 -20.10 24.42 42.39
CA ASP A 429 -21.31 25.30 42.28
C ASP A 429 -21.01 26.73 41.78
N PHE A 430 -19.73 27.10 41.67
CA PHE A 430 -19.29 28.47 41.36
C PHE A 430 -18.09 28.37 40.39
N ARG A 431 -18.11 29.20 39.36
CA ARG A 431 -17.04 29.28 38.35
C ARG A 431 -16.76 30.74 37.98
N ILE A 432 -15.48 31.01 37.74
CA ILE A 432 -15.02 32.28 37.15
C ILE A 432 -14.64 32.03 35.71
N PHE A 433 -15.16 32.85 34.82
CA PHE A 433 -14.76 32.89 33.39
C PHE A 433 -13.99 34.18 33.15
N GLY A 434 -13.09 34.15 32.18
CA GLY A 434 -12.21 35.28 31.82
C GLY A 434 -11.71 35.14 30.39
N PRO A 435 -11.79 36.22 29.57
CA PRO A 435 -11.21 36.22 28.24
C PRO A 435 -9.72 36.51 28.32
N ASP A 436 -9.00 35.68 29.09
CA ASP A 436 -7.52 35.66 29.20
C ASP A 436 -7.14 36.88 30.06
N GLU A 437 -8.03 37.30 30.96
CA GLU A 437 -7.90 38.56 31.73
C GLU A 437 -8.11 38.35 33.24
N THR A 438 -8.16 37.10 33.72
CA THR A 438 -8.52 36.82 35.14
C THR A 438 -7.45 37.44 36.01
N ALA A 439 -6.19 37.19 35.67
CA ALA A 439 -5.02 37.76 36.38
C ALA A 439 -4.91 39.26 36.10
N SER A 440 -5.17 39.70 34.89
CA SER A 440 -5.01 41.12 34.52
C SER A 440 -5.98 41.96 35.33
N ASN A 441 -7.15 41.36 35.67
CA ASN A 441 -8.24 42.01 36.42
C ASN A 441 -8.13 41.71 37.92
N ARG A 442 -7.11 40.95 38.32
CA ARG A 442 -6.61 40.81 39.72
C ARG A 442 -7.51 39.88 40.52
N LEU A 443 -8.08 38.87 39.87
CA LEU A 443 -8.96 37.87 40.51
C LEU A 443 -8.19 36.57 40.75
N GLN A 444 -6.86 36.60 40.67
CA GLN A 444 -6.04 35.35 40.60
C GLN A 444 -5.94 34.70 41.98
N ALA A 445 -6.53 35.31 43.01
CA ALA A 445 -6.53 34.72 44.37
C ALA A 445 -7.22 33.35 44.32
N SER A 446 -8.19 33.17 43.44
CA SER A 446 -8.89 31.89 43.14
C SER A 446 -7.91 30.75 42.84
N TYR A 447 -6.73 31.02 42.25
CA TYR A 447 -5.74 29.96 41.94
C TYR A 447 -5.24 29.35 43.26
N GLU A 448 -5.48 30.02 44.40
CA GLU A 448 -5.08 29.44 45.71
C GLU A 448 -5.92 28.19 46.07
N VAL A 449 -7.13 28.01 45.51
CA VAL A 449 -8.09 26.92 45.87
C VAL A 449 -8.49 26.10 44.64
N THR A 450 -8.09 26.53 43.44
CA THR A 450 -8.55 25.92 42.18
C THR A 450 -7.57 26.24 41.06
N ASN A 451 -7.89 25.78 39.85
CA ASN A 451 -7.06 25.98 38.65
C ASN A 451 -7.92 26.49 37.51
N LYS A 452 -7.24 26.99 36.48
CA LYS A 452 -7.79 27.14 35.12
C LYS A 452 -7.97 25.73 34.54
N GLN A 453 -9.17 25.42 34.05
CA GLN A 453 -9.49 24.14 33.41
C GLN A 453 -8.90 24.20 32.01
N TRP A 454 -8.03 23.26 31.67
CA TRP A 454 -7.34 23.17 30.37
C TRP A 454 -7.23 21.70 29.97
N ASP A 455 -7.82 21.34 28.85
CA ASP A 455 -7.88 19.93 28.35
C ASP A 455 -7.31 19.90 26.93
N ALA A 456 -6.37 20.81 26.64
CA ALA A 456 -5.43 20.71 25.50
C ALA A 456 -4.08 20.28 26.08
N GLY A 457 -3.02 20.40 25.31
CA GLY A 457 -1.71 19.89 25.75
C GLY A 457 -1.10 20.69 26.86
N TYR A 458 -0.32 20.01 27.69
CA TYR A 458 0.63 20.59 28.67
C TYR A 458 2.03 20.35 28.12
N ILE A 459 2.99 21.22 28.45
CA ILE A 459 4.37 21.12 27.91
C ILE A 459 5.41 21.36 29.00
N SER A 460 5.15 22.21 30.00
CA SER A 460 6.21 22.62 30.97
C SER A 460 5.65 23.29 32.21
N ASP A 461 6.21 22.97 33.37
CA ASP A 461 5.92 23.64 34.68
C ASP A 461 6.39 25.11 34.67
N GLU A 462 7.26 25.53 33.73
CA GLU A 462 7.79 26.92 33.64
C GLU A 462 6.77 27.87 33.00
N VAL A 463 5.73 27.34 32.37
CA VAL A 463 4.67 28.12 31.66
C VAL A 463 3.24 27.69 32.08
N ASP A 464 3.00 26.43 32.46
CA ASP A 464 1.64 25.87 32.66
C ASP A 464 1.19 26.03 34.12
N GLU A 465 1.28 27.23 34.68
CA GLU A 465 0.96 27.51 36.10
C GLU A 465 -0.54 27.60 36.29
N HIS A 466 -1.06 27.04 37.39
CA HIS A 466 -2.48 27.16 37.82
C HIS A 466 -3.40 26.55 36.77
N MET A 467 -2.95 25.51 36.04
CA MET A 467 -3.79 24.79 35.05
C MET A 467 -3.88 23.32 35.46
N HIS A 468 -5.07 22.77 35.32
CA HIS A 468 -5.45 21.36 35.63
C HIS A 468 -6.52 20.98 34.61
N VAL A 469 -6.72 19.69 34.34
CA VAL A 469 -7.76 19.25 33.38
C VAL A 469 -9.14 19.57 33.99
N SER A 470 -9.20 19.80 35.29
CA SER A 470 -10.43 20.15 36.05
C SER A 470 -10.16 21.41 36.84
N GLY A 471 -11.09 22.34 36.83
CA GLY A 471 -10.90 23.58 37.60
C GLY A 471 -12.11 24.49 37.47
N GLN A 472 -12.26 25.39 38.44
CA GLN A 472 -13.43 26.29 38.52
C GLN A 472 -13.13 27.60 37.81
N VAL A 473 -11.97 27.74 37.16
CA VAL A 473 -11.71 28.92 36.28
C VAL A 473 -11.54 28.41 34.84
N VAL A 474 -12.23 29.04 33.89
CA VAL A 474 -12.06 28.78 32.43
C VAL A 474 -11.71 30.09 31.73
N GLU A 475 -10.68 30.05 30.87
CA GLU A 475 -10.26 31.19 30.01
C GLU A 475 -10.12 30.76 28.54
N GLN A 476 -10.72 31.55 27.66
CA GLN A 476 -10.46 31.54 26.20
C GLN A 476 -10.52 32.99 25.75
N LEU A 477 -9.78 33.40 24.73
CA LEU A 477 -9.81 34.81 24.29
C LEU A 477 -11.03 34.91 23.40
N SER A 478 -12.20 35.06 24.02
CA SER A 478 -13.54 35.20 23.38
C SER A 478 -14.55 35.69 24.42
N GLU A 479 -14.98 36.93 24.31
CA GLU A 479 -15.99 37.44 25.25
C GLU A 479 -17.24 36.57 25.04
N HIS A 480 -17.50 36.13 23.82
CA HIS A 480 -18.71 35.33 23.46
C HIS A 480 -18.69 33.97 24.19
N GLN A 481 -17.52 33.36 24.34
CA GLN A 481 -17.40 32.01 24.94
C GLN A 481 -17.65 32.17 26.43
N MET A 482 -17.10 33.23 27.00
CA MET A 482 -17.06 33.42 28.46
C MET A 482 -18.46 33.82 28.90
N GLU A 483 -19.08 34.79 28.25
CA GLU A 483 -20.50 35.12 28.49
C GLU A 483 -21.36 33.86 28.30
N GLY A 484 -21.14 33.09 27.23
CA GLY A 484 -21.98 31.94 26.87
C GLY A 484 -21.88 30.81 27.88
N PHE A 485 -20.66 30.44 28.25
CA PHE A 485 -20.38 29.38 29.23
C PHE A 485 -21.15 29.70 30.50
N LEU A 486 -20.99 30.92 31.00
CA LEU A 486 -21.49 31.29 32.35
C LEU A 486 -23.01 31.28 32.30
N GLU A 487 -23.57 31.83 31.23
CA GLU A 487 -25.04 31.92 31.06
C GLU A 487 -25.61 30.53 31.26
N ALA A 488 -25.01 29.48 30.68
CA ALA A 488 -25.60 28.13 30.68
C ALA A 488 -25.38 27.50 32.06
N TYR A 489 -24.25 27.80 32.66
CA TYR A 489 -23.90 27.36 34.03
C TYR A 489 -24.96 27.88 35.00
N LEU A 490 -25.41 29.12 34.81
CA LEU A 490 -26.38 29.77 35.72
C LEU A 490 -27.77 29.12 35.49
N LEU A 491 -28.09 28.84 34.23
CA LEU A 491 -29.42 28.41 33.75
C LEU A 491 -29.64 26.95 34.16
N THR A 492 -28.54 26.24 34.43
CA THR A 492 -28.52 24.85 34.95
C THR A 492 -28.31 24.86 36.46
N GLY A 493 -28.43 26.02 37.12
CA GLY A 493 -28.62 26.10 38.57
C GLY A 493 -27.35 26.35 39.36
N ARG A 494 -26.28 26.80 38.70
CA ARG A 494 -25.01 27.10 39.40
C ARG A 494 -24.80 28.63 39.44
N HIS A 495 -23.60 29.04 39.85
CA HIS A 495 -23.27 30.44 40.19
C HIS A 495 -21.93 30.79 39.53
N GLY A 496 -21.69 32.07 39.28
CA GLY A 496 -20.31 32.49 39.03
C GLY A 496 -20.17 33.96 38.73
N ILE A 497 -19.04 34.30 38.15
CA ILE A 497 -18.73 35.67 37.72
C ILE A 497 -17.79 35.57 36.50
N TRP A 498 -17.80 36.55 35.63
CA TRP A 498 -16.64 36.74 34.72
C TRP A 498 -16.24 38.21 34.72
N SER A 499 -14.98 38.46 34.37
CA SER A 499 -14.39 39.82 34.24
C SER A 499 -14.04 40.04 32.77
N SER A 500 -14.09 41.30 32.35
CA SER A 500 -13.57 41.76 31.07
C SER A 500 -13.06 43.19 31.25
N TYR A 501 -12.01 43.55 30.50
CA TYR A 501 -11.68 44.95 30.18
C TYR A 501 -12.95 45.66 29.70
N GLU A 502 -13.24 46.83 30.26
CA GLU A 502 -14.50 47.57 29.98
C GLU A 502 -14.73 47.74 28.48
N SER A 503 -13.77 48.16 27.66
CA SER A 503 -14.05 48.49 26.24
C SER A 503 -14.57 47.24 25.50
N PHE A 504 -14.02 46.07 25.83
CA PHE A 504 -14.30 44.80 25.11
C PHE A 504 -15.54 44.09 25.66
N VAL A 505 -16.19 44.64 26.70
CA VAL A 505 -17.55 44.19 27.12
C VAL A 505 -18.47 44.35 25.91
N HIS A 506 -18.23 45.36 25.08
CA HIS A 506 -19.06 45.67 23.88
C HIS A 506 -19.05 44.49 22.90
N VAL A 507 -18.02 43.66 22.90
CA VAL A 507 -18.08 42.45 22.04
C VAL A 507 -19.39 41.65 22.30
N ILE A 508 -19.90 41.58 23.54
CA ILE A 508 -21.07 40.72 23.89
C ILE A 508 -22.29 41.57 24.29
N ASP A 509 -22.34 42.86 23.90
CA ASP A 509 -23.53 43.70 24.11
C ASP A 509 -24.80 42.91 23.73
N SER A 510 -24.80 42.27 22.57
CA SER A 510 -25.99 41.60 22.01
C SER A 510 -26.33 40.35 22.84
N MET A 511 -25.36 39.69 23.45
CA MET A 511 -25.61 38.54 24.37
C MET A 511 -26.23 39.04 25.69
N LEU A 512 -25.63 40.05 26.33
CA LEU A 512 -26.25 40.79 27.45
C LEU A 512 -27.72 41.09 27.09
N ASN A 513 -28.00 41.54 25.86
CA ASN A 513 -29.36 41.94 25.45
C ASN A 513 -30.30 40.71 25.54
N GLN A 514 -29.88 39.60 24.95
CA GLN A 514 -30.70 38.37 24.84
C GLN A 514 -30.90 37.81 26.24
N HIS A 515 -29.87 37.80 27.07
CA HIS A 515 -29.99 37.31 28.46
C HIS A 515 -30.88 38.26 29.26
N ALA A 516 -30.74 39.58 29.10
CA ALA A 516 -31.65 40.55 29.73
C ALA A 516 -33.07 40.18 29.32
N LYS A 517 -33.28 39.92 28.03
CA LYS A 517 -34.63 39.69 27.48
C LYS A 517 -35.19 38.37 28.01
N TRP A 518 -34.33 37.40 28.17
CA TRP A 518 -34.70 36.09 28.72
C TRP A 518 -35.23 36.32 30.13
N LEU A 519 -34.46 37.03 30.96
CA LEU A 519 -34.81 37.40 32.34
C LEU A 519 -36.03 38.32 32.41
N GLU A 520 -36.22 39.22 31.45
CA GLU A 520 -37.40 40.13 31.47
C GLU A 520 -38.66 39.28 31.30
N ALA A 521 -38.66 38.40 30.30
CA ALA A 521 -39.78 37.48 30.03
C ALA A 521 -40.05 36.60 31.27
N THR A 522 -39.00 36.15 31.96
CA THR A 522 -39.16 35.18 33.07
C THR A 522 -39.84 35.87 34.25
N VAL A 523 -39.33 37.00 34.72
CA VAL A 523 -39.87 37.69 35.91
C VAL A 523 -41.30 38.15 35.59
N ARG A 524 -41.57 38.44 34.33
CA ARG A 524 -42.89 38.96 33.97
C ARG A 524 -43.94 37.86 33.96
N GLU A 525 -43.70 36.72 33.30
CA GLU A 525 -44.81 35.80 32.94
C GLU A 525 -44.37 34.34 33.01
N ILE A 526 -43.28 33.99 33.69
CA ILE A 526 -42.88 32.55 33.81
C ILE A 526 -42.64 32.20 35.28
N PRO A 527 -43.68 32.24 36.14
CA PRO A 527 -43.51 31.98 37.57
C PRO A 527 -43.08 30.53 37.86
N TRP A 528 -43.28 29.59 36.94
CA TRP A 528 -42.83 28.18 37.12
C TRP A 528 -41.34 28.03 36.91
N ARG A 529 -40.74 28.98 36.21
CA ARG A 529 -39.28 28.97 35.90
C ARG A 529 -38.64 29.67 37.10
N LYS A 530 -38.02 28.90 37.99
CA LYS A 530 -37.57 29.39 39.31
C LYS A 530 -36.32 30.25 39.17
N PRO A 531 -36.09 31.23 40.09
CA PRO A 531 -34.96 32.15 39.99
C PRO A 531 -33.60 31.45 39.82
N ILE A 532 -32.76 31.98 38.94
CA ILE A 532 -31.36 31.50 38.75
C ILE A 532 -30.42 32.53 39.38
N ALA A 533 -29.22 32.09 39.74
CA ALA A 533 -28.14 32.98 40.19
C ALA A 533 -27.92 34.05 39.11
N SER A 534 -27.35 35.17 39.50
CA SER A 534 -27.23 36.34 38.60
C SER A 534 -26.02 36.15 37.71
N MET A 535 -26.02 36.84 36.59
CA MET A 535 -24.86 36.97 35.70
C MET A 535 -24.06 38.17 36.22
N ASN A 536 -22.95 37.87 36.89
CA ASN A 536 -22.12 38.87 37.59
C ASN A 536 -20.92 39.16 36.71
N LEU A 537 -20.84 40.38 36.19
CA LEU A 537 -19.76 40.82 35.26
C LEU A 537 -18.94 41.90 35.95
N LEU A 538 -17.70 41.57 36.33
CA LEU A 538 -16.68 42.55 36.79
C LEU A 538 -16.15 43.30 35.56
N VAL A 539 -16.64 44.51 35.35
CA VAL A 539 -16.11 45.47 34.33
C VAL A 539 -14.95 46.20 34.97
N SER A 540 -13.72 45.95 34.51
CA SER A 540 -12.49 46.54 35.11
C SER A 540 -11.54 47.02 33.99
N SER A 541 -10.28 47.29 34.35
CA SER A 541 -9.29 47.98 33.47
C SER A 541 -10.05 49.01 32.66
N HIS A 542 -10.73 49.91 33.37
CA HIS A 542 -11.74 50.83 32.78
C HIS A 542 -11.05 52.04 32.12
N VAL A 543 -11.83 52.83 31.41
CA VAL A 543 -11.37 53.94 30.52
C VAL A 543 -10.30 54.81 31.17
N TRP A 544 -10.52 55.28 32.38
CA TRP A 544 -9.64 56.29 33.01
C TRP A 544 -8.22 55.72 33.17
N ARG A 545 -8.08 54.40 33.13
CA ARG A 545 -6.77 53.77 33.37
C ARG A 545 -6.48 52.79 32.24
N GLN A 546 -7.05 53.07 31.06
CA GLN A 546 -6.59 52.52 29.76
C GLN A 546 -5.60 53.52 29.12
N ASP A 547 -4.78 54.17 29.95
CA ASP A 547 -3.76 55.16 29.51
C ASP A 547 -2.55 54.41 28.94
N HIS A 548 -2.37 53.14 29.29
CA HIS A 548 -1.25 52.28 28.82
C HIS A 548 -1.62 51.62 27.50
N ASN A 549 -2.89 51.60 27.09
CA ASN A 549 -3.29 50.91 25.82
C ASN A 549 -3.88 51.90 24.80
N GLY A 550 -4.56 52.95 25.23
CA GLY A 550 -4.91 54.04 24.31
C GLY A 550 -6.35 53.98 23.86
N PHE A 551 -6.65 54.77 22.82
CA PHE A 551 -8.02 55.17 22.40
C PHE A 551 -8.88 53.92 22.11
N SER A 552 -8.30 52.91 21.46
CA SER A 552 -8.92 51.57 21.18
C SER A 552 -9.57 51.00 22.45
N HIS A 553 -8.93 51.14 23.61
CA HIS A 553 -9.37 50.44 24.83
C HIS A 553 -10.23 51.35 25.70
N GLN A 554 -10.68 52.48 25.17
CA GLN A 554 -11.34 53.55 25.98
C GLN A 554 -12.80 53.67 25.58
N ASP A 555 -13.68 52.89 26.20
CA ASP A 555 -15.13 53.00 25.93
C ASP A 555 -15.92 52.40 27.08
N PRO A 556 -16.39 53.25 28.03
CA PRO A 556 -17.22 52.82 29.15
C PRO A 556 -18.71 52.62 28.79
N GLY A 557 -19.01 52.56 27.50
CA GLY A 557 -20.37 52.64 26.98
C GLY A 557 -21.28 51.44 27.29
N VAL A 558 -20.82 50.37 27.94
CA VAL A 558 -21.76 49.25 28.26
C VAL A 558 -22.84 49.77 29.21
N THR A 559 -22.54 50.82 29.97
CA THR A 559 -23.51 51.48 30.89
C THR A 559 -24.73 51.89 30.08
N SER A 560 -24.50 52.55 28.94
CA SER A 560 -25.57 53.04 28.04
C SER A 560 -26.40 51.84 27.57
N VAL A 561 -25.72 50.72 27.30
CA VAL A 561 -26.34 49.51 26.69
C VAL A 561 -27.26 48.88 27.74
N LEU A 562 -26.76 48.73 28.98
CA LEU A 562 -27.52 48.12 30.10
C LEU A 562 -28.70 49.02 30.45
N LEU A 563 -28.56 50.35 30.31
CA LEU A 563 -29.68 51.26 30.63
C LEU A 563 -30.86 50.95 29.71
N ASN A 564 -30.64 50.29 28.58
CA ASN A 564 -31.73 49.94 27.62
C ASN A 564 -32.48 48.66 28.06
N LYS A 565 -32.17 48.11 29.23
CA LYS A 565 -32.92 46.96 29.80
C LYS A 565 -33.45 47.29 31.20
N CYS A 566 -33.79 48.55 31.47
CA CYS A 566 -34.10 49.03 32.85
C CYS A 566 -35.50 49.61 32.88
N PHE A 567 -36.51 48.79 32.54
CA PHE A 567 -37.93 49.19 32.43
C PHE A 567 -38.82 48.32 33.33
N HIS A 568 -40.07 48.78 33.55
CA HIS A 568 -41.27 48.00 33.97
C HIS A 568 -41.02 47.36 35.34
N ASN A 569 -40.03 47.82 36.10
CA ASN A 569 -39.64 47.19 37.39
C ASN A 569 -39.38 45.70 37.22
N ASP A 570 -38.81 45.28 36.09
CA ASP A 570 -38.27 43.90 35.92
C ASP A 570 -37.18 43.62 36.97
N HIS A 571 -36.41 44.65 37.33
CA HIS A 571 -35.21 44.62 38.22
C HIS A 571 -34.32 43.46 37.80
N VAL A 572 -34.04 43.34 36.50
CA VAL A 572 -33.13 42.28 35.97
C VAL A 572 -31.73 42.87 35.70
N ILE A 573 -31.53 44.17 35.86
CA ILE A 573 -30.23 44.82 35.57
C ILE A 573 -29.76 45.52 36.83
N GLY A 574 -28.50 45.27 37.21
CA GLY A 574 -27.75 46.01 38.23
C GLY A 574 -26.52 46.68 37.62
N ILE A 575 -26.33 47.96 37.90
CA ILE A 575 -25.17 48.78 37.47
C ILE A 575 -24.57 49.43 38.72
N TYR A 576 -23.36 49.02 39.08
CA TYR A 576 -22.70 49.36 40.35
C TYR A 576 -21.30 49.94 40.09
N PHE A 577 -20.94 51.00 40.83
CA PHE A 577 -19.63 51.65 40.73
C PHE A 577 -18.97 51.40 42.08
N ALA A 578 -18.06 50.44 42.11
CA ALA A 578 -17.23 50.15 43.29
C ALA A 578 -16.35 51.38 43.49
N THR A 579 -16.81 52.29 44.35
CA THR A 579 -16.07 53.44 44.88
C THR A 579 -14.71 52.98 45.40
N ASP A 580 -14.64 51.82 46.04
CA ASP A 580 -13.39 51.29 46.64
C ASP A 580 -13.57 49.79 46.90
N ALA A 581 -12.57 49.17 47.50
CA ALA A 581 -12.59 47.74 47.88
C ALA A 581 -13.82 47.45 48.79
N ASN A 582 -14.05 48.25 49.80
CA ASN A 582 -15.17 48.01 50.76
C ASN A 582 -16.51 48.10 49.99
N MET A 583 -16.69 49.08 49.11
CA MET A 583 -17.97 49.19 48.35
C MET A 583 -18.10 48.01 47.38
N LEU A 584 -16.96 47.50 46.90
CA LEU A 584 -16.91 46.35 45.98
C LEU A 584 -17.39 45.11 46.74
N LEU A 585 -17.05 44.98 48.02
CA LEU A 585 -17.46 43.86 48.91
C LEU A 585 -18.97 43.91 49.13
N ALA A 586 -19.49 45.07 49.53
CA ALA A 586 -20.95 45.31 49.69
C ALA A 586 -21.69 44.97 48.39
N ILE A 587 -21.13 45.32 47.23
CA ILE A 587 -21.80 45.04 45.92
C ILE A 587 -21.71 43.53 45.63
N ALA A 588 -20.51 42.93 45.79
CA ALA A 588 -20.29 41.48 45.63
C ALA A 588 -21.31 40.71 46.49
N GLU A 589 -21.43 41.09 47.77
CA GLU A 589 -22.40 40.44 48.71
C GLU A 589 -23.79 40.48 48.08
N LYS A 590 -24.25 41.67 47.66
CA LYS A 590 -25.63 41.87 47.14
C LYS A 590 -25.82 41.07 45.85
N CYS A 591 -24.81 41.05 44.99
CA CYS A 591 -24.85 40.39 43.66
C CYS A 591 -24.83 38.87 43.85
N TYR A 592 -23.87 38.36 44.62
CA TYR A 592 -23.79 36.91 44.91
C TYR A 592 -25.10 36.39 45.56
N LYS A 593 -25.89 37.20 46.28
CA LYS A 593 -27.14 36.74 46.95
C LYS A 593 -28.31 36.90 45.99
N SER A 594 -28.12 37.68 44.93
CA SER A 594 -29.21 38.06 44.01
C SER A 594 -29.49 36.92 43.02
N THR A 595 -30.70 36.92 42.47
CA THR A 595 -31.16 35.99 41.41
C THR A 595 -31.78 36.84 40.33
N ASN A 596 -31.86 36.26 39.12
CA ASN A 596 -32.56 36.81 37.94
C ASN A 596 -32.05 38.19 37.53
N LYS A 597 -30.76 38.47 37.67
CA LYS A 597 -30.17 39.79 37.31
C LYS A 597 -28.97 39.58 36.37
N ILE A 598 -28.61 40.60 35.61
CA ILE A 598 -27.24 40.87 35.10
C ILE A 598 -26.67 41.98 35.98
N ASN A 599 -25.59 41.69 36.67
CA ASN A 599 -24.88 42.65 37.54
C ASN A 599 -23.60 43.08 36.82
N ALA A 600 -23.57 44.33 36.40
CA ALA A 600 -22.36 45.04 35.96
C ALA A 600 -21.77 45.68 37.20
N ILE A 601 -20.54 45.31 37.53
CA ILE A 601 -19.75 45.86 38.66
C ILE A 601 -18.55 46.59 38.04
N ILE A 602 -18.61 47.92 37.92
CA ILE A 602 -17.44 48.71 37.45
C ILE A 602 -16.52 48.98 38.66
N ALA A 603 -15.28 48.48 38.60
CA ALA A 603 -14.29 48.55 39.70
C ALA A 603 -12.91 48.76 39.09
N GLY A 604 -12.15 49.71 39.61
CA GLY A 604 -10.74 49.94 39.23
C GLY A 604 -9.91 48.78 39.73
N LYS A 605 -8.93 48.35 38.92
CA LYS A 605 -7.86 47.40 39.37
C LYS A 605 -6.58 48.17 39.69
N GLN A 606 -6.62 49.49 39.54
CA GLN A 606 -5.42 50.37 39.65
C GLN A 606 -5.31 50.82 41.09
N PRO A 607 -4.08 51.13 41.58
CA PRO A 607 -3.92 51.60 42.95
C PRO A 607 -4.81 52.83 43.17
N ALA A 608 -5.70 52.77 44.15
CA ALA A 608 -6.63 53.86 44.53
C ALA A 608 -6.89 53.85 46.03
N ALA A 609 -7.34 55.00 46.51
CA ALA A 609 -7.73 55.25 47.90
C ALA A 609 -8.96 54.41 48.25
N THR A 610 -9.15 54.13 49.54
CA THR A 610 -10.38 53.55 50.12
C THR A 610 -11.10 54.65 50.90
N TRP A 611 -12.34 54.95 50.57
CA TRP A 611 -13.12 56.09 51.12
C TRP A 611 -14.00 55.62 52.28
N LEU A 612 -14.52 54.40 52.20
CA LEU A 612 -15.60 53.91 53.06
C LEU A 612 -15.14 52.70 53.88
N THR A 613 -15.65 52.63 55.10
CA THR A 613 -15.75 51.38 55.90
C THR A 613 -16.76 50.46 55.22
N LEU A 614 -16.65 49.17 55.45
CA LEU A 614 -17.65 48.21 54.91
C LEU A 614 -19.05 48.59 55.41
N ASP A 615 -19.18 49.02 56.68
CA ASP A 615 -20.47 49.42 57.28
C ASP A 615 -21.00 50.61 56.46
N GLU A 616 -20.15 51.61 56.24
CA GLU A 616 -20.59 52.83 55.51
C GLU A 616 -21.02 52.42 54.10
N ALA A 617 -20.28 51.50 53.47
CA ALA A 617 -20.53 51.06 52.06
C ALA A 617 -21.86 50.30 51.97
N ARG A 618 -22.14 49.38 52.89
CA ARG A 618 -23.43 48.63 52.92
C ARG A 618 -24.55 49.65 53.11
N ALA A 619 -24.44 50.57 54.05
CA ALA A 619 -25.44 51.63 54.31
C ALA A 619 -25.64 52.45 53.02
N GLU A 620 -24.57 52.93 52.38
CA GLU A 620 -24.67 53.68 51.09
C GLU A 620 -25.30 52.83 49.98
N LEU A 621 -24.82 51.60 49.81
CA LEU A 621 -25.34 50.70 48.76
C LEU A 621 -26.84 50.45 48.94
N GLU A 622 -27.33 50.35 50.17
CA GLU A 622 -28.76 50.03 50.43
C GLU A 622 -29.60 51.08 49.71
N LYS A 623 -29.19 52.34 49.77
CA LYS A 623 -29.93 53.49 49.20
C LYS A 623 -29.50 53.66 47.74
N GLY A 624 -28.21 53.45 47.49
CA GLY A 624 -27.60 53.59 46.15
C GLY A 624 -26.73 54.83 46.07
N ALA A 625 -27.10 55.87 46.81
CA ALA A 625 -26.35 57.13 46.91
C ALA A 625 -26.39 57.57 48.37
N ALA A 626 -25.33 58.20 48.85
CA ALA A 626 -25.22 58.75 50.20
C ALA A 626 -24.45 60.06 50.12
N ALA A 627 -24.85 61.02 50.95
CA ALA A 627 -24.04 62.17 51.39
C ALA A 627 -22.90 61.61 52.25
N TRP A 628 -21.70 62.15 52.07
CA TRP A 628 -20.49 61.90 52.89
C TRP A 628 -20.27 63.09 53.84
N ASP A 629 -20.84 63.03 55.04
CA ASP A 629 -20.89 64.14 56.03
C ASP A 629 -19.46 64.48 56.48
N TRP A 630 -18.63 63.45 56.66
CA TRP A 630 -17.19 63.54 57.00
C TRP A 630 -16.36 64.28 55.93
N ALA A 631 -16.93 64.59 54.76
CA ALA A 631 -16.18 65.24 53.64
C ALA A 631 -16.81 66.57 53.28
N SER A 632 -18.10 66.72 53.54
CA SER A 632 -18.87 67.98 53.41
C SER A 632 -18.30 69.04 54.38
N THR A 633 -18.30 70.30 53.94
CA THR A 633 -17.91 71.47 54.77
C THR A 633 -19.20 72.15 55.18
N ALA A 634 -20.21 72.11 54.31
CA ALA A 634 -21.59 72.51 54.60
C ALA A 634 -22.21 71.49 55.57
N LYS A 635 -22.94 71.98 56.56
CA LYS A 635 -23.52 71.17 57.67
C LYS A 635 -24.95 70.82 57.29
N ASN A 636 -25.53 71.58 56.37
CA ASN A 636 -26.89 71.31 55.83
C ASN A 636 -26.93 71.74 54.37
N ASN A 637 -28.00 71.41 53.68
CA ASN A 637 -28.18 71.72 52.25
C ASN A 637 -28.21 73.24 52.07
N ASP A 638 -28.84 73.96 53.01
CA ASP A 638 -29.08 75.43 52.94
C ASP A 638 -27.73 76.17 52.95
N GLU A 639 -26.79 75.71 53.76
CA GLU A 639 -25.40 76.24 53.87
C GLU A 639 -24.62 76.00 52.55
N ALA A 640 -24.92 74.94 51.79
CA ALA A 640 -24.05 74.40 50.72
C ALA A 640 -24.12 75.29 49.48
N GLU A 641 -22.96 75.74 48.98
CA GLU A 641 -22.83 76.63 47.79
C GLU A 641 -22.75 75.77 46.53
N VAL A 642 -22.20 74.57 46.64
CA VAL A 642 -22.13 73.59 45.52
C VAL A 642 -22.21 72.16 46.08
N VAL A 643 -22.79 71.25 45.28
CA VAL A 643 -22.76 69.78 45.55
C VAL A 643 -21.74 69.14 44.61
N LEU A 644 -20.82 68.38 45.19
CA LEU A 644 -19.80 67.57 44.49
C LEU A 644 -20.21 66.10 44.59
N ALA A 645 -20.75 65.56 43.49
CA ALA A 645 -21.18 64.15 43.37
C ALA A 645 -20.26 63.42 42.39
N ALA A 646 -19.97 62.15 42.66
CA ALA A 646 -19.14 61.28 41.78
C ALA A 646 -19.73 59.88 41.70
N ALA A 647 -19.55 59.22 40.55
CA ALA A 647 -19.85 57.79 40.33
C ALA A 647 -18.66 57.16 39.63
N GLY A 648 -17.91 56.34 40.36
CA GLY A 648 -16.74 55.61 39.85
C GLY A 648 -15.52 55.86 40.70
N ASP A 649 -14.67 54.85 40.89
CA ASP A 649 -13.39 55.00 41.62
C ASP A 649 -12.66 56.28 41.16
N VAL A 650 -12.53 56.53 39.86
CA VAL A 650 -11.65 57.66 39.39
C VAL A 650 -12.37 58.99 39.48
N PRO A 651 -13.63 59.13 39.04
CA PRO A 651 -14.37 60.37 39.33
C PRO A 651 -14.44 60.70 40.82
N THR A 652 -14.39 59.70 41.71
CA THR A 652 -14.47 59.94 43.16
C THR A 652 -13.14 60.54 43.62
N GLN A 653 -12.04 59.97 43.19
CA GLN A 653 -10.67 60.51 43.43
C GLN A 653 -10.61 62.01 43.07
N GLU A 654 -11.05 62.39 41.88
CA GLU A 654 -10.88 63.77 41.38
C GLU A 654 -11.84 64.72 42.12
N ILE A 655 -13.05 64.29 42.42
CA ILE A 655 -14.05 65.12 43.17
C ILE A 655 -13.53 65.29 44.61
N MET A 656 -12.87 64.27 45.15
CA MET A 656 -12.39 64.30 46.55
C MET A 656 -11.17 65.21 46.63
N ALA A 657 -10.38 65.27 45.57
CA ALA A 657 -9.19 66.15 45.46
C ALA A 657 -9.67 67.58 45.29
N ALA A 658 -10.70 67.81 44.45
CA ALA A 658 -11.30 69.14 44.26
C ALA A 658 -11.87 69.66 45.59
N SER A 659 -12.47 68.79 46.40
CA SER A 659 -13.12 69.15 47.68
C SER A 659 -12.07 69.76 48.59
N ASP A 660 -10.86 69.20 48.56
CA ASP A 660 -9.72 69.64 49.39
C ASP A 660 -9.28 71.05 48.96
N LYS A 661 -9.29 71.35 47.66
CA LYS A 661 -8.83 72.67 47.12
C LYS A 661 -9.92 73.71 47.39
N LEU A 662 -11.17 73.26 47.39
CA LEU A 662 -12.35 74.10 47.66
C LEU A 662 -12.43 74.39 49.15
N LYS A 663 -11.83 73.52 49.97
CA LYS A 663 -11.86 73.64 51.45
C LYS A 663 -10.73 74.58 51.85
N GLU A 664 -9.67 74.69 51.05
CA GLU A 664 -8.59 75.68 51.27
C GLU A 664 -9.07 77.10 50.93
N LEU A 665 -10.13 77.25 50.13
CA LEU A 665 -10.77 78.57 49.82
C LEU A 665 -12.02 78.78 50.68
N GLY A 666 -12.27 77.94 51.69
CA GLY A 666 -13.40 78.10 52.64
C GLY A 666 -14.76 78.09 51.98
N VAL A 667 -14.90 77.29 50.91
CA VAL A 667 -16.20 77.10 50.22
C VAL A 667 -17.02 76.06 51.00
N LYS A 668 -18.35 76.23 50.97
CA LYS A 668 -19.31 75.34 51.65
C LYS A 668 -19.89 74.42 50.57
N PHE A 669 -19.61 73.12 50.71
CA PHE A 669 -19.90 72.11 49.66
C PHE A 669 -20.29 70.78 50.32
N LYS A 670 -21.33 70.15 49.75
CA LYS A 670 -21.77 68.79 50.13
C LYS A 670 -21.15 67.79 49.14
N VAL A 671 -20.46 66.76 49.64
CA VAL A 671 -19.94 65.60 48.84
C VAL A 671 -20.99 64.47 48.80
N VAL A 672 -21.17 63.89 47.62
CA VAL A 672 -22.13 62.79 47.36
C VAL A 672 -21.42 61.69 46.55
N ASN A 673 -21.68 60.46 46.91
CA ASN A 673 -21.22 59.29 46.15
C ASN A 673 -22.42 58.53 45.64
N VAL A 674 -22.28 57.94 44.44
CA VAL A 674 -23.30 57.07 43.81
C VAL A 674 -22.64 55.72 43.50
N ALA A 675 -23.13 54.67 44.16
CA ALA A 675 -22.66 53.28 43.91
C ALA A 675 -23.66 52.54 43.02
N ASP A 676 -24.93 52.99 42.95
CA ASP A 676 -26.00 52.30 42.19
C ASP A 676 -26.55 53.28 41.17
N LEU A 677 -26.16 53.15 39.91
CA LEU A 677 -26.61 54.09 38.87
C LEU A 677 -28.13 54.23 38.92
N LEU A 678 -28.85 53.14 39.12
CA LEU A 678 -30.32 53.06 38.91
C LEU A 678 -31.05 53.68 40.10
N SER A 679 -30.33 53.93 41.20
CA SER A 679 -30.85 54.68 42.37
C SER A 679 -31.24 56.08 41.94
N LEU A 680 -30.64 56.60 40.86
CA LEU A 680 -30.91 57.96 40.31
C LEU A 680 -32.05 57.90 39.31
N GLN A 681 -32.54 56.71 38.96
CA GLN A 681 -33.56 56.59 37.88
C GLN A 681 -34.88 57.17 38.38
N SER A 682 -35.64 57.79 37.48
CA SER A 682 -37.01 58.31 37.73
C SER A 682 -37.75 57.40 38.71
N ALA A 683 -38.22 57.95 39.82
CA ALA A 683 -39.07 57.24 40.81
C ALA A 683 -40.30 56.66 40.10
N LYS A 684 -40.77 57.31 39.04
CA LYS A 684 -41.95 56.85 38.27
C LYS A 684 -41.61 55.55 37.51
N GLU A 685 -40.38 55.36 37.03
CA GLU A 685 -39.98 54.17 36.22
C GLU A 685 -39.52 53.01 37.14
N ASN A 686 -38.90 53.33 38.29
CA ASN A 686 -38.14 52.34 39.10
C ASN A 686 -38.46 52.48 40.59
N ASP A 687 -39.28 51.55 41.12
CA ASP A 687 -39.86 51.58 42.49
C ASP A 687 -38.78 51.24 43.52
N GLU A 688 -37.55 50.95 43.09
CA GLU A 688 -36.41 50.69 44.03
C GLU A 688 -35.46 51.88 44.03
N ALA A 689 -35.78 52.95 43.31
CA ALA A 689 -34.91 54.13 43.22
C ALA A 689 -35.20 55.06 44.40
N LEU A 690 -34.23 55.91 44.72
CA LEU A 690 -34.40 57.06 45.64
C LEU A 690 -35.76 57.66 45.31
N THR A 691 -36.54 58.04 46.31
CA THR A 691 -37.76 58.87 46.14
C THR A 691 -37.31 60.28 45.75
N ASP A 692 -38.17 61.04 45.11
CA ASP A 692 -37.86 62.48 44.79
C ASP A 692 -37.54 63.26 46.08
N GLU A 693 -38.06 62.89 47.26
CA GLU A 693 -37.73 63.54 48.56
C GLU A 693 -36.33 63.12 48.98
N GLU A 694 -35.94 61.86 48.78
CA GLU A 694 -34.59 61.37 49.21
C GLU A 694 -33.51 61.95 48.28
N PHE A 695 -33.83 61.97 46.98
CA PHE A 695 -32.98 62.56 45.92
C PHE A 695 -32.69 64.01 46.30
N ALA A 696 -33.75 64.79 46.54
CA ALA A 696 -33.68 66.23 46.93
C ALA A 696 -32.85 66.37 48.21
N ASP A 697 -33.11 65.50 49.19
CA ASP A 697 -32.31 65.48 50.43
C ASP A 697 -30.82 65.34 50.07
N ILE A 698 -30.41 64.33 49.29
CA ILE A 698 -28.97 64.03 48.97
C ILE A 698 -28.39 65.15 48.08
N PHE A 699 -29.01 65.50 46.96
CA PHE A 699 -28.38 66.41 45.96
C PHE A 699 -28.85 67.86 46.15
N THR A 700 -29.67 68.14 47.16
CA THR A 700 -30.35 69.43 47.44
C THR A 700 -31.34 69.76 46.34
N ALA A 701 -32.25 70.69 46.64
CA ALA A 701 -33.45 71.03 45.83
C ALA A 701 -33.14 72.15 44.82
N ASP A 702 -32.05 72.92 45.05
CA ASP A 702 -31.92 74.30 44.51
C ASP A 702 -30.47 74.66 44.15
N LYS A 703 -29.47 73.99 44.72
CA LYS A 703 -28.03 74.33 44.54
C LYS A 703 -27.43 73.68 43.30
N PRO A 704 -26.28 74.21 42.81
CA PRO A 704 -25.62 73.67 41.63
C PRO A 704 -24.90 72.37 42.00
N VAL A 705 -25.09 71.34 41.16
CA VAL A 705 -24.52 69.97 41.35
C VAL A 705 -23.45 69.76 40.30
N LEU A 706 -22.21 69.57 40.75
CA LEU A 706 -21.09 69.18 39.86
C LEU A 706 -21.01 67.66 39.92
N PHE A 707 -21.30 66.95 38.83
CA PHE A 707 -21.38 65.47 38.83
C PHE A 707 -20.27 64.91 37.93
N ALA A 708 -19.27 64.28 38.52
CA ALA A 708 -18.18 63.61 37.78
C ALA A 708 -18.57 62.14 37.58
N TYR A 709 -18.81 61.73 36.34
CA TYR A 709 -19.37 60.40 36.04
C TYR A 709 -18.32 59.53 35.35
N HIS A 710 -18.29 58.23 35.68
CA HIS A 710 -17.38 57.23 35.08
C HIS A 710 -17.51 57.16 33.55
N SER A 711 -18.73 57.08 33.04
CA SER A 711 -19.02 56.83 31.62
C SER A 711 -19.45 58.15 30.97
N TYR A 712 -20.37 58.10 30.00
CA TYR A 712 -20.74 59.21 29.11
C TYR A 712 -21.86 60.01 29.77
N ALA A 713 -21.65 61.32 29.90
CA ALA A 713 -22.56 62.25 30.63
C ALA A 713 -24.02 61.97 30.22
N HIS A 714 -24.25 61.72 28.94
CA HIS A 714 -25.55 61.31 28.37
C HIS A 714 -26.25 60.34 29.34
N ASP A 715 -25.53 59.36 29.90
CA ASP A 715 -26.12 58.29 30.73
C ASP A 715 -26.93 58.96 31.82
N VAL A 716 -26.26 59.80 32.62
CA VAL A 716 -26.86 60.49 33.79
C VAL A 716 -27.92 61.49 33.34
N ARG A 717 -27.66 62.22 32.26
CA ARG A 717 -28.51 63.36 31.82
C ARG A 717 -29.87 62.78 31.44
N GLY A 718 -29.88 61.57 30.87
CA GLY A 718 -31.08 60.81 30.49
C GLY A 718 -31.83 60.25 31.69
N LEU A 719 -31.11 59.79 32.72
CA LEU A 719 -31.71 59.13 33.91
C LEU A 719 -32.52 60.10 34.77
N ILE A 720 -32.00 61.32 34.96
CA ILE A 720 -32.50 62.30 35.97
C ILE A 720 -33.36 63.37 35.31
N TYR A 721 -33.85 63.15 34.08
CA TYR A 721 -34.62 64.16 33.32
C TYR A 721 -35.77 64.76 34.16
N ASP A 722 -36.44 63.97 35.02
CA ASP A 722 -37.63 64.42 35.81
C ASP A 722 -37.30 64.48 37.31
N ARG A 723 -36.02 64.43 37.69
CA ARG A 723 -35.59 64.53 39.10
C ARG A 723 -35.63 66.01 39.47
N PRO A 724 -35.81 66.33 40.76
CA PRO A 724 -35.61 67.69 41.24
C PRO A 724 -34.17 68.18 41.03
N ASN A 725 -34.01 69.45 40.65
CA ASN A 725 -32.72 70.17 40.59
C ASN A 725 -31.90 69.60 39.43
N HIS A 726 -32.55 68.96 38.46
CA HIS A 726 -31.87 68.23 37.36
C HIS A 726 -31.16 69.22 36.42
N ASP A 727 -31.70 70.43 36.21
CA ASP A 727 -31.15 71.49 35.32
C ASP A 727 -29.89 72.12 35.93
N ASN A 728 -29.60 71.87 37.20
CA ASN A 728 -28.38 72.40 37.88
C ASN A 728 -27.29 71.35 37.93
N PHE A 729 -27.52 70.17 37.34
CA PHE A 729 -26.46 69.14 37.23
C PHE A 729 -25.52 69.58 36.11
N ASN A 730 -24.27 69.84 36.47
CA ASN A 730 -23.16 69.97 35.51
C ASN A 730 -22.49 68.60 35.49
N VAL A 731 -22.83 67.78 34.50
CA VAL A 731 -22.33 66.38 34.41
C VAL A 731 -21.12 66.32 33.49
N HIS A 732 -19.93 66.07 34.04
CA HIS A 732 -18.69 65.74 33.28
C HIS A 732 -18.55 64.23 33.26
N GLY A 733 -18.16 63.70 32.11
CA GLY A 733 -17.78 62.29 31.95
C GLY A 733 -16.79 62.12 30.82
N TYR A 734 -16.63 60.86 30.39
CA TYR A 734 -15.77 60.48 29.25
C TYR A 734 -16.33 61.13 27.98
N GLU A 735 -15.43 61.61 27.11
CA GLU A 735 -15.76 62.56 26.01
C GLU A 735 -15.03 62.16 24.73
N GLU A 736 -14.75 60.88 24.57
CA GLU A 736 -14.00 60.32 23.41
C GLU A 736 -12.70 61.10 23.24
N GLU A 737 -12.03 61.43 24.33
CA GLU A 737 -10.68 62.04 24.32
C GLU A 737 -9.76 61.08 25.05
N GLY A 738 -8.55 60.90 24.55
CA GLY A 738 -7.54 60.18 25.33
C GLY A 738 -6.59 59.52 24.39
N SER A 739 -5.62 58.79 24.91
CA SER A 739 -4.58 58.18 24.06
C SER A 739 -3.68 57.36 24.95
N THR A 740 -2.50 57.05 24.44
CA THR A 740 -1.41 56.48 25.25
C THR A 740 -0.82 57.71 25.93
N THR A 741 -1.22 57.96 27.17
CA THR A 741 -0.78 59.15 27.93
C THR A 741 -0.70 58.77 29.40
N THR A 742 -0.88 59.73 30.29
CA THR A 742 -0.75 59.53 31.75
C THR A 742 -2.14 59.52 32.36
N PRO A 743 -2.31 58.90 33.53
CA PRO A 743 -3.58 59.00 34.28
C PRO A 743 -4.08 60.44 34.42
N TYR A 744 -3.20 61.40 34.73
CA TYR A 744 -3.63 62.82 34.82
C TYR A 744 -4.14 63.33 33.46
N ASP A 745 -3.40 63.09 32.37
CA ASP A 745 -3.87 63.54 31.01
C ASP A 745 -5.26 62.96 30.69
N MET A 746 -5.50 61.67 31.00
CA MET A 746 -6.77 60.95 30.71
C MET A 746 -7.96 61.73 31.28
N VAL A 747 -7.87 62.20 32.52
CA VAL A 747 -8.96 63.00 33.17
C VAL A 747 -8.86 64.43 32.65
N ARG A 748 -7.66 64.98 32.49
CA ARG A 748 -7.50 66.38 31.99
C ARG A 748 -8.26 66.54 30.68
N VAL A 749 -7.89 65.71 29.71
CA VAL A 749 -8.35 65.82 28.30
C VAL A 749 -9.87 65.57 28.25
N ASN A 750 -10.46 64.93 29.28
CA ASN A 750 -11.92 64.65 29.36
C ASN A 750 -12.57 65.68 30.29
N ARG A 751 -11.84 66.74 30.63
CA ARG A 751 -12.31 67.85 31.49
C ARG A 751 -12.97 67.27 32.74
N ILE A 752 -12.32 66.27 33.36
CA ILE A 752 -12.82 65.66 34.64
C ILE A 752 -11.69 65.60 35.67
N ASP A 753 -10.49 66.11 35.33
CA ASP A 753 -9.36 66.25 36.29
C ASP A 753 -9.79 67.14 37.46
N ARG A 754 -9.13 66.99 38.61
CA ARG A 754 -9.44 67.72 39.89
C ARG A 754 -9.37 69.24 39.69
N TYR A 755 -8.33 69.74 39.01
CA TYR A 755 -8.12 71.19 38.79
C TYR A 755 -9.30 71.75 38.00
N GLU A 756 -9.77 71.03 37.00
CA GLU A 756 -10.93 71.48 36.19
C GLU A 756 -12.18 71.42 37.07
N LEU A 757 -12.30 70.37 37.90
CA LEU A 757 -13.55 70.12 38.66
C LEU A 757 -13.66 71.23 39.69
N THR A 758 -12.53 71.62 40.27
CA THR A 758 -12.39 72.78 41.17
C THR A 758 -12.84 74.06 40.45
N ALA A 759 -12.26 74.33 39.27
CA ALA A 759 -12.53 75.55 38.47
C ALA A 759 -14.01 75.62 38.10
N GLU A 760 -14.60 74.46 37.78
CA GLU A 760 -16.02 74.36 37.34
C GLU A 760 -16.90 74.72 38.55
N ALA A 761 -16.50 74.26 39.74
CA ALA A 761 -17.29 74.48 40.97
C ALA A 761 -17.28 75.99 41.24
N LEU A 762 -16.07 76.58 41.21
CA LEU A 762 -15.87 78.05 41.33
C LEU A 762 -16.72 78.80 40.29
N ARG A 763 -16.66 78.41 39.02
CA ARG A 763 -17.51 79.00 37.93
C ARG A 763 -18.98 78.91 38.34
N MET A 764 -19.42 77.80 38.90
CA MET A 764 -20.87 77.57 39.18
C MET A 764 -21.30 78.36 40.42
N ILE A 765 -20.38 78.69 41.32
CA ILE A 765 -20.63 79.54 42.52
C ILE A 765 -20.56 81.02 42.13
N ASP A 766 -19.46 81.44 41.48
CA ASP A 766 -19.18 82.85 41.14
C ASP A 766 -17.91 82.95 40.28
N ALA A 767 -18.07 83.01 38.96
CA ALA A 767 -16.93 83.09 38.00
C ALA A 767 -16.16 84.42 38.19
N ASP A 768 -16.86 85.48 38.61
CA ASP A 768 -16.29 86.83 38.90
C ASP A 768 -15.46 86.79 40.18
N LYS A 769 -16.10 86.45 41.30
CA LYS A 769 -15.41 86.41 42.62
C LYS A 769 -14.12 85.59 42.48
N TYR A 770 -14.15 84.50 41.71
CA TYR A 770 -13.05 83.49 41.68
C TYR A 770 -12.36 83.50 40.30
N ALA A 771 -12.63 84.50 39.46
CA ALA A 771 -12.07 84.62 38.09
C ALA A 771 -10.55 84.36 38.13
N ASP A 772 -9.88 84.87 39.17
CA ASP A 772 -8.40 84.79 39.33
C ASP A 772 -8.03 83.34 39.63
N LYS A 773 -8.61 82.73 40.69
CA LYS A 773 -8.33 81.33 41.12
C LYS A 773 -8.66 80.37 39.96
N ILE A 774 -9.76 80.61 39.25
CA ILE A 774 -10.11 79.83 38.03
C ILE A 774 -8.93 79.88 37.06
N ASP A 775 -8.61 81.05 36.54
CA ASP A 775 -7.48 81.30 35.61
C ASP A 775 -6.23 80.53 36.10
N GLU A 776 -5.93 80.57 37.40
CA GLU A 776 -4.71 79.96 37.99
C GLU A 776 -4.80 78.43 37.81
N LEU A 777 -5.95 77.84 38.13
CA LEU A 777 -6.30 76.40 37.96
C LEU A 777 -6.10 76.01 36.49
N GLU A 778 -6.69 76.73 35.56
CA GLU A 778 -6.54 76.47 34.10
C GLU A 778 -5.06 76.55 33.70
N LYS A 779 -4.30 77.49 34.24
CA LYS A 779 -2.85 77.59 33.88
C LYS A 779 -2.17 76.38 34.48
N PHE A 780 -2.62 75.89 35.63
CA PHE A 780 -1.94 74.77 36.32
C PHE A 780 -2.14 73.48 35.51
N ARG A 781 -3.28 73.39 34.81
CA ARG A 781 -3.65 72.19 34.05
C ARG A 781 -2.63 72.06 32.93
N ASP A 782 -2.40 73.16 32.21
CA ASP A 782 -1.43 73.19 31.08
C ASP A 782 -0.04 72.92 31.69
N GLU A 783 0.26 73.50 32.84
CA GLU A 783 1.57 73.35 33.49
C GLU A 783 1.76 71.86 33.78
N ALA A 784 0.71 71.20 34.27
CA ALA A 784 0.73 69.80 34.74
C ALA A 784 0.83 68.84 33.55
N PHE A 785 0.20 69.19 32.42
CA PHE A 785 0.38 68.45 31.15
C PHE A 785 1.86 68.59 30.73
N GLN A 786 2.34 69.83 30.63
CA GLN A 786 3.72 70.12 30.15
C GLN A 786 4.69 69.32 31.01
N PHE A 787 4.41 69.20 32.30
CA PHE A 787 5.26 68.39 33.23
C PHE A 787 5.35 66.93 32.77
N ALA A 788 4.21 66.34 32.35
CA ALA A 788 4.06 64.93 31.90
C ALA A 788 4.87 64.73 30.62
N VAL A 789 4.74 65.68 29.68
CA VAL A 789 5.46 65.65 28.38
C VAL A 789 6.97 65.75 28.63
N ASP A 790 7.41 66.62 29.54
CA ASP A 790 8.86 66.85 29.78
C ASP A 790 9.42 65.66 30.52
N ASN A 791 8.66 65.10 31.48
CA ASN A 791 9.17 64.16 32.50
C ASN A 791 8.74 62.72 32.19
N GLY A 792 7.55 62.52 31.60
CA GLY A 792 6.97 61.21 31.26
C GLY A 792 6.30 60.53 32.45
N TYR A 793 5.91 61.30 33.47
CA TYR A 793 5.01 60.93 34.59
C TYR A 793 4.31 62.20 35.08
N ASP A 794 3.29 62.06 35.91
CA ASP A 794 2.38 63.18 36.27
C ASP A 794 3.05 64.14 37.27
N HIS A 795 2.57 65.38 37.34
CA HIS A 795 3.02 66.40 38.32
C HIS A 795 2.77 65.89 39.73
N PRO A 796 3.69 66.14 40.71
CA PRO A 796 3.54 65.63 42.07
C PRO A 796 2.34 66.19 42.86
N ASP A 797 1.76 67.30 42.41
CA ASP A 797 0.50 67.80 43.00
C ASP A 797 -0.59 66.76 42.74
N TYR A 798 -0.62 66.20 41.53
CA TYR A 798 -1.57 65.12 41.15
C TYR A 798 -1.19 63.81 41.87
N THR A 799 0.08 63.43 41.79
CA THR A 799 0.58 62.10 42.18
C THR A 799 0.50 61.91 43.71
N ASP A 800 0.99 62.86 44.51
CA ASP A 800 1.33 62.69 45.94
C ASP A 800 0.21 63.18 46.85
N TRP A 801 -0.91 63.60 46.27
CA TRP A 801 -2.10 64.02 47.04
C TRP A 801 -2.68 62.83 47.81
N VAL A 802 -3.02 63.09 49.08
CA VAL A 802 -3.73 62.18 50.01
C VAL A 802 -4.75 63.06 50.70
N TYR A 803 -6.01 62.62 50.76
CA TYR A 803 -7.12 63.35 51.41
C TYR A 803 -6.61 63.93 52.73
N SER A 804 -6.94 65.21 52.95
CA SER A 804 -6.76 65.96 54.22
C SER A 804 -7.22 65.11 55.41
N GLY A 805 -8.30 64.33 55.23
CA GLY A 805 -8.93 63.50 56.27
C GLY A 805 -8.16 62.25 56.63
N VAL A 806 -6.97 62.02 56.06
CA VAL A 806 -6.06 60.89 56.46
C VAL A 806 -5.04 61.44 57.48
N ASN A 807 -4.69 60.61 58.46
CA ASN A 807 -3.66 60.87 59.50
C ASN A 807 -2.39 60.08 59.15
N THR A 808 -1.48 60.69 58.34
CA THR A 808 -0.13 60.17 57.97
C THR A 808 0.91 61.28 58.20
N THR B 2 -11.68 52.86 -9.24
CA THR B 2 -11.36 51.40 -9.17
C THR B 2 -9.91 51.30 -8.66
N SER B 3 -9.52 50.19 -8.06
CA SER B 3 -8.16 50.03 -7.49
C SER B 3 -7.15 50.17 -8.63
N PRO B 4 -6.04 50.89 -8.41
CA PRO B 4 -5.01 50.95 -9.42
C PRO B 4 -4.25 49.62 -9.46
N VAL B 5 -3.78 49.21 -10.63
CA VAL B 5 -2.75 48.15 -10.79
C VAL B 5 -1.43 48.82 -10.47
N ILE B 6 -0.65 48.25 -9.56
CA ILE B 6 0.63 48.88 -9.09
C ILE B 6 1.72 47.84 -9.26
N GLY B 7 2.85 48.25 -9.83
CA GLY B 7 4.00 47.38 -10.00
C GLY B 7 3.66 46.28 -10.97
N THR B 8 4.20 45.09 -10.73
CA THR B 8 4.14 43.93 -11.65
C THR B 8 3.57 42.75 -10.89
N PRO B 9 2.23 42.59 -10.88
CA PRO B 9 1.57 41.64 -9.99
C PRO B 9 1.76 40.17 -10.39
N TRP B 10 1.86 39.30 -9.39
CA TRP B 10 1.79 37.81 -9.53
C TRP B 10 2.95 37.30 -10.38
N LYS B 11 4.15 37.86 -10.18
CA LYS B 11 5.40 37.51 -10.90
C LYS B 11 6.26 36.57 -10.04
N LYS B 12 6.61 35.41 -10.58
CA LYS B 12 7.58 34.48 -9.97
C LYS B 12 8.97 35.09 -10.11
N LEU B 13 9.85 34.69 -9.23
CA LEU B 13 11.24 35.19 -9.23
C LEU B 13 12.00 34.43 -10.32
N ASN B 14 11.80 33.11 -10.39
CA ASN B 14 12.56 32.23 -11.33
C ASN B 14 14.05 32.49 -11.12
N ALA B 15 14.55 32.19 -9.92
CA ALA B 15 15.91 32.47 -9.37
C ALA B 15 15.85 32.25 -7.86
N PRO B 16 16.93 31.78 -7.22
CA PRO B 16 16.91 31.65 -5.77
C PRO B 16 16.98 33.08 -5.24
N VAL B 17 16.56 33.26 -3.99
CA VAL B 17 16.67 34.55 -3.27
C VAL B 17 18.17 34.75 -2.98
N SER B 18 18.66 35.94 -3.30
CA SER B 18 20.09 36.30 -3.16
C SER B 18 20.50 36.38 -1.69
N GLU B 19 21.67 35.83 -1.40
CA GLU B 19 22.39 35.95 -0.12
C GLU B 19 22.39 37.43 0.32
N GLU B 20 22.66 38.38 -0.60
CA GLU B 20 22.81 39.84 -0.28
C GLU B 20 21.49 40.34 0.28
N ALA B 21 20.35 39.94 -0.28
CA ALA B 21 19.00 40.33 0.19
C ALA B 21 18.75 39.78 1.61
N LEU B 22 19.12 38.54 1.90
CA LEU B 22 18.77 37.86 3.18
C LEU B 22 19.57 38.53 4.29
N GLU B 23 20.78 39.00 3.99
CA GLU B 23 21.62 39.76 4.95
C GLU B 23 20.93 41.09 5.24
N GLY B 24 20.35 41.69 4.21
CA GLY B 24 19.47 42.86 4.36
C GLY B 24 18.37 42.56 5.36
N VAL B 25 17.68 41.44 5.16
CA VAL B 25 16.50 41.02 5.97
C VAL B 25 16.94 40.92 7.42
N ASP B 26 18.02 40.17 7.70
CA ASP B 26 18.59 40.00 9.05
C ASP B 26 18.92 41.36 9.65
N LYS B 27 19.48 42.28 8.87
CA LYS B 27 19.80 43.64 9.34
C LYS B 27 18.50 44.41 9.66
N TYR B 28 17.46 44.29 8.84
CA TYR B 28 16.13 44.89 9.11
C TYR B 28 15.59 44.38 10.46
N TRP B 29 15.63 43.06 10.65
CA TRP B 29 15.06 42.40 11.84
C TRP B 29 15.72 42.94 13.13
N ARG B 30 17.05 42.93 13.12
CA ARG B 30 17.89 43.43 14.24
C ARG B 30 17.56 44.91 14.45
N VAL B 31 17.62 45.74 13.41
CA VAL B 31 17.42 47.20 13.60
C VAL B 31 15.96 47.44 14.00
N ALA B 32 14.99 46.73 13.42
CA ALA B 32 13.56 46.87 13.78
C ALA B 32 13.34 46.42 15.25
N ASN B 33 14.03 45.38 15.70
CA ASN B 33 13.89 44.93 17.10
C ASN B 33 14.43 46.05 17.99
N TYR B 34 15.61 46.55 17.66
CA TYR B 34 16.31 47.63 18.42
C TYR B 34 15.37 48.82 18.56
N LEU B 35 14.81 49.30 17.45
CA LEU B 35 13.91 50.48 17.46
C LEU B 35 12.69 50.15 18.32
N SER B 36 12.30 48.88 18.31
CA SER B 36 11.08 48.38 18.99
C SER B 36 11.33 48.45 20.50
N ILE B 37 12.43 47.88 20.98
CA ILE B 37 12.80 47.99 22.42
C ILE B 37 13.09 49.45 22.74
N GLY B 38 13.80 50.14 21.86
CA GLY B 38 14.07 51.59 21.99
C GLY B 38 12.82 52.35 22.35
N GLN B 39 11.75 52.13 21.58
CA GLN B 39 10.50 52.91 21.71
C GLN B 39 9.84 52.59 23.05
N ILE B 40 9.94 51.35 23.51
CA ILE B 40 9.29 50.90 24.77
C ILE B 40 10.06 51.44 25.99
N TYR B 41 11.38 51.31 26.02
CA TYR B 41 12.21 51.55 27.22
C TYR B 41 12.91 52.94 27.29
N LEU B 42 13.25 53.62 26.17
CA LEU B 42 14.25 54.75 26.19
C LEU B 42 13.61 56.13 25.96
N ARG B 43 13.73 57.01 26.95
CA ARG B 43 13.26 58.42 26.84
C ARG B 43 14.37 59.27 26.21
N SER B 44 15.62 58.80 26.26
CA SER B 44 16.78 59.55 25.72
C SER B 44 17.95 58.62 25.42
N ASN B 45 18.97 59.16 24.78
CA ASN B 45 20.23 58.45 24.45
C ASN B 45 19.89 57.19 23.64
N PRO B 46 19.28 57.41 22.45
CA PRO B 46 18.82 56.33 21.59
C PRO B 46 19.90 55.32 21.21
N LEU B 47 21.16 55.77 21.13
CA LEU B 47 22.29 54.95 20.64
C LEU B 47 23.20 54.54 21.79
N MET B 48 22.75 54.75 23.04
CA MET B 48 23.48 54.24 24.22
C MET B 48 24.91 54.81 24.22
N LYS B 49 25.07 56.10 23.94
CA LYS B 49 26.39 56.81 23.99
C LYS B 49 26.71 57.04 25.48
N GLU B 50 27.93 56.73 25.92
CA GLU B 50 28.47 57.08 27.27
C GLU B 50 28.13 58.54 27.57
N PRO B 51 27.43 58.91 28.67
CA PRO B 51 26.87 57.98 29.67
C PRO B 51 25.45 57.42 29.39
N PHE B 52 25.31 56.10 29.53
CA PHE B 52 24.02 55.37 29.37
C PHE B 52 23.62 54.76 30.73
N THR B 53 22.49 55.20 31.28
CA THR B 53 22.10 55.06 32.70
C THR B 53 20.58 54.88 32.81
N ARG B 54 20.11 54.60 34.02
CA ARG B 54 18.67 54.50 34.37
C ARG B 54 17.92 55.81 34.08
N GLU B 55 18.62 56.94 33.98
CA GLU B 55 17.96 58.25 33.69
C GLU B 55 17.40 58.23 32.25
N ASP B 56 18.01 57.41 31.40
CA ASP B 56 17.71 57.31 29.94
C ASP B 56 16.43 56.50 29.71
N VAL B 57 15.98 55.80 30.74
CA VAL B 57 14.90 54.79 30.69
C VAL B 57 13.58 55.49 31.06
N LYS B 58 12.48 55.09 30.41
CA LYS B 58 11.15 55.68 30.66
C LYS B 58 10.68 55.28 32.07
N HIS B 59 9.95 56.16 32.77
CA HIS B 59 9.49 55.90 34.17
C HIS B 59 8.46 54.77 34.13
N ARG B 60 7.52 54.83 33.18
CA ARG B 60 6.50 53.78 32.95
C ARG B 60 6.83 53.08 31.63
N LEU B 61 6.93 51.76 31.64
CA LEU B 61 7.10 50.95 30.41
C LEU B 61 5.74 50.70 29.76
N VAL B 62 5.53 51.22 28.56
CA VAL B 62 4.24 51.06 27.82
C VAL B 62 4.53 50.48 26.42
N GLY B 63 3.84 49.40 26.09
CA GLY B 63 3.93 48.76 24.77
C GLY B 63 4.22 47.30 24.94
N HIS B 64 4.14 46.53 23.85
CA HIS B 64 4.17 45.05 23.90
C HIS B 64 5.38 44.55 23.14
N TRP B 65 6.12 43.67 23.79
CA TRP B 65 7.28 43.04 23.14
C TRP B 65 6.89 41.70 22.52
N GLY B 66 6.14 40.85 23.23
CA GLY B 66 6.04 39.41 22.93
C GLY B 66 5.88 39.17 21.43
N THR B 67 4.88 39.81 20.80
CA THR B 67 4.45 39.59 19.41
C THR B 67 5.48 40.19 18.44
N THR B 68 6.14 41.25 18.89
CA THR B 68 6.83 42.28 18.07
C THR B 68 8.00 41.70 17.28
N PRO B 69 8.93 40.91 17.85
CA PRO B 69 10.02 40.33 17.05
C PRO B 69 9.57 39.38 15.93
N GLY B 70 8.47 38.67 16.15
CA GLY B 70 7.88 37.82 15.12
C GLY B 70 7.36 38.68 14.00
N LEU B 71 6.68 39.79 14.35
CA LEU B 71 6.21 40.75 13.33
C LEU B 71 7.39 41.34 12.54
N ASN B 72 8.50 41.66 13.20
CA ASN B 72 9.65 42.31 12.58
C ASN B 72 10.28 41.30 11.61
N PHE B 73 10.37 40.03 12.00
CA PHE B 73 10.90 38.97 11.12
C PHE B 73 10.08 38.92 9.82
N LEU B 74 8.77 38.87 9.97
CA LEU B 74 7.79 38.68 8.87
C LEU B 74 7.87 39.87 7.93
N ILE B 75 7.80 41.09 8.48
CA ILE B 75 7.77 42.38 7.73
C ILE B 75 9.11 42.58 7.02
N GLY B 76 10.22 42.16 7.62
CA GLY B 76 11.49 42.18 6.91
C GLY B 76 11.38 41.40 5.62
N HIS B 77 10.95 40.15 5.75
CA HIS B 77 10.87 39.13 4.68
C HIS B 77 9.85 39.57 3.61
N ILE B 78 8.77 40.24 3.99
CA ILE B 78 7.76 40.81 3.06
C ILE B 78 8.38 42.00 2.30
N ASN B 79 9.22 42.81 2.95
CA ASN B 79 9.85 44.00 2.33
C ASN B 79 10.73 43.49 1.19
N ARG B 80 11.62 42.54 1.48
CA ARG B 80 12.45 41.81 0.48
C ARG B 80 11.58 41.36 -0.71
N PHE B 81 10.52 40.62 -0.42
CA PHE B 81 9.58 40.02 -1.39
C PHE B 81 9.02 41.13 -2.28
N ILE B 82 8.52 42.19 -1.66
CA ILE B 82 7.89 43.34 -2.38
C ILE B 82 8.87 43.89 -3.42
N ALA B 83 10.11 44.09 -3.02
CA ALA B 83 11.17 44.74 -3.82
C ALA B 83 11.55 43.84 -4.98
N ASP B 84 11.79 42.56 -4.69
CA ASP B 84 12.22 41.53 -5.66
C ASP B 84 11.17 41.31 -6.75
N HIS B 85 9.88 41.46 -6.43
CA HIS B 85 8.75 41.02 -7.29
C HIS B 85 8.00 42.21 -7.87
N GLY B 86 8.09 43.39 -7.29
CA GLY B 86 7.24 44.52 -7.68
C GLY B 86 5.79 44.30 -7.29
N GLN B 87 5.55 43.61 -6.16
CA GLN B 87 4.20 43.18 -5.72
C GLN B 87 3.52 44.26 -4.89
N ASN B 88 2.39 44.73 -5.40
CA ASN B 88 1.40 45.54 -4.66
C ASN B 88 1.03 44.78 -3.38
N THR B 89 1.43 45.27 -2.20
CA THR B 89 1.32 44.53 -0.92
C THR B 89 0.87 45.46 0.20
N VAL B 90 -0.21 45.06 0.85
CA VAL B 90 -0.71 45.66 2.12
C VAL B 90 -0.71 44.55 3.18
N ILE B 91 -0.14 44.80 4.36
CA ILE B 91 -0.13 43.85 5.50
C ILE B 91 -1.33 44.16 6.39
N ILE B 92 -1.85 43.14 7.08
CA ILE B 92 -2.81 43.34 8.19
C ILE B 92 -2.12 42.81 9.45
N MET B 93 -1.85 43.71 10.38
CA MET B 93 -1.28 43.32 11.68
C MET B 93 -2.43 43.00 12.64
N GLY B 94 -2.79 41.73 12.73
CA GLY B 94 -3.80 41.29 13.70
C GLY B 94 -3.38 41.66 15.12
N PRO B 95 -2.15 41.25 15.53
CA PRO B 95 -1.64 41.60 16.84
C PRO B 95 -1.19 43.06 16.81
N GLY B 96 -2.15 43.98 16.85
CA GLY B 96 -1.92 45.43 16.68
C GLY B 96 -1.20 46.03 17.87
N HIS B 97 -1.26 45.36 19.01
CA HIS B 97 -0.39 45.69 20.17
C HIS B 97 1.08 45.61 19.73
N GLY B 98 1.36 44.98 18.57
CA GLY B 98 2.67 44.98 17.90
C GLY B 98 3.04 46.31 17.25
N GLY B 99 2.41 47.40 17.69
CA GLY B 99 2.59 48.79 17.19
C GLY B 99 4.05 49.12 16.87
N PRO B 100 5.02 48.82 17.75
CA PRO B 100 6.41 49.13 17.45
C PRO B 100 6.92 48.55 16.10
N ALA B 101 6.39 47.40 15.66
CA ALA B 101 6.84 46.84 14.37
C ALA B 101 6.35 47.75 13.24
N GLY B 102 5.23 48.41 13.47
CA GLY B 102 4.58 49.28 12.48
C GLY B 102 5.34 50.57 12.32
N THR B 103 5.62 51.20 13.44
CA THR B 103 6.42 52.45 13.48
C THR B 103 7.80 52.13 12.92
N SER B 104 8.47 51.11 13.42
CA SER B 104 9.81 50.73 12.91
C SER B 104 9.77 50.61 11.39
N GLN B 105 8.79 49.91 10.83
CA GLN B 105 8.68 49.71 9.35
C GLN B 105 8.63 51.09 8.66
N SER B 106 7.88 52.03 9.17
CA SER B 106 7.60 53.33 8.48
C SER B 106 8.85 54.22 8.50
N TYR B 107 9.60 54.15 9.60
CA TYR B 107 10.84 54.91 9.83
C TYR B 107 11.91 54.38 8.88
N LEU B 108 11.97 53.06 8.72
CA LEU B 108 13.03 52.35 7.96
C LEU B 108 12.77 52.41 6.44
N ASP B 109 11.52 52.56 6.02
CA ASP B 109 11.15 52.64 4.58
C ASP B 109 11.08 54.11 4.17
N GLY B 110 11.25 55.04 5.11
CA GLY B 110 11.36 56.48 4.83
C GLY B 110 10.05 57.22 4.97
N THR B 111 8.92 56.51 4.99
CA THR B 111 7.58 57.11 5.00
C THR B 111 7.39 57.91 6.28
N TYR B 112 8.09 57.55 7.36
CA TYR B 112 7.86 58.17 8.69
C TYR B 112 8.36 59.61 8.61
N THR B 113 9.61 59.77 8.19
CA THR B 113 10.28 61.08 8.03
C THR B 113 9.57 61.92 6.95
N GLU B 114 9.07 61.31 5.86
CA GLU B 114 8.33 62.03 4.78
C GLU B 114 7.03 62.57 5.35
N THR B 115 6.45 61.89 6.35
CA THR B 115 5.12 62.23 6.94
C THR B 115 5.32 63.16 8.14
N PHE B 116 6.34 62.90 8.93
CA PHE B 116 6.67 63.63 10.17
C PHE B 116 8.10 64.16 9.99
N PRO B 117 8.28 65.36 9.38
CA PRO B 117 9.61 65.85 9.02
C PRO B 117 10.47 66.13 10.26
N LYS B 118 9.84 66.32 11.42
CA LYS B 118 10.53 66.52 12.72
C LYS B 118 11.27 65.24 13.12
N ILE B 119 10.86 64.07 12.64
CA ILE B 119 11.47 62.77 13.03
C ILE B 119 12.47 62.35 11.95
N THR B 120 13.68 62.83 12.13
CA THR B 120 14.76 62.89 11.13
C THR B 120 15.52 61.57 11.18
N LYS B 121 16.30 61.28 10.15
CA LYS B 121 17.10 60.03 10.04
C LYS B 121 18.50 60.27 10.63
N ASP B 122 18.56 60.53 11.94
CA ASP B 122 19.81 60.87 12.69
C ASP B 122 19.56 60.74 14.20
N GLU B 123 20.61 60.74 15.02
CA GLU B 123 20.50 60.57 16.49
C GLU B 123 19.36 61.42 17.08
N ALA B 124 19.28 62.69 16.73
CA ALA B 124 18.25 63.60 17.29
C ALA B 124 16.87 63.02 17.01
N GLY B 125 16.59 62.67 15.76
CA GLY B 125 15.29 62.13 15.32
C GLY B 125 14.98 60.81 16.00
N LEU B 126 15.96 59.90 16.04
CA LEU B 126 15.91 58.60 16.75
C LEU B 126 15.53 58.81 18.22
N GLN B 127 16.06 59.84 18.86
CA GLN B 127 15.69 60.13 20.26
C GLN B 127 14.22 60.55 20.30
N LYS B 128 13.82 61.50 19.48
CA LYS B 128 12.42 61.94 19.42
C LYS B 128 11.54 60.69 19.20
N PHE B 129 11.93 59.79 18.29
CA PHE B 129 11.16 58.61 17.85
C PHE B 129 10.95 57.65 19.03
N PHE B 130 11.99 57.31 19.78
CA PHE B 130 11.86 56.43 20.97
C PHE B 130 10.93 57.09 21.99
N ARG B 131 11.12 58.38 22.23
CA ARG B 131 10.48 59.03 23.37
C ARG B 131 8.99 59.02 23.09
N GLN B 132 8.60 59.37 21.85
CA GLN B 132 7.18 59.68 21.53
C GLN B 132 6.30 58.42 21.62
N PHE B 133 6.87 57.24 21.51
CA PHE B 133 6.06 56.01 21.45
C PHE B 133 5.34 55.82 22.80
N SER B 134 4.01 55.84 22.77
CA SER B 134 3.12 55.60 23.94
C SER B 134 3.41 56.61 25.07
N TYR B 135 3.71 57.85 24.71
CA TYR B 135 4.21 58.92 25.60
C TYR B 135 3.28 60.11 25.48
N PRO B 136 2.97 60.83 26.58
CA PRO B 136 2.05 61.96 26.50
C PRO B 136 2.49 62.93 25.40
N GLY B 137 1.56 63.34 24.57
CA GLY B 137 1.83 64.28 23.47
C GLY B 137 2.50 63.60 22.31
N GLY B 138 2.79 62.29 22.40
CA GLY B 138 3.47 61.49 21.34
C GLY B 138 2.51 60.57 20.59
N ILE B 139 2.95 59.37 20.21
CA ILE B 139 2.13 58.47 19.33
C ILE B 139 1.60 57.28 20.13
N PRO B 140 0.46 56.68 19.71
CA PRO B 140 -0.14 55.52 20.38
C PRO B 140 0.65 54.21 20.34
N SER B 141 0.18 53.20 21.07
CA SER B 141 0.90 51.93 21.34
C SER B 141 0.60 50.89 20.26
N HIS B 142 -0.50 51.04 19.53
CA HIS B 142 -0.97 50.01 18.55
C HIS B 142 -0.57 50.49 17.15
N PHE B 143 -0.83 49.66 16.12
CA PHE B 143 -0.65 50.02 14.69
C PHE B 143 -1.75 51.00 14.26
N ALA B 144 -1.73 52.21 14.81
CA ALA B 144 -2.86 53.17 14.76
C ALA B 144 -2.91 53.88 13.42
N PRO B 145 -4.01 54.61 13.16
CA PRO B 145 -4.13 55.29 11.88
C PRO B 145 -3.02 56.34 11.69
N GLU B 146 -2.41 56.79 12.79
CA GLU B 146 -1.29 57.77 12.80
C GLU B 146 -0.06 57.12 12.17
N THR B 147 -0.06 55.81 11.91
CA THR B 147 1.11 55.10 11.33
C THR B 147 0.92 54.92 9.83
N PRO B 148 1.86 55.38 8.99
CA PRO B 148 1.81 55.05 7.56
C PRO B 148 1.93 53.54 7.36
N GLY B 149 1.08 52.99 6.48
CA GLY B 149 1.04 51.56 6.15
C GLY B 149 -0.09 50.81 6.84
N SER B 150 -0.86 51.47 7.73
CA SER B 150 -1.95 50.85 8.53
C SER B 150 -3.32 51.13 7.95
N ILE B 151 -4.10 50.06 7.75
CA ILE B 151 -5.58 50.16 7.60
C ILE B 151 -6.26 49.35 8.71
N HIS B 152 -5.50 48.92 9.72
CA HIS B 152 -5.99 47.97 10.75
C HIS B 152 -5.18 48.18 12.04
N GLU B 153 -5.78 48.76 13.09
CA GLU B 153 -5.09 49.01 14.38
C GLU B 153 -4.90 47.72 15.17
N GLY B 154 -5.87 46.81 15.15
CA GLY B 154 -5.77 45.55 15.89
C GLY B 154 -5.73 45.76 17.40
N GLY B 155 -6.45 46.78 17.88
CA GLY B 155 -6.66 47.02 19.32
C GLY B 155 -7.64 46.02 19.89
N GLU B 156 -8.84 46.00 19.32
CA GLU B 156 -9.82 44.94 19.55
C GLU B 156 -9.51 43.82 18.57
N LEU B 157 -9.06 42.68 19.08
CA LEU B 157 -8.70 41.51 18.26
C LEU B 157 -9.94 40.94 17.58
N GLY B 158 -9.74 40.35 16.40
CA GLY B 158 -10.75 39.49 15.74
C GLY B 158 -10.90 39.82 14.27
N TYR B 159 -10.57 41.03 13.84
CA TYR B 159 -11.06 41.60 12.57
C TYR B 159 -9.96 41.51 11.52
N ALA B 160 -8.91 40.76 11.81
CA ALA B 160 -7.73 40.64 10.94
C ALA B 160 -8.17 40.10 9.57
N LEU B 161 -8.85 38.93 9.57
CA LEU B 161 -9.20 38.24 8.32
C LEU B 161 -10.38 38.94 7.63
N SER B 162 -11.37 39.42 8.36
CA SER B 162 -12.46 40.13 7.65
C SER B 162 -11.84 41.34 6.94
N HIS B 163 -10.88 42.03 7.54
CA HIS B 163 -10.28 43.25 6.91
C HIS B 163 -9.40 42.82 5.74
N ALA B 164 -8.65 41.73 5.87
CA ALA B 164 -7.75 41.30 4.78
C ALA B 164 -8.59 40.96 3.55
N TYR B 165 -9.66 40.18 3.75
CA TYR B 165 -10.51 39.71 2.62
C TYR B 165 -11.24 40.89 1.96
N GLY B 166 -11.69 41.89 2.73
CA GLY B 166 -12.42 43.06 2.20
C GLY B 166 -11.55 43.90 1.30
N ALA B 167 -10.26 44.00 1.61
CA ALA B 167 -9.22 44.77 0.90
C ALA B 167 -8.97 44.19 -0.51
N ILE B 168 -8.97 42.85 -0.65
CA ILE B 168 -8.58 42.23 -1.95
C ILE B 168 -9.75 42.31 -2.90
N MET B 169 -10.94 42.58 -2.39
CA MET B 169 -12.14 42.53 -3.26
C MET B 169 -12.02 43.61 -4.34
N ASP B 170 -12.24 43.22 -5.60
CA ASP B 170 -12.13 44.08 -6.81
C ASP B 170 -10.75 44.72 -6.84
N ASN B 171 -9.76 44.03 -6.29
CA ASN B 171 -8.37 44.55 -6.15
C ASN B 171 -7.47 43.41 -6.60
N PRO B 172 -7.44 43.10 -7.92
CA PRO B 172 -6.77 41.92 -8.46
C PRO B 172 -5.25 41.89 -8.33
N SER B 173 -4.63 43.09 -8.33
CA SER B 173 -3.14 43.26 -8.22
C SER B 173 -2.70 43.17 -6.76
N LEU B 174 -3.61 43.35 -5.81
CA LEU B 174 -3.27 43.47 -4.37
C LEU B 174 -3.06 42.07 -3.76
N PHE B 175 -2.01 41.98 -2.98
CA PHE B 175 -1.63 40.82 -2.15
C PHE B 175 -1.65 41.27 -0.69
N VAL B 176 -2.32 40.53 0.19
CA VAL B 176 -2.46 40.92 1.63
C VAL B 176 -1.95 39.76 2.47
N PRO B 177 -0.68 39.76 2.93
CA PRO B 177 -0.31 38.92 4.06
C PRO B 177 -1.07 39.43 5.29
N ALA B 178 -1.89 38.55 5.87
CA ALA B 178 -2.80 38.80 7.00
C ALA B 178 -2.24 38.04 8.19
N ILE B 179 -1.59 38.76 9.09
CA ILE B 179 -0.96 38.18 10.30
C ILE B 179 -2.06 38.11 11.35
N VAL B 180 -2.39 36.87 11.73
CA VAL B 180 -3.43 36.53 12.73
C VAL B 180 -2.73 36.10 14.02
N GLY B 181 -3.04 36.73 15.15
CA GLY B 181 -2.54 36.24 16.45
C GLY B 181 -3.18 34.92 16.83
N ASP B 182 -2.46 34.05 17.54
CA ASP B 182 -3.00 32.70 17.87
C ASP B 182 -4.03 32.84 19.00
N GLY B 183 -3.89 33.80 19.92
CA GLY B 183 -4.98 34.23 20.81
C GLY B 183 -6.18 34.83 20.06
N GLU B 184 -5.91 35.73 19.12
CA GLU B 184 -6.94 36.34 18.25
C GLU B 184 -7.74 35.23 17.56
N ALA B 185 -7.14 34.10 17.22
CA ALA B 185 -7.81 32.98 16.52
C ALA B 185 -8.85 32.31 17.46
N GLU B 186 -8.83 32.62 18.75
CA GLU B 186 -9.79 32.03 19.71
C GLU B 186 -11.06 32.88 19.74
N THR B 187 -11.04 34.08 19.15
CA THR B 187 -12.22 34.98 19.10
C THR B 187 -13.16 34.43 18.03
N GLY B 188 -14.47 34.59 18.23
CA GLY B 188 -15.52 34.27 17.22
C GLY B 188 -15.18 34.90 15.86
N PRO B 189 -15.06 36.24 15.81
CA PRO B 189 -14.89 36.94 14.53
C PRO B 189 -13.78 36.35 13.64
N LEU B 190 -12.64 36.05 14.23
CA LEU B 190 -11.49 35.46 13.50
C LEU B 190 -11.90 34.05 13.03
N ALA B 191 -12.45 33.21 13.91
CA ALA B 191 -12.75 31.79 13.63
C ALA B 191 -13.61 31.72 12.37
N THR B 192 -14.58 32.59 12.22
CA THR B 192 -15.44 32.61 11.01
C THR B 192 -14.73 33.26 9.82
N GLY B 193 -13.75 34.13 10.06
CA GLY B 193 -13.04 34.87 9.00
C GLY B 193 -12.31 33.95 8.05
N TRP B 194 -11.84 32.82 8.56
CA TRP B 194 -11.11 31.79 7.77
C TRP B 194 -11.93 31.39 6.56
N GLN B 195 -13.23 31.30 6.73
CA GLN B 195 -14.17 30.75 5.73
C GLN B 195 -14.36 31.73 4.55
N SER B 196 -13.74 32.91 4.58
CA SER B 196 -13.97 33.99 3.57
C SER B 196 -13.47 33.54 2.19
N ASN B 197 -12.65 32.50 2.13
CA ASN B 197 -11.97 32.03 0.88
C ASN B 197 -13.00 31.40 -0.04
N LYS B 198 -14.23 31.17 0.39
CA LYS B 198 -15.26 30.77 -0.60
C LYS B 198 -16.17 31.94 -0.91
N LEU B 199 -15.72 33.16 -0.65
CA LEU B 199 -16.48 34.39 -1.01
C LEU B 199 -15.64 35.30 -1.91
N VAL B 200 -14.48 34.86 -2.36
CA VAL B 200 -13.61 35.69 -3.24
C VAL B 200 -13.22 34.88 -4.46
N ASN B 201 -13.08 35.57 -5.59
CA ASN B 201 -12.69 34.95 -6.88
C ASN B 201 -11.25 35.28 -7.14
N PRO B 202 -10.39 34.28 -7.44
CA PRO B 202 -8.99 34.54 -7.71
C PRO B 202 -8.74 35.35 -9.00
N ARG B 203 -9.73 35.63 -9.85
CA ARG B 203 -9.47 36.45 -11.07
C ARG B 203 -9.83 37.91 -10.82
N THR B 204 -11.03 38.18 -10.33
CA THR B 204 -11.58 39.54 -10.15
C THR B 204 -11.16 40.19 -8.80
N ASP B 205 -10.71 39.40 -7.81
CA ASP B 205 -10.21 39.85 -6.49
C ASP B 205 -8.71 39.53 -6.37
N GLY B 206 -8.03 40.13 -5.38
CA GLY B 206 -6.62 39.84 -5.03
C GLY B 206 -6.48 38.57 -4.23
N ILE B 207 -5.40 38.45 -3.48
CA ILE B 207 -5.07 37.21 -2.72
C ILE B 207 -4.65 37.59 -1.30
N VAL B 208 -5.29 36.96 -0.33
CA VAL B 208 -4.93 36.97 1.12
C VAL B 208 -4.10 35.70 1.37
N LEU B 209 -2.96 35.90 2.01
CA LEU B 209 -2.17 34.84 2.65
C LEU B 209 -2.34 35.00 4.14
N PRO B 210 -3.18 34.18 4.82
CA PRO B 210 -3.24 34.18 6.27
C PRO B 210 -1.92 33.67 6.81
N ILE B 211 -1.36 34.40 7.76
CA ILE B 211 -0.16 33.98 8.53
C ILE B 211 -0.62 33.88 9.98
N LEU B 212 -0.66 32.67 10.49
CA LEU B 212 -1.03 32.40 11.89
C LEU B 212 0.24 32.60 12.71
N HIS B 213 0.22 33.62 13.56
CA HIS B 213 1.35 34.01 14.43
C HIS B 213 1.29 33.09 15.65
N LEU B 214 1.68 31.84 15.46
CA LEU B 214 1.51 30.78 16.49
C LEU B 214 2.69 30.85 17.44
N ASN B 215 2.72 31.90 18.28
CA ASN B 215 3.86 32.14 19.21
C ASN B 215 3.57 31.45 20.55
N GLY B 216 2.47 30.70 20.63
CA GLY B 216 2.21 29.73 21.71
C GLY B 216 1.28 30.28 22.78
N TYR B 217 1.15 31.62 22.89
CA TYR B 217 0.58 32.26 24.11
C TYR B 217 -0.21 33.48 23.74
N LYS B 218 -1.17 33.82 24.60
CA LYS B 218 -1.87 35.13 24.63
C LYS B 218 -1.31 35.87 25.86
N ILE B 219 -2.10 36.56 26.69
CA ILE B 219 -1.56 37.34 27.85
C ILE B 219 -1.00 36.43 28.96
N ALA B 220 -1.76 35.43 29.40
CA ALA B 220 -1.46 34.70 30.65
C ALA B 220 -1.85 33.23 30.51
N ASN B 221 -1.83 32.71 29.29
CA ASN B 221 -2.29 31.33 29.01
C ASN B 221 -1.67 30.89 27.70
N PRO B 222 -1.59 29.57 27.45
CA PRO B 222 -1.22 29.09 26.13
C PRO B 222 -2.41 29.39 25.23
N THR B 223 -2.24 29.18 23.93
CA THR B 223 -3.32 29.29 22.92
C THR B 223 -3.77 27.89 22.53
N ILE B 224 -5.07 27.74 22.27
CA ILE B 224 -5.69 26.42 21.93
C ILE B 224 -4.94 25.81 20.75
N LEU B 225 -4.77 26.58 19.66
CA LEU B 225 -4.24 26.11 18.34
C LEU B 225 -2.78 25.68 18.48
N SER B 226 -2.06 26.21 19.47
CA SER B 226 -0.62 25.90 19.65
C SER B 226 -0.50 24.62 20.45
N ARG B 227 -1.58 24.17 21.07
CA ARG B 227 -1.56 23.12 22.12
C ARG B 227 -2.40 21.91 21.67
N ILE B 228 -2.99 21.94 20.49
CA ILE B 228 -3.60 20.74 19.86
C ILE B 228 -2.52 20.05 19.03
N SER B 229 -2.78 18.84 18.53
CA SER B 229 -1.81 18.10 17.69
C SER B 229 -1.64 18.86 16.38
N ASP B 230 -0.48 18.74 15.78
CA ASP B 230 -0.18 19.41 14.50
C ASP B 230 -1.08 18.80 13.41
N GLU B 231 -1.42 17.51 13.50
CA GLU B 231 -2.33 16.86 12.54
C GLU B 231 -3.64 17.63 12.61
N GLU B 232 -4.20 17.81 13.80
CA GLU B 232 -5.47 18.55 14.02
C GLU B 232 -5.35 19.95 13.41
N LEU B 233 -4.29 20.67 13.73
CA LEU B 233 -4.03 22.02 13.17
C LEU B 233 -4.08 21.98 11.63
N HIS B 234 -3.38 21.04 11.00
CA HIS B 234 -3.33 21.00 9.51
C HIS B 234 -4.69 20.61 8.96
N GLU B 235 -5.34 19.61 9.58
CA GLU B 235 -6.65 19.14 9.06
C GLU B 235 -7.58 20.35 9.03
N PHE B 236 -7.57 21.09 10.13
CA PHE B 236 -8.47 22.23 10.43
C PHE B 236 -8.37 23.26 9.32
N PHE B 237 -7.15 23.65 8.93
CA PHE B 237 -6.96 24.65 7.84
C PHE B 237 -7.31 24.01 6.50
N HIS B 238 -6.93 22.75 6.29
CA HIS B 238 -7.26 22.05 5.02
C HIS B 238 -8.78 22.00 4.88
N GLY B 239 -9.49 21.70 5.98
CA GLY B 239 -10.96 21.67 6.01
C GLY B 239 -11.58 22.98 5.62
N MET B 240 -10.92 24.11 5.87
CA MET B 240 -11.38 25.49 5.56
C MET B 240 -10.84 25.96 4.19
N GLY B 241 -10.33 25.02 3.38
CA GLY B 241 -10.05 25.30 1.96
C GLY B 241 -8.70 25.95 1.81
N TYR B 242 -7.76 25.62 2.69
CA TYR B 242 -6.39 26.17 2.65
C TYR B 242 -5.38 25.04 2.50
N GLU B 243 -4.25 25.41 1.92
CA GLU B 243 -3.04 24.58 1.76
C GLU B 243 -2.11 24.99 2.89
N PRO B 244 -2.16 24.32 4.06
CA PRO B 244 -1.33 24.73 5.17
C PRO B 244 0.15 24.35 4.96
N TYR B 245 1.00 25.37 4.87
CA TYR B 245 2.46 25.30 5.10
C TYR B 245 2.74 25.75 6.53
N GLU B 246 3.65 25.04 7.20
CA GLU B 246 4.03 25.33 8.60
C GLU B 246 5.53 25.66 8.63
N PHE B 247 5.89 26.71 9.35
CA PHE B 247 7.28 27.16 9.58
C PHE B 247 7.51 27.18 11.09
N VAL B 248 8.57 26.51 11.52
CA VAL B 248 8.98 26.39 12.95
C VAL B 248 10.41 26.92 13.07
N ALA B 249 10.66 27.92 13.92
CA ALA B 249 12.00 28.48 14.15
C ALA B 249 12.09 29.12 15.54
N GLY B 250 13.32 29.24 16.06
CA GLY B 250 13.60 29.98 17.32
C GLY B 250 13.59 29.10 18.56
N PHE B 251 13.11 27.87 18.49
CA PHE B 251 13.05 26.92 19.63
C PHE B 251 14.41 26.27 19.88
N ASP B 252 15.34 26.32 18.91
CA ASP B 252 16.68 25.70 19.04
C ASP B 252 17.75 26.76 18.77
N ASP B 253 19.02 26.35 18.69
CA ASP B 253 20.19 27.25 18.49
C ASP B 253 20.41 27.52 17.00
N GLU B 254 19.48 27.16 16.12
CA GLU B 254 19.66 27.32 14.65
C GLU B 254 20.03 28.78 14.35
N ASP B 255 20.98 29.00 13.47
CA ASP B 255 21.55 30.35 13.31
C ASP B 255 20.56 31.13 12.46
N HIS B 256 20.43 32.44 12.74
CA HIS B 256 19.43 33.35 12.13
C HIS B 256 19.49 33.34 10.59
N MET B 257 20.67 33.21 9.99
CA MET B 257 20.79 33.31 8.51
C MET B 257 20.21 32.02 7.91
N SER B 258 20.38 30.90 8.60
CA SER B 258 19.80 29.60 8.18
C SER B 258 18.26 29.71 8.19
N ILE B 259 17.70 30.31 9.24
CA ILE B 259 16.23 30.56 9.40
C ILE B 259 15.77 31.43 8.22
N HIS B 260 16.37 32.60 8.03
CA HIS B 260 16.08 33.49 6.88
C HIS B 260 16.10 32.69 5.59
N ARG B 261 17.12 31.88 5.35
CA ARG B 261 17.24 31.16 4.06
C ARG B 261 16.05 30.22 3.98
N ARG B 262 15.75 29.48 5.04
CA ARG B 262 14.62 28.50 5.04
C ARG B 262 13.31 29.25 4.80
N PHE B 263 13.09 30.33 5.52
CA PHE B 263 11.85 31.12 5.41
C PHE B 263 11.69 31.65 3.99
N ALA B 264 12.76 32.14 3.34
CA ALA B 264 12.60 32.79 2.01
C ALA B 264 12.32 31.71 0.97
N GLU B 265 12.94 30.54 1.07
CA GLU B 265 12.61 29.34 0.23
C GLU B 265 11.12 29.01 0.35
N LEU B 266 10.63 28.84 1.57
CA LEU B 266 9.21 28.54 1.85
C LEU B 266 8.34 29.65 1.25
N TRP B 267 8.66 30.89 1.57
CA TRP B 267 7.89 32.05 1.09
C TRP B 267 7.78 32.03 -0.46
N GLU B 268 8.88 31.83 -1.18
CA GLU B 268 8.88 31.84 -2.68
C GLU B 268 8.10 30.60 -3.16
N THR B 269 8.16 29.49 -2.43
CA THR B 269 7.35 28.28 -2.76
C THR B 269 5.87 28.63 -2.63
N ILE B 270 5.47 29.25 -1.51
CA ILE B 270 4.06 29.69 -1.29
C ILE B 270 3.68 30.65 -2.40
N TRP B 271 4.57 31.57 -2.73
CA TRP B 271 4.31 32.61 -3.74
C TRP B 271 4.15 32.01 -5.14
N ASP B 272 5.00 31.05 -5.50
CA ASP B 272 4.86 30.31 -6.79
C ASP B 272 3.45 29.73 -6.82
N GLU B 273 3.03 29.10 -5.72
CA GLU B 273 1.69 28.50 -5.59
C GLU B 273 0.65 29.60 -5.92
N ILE B 274 0.75 30.77 -5.30
CA ILE B 274 -0.22 31.88 -5.49
C ILE B 274 -0.17 32.38 -6.94
N CYS B 275 1.02 32.42 -7.57
CA CYS B 275 1.13 32.86 -9.00
C CYS B 275 0.47 31.84 -9.95
N ASP B 276 0.61 30.53 -9.67
CA ASP B 276 -0.11 29.46 -10.41
C ASP B 276 -1.62 29.72 -10.27
N ILE B 277 -2.12 29.98 -9.07
CA ILE B 277 -3.56 30.24 -8.85
C ILE B 277 -3.98 31.43 -9.72
N LYS B 278 -3.21 32.51 -9.65
CA LYS B 278 -3.54 33.77 -10.37
C LYS B 278 -3.46 33.54 -11.87
N ALA B 279 -2.49 32.77 -12.37
CA ALA B 279 -2.38 32.45 -13.82
C ALA B 279 -3.55 31.53 -14.20
N THR B 280 -3.83 30.48 -13.42
CA THR B 280 -4.93 29.53 -13.70
C THR B 280 -6.26 30.29 -13.75
N ALA B 281 -6.45 31.30 -12.91
CA ALA B 281 -7.71 32.07 -12.77
C ALA B 281 -7.97 32.96 -14.01
N GLN B 282 -6.95 33.29 -14.78
CA GLN B 282 -7.10 33.98 -16.11
C GLN B 282 -7.83 33.05 -17.08
N THR B 283 -7.73 31.74 -16.92
CA THR B 283 -8.41 30.75 -17.81
C THR B 283 -9.61 30.12 -17.11
N ASP B 284 -9.43 29.61 -15.90
CA ASP B 284 -10.48 28.93 -15.08
C ASP B 284 -10.68 29.64 -13.73
N ASN B 285 -11.77 30.35 -13.51
CA ASN B 285 -12.02 30.97 -12.19
C ASN B 285 -13.36 30.47 -11.65
N VAL B 286 -13.77 29.25 -11.97
CA VAL B 286 -15.02 28.66 -11.42
C VAL B 286 -14.67 27.49 -10.49
N HIS B 287 -13.43 27.07 -10.42
CA HIS B 287 -12.97 26.01 -9.49
C HIS B 287 -12.20 26.71 -8.39
N ARG B 288 -12.60 26.52 -7.14
CA ARG B 288 -12.00 27.20 -5.98
C ARG B 288 -10.66 26.52 -5.74
N PRO B 289 -9.54 27.24 -5.81
CA PRO B 289 -8.29 26.64 -5.41
C PRO B 289 -8.24 26.53 -3.88
N PHE B 290 -7.34 25.68 -3.41
CA PHE B 290 -6.92 25.64 -2.00
C PHE B 290 -5.87 26.72 -1.87
N TYR B 291 -6.18 27.82 -1.19
CA TYR B 291 -5.23 28.96 -1.09
C TYR B 291 -4.20 28.63 -0.02
N PRO B 292 -2.89 28.89 -0.23
CA PRO B 292 -1.91 28.69 0.83
C PRO B 292 -2.22 29.53 2.06
N MET B 293 -1.79 29.02 3.20
CA MET B 293 -1.74 29.82 4.43
C MET B 293 -0.51 29.35 5.20
N LEU B 294 -0.01 30.18 6.11
CA LEU B 294 1.29 29.92 6.77
C LEU B 294 1.04 29.88 8.26
N ILE B 295 1.41 28.75 8.88
CA ILE B 295 1.55 28.56 10.35
C ILE B 295 3.00 28.92 10.69
N PHE B 296 3.16 30.09 11.28
CA PHE B 296 4.44 30.63 11.76
C PHE B 296 4.55 30.34 13.26
N ARG B 297 5.25 29.27 13.57
CA ARG B 297 5.46 28.79 14.96
C ARG B 297 6.85 29.22 15.39
N THR B 298 6.90 30.25 16.25
CA THR B 298 8.12 30.86 16.83
C THR B 298 7.89 31.16 18.31
N PRO B 299 8.94 31.25 19.14
CA PRO B 299 8.75 31.47 20.57
C PRO B 299 8.29 32.91 20.79
N LYS B 300 7.28 33.13 21.63
CA LYS B 300 6.81 34.50 21.94
C LYS B 300 7.97 35.33 22.55
N GLY B 301 8.08 36.59 22.15
CA GLY B 301 9.14 37.51 22.62
C GLY B 301 10.50 37.17 22.04
N TRP B 302 10.51 36.30 21.03
CA TRP B 302 11.70 35.77 20.33
C TRP B 302 12.84 36.76 20.33
N THR B 303 14.00 36.33 20.85
CA THR B 303 15.31 37.02 20.93
C THR B 303 15.44 37.90 22.19
N CYS B 304 14.38 38.11 22.99
CA CYS B 304 14.52 38.66 24.37
C CYS B 304 15.25 37.64 25.24
N PRO B 305 15.76 38.03 26.42
CA PRO B 305 16.36 37.06 27.33
C PRO B 305 15.42 35.87 27.58
N LYS B 306 16.00 34.67 27.56
CA LYS B 306 15.31 33.36 27.77
C LYS B 306 14.71 33.31 29.18
N TYR B 307 15.45 33.72 30.20
CA TYR B 307 15.02 33.79 31.62
C TYR B 307 15.36 35.15 32.20
N ILE B 308 14.49 35.67 33.04
CA ILE B 308 14.65 36.96 33.75
C ILE B 308 14.19 36.73 35.20
N ASP B 309 15.09 36.90 36.17
CA ASP B 309 14.83 36.66 37.60
C ASP B 309 14.27 35.23 37.76
N GLY B 310 14.87 34.25 37.06
CA GLY B 310 14.57 32.81 37.17
C GLY B 310 13.25 32.38 36.53
N LYS B 311 12.51 33.30 35.91
CA LYS B 311 11.20 33.07 35.26
C LYS B 311 11.40 32.98 33.75
N LYS B 312 10.89 31.93 33.10
CA LYS B 312 10.97 31.78 31.63
C LYS B 312 10.20 32.92 30.98
N THR B 313 10.80 33.53 29.96
CA THR B 313 10.39 34.80 29.34
C THR B 313 10.28 34.61 27.84
N GLU B 314 11.39 34.28 27.19
CA GLU B 314 11.36 33.83 25.79
C GLU B 314 10.61 32.51 25.73
N GLY B 315 9.56 32.47 24.91
CA GLY B 315 8.73 31.28 24.72
C GLY B 315 7.72 31.16 25.84
N SER B 316 7.21 32.29 26.29
CA SER B 316 6.20 32.35 27.37
C SER B 316 5.27 33.53 27.19
N TRP B 317 4.17 33.46 27.91
CA TRP B 317 3.21 34.55 28.12
C TRP B 317 3.87 35.71 28.88
N ARG B 318 4.96 35.46 29.59
CA ARG B 318 5.56 36.49 30.45
C ARG B 318 6.19 37.57 29.58
N SER B 319 6.45 37.26 28.30
CA SER B 319 7.03 38.24 27.35
C SER B 319 5.94 39.15 26.76
N HIS B 320 4.68 38.97 27.11
CA HIS B 320 3.54 39.56 26.36
C HIS B 320 3.61 41.09 26.37
N GLN B 321 3.70 41.70 27.55
CA GLN B 321 3.90 43.17 27.74
C GLN B 321 5.41 43.47 27.58
N VAL B 322 6.14 43.44 28.69
CA VAL B 322 7.60 43.71 28.80
C VAL B 322 8.23 42.50 29.49
N PRO B 323 9.23 41.83 28.91
CA PRO B 323 9.84 40.67 29.57
C PRO B 323 10.50 41.10 30.89
N LEU B 324 10.96 42.34 30.92
CA LEU B 324 11.70 42.97 32.03
C LEU B 324 10.84 44.12 32.54
N ALA B 325 10.19 43.94 33.70
CA ALA B 325 9.09 44.78 34.22
C ALA B 325 9.57 46.21 34.50
N SER B 326 10.86 46.38 34.77
CA SER B 326 11.52 47.67 35.07
C SER B 326 13.01 47.56 34.74
N ALA B 327 13.57 48.61 34.16
CA ALA B 327 15.04 48.75 33.97
C ALA B 327 15.56 49.93 34.80
N ARG B 328 14.73 50.55 35.65
CA ARG B 328 15.08 51.63 36.62
C ARG B 328 15.21 51.14 38.07
N ASP B 329 14.41 50.18 38.52
CA ASP B 329 14.30 49.82 39.96
C ASP B 329 15.67 49.35 40.51
N THR B 330 16.47 48.62 39.73
CA THR B 330 17.79 48.11 40.16
C THR B 330 18.78 48.18 38.99
N GLU B 331 20.07 48.14 39.32
CA GLU B 331 21.18 48.20 38.35
C GLU B 331 21.17 46.87 37.59
N ALA B 332 20.82 45.79 38.27
CA ALA B 332 20.90 44.40 37.74
C ALA B 332 19.96 44.27 36.53
N HIS B 333 18.79 44.88 36.67
CA HIS B 333 17.68 45.04 35.69
C HIS B 333 18.11 45.97 34.53
N PHE B 334 18.67 47.14 34.83
CA PHE B 334 19.21 48.05 33.79
C PHE B 334 20.22 47.28 32.95
N GLU B 335 21.09 46.51 33.62
CA GLU B 335 22.12 45.64 32.97
C GLU B 335 21.43 44.71 31.96
N VAL B 336 20.31 44.09 32.34
CA VAL B 336 19.59 43.13 31.47
C VAL B 336 19.19 43.89 30.19
N LEU B 337 18.66 45.11 30.33
CA LEU B 337 18.10 45.87 29.19
C LEU B 337 19.24 46.25 28.24
N LYS B 338 20.40 46.59 28.79
CA LYS B 338 21.60 47.00 28.00
C LYS B 338 22.14 45.81 27.19
N ASN B 339 22.22 44.62 27.77
CA ASN B 339 22.82 43.41 27.15
C ASN B 339 21.88 42.91 26.07
N TRP B 340 20.61 43.24 26.22
CA TRP B 340 19.51 42.92 25.28
C TRP B 340 19.58 43.84 24.06
N LEU B 341 19.62 45.17 24.27
CA LEU B 341 19.88 46.15 23.18
C LEU B 341 21.18 45.83 22.44
N GLU B 342 22.24 45.44 23.15
CA GLU B 342 23.58 45.22 22.54
C GLU B 342 23.53 43.93 21.73
N SER B 343 22.61 43.00 22.02
CA SER B 343 22.58 41.65 21.38
C SER B 343 22.25 41.81 19.90
N TYR B 344 21.59 42.90 19.51
CA TYR B 344 21.24 43.25 18.10
C TYR B 344 22.40 43.95 17.40
N LYS B 345 23.52 44.21 18.08
CA LYS B 345 24.76 44.78 17.50
C LYS B 345 24.42 46.07 16.76
N PRO B 346 23.87 47.09 17.47
CA PRO B 346 23.52 48.37 16.84
C PRO B 346 24.67 49.19 16.21
N GLU B 347 25.93 48.97 16.65
CA GLU B 347 27.15 49.58 16.04
C GLU B 347 27.26 49.20 14.54
N GLU B 348 26.81 48.00 14.17
CA GLU B 348 26.79 47.54 12.76
C GLU B 348 25.60 48.09 11.95
N LEU B 349 24.68 48.89 12.54
CA LEU B 349 23.40 49.26 11.85
C LEU B 349 23.25 50.77 11.72
N PHE B 350 23.85 51.55 12.63
CA PHE B 350 23.77 53.04 12.61
C PHE B 350 25.14 53.64 12.28
N ASP B 351 25.17 54.62 11.38
CA ASP B 351 26.41 55.37 11.05
C ASP B 351 26.62 56.36 12.20
N ALA B 352 27.66 57.18 12.17
CA ALA B 352 28.08 57.99 13.33
C ALA B 352 27.03 59.09 13.59
N ASN B 353 26.25 59.49 12.57
CA ASN B 353 25.10 60.45 12.66
C ASN B 353 23.84 59.82 13.31
N GLY B 354 23.81 58.52 13.58
CA GLY B 354 22.56 57.83 13.99
C GLY B 354 21.55 57.66 12.85
N ALA B 355 22.00 57.77 11.61
CA ALA B 355 21.26 57.28 10.44
C ALA B 355 21.44 55.76 10.32
N VAL B 356 20.42 55.09 9.81
CA VAL B 356 20.52 53.65 9.48
C VAL B 356 21.41 53.58 8.25
N LYS B 357 22.45 52.74 8.31
CA LYS B 357 23.42 52.49 7.23
C LYS B 357 22.67 52.10 5.98
N ASP B 358 23.19 52.48 4.81
CA ASP B 358 22.70 52.09 3.47
C ASP B 358 22.51 50.57 3.35
N ASP B 359 23.45 49.77 3.83
CA ASP B 359 23.55 48.33 3.49
C ASP B 359 22.47 47.55 4.24
N VAL B 360 21.81 48.22 5.19
CA VAL B 360 20.66 47.68 5.98
C VAL B 360 19.37 47.78 5.17
N LEU B 361 19.24 48.76 4.28
CA LEU B 361 17.96 49.13 3.62
C LEU B 361 18.08 49.03 2.11
N ALA B 362 19.07 48.34 1.58
CA ALA B 362 19.36 48.37 0.12
C ALA B 362 18.44 47.36 -0.57
N PHE B 363 18.00 46.33 0.17
CA PHE B 363 16.96 45.35 -0.27
C PHE B 363 15.54 45.93 -0.27
N MET B 364 15.29 47.02 0.45
CA MET B 364 13.94 47.56 0.73
C MET B 364 13.33 48.06 -0.56
N PRO B 365 11.99 47.97 -0.72
CA PRO B 365 11.33 48.53 -1.89
C PRO B 365 11.31 50.06 -1.84
N LYS B 366 10.97 50.66 -2.98
CA LYS B 366 11.03 52.10 -3.26
C LYS B 366 9.63 52.57 -3.64
N GLY B 367 9.37 53.85 -3.46
CA GLY B 367 8.22 54.51 -4.09
C GLY B 367 6.96 53.98 -3.49
N GLU B 368 5.90 53.92 -4.28
CA GLU B 368 4.55 53.53 -3.85
C GLU B 368 4.49 52.04 -3.47
N LEU B 369 5.50 51.24 -3.77
CA LEU B 369 5.49 49.80 -3.40
C LEU B 369 5.85 49.63 -1.92
N ARG B 370 6.37 50.67 -1.29
CA ARG B 370 6.71 50.62 0.16
C ARG B 370 5.41 50.46 0.94
N ILE B 371 5.47 49.64 1.97
CA ILE B 371 4.29 49.35 2.85
C ILE B 371 3.64 50.65 3.33
N GLY B 372 4.43 51.69 3.64
CA GLY B 372 3.94 52.96 4.22
C GLY B 372 3.37 53.89 3.16
N ALA B 373 3.75 53.68 1.91
CA ALA B 373 3.46 54.61 0.80
C ALA B 373 2.43 53.99 -0.15
N ASN B 374 2.18 52.68 -0.08
CA ASN B 374 1.17 52.03 -0.95
C ASN B 374 -0.16 52.75 -0.77
N PRO B 375 -0.78 53.30 -1.84
CA PRO B 375 -1.99 54.09 -1.68
C PRO B 375 -3.17 53.25 -1.16
N ASN B 376 -3.08 51.92 -1.24
CA ASN B 376 -4.10 51.00 -0.64
C ASN B 376 -4.15 51.23 0.88
N ALA B 377 -3.03 51.59 1.52
CA ALA B 377 -2.96 51.85 2.97
C ALA B 377 -3.40 53.29 3.31
N ASN B 378 -3.84 54.06 2.31
CA ASN B 378 -4.25 55.48 2.41
C ASN B 378 -5.27 55.70 1.29
N GLY B 379 -6.31 54.89 1.31
CA GLY B 379 -7.30 54.66 0.24
C GLY B 379 -8.06 55.90 -0.14
N GLY B 380 -8.11 56.89 0.73
CA GLY B 380 -8.55 58.25 0.37
C GLY B 380 -7.92 58.73 -0.93
N VAL B 381 -6.65 58.41 -1.21
CA VAL B 381 -5.92 58.98 -2.39
C VAL B 381 -6.39 58.28 -3.67
N ILE B 382 -6.94 57.07 -3.55
CA ILE B 382 -7.51 56.27 -4.68
C ILE B 382 -9.01 56.59 -4.88
N ARG B 383 -9.70 56.87 -3.78
CA ARG B 383 -11.17 57.05 -3.79
C ARG B 383 -11.55 58.10 -4.84
N ASN B 384 -12.60 57.84 -5.61
CA ASN B 384 -13.25 58.86 -6.48
C ASN B 384 -14.68 59.03 -5.98
N ASP B 385 -15.26 60.18 -6.23
CA ASP B 385 -16.73 60.36 -6.12
C ASP B 385 -17.36 59.26 -6.96
N LEU B 386 -18.42 58.65 -6.45
CA LEU B 386 -19.29 57.76 -7.25
C LEU B 386 -19.91 58.59 -8.35
N LYS B 387 -20.09 58.02 -9.54
CA LYS B 387 -20.98 58.56 -10.59
C LYS B 387 -22.40 58.17 -10.15
N LEU B 388 -23.14 59.16 -9.67
CA LEU B 388 -24.44 58.96 -9.01
C LEU B 388 -25.49 59.20 -10.06
N PRO B 389 -26.51 58.34 -10.18
CA PRO B 389 -27.62 58.67 -11.06
C PRO B 389 -28.31 59.91 -10.49
N ASN B 390 -29.10 60.56 -11.33
CA ASN B 390 -30.02 61.65 -10.94
C ASN B 390 -31.00 61.08 -9.92
N LEU B 391 -31.04 61.67 -8.74
CA LEU B 391 -31.90 61.19 -7.62
C LEU B 391 -33.34 61.24 -8.07
N GLU B 392 -33.68 62.20 -8.93
CA GLU B 392 -35.08 62.53 -9.27
C GLU B 392 -35.71 61.38 -10.02
N ASP B 393 -34.89 60.56 -10.67
CA ASP B 393 -35.33 59.33 -11.38
C ASP B 393 -35.92 58.29 -10.42
N TYR B 394 -35.63 58.35 -9.12
CA TYR B 394 -36.06 57.35 -8.12
C TYR B 394 -37.14 57.92 -7.18
N GLU B 395 -37.48 59.21 -7.30
CA GLU B 395 -38.48 59.88 -6.45
C GLU B 395 -39.78 59.07 -6.52
N VAL B 396 -40.43 58.86 -5.38
CA VAL B 396 -41.86 58.48 -5.28
C VAL B 396 -42.72 59.73 -5.55
N LYS B 397 -43.23 59.84 -6.78
CA LYS B 397 -43.79 61.08 -7.37
C LYS B 397 -45.25 61.18 -6.95
N GLU B 398 -45.82 60.01 -6.66
CA GLU B 398 -47.22 59.84 -6.19
C GLU B 398 -47.52 60.84 -5.07
N VAL B 399 -46.53 61.19 -4.25
CA VAL B 399 -46.78 62.12 -3.11
C VAL B 399 -47.19 63.48 -3.65
N ALA B 400 -46.52 63.97 -4.71
CA ALA B 400 -46.81 65.28 -5.35
C ALA B 400 -48.21 65.26 -5.98
N GLU B 401 -48.61 64.12 -6.56
CA GLU B 401 -49.91 63.98 -7.28
C GLU B 401 -51.08 63.62 -6.35
N TYR B 402 -50.88 62.80 -5.32
CA TYR B 402 -51.98 62.21 -4.49
C TYR B 402 -51.95 62.77 -3.08
N GLY B 403 -50.82 63.30 -2.63
CA GLY B 403 -50.73 63.97 -1.32
C GLY B 403 -49.80 63.25 -0.35
N HIS B 404 -49.29 63.98 0.62
CA HIS B 404 -48.57 63.42 1.78
C HIS B 404 -49.39 62.23 2.31
N GLY B 405 -48.73 61.11 2.54
CA GLY B 405 -49.31 59.90 3.17
C GLY B 405 -49.80 58.87 2.17
N TRP B 406 -49.56 59.08 0.87
CA TRP B 406 -49.96 58.14 -0.19
C TRP B 406 -49.29 56.76 0.02
N GLY B 407 -50.02 55.70 -0.33
CA GLY B 407 -49.48 54.39 -0.74
C GLY B 407 -48.99 53.51 0.40
N GLN B 408 -48.49 52.34 0.02
CA GLN B 408 -48.10 51.20 0.89
C GLN B 408 -46.79 50.65 0.34
N LEU B 409 -45.78 51.50 0.19
CA LEU B 409 -44.50 51.14 -0.46
C LEU B 409 -43.56 50.58 0.60
N GLU B 410 -42.61 49.76 0.16
CA GLU B 410 -41.46 49.29 0.96
C GLU B 410 -40.28 50.23 0.67
N ALA B 411 -39.98 51.13 1.61
CA ALA B 411 -39.05 52.27 1.40
C ALA B 411 -37.72 51.75 0.87
N THR B 412 -37.24 50.62 1.40
CA THR B 412 -35.91 50.04 1.08
C THR B 412 -35.84 49.60 -0.38
N ARG B 413 -36.97 49.28 -1.01
CA ARG B 413 -36.98 48.96 -2.46
C ARG B 413 -36.44 50.17 -3.26
N THR B 414 -36.73 51.38 -2.83
CA THR B 414 -36.34 52.61 -3.55
C THR B 414 -34.82 52.77 -3.48
N LEU B 415 -34.23 52.43 -2.34
CA LEU B 415 -32.77 52.42 -2.11
C LEU B 415 -32.14 51.24 -2.86
N GLY B 416 -32.85 50.13 -2.96
CA GLY B 416 -32.52 49.01 -3.86
C GLY B 416 -32.33 49.50 -5.29
N ALA B 417 -33.29 50.26 -5.83
CA ALA B 417 -33.24 50.76 -7.22
C ALA B 417 -32.06 51.71 -7.41
N TYR B 418 -31.89 52.68 -6.51
CA TYR B 418 -30.86 53.75 -6.63
C TYR B 418 -29.50 53.07 -6.57
N THR B 419 -29.33 52.15 -5.62
CA THR B 419 -28.07 51.44 -5.35
C THR B 419 -27.75 50.55 -6.57
N ARG B 420 -28.76 49.96 -7.18
CA ARG B 420 -28.55 49.06 -8.34
C ARG B 420 -27.84 49.85 -9.45
N ASP B 421 -28.29 51.09 -9.66
CA ASP B 421 -27.83 51.94 -10.79
C ASP B 421 -26.50 52.57 -10.42
N ILE B 422 -26.23 52.67 -9.12
CA ILE B 422 -24.91 53.10 -8.62
C ILE B 422 -23.90 52.01 -8.95
N ILE B 423 -24.29 50.75 -8.83
CA ILE B 423 -23.40 49.60 -9.19
C ILE B 423 -23.18 49.58 -10.72
N LYS B 424 -24.24 49.78 -11.49
CA LYS B 424 -24.16 49.80 -12.98
C LYS B 424 -23.10 50.82 -13.42
N ASN B 425 -23.19 52.06 -12.93
CA ASN B 425 -22.35 53.25 -13.32
C ASN B 425 -20.98 53.21 -12.62
N ASN B 426 -20.81 52.44 -11.55
CA ASN B 426 -19.55 52.38 -10.78
C ASN B 426 -19.13 50.93 -10.64
N PRO B 427 -18.92 50.20 -11.73
CA PRO B 427 -18.59 48.79 -11.62
C PRO B 427 -17.24 48.69 -10.90
N ARG B 428 -17.09 47.72 -10.01
CA ARG B 428 -15.78 47.48 -9.33
C ARG B 428 -15.48 48.53 -8.25
N ASP B 429 -16.39 49.47 -7.93
CA ASP B 429 -16.16 50.57 -6.96
C ASP B 429 -17.18 50.55 -5.81
N PHE B 430 -18.15 49.64 -5.86
CA PHE B 430 -19.31 49.61 -4.93
C PHE B 430 -19.74 48.15 -4.67
N ARG B 431 -19.90 47.80 -3.40
CA ARG B 431 -20.36 46.46 -2.96
C ARG B 431 -21.49 46.61 -1.96
N ILE B 432 -22.50 45.76 -2.08
CA ILE B 432 -23.51 45.49 -1.02
C ILE B 432 -23.06 44.24 -0.28
N PHE B 433 -23.10 44.30 1.05
CA PHE B 433 -22.90 43.16 1.96
C PHE B 433 -24.19 42.95 2.76
N GLY B 434 -24.38 41.73 3.29
CA GLY B 434 -25.60 41.36 4.01
C GLY B 434 -25.42 40.03 4.70
N PRO B 435 -25.89 39.88 5.95
CA PRO B 435 -25.82 38.61 6.65
C PRO B 435 -26.99 37.71 6.28
N ASP B 436 -27.06 37.31 5.00
CA ASP B 436 -28.15 36.46 4.42
C ASP B 436 -29.46 37.24 4.45
N GLU B 437 -29.40 38.57 4.37
CA GLU B 437 -30.55 39.47 4.61
C GLU B 437 -30.73 40.48 3.48
N THR B 438 -29.94 40.43 2.40
CA THR B 438 -30.01 41.45 1.32
C THR B 438 -31.43 41.42 0.75
N ALA B 439 -31.90 40.24 0.32
CA ALA B 439 -33.28 40.07 -0.20
C ALA B 439 -34.32 40.40 0.89
N SER B 440 -34.07 40.06 2.13
CA SER B 440 -35.01 40.26 3.27
C SER B 440 -35.12 41.76 3.62
N ASN B 441 -34.07 42.56 3.37
CA ASN B 441 -34.13 44.03 3.60
C ASN B 441 -34.58 44.73 2.31
N ARG B 442 -34.89 43.98 1.24
CA ARG B 442 -35.53 44.43 -0.04
C ARG B 442 -34.53 45.20 -0.92
N LEU B 443 -33.27 44.80 -0.92
CA LEU B 443 -32.21 45.42 -1.74
C LEU B 443 -31.93 44.55 -2.98
N GLN B 444 -32.75 43.56 -3.30
CA GLN B 444 -32.45 42.54 -4.36
C GLN B 444 -32.53 43.15 -5.78
N ALA B 445 -32.85 44.43 -5.93
CA ALA B 445 -32.84 45.11 -7.24
C ALA B 445 -31.44 45.01 -7.83
N SER B 446 -30.44 45.07 -6.97
CA SER B 446 -29.01 44.85 -7.29
C SER B 446 -28.82 43.63 -8.18
N TYR B 447 -29.67 42.59 -8.08
CA TYR B 447 -29.43 41.31 -8.77
C TYR B 447 -29.71 41.47 -10.28
N GLU B 448 -30.25 42.62 -10.70
CA GLU B 448 -30.55 42.94 -12.12
C GLU B 448 -29.27 43.27 -12.88
N VAL B 449 -28.21 43.70 -12.20
CA VAL B 449 -26.97 44.25 -12.85
C VAL B 449 -25.75 43.51 -12.31
N THR B 450 -25.89 42.74 -11.23
CA THR B 450 -24.78 41.95 -10.65
C THR B 450 -25.35 40.72 -9.95
N ASN B 451 -24.48 39.91 -9.37
CA ASN B 451 -24.79 38.64 -8.68
C ASN B 451 -24.23 38.62 -7.27
N LYS B 452 -24.73 37.71 -6.45
CA LYS B 452 -24.09 37.31 -5.18
C LYS B 452 -22.83 36.55 -5.56
N GLN B 453 -21.70 37.00 -5.06
CA GLN B 453 -20.41 36.38 -5.30
C GLN B 453 -20.36 35.14 -4.44
N TRP B 454 -20.16 33.98 -5.05
CA TRP B 454 -20.15 32.67 -4.39
C TRP B 454 -19.14 31.77 -5.08
N ASP B 455 -18.10 31.37 -4.36
CA ASP B 455 -17.00 30.56 -4.89
C ASP B 455 -16.91 29.30 -4.04
N ALA B 456 -18.08 28.81 -3.63
CA ALA B 456 -18.29 27.44 -3.17
C ALA B 456 -19.09 26.71 -4.25
N GLY B 457 -19.57 25.51 -3.97
CA GLY B 457 -20.20 24.68 -5.01
C GLY B 457 -21.54 25.19 -5.51
N TYR B 458 -21.81 24.94 -6.79
CA TYR B 458 -23.12 25.11 -7.46
C TYR B 458 -23.69 23.70 -7.60
N ILE B 459 -25.02 23.54 -7.50
CA ILE B 459 -25.67 22.21 -7.60
C ILE B 459 -26.85 22.20 -8.60
N SER B 460 -27.58 23.31 -8.80
CA SER B 460 -28.84 23.33 -9.58
C SER B 460 -29.37 24.76 -9.78
N ASP B 461 -29.89 25.03 -10.98
CA ASP B 461 -30.50 26.33 -11.36
C ASP B 461 -31.84 26.52 -10.65
N GLU B 462 -32.30 25.54 -9.87
CA GLU B 462 -33.62 25.61 -9.16
C GLU B 462 -33.43 26.25 -7.79
N VAL B 463 -32.21 26.24 -7.25
CA VAL B 463 -31.87 26.82 -5.93
C VAL B 463 -30.78 27.90 -6.05
N ASP B 464 -29.92 27.87 -7.07
CA ASP B 464 -28.69 28.71 -7.14
C ASP B 464 -28.96 30.01 -7.88
N GLU B 465 -30.03 30.72 -7.57
CA GLU B 465 -30.40 31.97 -8.31
C GLU B 465 -29.49 33.11 -7.86
N HIS B 466 -29.07 33.96 -8.79
CA HIS B 466 -28.45 35.30 -8.54
C HIS B 466 -27.08 35.12 -7.89
N MET B 467 -26.39 34.04 -8.23
CA MET B 467 -25.03 33.74 -7.72
C MET B 467 -24.09 33.54 -8.90
N HIS B 468 -22.85 33.98 -8.76
CA HIS B 468 -21.78 33.88 -9.78
C HIS B 468 -20.46 33.88 -9.02
N VAL B 469 -19.40 33.32 -9.59
CA VAL B 469 -18.07 33.29 -8.91
C VAL B 469 -17.58 34.72 -8.69
N SER B 470 -18.22 35.69 -9.33
CA SER B 470 -17.88 37.14 -9.27
C SER B 470 -19.14 37.97 -9.11
N GLY B 471 -19.12 38.99 -8.26
CA GLY B 471 -20.28 39.89 -8.17
C GLY B 471 -20.11 40.83 -7.03
N GLN B 472 -20.94 41.87 -7.00
CA GLN B 472 -20.79 43.03 -6.11
C GLN B 472 -21.65 42.86 -4.86
N VAL B 473 -22.32 41.71 -4.71
CA VAL B 473 -23.10 41.40 -3.49
C VAL B 473 -22.44 40.19 -2.84
N VAL B 474 -22.13 40.27 -1.54
CA VAL B 474 -21.56 39.16 -0.75
C VAL B 474 -22.44 38.95 0.49
N GLU B 475 -22.88 37.71 0.69
CA GLU B 475 -23.60 37.30 1.91
C GLU B 475 -22.89 36.12 2.59
N GLN B 476 -22.80 36.21 3.89
CA GLN B 476 -22.45 35.13 4.85
C GLN B 476 -23.26 35.41 6.11
N LEU B 477 -23.67 34.41 6.91
CA LEU B 477 -24.46 34.71 8.13
C LEU B 477 -23.47 35.08 9.24
N SER B 478 -22.96 36.31 9.15
CA SER B 478 -22.00 36.90 10.10
C SER B 478 -21.98 38.42 9.94
N GLU B 479 -22.59 39.11 10.88
CA GLU B 479 -22.50 40.58 11.02
C GLU B 479 -21.01 40.97 11.08
N HIS B 480 -20.17 40.20 11.77
CA HIS B 480 -18.71 40.49 11.90
C HIS B 480 -18.04 40.52 10.52
N GLN B 481 -18.40 39.58 9.65
CA GLN B 481 -17.75 39.43 8.33
C GLN B 481 -18.20 40.59 7.45
N MET B 482 -19.49 40.91 7.49
CA MET B 482 -20.06 41.92 6.57
C MET B 482 -19.53 43.29 6.99
N GLU B 483 -19.49 43.58 8.29
CA GLU B 483 -18.93 44.87 8.78
C GLU B 483 -17.45 44.91 8.40
N GLY B 484 -16.73 43.83 8.69
CA GLY B 484 -15.29 43.67 8.39
C GLY B 484 -14.93 43.94 6.93
N PHE B 485 -15.58 43.24 6.02
CA PHE B 485 -15.32 43.30 4.57
C PHE B 485 -15.46 44.76 4.16
N LEU B 486 -16.61 45.32 4.50
CA LEU B 486 -16.97 46.64 3.98
C LEU B 486 -15.98 47.69 4.48
N GLU B 487 -15.59 47.62 5.75
CA GLU B 487 -14.61 48.54 6.36
C GLU B 487 -13.32 48.57 5.51
N ALA B 488 -12.79 47.40 5.17
CA ALA B 488 -11.54 47.28 4.40
C ALA B 488 -11.78 47.71 2.96
N TYR B 489 -12.97 47.48 2.42
CA TYR B 489 -13.37 47.98 1.09
C TYR B 489 -13.26 49.51 1.08
N LEU B 490 -13.71 50.17 2.14
CA LEU B 490 -13.75 51.66 2.23
C LEU B 490 -12.33 52.17 2.46
N LEU B 491 -11.56 51.41 3.24
CA LEU B 491 -10.24 51.88 3.69
C LEU B 491 -9.25 51.85 2.54
N THR B 492 -9.54 51.06 1.50
CA THR B 492 -8.68 50.82 0.31
C THR B 492 -9.20 51.67 -0.86
N GLY B 493 -10.22 52.51 -0.66
CA GLY B 493 -10.62 53.52 -1.67
C GLY B 493 -11.96 53.26 -2.34
N ARG B 494 -12.70 52.24 -1.94
CA ARG B 494 -13.98 51.92 -2.62
C ARG B 494 -15.17 52.36 -1.76
N HIS B 495 -16.36 52.00 -2.18
CA HIS B 495 -17.64 52.50 -1.64
C HIS B 495 -18.53 51.28 -1.32
N GLY B 496 -19.58 51.47 -0.55
CA GLY B 496 -20.57 50.40 -0.41
C GLY B 496 -21.55 50.63 0.70
N ILE B 497 -22.31 49.58 0.97
CA ILE B 497 -23.36 49.61 2.01
C ILE B 497 -23.57 48.20 2.52
N TRP B 498 -24.05 48.08 3.75
CA TRP B 498 -24.61 46.79 4.21
C TRP B 498 -25.90 47.03 5.01
N SER B 499 -26.76 46.02 5.00
CA SER B 499 -28.09 45.98 5.64
C SER B 499 -28.01 44.95 6.77
N SER B 500 -28.67 45.25 7.90
CA SER B 500 -28.89 44.27 8.99
C SER B 500 -30.26 44.51 9.55
N TYR B 501 -30.91 43.43 9.96
CA TYR B 501 -32.00 43.50 10.97
C TYR B 501 -31.43 44.33 12.11
N GLU B 502 -32.23 45.30 12.56
CA GLU B 502 -31.81 46.28 13.59
C GLU B 502 -31.31 45.57 14.86
N SER B 503 -31.99 44.53 15.33
CA SER B 503 -31.65 43.91 16.64
C SER B 503 -30.22 43.34 16.58
N PHE B 504 -29.79 42.83 15.42
CA PHE B 504 -28.50 42.10 15.27
C PHE B 504 -27.33 43.02 14.91
N VAL B 505 -27.59 44.32 14.68
CA VAL B 505 -26.51 45.34 14.55
C VAL B 505 -25.70 45.27 15.84
N HIS B 506 -26.35 45.08 16.98
CA HIS B 506 -25.65 44.98 18.30
C HIS B 506 -24.57 43.92 18.26
N VAL B 507 -24.67 42.89 17.42
CA VAL B 507 -23.56 41.90 17.28
C VAL B 507 -22.24 42.62 16.98
N ILE B 508 -22.27 43.69 16.18
CA ILE B 508 -21.03 44.40 15.73
C ILE B 508 -20.92 45.82 16.34
N ASP B 509 -21.62 46.12 17.45
CA ASP B 509 -21.47 47.39 18.22
C ASP B 509 -19.99 47.72 18.43
N SER B 510 -19.19 46.76 18.87
CA SER B 510 -17.77 47.02 19.23
C SER B 510 -16.95 47.34 17.98
N MET B 511 -17.33 46.83 16.80
CA MET B 511 -16.70 47.16 15.50
C MET B 511 -17.07 48.58 15.12
N LEU B 512 -18.35 48.93 15.22
CA LEU B 512 -18.78 50.35 15.06
C LEU B 512 -17.91 51.24 15.97
N ASN B 513 -17.68 50.86 17.23
CA ASN B 513 -16.85 51.68 18.15
C ASN B 513 -15.44 51.81 17.55
N GLN B 514 -14.83 50.72 17.11
CA GLN B 514 -13.43 50.73 16.65
C GLN B 514 -13.30 51.55 15.34
N HIS B 515 -14.29 51.51 14.44
CA HIS B 515 -14.22 52.28 13.19
C HIS B 515 -14.42 53.78 13.50
N ALA B 516 -15.36 54.09 14.41
CA ALA B 516 -15.69 55.45 14.88
C ALA B 516 -14.41 56.09 15.39
N LYS B 517 -13.68 55.37 16.23
CA LYS B 517 -12.45 55.83 16.91
C LYS B 517 -11.34 56.09 15.88
N TRP B 518 -11.33 55.29 14.84
CA TRP B 518 -10.35 55.40 13.75
C TRP B 518 -10.66 56.70 13.00
N LEU B 519 -11.91 56.91 12.65
CA LEU B 519 -12.37 58.15 12.01
C LEU B 519 -12.15 59.34 12.95
N GLU B 520 -12.38 59.21 14.26
CA GLU B 520 -12.23 60.32 15.24
C GLU B 520 -10.78 60.80 15.23
N ALA B 521 -9.82 59.88 15.45
CA ALA B 521 -8.36 60.16 15.39
C ALA B 521 -7.96 60.78 14.02
N THR B 522 -8.55 60.32 12.91
CA THR B 522 -8.14 60.73 11.55
C THR B 522 -8.53 62.20 11.36
N VAL B 523 -9.81 62.52 11.56
CA VAL B 523 -10.33 63.91 11.35
C VAL B 523 -9.61 64.85 12.32
N ARG B 524 -9.23 64.41 13.51
CA ARG B 524 -8.60 65.33 14.50
C ARG B 524 -7.12 65.58 14.15
N GLU B 525 -6.32 64.55 13.87
CA GLU B 525 -4.86 64.75 13.88
C GLU B 525 -4.13 64.00 12.75
N ILE B 526 -4.80 63.48 11.73
CA ILE B 526 -4.09 62.77 10.62
C ILE B 526 -4.48 63.37 9.26
N PRO B 527 -4.08 64.63 8.96
CA PRO B 527 -4.47 65.30 7.70
C PRO B 527 -3.89 64.66 6.42
N TRP B 528 -2.80 63.92 6.52
CA TRP B 528 -2.21 63.18 5.38
C TRP B 528 -3.06 61.95 5.05
N ARG B 529 -3.94 61.57 5.97
CA ARG B 529 -4.80 60.39 5.75
C ARG B 529 -6.05 60.97 5.12
N LYS B 530 -6.19 60.80 3.82
CA LYS B 530 -7.23 61.47 3.02
C LYS B 530 -8.57 60.81 3.31
N PRO B 531 -9.69 61.55 3.13
CA PRO B 531 -11.01 61.02 3.44
C PRO B 531 -11.29 59.73 2.66
N ILE B 532 -11.90 58.76 3.34
CA ILE B 532 -12.44 57.51 2.72
C ILE B 532 -13.95 57.68 2.68
N ALA B 533 -14.61 56.85 1.88
CA ALA B 533 -16.09 56.77 1.79
C ALA B 533 -16.62 56.33 3.15
N SER B 534 -17.81 56.77 3.48
CA SER B 534 -18.44 56.43 4.76
C SER B 534 -18.81 54.94 4.76
N MET B 535 -18.75 54.33 5.94
CA MET B 535 -19.44 53.08 6.31
C MET B 535 -20.94 53.36 6.38
N ASN B 536 -21.69 52.99 5.34
CA ASN B 536 -23.15 53.17 5.23
C ASN B 536 -23.87 51.87 5.63
N LEU B 537 -24.74 51.93 6.64
CA LEU B 537 -25.38 50.78 7.28
C LEU B 537 -26.90 50.97 7.26
N LEU B 538 -27.59 50.19 6.41
CA LEU B 538 -29.06 50.16 6.36
C LEU B 538 -29.59 49.34 7.52
N VAL B 539 -30.21 49.99 8.50
CA VAL B 539 -30.78 49.35 9.70
C VAL B 539 -32.25 49.18 9.37
N SER B 540 -32.66 47.96 9.02
CA SER B 540 -34.06 47.70 8.64
C SER B 540 -34.61 46.54 9.48
N SER B 541 -35.82 46.07 9.12
CA SER B 541 -36.56 45.00 9.85
C SER B 541 -36.59 45.39 11.33
N HIS B 542 -37.01 46.61 11.63
CA HIS B 542 -36.79 47.28 12.94
C HIS B 542 -37.85 46.85 13.96
N VAL B 543 -37.60 47.22 15.23
CA VAL B 543 -38.34 46.79 16.44
C VAL B 543 -39.85 46.74 16.16
N TRP B 544 -40.41 47.84 15.66
CA TRP B 544 -41.87 48.00 15.53
C TRP B 544 -42.45 46.96 14.59
N ARG B 545 -41.65 46.37 13.69
CA ARG B 545 -42.13 45.31 12.74
C ARG B 545 -41.28 44.05 12.86
N GLN B 546 -40.98 43.65 14.10
CA GLN B 546 -40.43 42.33 14.48
C GLN B 546 -41.51 41.62 15.32
N ASP B 547 -42.76 41.99 15.09
CA ASP B 547 -43.97 41.35 15.65
C ASP B 547 -44.01 39.86 15.27
N HIS B 548 -43.47 39.51 14.10
CA HIS B 548 -43.42 38.15 13.49
C HIS B 548 -42.25 37.32 14.09
N ASN B 549 -41.20 37.95 14.63
CA ASN B 549 -40.04 37.17 15.15
C ASN B 549 -39.97 37.26 16.69
N GLY B 550 -40.43 38.35 17.27
CA GLY B 550 -40.62 38.45 18.72
C GLY B 550 -39.47 39.15 19.43
N PHE B 551 -39.43 38.97 20.74
CA PHE B 551 -38.75 39.85 21.72
C PHE B 551 -37.25 39.85 21.40
N SER B 552 -36.73 38.69 21.03
CA SER B 552 -35.32 38.43 20.60
C SER B 552 -34.88 39.44 19.54
N HIS B 553 -35.80 39.84 18.65
CA HIS B 553 -35.49 40.66 17.44
C HIS B 553 -35.84 42.13 17.71
N GLN B 554 -36.21 42.48 18.94
CA GLN B 554 -36.77 43.82 19.27
C GLN B 554 -35.78 44.61 20.15
N ASP B 555 -34.81 45.26 19.53
CA ASP B 555 -33.82 46.07 20.25
C ASP B 555 -33.25 47.16 19.35
N PRO B 556 -33.81 48.39 19.42
CA PRO B 556 -33.35 49.51 18.59
C PRO B 556 -32.17 50.32 19.14
N GLY B 557 -31.37 49.79 20.06
CA GLY B 557 -30.44 50.60 20.87
C GLY B 557 -29.08 50.85 20.24
N VAL B 558 -28.89 50.52 18.95
CA VAL B 558 -27.62 50.90 18.24
C VAL B 558 -27.57 52.43 18.32
N THR B 559 -28.72 53.10 18.27
CA THR B 559 -28.82 54.58 18.42
C THR B 559 -28.10 55.05 19.69
N SER B 560 -28.34 54.40 20.82
CA SER B 560 -27.67 54.70 22.11
C SER B 560 -26.16 54.48 22.00
N VAL B 561 -25.69 53.46 21.28
CA VAL B 561 -24.23 53.13 21.13
C VAL B 561 -23.52 54.20 20.27
N LEU B 562 -24.09 54.54 19.13
CA LEU B 562 -23.53 55.56 18.21
C LEU B 562 -23.60 56.96 18.88
N LEU B 563 -24.53 57.25 19.79
CA LEU B 563 -24.55 58.58 20.48
C LEU B 563 -23.28 58.71 21.33
N ASN B 564 -22.56 57.62 21.60
CA ASN B 564 -21.32 57.66 22.41
C ASN B 564 -20.10 57.96 21.52
N LYS B 565 -20.30 58.30 20.23
CA LYS B 565 -19.20 58.69 19.29
C LYS B 565 -19.56 60.03 18.64
N CYS B 566 -20.17 60.93 19.40
CA CYS B 566 -20.69 62.22 18.88
C CYS B 566 -20.14 63.36 19.74
N PHE B 567 -18.85 63.66 19.65
CA PHE B 567 -18.14 64.69 20.44
C PHE B 567 -17.16 65.50 19.58
N HIS B 568 -16.66 66.60 20.16
CA HIS B 568 -15.46 67.39 19.79
C HIS B 568 -15.65 67.92 18.36
N ASN B 569 -16.90 68.04 17.89
CA ASN B 569 -17.24 68.37 16.48
C ASN B 569 -16.46 67.53 15.48
N ASP B 570 -16.25 66.24 15.75
CA ASP B 570 -15.64 65.25 14.82
C ASP B 570 -16.52 65.02 13.59
N HIS B 571 -17.84 64.93 13.74
CA HIS B 571 -18.81 64.69 12.62
C HIS B 571 -18.48 63.39 11.89
N VAL B 572 -18.15 62.33 12.62
CA VAL B 572 -17.83 61.00 12.01
C VAL B 572 -19.03 60.06 12.18
N ILE B 573 -20.15 60.53 12.73
CA ILE B 573 -21.36 59.71 12.91
C ILE B 573 -22.54 60.39 12.24
N GLY B 574 -23.36 59.62 11.57
CA GLY B 574 -24.69 60.01 11.06
C GLY B 574 -25.74 59.04 11.58
N ILE B 575 -26.83 59.58 12.12
CA ILE B 575 -27.99 58.79 12.57
C ILE B 575 -29.22 59.40 11.92
N TYR B 576 -29.73 58.70 10.92
CA TYR B 576 -30.85 59.13 10.05
C TYR B 576 -32.02 58.15 10.19
N PHE B 577 -33.20 58.71 10.45
CA PHE B 577 -34.51 58.06 10.37
C PHE B 577 -35.14 58.44 9.03
N ALA B 578 -35.09 57.50 8.11
CA ALA B 578 -35.83 57.47 6.85
C ALA B 578 -37.33 57.46 7.14
N THR B 579 -37.92 58.65 7.19
CA THR B 579 -39.37 58.89 7.35
C THR B 579 -40.15 58.07 6.30
N ASP B 580 -39.60 57.97 5.10
CA ASP B 580 -40.28 57.37 3.94
C ASP B 580 -39.23 57.15 2.83
N ALA B 581 -39.65 56.63 1.69
CA ALA B 581 -38.71 56.28 0.60
C ALA B 581 -38.01 57.53 0.07
N ASN B 582 -38.67 58.69 0.07
CA ASN B 582 -38.10 59.93 -0.53
C ASN B 582 -37.04 60.46 0.43
N MET B 583 -37.30 60.35 1.72
CA MET B 583 -36.34 60.82 2.75
C MET B 583 -35.17 59.85 2.75
N LEU B 584 -35.43 58.57 2.48
CA LEU B 584 -34.35 57.56 2.33
C LEU B 584 -33.41 57.98 1.19
N LEU B 585 -33.95 58.42 0.03
CA LEU B 585 -33.14 58.85 -1.17
C LEU B 585 -32.26 60.05 -0.82
N ALA B 586 -32.83 61.06 -0.15
CA ALA B 586 -32.13 62.28 0.34
C ALA B 586 -31.02 61.84 1.28
N ILE B 587 -31.33 60.92 2.19
CA ILE B 587 -30.32 60.41 3.17
C ILE B 587 -29.22 59.67 2.40
N ALA B 588 -29.60 58.80 1.48
CA ALA B 588 -28.67 57.93 0.70
C ALA B 588 -27.71 58.81 -0.14
N GLU B 589 -28.23 59.88 -0.74
CA GLU B 589 -27.41 60.79 -1.55
C GLU B 589 -26.38 61.42 -0.61
N LYS B 590 -26.83 62.00 0.50
CA LYS B 590 -25.93 62.68 1.47
C LYS B 590 -24.85 61.71 1.92
N CYS B 591 -25.22 60.46 2.23
CA CYS B 591 -24.30 59.42 2.75
C CYS B 591 -23.34 58.91 1.66
N TYR B 592 -23.85 58.62 0.45
CA TYR B 592 -23.02 58.15 -0.68
C TYR B 592 -21.95 59.18 -1.08
N LYS B 593 -22.23 60.48 -0.88
CA LYS B 593 -21.29 61.60 -1.17
C LYS B 593 -20.35 61.83 0.01
N SER B 594 -20.75 61.43 1.22
CA SER B 594 -20.01 61.75 2.48
C SER B 594 -18.73 60.95 2.54
N THR B 595 -17.79 61.43 3.36
CA THR B 595 -16.50 60.78 3.65
C THR B 595 -16.29 60.73 5.17
N ASN B 596 -15.43 59.83 5.63
CA ASN B 596 -15.06 59.76 7.07
C ASN B 596 -16.29 59.64 7.98
N LYS B 597 -17.31 58.88 7.62
CA LYS B 597 -18.50 58.71 8.50
C LYS B 597 -18.85 57.23 8.66
N ILE B 598 -19.51 56.93 9.78
CA ILE B 598 -20.43 55.78 9.97
C ILE B 598 -21.82 56.38 9.90
N ASN B 599 -22.59 55.99 8.88
CA ASN B 599 -23.97 56.46 8.66
C ASN B 599 -24.95 55.34 9.02
N ALA B 600 -25.74 55.57 10.05
CA ALA B 600 -26.77 54.61 10.48
C ALA B 600 -28.06 55.11 9.85
N ILE B 601 -28.51 54.40 8.82
CA ILE B 601 -29.77 54.70 8.07
C ILE B 601 -30.87 53.74 8.55
N ILE B 602 -31.73 54.21 9.44
CA ILE B 602 -32.82 53.40 10.02
C ILE B 602 -34.05 53.61 9.14
N ALA B 603 -34.48 52.53 8.49
CA ALA B 603 -35.53 52.51 7.46
C ALA B 603 -36.29 51.20 7.59
N GLY B 604 -37.60 51.28 7.34
CA GLY B 604 -38.55 50.16 7.36
C GLY B 604 -38.67 49.53 5.98
N LYS B 605 -38.85 48.20 5.95
CA LYS B 605 -39.04 47.43 4.71
C LYS B 605 -40.52 47.08 4.61
N GLN B 606 -41.31 47.51 5.59
CA GLN B 606 -42.72 47.10 5.72
C GLN B 606 -43.52 48.07 4.86
N PRO B 607 -44.68 47.66 4.35
CA PRO B 607 -45.53 48.61 3.64
C PRO B 607 -45.83 49.80 4.54
N ALA B 608 -45.55 51.01 4.05
CA ALA B 608 -45.73 52.27 4.79
C ALA B 608 -46.05 53.38 3.80
N ALA B 609 -46.67 54.43 4.36
CA ALA B 609 -47.04 55.69 3.69
C ALA B 609 -45.76 56.47 3.32
N THR B 610 -45.84 57.30 2.29
CA THR B 610 -44.78 58.28 1.90
C THR B 610 -45.26 59.68 2.27
N TRP B 611 -44.47 60.45 3.00
CA TRP B 611 -44.92 61.74 3.61
C TRP B 611 -44.43 62.95 2.82
N LEU B 612 -43.24 62.86 2.24
CA LEU B 612 -42.45 64.00 1.70
C LEU B 612 -42.13 63.73 0.24
N THR B 613 -42.15 64.78 -0.57
CA THR B 613 -41.49 64.84 -1.91
C THR B 613 -39.98 64.79 -1.70
N LEU B 614 -39.24 64.48 -2.75
CA LEU B 614 -37.76 64.50 -2.65
C LEU B 614 -37.30 65.89 -2.22
N ASP B 615 -37.81 66.94 -2.87
CA ASP B 615 -37.46 68.36 -2.54
C ASP B 615 -37.70 68.62 -1.05
N GLU B 616 -38.90 68.37 -0.52
CA GLU B 616 -39.22 68.60 0.92
C GLU B 616 -38.21 67.84 1.80
N ALA B 617 -37.86 66.59 1.45
CA ALA B 617 -37.03 65.66 2.24
C ALA B 617 -35.60 66.20 2.32
N ARG B 618 -35.05 66.54 1.16
CA ARG B 618 -33.70 67.17 1.01
C ARG B 618 -33.64 68.43 1.87
N ALA B 619 -34.70 69.22 1.88
CA ALA B 619 -34.81 70.47 2.67
C ALA B 619 -34.91 70.11 4.16
N GLU B 620 -35.76 69.19 4.57
CA GLU B 620 -35.85 68.78 6.00
C GLU B 620 -34.47 68.26 6.41
N LEU B 621 -33.82 67.51 5.53
CA LEU B 621 -32.57 66.79 5.88
C LEU B 621 -31.42 67.79 6.17
N GLU B 622 -31.41 68.89 5.44
CA GLU B 622 -30.35 69.94 5.48
C GLU B 622 -30.24 70.53 6.90
N LYS B 623 -31.39 70.76 7.54
CA LYS B 623 -31.54 71.30 8.91
C LYS B 623 -31.60 70.12 9.88
N GLY B 624 -32.19 69.00 9.46
CA GLY B 624 -32.24 67.75 10.23
C GLY B 624 -33.60 67.48 10.83
N ALA B 625 -34.33 68.55 11.13
CA ALA B 625 -35.73 68.54 11.59
C ALA B 625 -36.47 69.60 10.82
N ALA B 626 -37.78 69.50 10.78
CA ALA B 626 -38.58 70.48 10.05
C ALA B 626 -39.99 70.42 10.62
N ALA B 627 -40.61 71.60 10.81
CA ALA B 627 -42.07 71.72 10.92
C ALA B 627 -42.64 71.25 9.59
N TRP B 628 -43.73 70.48 9.62
CA TRP B 628 -44.59 70.13 8.47
C TRP B 628 -45.84 71.02 8.49
N ASP B 629 -45.81 72.17 7.80
CA ASP B 629 -46.87 73.22 7.85
C ASP B 629 -48.16 72.67 7.24
N TRP B 630 -48.01 71.74 6.29
CA TRP B 630 -49.15 71.08 5.60
C TRP B 630 -49.91 70.15 6.56
N ALA B 631 -49.28 69.70 7.67
CA ALA B 631 -49.88 68.76 8.65
C ALA B 631 -50.29 69.49 9.94
N SER B 632 -49.63 70.61 10.27
CA SER B 632 -49.90 71.46 11.45
C SER B 632 -51.20 72.22 11.23
N THR B 633 -52.01 72.32 12.28
CA THR B 633 -53.33 72.99 12.31
C THR B 633 -53.10 74.38 12.91
N ALA B 634 -52.22 74.45 13.90
CA ALA B 634 -51.57 75.70 14.38
C ALA B 634 -50.82 76.34 13.22
N LYS B 635 -50.92 77.65 13.03
CA LYS B 635 -50.28 78.37 11.90
C LYS B 635 -49.03 79.10 12.40
N ASN B 636 -48.94 79.37 13.70
CA ASN B 636 -47.72 79.95 14.33
C ASN B 636 -47.49 79.21 15.65
N ASN B 637 -46.39 79.49 16.34
CA ASN B 637 -46.02 78.76 17.58
C ASN B 637 -46.93 79.15 18.75
N ASP B 638 -47.49 80.36 18.73
CA ASP B 638 -48.31 80.86 19.87
C ASP B 638 -49.63 80.10 19.89
N GLU B 639 -50.18 79.80 18.71
CA GLU B 639 -51.50 79.13 18.46
C GLU B 639 -51.46 77.67 18.94
N ALA B 640 -50.29 77.02 18.81
CA ALA B 640 -50.06 75.59 19.06
C ALA B 640 -50.32 75.28 20.53
N GLU B 641 -51.17 74.30 20.81
CA GLU B 641 -51.49 73.81 22.18
C GLU B 641 -50.51 72.69 22.54
N VAL B 642 -50.04 71.96 21.52
CA VAL B 642 -49.05 70.87 21.63
C VAL B 642 -48.27 70.75 20.31
N VAL B 643 -46.99 70.38 20.40
CA VAL B 643 -46.14 69.91 19.26
C VAL B 643 -46.10 68.37 19.25
N LEU B 644 -46.56 67.76 18.17
CA LEU B 644 -46.38 66.31 17.91
C LEU B 644 -45.13 66.15 17.07
N ALA B 645 -44.11 65.51 17.63
CA ALA B 645 -42.78 65.29 17.03
C ALA B 645 -42.58 63.78 16.88
N ALA B 646 -41.97 63.36 15.77
CA ALA B 646 -41.67 61.94 15.49
C ALA B 646 -40.30 61.83 14.86
N ALA B 647 -39.57 60.79 15.23
CA ALA B 647 -38.34 60.32 14.56
C ALA B 647 -38.53 58.82 14.29
N GLY B 648 -38.66 58.45 13.03
CA GLY B 648 -38.92 57.06 12.62
C GLY B 648 -40.15 56.94 11.76
N ASP B 649 -40.14 55.98 10.83
CA ASP B 649 -41.28 55.67 9.95
C ASP B 649 -42.50 55.33 10.82
N VAL B 650 -42.35 54.48 11.84
CA VAL B 650 -43.53 53.95 12.56
C VAL B 650 -44.02 55.02 13.54
N PRO B 651 -43.14 55.59 14.38
CA PRO B 651 -43.52 56.75 15.18
C PRO B 651 -44.16 57.84 14.31
N THR B 652 -43.59 58.10 13.12
CA THR B 652 -44.14 59.17 12.25
C THR B 652 -45.58 58.78 11.92
N GLN B 653 -45.79 57.52 11.55
CA GLN B 653 -47.11 57.03 11.14
C GLN B 653 -48.09 57.17 12.32
N GLU B 654 -47.72 56.68 13.50
CA GLU B 654 -48.63 56.69 14.67
C GLU B 654 -48.91 58.15 15.05
N ILE B 655 -47.97 59.06 14.82
CA ILE B 655 -48.09 60.49 15.23
C ILE B 655 -49.01 61.19 14.24
N MET B 656 -49.01 60.72 13.00
CA MET B 656 -49.81 61.34 11.93
C MET B 656 -51.26 60.88 12.11
N ALA B 657 -51.48 59.60 12.36
CA ALA B 657 -52.83 59.08 12.67
C ALA B 657 -53.38 59.81 13.91
N ALA B 658 -52.57 59.96 14.95
CA ALA B 658 -52.90 60.73 16.16
C ALA B 658 -53.31 62.15 15.78
N SER B 659 -52.54 62.80 14.89
CA SER B 659 -52.77 64.18 14.42
C SER B 659 -54.14 64.26 13.74
N ASP B 660 -54.57 63.19 13.08
CA ASP B 660 -55.89 63.12 12.39
C ASP B 660 -57.01 63.05 13.45
N LYS B 661 -56.80 62.28 14.51
CA LYS B 661 -57.70 62.20 15.69
C LYS B 661 -57.81 63.58 16.35
N LEU B 662 -56.73 64.36 16.42
CA LEU B 662 -56.70 65.67 17.13
C LEU B 662 -57.28 66.75 16.23
N LYS B 663 -57.14 66.59 14.92
CA LYS B 663 -57.79 67.49 13.93
C LYS B 663 -59.31 67.41 14.16
N GLU B 664 -59.88 66.20 14.26
CA GLU B 664 -61.33 65.96 14.48
C GLU B 664 -61.80 66.65 15.76
N LEU B 665 -60.96 66.66 16.81
CA LEU B 665 -61.30 67.23 18.12
C LEU B 665 -61.07 68.74 18.10
N GLY B 666 -60.51 69.27 17.01
CA GLY B 666 -60.22 70.70 16.82
C GLY B 666 -59.04 71.18 17.65
N VAL B 667 -58.16 70.29 18.08
CA VAL B 667 -56.88 70.69 18.72
C VAL B 667 -56.01 71.41 17.67
N LYS B 668 -55.25 72.41 18.10
CA LYS B 668 -54.29 73.21 17.28
C LYS B 668 -52.89 72.68 17.61
N PHE B 669 -52.26 71.99 16.65
CA PHE B 669 -50.98 71.29 16.88
C PHE B 669 -49.98 71.65 15.77
N LYS B 670 -48.70 71.54 16.15
CA LYS B 670 -47.55 71.63 15.23
C LYS B 670 -47.00 70.20 15.11
N VAL B 671 -46.87 69.72 13.88
CA VAL B 671 -46.23 68.41 13.58
C VAL B 671 -44.79 68.68 13.19
N VAL B 672 -43.85 68.02 13.83
CA VAL B 672 -42.41 68.14 13.54
C VAL B 672 -41.89 66.76 13.14
N ASN B 673 -40.95 66.70 12.19
CA ASN B 673 -40.25 65.45 11.84
C ASN B 673 -38.76 65.65 12.09
N VAL B 674 -38.10 64.63 12.59
CA VAL B 674 -36.63 64.56 12.79
C VAL B 674 -36.09 63.43 11.89
N ALA B 675 -35.21 63.74 10.94
CA ALA B 675 -34.51 62.73 10.11
C ALA B 675 -33.07 62.60 10.62
N ASP B 676 -32.51 63.66 11.16
CA ASP B 676 -31.11 63.68 11.66
C ASP B 676 -31.19 63.73 13.18
N LEU B 677 -30.97 62.62 13.87
CA LEU B 677 -31.08 62.61 15.35
C LEU B 677 -30.17 63.69 15.94
N LEU B 678 -29.07 64.01 15.26
CA LEU B 678 -27.97 64.81 15.84
C LEU B 678 -28.25 66.30 15.69
N SER B 679 -29.23 66.67 14.88
CA SER B 679 -29.65 68.07 14.74
C SER B 679 -30.13 68.57 16.11
N LEU B 680 -30.56 67.63 17.00
CA LEU B 680 -31.14 67.93 18.34
C LEU B 680 -30.06 68.10 19.42
N GLN B 681 -28.86 67.57 19.20
CA GLN B 681 -27.72 67.65 20.15
C GLN B 681 -27.40 69.12 20.50
N SER B 682 -26.95 69.38 21.71
CA SER B 682 -26.66 70.74 22.22
C SER B 682 -25.82 71.51 21.18
N ALA B 683 -26.17 72.76 20.91
CA ALA B 683 -25.43 73.68 20.00
C ALA B 683 -24.03 73.90 20.54
N LYS B 684 -23.85 73.78 21.86
CA LYS B 684 -22.52 73.87 22.53
C LYS B 684 -21.64 72.67 22.21
N GLU B 685 -22.19 71.51 21.85
CA GLU B 685 -21.41 70.27 21.56
C GLU B 685 -21.29 70.07 20.05
N ASN B 686 -22.29 70.45 19.26
CA ASN B 686 -22.30 70.12 17.83
C ASN B 686 -22.57 71.41 17.03
N ASP B 687 -21.58 71.89 16.28
CA ASP B 687 -21.65 73.17 15.51
C ASP B 687 -22.53 72.97 14.27
N GLU B 688 -22.92 71.74 13.96
CA GLU B 688 -23.87 71.44 12.85
C GLU B 688 -25.30 71.28 13.39
N ALA B 689 -25.54 71.30 14.71
CA ALA B 689 -26.92 71.10 15.23
C ALA B 689 -27.72 72.38 14.98
N LEU B 690 -29.05 72.28 14.92
CA LEU B 690 -29.97 73.42 15.06
C LEU B 690 -29.40 74.32 16.15
N THR B 691 -29.42 75.64 15.94
CA THR B 691 -29.19 76.65 17.00
C THR B 691 -30.39 76.58 17.94
N ASP B 692 -30.20 77.05 19.18
CA ASP B 692 -31.31 77.22 20.16
C ASP B 692 -32.43 78.02 19.49
N GLU B 693 -32.10 79.05 18.70
CA GLU B 693 -33.09 79.93 18.03
C GLU B 693 -33.87 79.07 17.03
N GLU B 694 -33.20 78.16 16.29
CA GLU B 694 -33.85 77.21 15.32
C GLU B 694 -34.65 76.10 16.06
N PHE B 695 -34.06 75.57 17.13
CA PHE B 695 -34.74 74.59 18.02
C PHE B 695 -36.07 75.16 18.50
N ALA B 696 -36.02 76.34 19.15
CA ALA B 696 -37.19 77.04 19.72
C ALA B 696 -38.15 77.42 18.60
N ASP B 697 -37.66 77.75 17.40
CA ASP B 697 -38.55 78.00 16.24
C ASP B 697 -39.32 76.69 15.97
N ILE B 698 -38.65 75.55 15.77
CA ILE B 698 -39.33 74.27 15.43
C ILE B 698 -40.17 73.75 16.61
N PHE B 699 -39.60 73.58 17.82
CA PHE B 699 -40.26 72.81 18.92
C PHE B 699 -40.99 73.73 19.90
N THR B 700 -41.03 75.03 19.54
CA THR B 700 -41.56 76.15 20.36
C THR B 700 -40.72 76.28 21.62
N ALA B 701 -40.91 77.39 22.31
CA ALA B 701 -40.11 77.78 23.48
C ALA B 701 -40.81 77.30 24.76
N ASP B 702 -42.11 77.02 24.73
CA ASP B 702 -42.87 76.88 26.00
C ASP B 702 -44.14 76.03 25.85
N LYS B 703 -44.39 75.42 24.70
CA LYS B 703 -45.55 74.51 24.53
C LYS B 703 -45.12 73.09 24.89
N PRO B 704 -46.08 72.23 25.34
CA PRO B 704 -45.83 70.80 25.57
C PRO B 704 -45.47 70.07 24.28
N VAL B 705 -44.42 69.25 24.31
CA VAL B 705 -43.97 68.48 23.12
C VAL B 705 -44.07 66.97 23.42
N LEU B 706 -45.01 66.32 22.75
CA LEU B 706 -45.11 64.85 22.65
C LEU B 706 -44.17 64.39 21.54
N PHE B 707 -43.11 63.70 21.91
CA PHE B 707 -42.08 63.20 20.98
C PHE B 707 -42.15 61.67 20.99
N ALA B 708 -42.62 61.10 19.89
CA ALA B 708 -42.63 59.64 19.64
C ALA B 708 -41.32 59.24 18.94
N TYR B 709 -40.51 58.41 19.57
CA TYR B 709 -39.14 58.14 19.12
C TYR B 709 -39.02 56.65 18.74
N HIS B 710 -38.30 56.40 17.64
CA HIS B 710 -38.01 55.05 17.11
C HIS B 710 -37.41 54.16 18.19
N SER B 711 -36.42 54.64 18.94
CA SER B 711 -35.62 53.82 19.88
C SER B 711 -35.97 54.18 21.33
N TYR B 712 -35.00 54.05 22.26
CA TYR B 712 -35.19 54.24 23.72
C TYR B 712 -35.24 55.75 24.03
N ALA B 713 -36.24 56.18 24.81
CA ALA B 713 -36.52 57.59 25.14
C ALA B 713 -35.27 58.24 25.74
N HIS B 714 -34.52 57.49 26.51
CA HIS B 714 -33.24 57.91 27.14
C HIS B 714 -32.44 58.73 26.10
N ASP B 715 -32.41 58.31 24.83
CA ASP B 715 -31.52 58.85 23.77
C ASP B 715 -31.77 60.35 23.60
N VAL B 716 -33.03 60.69 23.38
CA VAL B 716 -33.53 62.06 23.14
C VAL B 716 -33.42 62.89 24.43
N ARG B 717 -33.70 62.28 25.59
CA ARG B 717 -33.75 63.02 26.87
C ARG B 717 -32.36 63.53 27.20
N GLY B 718 -31.35 62.66 27.08
CA GLY B 718 -29.94 62.99 27.35
C GLY B 718 -29.37 63.95 26.34
N LEU B 719 -30.02 64.07 25.18
CA LEU B 719 -29.56 64.91 24.05
C LEU B 719 -29.96 66.36 24.28
N ILE B 720 -31.20 66.59 24.73
CA ILE B 720 -31.84 67.93 24.77
C ILE B 720 -31.74 68.55 26.17
N TYR B 721 -30.93 67.98 27.08
CA TYR B 721 -30.85 68.39 28.51
C TYR B 721 -30.68 69.91 28.67
N ASP B 722 -30.01 70.59 27.72
CA ASP B 722 -29.74 72.05 27.76
C ASP B 722 -30.53 72.81 26.68
N ARG B 723 -31.46 72.17 25.98
CA ARG B 723 -32.20 72.80 24.87
C ARG B 723 -33.39 73.58 25.42
N PRO B 724 -33.76 74.70 24.77
CA PRO B 724 -34.99 75.39 25.12
C PRO B 724 -36.14 74.40 25.26
N ASN B 725 -36.91 74.50 26.34
CA ASN B 725 -38.26 73.88 26.50
C ASN B 725 -38.09 72.38 26.73
N HIS B 726 -36.88 71.90 27.04
CA HIS B 726 -36.57 70.46 27.18
C HIS B 726 -37.49 69.83 28.23
N ASP B 727 -37.80 70.56 29.31
CA ASP B 727 -38.61 70.02 30.45
C ASP B 727 -40.01 69.65 29.99
N ASN B 728 -40.50 70.19 28.87
CA ASN B 728 -41.86 69.92 28.35
C ASN B 728 -41.85 68.81 27.30
N PHE B 729 -40.70 68.17 27.07
CA PHE B 729 -40.66 66.99 26.16
C PHE B 729 -41.18 65.82 26.96
N ASN B 730 -42.29 65.26 26.48
CA ASN B 730 -42.77 63.92 26.88
C ASN B 730 -42.35 62.97 25.74
N VAL B 731 -41.26 62.25 25.97
CA VAL B 731 -40.66 61.32 24.96
C VAL B 731 -41.18 59.91 25.20
N HIS B 732 -41.86 59.33 24.22
CA HIS B 732 -42.29 57.91 24.20
C HIS B 732 -41.38 57.16 23.20
N GLY B 733 -41.05 55.91 23.49
CA GLY B 733 -40.12 55.13 22.67
C GLY B 733 -40.24 53.66 22.98
N TYR B 734 -39.41 52.83 22.39
CA TYR B 734 -39.40 51.39 22.75
C TYR B 734 -39.06 51.29 24.23
N GLU B 735 -39.70 50.35 24.93
CA GLU B 735 -39.63 50.17 26.41
C GLU B 735 -39.56 48.70 26.81
N GLU B 736 -39.01 47.84 25.96
CA GLU B 736 -38.81 46.41 26.27
C GLU B 736 -40.17 45.77 26.46
N GLU B 737 -41.11 46.11 25.60
CA GLU B 737 -42.44 45.45 25.52
C GLU B 737 -42.62 44.99 24.09
N GLY B 738 -43.03 43.74 23.95
CA GLY B 738 -43.51 43.16 22.69
C GLY B 738 -43.42 41.68 22.81
N SER B 739 -43.76 40.97 21.74
CA SER B 739 -43.80 39.51 21.68
C SER B 739 -43.97 39.18 20.21
N THR B 740 -44.40 37.97 19.91
CA THR B 740 -44.91 37.56 18.58
C THR B 740 -46.39 37.89 18.56
N THR B 741 -46.75 38.98 17.89
CA THR B 741 -48.08 39.63 17.98
C THR B 741 -48.32 40.40 16.71
N THR B 742 -49.14 41.46 16.76
CA THR B 742 -49.53 42.24 15.57
C THR B 742 -48.76 43.54 15.56
N PRO B 743 -48.68 44.21 14.40
CA PRO B 743 -48.08 45.53 14.30
C PRO B 743 -48.68 46.53 15.31
N TYR B 744 -50.01 46.58 15.40
CA TYR B 744 -50.73 47.45 16.37
C TYR B 744 -50.26 47.14 17.79
N ASP B 745 -50.09 45.87 18.13
CA ASP B 745 -49.83 45.47 19.54
C ASP B 745 -48.44 45.98 19.95
N MET B 746 -47.46 45.88 19.04
CA MET B 746 -46.08 46.36 19.24
C MET B 746 -46.11 47.82 19.71
N VAL B 747 -46.78 48.70 18.98
CA VAL B 747 -46.86 50.14 19.38
C VAL B 747 -47.69 50.21 20.66
N ARG B 748 -48.83 49.54 20.74
CA ARG B 748 -49.78 49.63 21.89
C ARG B 748 -49.05 49.39 23.21
N VAL B 749 -48.30 48.29 23.28
CA VAL B 749 -47.71 47.75 24.53
C VAL B 749 -46.49 48.59 24.90
N ASN B 750 -46.00 49.44 23.98
CA ASN B 750 -44.85 50.36 24.21
C ASN B 750 -45.33 51.81 24.35
N ARG B 751 -46.63 52.04 24.28
CA ARG B 751 -47.28 53.32 24.67
C ARG B 751 -46.93 54.35 23.60
N ILE B 752 -46.89 53.88 22.36
CA ILE B 752 -46.56 54.71 21.16
C ILE B 752 -47.61 54.47 20.06
N ASP B 753 -48.69 53.74 20.34
CA ASP B 753 -49.79 53.58 19.37
C ASP B 753 -50.46 54.95 19.25
N ARG B 754 -51.02 55.24 18.07
CA ARG B 754 -51.75 56.50 17.76
C ARG B 754 -52.79 56.85 18.85
N TYR B 755 -53.48 55.84 19.41
CA TYR B 755 -54.61 56.09 20.35
C TYR B 755 -54.04 56.63 21.65
N GLU B 756 -52.98 56.00 22.14
CA GLU B 756 -52.25 56.44 23.35
C GLU B 756 -51.60 57.82 23.10
N LEU B 757 -51.22 58.14 21.85
CA LEU B 757 -50.49 59.40 21.55
C LEU B 757 -51.52 60.53 21.49
N THR B 758 -52.66 60.26 20.85
CA THR B 758 -53.83 61.16 20.97
C THR B 758 -54.07 61.43 22.45
N ALA B 759 -54.21 60.37 23.25
CA ALA B 759 -54.54 60.45 24.70
C ALA B 759 -53.49 61.24 25.47
N GLU B 760 -52.19 61.07 25.15
CA GLU B 760 -51.10 61.77 25.89
C GLU B 760 -51.13 63.25 25.53
N ALA B 761 -51.47 63.55 24.28
CA ALA B 761 -51.58 64.95 23.81
C ALA B 761 -52.67 65.60 24.66
N LEU B 762 -53.84 64.97 24.75
CA LEU B 762 -55.01 65.49 25.48
C LEU B 762 -54.63 65.69 26.95
N ARG B 763 -53.96 64.72 27.58
CA ARG B 763 -53.51 64.87 29.01
C ARG B 763 -52.60 66.08 29.13
N MET B 764 -51.81 66.40 28.10
CA MET B 764 -50.74 67.43 28.22
C MET B 764 -51.37 68.81 28.03
N ILE B 765 -52.52 68.88 27.36
CA ILE B 765 -53.31 70.12 27.14
C ILE B 765 -54.23 70.34 28.36
N ASP B 766 -55.15 69.43 28.62
CA ASP B 766 -56.02 69.47 29.80
C ASP B 766 -56.65 68.08 30.04
N ALA B 767 -56.18 67.38 31.09
CA ALA B 767 -56.64 66.02 31.47
C ALA B 767 -58.15 66.03 31.74
N ASP B 768 -58.64 67.11 32.37
CA ASP B 768 -60.02 67.28 32.91
C ASP B 768 -60.95 67.69 31.77
N LYS B 769 -60.54 68.62 30.90
CA LYS B 769 -61.32 69.00 29.68
C LYS B 769 -61.62 67.72 28.88
N TYR B 770 -60.62 66.84 28.73
CA TYR B 770 -60.61 65.75 27.73
C TYR B 770 -60.87 64.39 28.41
N ALA B 771 -60.98 64.37 29.74
CA ALA B 771 -61.15 63.20 30.63
C ALA B 771 -61.93 62.07 29.93
N ASP B 772 -63.05 62.43 29.30
CA ASP B 772 -63.97 61.49 28.62
C ASP B 772 -63.31 61.00 27.33
N LYS B 773 -62.66 61.89 26.59
CA LYS B 773 -61.98 61.53 25.31
C LYS B 773 -60.81 60.59 25.59
N ILE B 774 -60.05 60.88 26.63
CA ILE B 774 -58.92 60.04 27.08
C ILE B 774 -59.43 58.63 27.39
N ASP B 775 -60.42 58.54 28.30
CA ASP B 775 -61.08 57.29 28.75
C ASP B 775 -61.51 56.42 27.55
N GLU B 776 -62.15 57.04 26.56
CA GLU B 776 -62.70 56.36 25.36
C GLU B 776 -61.54 55.78 24.53
N LEU B 777 -60.45 56.54 24.45
CA LEU B 777 -59.20 56.21 23.72
C LEU B 777 -58.55 54.98 24.34
N GLU B 778 -58.52 54.90 25.69
CA GLU B 778 -57.91 53.77 26.45
C GLU B 778 -58.78 52.50 26.33
N LYS B 779 -60.09 52.64 26.34
CA LYS B 779 -61.02 51.50 26.13
C LYS B 779 -60.81 50.99 24.71
N PHE B 780 -60.54 51.86 23.74
CA PHE B 780 -60.35 51.43 22.32
C PHE B 780 -59.05 50.63 22.19
N ARG B 781 -58.02 51.06 22.91
CA ARG B 781 -56.73 50.34 22.89
C ARG B 781 -57.00 48.90 23.29
N ASP B 782 -57.72 48.71 24.40
CA ASP B 782 -58.07 47.38 24.94
C ASP B 782 -58.84 46.62 23.86
N GLU B 783 -59.80 47.29 23.21
CA GLU B 783 -60.76 46.63 22.30
C GLU B 783 -59.98 46.19 21.06
N ALA B 784 -59.16 47.10 20.53
CA ALA B 784 -58.26 46.90 19.37
C ALA B 784 -57.36 45.69 19.62
N PHE B 785 -56.93 45.50 20.88
CA PHE B 785 -56.09 44.33 21.28
C PHE B 785 -56.97 43.08 21.28
N GLN B 786 -58.07 43.13 22.04
CA GLN B 786 -59.10 42.05 22.04
C GLN B 786 -59.32 41.60 20.59
N PHE B 787 -59.57 42.53 19.65
CA PHE B 787 -59.85 42.23 18.23
C PHE B 787 -58.71 41.38 17.64
N ALA B 788 -57.47 41.77 17.91
CA ALA B 788 -56.26 41.03 17.49
C ALA B 788 -56.36 39.60 18.00
N VAL B 789 -56.60 39.41 19.30
CA VAL B 789 -56.67 38.06 19.96
C VAL B 789 -57.76 37.21 19.30
N ASP B 790 -58.95 37.77 19.08
CA ASP B 790 -60.11 37.01 18.54
C ASP B 790 -59.86 36.62 17.10
N ASN B 791 -59.36 37.58 16.30
CA ASN B 791 -59.33 37.49 14.82
C ASN B 791 -57.93 37.13 14.30
N GLY B 792 -56.84 37.45 15.02
CA GLY B 792 -55.47 37.17 14.57
C GLY B 792 -54.96 38.10 13.45
N TYR B 793 -55.63 39.23 13.26
CA TYR B 793 -55.12 40.41 12.50
C TYR B 793 -55.65 41.63 13.23
N ASP B 794 -55.24 42.81 12.83
CA ASP B 794 -55.51 44.05 13.59
C ASP B 794 -56.85 44.64 13.19
N HIS B 795 -57.40 45.45 14.11
CA HIS B 795 -58.62 46.27 13.94
C HIS B 795 -58.51 47.08 12.64
N PRO B 796 -59.57 47.10 11.80
CA PRO B 796 -59.56 47.95 10.60
C PRO B 796 -59.36 49.45 10.88
N ASP B 797 -59.81 49.95 12.01
CA ASP B 797 -59.47 51.34 12.37
C ASP B 797 -57.96 51.54 12.19
N TYR B 798 -57.15 50.59 12.68
CA TYR B 798 -55.67 50.65 12.64
C TYR B 798 -55.18 50.31 11.22
N THR B 799 -55.70 49.24 10.66
CA THR B 799 -55.29 48.69 9.34
C THR B 799 -55.57 49.69 8.19
N ASP B 800 -56.80 50.13 8.01
CA ASP B 800 -57.28 50.79 6.77
C ASP B 800 -57.08 52.32 6.82
N TRP B 801 -56.49 52.86 7.88
CA TRP B 801 -56.32 54.33 8.04
C TRP B 801 -55.36 54.86 6.98
N VAL B 802 -55.80 55.91 6.26
CA VAL B 802 -55.00 56.75 5.31
C VAL B 802 -55.14 58.21 5.72
N TYR B 803 -54.02 58.90 5.87
CA TYR B 803 -53.95 60.33 6.28
C TYR B 803 -54.97 61.15 5.47
N SER B 804 -55.68 62.05 6.17
CA SER B 804 -56.71 62.97 5.61
C SER B 804 -56.16 63.74 4.40
N GLY B 805 -54.91 64.20 4.46
CA GLY B 805 -54.17 64.87 3.37
C GLY B 805 -54.15 64.12 2.03
N VAL B 806 -54.49 62.82 1.97
CA VAL B 806 -54.42 62.05 0.68
C VAL B 806 -55.73 62.21 -0.09
N ASN B 807 -55.61 62.34 -1.42
CA ASN B 807 -56.71 62.45 -2.41
C ASN B 807 -56.90 61.07 -3.07
N THR B 808 -57.72 60.20 -2.45
CA THR B 808 -57.83 58.75 -2.78
C THR B 808 -58.22 58.55 -4.25
N THR C 2 -8.21 -43.46 -32.76
CA THR C 2 -8.13 -42.24 -31.94
C THR C 2 -8.70 -42.55 -30.54
N SER C 3 -8.33 -41.76 -29.54
CA SER C 3 -8.69 -41.97 -28.11
C SER C 3 -10.20 -41.95 -27.97
N PRO C 4 -10.81 -42.86 -27.16
CA PRO C 4 -12.23 -42.75 -26.89
C PRO C 4 -12.51 -41.60 -25.89
N VAL C 5 -13.57 -40.85 -26.15
CA VAL C 5 -14.25 -39.99 -25.12
C VAL C 5 -15.05 -40.91 -24.18
N ILE C 6 -14.52 -41.20 -22.98
CA ILE C 6 -15.19 -42.00 -21.90
C ILE C 6 -15.86 -41.03 -20.92
N GLY C 7 -17.07 -41.35 -20.48
CA GLY C 7 -17.74 -40.68 -19.34
C GLY C 7 -18.08 -39.24 -19.67
N THR C 8 -18.22 -38.42 -18.63
CA THR C 8 -18.71 -37.02 -18.71
C THR C 8 -17.57 -36.11 -18.26
N PRO C 9 -16.69 -35.68 -19.18
CA PRO C 9 -15.41 -35.09 -18.79
C PRO C 9 -15.57 -33.60 -18.45
N TRP C 10 -14.74 -33.12 -17.50
CA TRP C 10 -14.59 -31.70 -17.10
C TRP C 10 -15.93 -31.12 -16.59
N LYS C 11 -16.65 -31.91 -15.78
CA LYS C 11 -17.92 -31.52 -15.09
C LYS C 11 -17.58 -31.00 -13.70
N LYS C 12 -18.11 -29.82 -13.39
CA LYS C 12 -18.11 -29.31 -12.00
C LYS C 12 -19.19 -30.07 -11.22
N LEU C 13 -18.95 -30.27 -9.93
CA LEU C 13 -19.96 -30.87 -9.03
C LEU C 13 -21.05 -29.84 -8.74
N ASN C 14 -20.71 -28.57 -8.50
CA ASN C 14 -21.70 -27.50 -8.16
C ASN C 14 -22.55 -27.98 -6.98
N ALA C 15 -21.88 -28.45 -5.92
CA ALA C 15 -22.45 -29.08 -4.69
C ALA C 15 -21.30 -29.44 -3.75
N PRO C 16 -21.50 -29.36 -2.42
CA PRO C 16 -20.43 -29.74 -1.49
C PRO C 16 -20.29 -31.27 -1.48
N VAL C 17 -19.08 -31.79 -1.28
CA VAL C 17 -18.85 -33.26 -1.25
C VAL C 17 -19.67 -33.87 -0.09
N SER C 18 -20.53 -34.86 -0.39
CA SER C 18 -21.45 -35.53 0.59
C SER C 18 -20.63 -36.19 1.71
N GLU C 19 -21.13 -36.11 2.95
CA GLU C 19 -20.59 -36.70 4.20
C GLU C 19 -20.47 -38.23 4.05
N GLU C 20 -21.50 -38.89 3.47
CA GLU C 20 -21.54 -40.36 3.23
C GLU C 20 -20.31 -40.77 2.42
N ALA C 21 -20.03 -40.09 1.32
CA ALA C 21 -18.86 -40.32 0.45
C ALA C 21 -17.56 -40.21 1.26
N LEU C 22 -17.45 -39.19 2.12
CA LEU C 22 -16.20 -38.92 2.89
C LEU C 22 -15.99 -40.05 3.90
N GLU C 23 -17.10 -40.62 4.40
CA GLU C 23 -17.11 -41.77 5.34
C GLU C 23 -16.62 -42.98 4.56
N GLY C 24 -17.08 -43.09 3.31
CA GLY C 24 -16.59 -44.10 2.35
C GLY C 24 -15.09 -44.00 2.15
N VAL C 25 -14.60 -42.79 1.91
CA VAL C 25 -13.16 -42.54 1.63
C VAL C 25 -12.34 -42.94 2.87
N ASP C 26 -12.83 -42.62 4.08
CA ASP C 26 -12.10 -43.02 5.31
C ASP C 26 -12.07 -44.56 5.39
N LYS C 27 -13.17 -45.19 5.00
CA LYS C 27 -13.29 -46.67 5.02
C LYS C 27 -12.35 -47.20 3.93
N TYR C 28 -12.36 -46.65 2.71
CA TYR C 28 -11.38 -47.02 1.64
C TYR C 28 -9.99 -46.89 2.29
N TRP C 29 -9.74 -45.74 2.92
CA TRP C 29 -8.38 -45.41 3.38
C TRP C 29 -7.98 -46.51 4.36
N ARG C 30 -8.90 -46.90 5.23
CA ARG C 30 -8.59 -47.79 6.38
C ARG C 30 -8.39 -49.22 5.87
N VAL C 31 -9.29 -49.68 5.02
CA VAL C 31 -9.23 -51.05 4.42
C VAL C 31 -7.97 -51.15 3.56
N ALA C 32 -7.71 -50.13 2.74
CA ALA C 32 -6.61 -50.13 1.77
C ALA C 32 -5.28 -50.17 2.53
N ASN C 33 -5.24 -49.56 3.72
CA ASN C 33 -4.04 -49.52 4.58
C ASN C 33 -3.89 -50.93 5.19
N TYR C 34 -5.02 -51.57 5.48
CA TYR C 34 -5.06 -52.92 6.09
C TYR C 34 -4.61 -53.91 5.02
N LEU C 35 -5.23 -53.86 3.84
CA LEU C 35 -4.91 -54.73 2.68
C LEU C 35 -3.45 -54.52 2.30
N SER C 36 -2.94 -53.31 2.54
CA SER C 36 -1.56 -52.94 2.16
C SER C 36 -0.59 -53.55 3.18
N ILE C 37 -0.84 -53.37 4.47
CA ILE C 37 0.02 -53.99 5.53
C ILE C 37 -0.13 -55.51 5.45
N GLY C 38 -1.33 -56.00 5.12
CA GLY C 38 -1.64 -57.43 4.89
C GLY C 38 -0.73 -58.02 3.83
N GLN C 39 -0.66 -57.39 2.66
CA GLN C 39 0.16 -57.88 1.53
C GLN C 39 1.61 -57.97 1.96
N ILE C 40 2.04 -57.10 2.84
CA ILE C 40 3.48 -57.00 3.19
C ILE C 40 3.84 -58.07 4.23
N TYR C 41 2.97 -58.28 5.24
CA TYR C 41 3.32 -58.92 6.54
C TYR C 41 2.77 -60.35 6.67
N LEU C 42 1.55 -60.63 6.16
CA LEU C 42 0.79 -61.88 6.43
C LEU C 42 0.81 -62.86 5.24
N ARG C 43 1.28 -64.09 5.50
CA ARG C 43 1.20 -65.29 4.62
C ARG C 43 -0.16 -65.98 4.79
N SER C 44 -0.79 -65.86 5.97
CA SER C 44 -2.05 -66.59 6.32
C SER C 44 -2.88 -65.80 7.35
N ASN C 45 -4.15 -66.16 7.51
CA ASN C 45 -5.06 -65.65 8.58
C ASN C 45 -5.22 -64.15 8.37
N PRO C 46 -5.74 -63.76 7.19
CA PRO C 46 -5.87 -62.35 6.84
C PRO C 46 -6.54 -61.56 7.96
N LEU C 47 -7.74 -61.99 8.36
CA LEU C 47 -8.67 -61.23 9.24
C LEU C 47 -8.36 -61.44 10.72
N MET C 48 -7.19 -61.99 11.08
CA MET C 48 -6.76 -62.13 12.50
C MET C 48 -7.87 -62.80 13.35
N LYS C 49 -8.11 -64.10 13.15
CA LYS C 49 -9.05 -64.93 13.95
C LYS C 49 -8.24 -65.82 14.89
N GLU C 50 -8.84 -66.19 16.03
CA GLU C 50 -8.24 -67.11 17.03
C GLU C 50 -7.79 -68.38 16.33
N PRO C 51 -6.50 -68.79 16.36
CA PRO C 51 -5.41 -67.95 16.86
C PRO C 51 -4.76 -67.16 15.71
N PHE C 52 -4.61 -65.85 15.92
CA PHE C 52 -3.66 -64.98 15.17
C PHE C 52 -2.34 -64.94 15.95
N THR C 53 -1.26 -65.44 15.33
CA THR C 53 0.12 -65.46 15.91
C THR C 53 1.18 -65.34 14.81
N ARG C 54 2.43 -65.28 15.24
CA ARG C 54 3.64 -65.26 14.39
C ARG C 54 3.55 -66.32 13.28
N GLU C 55 2.84 -67.41 13.53
CA GLU C 55 2.64 -68.48 12.53
C GLU C 55 2.10 -67.86 11.22
N ASP C 56 1.25 -66.83 11.35
CA ASP C 56 0.45 -66.24 10.23
C ASP C 56 1.24 -65.13 9.52
N VAL C 57 2.49 -64.86 9.92
CA VAL C 57 3.34 -63.74 9.42
C VAL C 57 4.42 -64.28 8.48
N LYS C 58 4.59 -63.61 7.33
CA LYS C 58 5.66 -63.88 6.32
C LYS C 58 7.04 -63.81 6.99
N HIS C 59 7.94 -64.73 6.61
CA HIS C 59 9.33 -64.81 7.12
C HIS C 59 10.12 -63.59 6.65
N ARG C 60 10.18 -63.35 5.33
CA ARG C 60 10.92 -62.22 4.69
C ARG C 60 9.91 -61.10 4.40
N LEU C 61 10.16 -59.90 4.95
CA LEU C 61 9.29 -58.71 4.79
C LEU C 61 9.63 -57.97 3.49
N VAL C 62 8.77 -58.10 2.48
CA VAL C 62 9.00 -57.51 1.13
C VAL C 62 7.83 -56.58 0.80
N GLY C 63 8.15 -55.35 0.43
CA GLY C 63 7.14 -54.30 0.19
C GLY C 63 7.61 -53.00 0.80
N HIS C 64 7.01 -51.90 0.34
CA HIS C 64 7.30 -50.53 0.83
C HIS C 64 6.00 -50.00 1.42
N TRP C 65 6.11 -49.54 2.67
CA TRP C 65 4.97 -48.96 3.43
C TRP C 65 4.95 -47.42 3.31
N GLY C 66 6.09 -46.74 3.46
CA GLY C 66 6.20 -45.27 3.69
C GLY C 66 5.29 -44.42 2.82
N THR C 67 5.26 -44.72 1.52
CA THR C 67 4.54 -43.92 0.49
C THR C 67 3.06 -44.30 0.51
N THR C 68 2.77 -45.51 0.97
CA THR C 68 1.54 -46.28 0.66
C THR C 68 0.32 -45.58 1.25
N PRO C 69 0.29 -45.25 2.56
CA PRO C 69 -0.90 -44.65 3.16
C PRO C 69 -1.24 -43.29 2.51
N GLY C 70 -0.22 -42.49 2.15
CA GLY C 70 -0.36 -41.29 1.30
C GLY C 70 -1.06 -41.60 -0.03
N LEU C 71 -0.56 -42.60 -0.74
CA LEU C 71 -1.18 -43.06 -2.01
C LEU C 71 -2.59 -43.56 -1.73
N ASN C 72 -2.81 -44.24 -0.60
CA ASN C 72 -4.14 -44.83 -0.29
C ASN C 72 -5.11 -43.68 -0.06
N PHE C 73 -4.68 -42.66 0.70
CA PHE C 73 -5.42 -41.39 0.89
C PHE C 73 -5.75 -40.76 -0.46
N LEU C 74 -4.73 -40.52 -1.29
CA LEU C 74 -4.95 -39.87 -2.61
C LEU C 74 -5.93 -40.72 -3.45
N ILE C 75 -5.63 -42.01 -3.66
CA ILE C 75 -6.44 -42.90 -4.54
C ILE C 75 -7.87 -43.03 -3.97
N GLY C 76 -8.04 -43.14 -2.67
CA GLY C 76 -9.38 -43.09 -2.09
C GLY C 76 -10.12 -41.84 -2.54
N HIS C 77 -9.47 -40.68 -2.41
CA HIS C 77 -10.08 -39.36 -2.75
C HIS C 77 -10.35 -39.24 -4.25
N ILE C 78 -9.40 -39.67 -5.09
CA ILE C 78 -9.55 -39.72 -6.57
C ILE C 78 -10.72 -40.64 -6.94
N ASN C 79 -10.82 -41.82 -6.33
CA ASN C 79 -11.94 -42.76 -6.61
C ASN C 79 -13.27 -42.05 -6.31
N ARG C 80 -13.34 -41.32 -5.20
CA ARG C 80 -14.58 -40.58 -4.82
C ARG C 80 -14.87 -39.60 -5.95
N PHE C 81 -13.83 -38.90 -6.35
CA PHE C 81 -13.84 -37.93 -7.47
C PHE C 81 -14.37 -38.60 -8.77
N ILE C 82 -13.77 -39.69 -9.26
CA ILE C 82 -14.18 -40.35 -10.54
C ILE C 82 -15.68 -40.69 -10.50
N ALA C 83 -16.17 -41.27 -9.39
CA ALA C 83 -17.59 -41.66 -9.23
C ALA C 83 -18.47 -40.42 -9.30
N ASP C 84 -18.14 -39.37 -8.54
CA ASP C 84 -18.98 -38.15 -8.44
C ASP C 84 -19.04 -37.41 -9.77
N HIS C 85 -17.97 -37.46 -10.58
CA HIS C 85 -17.79 -36.57 -11.75
C HIS C 85 -17.91 -37.35 -13.07
N GLY C 86 -17.77 -38.68 -13.04
CA GLY C 86 -17.77 -39.49 -14.28
C GLY C 86 -16.62 -39.07 -15.17
N GLN C 87 -15.46 -38.86 -14.56
CA GLN C 87 -14.26 -38.31 -15.23
C GLN C 87 -13.37 -39.47 -15.68
N ASN C 88 -13.17 -39.57 -17.01
CA ASN C 88 -12.10 -40.38 -17.66
C ASN C 88 -10.79 -40.06 -16.95
N THR C 89 -10.34 -40.94 -16.05
CA THR C 89 -9.13 -40.72 -15.23
C THR C 89 -8.18 -41.92 -15.35
N VAL C 90 -6.89 -41.63 -15.52
CA VAL C 90 -5.73 -42.55 -15.39
C VAL C 90 -4.77 -41.88 -14.40
N ILE C 91 -4.32 -42.60 -13.39
CA ILE C 91 -3.29 -42.11 -12.41
C ILE C 91 -1.92 -42.57 -12.94
N ILE C 92 -0.90 -41.77 -12.63
CA ILE C 92 0.53 -42.14 -12.73
C ILE C 92 1.04 -42.24 -11.29
N MET C 93 1.26 -43.47 -10.82
CA MET C 93 1.92 -43.74 -9.52
C MET C 93 3.43 -43.59 -9.69
N GLY C 94 3.92 -42.37 -9.50
CA GLY C 94 5.36 -42.07 -9.56
C GLY C 94 6.14 -42.94 -8.59
N PRO C 95 5.72 -42.99 -7.30
CA PRO C 95 6.32 -43.88 -6.31
C PRO C 95 5.77 -45.29 -6.55
N GLY C 96 6.37 -45.97 -7.53
CA GLY C 96 5.95 -47.31 -8.00
C GLY C 96 6.06 -48.36 -6.91
N HIS C 97 7.08 -48.23 -6.07
CA HIS C 97 7.28 -49.02 -4.83
C HIS C 97 6.02 -49.01 -3.97
N GLY C 98 5.06 -48.12 -4.24
CA GLY C 98 3.75 -48.09 -3.57
C GLY C 98 2.77 -49.12 -4.12
N GLY C 99 3.31 -50.18 -4.75
CA GLY C 99 2.55 -51.28 -5.38
C GLY C 99 1.34 -51.75 -4.57
N PRO C 100 1.47 -51.93 -3.22
CA PRO C 100 0.34 -52.35 -2.40
C PRO C 100 -0.87 -51.41 -2.55
N ALA C 101 -0.62 -50.12 -2.73
CA ALA C 101 -1.68 -49.11 -2.98
C ALA C 101 -2.43 -49.44 -4.27
N GLY C 102 -1.71 -49.98 -5.26
CA GLY C 102 -2.21 -50.25 -6.63
C GLY C 102 -3.03 -51.52 -6.75
N THR C 103 -2.54 -52.61 -6.16
CA THR C 103 -3.24 -53.93 -6.07
C THR C 103 -4.47 -53.80 -5.17
N SER C 104 -4.28 -53.23 -3.97
CA SER C 104 -5.37 -52.91 -3.02
C SER C 104 -6.47 -52.19 -3.81
N GLN C 105 -6.08 -51.20 -4.60
CA GLN C 105 -7.05 -50.40 -5.38
C GLN C 105 -7.83 -51.37 -6.26
N SER C 106 -7.13 -52.22 -7.05
CA SER C 106 -7.75 -53.13 -8.06
C SER C 106 -8.60 -54.20 -7.36
N TYR C 107 -8.15 -54.73 -6.21
CA TYR C 107 -8.96 -55.66 -5.39
C TYR C 107 -10.29 -54.98 -5.03
N LEU C 108 -10.25 -53.72 -4.60
CA LEU C 108 -11.46 -53.00 -4.08
C LEU C 108 -12.35 -52.51 -5.21
N ASP C 109 -11.80 -52.13 -6.38
CA ASP C 109 -12.61 -51.61 -7.52
C ASP C 109 -13.21 -52.79 -8.29
N GLY C 110 -12.74 -54.00 -7.97
CA GLY C 110 -13.34 -55.30 -8.39
C GLY C 110 -12.66 -55.88 -9.62
N THR C 111 -11.70 -55.18 -10.21
CA THR C 111 -11.05 -55.57 -11.48
C THR C 111 -10.00 -56.63 -11.19
N TYR C 112 -9.56 -56.77 -9.93
CA TYR C 112 -8.54 -57.80 -9.63
C TYR C 112 -9.21 -59.19 -9.78
N THR C 113 -10.34 -59.39 -9.10
CA THR C 113 -11.12 -60.66 -9.15
C THR C 113 -11.60 -60.93 -10.59
N GLU C 114 -12.06 -59.90 -11.31
CA GLU C 114 -12.56 -60.01 -12.71
C GLU C 114 -11.43 -60.46 -13.65
N THR C 115 -10.17 -60.22 -13.28
CA THR C 115 -8.96 -60.47 -14.13
C THR C 115 -8.25 -61.75 -13.65
N PHE C 116 -8.10 -61.91 -12.33
CA PHE C 116 -7.50 -63.06 -11.63
C PHE C 116 -8.56 -63.72 -10.76
N PRO C 117 -9.49 -64.55 -11.33
CA PRO C 117 -10.72 -64.96 -10.62
C PRO C 117 -10.49 -65.97 -9.49
N LYS C 118 -9.32 -66.59 -9.43
CA LYS C 118 -8.85 -67.42 -8.28
C LYS C 118 -8.88 -66.57 -7.01
N ILE C 119 -8.49 -65.29 -7.08
CA ILE C 119 -8.37 -64.34 -5.92
C ILE C 119 -9.74 -63.75 -5.61
N THR C 120 -10.57 -64.49 -4.88
CA THR C 120 -12.02 -64.26 -4.67
C THR C 120 -12.27 -63.11 -3.69
N LYS C 121 -13.52 -62.69 -3.54
CA LYS C 121 -13.84 -61.56 -2.63
C LYS C 121 -14.33 -62.15 -1.31
N ASP C 122 -13.40 -62.62 -0.47
CA ASP C 122 -13.66 -63.38 0.78
C ASP C 122 -12.35 -63.79 1.46
N GLU C 123 -12.46 -64.41 2.64
CA GLU C 123 -11.33 -64.77 3.53
C GLU C 123 -10.31 -65.62 2.78
N ALA C 124 -10.78 -66.55 1.95
CA ALA C 124 -9.89 -67.47 1.19
C ALA C 124 -9.13 -66.65 0.15
N GLY C 125 -9.86 -65.90 -0.68
CA GLY C 125 -9.26 -64.92 -1.60
C GLY C 125 -8.32 -63.98 -0.87
N LEU C 126 -8.80 -63.36 0.21
CA LEU C 126 -8.04 -62.36 0.99
C LEU C 126 -6.69 -62.98 1.43
N GLN C 127 -6.71 -64.25 1.83
CA GLN C 127 -5.48 -64.95 2.33
C GLN C 127 -4.51 -65.09 1.14
N LYS C 128 -5.04 -65.58 0.02
CA LYS C 128 -4.29 -65.77 -1.24
C LYS C 128 -3.62 -64.44 -1.60
N PHE C 129 -4.42 -63.36 -1.65
CA PHE C 129 -4.06 -61.98 -2.10
C PHE C 129 -2.92 -61.40 -1.25
N PHE C 130 -2.99 -61.58 0.08
CA PHE C 130 -1.94 -61.13 1.04
C PHE C 130 -0.65 -61.93 0.82
N ARG C 131 -0.79 -63.22 0.51
CA ARG C 131 0.36 -64.16 0.42
C ARG C 131 1.13 -63.86 -0.86
N GLN C 132 0.43 -63.69 -1.99
CA GLN C 132 1.02 -63.58 -3.37
C GLN C 132 1.87 -62.31 -3.52
N PHE C 133 1.68 -61.28 -2.69
CA PHE C 133 2.43 -60.01 -2.80
C PHE C 133 3.92 -60.22 -2.53
N SER C 134 4.74 -59.90 -3.53
CA SER C 134 6.22 -60.03 -3.45
C SER C 134 6.61 -61.46 -3.00
N TYR C 135 5.79 -62.42 -3.40
CA TYR C 135 5.89 -63.85 -3.05
C TYR C 135 6.30 -64.65 -4.29
N PRO C 136 7.15 -65.68 -4.12
CA PRO C 136 7.50 -66.58 -5.21
C PRO C 136 6.26 -67.16 -5.90
N GLY C 137 6.25 -67.10 -7.24
CA GLY C 137 5.13 -67.55 -8.10
C GLY C 137 3.85 -66.76 -7.85
N GLY C 138 3.97 -65.51 -7.37
CA GLY C 138 2.86 -64.56 -7.18
C GLY C 138 2.95 -63.38 -8.14
N ILE C 139 2.95 -62.17 -7.59
CA ILE C 139 2.89 -60.87 -8.34
C ILE C 139 4.03 -60.00 -7.84
N PRO C 140 4.40 -58.93 -8.58
CA PRO C 140 5.43 -57.97 -8.14
C PRO C 140 5.08 -57.07 -6.94
N SER C 141 6.14 -56.49 -6.34
CA SER C 141 6.14 -55.54 -5.20
C SER C 141 5.79 -54.10 -5.65
N HIS C 142 6.06 -53.78 -6.91
CA HIS C 142 5.75 -52.48 -7.56
C HIS C 142 4.42 -52.60 -8.30
N PHE C 143 3.94 -51.45 -8.80
CA PHE C 143 2.70 -51.25 -9.59
C PHE C 143 2.96 -51.68 -11.05
N ALA C 144 3.21 -52.97 -11.23
CA ALA C 144 3.73 -53.60 -12.47
C ALA C 144 2.59 -53.81 -13.45
N PRO C 145 2.92 -54.07 -14.75
CA PRO C 145 1.88 -54.28 -15.76
C PRO C 145 0.94 -55.45 -15.44
N GLU C 146 1.30 -56.32 -14.48
CA GLU C 146 0.44 -57.44 -13.99
C GLU C 146 -0.71 -56.85 -13.16
N THR C 147 -0.68 -55.54 -12.88
CA THR C 147 -1.66 -54.80 -12.03
C THR C 147 -2.64 -54.03 -12.92
N PRO C 148 -3.96 -54.29 -12.86
CA PRO C 148 -4.92 -53.47 -13.61
C PRO C 148 -4.88 -51.99 -13.16
N GLY C 149 -4.84 -51.06 -14.14
CA GLY C 149 -4.82 -49.59 -13.92
C GLY C 149 -3.42 -48.99 -14.10
N SER C 150 -2.37 -49.83 -14.15
CA SER C 150 -0.96 -49.39 -14.27
C SER C 150 -0.55 -49.35 -15.74
N ILE C 151 -0.18 -48.15 -16.21
CA ILE C 151 0.54 -47.94 -17.50
C ILE C 151 1.94 -47.50 -17.15
N HIS C 152 2.32 -47.64 -15.86
CA HIS C 152 3.53 -46.98 -15.31
C HIS C 152 3.92 -47.64 -13.98
N GLU C 153 5.13 -48.20 -13.93
CA GLU C 153 5.59 -49.06 -12.82
C GLU C 153 6.28 -48.21 -11.77
N GLY C 154 7.00 -47.19 -12.17
CA GLY C 154 7.69 -46.32 -11.20
C GLY C 154 8.76 -47.10 -10.46
N GLY C 155 9.34 -48.07 -11.14
CA GLY C 155 10.51 -48.76 -10.60
C GLY C 155 11.73 -47.88 -10.78
N GLU C 156 11.96 -47.42 -12.01
CA GLU C 156 13.02 -46.44 -12.32
C GLU C 156 12.38 -45.06 -12.27
N LEU C 157 12.58 -44.34 -11.19
CA LEU C 157 11.91 -43.04 -10.92
C LEU C 157 12.36 -42.04 -11.99
N GLY C 158 11.43 -41.21 -12.45
CA GLY C 158 11.75 -39.99 -13.23
C GLY C 158 10.77 -39.70 -14.35
N TYR C 159 9.96 -40.68 -14.75
CA TYR C 159 9.23 -40.68 -16.05
C TYR C 159 7.75 -40.43 -15.75
N ALA C 160 7.47 -40.03 -14.50
CA ALA C 160 6.08 -39.82 -14.03
C ALA C 160 5.42 -38.73 -14.88
N LEU C 161 6.11 -37.60 -15.11
CA LEU C 161 5.49 -36.45 -15.82
C LEU C 161 5.54 -36.65 -17.35
N SER C 162 6.66 -37.14 -17.91
CA SER C 162 6.71 -37.46 -19.37
C SER C 162 5.61 -38.46 -19.75
N HIS C 163 5.40 -39.50 -18.95
CA HIS C 163 4.31 -40.48 -19.23
C HIS C 163 2.96 -39.74 -19.13
N ALA C 164 2.76 -38.90 -18.12
CA ALA C 164 1.46 -38.26 -17.83
C ALA C 164 1.09 -37.31 -18.98
N TYR C 165 2.05 -36.53 -19.47
CA TYR C 165 1.82 -35.53 -20.55
C TYR C 165 1.72 -36.25 -21.89
N GLY C 166 2.48 -37.35 -22.10
CA GLY C 166 2.39 -38.15 -23.35
C GLY C 166 1.02 -38.77 -23.51
N ALA C 167 0.45 -39.26 -22.41
CA ALA C 167 -0.87 -39.92 -22.33
C ALA C 167 -1.97 -38.92 -22.69
N ILE C 168 -1.84 -37.63 -22.36
CA ILE C 168 -2.96 -36.65 -22.55
C ILE C 168 -2.93 -36.10 -23.99
N MET C 169 -1.82 -36.25 -24.71
CA MET C 169 -1.75 -35.80 -26.13
C MET C 169 -2.83 -36.50 -26.96
N ASP C 170 -3.58 -35.72 -27.73
CA ASP C 170 -4.65 -36.18 -28.61
C ASP C 170 -5.71 -36.90 -27.80
N ASN C 171 -5.75 -36.62 -26.49
CA ASN C 171 -6.60 -37.34 -25.51
C ASN C 171 -7.38 -36.32 -24.72
N PRO C 172 -8.17 -35.47 -25.40
CA PRO C 172 -8.76 -34.30 -24.77
C PRO C 172 -9.68 -34.57 -23.58
N SER C 173 -10.20 -35.78 -23.44
CA SER C 173 -11.20 -36.11 -22.39
C SER C 173 -10.48 -36.73 -21.20
N LEU C 174 -9.18 -37.03 -21.33
CA LEU C 174 -8.48 -37.83 -20.29
C LEU C 174 -7.90 -36.92 -19.24
N PHE C 175 -8.14 -37.22 -17.97
CA PHE C 175 -7.54 -36.51 -16.81
C PHE C 175 -6.49 -37.42 -16.16
N VAL C 176 -5.31 -36.89 -15.82
CA VAL C 176 -4.20 -37.69 -15.24
C VAL C 176 -3.68 -37.04 -13.96
N PRO C 177 -4.16 -37.51 -12.78
CA PRO C 177 -3.45 -37.30 -11.54
C PRO C 177 -2.08 -38.00 -11.68
N ALA C 178 -1.01 -37.23 -11.80
CA ALA C 178 0.37 -37.73 -11.82
C ALA C 178 0.94 -37.46 -10.45
N ILE C 179 0.98 -38.51 -9.63
CA ILE C 179 1.58 -38.48 -8.27
C ILE C 179 3.09 -38.65 -8.46
N VAL C 180 3.83 -37.62 -8.11
CA VAL C 180 5.30 -37.54 -8.24
C VAL C 180 5.81 -37.68 -6.82
N GLY C 181 6.81 -38.50 -6.59
CA GLY C 181 7.47 -38.52 -5.27
C GLY C 181 8.34 -37.31 -5.14
N ASP C 182 8.74 -36.96 -3.92
CA ASP C 182 9.53 -35.73 -3.70
C ASP C 182 11.01 -36.11 -3.85
N GLY C 183 11.33 -37.39 -3.70
CA GLY C 183 12.67 -37.93 -4.02
C GLY C 183 12.78 -38.03 -5.53
N GLU C 184 11.72 -38.54 -6.15
CA GLU C 184 11.62 -38.64 -7.63
C GLU C 184 11.83 -37.25 -8.25
N ALA C 185 11.30 -36.18 -7.63
CA ALA C 185 11.31 -34.82 -8.21
C ALA C 185 12.73 -34.26 -8.20
N GLU C 186 13.69 -34.99 -7.60
CA GLU C 186 15.13 -34.64 -7.59
C GLU C 186 15.84 -35.20 -8.84
N THR C 187 15.18 -36.06 -9.64
CA THR C 187 15.79 -36.66 -10.86
C THR C 187 15.65 -35.72 -12.07
N GLY C 188 16.70 -35.68 -12.91
CA GLY C 188 16.71 -34.92 -14.17
C GLY C 188 15.40 -35.10 -14.93
N PRO C 189 15.10 -36.33 -15.36
CA PRO C 189 13.94 -36.57 -16.22
C PRO C 189 12.68 -35.88 -15.67
N LEU C 190 12.54 -35.88 -14.35
CA LEU C 190 11.36 -35.31 -13.65
C LEU C 190 11.49 -33.77 -13.62
N ALA C 191 12.63 -33.25 -13.20
CA ALA C 191 12.93 -31.79 -13.14
C ALA C 191 12.56 -31.10 -14.47
N THR C 192 12.84 -31.66 -15.66
CA THR C 192 12.41 -31.02 -16.94
C THR C 192 11.00 -31.50 -17.33
N GLY C 193 10.49 -32.58 -16.76
CA GLY C 193 9.14 -33.08 -17.07
C GLY C 193 8.09 -32.04 -16.69
N TRP C 194 8.40 -31.26 -15.65
CA TRP C 194 7.62 -30.08 -15.21
C TRP C 194 7.26 -29.17 -16.38
N GLN C 195 8.19 -28.94 -17.32
CA GLN C 195 8.11 -27.89 -18.39
C GLN C 195 7.19 -28.30 -19.56
N SER C 196 6.54 -29.46 -19.48
CA SER C 196 5.78 -30.07 -20.59
C SER C 196 4.47 -29.30 -20.80
N ASN C 197 4.06 -28.49 -19.83
CA ASN C 197 2.84 -27.61 -19.95
C ASN C 197 3.02 -26.55 -21.05
N LYS C 198 4.24 -26.34 -21.57
CA LYS C 198 4.51 -25.50 -22.79
C LYS C 198 4.30 -26.27 -24.09
N LEU C 199 4.28 -27.61 -24.08
CA LEU C 199 4.25 -28.44 -25.31
C LEU C 199 2.91 -29.14 -25.47
N VAL C 200 1.92 -28.82 -24.63
CA VAL C 200 0.54 -29.37 -24.75
C VAL C 200 -0.45 -28.21 -24.86
N ASN C 201 -1.64 -28.53 -25.39
CA ASN C 201 -2.72 -27.56 -25.68
C ASN C 201 -3.92 -28.00 -24.88
N PRO C 202 -4.50 -27.09 -24.07
CA PRO C 202 -5.68 -27.44 -23.28
C PRO C 202 -6.91 -27.87 -24.11
N ARG C 203 -7.00 -27.60 -25.42
CA ARG C 203 -8.17 -27.98 -26.24
C ARG C 203 -8.00 -29.36 -26.89
N THR C 204 -6.82 -29.66 -27.43
CA THR C 204 -6.59 -30.84 -28.30
C THR C 204 -5.95 -31.97 -27.49
N ASP C 205 -5.21 -31.65 -26.43
CA ASP C 205 -4.69 -32.63 -25.45
C ASP C 205 -5.58 -32.54 -24.20
N GLY C 206 -5.44 -33.50 -23.29
CA GLY C 206 -6.17 -33.52 -22.00
C GLY C 206 -5.44 -32.71 -20.96
N ILE C 207 -5.51 -33.09 -19.68
CA ILE C 207 -4.98 -32.29 -18.55
C ILE C 207 -4.19 -33.20 -17.63
N VAL C 208 -2.97 -32.78 -17.31
CA VAL C 208 -2.16 -33.40 -16.24
C VAL C 208 -2.33 -32.56 -14.98
N LEU C 209 -2.66 -33.22 -13.86
CA LEU C 209 -2.55 -32.65 -12.50
C LEU C 209 -1.34 -33.26 -11.81
N PRO C 210 -0.20 -32.55 -11.74
CA PRO C 210 0.89 -32.99 -10.89
C PRO C 210 0.48 -32.92 -9.41
N ILE C 211 0.63 -34.04 -8.71
CA ILE C 211 0.52 -34.14 -7.23
C ILE C 211 1.92 -34.42 -6.71
N LEU C 212 2.60 -33.43 -6.16
CA LEU C 212 3.87 -33.68 -5.46
C LEU C 212 3.53 -34.38 -4.14
N HIS C 213 3.96 -35.62 -3.96
CA HIS C 213 3.87 -36.38 -2.68
C HIS C 213 4.99 -35.89 -1.77
N LEU C 214 4.86 -34.67 -1.27
CA LEU C 214 5.88 -34.06 -0.37
C LEU C 214 5.75 -34.69 1.01
N ASN C 215 6.28 -35.91 1.16
CA ASN C 215 6.13 -36.73 2.39
C ASN C 215 7.45 -36.63 3.16
N GLY C 216 8.37 -35.80 2.66
CA GLY C 216 9.45 -35.22 3.46
C GLY C 216 10.75 -35.96 3.23
N TYR C 217 10.67 -37.20 2.77
CA TYR C 217 11.84 -38.11 2.81
C TYR C 217 11.83 -38.99 1.57
N LYS C 218 13.01 -39.50 1.23
CA LYS C 218 13.22 -40.60 0.24
C LYS C 218 13.66 -41.79 1.11
N ILE C 219 14.71 -42.55 0.74
CA ILE C 219 15.10 -43.80 1.47
C ILE C 219 15.66 -43.40 2.84
N ALA C 220 16.71 -42.57 2.84
CA ALA C 220 17.58 -42.33 4.03
C ALA C 220 17.82 -40.83 4.22
N ASN C 221 16.99 -40.00 3.61
CA ASN C 221 17.31 -38.55 3.60
C ASN C 221 16.01 -37.76 3.55
N PRO C 222 16.08 -36.49 3.99
CA PRO C 222 15.04 -35.52 3.66
C PRO C 222 15.09 -35.28 2.14
N THR C 223 13.99 -34.86 1.53
CA THR C 223 13.91 -34.37 0.14
C THR C 223 14.11 -32.84 0.04
N ILE C 224 14.79 -32.38 -1.00
CA ILE C 224 15.13 -30.94 -1.19
C ILE C 224 13.86 -30.08 -1.12
N LEU C 225 12.88 -30.44 -1.94
CA LEU C 225 11.64 -29.65 -2.06
C LEU C 225 10.93 -29.57 -0.72
N SER C 226 11.14 -30.51 0.21
CA SER C 226 10.42 -30.53 1.51
C SER C 226 11.07 -29.56 2.51
N ARG C 227 12.37 -29.25 2.33
CA ARG C 227 13.24 -28.55 3.32
C ARG C 227 13.69 -27.17 2.81
N ILE C 228 13.19 -26.73 1.64
CA ILE C 228 13.26 -25.31 1.18
C ILE C 228 12.03 -24.61 1.74
N SER C 229 12.12 -23.30 1.89
CA SER C 229 10.99 -22.45 2.35
C SER C 229 9.77 -22.78 1.50
N ASP C 230 8.60 -22.67 2.09
CA ASP C 230 7.35 -22.85 1.31
C ASP C 230 7.33 -21.74 0.22
N GLU C 231 7.89 -20.55 0.49
CA GLU C 231 7.73 -19.40 -0.47
C GLU C 231 8.55 -19.76 -1.71
N GLU C 232 9.73 -20.35 -1.53
CA GLU C 232 10.53 -20.86 -2.66
C GLU C 232 9.70 -21.91 -3.40
N LEU C 233 9.12 -22.87 -2.68
CA LEU C 233 8.50 -24.04 -3.32
C LEU C 233 7.43 -23.52 -4.27
N HIS C 234 6.64 -22.55 -3.82
CA HIS C 234 5.49 -21.97 -4.57
C HIS C 234 5.99 -21.19 -5.80
N GLU C 235 7.09 -20.44 -5.67
CA GLU C 235 7.66 -19.64 -6.78
C GLU C 235 8.19 -20.58 -7.86
N PHE C 236 8.94 -21.60 -7.44
CA PHE C 236 9.49 -22.65 -8.31
C PHE C 236 8.37 -23.04 -9.27
N PHE C 237 7.22 -23.39 -8.72
CA PHE C 237 6.14 -24.05 -9.47
C PHE C 237 5.42 -23.04 -10.34
N HIS C 238 5.24 -21.81 -9.84
CA HIS C 238 4.60 -20.72 -10.60
C HIS C 238 5.52 -20.31 -11.78
N GLY C 239 6.84 -20.32 -11.59
CA GLY C 239 7.84 -20.12 -12.66
C GLY C 239 7.69 -21.11 -13.82
N MET C 240 7.13 -22.28 -13.56
CA MET C 240 7.05 -23.39 -14.55
C MET C 240 5.63 -23.51 -15.04
N GLY C 241 4.80 -22.51 -14.76
CA GLY C 241 3.48 -22.36 -15.39
C GLY C 241 2.41 -23.10 -14.61
N TYR C 242 2.66 -23.35 -13.32
CA TYR C 242 1.65 -24.00 -12.43
C TYR C 242 1.11 -22.98 -11.42
N GLU C 243 -0.19 -23.09 -11.15
CA GLU C 243 -0.84 -22.56 -9.92
C GLU C 243 -0.64 -23.58 -8.80
N PRO C 244 0.32 -23.39 -7.87
CA PRO C 244 0.56 -24.36 -6.81
C PRO C 244 -0.45 -24.15 -5.66
N TYR C 245 -1.27 -25.18 -5.38
CA TYR C 245 -2.07 -25.39 -4.15
C TYR C 245 -1.34 -26.37 -3.23
N GLU C 246 -1.34 -26.09 -1.92
CA GLU C 246 -0.66 -26.95 -0.93
C GLU C 246 -1.66 -27.43 0.11
N PHE C 247 -1.51 -28.69 0.51
CA PHE C 247 -2.31 -29.38 1.54
C PHE C 247 -1.34 -30.04 2.50
N VAL C 248 -1.46 -29.73 3.79
CA VAL C 248 -0.70 -30.24 4.96
C VAL C 248 -1.69 -30.99 5.86
N ALA C 249 -1.42 -32.26 6.16
CA ALA C 249 -2.23 -33.07 7.11
C ALA C 249 -1.35 -34.15 7.75
N GLY C 250 -1.79 -34.63 8.92
CA GLY C 250 -1.19 -35.74 9.69
C GLY C 250 -0.06 -35.32 10.64
N PHE C 251 0.25 -34.03 10.76
CA PHE C 251 1.35 -33.58 11.64
C PHE C 251 0.85 -33.29 13.07
N ASP C 252 -0.46 -33.32 13.30
CA ASP C 252 -1.15 -32.92 14.56
C ASP C 252 -2.23 -33.96 14.88
N ASP C 253 -3.17 -33.64 15.78
CA ASP C 253 -4.21 -34.58 16.30
C ASP C 253 -5.48 -34.47 15.47
N GLU C 254 -5.50 -33.64 14.42
CA GLU C 254 -6.73 -33.43 13.59
C GLU C 254 -7.41 -34.78 13.31
N ASP C 255 -8.67 -34.95 13.71
CA ASP C 255 -9.39 -36.21 13.43
C ASP C 255 -9.43 -36.43 11.89
N HIS C 256 -9.35 -37.69 11.45
CA HIS C 256 -9.27 -38.13 10.04
C HIS C 256 -10.42 -37.59 9.18
N MET C 257 -11.61 -37.37 9.73
CA MET C 257 -12.80 -36.98 8.93
C MET C 257 -12.72 -35.49 8.59
N SER C 258 -12.04 -34.74 9.46
CA SER C 258 -11.78 -33.30 9.31
C SER C 258 -10.72 -33.11 8.20
N ILE C 259 -9.75 -34.00 8.15
CA ILE C 259 -8.74 -34.06 7.04
C ILE C 259 -9.43 -34.39 5.71
N HIS C 260 -10.27 -35.42 5.67
CA HIS C 260 -11.02 -35.82 4.46
C HIS C 260 -11.87 -34.64 3.96
N ARG C 261 -12.51 -33.90 4.87
CA ARG C 261 -13.41 -32.77 4.50
C ARG C 261 -12.58 -31.65 3.85
N ARG C 262 -11.44 -31.26 4.45
CA ARG C 262 -10.56 -30.19 3.90
C ARG C 262 -10.01 -30.64 2.55
N PHE C 263 -9.45 -31.87 2.49
CA PHE C 263 -8.84 -32.42 1.25
C PHE C 263 -9.86 -32.40 0.11
N ALA C 264 -11.07 -32.89 0.36
CA ALA C 264 -12.13 -32.96 -0.67
C ALA C 264 -12.50 -31.54 -1.13
N GLU C 265 -12.58 -30.59 -0.19
CA GLU C 265 -12.93 -29.18 -0.49
C GLU C 265 -11.87 -28.56 -1.42
N LEU C 266 -10.59 -28.79 -1.12
CA LEU C 266 -9.44 -28.34 -1.92
C LEU C 266 -9.45 -29.04 -3.29
N TRP C 267 -9.66 -30.35 -3.32
CA TRP C 267 -9.64 -31.13 -4.58
C TRP C 267 -10.61 -30.54 -5.58
N GLU C 268 -11.79 -30.18 -5.13
CA GLU C 268 -12.89 -29.69 -6.02
C GLU C 268 -12.64 -28.23 -6.39
N THR C 269 -11.84 -27.51 -5.61
CA THR C 269 -11.41 -26.12 -5.91
C THR C 269 -10.46 -26.21 -7.11
N ILE C 270 -9.38 -27.01 -6.95
CA ILE C 270 -8.46 -27.43 -8.04
C ILE C 270 -9.25 -27.92 -9.28
N TRP C 271 -10.30 -28.72 -9.08
CA TRP C 271 -11.10 -29.27 -10.20
C TRP C 271 -11.92 -28.17 -10.88
N ASP C 272 -12.53 -27.26 -10.12
CA ASP C 272 -13.27 -26.12 -10.71
C ASP C 272 -12.34 -25.40 -11.68
N GLU C 273 -11.06 -25.21 -11.29
CA GLU C 273 -10.09 -24.41 -12.07
C GLU C 273 -9.75 -25.16 -13.37
N ILE C 274 -9.46 -26.46 -13.29
CA ILE C 274 -9.18 -27.34 -14.46
C ILE C 274 -10.39 -27.30 -15.42
N CYS C 275 -11.60 -27.35 -14.88
CA CYS C 275 -12.86 -27.24 -15.68
C CYS C 275 -12.95 -25.87 -16.36
N ASP C 276 -12.52 -24.80 -15.68
CA ASP C 276 -12.45 -23.41 -16.22
C ASP C 276 -11.43 -23.33 -17.35
N ILE C 277 -10.24 -23.91 -17.14
CA ILE C 277 -9.18 -24.01 -18.19
C ILE C 277 -9.73 -24.71 -19.43
N LYS C 278 -10.50 -25.80 -19.25
CA LYS C 278 -11.00 -26.64 -20.35
C LYS C 278 -12.16 -25.96 -21.08
N ALA C 279 -13.05 -25.31 -20.34
CA ALA C 279 -14.14 -24.50 -20.94
C ALA C 279 -13.54 -23.38 -21.81
N THR C 280 -12.57 -22.62 -21.28
CA THR C 280 -11.90 -21.50 -21.99
C THR C 280 -11.32 -22.00 -23.31
N ALA C 281 -10.62 -23.13 -23.29
CA ALA C 281 -9.86 -23.67 -24.44
C ALA C 281 -10.78 -23.93 -25.63
N GLN C 282 -12.07 -24.13 -25.39
CA GLN C 282 -13.05 -24.41 -26.46
C GLN C 282 -13.17 -23.15 -27.33
N THR C 283 -12.53 -22.06 -26.87
CA THR C 283 -12.73 -20.67 -27.33
C THR C 283 -11.37 -19.99 -27.54
N ASP C 284 -10.49 -20.02 -26.55
CA ASP C 284 -9.13 -19.45 -26.61
C ASP C 284 -8.12 -20.53 -26.21
N ASN C 285 -7.43 -21.13 -27.16
CA ASN C 285 -6.43 -22.19 -26.86
C ASN C 285 -5.06 -21.74 -27.35
N VAL C 286 -4.85 -20.44 -27.63
CA VAL C 286 -3.49 -19.89 -27.99
C VAL C 286 -2.85 -19.24 -26.77
N HIS C 287 -3.57 -18.93 -25.70
CA HIS C 287 -3.01 -18.34 -24.45
C HIS C 287 -2.87 -19.46 -23.43
N ARG C 288 -1.64 -19.75 -23.04
CA ARG C 288 -1.31 -20.83 -22.10
C ARG C 288 -1.82 -20.42 -20.74
N PRO C 289 -2.65 -21.23 -20.05
CA PRO C 289 -3.05 -20.96 -18.67
C PRO C 289 -1.98 -21.52 -17.71
N PHE C 290 -2.07 -21.10 -16.47
CA PHE C 290 -1.32 -21.68 -15.32
C PHE C 290 -2.15 -22.88 -14.84
N TYR C 291 -1.59 -24.07 -15.00
CA TYR C 291 -2.26 -25.34 -14.64
C TYR C 291 -2.09 -25.53 -13.14
N PRO C 292 -3.17 -25.85 -12.42
CA PRO C 292 -3.05 -26.29 -11.03
C PRO C 292 -2.04 -27.44 -10.91
N MET C 293 -1.23 -27.37 -9.86
CA MET C 293 -0.53 -28.51 -9.26
C MET C 293 -0.82 -28.53 -7.76
N LEU C 294 -0.76 -29.73 -7.16
CA LEU C 294 -1.10 -29.95 -5.75
C LEU C 294 0.17 -30.41 -5.01
N ILE C 295 0.59 -29.64 -4.01
CA ILE C 295 1.68 -30.00 -3.07
C ILE C 295 1.00 -30.74 -1.92
N PHE C 296 1.18 -32.05 -1.81
CA PHE C 296 0.55 -32.91 -0.79
C PHE C 296 1.59 -33.20 0.29
N ARG C 297 1.51 -32.47 1.41
CA ARG C 297 2.49 -32.57 2.52
C ARG C 297 1.90 -33.42 3.66
N THR C 298 2.39 -34.64 3.82
CA THR C 298 1.92 -35.60 4.83
C THR C 298 3.14 -36.26 5.44
N PRO C 299 3.05 -36.79 6.66
CA PRO C 299 4.18 -37.51 7.25
C PRO C 299 4.37 -38.84 6.49
N LYS C 300 5.62 -39.18 6.16
CA LYS C 300 5.94 -40.50 5.57
C LYS C 300 5.48 -41.58 6.58
N GLY C 301 4.85 -42.64 6.07
CA GLY C 301 4.38 -43.80 6.85
C GLY C 301 3.05 -43.53 7.57
N TRP C 302 2.53 -42.33 7.45
CA TRP C 302 1.25 -41.85 8.02
C TRP C 302 0.31 -43.00 8.42
N THR C 303 -0.14 -42.97 9.68
CA THR C 303 -1.04 -43.93 10.42
C THR C 303 -0.31 -45.19 10.90
N CYS C 304 0.98 -45.33 10.61
CA CYS C 304 1.83 -46.38 11.24
C CYS C 304 2.11 -45.93 12.66
N PRO C 305 2.67 -46.81 13.53
CA PRO C 305 3.02 -46.40 14.89
C PRO C 305 4.01 -45.23 14.83
N LYS C 306 3.73 -44.22 15.66
CA LYS C 306 4.49 -42.98 15.84
C LYS C 306 5.98 -43.30 16.04
N TYR C 307 6.25 -44.18 17.01
CA TYR C 307 7.60 -44.54 17.49
C TYR C 307 7.66 -46.06 17.58
N ILE C 308 8.80 -46.69 17.28
CA ILE C 308 9.00 -48.16 17.43
C ILE C 308 10.46 -48.41 17.86
N ASP C 309 10.63 -48.98 19.05
CA ASP C 309 11.94 -49.29 19.67
C ASP C 309 12.67 -47.96 19.86
N GLY C 310 11.90 -46.91 20.21
CA GLY C 310 12.39 -45.56 20.53
C GLY C 310 12.80 -44.70 19.32
N LYS C 311 12.46 -45.10 18.08
CA LYS C 311 12.91 -44.38 16.86
C LYS C 311 11.66 -43.78 16.19
N LYS C 312 11.76 -42.55 15.69
CA LYS C 312 10.59 -41.93 15.01
C LYS C 312 10.41 -42.67 13.68
N THR C 313 9.18 -43.13 13.41
CA THR C 313 8.86 -44.02 12.27
C THR C 313 7.85 -43.33 11.35
N GLU C 314 6.70 -42.91 11.91
CA GLU C 314 5.77 -41.97 11.21
C GLU C 314 6.46 -40.59 11.14
N GLY C 315 6.52 -40.01 9.94
CA GLY C 315 7.12 -38.68 9.71
C GLY C 315 8.63 -38.77 9.59
N SER C 316 9.08 -39.91 9.04
CA SER C 316 10.51 -40.33 9.00
C SER C 316 10.76 -41.22 7.78
N TRP C 317 11.97 -41.13 7.28
CA TRP C 317 12.56 -42.10 6.32
C TRP C 317 12.54 -43.53 6.86
N ARG C 318 12.62 -43.70 8.18
CA ARG C 318 12.67 -45.01 8.85
C ARG C 318 11.47 -45.88 8.44
N SER C 319 10.45 -45.29 7.83
CA SER C 319 9.19 -45.99 7.45
C SER C 319 9.18 -46.28 5.95
N HIS C 320 10.21 -45.84 5.22
CA HIS C 320 10.26 -45.93 3.74
C HIS C 320 9.80 -47.33 3.29
N GLN C 321 10.43 -48.37 3.84
CA GLN C 321 10.22 -49.79 3.44
C GLN C 321 9.20 -50.43 4.41
N VAL C 322 9.63 -50.81 5.61
CA VAL C 322 8.78 -51.35 6.71
C VAL C 322 9.17 -50.65 8.00
N PRO C 323 8.21 -50.03 8.71
CA PRO C 323 8.50 -49.32 9.96
C PRO C 323 8.95 -50.30 11.05
N LEU C 324 8.29 -51.46 11.07
CA LEU C 324 8.59 -52.60 11.97
C LEU C 324 9.32 -53.66 11.16
N ALA C 325 10.63 -53.83 11.40
CA ALA C 325 11.55 -54.65 10.57
C ALA C 325 11.27 -56.16 10.69
N SER C 326 10.56 -56.61 11.72
CA SER C 326 10.11 -58.03 11.86
C SER C 326 9.01 -58.12 12.92
N ALA C 327 7.94 -58.87 12.61
CA ALA C 327 6.81 -59.19 13.52
C ALA C 327 6.92 -60.63 14.07
N ARG C 328 8.08 -61.30 13.86
CA ARG C 328 8.39 -62.69 14.31
C ARG C 328 9.52 -62.70 15.35
N ASP C 329 10.58 -61.90 15.17
CA ASP C 329 11.81 -61.99 15.99
C ASP C 329 11.40 -62.03 17.48
N THR C 330 10.52 -61.14 17.93
CA THR C 330 9.98 -61.15 19.32
C THR C 330 8.45 -61.10 19.29
N GLU C 331 7.85 -61.25 20.48
CA GLU C 331 6.38 -61.28 20.65
C GLU C 331 5.90 -59.85 20.92
N ALA C 332 6.75 -59.00 21.50
CA ALA C 332 6.54 -57.52 21.58
C ALA C 332 6.35 -56.95 20.16
N HIS C 333 7.28 -57.27 19.24
CA HIS C 333 7.17 -56.88 17.81
C HIS C 333 5.84 -57.40 17.24
N PHE C 334 5.44 -58.64 17.49
CA PHE C 334 4.19 -59.17 16.90
C PHE C 334 2.97 -58.42 17.46
N GLU C 335 3.04 -57.90 18.67
CA GLU C 335 1.90 -57.18 19.32
C GLU C 335 1.78 -55.79 18.68
N VAL C 336 2.90 -55.21 18.24
CA VAL C 336 2.98 -53.93 17.49
C VAL C 336 2.22 -54.05 16.16
N LEU C 337 2.45 -55.14 15.40
CA LEU C 337 1.74 -55.40 14.12
C LEU C 337 0.27 -55.69 14.40
N LYS C 338 -0.02 -56.51 15.42
CA LYS C 338 -1.42 -56.77 15.89
C LYS C 338 -2.07 -55.41 16.21
N ASN C 339 -1.43 -54.57 17.03
CA ASN C 339 -2.06 -53.28 17.45
C ASN C 339 -2.23 -52.39 16.21
N TRP C 340 -1.19 -52.34 15.37
CA TRP C 340 -1.18 -51.56 14.11
C TRP C 340 -2.33 -52.02 13.20
N LEU C 341 -2.50 -53.32 12.97
CA LEU C 341 -3.60 -53.87 12.13
C LEU C 341 -4.98 -53.60 12.79
N GLU C 342 -5.08 -53.67 14.11
CA GLU C 342 -6.35 -53.46 14.86
C GLU C 342 -6.76 -51.98 14.81
N SER C 343 -5.78 -51.07 14.79
CA SER C 343 -5.96 -49.59 14.76
C SER C 343 -6.88 -49.17 13.60
N TYR C 344 -6.89 -49.87 12.46
CA TYR C 344 -7.78 -49.58 11.30
C TYR C 344 -9.17 -50.16 11.57
N LYS C 345 -9.32 -50.96 12.63
CA LYS C 345 -10.62 -51.54 13.08
C LYS C 345 -11.22 -52.39 11.95
N PRO C 346 -10.54 -53.46 11.50
CA PRO C 346 -11.07 -54.29 10.41
C PRO C 346 -12.39 -54.99 10.76
N GLU C 347 -12.69 -55.17 12.06
CA GLU C 347 -13.99 -55.71 12.56
C GLU C 347 -15.15 -54.88 12.01
N GLU C 348 -14.88 -53.67 11.48
CA GLU C 348 -15.88 -52.77 10.85
C GLU C 348 -15.83 -52.82 9.31
N LEU C 349 -14.80 -53.41 8.70
CA LEU C 349 -14.49 -53.29 7.24
C LEU C 349 -14.89 -54.57 6.48
N PHE C 350 -14.68 -55.73 7.11
CA PHE C 350 -15.03 -57.07 6.55
C PHE C 350 -16.27 -57.66 7.26
N ASP C 351 -17.16 -58.31 6.49
CA ASP C 351 -18.31 -59.10 7.01
C ASP C 351 -17.81 -60.49 7.50
N ALA C 352 -18.69 -61.49 7.59
CA ALA C 352 -18.40 -62.78 8.27
C ALA C 352 -17.49 -63.63 7.38
N ASN C 353 -17.86 -63.76 6.09
CA ASN C 353 -17.15 -64.48 4.99
C ASN C 353 -15.75 -63.91 4.73
N GLY C 354 -15.51 -62.64 5.09
CA GLY C 354 -14.23 -61.92 4.88
C GLY C 354 -14.23 -61.03 3.63
N ALA C 355 -15.43 -60.77 3.10
CA ALA C 355 -15.71 -59.79 2.02
C ALA C 355 -15.65 -58.37 2.60
N VAL C 356 -15.03 -57.44 1.88
CA VAL C 356 -15.13 -55.99 2.20
C VAL C 356 -16.62 -55.64 2.18
N LYS C 357 -17.10 -54.89 3.17
CA LYS C 357 -18.56 -54.61 3.35
C LYS C 357 -19.03 -53.67 2.24
N ASP C 358 -20.35 -53.69 1.97
CA ASP C 358 -21.01 -52.90 0.91
C ASP C 358 -20.90 -51.40 1.18
N ASP C 359 -20.84 -50.98 2.45
CA ASP C 359 -20.81 -49.56 2.90
C ASP C 359 -19.39 -48.99 2.70
N VAL C 360 -18.35 -49.83 2.71
CA VAL C 360 -16.95 -49.40 2.46
C VAL C 360 -16.74 -48.99 0.99
N LEU C 361 -17.39 -49.67 0.01
CA LEU C 361 -17.10 -49.53 -1.45
C LEU C 361 -18.25 -48.84 -2.20
N ALA C 362 -19.29 -48.35 -1.51
CA ALA C 362 -20.53 -47.87 -2.16
C ALA C 362 -20.22 -46.59 -2.96
N PHE C 363 -19.33 -45.74 -2.44
CA PHE C 363 -18.92 -44.46 -3.07
C PHE C 363 -18.10 -44.70 -4.35
N MET C 364 -17.50 -45.89 -4.50
CA MET C 364 -16.55 -46.25 -5.59
C MET C 364 -17.20 -46.17 -6.96
N PRO C 365 -16.40 -45.85 -8.01
CA PRO C 365 -16.90 -45.80 -9.38
C PRO C 365 -17.12 -47.22 -9.93
N LYS C 366 -17.76 -47.31 -11.11
CA LYS C 366 -18.31 -48.55 -11.71
C LYS C 366 -17.85 -48.64 -13.17
N GLY C 367 -17.60 -49.86 -13.67
CA GLY C 367 -17.43 -50.13 -15.12
C GLY C 367 -16.12 -49.62 -15.66
N GLU C 368 -16.13 -48.92 -16.81
CA GLU C 368 -14.88 -48.47 -17.50
C GLU C 368 -14.27 -47.24 -16.80
N LEU C 369 -15.01 -46.56 -15.91
CA LEU C 369 -14.52 -45.36 -15.16
C LEU C 369 -13.55 -45.80 -14.08
N ARG C 370 -13.65 -47.06 -13.63
CA ARG C 370 -12.81 -47.66 -12.55
C ARG C 370 -11.35 -47.59 -12.98
N ILE C 371 -10.48 -47.28 -12.04
CA ILE C 371 -9.04 -47.03 -12.32
C ILE C 371 -8.47 -48.25 -13.05
N GLY C 372 -8.94 -49.46 -12.72
CA GLY C 372 -8.37 -50.74 -13.20
C GLY C 372 -8.95 -51.19 -14.53
N ALA C 373 -10.14 -50.71 -14.89
CA ALA C 373 -10.92 -51.11 -16.09
C ALA C 373 -10.90 -50.04 -17.21
N ASN C 374 -10.22 -48.90 -17.01
CA ASN C 374 -10.15 -47.79 -18.01
C ASN C 374 -9.31 -48.27 -19.20
N PRO C 375 -9.88 -48.27 -20.44
CA PRO C 375 -9.16 -48.68 -21.64
C PRO C 375 -7.78 -48.04 -21.83
N ASN C 376 -7.62 -46.78 -21.38
CA ASN C 376 -6.35 -46.03 -21.48
C ASN C 376 -5.28 -46.79 -20.72
N ALA C 377 -5.66 -47.43 -19.62
CA ALA C 377 -4.78 -48.31 -18.79
C ALA C 377 -4.49 -49.64 -19.51
N ASN C 378 -5.05 -49.86 -20.71
CA ASN C 378 -4.89 -51.10 -21.52
C ASN C 378 -4.90 -50.67 -23.01
N GLY C 379 -4.08 -49.68 -23.34
CA GLY C 379 -4.00 -49.02 -24.67
C GLY C 379 -4.39 -49.92 -25.82
N GLY C 380 -3.79 -51.13 -25.86
CA GLY C 380 -4.11 -52.22 -26.78
C GLY C 380 -5.58 -52.30 -27.17
N VAL C 381 -6.52 -52.19 -26.23
CA VAL C 381 -7.98 -52.31 -26.56
C VAL C 381 -8.42 -51.10 -27.39
N ILE C 382 -7.66 -49.99 -27.42
CA ILE C 382 -8.01 -48.76 -28.19
C ILE C 382 -7.30 -48.79 -29.55
N ARG C 383 -6.07 -49.32 -29.59
CA ARG C 383 -5.17 -49.36 -30.77
C ARG C 383 -5.93 -49.91 -31.98
N ASN C 384 -5.91 -49.18 -33.10
CA ASN C 384 -6.28 -49.66 -34.45
C ASN C 384 -5.02 -49.74 -35.30
N ASP C 385 -5.04 -50.59 -36.33
CA ASP C 385 -4.03 -50.57 -37.40
C ASP C 385 -4.03 -49.18 -38.07
N LEU C 386 -2.84 -48.67 -38.40
CA LEU C 386 -2.66 -47.44 -39.20
C LEU C 386 -3.13 -47.70 -40.63
N LYS C 387 -3.92 -46.78 -41.19
CA LYS C 387 -4.20 -46.67 -42.65
C LYS C 387 -2.91 -46.20 -43.34
N LEU C 388 -2.02 -47.15 -43.65
CA LEU C 388 -0.71 -46.92 -44.32
C LEU C 388 -0.95 -46.62 -45.79
N PRO C 389 -0.16 -45.74 -46.41
CA PRO C 389 -0.27 -45.51 -47.85
C PRO C 389 0.48 -46.63 -48.60
N ASN C 390 0.16 -46.77 -49.89
CA ASN C 390 0.78 -47.74 -50.83
C ASN C 390 2.27 -47.45 -50.87
N LEU C 391 3.08 -48.40 -50.42
CA LEU C 391 4.55 -48.27 -50.25
C LEU C 391 5.27 -48.09 -51.61
N GLU C 392 4.67 -48.54 -52.72
CA GLU C 392 5.21 -48.33 -54.10
C GLU C 392 5.47 -46.84 -54.31
N ASP C 393 4.47 -46.00 -53.99
CA ASP C 393 4.43 -44.54 -54.27
C ASP C 393 5.74 -43.85 -53.84
N TYR C 394 6.46 -44.41 -52.86
CA TYR C 394 7.63 -43.76 -52.22
C TYR C 394 8.94 -44.35 -52.74
N GLU C 395 8.89 -45.56 -53.33
CA GLU C 395 10.08 -46.35 -53.78
C GLU C 395 10.97 -45.49 -54.67
N VAL C 396 12.28 -45.57 -54.48
CA VAL C 396 13.27 -45.01 -55.44
C VAL C 396 13.25 -45.91 -56.67
N LYS C 397 12.50 -45.51 -57.69
CA LYS C 397 12.19 -46.34 -58.89
C LYS C 397 13.43 -46.42 -59.81
N GLU C 398 14.31 -45.42 -59.75
CA GLU C 398 15.45 -45.18 -60.68
C GLU C 398 16.48 -46.33 -60.63
N VAL C 399 16.37 -47.22 -59.63
CA VAL C 399 17.28 -48.39 -59.45
C VAL C 399 16.98 -49.44 -60.54
N ALA C 400 15.71 -49.65 -60.89
CA ALA C 400 15.27 -50.64 -61.92
C ALA C 400 15.84 -50.21 -63.28
N GLU C 401 15.82 -48.91 -63.58
CA GLU C 401 16.07 -48.31 -64.92
C GLU C 401 17.56 -48.06 -65.12
N TYR C 402 18.25 -47.48 -64.14
CA TYR C 402 19.70 -47.14 -64.21
C TYR C 402 20.53 -48.20 -63.47
N GLY C 403 19.90 -49.12 -62.74
CA GLY C 403 20.59 -50.25 -62.09
C GLY C 403 21.07 -49.98 -60.66
N HIS C 404 21.69 -50.99 -60.07
CA HIS C 404 22.02 -51.12 -58.63
C HIS C 404 23.18 -50.19 -58.30
N GLY C 405 23.00 -49.25 -57.36
CA GLY C 405 24.07 -48.38 -56.81
C GLY C 405 24.01 -46.94 -57.33
N TRP C 406 22.89 -46.54 -57.91
CA TRP C 406 22.67 -45.21 -58.54
C TRP C 406 22.41 -44.12 -57.48
N GLY C 407 23.05 -42.98 -57.65
CA GLY C 407 22.50 -41.69 -57.19
C GLY C 407 23.14 -41.20 -55.91
N GLN C 408 22.75 -39.99 -55.52
CA GLN C 408 23.17 -39.26 -54.29
C GLN C 408 21.91 -38.78 -53.55
N LEU C 409 21.00 -39.70 -53.19
CA LEU C 409 19.77 -39.44 -52.39
C LEU C 409 20.05 -39.50 -50.88
N GLU C 410 19.28 -38.72 -50.11
CA GLU C 410 19.21 -38.77 -48.61
C GLU C 410 18.03 -39.69 -48.28
N ALA C 411 18.29 -40.80 -47.59
CA ALA C 411 17.36 -41.95 -47.53
C ALA C 411 16.19 -41.59 -46.61
N THR C 412 16.48 -40.87 -45.51
CA THR C 412 15.51 -40.40 -44.48
C THR C 412 14.38 -39.59 -45.13
N ARG C 413 14.68 -38.77 -46.16
CA ARG C 413 13.66 -37.89 -46.79
C ARG C 413 12.52 -38.75 -47.28
N THR C 414 12.84 -39.96 -47.75
CA THR C 414 11.88 -40.96 -48.30
C THR C 414 10.99 -41.47 -47.16
N LEU C 415 11.58 -41.66 -45.98
CA LEU C 415 10.83 -41.98 -44.74
C LEU C 415 10.04 -40.75 -44.30
N GLY C 416 10.61 -39.55 -44.45
CA GLY C 416 9.94 -38.26 -44.20
C GLY C 416 8.63 -38.15 -44.96
N ALA C 417 8.67 -38.50 -46.24
CA ALA C 417 7.48 -38.42 -47.13
C ALA C 417 6.48 -39.53 -46.80
N TYR C 418 6.97 -40.74 -46.50
CA TYR C 418 6.11 -41.89 -46.08
C TYR C 418 5.34 -41.43 -44.83
N THR C 419 6.08 -41.00 -43.81
CA THR C 419 5.57 -40.59 -42.47
C THR C 419 4.64 -39.36 -42.61
N ARG C 420 5.04 -38.35 -43.37
CA ARG C 420 4.13 -37.24 -43.73
C ARG C 420 2.75 -37.81 -44.09
N ASP C 421 2.69 -38.80 -44.97
CA ASP C 421 1.40 -39.24 -45.58
C ASP C 421 0.64 -40.17 -44.61
N ILE C 422 1.36 -40.73 -43.62
CA ILE C 422 0.78 -41.53 -42.51
C ILE C 422 0.04 -40.58 -41.56
N ILE C 423 0.72 -39.49 -41.15
CA ILE C 423 0.13 -38.40 -40.31
C ILE C 423 -1.13 -37.92 -41.03
N LYS C 424 -1.05 -37.77 -42.35
CA LYS C 424 -2.17 -37.20 -43.14
C LYS C 424 -3.32 -38.20 -43.08
N ASN C 425 -3.03 -39.51 -43.12
CA ASN C 425 -4.05 -40.58 -43.24
C ASN C 425 -4.54 -41.06 -41.85
N ASN C 426 -3.88 -40.62 -40.77
CA ASN C 426 -4.12 -41.09 -39.39
C ASN C 426 -3.98 -39.89 -38.47
N PRO C 427 -4.86 -38.88 -38.60
CA PRO C 427 -4.76 -37.68 -37.78
C PRO C 427 -5.20 -38.04 -36.35
N ARG C 428 -4.51 -37.50 -35.34
CA ARG C 428 -4.82 -37.67 -33.89
C ARG C 428 -4.31 -39.03 -33.38
N ASP C 429 -3.65 -39.83 -34.22
CA ASP C 429 -3.29 -41.24 -33.93
C ASP C 429 -1.79 -41.51 -34.14
N PHE C 430 -1.06 -40.56 -34.75
CA PHE C 430 0.39 -40.68 -35.02
C PHE C 430 1.08 -39.38 -34.59
N ARG C 431 2.29 -39.49 -34.01
CA ARG C 431 3.11 -38.33 -33.61
C ARG C 431 4.57 -38.58 -33.90
N ILE C 432 5.24 -37.57 -34.43
CA ILE C 432 6.72 -37.49 -34.52
C ILE C 432 7.16 -36.71 -33.29
N PHE C 433 8.11 -37.27 -32.55
CA PHE C 433 8.88 -36.62 -31.45
C PHE C 433 10.34 -36.46 -31.92
N GLY C 434 11.01 -35.44 -31.41
CA GLY C 434 12.42 -35.21 -31.73
C GLY C 434 13.06 -34.25 -30.74
N PRO C 435 14.29 -34.52 -30.29
CA PRO C 435 14.96 -33.56 -29.43
C PRO C 435 15.57 -32.43 -30.26
N ASP C 436 14.74 -31.67 -30.98
CA ASP C 436 15.17 -30.48 -31.78
C ASP C 436 16.04 -30.96 -32.95
N GLU C 437 15.64 -32.05 -33.62
CA GLU C 437 16.51 -32.79 -34.59
C GLU C 437 15.69 -33.30 -35.78
N THR C 438 14.37 -33.08 -35.79
CA THR C 438 13.42 -33.64 -36.81
C THR C 438 13.80 -33.16 -38.23
N ALA C 439 14.29 -31.94 -38.36
CA ALA C 439 14.69 -31.31 -39.63
C ALA C 439 16.13 -31.74 -39.93
N SER C 440 16.90 -31.93 -38.89
CA SER C 440 18.30 -32.39 -38.98
C SER C 440 18.33 -33.84 -39.51
N ASN C 441 17.33 -34.65 -39.17
CA ASN C 441 17.25 -36.10 -39.55
C ASN C 441 16.43 -36.22 -40.83
N ARG C 442 15.92 -35.09 -41.35
CA ARG C 442 15.28 -34.90 -42.68
C ARG C 442 13.87 -35.51 -42.72
N LEU C 443 13.14 -35.40 -41.62
CA LEU C 443 11.72 -35.85 -41.53
C LEU C 443 10.75 -34.68 -41.77
N GLN C 444 11.26 -33.51 -42.16
CA GLN C 444 10.53 -32.20 -42.15
C GLN C 444 9.44 -32.18 -43.22
N ALA C 445 9.38 -33.20 -44.07
CA ALA C 445 8.28 -33.33 -45.04
C ALA C 445 6.95 -33.30 -44.26
N SER C 446 6.96 -33.75 -43.00
CA SER C 446 5.79 -33.78 -42.06
C SER C 446 5.18 -32.38 -41.94
N TYR C 447 6.02 -31.34 -41.97
CA TYR C 447 5.60 -29.91 -41.84
C TYR C 447 4.68 -29.50 -43.01
N GLU C 448 4.54 -30.32 -44.05
CA GLU C 448 3.59 -30.07 -45.17
C GLU C 448 2.16 -30.42 -44.78
N VAL C 449 1.94 -31.28 -43.76
CA VAL C 449 0.56 -31.73 -43.37
C VAL C 449 0.26 -31.33 -41.92
N THR C 450 1.27 -30.99 -41.12
CA THR C 450 1.12 -30.66 -39.67
C THR C 450 2.21 -29.67 -39.23
N ASN C 451 2.26 -29.35 -37.93
CA ASN C 451 3.25 -28.40 -37.34
C ASN C 451 3.86 -28.96 -36.06
N LYS C 452 4.95 -28.34 -35.62
CA LYS C 452 5.51 -28.56 -34.26
C LYS C 452 4.50 -27.96 -33.26
N GLN C 453 4.10 -28.71 -32.24
CA GLN C 453 3.24 -28.16 -31.15
C GLN C 453 4.12 -27.22 -30.32
N TRP C 454 3.65 -26.00 -30.12
CA TRP C 454 4.33 -24.98 -29.28
C TRP C 454 3.28 -24.10 -28.60
N ASP C 455 3.21 -24.16 -27.27
CA ASP C 455 2.23 -23.40 -26.46
C ASP C 455 3.01 -22.55 -25.45
N ALA C 456 4.26 -22.21 -25.79
CA ALA C 456 4.94 -21.01 -25.24
C ALA C 456 4.64 -19.85 -26.19
N GLY C 457 5.49 -18.82 -26.14
CA GLY C 457 5.27 -17.57 -26.88
C GLY C 457 5.73 -17.66 -28.32
N TYR C 458 4.98 -17.00 -29.21
CA TYR C 458 5.35 -16.67 -30.61
C TYR C 458 5.83 -15.21 -30.70
N ILE C 459 6.64 -14.87 -31.71
CA ILE C 459 7.14 -13.47 -31.86
C ILE C 459 7.18 -13.01 -33.32
N SER C 460 7.27 -13.89 -34.31
CA SER C 460 7.57 -13.45 -35.70
C SER C 460 7.58 -14.61 -36.69
N ASP C 461 6.95 -14.36 -37.84
CA ASP C 461 6.83 -15.26 -39.01
C ASP C 461 8.20 -15.43 -39.66
N GLU C 462 9.17 -14.62 -39.27
CA GLU C 462 10.55 -14.70 -39.82
C GLU C 462 11.34 -15.78 -39.07
N VAL C 463 10.82 -16.27 -37.93
CA VAL C 463 11.52 -17.30 -37.11
C VAL C 463 10.58 -18.43 -36.72
N ASP C 464 9.27 -18.22 -36.69
CA ASP C 464 8.29 -19.16 -36.12
C ASP C 464 7.72 -20.05 -37.24
N GLU C 465 8.60 -20.59 -38.08
CA GLU C 465 8.16 -21.44 -39.20
C GLU C 465 7.67 -22.78 -38.63
N HIS C 466 6.53 -23.25 -39.12
CA HIS C 466 6.02 -24.63 -38.91
C HIS C 466 5.76 -24.87 -37.41
N MET C 467 5.31 -23.86 -36.68
CA MET C 467 4.85 -24.02 -35.28
C MET C 467 3.38 -23.66 -35.22
N HIS C 468 2.61 -24.41 -34.44
CA HIS C 468 1.19 -24.10 -34.15
C HIS C 468 0.95 -24.57 -32.72
N VAL C 469 -0.08 -24.05 -32.05
CA VAL C 469 -0.37 -24.41 -30.63
C VAL C 469 -0.78 -25.88 -30.57
N SER C 470 -1.29 -26.44 -31.66
CA SER C 470 -1.59 -27.88 -31.86
C SER C 470 -0.83 -28.38 -33.08
N GLY C 471 -0.56 -29.68 -33.11
CA GLY C 471 0.17 -30.34 -34.21
C GLY C 471 0.68 -31.68 -33.74
N GLN C 472 1.22 -32.48 -34.65
CA GLN C 472 1.54 -33.91 -34.41
C GLN C 472 3.04 -34.07 -34.19
N VAL C 473 3.80 -32.99 -34.29
CA VAL C 473 5.28 -33.02 -34.05
C VAL C 473 5.57 -32.24 -32.76
N VAL C 474 6.23 -32.88 -31.81
CA VAL C 474 6.70 -32.21 -30.56
C VAL C 474 8.22 -32.27 -30.51
N GLU C 475 8.84 -31.15 -30.20
CA GLU C 475 10.30 -31.00 -30.04
C GLU C 475 10.57 -30.24 -28.73
N GLN C 476 11.41 -30.84 -27.90
CA GLN C 476 12.12 -30.24 -26.76
C GLN C 476 13.52 -30.87 -26.78
N LEU C 477 14.55 -30.09 -26.52
CA LEU C 477 15.91 -30.63 -26.38
C LEU C 477 15.96 -31.46 -25.07
N SER C 478 15.12 -32.51 -24.97
CA SER C 478 15.29 -33.62 -23.99
C SER C 478 14.90 -34.97 -24.60
N GLU C 479 15.89 -35.86 -24.69
CA GLU C 479 15.71 -37.26 -25.16
C GLU C 479 14.74 -37.97 -24.20
N HIS C 480 14.82 -37.67 -22.89
CA HIS C 480 13.93 -38.24 -21.83
C HIS C 480 12.48 -37.88 -22.11
N GLN C 481 12.25 -36.61 -22.43
CA GLN C 481 10.90 -36.08 -22.70
C GLN C 481 10.38 -36.81 -23.95
N MET C 482 11.22 -36.95 -24.98
CA MET C 482 10.75 -37.49 -26.30
C MET C 482 10.39 -38.98 -26.14
N GLU C 483 11.27 -39.75 -25.50
CA GLU C 483 11.08 -41.20 -25.21
C GLU C 483 9.81 -41.39 -24.41
N GLY C 484 9.74 -40.70 -23.26
CA GLY C 484 8.65 -40.77 -22.25
C GLY C 484 7.31 -40.33 -22.85
N PHE C 485 7.32 -39.30 -23.68
CA PHE C 485 6.07 -38.80 -24.31
C PHE C 485 5.51 -39.93 -25.17
N LEU C 486 6.37 -40.50 -26.01
CA LEU C 486 5.99 -41.54 -27.00
C LEU C 486 5.56 -42.81 -26.26
N GLU C 487 6.40 -43.32 -25.33
CA GLU C 487 6.07 -44.54 -24.53
C GLU C 487 4.59 -44.48 -24.12
N ALA C 488 4.19 -43.37 -23.50
CA ALA C 488 2.85 -43.18 -22.90
C ALA C 488 1.81 -42.95 -24.00
N TYR C 489 2.21 -42.31 -25.11
CA TYR C 489 1.36 -42.13 -26.30
C TYR C 489 0.99 -43.54 -26.81
N LEU C 490 1.99 -44.44 -26.81
CA LEU C 490 1.79 -45.86 -27.23
C LEU C 490 0.89 -46.60 -26.23
N LEU C 491 1.18 -46.46 -24.94
CA LEU C 491 0.48 -47.20 -23.85
C LEU C 491 -0.98 -46.77 -23.79
N THR C 492 -1.33 -45.64 -24.39
CA THR C 492 -2.73 -45.15 -24.45
C THR C 492 -3.34 -45.48 -25.82
N GLY C 493 -2.63 -46.24 -26.66
CA GLY C 493 -3.20 -46.95 -27.83
C GLY C 493 -3.04 -46.17 -29.13
N ARG C 494 -1.94 -45.41 -29.26
CA ARG C 494 -1.64 -44.53 -30.42
C ARG C 494 -0.28 -44.94 -30.99
N HIS C 495 0.04 -44.41 -32.16
CA HIS C 495 1.25 -44.74 -32.93
C HIS C 495 2.20 -43.54 -32.98
N GLY C 496 3.49 -43.81 -33.13
CA GLY C 496 4.40 -42.79 -33.65
C GLY C 496 5.80 -43.31 -33.76
N ILE C 497 6.71 -42.35 -33.87
CA ILE C 497 8.14 -42.51 -34.16
C ILE C 497 8.84 -41.31 -33.55
N TRP C 498 10.05 -41.48 -33.09
CA TRP C 498 10.95 -40.35 -32.87
C TRP C 498 12.29 -40.66 -33.50
N SER C 499 13.09 -39.62 -33.65
CA SER C 499 14.39 -39.61 -34.36
C SER C 499 15.35 -39.03 -33.35
N SER C 500 16.61 -39.45 -33.44
CA SER C 500 17.67 -38.89 -32.59
C SER C 500 19.00 -39.16 -33.30
N TYR C 501 19.90 -38.20 -33.22
CA TYR C 501 21.34 -38.40 -33.45
C TYR C 501 21.66 -39.71 -32.72
N GLU C 502 22.50 -40.53 -33.34
CA GLU C 502 22.76 -41.92 -32.89
C GLU C 502 23.45 -41.85 -31.52
N SER C 503 24.48 -41.02 -31.35
CA SER C 503 25.24 -40.99 -30.06
C SER C 503 24.28 -40.71 -28.89
N PHE C 504 23.23 -39.92 -29.10
CA PHE C 504 22.41 -39.32 -28.00
C PHE C 504 21.22 -40.20 -27.65
N VAL C 505 21.00 -41.30 -28.38
CA VAL C 505 20.02 -42.35 -27.99
C VAL C 505 20.40 -42.89 -26.60
N HIS C 506 21.70 -42.87 -26.27
CA HIS C 506 22.28 -43.42 -25.03
C HIS C 506 21.62 -42.77 -23.80
N VAL C 507 21.29 -41.47 -23.92
CA VAL C 507 20.72 -40.65 -22.81
C VAL C 507 19.53 -41.42 -22.22
N ILE C 508 18.77 -42.08 -23.08
CA ILE C 508 17.55 -42.84 -22.70
C ILE C 508 17.78 -44.36 -22.82
N ASP C 509 19.01 -44.87 -22.58
CA ASP C 509 19.25 -46.33 -22.54
C ASP C 509 18.35 -46.96 -21.46
N SER C 510 18.39 -46.42 -20.24
CA SER C 510 17.59 -46.85 -19.07
C SER C 510 16.10 -46.91 -19.43
N MET C 511 15.60 -45.93 -20.16
CA MET C 511 14.16 -45.85 -20.46
C MET C 511 13.78 -47.02 -21.37
N LEU C 512 14.70 -47.40 -22.27
CA LEU C 512 14.53 -48.51 -23.26
C LEU C 512 14.48 -49.85 -22.50
N ASN C 513 15.43 -50.05 -21.59
CA ASN C 513 15.40 -51.20 -20.65
C ASN C 513 13.99 -51.32 -20.03
N GLN C 514 13.49 -50.27 -19.38
CA GLN C 514 12.22 -50.32 -18.59
C GLN C 514 11.02 -50.54 -19.51
N HIS C 515 11.05 -50.02 -20.72
CA HIS C 515 9.94 -50.23 -21.70
C HIS C 515 10.00 -51.69 -22.20
N ALA C 516 11.19 -52.26 -22.42
CA ALA C 516 11.39 -53.65 -22.88
C ALA C 516 10.91 -54.59 -21.77
N LYS C 517 11.46 -54.43 -20.56
CA LYS C 517 11.03 -55.20 -19.35
C LYS C 517 9.50 -55.15 -19.22
N TRP C 518 8.89 -54.04 -19.57
CA TRP C 518 7.41 -53.90 -19.54
C TRP C 518 6.85 -54.89 -20.58
N LEU C 519 7.44 -54.91 -21.76
CA LEU C 519 6.95 -55.69 -22.92
C LEU C 519 7.24 -57.17 -22.68
N GLU C 520 8.47 -57.51 -22.26
CA GLU C 520 8.85 -58.84 -21.73
C GLU C 520 7.69 -59.40 -20.88
N ALA C 521 7.50 -58.93 -19.64
CA ALA C 521 6.47 -59.47 -18.70
C ALA C 521 5.14 -59.64 -19.45
N THR C 522 4.76 -58.65 -20.25
CA THR C 522 3.45 -58.58 -20.94
C THR C 522 3.28 -59.79 -21.86
N VAL C 523 4.24 -60.03 -22.77
CA VAL C 523 4.13 -61.14 -23.77
C VAL C 523 4.26 -62.49 -23.04
N ARG C 524 5.13 -62.58 -22.04
CA ARG C 524 5.27 -63.78 -21.17
C ARG C 524 3.96 -64.13 -20.46
N GLU C 525 3.39 -63.26 -19.60
CA GLU C 525 2.33 -63.70 -18.66
C GLU C 525 1.11 -62.76 -18.58
N ILE C 526 0.96 -61.75 -19.45
CA ILE C 526 -0.13 -60.74 -19.27
C ILE C 526 -0.98 -60.69 -20.54
N PRO C 527 -1.79 -61.75 -20.78
CA PRO C 527 -2.59 -61.84 -22.00
C PRO C 527 -3.83 -60.94 -22.01
N TRP C 528 -4.32 -60.54 -20.83
CA TRP C 528 -5.48 -59.61 -20.72
C TRP C 528 -5.00 -58.23 -21.20
N ARG C 529 -3.72 -57.90 -20.97
CA ARG C 529 -2.99 -56.70 -21.47
C ARG C 529 -2.71 -56.83 -22.98
N LYS C 530 -3.59 -56.29 -23.83
CA LYS C 530 -3.57 -56.43 -25.31
C LYS C 530 -2.35 -55.73 -25.88
N PRO C 531 -1.86 -56.16 -27.06
CA PRO C 531 -0.62 -55.62 -27.59
C PRO C 531 -0.81 -54.13 -27.98
N ILE C 532 0.19 -53.32 -27.63
CA ILE C 532 0.25 -51.87 -27.97
C ILE C 532 1.09 -51.68 -29.25
N ALA C 533 0.82 -50.62 -30.02
CA ALA C 533 1.73 -50.13 -31.07
C ALA C 533 3.17 -50.08 -30.51
N SER C 534 4.14 -50.05 -31.41
CA SER C 534 5.56 -50.29 -31.09
C SER C 534 6.23 -48.95 -30.90
N MET C 535 7.36 -48.97 -30.20
CA MET C 535 8.21 -47.80 -29.94
C MET C 535 9.21 -47.74 -31.09
N ASN C 536 8.85 -47.01 -32.15
CA ASN C 536 9.70 -46.87 -33.37
C ASN C 536 10.67 -45.69 -33.16
N LEU C 537 11.97 -45.98 -33.07
CA LEU C 537 13.05 -44.98 -32.93
C LEU C 537 13.91 -44.99 -34.19
N LEU C 538 14.10 -43.82 -34.83
CA LEU C 538 14.98 -43.65 -36.01
C LEU C 538 16.33 -43.13 -35.52
N VAL C 539 17.36 -43.95 -35.62
CA VAL C 539 18.76 -43.62 -35.26
C VAL C 539 19.49 -43.14 -36.52
N SER C 540 19.71 -41.84 -36.69
CA SER C 540 20.30 -41.24 -37.90
C SER C 540 21.42 -40.31 -37.49
N SER C 541 21.84 -39.41 -38.38
CA SER C 541 23.02 -38.55 -38.17
C SER C 541 24.02 -39.42 -37.42
N HIS C 542 24.38 -40.57 -38.03
CA HIS C 542 25.09 -41.69 -37.36
C HIS C 542 26.61 -41.49 -37.35
N VAL C 543 27.30 -42.41 -36.67
CA VAL C 543 28.76 -42.35 -36.34
C VAL C 543 29.59 -42.08 -37.60
N TRP C 544 29.22 -42.65 -38.76
CA TRP C 544 30.06 -42.60 -39.99
C TRP C 544 30.04 -41.19 -40.56
N ARG C 545 28.88 -40.56 -40.51
CA ARG C 545 28.65 -39.20 -41.07
C ARG C 545 28.49 -38.19 -39.93
N GLN C 546 29.22 -38.43 -38.83
CA GLN C 546 29.36 -37.45 -37.72
C GLN C 546 30.76 -36.86 -37.81
N ASP C 547 31.26 -36.72 -39.04
CA ASP C 547 32.57 -36.08 -39.35
C ASP C 547 32.50 -34.56 -39.06
N HIS C 548 31.33 -33.92 -39.26
CA HIS C 548 31.16 -32.45 -39.10
C HIS C 548 31.06 -32.06 -37.62
N ASN C 549 30.83 -32.99 -36.71
CA ASN C 549 30.56 -32.67 -35.28
C ASN C 549 31.66 -33.18 -34.34
N GLY C 550 32.36 -34.26 -34.69
CA GLY C 550 33.52 -34.73 -33.90
C GLY C 550 33.20 -35.92 -33.04
N PHE C 551 34.13 -36.28 -32.17
CA PHE C 551 34.21 -37.60 -31.47
C PHE C 551 33.02 -37.80 -30.53
N SER C 552 32.68 -36.76 -29.77
CA SER C 552 31.54 -36.72 -28.81
C SER C 552 30.28 -37.29 -29.46
N HIS C 553 30.12 -37.13 -30.78
CA HIS C 553 28.87 -37.45 -31.52
C HIS C 553 28.93 -38.85 -32.16
N GLN C 554 29.98 -39.61 -31.85
CA GLN C 554 30.32 -40.87 -32.56
C GLN C 554 30.21 -42.02 -31.56
N ASP C 555 29.04 -42.68 -31.48
CA ASP C 555 28.82 -43.86 -30.59
C ASP C 555 27.57 -44.59 -31.04
N PRO C 556 27.76 -45.69 -31.83
CA PRO C 556 26.64 -46.47 -32.37
C PRO C 556 26.03 -47.50 -31.43
N GLY C 557 26.50 -47.50 -30.17
CA GLY C 557 26.33 -48.60 -29.19
C GLY C 557 24.94 -48.79 -28.61
N VAL C 558 23.87 -48.23 -29.18
CA VAL C 558 22.46 -48.54 -28.76
C VAL C 558 22.15 -50.01 -29.15
N THR C 559 22.86 -50.49 -30.18
CA THR C 559 22.88 -51.89 -30.66
C THR C 559 23.23 -52.82 -29.49
N SER C 560 24.40 -52.63 -28.89
CA SER C 560 24.87 -53.43 -27.72
C SER C 560 23.73 -53.54 -26.68
N VAL C 561 23.11 -52.40 -26.33
CA VAL C 561 22.13 -52.25 -25.21
C VAL C 561 20.88 -53.07 -25.53
N LEU C 562 20.32 -52.87 -26.72
CA LEU C 562 19.02 -53.48 -27.12
C LEU C 562 19.15 -54.99 -27.24
N LEU C 563 20.37 -55.48 -27.50
CA LEU C 563 20.71 -56.94 -27.61
C LEU C 563 20.42 -57.64 -26.29
N ASN C 564 20.63 -56.94 -25.16
CA ASN C 564 20.39 -57.45 -23.79
C ASN C 564 18.89 -57.49 -23.46
N LYS C 565 18.00 -57.44 -24.45
CA LYS C 565 16.55 -57.70 -24.25
C LYS C 565 16.07 -58.63 -25.37
N CYS C 566 16.92 -59.57 -25.81
CA CYS C 566 16.64 -60.53 -26.93
C CYS C 566 16.76 -61.98 -26.43
N PHE C 567 15.65 -62.56 -25.97
CA PHE C 567 15.62 -63.78 -25.10
C PHE C 567 14.21 -64.37 -25.08
N HIS C 568 14.08 -65.60 -24.57
CA HIS C 568 12.81 -66.34 -24.26
C HIS C 568 11.87 -66.32 -25.47
N ASN C 569 12.37 -65.97 -26.66
CA ASN C 569 11.53 -65.73 -27.88
C ASN C 569 10.38 -64.77 -27.50
N ASP C 570 10.74 -63.71 -26.78
CA ASP C 570 9.88 -62.55 -26.42
C ASP C 570 9.59 -61.76 -27.69
N HIS C 571 10.65 -61.41 -28.44
CA HIS C 571 10.61 -60.67 -29.73
C HIS C 571 10.06 -59.25 -29.46
N VAL C 572 10.64 -58.54 -28.49
CA VAL C 572 10.18 -57.17 -28.11
C VAL C 572 11.24 -56.16 -28.55
N ILE C 573 12.14 -56.60 -29.43
CA ILE C 573 13.25 -55.77 -30.01
C ILE C 573 13.33 -56.05 -31.51
N GLY C 574 13.26 -54.99 -32.31
CA GLY C 574 13.73 -54.94 -33.69
C GLY C 574 14.94 -54.04 -33.80
N ILE C 575 16.08 -54.58 -34.24
CA ILE C 575 17.24 -53.78 -34.76
C ILE C 575 17.35 -53.99 -36.27
N TYR C 576 17.30 -52.90 -37.03
CA TYR C 576 17.22 -52.89 -38.50
C TYR C 576 18.16 -51.85 -39.06
N PHE C 577 19.05 -52.24 -39.97
CA PHE C 577 19.91 -51.33 -40.75
C PHE C 577 19.28 -51.14 -42.12
N ALA C 578 18.74 -49.95 -42.37
CA ALA C 578 18.30 -49.46 -43.69
C ALA C 578 19.54 -49.34 -44.60
N THR C 579 19.53 -50.11 -45.68
CA THR C 579 20.57 -50.15 -46.73
C THR C 579 20.48 -48.87 -47.59
N ASP C 580 19.26 -48.46 -47.94
CA ASP C 580 18.96 -47.33 -48.85
C ASP C 580 17.52 -46.84 -48.61
N ALA C 581 17.07 -45.86 -49.37
CA ALA C 581 15.68 -45.35 -49.21
C ALA C 581 14.69 -46.51 -49.28
N ASN C 582 15.04 -47.60 -49.97
CA ASN C 582 14.09 -48.69 -50.35
C ASN C 582 13.98 -49.74 -49.23
N MET C 583 15.11 -50.12 -48.63
CA MET C 583 15.10 -51.02 -47.45
C MET C 583 14.43 -50.26 -46.29
N LEU C 584 14.72 -48.97 -46.18
CA LEU C 584 14.15 -48.08 -45.15
C LEU C 584 12.61 -48.14 -45.22
N LEU C 585 12.03 -48.06 -46.40
CA LEU C 585 10.55 -48.18 -46.55
C LEU C 585 10.07 -49.55 -46.05
N ALA C 586 10.73 -50.62 -46.47
CA ALA C 586 10.33 -52.01 -46.18
C ALA C 586 10.36 -52.22 -44.66
N ILE C 587 11.44 -51.77 -44.00
CA ILE C 587 11.59 -51.75 -42.51
C ILE C 587 10.41 -50.96 -41.88
N ALA C 588 10.23 -49.70 -42.29
CA ALA C 588 9.21 -48.79 -41.73
C ALA C 588 7.81 -49.44 -41.82
N GLU C 589 7.47 -50.09 -42.94
CA GLU C 589 6.18 -50.82 -43.09
C GLU C 589 6.12 -51.94 -42.06
N LYS C 590 7.24 -52.64 -41.82
CA LYS C 590 7.29 -53.73 -40.82
C LYS C 590 6.93 -53.07 -39.48
N CYS C 591 7.75 -52.11 -39.06
CA CYS C 591 7.65 -51.38 -37.78
C CYS C 591 6.23 -50.82 -37.60
N TYR C 592 5.76 -49.94 -38.47
CA TYR C 592 4.44 -49.29 -38.30
C TYR C 592 3.35 -50.36 -38.07
N LYS C 593 3.38 -51.46 -38.81
CA LYS C 593 2.42 -52.61 -38.71
C LYS C 593 2.56 -53.32 -37.35
N SER C 594 3.76 -53.37 -36.80
CA SER C 594 4.16 -54.21 -35.64
C SER C 594 3.62 -53.70 -34.29
N THR C 595 3.54 -54.59 -33.31
CA THR C 595 3.02 -54.34 -31.94
C THR C 595 4.00 -54.92 -30.92
N ASN C 596 3.93 -54.43 -29.68
CA ASN C 596 4.73 -54.93 -28.53
C ASN C 596 6.24 -54.96 -28.82
N LYS C 597 6.80 -54.04 -29.63
CA LYS C 597 8.27 -54.00 -29.88
C LYS C 597 8.86 -52.60 -29.59
N ILE C 598 10.15 -52.57 -29.24
CA ILE C 598 11.05 -51.40 -29.43
C ILE C 598 11.79 -51.62 -30.75
N ASN C 599 11.62 -50.72 -31.71
CA ASN C 599 12.18 -50.80 -33.09
C ASN C 599 13.22 -49.70 -33.30
N ALA C 600 14.50 -50.04 -33.17
CA ALA C 600 15.62 -49.19 -33.60
C ALA C 600 15.79 -49.36 -35.13
N ILE C 601 15.34 -48.38 -35.91
CA ILE C 601 15.55 -48.26 -37.38
C ILE C 601 16.76 -47.35 -37.62
N ILE C 602 17.91 -47.92 -37.94
CA ILE C 602 19.18 -47.17 -38.14
C ILE C 602 19.30 -46.85 -39.63
N ALA C 603 19.44 -45.56 -39.96
CA ALA C 603 19.48 -45.04 -41.34
C ALA C 603 20.29 -43.74 -41.38
N GLY C 604 21.17 -43.62 -42.38
CA GLY C 604 21.89 -42.38 -42.71
C GLY C 604 21.01 -41.34 -43.39
N LYS C 605 21.43 -40.08 -43.27
CA LYS C 605 20.73 -38.87 -43.81
C LYS C 605 21.61 -38.20 -44.86
N GLN C 606 22.88 -38.60 -44.92
CA GLN C 606 23.88 -38.22 -45.96
C GLN C 606 23.43 -38.69 -47.33
N PRO C 607 23.88 -37.99 -48.41
CA PRO C 607 23.61 -38.45 -49.77
C PRO C 607 24.32 -39.81 -50.00
N ALA C 608 23.60 -40.78 -50.57
CA ALA C 608 24.03 -42.20 -50.63
C ALA C 608 23.45 -42.94 -51.84
N ALA C 609 24.10 -44.04 -52.23
CA ALA C 609 23.65 -44.95 -53.30
C ALA C 609 22.36 -45.63 -52.84
N THR C 610 21.35 -45.72 -53.72
CA THR C 610 20.27 -46.73 -53.61
C THR C 610 20.82 -48.02 -54.23
N TRP C 611 20.53 -49.19 -53.66
CA TRP C 611 21.03 -50.52 -54.13
C TRP C 611 19.86 -51.39 -54.58
N LEU C 612 18.77 -51.38 -53.83
CA LEU C 612 17.71 -52.41 -53.96
C LEU C 612 16.44 -51.77 -54.49
N THR C 613 15.73 -52.49 -55.36
CA THR C 613 14.29 -52.27 -55.64
C THR C 613 13.55 -52.48 -54.31
N LEU C 614 12.32 -51.97 -54.20
CA LEU C 614 11.47 -52.21 -53.00
C LEU C 614 11.25 -53.74 -52.88
N ASP C 615 10.93 -54.41 -54.00
CA ASP C 615 10.67 -55.88 -54.04
C ASP C 615 11.93 -56.63 -53.57
N GLU C 616 13.12 -56.23 -54.01
CA GLU C 616 14.38 -56.88 -53.55
C GLU C 616 14.55 -56.64 -52.05
N ALA C 617 14.27 -55.41 -51.59
CA ALA C 617 14.38 -55.00 -50.16
C ALA C 617 13.40 -55.80 -49.30
N ARG C 618 12.12 -55.85 -49.67
CA ARG C 618 11.08 -56.68 -48.99
C ARG C 618 11.61 -58.11 -48.76
N ALA C 619 11.97 -58.82 -49.84
CA ALA C 619 12.46 -60.21 -49.83
C ALA C 619 13.69 -60.35 -48.92
N GLU C 620 14.62 -59.40 -48.92
CA GLU C 620 15.84 -59.47 -48.07
C GLU C 620 15.45 -59.32 -46.60
N LEU C 621 14.43 -58.51 -46.32
CA LEU C 621 14.03 -58.13 -44.94
C LEU C 621 13.36 -59.31 -44.24
N GLU C 622 12.38 -59.95 -44.91
CA GLU C 622 11.60 -61.10 -44.39
C GLU C 622 12.53 -62.23 -43.91
N LYS C 623 13.64 -62.47 -44.60
CA LYS C 623 14.69 -63.43 -44.18
C LYS C 623 15.62 -62.71 -43.20
N GLY C 624 15.95 -61.45 -43.47
CA GLY C 624 16.74 -60.58 -42.59
C GLY C 624 18.14 -60.37 -43.13
N ALA C 625 18.63 -61.34 -43.89
CA ALA C 625 19.80 -61.22 -44.80
C ALA C 625 19.44 -61.82 -46.17
N ALA C 626 20.21 -61.45 -47.19
CA ALA C 626 20.06 -61.95 -48.57
C ALA C 626 21.42 -61.90 -49.27
N ALA C 627 21.77 -63.00 -49.93
CA ALA C 627 22.84 -63.04 -50.95
C ALA C 627 22.45 -62.04 -52.04
N TRP C 628 23.36 -61.13 -52.38
CA TRP C 628 23.16 -60.15 -53.49
C TRP C 628 23.67 -60.74 -54.81
N ASP C 629 22.79 -61.42 -55.56
CA ASP C 629 23.17 -62.28 -56.72
C ASP C 629 23.89 -61.44 -57.77
N TRP C 630 23.18 -60.43 -58.30
CA TRP C 630 23.63 -59.41 -59.29
C TRP C 630 25.01 -58.79 -58.97
N ALA C 631 25.54 -58.92 -57.76
CA ALA C 631 26.79 -58.23 -57.33
C ALA C 631 27.91 -59.22 -57.05
N SER C 632 27.57 -60.47 -56.73
CA SER C 632 28.54 -61.58 -56.50
C SER C 632 29.15 -61.99 -57.85
N THR C 633 30.49 -62.00 -57.96
CA THR C 633 31.22 -62.52 -59.15
C THR C 633 31.12 -64.05 -59.18
N ALA C 634 31.04 -64.72 -58.01
CA ALA C 634 30.92 -66.20 -57.87
C ALA C 634 29.46 -66.60 -57.99
N LYS C 635 29.16 -67.72 -58.65
CA LYS C 635 27.77 -68.13 -59.02
C LYS C 635 27.27 -69.25 -58.07
N ASN C 636 28.08 -69.60 -57.06
CA ASN C 636 27.67 -70.54 -55.97
C ASN C 636 28.78 -70.59 -54.91
N ASN C 637 28.53 -71.29 -53.80
CA ASN C 637 29.27 -71.15 -52.52
C ASN C 637 30.61 -71.88 -52.58
N ASP C 638 30.76 -72.83 -53.50
CA ASP C 638 32.00 -73.61 -53.70
C ASP C 638 33.05 -72.69 -54.34
N GLU C 639 32.66 -71.98 -55.41
CA GLU C 639 33.49 -71.07 -56.25
C GLU C 639 33.97 -69.83 -55.45
N ALA C 640 33.12 -69.32 -54.55
CA ALA C 640 33.32 -68.08 -53.75
C ALA C 640 34.65 -68.13 -53.01
N GLU C 641 35.60 -67.29 -53.40
CA GLU C 641 36.94 -67.20 -52.76
C GLU C 641 36.79 -66.47 -51.43
N VAL C 642 35.73 -65.66 -51.30
CA VAL C 642 35.43 -64.79 -50.11
C VAL C 642 33.97 -64.35 -50.16
N VAL C 643 33.38 -64.16 -48.97
CA VAL C 643 32.08 -63.45 -48.76
C VAL C 643 32.38 -62.04 -48.25
N LEU C 644 31.94 -61.02 -49.00
CA LEU C 644 31.87 -59.59 -48.60
C LEU C 644 30.46 -59.32 -48.07
N ALA C 645 30.29 -59.17 -46.75
CA ALA C 645 28.99 -58.96 -46.09
C ALA C 645 28.98 -57.59 -45.38
N ALA C 646 27.80 -56.95 -45.39
CA ALA C 646 27.61 -55.58 -44.84
C ALA C 646 26.28 -55.52 -44.07
N ALA C 647 26.28 -54.84 -42.94
CA ALA C 647 25.07 -54.35 -42.24
C ALA C 647 25.17 -52.83 -42.13
N GLY C 648 24.34 -52.10 -42.87
CA GLY C 648 24.27 -50.63 -42.77
C GLY C 648 24.75 -49.90 -44.01
N ASP C 649 24.07 -48.80 -44.32
CA ASP C 649 24.25 -47.91 -45.50
C ASP C 649 25.73 -47.68 -45.81
N VAL C 650 26.56 -47.29 -44.85
CA VAL C 650 27.94 -46.79 -45.18
C VAL C 650 28.86 -47.99 -45.30
N PRO C 651 28.83 -48.96 -44.37
CA PRO C 651 29.55 -50.23 -44.56
C PRO C 651 29.14 -50.92 -45.87
N THR C 652 27.85 -50.93 -46.22
CA THR C 652 27.39 -51.43 -47.53
C THR C 652 28.23 -50.72 -48.59
N GLN C 653 27.96 -49.44 -48.82
CA GLN C 653 28.68 -48.51 -49.74
C GLN C 653 30.18 -48.88 -49.80
N GLU C 654 30.90 -49.04 -48.69
CA GLU C 654 32.36 -49.30 -48.72
C GLU C 654 32.60 -50.70 -49.31
N ILE C 655 31.78 -51.68 -48.94
CA ILE C 655 31.96 -53.10 -49.37
C ILE C 655 31.79 -53.17 -50.89
N MET C 656 30.72 -52.58 -51.41
CA MET C 656 30.39 -52.54 -52.86
C MET C 656 31.47 -51.76 -53.62
N ALA C 657 32.12 -50.79 -52.99
CA ALA C 657 33.26 -50.05 -53.56
C ALA C 657 34.46 -50.99 -53.68
N ALA C 658 34.65 -51.85 -52.68
CA ALA C 658 35.72 -52.86 -52.62
C ALA C 658 35.41 -53.98 -53.63
N SER C 659 34.14 -54.34 -53.80
CA SER C 659 33.69 -55.41 -54.74
C SER C 659 34.02 -55.02 -56.20
N ASP C 660 33.82 -53.76 -56.58
CA ASP C 660 34.23 -53.20 -57.92
C ASP C 660 35.74 -53.26 -58.09
N LYS C 661 36.51 -52.87 -57.09
CA LYS C 661 38.00 -52.95 -57.12
C LYS C 661 38.40 -54.43 -57.21
N LEU C 662 37.63 -55.33 -56.60
CA LEU C 662 37.95 -56.78 -56.55
C LEU C 662 37.56 -57.43 -57.89
N LYS C 663 36.44 -57.01 -58.49
CA LYS C 663 36.02 -57.42 -59.86
C LYS C 663 37.21 -57.28 -60.83
N GLU C 664 37.84 -56.09 -60.86
CA GLU C 664 39.05 -55.75 -61.68
C GLU C 664 40.16 -56.79 -61.49
N LEU C 665 40.52 -57.14 -60.24
CA LEU C 665 41.60 -58.11 -59.91
C LEU C 665 41.12 -59.55 -60.18
N GLY C 666 39.90 -59.70 -60.69
CA GLY C 666 39.35 -60.96 -61.23
C GLY C 666 38.66 -61.83 -60.19
N VAL C 667 38.78 -61.49 -58.90
CA VAL C 667 38.38 -62.33 -57.73
C VAL C 667 36.89 -62.69 -57.84
N LYS C 668 36.56 -63.97 -57.69
CA LYS C 668 35.16 -64.46 -57.64
C LYS C 668 34.74 -64.43 -56.16
N PHE C 669 33.75 -63.60 -55.81
CA PHE C 669 33.36 -63.29 -54.40
C PHE C 669 31.84 -63.22 -54.28
N LYS C 670 31.33 -63.53 -53.09
CA LYS C 670 29.89 -63.39 -52.76
C LYS C 670 29.69 -62.08 -51.98
N VAL C 671 28.54 -61.45 -52.18
CA VAL C 671 28.16 -60.18 -51.51
C VAL C 671 26.81 -60.39 -50.81
N VAL C 672 26.81 -60.34 -49.48
CA VAL C 672 25.58 -60.44 -48.66
C VAL C 672 25.32 -59.08 -47.98
N ASN C 673 24.04 -58.82 -47.73
CA ASN C 673 23.55 -57.62 -47.01
C ASN C 673 22.69 -58.11 -45.84
N VAL C 674 22.94 -57.56 -44.63
CA VAL C 674 22.14 -57.80 -43.39
C VAL C 674 21.30 -56.56 -43.07
N ALA C 675 19.98 -56.71 -43.09
CA ALA C 675 18.98 -55.72 -42.63
C ALA C 675 18.65 -56.04 -41.15
N ASP C 676 17.74 -56.98 -40.89
CA ASP C 676 17.33 -57.45 -39.53
C ASP C 676 18.52 -58.15 -38.85
N LEU C 677 19.13 -57.52 -37.84
CA LEU C 677 20.36 -58.01 -37.16
C LEU C 677 20.05 -59.26 -36.33
N LEU C 678 18.82 -59.41 -35.85
CA LEU C 678 18.41 -60.53 -34.95
C LEU C 678 18.28 -61.86 -35.73
N SER C 679 18.23 -61.81 -37.06
CA SER C 679 18.27 -62.98 -37.97
C SER C 679 19.59 -63.76 -37.78
N LEU C 680 20.69 -63.08 -37.38
CA LEU C 680 22.04 -63.68 -37.20
C LEU C 680 22.19 -64.36 -35.83
N GLN C 681 21.13 -64.34 -35.01
CA GLN C 681 21.13 -64.82 -33.59
C GLN C 681 20.88 -66.33 -33.59
N SER C 682 21.63 -67.10 -32.78
CA SER C 682 21.44 -68.55 -32.58
C SER C 682 19.98 -68.93 -32.85
N ALA C 683 19.71 -69.92 -33.72
CA ALA C 683 18.36 -70.41 -34.09
C ALA C 683 17.75 -71.16 -32.91
N LYS C 684 18.58 -71.44 -31.90
CA LYS C 684 18.18 -72.10 -30.63
C LYS C 684 17.49 -71.06 -29.75
N GLU C 685 18.18 -69.95 -29.45
CA GLU C 685 17.68 -68.79 -28.64
C GLU C 685 16.52 -68.09 -29.35
N ASN C 686 16.64 -67.82 -30.65
CA ASN C 686 15.71 -66.99 -31.45
C ASN C 686 15.04 -67.83 -32.55
N ASP C 687 13.81 -68.27 -32.28
CA ASP C 687 12.98 -69.12 -33.19
C ASP C 687 12.51 -68.30 -34.42
N GLU C 688 13.08 -67.13 -34.67
CA GLU C 688 12.74 -66.27 -35.83
C GLU C 688 14.00 -65.99 -36.65
N ALA C 689 15.17 -66.26 -36.09
CA ALA C 689 16.45 -66.16 -36.81
C ALA C 689 16.50 -67.15 -37.99
N LEU C 690 17.38 -66.88 -38.96
CA LEU C 690 17.81 -67.86 -40.00
C LEU C 690 18.05 -69.20 -39.31
N THR C 691 17.56 -70.30 -39.92
CA THR C 691 17.94 -71.70 -39.55
C THR C 691 19.44 -71.83 -39.83
N ASP C 692 20.14 -72.71 -39.08
CA ASP C 692 21.59 -72.96 -39.24
C ASP C 692 21.88 -73.23 -40.73
N GLU C 693 20.95 -73.92 -41.41
CA GLU C 693 21.04 -74.21 -42.87
C GLU C 693 21.02 -72.90 -43.66
N GLU C 694 19.95 -72.12 -43.48
CA GLU C 694 19.71 -70.80 -44.16
C GLU C 694 20.93 -69.89 -43.96
N PHE C 695 21.59 -69.96 -42.79
CA PHE C 695 22.84 -69.21 -42.47
C PHE C 695 24.01 -69.75 -43.30
N ALA C 696 24.34 -71.05 -43.17
CA ALA C 696 25.48 -71.75 -43.82
C ALA C 696 25.46 -71.52 -45.32
N ASP C 697 24.27 -71.73 -45.91
CA ASP C 697 23.86 -71.32 -47.28
C ASP C 697 24.41 -69.91 -47.56
N ILE C 698 23.76 -68.86 -47.01
CA ILE C 698 24.02 -67.42 -47.31
C ILE C 698 25.51 -67.07 -47.09
N PHE C 699 26.07 -67.42 -45.94
CA PHE C 699 27.44 -66.99 -45.54
C PHE C 699 28.49 -68.02 -45.98
N THR C 700 28.06 -69.17 -46.53
CA THR C 700 28.88 -70.39 -46.83
C THR C 700 29.32 -71.07 -45.52
N ALA C 701 29.69 -72.35 -45.60
CA ALA C 701 30.07 -73.21 -44.44
C ALA C 701 31.59 -73.19 -44.21
N ASP C 702 32.39 -72.77 -45.19
CA ASP C 702 33.88 -72.90 -45.18
C ASP C 702 34.61 -71.60 -45.61
N LYS C 703 33.95 -70.68 -46.33
CA LYS C 703 34.64 -69.53 -46.98
C LYS C 703 34.84 -68.40 -45.98
N PRO C 704 35.98 -67.65 -46.04
CA PRO C 704 36.18 -66.49 -45.17
C PRO C 704 35.13 -65.40 -45.41
N VAL C 705 34.66 -64.75 -44.34
CA VAL C 705 33.57 -63.71 -44.40
C VAL C 705 34.11 -62.39 -43.89
N LEU C 706 34.24 -61.41 -44.77
CA LEU C 706 34.57 -60.00 -44.41
C LEU C 706 33.25 -59.29 -44.07
N PHE C 707 33.02 -58.97 -42.79
CA PHE C 707 31.80 -58.29 -42.31
C PHE C 707 32.12 -56.81 -42.04
N ALA C 708 31.57 -55.92 -42.87
CA ALA C 708 31.46 -54.46 -42.63
C ALA C 708 30.22 -54.20 -41.77
N TYR C 709 30.41 -53.82 -40.49
CA TYR C 709 29.31 -53.63 -39.49
C TYR C 709 29.19 -52.16 -39.11
N HIS C 710 27.97 -51.66 -39.13
CA HIS C 710 27.63 -50.26 -38.77
C HIS C 710 28.18 -49.92 -37.37
N SER C 711 27.90 -50.75 -36.37
CA SER C 711 28.19 -50.47 -34.94
C SER C 711 29.50 -51.15 -34.49
N TYR C 712 29.53 -51.67 -33.27
CA TYR C 712 30.72 -52.30 -32.64
C TYR C 712 30.80 -53.77 -33.06
N ALA C 713 31.98 -54.22 -33.52
CA ALA C 713 32.23 -55.59 -34.06
C ALA C 713 31.79 -56.62 -33.01
N HIS C 714 32.31 -56.48 -31.79
CA HIS C 714 31.83 -57.12 -30.54
C HIS C 714 30.38 -57.63 -30.66
N ASP C 715 29.48 -56.85 -31.23
CA ASP C 715 28.02 -57.14 -31.29
C ASP C 715 27.80 -58.42 -32.08
N VAL C 716 28.32 -58.44 -33.31
CA VAL C 716 28.07 -59.53 -34.30
C VAL C 716 28.66 -60.81 -33.70
N ARG C 717 29.89 -60.70 -33.19
CA ARG C 717 30.67 -61.82 -32.62
C ARG C 717 29.81 -62.58 -31.61
N GLY C 718 29.15 -61.85 -30.70
CA GLY C 718 28.31 -62.41 -29.62
C GLY C 718 27.12 -63.20 -30.13
N LEU C 719 26.59 -62.86 -31.31
CA LEU C 719 25.36 -63.51 -31.87
C LEU C 719 25.71 -64.84 -32.55
N ILE C 720 26.94 -64.98 -33.07
CA ILE C 720 27.36 -66.05 -34.03
C ILE C 720 28.24 -67.09 -33.32
N TYR C 721 28.36 -67.04 -31.99
CA TYR C 721 29.21 -67.97 -31.20
C TYR C 721 28.86 -69.44 -31.50
N ASP C 722 27.63 -69.75 -31.96
CA ASP C 722 27.12 -71.13 -32.16
C ASP C 722 26.78 -71.35 -33.64
N ARG C 723 27.10 -70.37 -34.50
CA ARG C 723 26.62 -70.32 -35.91
C ARG C 723 27.63 -71.07 -36.78
N PRO C 724 27.14 -71.77 -37.83
CA PRO C 724 28.03 -72.38 -38.82
C PRO C 724 29.05 -71.36 -39.35
N ASN C 725 30.33 -71.70 -39.30
CA ASN C 725 31.43 -71.00 -40.04
C ASN C 725 31.83 -69.76 -39.25
N HIS C 726 31.22 -69.58 -38.09
CA HIS C 726 31.39 -68.34 -37.27
C HIS C 726 32.88 -68.04 -37.09
N ASP C 727 33.75 -69.05 -37.08
CA ASP C 727 35.20 -68.85 -36.79
C ASP C 727 35.89 -68.19 -37.98
N ASN C 728 35.27 -68.24 -39.17
CA ASN C 728 35.83 -67.66 -40.42
C ASN C 728 35.57 -66.15 -40.50
N PHE C 729 34.63 -65.61 -39.68
CA PHE C 729 34.12 -64.22 -39.73
C PHE C 729 35.16 -63.23 -39.19
N ASN C 730 35.60 -62.32 -40.08
CA ASN C 730 36.46 -61.17 -39.75
C ASN C 730 35.56 -59.94 -39.76
N VAL C 731 35.05 -59.55 -38.58
CA VAL C 731 34.06 -58.45 -38.41
C VAL C 731 34.79 -57.13 -38.17
N HIS C 732 34.55 -56.14 -39.06
CA HIS C 732 34.99 -54.74 -38.91
C HIS C 732 33.78 -53.87 -38.50
N GLY C 733 33.93 -53.05 -37.48
CA GLY C 733 32.92 -52.05 -37.06
C GLY C 733 33.58 -50.79 -36.54
N TYR C 734 32.83 -49.91 -35.86
CA TYR C 734 33.40 -48.71 -35.20
C TYR C 734 34.32 -49.16 -34.06
N GLU C 735 35.38 -48.40 -33.83
CA GLU C 735 36.48 -48.79 -32.90
C GLU C 735 36.95 -47.58 -32.09
N GLU C 736 36.03 -46.68 -31.74
CA GLU C 736 36.33 -45.46 -30.93
C GLU C 736 37.47 -44.65 -31.58
N GLU C 737 37.43 -44.48 -32.90
CA GLU C 737 38.40 -43.63 -33.65
C GLU C 737 37.61 -42.63 -34.50
N GLY C 738 38.08 -41.38 -34.57
CA GLY C 738 37.43 -40.34 -35.37
C GLY C 738 37.65 -38.94 -34.81
N SER C 739 37.06 -37.94 -35.44
CA SER C 739 37.10 -36.53 -35.00
C SER C 739 36.29 -35.72 -35.99
N THR C 740 36.63 -34.44 -36.13
CA THR C 740 36.11 -33.53 -37.19
C THR C 740 37.03 -33.66 -38.40
N THR C 741 36.59 -34.41 -39.41
CA THR C 741 37.42 -34.80 -40.59
C THR C 741 36.46 -35.11 -41.75
N THR C 742 36.91 -35.78 -42.82
CA THR C 742 36.05 -36.02 -44.00
C THR C 742 35.32 -37.34 -43.81
N PRO C 743 34.24 -37.59 -44.57
CA PRO C 743 33.58 -38.90 -44.57
C PRO C 743 34.56 -40.05 -44.70
N TYR C 744 35.55 -39.92 -45.60
CA TYR C 744 36.54 -40.99 -45.94
C TYR C 744 37.44 -41.24 -44.73
N ASP C 745 37.92 -40.20 -44.04
CA ASP C 745 38.79 -40.38 -42.85
C ASP C 745 38.04 -41.12 -41.71
N MET C 746 36.72 -40.95 -41.57
CA MET C 746 35.94 -41.60 -40.47
C MET C 746 36.03 -43.12 -40.66
N VAL C 747 35.66 -43.59 -41.85
CA VAL C 747 35.75 -45.02 -42.26
C VAL C 747 37.23 -45.43 -42.35
N ARG C 748 38.13 -44.52 -42.72
CA ARG C 748 39.59 -44.80 -42.73
C ARG C 748 40.00 -45.24 -41.32
N VAL C 749 39.94 -44.33 -40.35
CA VAL C 749 40.60 -44.50 -39.03
C VAL C 749 39.99 -45.71 -38.29
N ASN C 750 38.78 -46.15 -38.66
CA ASN C 750 38.08 -47.32 -38.09
C ASN C 750 38.24 -48.54 -39.01
N ARG C 751 39.19 -48.49 -39.95
CA ARG C 751 39.63 -49.63 -40.82
C ARG C 751 38.40 -50.33 -41.42
N ILE C 752 37.48 -49.54 -41.98
CA ILE C 752 36.25 -50.02 -42.69
C ILE C 752 36.09 -49.24 -44.00
N ASP C 753 37.14 -48.52 -44.44
CA ASP C 753 37.19 -47.90 -45.79
C ASP C 753 37.28 -48.99 -46.87
N ARG C 754 36.69 -48.72 -48.04
CA ARG C 754 36.75 -49.53 -49.30
C ARG C 754 38.17 -50.03 -49.62
N TYR C 755 39.20 -49.21 -49.41
CA TYR C 755 40.60 -49.54 -49.76
C TYR C 755 41.09 -50.64 -48.82
N GLU C 756 40.84 -50.45 -47.52
CA GLU C 756 41.22 -51.41 -46.45
C GLU C 756 40.43 -52.71 -46.63
N LEU C 757 39.14 -52.61 -46.98
CA LEU C 757 38.25 -53.79 -47.04
C LEU C 757 38.68 -54.71 -48.20
N THR C 758 39.01 -54.11 -49.36
CA THR C 758 39.72 -54.76 -50.49
C THR C 758 40.99 -55.43 -49.91
N ALA C 759 41.94 -54.65 -49.40
CA ALA C 759 43.21 -55.18 -48.85
C ALA C 759 42.90 -56.39 -47.96
N GLU C 760 41.92 -56.27 -47.08
CA GLU C 760 41.64 -57.29 -46.02
C GLU C 760 41.02 -58.54 -46.66
N ALA C 761 40.31 -58.39 -47.78
CA ALA C 761 39.72 -59.50 -48.56
C ALA C 761 40.83 -60.29 -49.26
N LEU C 762 41.79 -59.56 -49.85
CA LEU C 762 43.03 -60.09 -50.46
C LEU C 762 43.84 -60.80 -49.37
N ARG C 763 44.09 -60.11 -48.24
CA ARG C 763 44.88 -60.61 -47.07
C ARG C 763 44.32 -61.94 -46.57
N MET C 764 43.04 -62.24 -46.86
CA MET C 764 42.32 -63.42 -46.35
C MET C 764 42.38 -64.57 -47.37
N ILE C 765 42.43 -64.28 -48.67
CA ILE C 765 42.51 -65.32 -49.75
C ILE C 765 43.98 -65.70 -49.97
N ASP C 766 44.89 -64.72 -50.00
CA ASP C 766 46.36 -64.93 -50.15
C ASP C 766 47.10 -63.60 -49.96
N ALA C 767 47.80 -63.45 -48.83
CA ALA C 767 48.66 -62.29 -48.48
C ALA C 767 49.94 -62.31 -49.33
N ASP C 768 50.34 -63.52 -49.74
CA ASP C 768 51.53 -63.83 -50.58
C ASP C 768 51.20 -63.45 -52.03
N LYS C 769 50.17 -64.09 -52.62
CA LYS C 769 49.71 -63.83 -54.01
C LYS C 769 49.55 -62.32 -54.24
N TYR C 770 48.87 -61.62 -53.32
CA TYR C 770 48.24 -60.28 -53.57
C TYR C 770 48.99 -59.11 -52.90
N ALA C 771 50.05 -59.37 -52.12
CA ALA C 771 50.90 -58.36 -51.43
C ALA C 771 51.29 -57.17 -52.34
N ASP C 772 51.27 -57.33 -53.66
CA ASP C 772 51.47 -56.22 -54.63
C ASP C 772 50.35 -55.20 -54.47
N LYS C 773 49.11 -55.66 -54.65
CA LYS C 773 47.90 -54.80 -54.65
C LYS C 773 47.68 -54.33 -53.21
N ILE C 774 47.76 -55.27 -52.27
CA ILE C 774 47.58 -55.05 -50.80
C ILE C 774 48.40 -53.82 -50.40
N ASP C 775 49.69 -53.80 -50.73
CA ASP C 775 50.63 -52.70 -50.36
C ASP C 775 50.26 -51.43 -51.16
N GLU C 776 49.76 -51.58 -52.39
CA GLU C 776 49.30 -50.44 -53.23
C GLU C 776 48.15 -49.73 -52.48
N LEU C 777 47.13 -50.50 -52.09
CA LEU C 777 45.90 -50.07 -51.36
C LEU C 777 46.28 -49.33 -50.08
N GLU C 778 47.09 -49.92 -49.21
CA GLU C 778 47.57 -49.25 -47.96
C GLU C 778 48.20 -47.90 -48.32
N LYS C 779 48.97 -47.82 -49.42
CA LYS C 779 49.77 -46.62 -49.79
C LYS C 779 48.82 -45.53 -50.26
N PHE C 780 47.72 -45.91 -50.92
CA PHE C 780 46.63 -44.99 -51.34
C PHE C 780 46.01 -44.37 -50.09
N ARG C 781 45.52 -45.20 -49.16
CA ARG C 781 44.90 -44.79 -47.87
C ARG C 781 45.65 -43.58 -47.27
N ASP C 782 46.97 -43.65 -47.12
CA ASP C 782 47.78 -42.53 -46.55
C ASP C 782 47.81 -41.35 -47.54
N GLU C 783 47.79 -41.62 -48.85
CA GLU C 783 47.83 -40.57 -49.90
C GLU C 783 46.48 -39.85 -49.91
N ALA C 784 45.38 -40.58 -49.74
CA ALA C 784 43.97 -40.10 -49.87
C ALA C 784 43.55 -39.31 -48.62
N PHE C 785 44.16 -39.63 -47.47
CA PHE C 785 44.13 -38.80 -46.25
C PHE C 785 44.93 -37.52 -46.53
N GLN C 786 46.15 -37.66 -47.06
CA GLN C 786 47.05 -36.51 -47.33
C GLN C 786 46.36 -35.59 -48.35
N PHE C 787 45.60 -36.16 -49.29
CA PHE C 787 44.78 -35.36 -50.23
C PHE C 787 43.90 -34.42 -49.40
N ALA C 788 43.13 -34.99 -48.45
CA ALA C 788 42.13 -34.30 -47.59
C ALA C 788 42.77 -33.18 -46.76
N VAL C 789 43.92 -33.45 -46.13
CA VAL C 789 44.68 -32.45 -45.30
C VAL C 789 45.14 -31.27 -46.18
N ASP C 790 45.43 -31.50 -47.48
CA ASP C 790 46.01 -30.45 -48.37
C ASP C 790 44.86 -29.68 -49.02
N ASN C 791 43.73 -30.32 -49.28
CA ASN C 791 42.66 -29.75 -50.15
C ASN C 791 41.39 -29.41 -49.35
N GLY C 792 41.08 -30.12 -48.26
CA GLY C 792 39.88 -29.86 -47.44
C GLY C 792 38.64 -30.60 -47.94
N TYR C 793 38.80 -31.50 -48.92
CA TYR C 793 37.79 -32.48 -49.38
C TYR C 793 38.48 -33.81 -49.70
N ASP C 794 37.68 -34.83 -50.00
CA ASP C 794 38.18 -36.22 -50.17
C ASP C 794 38.73 -36.39 -51.59
N HIS C 795 39.71 -37.29 -51.74
CA HIS C 795 40.31 -37.69 -53.04
C HIS C 795 39.19 -38.07 -53.99
N PRO C 796 39.23 -37.61 -55.26
CA PRO C 796 38.11 -37.85 -56.17
C PRO C 796 37.89 -39.33 -56.55
N ASP C 797 38.78 -40.26 -56.17
CA ASP C 797 38.54 -41.71 -56.40
C ASP C 797 37.44 -42.19 -55.43
N TYR C 798 37.44 -41.65 -54.21
CA TYR C 798 36.43 -41.90 -53.14
C TYR C 798 35.11 -41.21 -53.52
N THR C 799 35.17 -39.89 -53.72
CA THR C 799 34.04 -38.95 -53.93
C THR C 799 33.24 -39.30 -55.20
N ASP C 800 33.90 -39.45 -56.33
CA ASP C 800 33.25 -39.53 -57.68
C ASP C 800 33.05 -40.99 -58.10
N TRP C 801 33.36 -41.97 -57.23
CA TRP C 801 33.13 -43.42 -57.51
C TRP C 801 31.63 -43.65 -57.71
N VAL C 802 31.27 -44.48 -58.70
CA VAL C 802 29.91 -45.06 -58.95
C VAL C 802 30.08 -46.54 -59.34
N TYR C 803 29.26 -47.42 -58.77
CA TYR C 803 29.26 -48.88 -59.00
C TYR C 803 29.19 -49.15 -60.51
N SER C 804 30.12 -50.00 -60.99
CA SER C 804 30.13 -50.73 -62.28
C SER C 804 28.72 -50.99 -62.84
N GLY C 805 27.79 -51.42 -61.97
CA GLY C 805 26.43 -51.89 -62.34
C GLY C 805 25.43 -50.79 -62.64
N VAL C 806 25.84 -49.51 -62.58
CA VAL C 806 24.98 -48.33 -62.92
C VAL C 806 25.13 -48.02 -64.42
N ASN C 807 24.04 -48.15 -65.18
CA ASN C 807 23.98 -48.02 -66.68
C ASN C 807 23.39 -46.66 -67.06
N THR C 808 24.19 -45.70 -67.54
CA THR C 808 23.73 -44.38 -68.04
C THR C 808 23.01 -44.56 -69.39
N THR D 2 44.70 -30.82 -1.41
CA THR D 2 43.43 -30.06 -1.49
C THR D 2 43.58 -29.07 -2.66
N SER D 3 42.52 -28.31 -2.96
CA SER D 3 42.53 -27.24 -3.99
C SER D 3 43.43 -26.10 -3.50
N PRO D 4 44.17 -25.40 -4.40
CA PRO D 4 44.97 -24.26 -3.98
C PRO D 4 44.12 -22.97 -4.00
N VAL D 5 44.51 -22.02 -3.16
CA VAL D 5 43.99 -20.63 -3.19
C VAL D 5 44.85 -19.84 -4.18
N ILE D 6 44.29 -19.56 -5.35
CA ILE D 6 44.96 -18.75 -6.40
C ILE D 6 44.37 -17.34 -6.36
N GLY D 7 45.22 -16.33 -6.47
CA GLY D 7 44.82 -14.93 -6.66
C GLY D 7 44.41 -14.28 -5.36
N THR D 8 43.51 -13.32 -5.44
CA THR D 8 42.98 -12.46 -4.34
C THR D 8 41.46 -12.64 -4.36
N PRO D 9 40.93 -13.76 -3.81
CA PRO D 9 39.55 -14.15 -4.09
C PRO D 9 38.55 -13.28 -3.34
N TRP D 10 37.41 -13.09 -3.97
CA TRP D 10 36.20 -12.48 -3.37
C TRP D 10 36.51 -11.03 -3.01
N LYS D 11 37.27 -10.36 -3.88
CA LYS D 11 37.70 -8.95 -3.71
C LYS D 11 36.77 -8.05 -4.53
N LYS D 12 36.14 -7.08 -3.87
CA LYS D 12 35.40 -5.95 -4.49
C LYS D 12 36.38 -4.98 -5.18
N LEU D 13 35.98 -4.42 -6.30
CA LEU D 13 36.79 -3.39 -7.02
C LEU D 13 36.77 -2.08 -6.22
N ASN D 14 35.61 -1.66 -5.71
CA ASN D 14 35.49 -0.35 -5.01
C ASN D 14 36.05 0.73 -5.93
N ALA D 15 35.50 0.86 -7.16
CA ALA D 15 35.91 1.79 -8.23
C ALA D 15 35.13 1.43 -9.49
N PRO D 16 34.64 2.42 -10.27
CA PRO D 16 33.96 2.09 -11.53
C PRO D 16 34.97 1.33 -12.40
N VAL D 17 34.50 0.57 -13.39
CA VAL D 17 35.38 -0.06 -14.41
C VAL D 17 35.86 1.09 -15.31
N SER D 18 37.17 1.11 -15.61
CA SER D 18 37.84 2.18 -16.39
C SER D 18 37.40 2.13 -17.86
N GLU D 19 37.45 3.26 -18.56
CA GLU D 19 37.03 3.31 -19.99
C GLU D 19 38.13 2.63 -20.82
N GLU D 20 39.37 2.75 -20.40
CA GLU D 20 40.57 2.04 -20.94
C GLU D 20 40.23 0.55 -21.16
N ALA D 21 39.80 -0.12 -20.08
CA ALA D 21 39.57 -1.58 -20.03
C ALA D 21 38.38 -2.00 -20.91
N LEU D 22 37.33 -1.18 -21.00
CA LEU D 22 36.10 -1.51 -21.76
C LEU D 22 36.36 -1.40 -23.27
N GLU D 23 37.20 -0.43 -23.70
CA GLU D 23 37.69 -0.32 -25.11
C GLU D 23 38.42 -1.61 -25.47
N GLY D 24 39.24 -2.11 -24.55
CA GLY D 24 39.91 -3.42 -24.68
C GLY D 24 38.93 -4.56 -24.90
N VAL D 25 37.86 -4.59 -24.12
CA VAL D 25 36.85 -5.68 -24.15
C VAL D 25 36.22 -5.68 -25.53
N ASP D 26 35.92 -4.49 -26.06
CA ASP D 26 35.28 -4.38 -27.41
C ASP D 26 36.26 -4.93 -28.45
N LYS D 27 37.53 -4.56 -28.35
CA LYS D 27 38.59 -4.98 -29.29
C LYS D 27 38.69 -6.51 -29.18
N TYR D 28 38.74 -7.05 -27.95
CA TYR D 28 38.74 -8.52 -27.69
C TYR D 28 37.57 -9.13 -28.45
N TRP D 29 36.40 -8.54 -28.28
CA TRP D 29 35.12 -9.08 -28.81
C TRP D 29 35.20 -9.15 -30.34
N ARG D 30 35.62 -8.04 -30.95
CA ARG D 30 35.71 -7.87 -32.43
C ARG D 30 36.73 -8.89 -32.96
N VAL D 31 37.89 -8.95 -32.31
CA VAL D 31 38.99 -9.83 -32.76
C VAL D 31 38.50 -11.27 -32.59
N ALA D 32 37.88 -11.57 -31.45
CA ALA D 32 37.52 -12.96 -31.11
C ALA D 32 36.49 -13.44 -32.11
N ASN D 33 35.64 -12.52 -32.56
CA ASN D 33 34.57 -12.82 -33.54
C ASN D 33 35.25 -13.05 -34.89
N TYR D 34 36.28 -12.25 -35.18
CA TYR D 34 37.04 -12.35 -36.45
C TYR D 34 37.72 -13.72 -36.48
N LEU D 35 38.35 -14.08 -35.35
CA LEU D 35 39.06 -15.37 -35.16
C LEU D 35 38.09 -16.55 -35.23
N SER D 36 36.81 -16.31 -34.97
CA SER D 36 35.76 -17.35 -34.96
C SER D 36 35.23 -17.54 -36.37
N ILE D 37 35.03 -16.44 -37.09
CA ILE D 37 34.49 -16.53 -38.47
C ILE D 37 35.62 -17.14 -39.31
N GLY D 38 36.84 -16.67 -39.07
CA GLY D 38 38.08 -17.15 -39.71
C GLY D 38 38.24 -18.65 -39.57
N GLN D 39 38.02 -19.17 -38.36
CA GLN D 39 38.13 -20.61 -38.03
C GLN D 39 37.10 -21.42 -38.84
N ILE D 40 35.97 -20.82 -39.18
CA ILE D 40 34.89 -21.62 -39.80
C ILE D 40 35.07 -21.60 -41.32
N TYR D 41 35.50 -20.45 -41.84
CA TYR D 41 35.33 -20.05 -43.27
C TYR D 41 36.65 -20.12 -44.05
N LEU D 42 37.78 -19.71 -43.48
CA LEU D 42 39.02 -19.46 -44.26
C LEU D 42 39.99 -20.65 -44.19
N ARG D 43 40.45 -21.10 -45.37
CA ARG D 43 41.53 -22.11 -45.51
C ARG D 43 42.89 -21.40 -45.64
N SER D 44 42.92 -20.11 -46.01
CA SER D 44 44.17 -19.33 -46.24
C SER D 44 43.90 -17.82 -46.31
N ASN D 45 44.93 -16.99 -46.16
CA ASN D 45 44.85 -15.52 -46.32
C ASN D 45 43.95 -14.97 -45.22
N PRO D 46 44.32 -15.23 -43.94
CA PRO D 46 43.51 -14.84 -42.79
C PRO D 46 43.15 -13.36 -42.68
N LEU D 47 44.03 -12.49 -43.19
CA LEU D 47 43.88 -11.01 -43.08
C LEU D 47 43.31 -10.41 -44.37
N MET D 48 42.72 -11.20 -45.24
CA MET D 48 42.12 -10.69 -46.49
C MET D 48 43.07 -9.68 -47.18
N LYS D 49 44.34 -10.03 -47.40
CA LYS D 49 45.30 -9.27 -48.25
C LYS D 49 44.96 -9.50 -49.73
N GLU D 50 45.10 -8.45 -50.54
CA GLU D 50 44.89 -8.45 -52.02
C GLU D 50 45.83 -9.50 -52.65
N PRO D 51 45.36 -10.49 -53.41
CA PRO D 51 43.94 -10.72 -53.67
C PRO D 51 43.27 -11.62 -52.60
N PHE D 52 42.04 -11.26 -52.20
CA PHE D 52 41.16 -12.05 -51.30
C PHE D 52 40.02 -12.56 -52.16
N THR D 53 39.94 -13.88 -52.39
CA THR D 53 38.98 -14.53 -53.32
C THR D 53 38.36 -15.75 -52.66
N ARG D 54 37.35 -16.31 -53.33
CA ARG D 54 36.65 -17.57 -52.93
C ARG D 54 37.62 -18.75 -52.74
N GLU D 55 38.82 -18.76 -53.34
CA GLU D 55 39.74 -19.93 -53.24
C GLU D 55 40.41 -19.89 -51.87
N ASP D 56 40.23 -18.77 -51.15
CA ASP D 56 40.70 -18.57 -49.76
C ASP D 56 39.71 -19.19 -48.75
N VAL D 57 38.52 -19.61 -49.21
CA VAL D 57 37.38 -20.11 -48.38
C VAL D 57 37.33 -21.66 -48.41
N LYS D 58 37.08 -22.28 -47.25
CA LYS D 58 37.00 -23.75 -47.07
C LYS D 58 35.84 -24.32 -47.91
N HIS D 59 35.97 -25.58 -48.32
CA HIS D 59 34.99 -26.30 -49.18
C HIS D 59 33.81 -26.76 -48.33
N ARG D 60 34.08 -27.37 -47.17
CA ARG D 60 33.07 -27.84 -46.19
C ARG D 60 33.04 -26.81 -45.07
N LEU D 61 31.88 -26.20 -44.83
CA LEU D 61 31.74 -25.22 -43.72
C LEU D 61 31.37 -26.00 -42.46
N VAL D 62 32.34 -26.16 -41.55
CA VAL D 62 32.13 -26.92 -40.29
C VAL D 62 32.40 -25.95 -39.16
N GLY D 63 31.53 -25.96 -38.16
CA GLY D 63 31.61 -25.06 -37.02
C GLY D 63 30.26 -24.44 -36.76
N HIS D 64 30.12 -23.85 -35.56
CA HIS D 64 28.86 -23.19 -35.11
C HIS D 64 29.17 -21.73 -34.79
N TRP D 65 28.52 -20.83 -35.54
CA TRP D 65 28.61 -19.37 -35.31
C TRP D 65 27.64 -18.92 -34.22
N GLY D 66 26.37 -19.39 -34.26
CA GLY D 66 25.22 -18.91 -33.46
C GLY D 66 25.58 -18.52 -32.02
N THR D 67 26.05 -19.48 -31.22
CA THR D 67 26.37 -19.30 -29.78
C THR D 67 27.58 -18.37 -29.60
N THR D 68 28.46 -18.32 -30.60
CA THR D 68 29.89 -17.88 -30.49
C THR D 68 30.01 -16.40 -30.14
N PRO D 69 29.34 -15.46 -30.83
CA PRO D 69 29.50 -14.04 -30.49
C PRO D 69 29.07 -13.75 -29.04
N GLY D 70 27.95 -14.33 -28.60
CA GLY D 70 27.55 -14.37 -27.18
C GLY D 70 28.69 -14.83 -26.28
N LEU D 71 29.27 -16.00 -26.51
CA LEU D 71 30.36 -16.47 -25.62
C LEU D 71 31.50 -15.44 -25.64
N ASN D 72 31.94 -14.97 -26.82
CA ASN D 72 33.12 -14.09 -26.98
C ASN D 72 32.88 -12.79 -26.19
N PHE D 73 31.68 -12.23 -26.27
CA PHE D 73 31.24 -11.07 -25.45
C PHE D 73 31.42 -11.39 -23.96
N LEU D 74 30.81 -12.51 -23.53
CA LEU D 74 30.84 -12.96 -22.11
C LEU D 74 32.29 -13.17 -21.68
N ILE D 75 33.06 -13.89 -22.50
CA ILE D 75 34.46 -14.29 -22.16
C ILE D 75 35.30 -13.03 -22.17
N GLY D 76 35.05 -12.13 -23.12
CA GLY D 76 35.70 -10.81 -23.11
C GLY D 76 35.56 -10.15 -21.75
N HIS D 77 34.34 -10.07 -21.22
CA HIS D 77 34.02 -9.35 -19.95
C HIS D 77 34.59 -10.09 -18.73
N ILE D 78 34.50 -11.42 -18.69
CA ILE D 78 35.11 -12.25 -17.61
C ILE D 78 36.64 -12.06 -17.62
N ASN D 79 37.27 -12.00 -18.80
CA ASN D 79 38.73 -11.77 -18.91
C ASN D 79 39.03 -10.42 -18.25
N ARG D 80 38.26 -9.39 -18.56
CA ARG D 80 38.47 -8.06 -17.90
C ARG D 80 38.34 -8.25 -16.39
N PHE D 81 37.29 -8.94 -15.95
CA PHE D 81 36.98 -9.19 -14.53
C PHE D 81 38.17 -9.84 -13.83
N ILE D 82 38.66 -10.98 -14.35
CA ILE D 82 39.74 -11.80 -13.71
C ILE D 82 40.94 -10.89 -13.47
N ALA D 83 41.27 -10.03 -14.45
CA ALA D 83 42.50 -9.19 -14.39
C ALA D 83 42.35 -8.10 -13.34
N ASP D 84 41.18 -7.47 -13.24
CA ASP D 84 40.94 -6.31 -12.32
C ASP D 84 40.90 -6.83 -10.87
N HIS D 85 40.45 -8.06 -10.66
CA HIS D 85 40.08 -8.60 -9.34
C HIS D 85 41.10 -9.64 -8.86
N GLY D 86 41.80 -10.28 -9.80
CA GLY D 86 42.71 -11.40 -9.53
C GLY D 86 41.90 -12.55 -8.99
N GLN D 87 40.75 -12.82 -9.61
CA GLN D 87 39.81 -13.88 -9.20
C GLN D 87 40.12 -15.20 -9.92
N ASN D 88 40.35 -16.25 -9.11
CA ASN D 88 40.53 -17.66 -9.56
C ASN D 88 39.24 -18.10 -10.26
N THR D 89 39.25 -18.15 -11.58
CA THR D 89 38.02 -18.33 -12.40
C THR D 89 38.18 -19.48 -13.39
N VAL D 90 37.10 -20.22 -13.60
CA VAL D 90 37.00 -21.38 -14.53
C VAL D 90 35.63 -21.30 -15.19
N ILE D 91 35.56 -21.03 -16.50
CA ILE D 91 34.26 -21.01 -17.25
C ILE D 91 33.86 -22.46 -17.48
N ILE D 92 32.57 -22.66 -17.63
CA ILE D 92 31.95 -23.92 -18.08
C ILE D 92 31.12 -23.51 -19.30
N MET D 93 31.57 -23.95 -20.50
CA MET D 93 30.93 -23.65 -21.79
C MET D 93 29.89 -24.73 -22.07
N GLY D 94 28.72 -24.53 -21.50
CA GLY D 94 27.55 -25.38 -21.75
C GLY D 94 27.37 -25.55 -23.25
N PRO D 95 27.34 -24.43 -24.01
CA PRO D 95 27.27 -24.47 -25.48
C PRO D 95 28.63 -24.85 -26.11
N GLY D 96 28.93 -26.16 -26.09
CA GLY D 96 30.21 -26.76 -26.51
C GLY D 96 30.49 -26.53 -27.99
N HIS D 97 29.46 -26.62 -28.82
CA HIS D 97 29.50 -26.32 -30.28
C HIS D 97 30.09 -24.93 -30.52
N GLY D 98 30.14 -24.09 -29.49
CA GLY D 98 30.82 -22.79 -29.51
C GLY D 98 32.32 -22.92 -29.40
N GLY D 99 32.88 -24.00 -29.97
CA GLY D 99 34.33 -24.28 -30.01
C GLY D 99 35.17 -23.04 -30.31
N PRO D 100 34.89 -22.33 -31.44
CA PRO D 100 35.68 -21.17 -31.85
C PRO D 100 35.85 -20.09 -30.77
N ALA D 101 34.87 -19.93 -29.87
CA ALA D 101 34.98 -18.96 -28.75
C ALA D 101 36.11 -19.38 -27.83
N GLY D 102 36.25 -20.68 -27.61
CA GLY D 102 37.22 -21.27 -26.67
C GLY D 102 38.63 -21.28 -27.21
N THR D 103 38.79 -21.64 -28.48
CA THR D 103 40.12 -21.61 -29.15
C THR D 103 40.58 -20.14 -29.31
N SER D 104 39.70 -19.24 -29.77
CA SER D 104 40.00 -17.78 -29.85
C SER D 104 40.47 -17.27 -28.47
N GLN D 105 39.88 -17.79 -27.38
CA GLN D 105 40.19 -17.27 -26.02
C GLN D 105 41.61 -17.71 -25.68
N SER D 106 41.88 -19.01 -25.85
CA SER D 106 43.23 -19.61 -25.64
C SER D 106 44.29 -18.90 -26.49
N TYR D 107 43.98 -18.60 -27.76
CA TYR D 107 44.90 -17.93 -28.71
C TYR D 107 45.22 -16.54 -28.17
N LEU D 108 44.18 -15.82 -27.73
CA LEU D 108 44.26 -14.37 -27.36
C LEU D 108 44.95 -14.22 -25.99
N ASP D 109 44.71 -15.14 -25.05
CA ASP D 109 45.34 -15.11 -23.70
C ASP D 109 46.78 -15.65 -23.81
N GLY D 110 47.09 -16.31 -24.93
CA GLY D 110 48.45 -16.71 -25.33
C GLY D 110 48.69 -18.19 -25.14
N THR D 111 47.87 -18.86 -24.32
CA THR D 111 48.11 -20.25 -23.84
C THR D 111 48.19 -21.21 -25.03
N TYR D 112 47.51 -20.89 -26.15
CA TYR D 112 47.43 -21.76 -27.34
C TYR D 112 48.84 -21.91 -27.90
N THR D 113 49.46 -20.77 -28.18
CA THR D 113 50.83 -20.69 -28.75
C THR D 113 51.79 -21.39 -27.77
N GLU D 114 51.71 -21.06 -26.48
CA GLU D 114 52.52 -21.63 -25.37
C GLU D 114 52.39 -23.16 -25.34
N THR D 115 51.24 -23.69 -25.76
CA THR D 115 50.87 -25.12 -25.74
C THR D 115 51.12 -25.75 -27.12
N PHE D 116 50.73 -25.05 -28.19
CA PHE D 116 50.97 -25.42 -29.62
C PHE D 116 51.89 -24.39 -30.25
N PRO D 117 53.24 -24.56 -30.24
CA PRO D 117 54.17 -23.54 -30.73
C PRO D 117 54.13 -23.33 -32.26
N LYS D 118 53.63 -24.30 -33.02
CA LYS D 118 53.47 -24.16 -34.49
C LYS D 118 52.52 -22.99 -34.77
N ILE D 119 51.52 -22.80 -33.90
CA ILE D 119 50.45 -21.76 -34.05
C ILE D 119 50.95 -20.49 -33.37
N THR D 120 51.50 -19.56 -34.17
CA THR D 120 52.30 -18.39 -33.76
C THR D 120 51.42 -17.14 -33.82
N LYS D 121 51.83 -16.07 -33.14
CA LYS D 121 51.09 -14.78 -33.14
C LYS D 121 51.59 -13.92 -34.30
N ASP D 122 51.25 -14.32 -35.54
CA ASP D 122 51.61 -13.64 -36.82
C ASP D 122 50.68 -14.16 -37.92
N GLU D 123 50.82 -13.61 -39.13
CA GLU D 123 50.01 -13.94 -40.32
C GLU D 123 50.14 -15.44 -40.62
N ALA D 124 51.35 -15.98 -40.49
CA ALA D 124 51.65 -17.41 -40.77
C ALA D 124 50.81 -18.27 -39.82
N GLY D 125 50.88 -17.99 -38.52
CA GLY D 125 50.09 -18.65 -37.45
C GLY D 125 48.58 -18.61 -37.72
N LEU D 126 48.02 -17.41 -37.89
CA LEU D 126 46.57 -17.22 -38.22
C LEU D 126 46.15 -18.22 -39.32
N GLN D 127 46.92 -18.33 -40.40
CA GLN D 127 46.57 -19.18 -41.57
C GLN D 127 46.33 -20.61 -41.04
N LYS D 128 47.21 -21.12 -40.15
CA LYS D 128 47.18 -22.50 -39.61
C LYS D 128 46.05 -22.65 -38.58
N PHE D 129 45.87 -21.64 -37.72
CA PHE D 129 44.78 -21.57 -36.70
C PHE D 129 43.40 -21.63 -37.35
N PHE D 130 43.17 -20.86 -38.42
CA PHE D 130 41.90 -20.83 -39.17
C PHE D 130 41.69 -22.17 -39.88
N ARG D 131 42.74 -22.68 -40.52
CA ARG D 131 42.63 -23.92 -41.31
C ARG D 131 42.37 -25.06 -40.34
N GLN D 132 43.15 -25.18 -39.26
CA GLN D 132 43.15 -26.39 -38.39
C GLN D 132 41.73 -26.65 -37.88
N PHE D 133 40.98 -25.60 -37.53
CA PHE D 133 39.62 -25.70 -36.96
C PHE D 133 38.77 -26.62 -37.83
N SER D 134 38.29 -27.73 -37.25
CA SER D 134 37.32 -28.68 -37.85
C SER D 134 37.82 -29.28 -39.18
N TYR D 135 39.14 -29.33 -39.34
CA TYR D 135 39.85 -29.74 -40.58
C TYR D 135 40.39 -31.16 -40.38
N PRO D 136 40.37 -32.01 -41.43
CA PRO D 136 41.07 -33.29 -41.39
C PRO D 136 42.46 -33.17 -40.76
N GLY D 137 42.72 -33.97 -39.72
CA GLY D 137 44.00 -33.92 -38.98
C GLY D 137 44.21 -32.58 -38.29
N GLY D 138 43.13 -31.79 -38.12
CA GLY D 138 43.15 -30.54 -37.35
C GLY D 138 42.66 -30.76 -35.93
N ILE D 139 41.86 -29.83 -35.40
CA ILE D 139 41.24 -29.90 -34.04
C ILE D 139 39.72 -29.99 -34.16
N PRO D 140 38.99 -30.27 -33.05
CA PRO D 140 37.53 -30.41 -33.09
C PRO D 140 36.74 -29.08 -33.05
N SER D 141 35.47 -29.17 -33.45
CA SER D 141 34.50 -28.05 -33.59
C SER D 141 33.99 -27.58 -32.22
N HIS D 142 34.02 -28.46 -31.21
CA HIS D 142 33.53 -28.20 -29.83
C HIS D 142 34.72 -27.75 -28.98
N PHE D 143 34.46 -27.42 -27.71
CA PHE D 143 35.46 -26.97 -26.69
C PHE D 143 36.02 -28.22 -26.00
N ALA D 144 36.71 -29.03 -26.80
CA ALA D 144 37.17 -30.39 -26.45
C ALA D 144 38.40 -30.25 -25.57
N PRO D 145 38.87 -31.34 -24.96
CA PRO D 145 40.02 -31.25 -24.06
C PRO D 145 41.33 -30.76 -24.71
N GLU D 146 41.37 -30.65 -26.04
CA GLU D 146 42.57 -30.19 -26.80
C GLU D 146 42.71 -28.68 -26.60
N THR D 147 41.66 -28.01 -26.10
CA THR D 147 41.64 -26.55 -25.85
C THR D 147 42.05 -26.27 -24.40
N PRO D 148 43.10 -25.47 -24.14
CA PRO D 148 43.37 -24.99 -22.79
C PRO D 148 42.22 -24.11 -22.26
N GLY D 149 41.78 -24.39 -21.02
CA GLY D 149 40.65 -23.71 -20.32
C GLY D 149 39.42 -24.59 -20.15
N SER D 150 39.36 -25.75 -20.84
CA SER D 150 38.17 -26.63 -20.95
C SER D 150 38.26 -27.83 -20.01
N ILE D 151 37.36 -27.94 -19.02
CA ILE D 151 37.13 -29.18 -18.24
C ILE D 151 35.76 -29.71 -18.64
N HIS D 152 35.22 -29.23 -19.76
CA HIS D 152 33.81 -29.46 -20.14
C HIS D 152 33.65 -29.27 -21.65
N GLU D 153 33.35 -30.34 -22.39
CA GLU D 153 33.26 -30.32 -23.87
C GLU D 153 31.93 -29.67 -24.30
N GLY D 154 30.82 -30.11 -23.72
CA GLY D 154 29.49 -29.58 -24.11
C GLY D 154 29.08 -30.11 -25.47
N GLY D 155 29.60 -31.27 -25.82
CA GLY D 155 29.12 -32.04 -26.97
C GLY D 155 27.77 -32.62 -26.65
N GLU D 156 27.71 -33.48 -25.64
CA GLU D 156 26.43 -33.95 -25.07
C GLU D 156 25.94 -32.90 -24.07
N LEU D 157 24.83 -32.24 -24.38
CA LEU D 157 24.36 -31.12 -23.54
C LEU D 157 23.68 -31.65 -22.28
N GLY D 158 23.93 -31.02 -21.14
CA GLY D 158 23.08 -31.17 -19.94
C GLY D 158 23.85 -31.19 -18.65
N TYR D 159 25.19 -31.24 -18.70
CA TYR D 159 26.06 -31.54 -17.54
C TYR D 159 26.80 -30.28 -17.12
N ALA D 160 26.39 -29.12 -17.63
CA ALA D 160 27.08 -27.82 -17.37
C ALA D 160 27.03 -27.50 -15.86
N LEU D 161 25.88 -27.66 -15.21
CA LEU D 161 25.73 -27.24 -13.78
C LEU D 161 26.26 -28.34 -12.85
N SER D 162 26.00 -29.63 -13.14
CA SER D 162 26.62 -30.76 -12.37
C SER D 162 28.14 -30.59 -12.39
N HIS D 163 28.74 -30.34 -13.55
CA HIS D 163 30.19 -30.03 -13.64
C HIS D 163 30.57 -28.77 -12.81
N ALA D 164 29.83 -27.66 -12.90
CA ALA D 164 30.22 -26.40 -12.24
C ALA D 164 30.19 -26.58 -10.71
N TYR D 165 29.12 -27.18 -10.20
CA TYR D 165 28.91 -27.35 -8.73
C TYR D 165 29.94 -28.36 -8.20
N GLY D 166 30.28 -29.38 -8.99
CA GLY D 166 31.30 -30.36 -8.60
C GLY D 166 32.65 -29.67 -8.48
N ALA D 167 32.95 -28.81 -9.45
CA ALA D 167 34.24 -28.08 -9.50
C ALA D 167 34.43 -27.23 -8.25
N ILE D 168 33.36 -26.68 -7.64
CA ILE D 168 33.52 -25.70 -6.51
C ILE D 168 33.55 -26.45 -5.18
N MET D 169 33.13 -27.71 -5.13
CA MET D 169 33.18 -28.51 -3.86
C MET D 169 34.61 -28.51 -3.28
N ASP D 170 34.73 -28.17 -2.00
CA ASP D 170 36.01 -28.08 -1.25
C ASP D 170 37.00 -27.24 -2.02
N ASN D 171 36.52 -26.23 -2.76
CA ASN D 171 37.36 -25.33 -3.60
C ASN D 171 36.96 -23.89 -3.27
N PRO D 172 37.19 -23.42 -2.02
CA PRO D 172 36.57 -22.20 -1.54
C PRO D 172 36.99 -20.91 -2.27
N SER D 173 38.13 -20.91 -2.97
CA SER D 173 38.65 -19.70 -3.67
C SER D 173 38.21 -19.68 -5.13
N LEU D 174 37.53 -20.75 -5.61
CA LEU D 174 37.18 -20.93 -7.04
C LEU D 174 35.82 -20.31 -7.32
N PHE D 175 35.76 -19.52 -8.40
CA PHE D 175 34.54 -18.92 -8.99
C PHE D 175 34.32 -19.58 -10.34
N VAL D 176 33.09 -20.00 -10.64
CA VAL D 176 32.73 -20.69 -11.91
C VAL D 176 31.55 -19.97 -12.53
N PRO D 177 31.77 -19.14 -13.58
CA PRO D 177 30.70 -18.77 -14.49
C PRO D 177 30.31 -20.00 -15.30
N ALA D 178 29.16 -20.58 -15.01
CA ALA D 178 28.57 -21.72 -15.76
C ALA D 178 27.65 -21.13 -16.80
N ILE D 179 28.12 -21.06 -18.04
CA ILE D 179 27.28 -20.62 -19.19
C ILE D 179 26.46 -21.82 -19.60
N VAL D 180 25.16 -21.62 -19.77
CA VAL D 180 24.16 -22.69 -20.00
C VAL D 180 23.32 -22.26 -21.20
N GLY D 181 23.24 -23.09 -22.23
CA GLY D 181 22.41 -22.81 -23.41
C GLY D 181 20.95 -22.81 -23.03
N ASP D 182 20.13 -21.96 -23.62
CA ASP D 182 18.69 -21.98 -23.26
C ASP D 182 18.11 -23.31 -23.77
N GLY D 183 18.62 -23.82 -24.88
CA GLY D 183 18.35 -25.18 -25.39
C GLY D 183 18.79 -26.27 -24.41
N GLU D 184 20.01 -26.15 -23.89
CA GLU D 184 20.56 -27.12 -22.91
C GLU D 184 19.62 -27.20 -21.70
N ALA D 185 19.06 -26.06 -21.28
CA ALA D 185 18.19 -25.94 -20.09
C ALA D 185 16.98 -26.86 -20.21
N GLU D 186 16.66 -27.30 -21.42
CA GLU D 186 15.48 -28.17 -21.70
C GLU D 186 15.79 -29.62 -21.35
N THR D 187 17.06 -29.97 -21.11
CA THR D 187 17.49 -31.36 -20.74
C THR D 187 17.13 -31.63 -19.27
N GLY D 188 16.67 -32.85 -18.94
CA GLY D 188 16.46 -33.32 -17.56
C GLY D 188 17.69 -33.07 -16.68
N PRO D 189 18.89 -33.52 -17.08
CA PRO D 189 20.07 -33.34 -16.25
C PRO D 189 20.38 -31.88 -15.87
N LEU D 190 20.18 -30.92 -16.78
CA LEU D 190 20.44 -29.48 -16.48
C LEU D 190 19.35 -28.96 -15.51
N ALA D 191 18.09 -29.22 -15.84
CA ALA D 191 16.87 -28.90 -15.08
C ALA D 191 17.07 -29.17 -13.59
N THR D 192 17.70 -30.30 -13.22
CA THR D 192 17.94 -30.68 -11.79
C THR D 192 19.26 -30.05 -11.29
N GLY D 193 20.19 -29.74 -12.20
CA GLY D 193 21.49 -29.14 -11.85
C GLY D 193 21.34 -27.83 -11.09
N TRP D 194 20.28 -27.09 -11.42
CA TRP D 194 19.91 -25.82 -10.75
C TRP D 194 19.87 -25.98 -9.22
N GLN D 195 19.29 -27.10 -8.75
CA GLN D 195 18.95 -27.43 -7.34
C GLN D 195 20.23 -27.73 -6.55
N SER D 196 21.36 -27.84 -7.22
CA SER D 196 22.68 -28.13 -6.61
C SER D 196 23.00 -27.16 -5.46
N ASN D 197 22.39 -25.96 -5.44
CA ASN D 197 22.73 -24.88 -4.48
C ASN D 197 22.23 -25.21 -3.05
N LYS D 198 21.40 -26.24 -2.86
CA LYS D 198 21.10 -26.71 -1.48
C LYS D 198 22.14 -27.76 -1.01
N LEU D 199 23.13 -28.16 -1.84
CA LEU D 199 24.06 -29.28 -1.53
C LEU D 199 25.51 -28.77 -1.41
N VAL D 200 25.70 -27.45 -1.44
CA VAL D 200 27.03 -26.79 -1.34
C VAL D 200 26.98 -25.78 -0.20
N ASN D 201 28.15 -25.34 0.24
CA ASN D 201 28.27 -24.41 1.39
C ASN D 201 29.18 -23.24 1.06
N PRO D 202 28.72 -21.99 1.24
CA PRO D 202 29.51 -20.83 0.86
C PRO D 202 30.83 -20.70 1.63
N ARG D 203 30.98 -21.26 2.82
CA ARG D 203 32.29 -21.17 3.52
C ARG D 203 33.27 -22.17 2.89
N THR D 204 32.86 -23.43 2.80
CA THR D 204 33.77 -24.56 2.52
C THR D 204 33.84 -24.83 1.00
N ASP D 205 32.75 -24.57 0.27
CA ASP D 205 32.76 -24.70 -1.21
C ASP D 205 32.90 -23.29 -1.79
N GLY D 206 33.02 -23.22 -3.12
CA GLY D 206 33.21 -21.97 -3.87
C GLY D 206 31.88 -21.45 -4.32
N ILE D 207 31.85 -20.65 -5.38
CA ILE D 207 30.58 -20.05 -5.89
C ILE D 207 30.44 -20.38 -7.37
N VAL D 208 29.35 -21.01 -7.76
CA VAL D 208 28.88 -21.03 -9.17
C VAL D 208 27.98 -19.81 -9.42
N LEU D 209 28.28 -19.08 -10.48
CA LEU D 209 27.37 -18.11 -11.13
C LEU D 209 26.83 -18.71 -12.42
N PRO D 210 25.62 -19.31 -12.39
CA PRO D 210 24.96 -19.70 -13.63
C PRO D 210 24.71 -18.45 -14.50
N ILE D 211 25.11 -18.55 -15.76
CA ILE D 211 24.80 -17.58 -16.85
C ILE D 211 23.93 -18.32 -17.85
N LEU D 212 22.62 -18.08 -17.83
CA LEU D 212 21.73 -18.61 -18.89
C LEU D 212 21.99 -17.81 -20.18
N HIS D 213 22.69 -18.42 -21.14
CA HIS D 213 22.87 -17.88 -22.52
C HIS D 213 21.52 -17.91 -23.24
N LEU D 214 20.64 -16.97 -22.91
CA LEU D 214 19.24 -16.97 -23.39
C LEU D 214 19.22 -16.27 -24.74
N ASN D 215 19.64 -16.99 -25.78
CA ASN D 215 19.74 -16.41 -27.15
C ASN D 215 18.50 -16.74 -27.96
N GLY D 216 17.51 -17.39 -27.36
CA GLY D 216 16.15 -17.48 -27.95
C GLY D 216 15.94 -18.75 -28.73
N TYR D 217 16.99 -19.49 -29.08
CA TYR D 217 16.86 -20.60 -30.06
C TYR D 217 17.85 -21.70 -29.74
N LYS D 218 17.53 -22.89 -30.24
CA LYS D 218 18.40 -24.08 -30.25
C LYS D 218 18.72 -24.32 -31.73
N ILE D 219 18.60 -25.54 -32.27
CA ILE D 219 18.98 -25.76 -33.70
C ILE D 219 17.91 -25.13 -34.61
N ALA D 220 16.67 -25.58 -34.50
CA ALA D 220 15.59 -25.38 -35.51
C ALA D 220 14.34 -24.83 -34.83
N ASN D 221 14.49 -24.35 -33.60
CA ASN D 221 13.33 -24.11 -32.71
C ASN D 221 13.67 -22.96 -31.78
N PRO D 222 12.64 -22.21 -31.35
CA PRO D 222 12.79 -21.32 -30.20
C PRO D 222 12.95 -22.20 -28.94
N THR D 223 13.46 -21.63 -27.86
CA THR D 223 13.70 -22.32 -26.57
C THR D 223 12.64 -21.89 -25.58
N ILE D 224 12.14 -22.82 -24.75
CA ILE D 224 11.05 -22.61 -23.74
C ILE D 224 11.40 -21.44 -22.81
N LEU D 225 12.57 -21.46 -22.18
CA LEU D 225 12.94 -20.40 -21.22
C LEU D 225 12.93 -19.01 -21.89
N SER D 226 13.10 -18.90 -23.22
CA SER D 226 13.16 -17.60 -23.94
C SER D 226 11.74 -17.11 -24.22
N ARG D 227 10.74 -18.00 -24.29
CA ARG D 227 9.38 -17.67 -24.79
C ARG D 227 8.32 -17.73 -23.69
N ILE D 228 8.70 -17.96 -22.44
CA ILE D 228 7.80 -17.76 -21.28
C ILE D 228 8.01 -16.35 -20.78
N SER D 229 7.02 -15.85 -20.06
CA SER D 229 7.02 -14.49 -19.50
C SER D 229 8.34 -14.31 -18.76
N ASP D 230 8.87 -13.09 -18.71
CA ASP D 230 10.08 -12.77 -17.91
C ASP D 230 9.75 -12.96 -16.42
N GLU D 231 8.49 -12.73 -16.00
CA GLU D 231 8.07 -12.85 -14.57
C GLU D 231 8.15 -14.34 -14.19
N GLU D 232 7.60 -15.23 -15.03
CA GLU D 232 7.81 -16.71 -14.88
C GLU D 232 9.30 -17.01 -14.76
N LEU D 233 10.13 -16.52 -15.70
CA LEU D 233 11.58 -16.82 -15.70
C LEU D 233 12.22 -16.44 -14.37
N HIS D 234 11.89 -15.27 -13.80
CA HIS D 234 12.49 -14.78 -12.52
C HIS D 234 12.02 -15.63 -11.34
N GLU D 235 10.72 -15.89 -11.22
CA GLU D 235 10.14 -16.68 -10.10
C GLU D 235 10.78 -18.08 -10.09
N PHE D 236 10.94 -18.66 -11.28
CA PHE D 236 11.55 -19.98 -11.52
C PHE D 236 12.90 -20.04 -10.82
N PHE D 237 13.78 -19.06 -11.06
CA PHE D 237 15.15 -19.07 -10.52
C PHE D 237 15.13 -18.72 -9.04
N HIS D 238 14.22 -17.85 -8.61
CA HIS D 238 14.12 -17.43 -7.18
C HIS D 238 13.64 -18.65 -6.39
N GLY D 239 12.70 -19.41 -6.96
CA GLY D 239 12.20 -20.70 -6.44
C GLY D 239 13.32 -21.69 -6.16
N MET D 240 14.33 -21.72 -7.00
CA MET D 240 15.42 -22.71 -6.93
C MET D 240 16.60 -22.09 -6.15
N GLY D 241 16.36 -20.95 -5.48
CA GLY D 241 17.30 -20.38 -4.50
C GLY D 241 18.32 -19.44 -5.13
N TYR D 242 18.00 -18.83 -6.28
CA TYR D 242 18.87 -17.85 -6.96
C TYR D 242 18.23 -16.46 -6.93
N GLU D 243 19.07 -15.43 -6.86
CA GLU D 243 18.74 -13.99 -7.08
C GLU D 243 18.97 -13.69 -8.57
N PRO D 244 17.95 -13.76 -9.43
CA PRO D 244 18.17 -13.62 -10.87
C PRO D 244 18.39 -12.18 -11.33
N TYR D 245 19.51 -11.86 -11.98
CA TYR D 245 19.76 -10.58 -12.69
C TYR D 245 19.63 -10.83 -14.19
N GLU D 246 19.15 -9.85 -14.97
CA GLU D 246 18.87 -10.06 -16.40
C GLU D 246 19.48 -8.95 -17.22
N PHE D 247 20.16 -9.31 -18.30
CA PHE D 247 20.85 -8.36 -19.18
C PHE D 247 20.28 -8.57 -20.56
N VAL D 248 19.76 -7.52 -21.16
CA VAL D 248 19.29 -7.54 -22.56
C VAL D 248 20.15 -6.58 -23.38
N ALA D 249 20.59 -7.02 -24.56
CA ALA D 249 21.49 -6.25 -25.47
C ALA D 249 21.42 -6.79 -26.88
N GLY D 250 21.59 -5.90 -27.88
CA GLY D 250 21.87 -6.24 -29.29
C GLY D 250 20.60 -6.44 -30.09
N PHE D 251 19.45 -6.13 -29.54
CA PHE D 251 18.17 -6.12 -30.29
C PHE D 251 17.86 -4.72 -30.82
N ASP D 252 18.78 -3.77 -30.69
CA ASP D 252 18.55 -2.37 -31.12
C ASP D 252 19.90 -1.75 -31.52
N ASP D 253 19.90 -0.43 -31.74
CA ASP D 253 21.02 0.33 -32.35
C ASP D 253 22.07 0.70 -31.30
N GLU D 254 21.81 0.39 -30.03
CA GLU D 254 22.76 0.75 -28.94
C GLU D 254 24.20 0.47 -29.41
N ASP D 255 25.06 1.47 -29.27
CA ASP D 255 26.50 1.36 -29.64
C ASP D 255 27.17 0.45 -28.59
N HIS D 256 28.09 -0.37 -29.08
CA HIS D 256 28.84 -1.44 -28.37
C HIS D 256 29.49 -0.93 -27.07
N MET D 257 29.90 0.33 -27.00
CA MET D 257 30.55 0.88 -25.78
C MET D 257 29.52 1.09 -24.68
N SER D 258 28.30 1.49 -25.02
CA SER D 258 27.18 1.57 -24.06
C SER D 258 26.89 0.16 -23.50
N ILE D 259 26.75 -0.82 -24.39
CA ILE D 259 26.54 -2.25 -24.04
C ILE D 259 27.65 -2.76 -23.11
N HIS D 260 28.92 -2.42 -23.35
CA HIS D 260 30.06 -2.84 -22.50
C HIS D 260 30.00 -2.10 -21.16
N ARG D 261 29.66 -0.80 -21.16
CA ARG D 261 29.56 0.02 -19.92
C ARG D 261 28.48 -0.55 -19.00
N ARG D 262 27.28 -0.80 -19.53
CA ARG D 262 26.14 -1.40 -18.79
C ARG D 262 26.61 -2.74 -18.21
N PHE D 263 26.92 -3.72 -19.05
CA PHE D 263 27.22 -5.12 -18.67
C PHE D 263 28.32 -5.19 -17.60
N ALA D 264 29.35 -4.38 -17.71
CA ALA D 264 30.43 -4.34 -16.70
C ALA D 264 29.81 -3.92 -15.37
N GLU D 265 29.05 -2.84 -15.39
CA GLU D 265 28.40 -2.27 -14.18
C GLU D 265 27.55 -3.35 -13.48
N LEU D 266 26.65 -3.98 -14.23
CA LEU D 266 25.87 -5.15 -13.78
C LEU D 266 26.82 -6.22 -13.22
N TRP D 267 27.88 -6.53 -13.96
CA TRP D 267 28.75 -7.66 -13.57
C TRP D 267 29.32 -7.39 -12.18
N GLU D 268 29.75 -6.17 -11.91
CA GLU D 268 30.44 -5.81 -10.63
C GLU D 268 29.40 -5.78 -9.50
N THR D 269 28.15 -5.49 -9.80
CA THR D 269 27.05 -5.53 -8.80
C THR D 269 26.88 -6.99 -8.35
N ILE D 270 26.67 -7.89 -9.31
CA ILE D 270 26.54 -9.36 -9.11
C ILE D 270 27.73 -9.81 -8.25
N TRP D 271 28.90 -9.26 -8.53
CA TRP D 271 30.19 -9.62 -7.89
C TRP D 271 30.23 -9.06 -6.47
N ASP D 272 29.80 -7.82 -6.29
CA ASP D 272 29.58 -7.20 -4.96
C ASP D 272 28.74 -8.17 -4.10
N GLU D 273 27.63 -8.64 -4.65
CA GLU D 273 26.66 -9.54 -3.97
C GLU D 273 27.39 -10.85 -3.62
N ILE D 274 28.13 -11.41 -4.58
CA ILE D 274 28.83 -12.72 -4.40
C ILE D 274 29.91 -12.56 -3.32
N CYS D 275 30.54 -11.40 -3.19
CA CYS D 275 31.58 -11.13 -2.16
C CYS D 275 30.93 -10.92 -0.80
N ASP D 276 29.68 -10.49 -0.76
CA ASP D 276 28.91 -10.32 0.50
C ASP D 276 28.55 -11.71 1.04
N ILE D 277 28.01 -12.58 0.19
CA ILE D 277 27.78 -14.02 0.52
C ILE D 277 29.08 -14.58 1.12
N LYS D 278 30.21 -14.38 0.43
CA LYS D 278 31.50 -14.98 0.83
C LYS D 278 32.01 -14.35 2.14
N ALA D 279 31.92 -13.03 2.30
CA ALA D 279 32.23 -12.37 3.58
C ALA D 279 31.28 -12.92 4.67
N THR D 280 29.99 -13.08 4.37
CA THR D 280 28.97 -13.47 5.39
C THR D 280 29.29 -14.90 5.86
N ALA D 281 29.65 -15.80 4.94
CA ALA D 281 29.86 -17.26 5.20
C ALA D 281 30.97 -17.50 6.22
N GLN D 282 31.92 -16.58 6.33
CA GLN D 282 33.04 -16.66 7.31
C GLN D 282 32.44 -16.59 8.73
N THR D 283 31.29 -15.95 8.91
CA THR D 283 30.62 -15.82 10.23
C THR D 283 29.42 -16.78 10.34
N ASP D 284 28.58 -16.83 9.30
CA ASP D 284 27.30 -17.57 9.25
C ASP D 284 27.22 -18.42 7.95
N ASN D 285 27.36 -19.74 8.08
CA ASN D 285 27.40 -20.65 6.91
C ASN D 285 26.33 -21.73 7.08
N VAL D 286 25.37 -21.55 8.00
CA VAL D 286 24.24 -22.50 8.20
C VAL D 286 22.96 -21.94 7.55
N HIS D 287 22.89 -20.62 7.37
CA HIS D 287 21.76 -19.93 6.67
C HIS D 287 22.09 -19.81 5.19
N ARG D 288 21.39 -20.55 4.35
CA ARG D 288 21.66 -20.62 2.89
C ARG D 288 21.22 -19.31 2.24
N PRO D 289 22.10 -18.60 1.51
CA PRO D 289 21.72 -17.38 0.80
C PRO D 289 21.11 -17.71 -0.56
N PHE D 290 20.56 -16.69 -1.20
CA PHE D 290 20.15 -16.73 -2.64
C PHE D 290 21.36 -16.29 -3.47
N TYR D 291 22.03 -17.23 -4.13
CA TYR D 291 23.21 -16.92 -4.99
C TYR D 291 22.70 -16.21 -6.23
N PRO D 292 23.40 -15.17 -6.72
CA PRO D 292 23.05 -14.61 -8.02
C PRO D 292 23.08 -15.66 -9.14
N MET D 293 22.25 -15.43 -10.15
CA MET D 293 22.45 -15.96 -11.52
C MET D 293 22.14 -14.83 -12.51
N LEU D 294 22.58 -15.01 -13.75
CA LEU D 294 22.54 -14.00 -14.83
C LEU D 294 21.73 -14.55 -15.98
N ILE D 295 20.56 -13.97 -16.26
CA ILE D 295 19.89 -14.20 -17.56
C ILE D 295 20.54 -13.25 -18.55
N PHE D 296 21.28 -13.80 -19.53
CA PHE D 296 21.98 -13.05 -20.60
C PHE D 296 21.15 -13.19 -21.89
N ARG D 297 20.39 -12.15 -22.24
CA ARG D 297 19.45 -12.19 -23.39
C ARG D 297 20.01 -11.32 -24.52
N THR D 298 20.32 -11.95 -25.65
CA THR D 298 21.03 -11.36 -26.81
C THR D 298 20.60 -12.15 -28.03
N PRO D 299 20.70 -11.59 -29.26
CA PRO D 299 20.21 -12.29 -30.43
C PRO D 299 21.24 -13.37 -30.75
N LYS D 300 20.77 -14.55 -31.12
CA LYS D 300 21.64 -15.63 -31.65
C LYS D 300 22.30 -15.10 -32.93
N GLY D 301 23.61 -15.28 -33.06
CA GLY D 301 24.36 -14.89 -34.28
C GLY D 301 24.83 -13.45 -34.21
N TRP D 302 24.54 -12.81 -33.09
CA TRP D 302 24.91 -11.41 -32.78
C TRP D 302 26.10 -10.94 -33.62
N THR D 303 25.91 -9.85 -34.40
CA THR D 303 26.91 -9.08 -35.20
C THR D 303 27.15 -9.71 -36.58
N CYS D 304 26.50 -10.83 -36.89
CA CYS D 304 26.49 -11.42 -38.24
C CYS D 304 25.49 -10.65 -39.08
N PRO D 305 25.51 -10.79 -40.43
CA PRO D 305 24.55 -10.07 -41.27
C PRO D 305 23.13 -10.37 -40.80
N LYS D 306 22.30 -9.32 -40.69
CA LYS D 306 20.90 -9.41 -40.17
C LYS D 306 20.09 -10.33 -41.08
N TYR D 307 20.11 -10.08 -42.39
CA TYR D 307 19.39 -10.88 -43.42
C TYR D 307 20.40 -11.41 -44.43
N ILE D 308 20.16 -12.63 -44.93
CA ILE D 308 21.00 -13.29 -45.96
C ILE D 308 20.04 -14.02 -46.89
N ASP D 309 20.01 -13.60 -48.15
CA ASP D 309 19.08 -14.08 -49.21
C ASP D 309 17.65 -14.00 -48.66
N GLY D 310 17.32 -12.88 -48.00
CA GLY D 310 15.95 -12.53 -47.54
C GLY D 310 15.49 -13.33 -46.32
N LYS D 311 16.39 -14.06 -45.65
CA LYS D 311 16.08 -14.88 -44.45
C LYS D 311 16.71 -14.17 -43.25
N LYS D 312 15.92 -13.88 -42.21
CA LYS D 312 16.44 -13.36 -40.92
C LYS D 312 17.43 -14.39 -40.34
N THR D 313 18.59 -13.90 -39.91
CA THR D 313 19.81 -14.67 -39.68
C THR D 313 20.30 -14.36 -38.26
N GLU D 314 20.71 -13.12 -38.00
CA GLU D 314 20.86 -12.58 -36.62
C GLU D 314 19.50 -12.64 -35.90
N GLY D 315 19.48 -13.08 -34.64
CA GLY D 315 18.23 -13.27 -33.87
C GLY D 315 17.40 -14.45 -34.37
N SER D 316 18.05 -15.48 -34.91
CA SER D 316 17.38 -16.67 -35.50
C SER D 316 18.17 -17.94 -35.21
N TRP D 317 17.45 -19.04 -35.10
CA TRP D 317 18.02 -20.41 -35.18
C TRP D 317 18.84 -20.57 -36.48
N ARG D 318 18.47 -19.86 -37.55
CA ARG D 318 19.19 -19.91 -38.86
C ARG D 318 20.66 -19.53 -38.68
N SER D 319 21.05 -18.89 -37.59
CA SER D 319 22.49 -18.61 -37.35
C SER D 319 23.14 -19.75 -36.55
N HIS D 320 22.39 -20.82 -36.25
CA HIS D 320 22.86 -21.85 -35.30
C HIS D 320 24.22 -22.37 -35.79
N GLN D 321 24.23 -22.87 -37.02
CA GLN D 321 25.41 -23.56 -37.61
C GLN D 321 26.25 -22.49 -38.32
N VAL D 322 25.86 -22.09 -39.53
CA VAL D 322 26.49 -20.95 -40.26
C VAL D 322 25.40 -20.06 -40.83
N PRO D 323 25.42 -18.73 -40.56
CA PRO D 323 24.38 -17.87 -41.09
C PRO D 323 24.41 -18.02 -42.63
N LEU D 324 25.62 -18.16 -43.19
CA LEU D 324 25.93 -18.11 -44.65
C LEU D 324 26.45 -19.48 -45.10
N ALA D 325 25.61 -20.25 -45.77
CA ALA D 325 25.77 -21.71 -46.00
C ALA D 325 27.00 -22.03 -46.85
N SER D 326 27.47 -21.07 -47.66
CA SER D 326 28.73 -21.17 -48.46
C SER D 326 29.17 -19.78 -48.90
N ALA D 327 30.48 -19.53 -48.88
CA ALA D 327 31.13 -18.32 -49.41
C ALA D 327 31.89 -18.62 -50.72
N ARG D 328 31.71 -19.82 -51.29
CA ARG D 328 32.49 -20.38 -52.44
C ARG D 328 31.65 -20.48 -53.72
N ASP D 329 30.37 -20.86 -53.60
CA ASP D 329 29.48 -21.27 -54.72
C ASP D 329 29.19 -20.07 -55.62
N THR D 330 29.03 -18.87 -55.05
CA THR D 330 28.71 -17.61 -55.80
C THR D 330 29.60 -16.46 -55.33
N GLU D 331 29.74 -15.44 -56.18
CA GLU D 331 30.58 -14.22 -55.95
C GLU D 331 29.77 -13.28 -55.05
N ALA D 332 28.44 -13.43 -55.09
CA ALA D 332 27.47 -12.76 -54.18
C ALA D 332 27.76 -13.15 -52.72
N HIS D 333 27.63 -14.45 -52.41
CA HIS D 333 27.81 -15.04 -51.05
C HIS D 333 29.21 -14.75 -50.52
N PHE D 334 30.22 -14.70 -51.39
CA PHE D 334 31.61 -14.39 -50.97
C PHE D 334 31.72 -12.91 -50.59
N GLU D 335 30.98 -12.05 -51.27
CA GLU D 335 30.93 -10.59 -50.98
C GLU D 335 30.36 -10.41 -49.56
N VAL D 336 29.33 -11.19 -49.19
CA VAL D 336 28.66 -11.17 -47.85
C VAL D 336 29.69 -11.51 -46.76
N LEU D 337 30.39 -12.64 -46.92
CA LEU D 337 31.48 -13.08 -46.00
C LEU D 337 32.51 -11.96 -45.89
N LYS D 338 32.89 -11.34 -47.02
CA LYS D 338 33.91 -10.26 -47.10
C LYS D 338 33.44 -9.06 -46.26
N ASN D 339 32.22 -8.53 -46.51
CA ASN D 339 31.64 -7.39 -45.76
C ASN D 339 31.61 -7.70 -44.27
N TRP D 340 31.25 -8.94 -43.92
CA TRP D 340 31.06 -9.45 -42.54
C TRP D 340 32.41 -9.44 -41.80
N LEU D 341 33.47 -9.97 -42.41
CA LEU D 341 34.81 -9.97 -41.75
C LEU D 341 35.27 -8.51 -41.59
N GLU D 342 35.02 -7.64 -42.58
CA GLU D 342 35.48 -6.22 -42.62
C GLU D 342 34.75 -5.40 -41.53
N SER D 343 33.50 -5.77 -41.23
CA SER D 343 32.66 -5.11 -40.20
C SER D 343 33.39 -5.08 -38.84
N TYR D 344 34.21 -6.09 -38.51
CA TYR D 344 34.97 -6.15 -37.23
C TYR D 344 36.21 -5.26 -37.28
N LYS D 345 36.44 -4.56 -38.41
CA LYS D 345 37.52 -3.55 -38.66
C LYS D 345 38.87 -4.14 -38.28
N PRO D 346 39.25 -5.26 -38.93
CA PRO D 346 40.48 -5.98 -38.58
C PRO D 346 41.75 -5.18 -38.84
N GLU D 347 41.66 -4.07 -39.58
CA GLU D 347 42.80 -3.17 -39.89
C GLU D 347 43.31 -2.53 -38.59
N GLU D 348 42.47 -2.34 -37.56
CA GLU D 348 42.89 -1.71 -36.26
C GLU D 348 43.10 -2.79 -35.18
N LEU D 349 43.10 -4.07 -35.54
CA LEU D 349 43.20 -5.19 -34.55
C LEU D 349 44.53 -5.93 -34.69
N PHE D 350 44.95 -6.24 -35.93
CA PHE D 350 46.28 -6.84 -36.23
C PHE D 350 47.24 -5.79 -36.82
N ASP D 351 48.53 -5.90 -36.49
CA ASP D 351 49.60 -5.02 -37.02
C ASP D 351 50.02 -5.51 -38.42
N ALA D 352 51.01 -4.84 -39.00
CA ALA D 352 51.58 -5.09 -40.35
C ALA D 352 51.71 -6.60 -40.63
N ASN D 353 52.17 -7.41 -39.67
CA ASN D 353 52.49 -8.86 -39.87
C ASN D 353 51.55 -9.81 -39.10
N GLY D 354 50.31 -9.39 -38.80
CA GLY D 354 49.21 -10.29 -38.37
C GLY D 354 49.24 -10.68 -36.89
N ALA D 355 50.08 -10.04 -36.07
CA ALA D 355 50.04 -10.17 -34.59
C ALA D 355 48.86 -9.33 -34.06
N VAL D 356 48.11 -9.85 -33.08
CA VAL D 356 47.06 -9.04 -32.41
C VAL D 356 47.78 -7.85 -31.76
N LYS D 357 47.35 -6.61 -32.01
CA LYS D 357 48.04 -5.38 -31.48
C LYS D 357 47.99 -5.40 -29.96
N ASP D 358 48.82 -4.57 -29.32
CA ASP D 358 49.03 -4.62 -27.85
C ASP D 358 47.86 -3.96 -27.13
N ASP D 359 47.23 -2.95 -27.72
CA ASP D 359 46.08 -2.19 -27.15
C ASP D 359 44.85 -3.12 -27.10
N VAL D 360 44.82 -4.18 -27.91
CA VAL D 360 43.68 -5.15 -27.91
C VAL D 360 43.70 -6.02 -26.63
N LEU D 361 44.87 -6.34 -26.05
CA LEU D 361 45.04 -7.39 -25.00
C LEU D 361 45.57 -6.79 -23.68
N ALA D 362 45.69 -5.47 -23.55
CA ALA D 362 46.33 -4.82 -22.37
C ALA D 362 45.49 -5.09 -21.13
N PHE D 363 44.17 -5.19 -21.27
CA PHE D 363 43.22 -5.42 -20.16
C PHE D 363 43.33 -6.87 -19.66
N MET D 364 43.80 -7.79 -20.51
CA MET D 364 43.69 -9.26 -20.31
C MET D 364 44.45 -9.67 -19.07
N PRO D 365 44.04 -10.78 -18.42
CA PRO D 365 44.74 -11.29 -17.25
C PRO D 365 46.07 -11.91 -17.68
N LYS D 366 46.98 -12.12 -16.73
CA LYS D 366 48.30 -12.76 -16.91
C LYS D 366 48.42 -13.95 -15.97
N GLY D 367 49.42 -14.81 -16.17
CA GLY D 367 49.84 -15.83 -15.19
C GLY D 367 48.83 -16.95 -15.07
N GLU D 368 48.72 -17.56 -13.88
CA GLU D 368 47.83 -18.73 -13.65
C GLU D 368 46.36 -18.26 -13.63
N LEU D 369 46.12 -16.95 -13.52
CA LEU D 369 44.76 -16.33 -13.59
C LEU D 369 44.11 -16.48 -14.97
N ARG D 370 44.88 -16.68 -16.04
CA ARG D 370 44.34 -16.79 -17.42
C ARG D 370 43.42 -18.01 -17.51
N ILE D 371 42.28 -17.85 -18.17
CA ILE D 371 41.26 -18.91 -18.36
C ILE D 371 41.93 -20.19 -18.90
N GLY D 372 42.88 -20.09 -19.83
CA GLY D 372 43.49 -21.24 -20.52
C GLY D 372 44.60 -21.90 -19.72
N ALA D 373 45.08 -21.24 -18.65
CA ALA D 373 46.27 -21.59 -17.86
C ALA D 373 45.92 -22.07 -16.45
N ASN D 374 44.71 -21.80 -15.95
CA ASN D 374 44.33 -22.05 -14.52
C ASN D 374 44.45 -23.55 -14.23
N PRO D 375 45.19 -23.92 -13.15
CA PRO D 375 45.35 -25.31 -12.75
C PRO D 375 44.03 -26.09 -12.70
N ASN D 376 42.94 -25.41 -12.39
CA ASN D 376 41.61 -26.03 -12.17
C ASN D 376 41.11 -26.60 -13.49
N ALA D 377 41.53 -25.98 -14.60
CA ALA D 377 41.17 -26.38 -15.98
C ALA D 377 42.08 -27.52 -16.48
N ASN D 378 43.14 -27.81 -15.73
CA ASN D 378 44.08 -28.93 -15.96
C ASN D 378 44.22 -29.65 -14.61
N GLY D 379 43.09 -30.19 -14.13
CA GLY D 379 42.98 -30.80 -12.78
C GLY D 379 44.21 -31.57 -12.34
N GLY D 380 44.70 -32.46 -13.22
CA GLY D 380 45.89 -33.31 -13.01
C GLY D 380 47.07 -32.61 -12.38
N VAL D 381 47.34 -31.32 -12.64
CA VAL D 381 48.52 -30.63 -12.05
C VAL D 381 48.30 -30.37 -10.56
N ILE D 382 47.04 -30.35 -10.06
CA ILE D 382 46.70 -30.18 -8.62
C ILE D 382 46.67 -31.55 -7.96
N ARG D 383 46.17 -32.56 -8.70
CA ARG D 383 45.93 -33.97 -8.23
C ARG D 383 47.15 -34.46 -7.46
N ASN D 384 46.88 -35.16 -6.36
CA ASN D 384 47.89 -35.66 -5.37
C ASN D 384 47.48 -37.09 -5.01
N ASP D 385 48.45 -37.95 -4.76
CA ASP D 385 48.16 -39.33 -4.31
C ASP D 385 47.53 -39.26 -2.91
N LEU D 386 46.40 -39.96 -2.74
CA LEU D 386 45.72 -40.16 -1.43
C LEU D 386 46.68 -40.83 -0.46
N LYS D 387 46.70 -40.39 0.79
CA LYS D 387 47.16 -41.22 1.93
C LYS D 387 46.13 -42.34 2.11
N LEU D 388 46.44 -43.54 1.61
CA LEU D 388 45.65 -44.79 1.80
C LEU D 388 46.13 -45.47 3.08
N PRO D 389 45.24 -46.06 3.90
CA PRO D 389 45.66 -46.82 5.07
C PRO D 389 46.01 -48.27 4.65
N ASN D 390 46.78 -48.99 5.47
CA ASN D 390 47.21 -50.39 5.21
C ASN D 390 45.95 -51.20 4.89
N LEU D 391 45.93 -51.85 3.73
CA LEU D 391 44.75 -52.63 3.28
C LEU D 391 44.59 -53.87 4.17
N GLU D 392 45.67 -54.28 4.84
CA GLU D 392 45.73 -55.43 5.80
C GLU D 392 44.65 -55.27 6.86
N ASP D 393 44.53 -54.05 7.40
CA ASP D 393 43.77 -53.67 8.63
C ASP D 393 42.29 -53.97 8.46
N TYR D 394 41.81 -54.12 7.22
CA TYR D 394 40.38 -54.37 6.88
C TYR D 394 40.22 -55.77 6.30
N GLU D 395 41.27 -56.61 6.29
CA GLU D 395 41.19 -57.97 5.71
C GLU D 395 40.20 -58.79 6.53
N VAL D 396 39.29 -59.51 5.87
CA VAL D 396 38.49 -60.61 6.50
C VAL D 396 39.43 -61.78 6.79
N LYS D 397 40.00 -61.83 8.01
CA LYS D 397 41.03 -62.83 8.40
C LYS D 397 40.42 -64.24 8.58
N GLU D 398 39.10 -64.32 8.75
CA GLU D 398 38.34 -65.56 9.05
C GLU D 398 38.49 -66.61 7.94
N VAL D 399 39.19 -66.33 6.83
CA VAL D 399 39.41 -67.34 5.73
C VAL D 399 40.74 -68.07 5.99
N ALA D 400 41.77 -67.34 6.42
CA ALA D 400 43.07 -67.89 6.87
C ALA D 400 42.83 -68.97 7.96
N GLU D 401 41.79 -68.82 8.79
CA GLU D 401 41.53 -69.68 10.00
C GLU D 401 40.56 -70.83 9.68
N TYR D 402 39.29 -70.52 9.44
CA TYR D 402 38.17 -71.50 9.33
C TYR D 402 38.10 -72.08 7.90
N GLY D 403 38.81 -71.47 6.94
CA GLY D 403 38.91 -71.93 5.54
C GLY D 403 38.21 -71.05 4.50
N HIS D 404 38.13 -71.54 3.26
CA HIS D 404 37.52 -70.90 2.07
C HIS D 404 36.00 -71.12 2.09
N GLY D 405 35.22 -70.06 1.90
CA GLY D 405 33.74 -70.11 1.81
C GLY D 405 33.10 -69.86 3.17
N TRP D 406 33.87 -69.34 4.13
CA TRP D 406 33.37 -69.04 5.49
C TRP D 406 32.49 -67.80 5.49
N GLY D 407 31.46 -67.79 6.35
CA GLY D 407 30.89 -66.56 6.91
C GLY D 407 29.65 -66.10 6.17
N GLN D 408 29.05 -65.01 6.68
CA GLN D 408 27.87 -64.33 6.10
C GLN D 408 28.14 -62.82 5.97
N LEU D 409 29.39 -62.38 5.82
CA LEU D 409 29.72 -60.92 5.78
C LEU D 409 29.09 -60.25 4.55
N GLU D 410 28.66 -59.00 4.75
CA GLU D 410 28.21 -58.04 3.72
C GLU D 410 29.48 -57.33 3.21
N ALA D 411 29.81 -57.54 1.94
CA ALA D 411 31.15 -57.27 1.36
C ALA D 411 31.38 -55.77 1.23
N THR D 412 30.34 -55.02 0.87
CA THR D 412 30.37 -53.53 0.73
C THR D 412 30.88 -52.94 2.04
N ARG D 413 30.43 -53.43 3.21
CA ARG D 413 30.79 -52.88 4.56
C ARG D 413 32.31 -52.74 4.71
N THR D 414 33.07 -53.68 4.14
CA THR D 414 34.55 -53.71 4.27
C THR D 414 35.10 -52.50 3.51
N LEU D 415 34.51 -52.21 2.36
CA LEU D 415 34.81 -51.00 1.53
C LEU D 415 34.39 -49.75 2.29
N GLY D 416 33.22 -49.79 2.93
CA GLY D 416 32.68 -48.72 3.78
C GLY D 416 33.68 -48.29 4.84
N ALA D 417 34.24 -49.25 5.55
CA ALA D 417 35.25 -49.02 6.60
C ALA D 417 36.57 -48.54 5.98
N TYR D 418 36.94 -49.05 4.80
CA TYR D 418 38.21 -48.70 4.10
C TYR D 418 38.12 -47.22 3.69
N THR D 419 37.04 -46.88 2.99
CA THR D 419 36.74 -45.56 2.43
C THR D 419 36.50 -44.55 3.55
N ARG D 420 35.88 -44.98 4.66
CA ARG D 420 35.72 -44.12 5.86
C ARG D 420 37.10 -43.53 6.21
N ASP D 421 38.14 -44.37 6.28
CA ASP D 421 39.47 -44.02 6.84
C ASP D 421 40.30 -43.31 5.76
N ILE D 422 39.92 -43.46 4.50
CA ILE D 422 40.47 -42.64 3.38
C ILE D 422 39.99 -41.20 3.60
N ILE D 423 38.68 -41.02 3.85
CA ILE D 423 38.10 -39.66 4.09
C ILE D 423 38.78 -39.05 5.31
N LYS D 424 38.92 -39.82 6.39
CA LYS D 424 39.59 -39.40 7.65
C LYS D 424 40.97 -38.84 7.33
N ASN D 425 41.79 -39.55 6.53
CA ASN D 425 43.23 -39.22 6.27
C ASN D 425 43.36 -38.11 5.22
N ASN D 426 42.47 -38.07 4.22
CA ASN D 426 42.48 -37.08 3.10
C ASN D 426 41.27 -36.16 3.20
N PRO D 427 41.23 -35.24 4.21
CA PRO D 427 40.09 -34.35 4.38
C PRO D 427 40.13 -33.32 3.24
N ARG D 428 38.97 -32.96 2.71
CA ARG D 428 38.86 -31.90 1.66
C ARG D 428 39.32 -32.41 0.29
N ASP D 429 39.46 -33.73 0.08
CA ASP D 429 40.15 -34.32 -1.11
C ASP D 429 39.44 -35.58 -1.64
N PHE D 430 38.67 -36.26 -0.79
CA PHE D 430 37.84 -37.42 -1.19
C PHE D 430 36.38 -37.11 -0.87
N ARG D 431 35.48 -37.62 -1.73
CA ARG D 431 34.00 -37.42 -1.64
C ARG D 431 33.26 -38.71 -2.02
N ILE D 432 32.19 -39.02 -1.29
CA ILE D 432 31.24 -40.09 -1.70
C ILE D 432 30.00 -39.38 -2.21
N PHE D 433 29.49 -39.80 -3.36
CA PHE D 433 28.19 -39.36 -3.90
C PHE D 433 27.33 -40.62 -3.95
N GLY D 434 26.02 -40.48 -3.80
CA GLY D 434 25.08 -41.59 -3.88
C GLY D 434 23.70 -41.08 -4.19
N PRO D 435 22.96 -41.70 -5.13
CA PRO D 435 21.57 -41.31 -5.35
C PRO D 435 20.62 -41.82 -4.24
N ASP D 436 20.92 -41.50 -2.98
CA ASP D 436 20.08 -41.81 -1.79
C ASP D 436 20.28 -43.28 -1.38
N GLU D 437 21.47 -43.80 -1.63
CA GLU D 437 21.75 -45.27 -1.65
C GLU D 437 23.03 -45.56 -0.87
N THR D 438 23.72 -44.53 -0.38
CA THR D 438 24.99 -44.73 0.37
C THR D 438 24.76 -45.76 1.48
N ALA D 439 23.69 -45.60 2.27
CA ALA D 439 23.35 -46.49 3.40
C ALA D 439 22.95 -47.87 2.89
N SER D 440 22.20 -47.93 1.80
CA SER D 440 21.56 -49.15 1.22
C SER D 440 22.63 -50.07 0.58
N ASN D 441 23.75 -49.46 0.18
CA ASN D 441 24.97 -50.16 -0.30
C ASN D 441 25.96 -50.20 0.88
N ARG D 442 25.42 -50.18 2.10
CA ARG D 442 26.18 -50.47 3.36
C ARG D 442 27.52 -49.73 3.38
N LEU D 443 27.55 -48.47 2.96
CA LEU D 443 28.80 -47.64 2.89
C LEU D 443 28.85 -46.62 4.04
N GLN D 444 27.91 -46.73 5.00
CA GLN D 444 27.54 -45.65 5.95
C GLN D 444 28.54 -45.59 7.09
N ALA D 445 29.54 -46.47 7.10
CA ALA D 445 30.66 -46.37 8.07
C ALA D 445 31.34 -45.00 7.88
N SER D 446 31.17 -44.37 6.73
CA SER D 446 31.70 -43.02 6.40
C SER D 446 31.10 -41.97 7.34
N TYR D 447 29.86 -42.17 7.80
CA TYR D 447 29.13 -41.21 8.67
C TYR D 447 29.78 -41.15 10.07
N GLU D 448 30.88 -41.88 10.30
CA GLU D 448 31.65 -41.93 11.58
C GLU D 448 32.75 -40.86 11.58
N VAL D 449 33.08 -40.25 10.45
CA VAL D 449 34.21 -39.26 10.33
C VAL D 449 33.74 -37.96 9.66
N THR D 450 32.68 -38.06 8.88
CA THR D 450 32.09 -36.95 8.10
C THR D 450 30.57 -37.07 8.21
N ASN D 451 29.84 -36.12 7.60
CA ASN D 451 28.36 -36.12 7.53
C ASN D 451 27.94 -35.98 6.06
N LYS D 452 26.67 -36.28 5.77
CA LYS D 452 26.02 -35.89 4.50
C LYS D 452 25.98 -34.36 4.46
N GLN D 453 26.43 -33.76 3.35
CA GLN D 453 26.41 -32.29 3.14
C GLN D 453 24.97 -31.88 2.80
N TRP D 454 24.43 -30.94 3.57
CA TRP D 454 23.01 -30.54 3.46
C TRP D 454 22.87 -29.09 3.91
N ASP D 455 22.36 -28.25 3.01
CA ASP D 455 22.21 -26.77 3.13
C ASP D 455 20.80 -26.40 2.67
N ALA D 456 19.86 -27.33 2.80
CA ALA D 456 18.42 -27.06 2.95
C ALA D 456 18.13 -26.98 4.46
N GLY D 457 16.86 -26.99 4.86
CA GLY D 457 16.47 -26.85 6.26
C GLY D 457 16.69 -28.13 7.07
N TYR D 458 16.90 -27.94 8.39
CA TYR D 458 16.97 -28.95 9.47
C TYR D 458 15.71 -28.81 10.32
N ILE D 459 15.17 -29.91 10.86
CA ILE D 459 13.93 -29.85 11.69
C ILE D 459 14.02 -30.62 13.01
N SER D 460 14.88 -31.63 13.15
CA SER D 460 14.84 -32.50 14.34
C SER D 460 15.97 -33.53 14.30
N ASP D 461 16.59 -33.76 15.45
CA ASP D 461 17.66 -34.78 15.68
C ASP D 461 17.12 -36.23 15.58
N GLU D 462 15.81 -36.45 15.53
CA GLU D 462 15.17 -37.78 15.36
C GLU D 462 15.15 -38.20 13.87
N VAL D 463 15.40 -37.27 12.96
CA VAL D 463 15.41 -37.58 11.50
C VAL D 463 16.70 -37.10 10.82
N ASP D 464 17.36 -36.06 11.33
CA ASP D 464 18.49 -35.37 10.65
C ASP D 464 19.80 -36.03 11.09
N GLU D 465 19.88 -37.35 11.01
CA GLU D 465 21.10 -38.10 11.42
C GLU D 465 22.16 -37.93 10.35
N HIS D 466 23.37 -37.58 10.78
CA HIS D 466 24.62 -37.64 9.97
C HIS D 466 24.53 -36.62 8.83
N MET D 467 23.88 -35.49 9.09
CA MET D 467 23.76 -34.34 8.15
C MET D 467 24.42 -33.13 8.80
N HIS D 468 25.25 -32.43 8.04
CA HIS D 468 25.88 -31.14 8.43
C HIS D 468 25.90 -30.24 7.19
N VAL D 469 26.03 -28.93 7.38
CA VAL D 469 26.05 -27.95 6.26
C VAL D 469 27.30 -28.22 5.42
N SER D 470 28.34 -28.79 6.01
CA SER D 470 29.61 -29.21 5.37
C SER D 470 29.82 -30.70 5.58
N GLY D 471 30.14 -31.43 4.52
CA GLY D 471 30.43 -32.86 4.65
C GLY D 471 31.03 -33.39 3.39
N GLN D 472 31.69 -34.55 3.47
CA GLN D 472 32.37 -35.19 2.32
C GLN D 472 31.40 -36.14 1.63
N VAL D 473 30.24 -36.38 2.23
CA VAL D 473 29.23 -37.25 1.57
C VAL D 473 28.11 -36.33 1.09
N VAL D 474 27.64 -36.55 -0.15
CA VAL D 474 26.62 -35.73 -0.86
C VAL D 474 25.66 -36.71 -1.52
N GLU D 475 24.37 -36.57 -1.23
CA GLU D 475 23.30 -37.41 -1.78
C GLU D 475 22.19 -36.50 -2.29
N GLN D 476 21.77 -36.78 -3.53
CA GLN D 476 20.53 -36.31 -4.20
C GLN D 476 20.03 -37.50 -5.01
N LEU D 477 18.74 -37.79 -5.02
CA LEU D 477 18.22 -38.90 -5.84
C LEU D 477 18.29 -38.48 -7.33
N SER D 478 19.51 -38.39 -7.86
CA SER D 478 19.81 -38.14 -9.30
C SER D 478 21.15 -38.79 -9.63
N GLU D 479 21.16 -39.75 -10.55
CA GLU D 479 22.40 -40.43 -11.01
C GLU D 479 23.24 -39.40 -11.78
N HIS D 480 22.58 -38.56 -12.59
CA HIS D 480 23.21 -37.47 -13.41
C HIS D 480 24.03 -36.54 -12.53
N GLN D 481 23.48 -36.17 -11.38
CA GLN D 481 24.11 -35.20 -10.45
C GLN D 481 25.32 -35.90 -9.84
N MET D 482 25.15 -37.17 -9.45
CA MET D 482 26.19 -37.89 -8.66
C MET D 482 27.41 -38.10 -9.57
N GLU D 483 27.21 -38.70 -10.75
CA GLU D 483 28.19 -38.79 -11.89
C GLU D 483 28.81 -37.43 -12.22
N GLY D 484 27.99 -36.42 -12.53
CA GLY D 484 28.43 -35.03 -12.84
C GLY D 484 29.32 -34.41 -11.76
N PHE D 485 28.89 -34.42 -10.51
CA PHE D 485 29.61 -33.75 -9.38
C PHE D 485 30.99 -34.37 -9.29
N LEU D 486 31.01 -35.70 -9.27
CA LEU D 486 32.26 -36.51 -9.14
C LEU D 486 33.18 -36.26 -10.34
N GLU D 487 32.68 -36.39 -11.57
CA GLU D 487 33.46 -36.14 -12.82
C GLU D 487 34.26 -34.82 -12.69
N ALA D 488 33.59 -33.74 -12.28
CA ALA D 488 34.16 -32.38 -12.19
C ALA D 488 35.02 -32.23 -10.94
N TYR D 489 34.67 -32.92 -9.86
CA TYR D 489 35.51 -32.98 -8.63
C TYR D 489 36.87 -33.60 -9.02
N LEU D 490 36.85 -34.67 -9.84
CA LEU D 490 38.06 -35.36 -10.38
C LEU D 490 38.87 -34.44 -11.29
N LEU D 491 38.18 -33.72 -12.19
CA LEU D 491 38.81 -32.92 -13.28
C LEU D 491 39.51 -31.70 -12.70
N THR D 492 39.17 -31.33 -11.47
CA THR D 492 39.71 -30.16 -10.75
C THR D 492 40.79 -30.62 -9.78
N GLY D 493 41.05 -31.94 -9.75
CA GLY D 493 42.24 -32.56 -9.13
C GLY D 493 41.97 -33.28 -7.81
N ARG D 494 40.73 -33.69 -7.54
CA ARG D 494 40.37 -34.37 -6.26
C ARG D 494 39.93 -35.79 -6.59
N HIS D 495 39.58 -36.59 -5.58
CA HIS D 495 39.23 -38.04 -5.71
C HIS D 495 37.85 -38.31 -5.13
N GLY D 496 37.19 -39.39 -5.56
CA GLY D 496 35.99 -39.90 -4.89
C GLY D 496 35.49 -41.24 -5.41
N ILE D 497 34.33 -41.64 -4.89
CA ILE D 497 33.52 -42.80 -5.37
C ILE D 497 32.02 -42.43 -5.37
N TRP D 498 31.20 -43.10 -6.17
CA TRP D 498 29.74 -43.14 -5.95
C TRP D 498 29.20 -44.57 -6.14
N SER D 499 28.38 -45.01 -5.20
CA SER D 499 27.61 -46.27 -5.23
C SER D 499 26.40 -46.02 -6.10
N SER D 500 25.82 -47.07 -6.66
CA SER D 500 24.51 -47.02 -7.34
C SER D 500 23.97 -48.44 -7.47
N TYR D 501 22.70 -48.62 -7.16
CA TYR D 501 21.93 -49.82 -7.55
C TYR D 501 22.21 -50.06 -9.03
N GLU D 502 22.72 -51.26 -9.31
CA GLU D 502 23.22 -51.71 -10.62
C GLU D 502 22.35 -51.22 -11.78
N SER D 503 21.05 -51.55 -11.79
CA SER D 503 20.18 -51.36 -12.99
C SER D 503 20.12 -49.87 -13.38
N PHE D 504 20.31 -48.97 -12.40
CA PHE D 504 20.14 -47.51 -12.57
C PHE D 504 21.47 -46.85 -12.92
N VAL D 505 22.52 -47.64 -13.13
CA VAL D 505 23.75 -47.07 -13.72
C VAL D 505 23.42 -46.71 -15.18
N HIS D 506 22.35 -47.26 -15.73
CA HIS D 506 21.96 -47.03 -17.14
C HIS D 506 21.56 -45.55 -17.33
N VAL D 507 20.98 -44.95 -16.29
CA VAL D 507 20.56 -43.52 -16.26
C VAL D 507 21.69 -42.67 -16.84
N ILE D 508 22.92 -43.01 -16.48
CA ILE D 508 24.11 -42.22 -16.85
C ILE D 508 25.03 -43.01 -17.79
N ASP D 509 24.48 -43.94 -18.58
CA ASP D 509 25.28 -44.69 -19.59
C ASP D 509 25.93 -43.63 -20.48
N SER D 510 25.13 -42.66 -20.95
CA SER D 510 25.54 -41.65 -21.96
C SER D 510 26.66 -40.78 -21.36
N MET D 511 26.59 -40.54 -20.05
CA MET D 511 27.59 -39.72 -19.33
C MET D 511 28.91 -40.49 -19.20
N LEU D 512 28.83 -41.81 -18.98
CA LEU D 512 30.00 -42.73 -18.99
C LEU D 512 30.65 -42.65 -20.37
N ASN D 513 29.85 -42.74 -21.43
CA ASN D 513 30.30 -42.59 -22.84
C ASN D 513 31.11 -41.29 -22.97
N GLN D 514 30.58 -40.15 -22.50
CA GLN D 514 31.22 -38.82 -22.74
C GLN D 514 32.51 -38.71 -21.93
N HIS D 515 32.50 -39.17 -20.68
CA HIS D 515 33.70 -39.06 -19.82
C HIS D 515 34.76 -39.99 -20.41
N ALA D 516 34.34 -41.14 -20.99
CA ALA D 516 35.24 -42.15 -21.60
C ALA D 516 35.95 -41.51 -22.80
N LYS D 517 35.17 -40.98 -23.77
CA LYS D 517 35.69 -40.25 -24.97
C LYS D 517 36.60 -39.11 -24.52
N TRP D 518 36.29 -38.44 -23.41
CA TRP D 518 37.17 -37.35 -22.90
C TRP D 518 38.53 -37.97 -22.60
N LEU D 519 38.53 -39.13 -21.95
CA LEU D 519 39.76 -39.85 -21.53
C LEU D 519 40.47 -40.42 -22.77
N GLU D 520 39.74 -41.04 -23.69
CA GLU D 520 40.31 -41.57 -24.96
C GLU D 520 41.15 -40.46 -25.61
N ALA D 521 40.55 -39.33 -25.96
CA ALA D 521 41.28 -38.22 -26.63
C ALA D 521 42.51 -37.85 -25.80
N THR D 522 42.36 -37.78 -24.48
CA THR D 522 43.39 -37.28 -23.52
C THR D 522 44.62 -38.20 -23.59
N VAL D 523 44.42 -39.52 -23.48
CA VAL D 523 45.54 -40.52 -23.44
C VAL D 523 46.18 -40.51 -24.83
N ARG D 524 45.35 -40.54 -25.89
CA ARG D 524 45.82 -40.55 -27.31
C ARG D 524 46.73 -39.35 -27.61
N GLU D 525 46.20 -38.13 -27.63
CA GLU D 525 46.89 -36.96 -28.26
C GLU D 525 46.96 -35.74 -27.34
N ILE D 526 46.85 -35.84 -26.01
CA ILE D 526 46.82 -34.63 -25.11
C ILE D 526 47.77 -34.82 -23.93
N PRO D 527 49.11 -34.78 -24.14
CA PRO D 527 50.07 -35.00 -23.06
C PRO D 527 50.19 -33.88 -22.02
N TRP D 528 49.92 -32.62 -22.39
CA TRP D 528 50.03 -31.41 -21.50
C TRP D 528 48.96 -31.46 -20.42
N ARG D 529 47.93 -32.27 -20.65
CA ARG D 529 46.78 -32.53 -19.75
C ARG D 529 47.16 -33.70 -18.83
N LYS D 530 47.78 -33.37 -17.68
CA LYS D 530 48.24 -34.32 -16.63
C LYS D 530 47.11 -35.29 -16.26
N PRO D 531 47.41 -36.50 -15.73
CA PRO D 531 46.35 -37.48 -15.46
C PRO D 531 45.49 -37.05 -14.23
N ILE D 532 44.20 -37.36 -14.30
CA ILE D 532 43.19 -37.02 -13.24
C ILE D 532 42.78 -38.32 -12.54
N ALA D 533 42.39 -38.26 -11.26
CA ALA D 533 41.88 -39.44 -10.51
C ALA D 533 40.82 -40.14 -11.37
N SER D 534 40.50 -41.38 -11.01
CA SER D 534 39.56 -42.22 -11.79
C SER D 534 38.15 -42.03 -11.22
N MET D 535 37.17 -42.02 -12.13
CA MET D 535 35.75 -42.15 -11.80
C MET D 535 35.52 -43.60 -11.34
N ASN D 536 35.39 -43.79 -10.03
CA ASN D 536 35.19 -45.11 -9.36
C ASN D 536 33.69 -45.26 -9.02
N LEU D 537 33.04 -46.30 -9.52
CA LEU D 537 31.59 -46.50 -9.46
C LEU D 537 31.33 -47.88 -8.86
N LEU D 538 30.84 -47.91 -7.60
CA LEU D 538 30.38 -49.14 -6.91
C LEU D 538 29.02 -49.50 -7.46
N VAL D 539 28.99 -50.44 -8.39
CA VAL D 539 27.76 -51.19 -8.81
C VAL D 539 27.48 -52.21 -7.70
N SER D 540 26.39 -52.03 -6.96
CA SER D 540 25.91 -52.98 -5.91
C SER D 540 24.40 -53.19 -6.02
N SER D 541 23.78 -53.72 -4.98
CA SER D 541 22.35 -54.14 -4.97
C SER D 541 22.05 -54.74 -6.35
N HIS D 542 22.86 -55.75 -6.73
CA HIS D 542 23.01 -56.23 -8.13
C HIS D 542 21.91 -57.23 -8.48
N VAL D 543 21.85 -57.62 -9.74
CA VAL D 543 20.70 -58.32 -10.37
C VAL D 543 20.29 -59.54 -9.53
N TRP D 544 21.25 -60.25 -8.95
CA TRP D 544 20.99 -61.58 -8.31
C TRP D 544 20.27 -61.41 -6.97
N ARG D 545 20.67 -60.42 -6.16
CA ARG D 545 20.01 -60.09 -4.87
C ARG D 545 19.19 -58.78 -5.02
N GLN D 546 18.31 -58.78 -6.03
CA GLN D 546 17.22 -57.81 -6.24
C GLN D 546 15.92 -58.61 -6.36
N ASP D 547 15.83 -59.69 -5.59
CA ASP D 547 14.63 -60.58 -5.48
C ASP D 547 13.51 -59.81 -4.77
N HIS D 548 13.88 -58.88 -3.89
CA HIS D 548 12.96 -58.02 -3.08
C HIS D 548 12.32 -56.94 -3.98
N ASN D 549 13.06 -56.33 -4.91
CA ASN D 549 12.60 -55.15 -5.69
C ASN D 549 12.05 -55.57 -7.06
N GLY D 550 12.44 -56.73 -7.59
CA GLY D 550 11.78 -57.33 -8.77
C GLY D 550 12.40 -56.91 -10.09
N PHE D 551 11.70 -57.18 -11.19
CA PHE D 551 12.24 -57.26 -12.58
C PHE D 551 12.93 -55.95 -13.00
N SER D 552 12.29 -54.81 -12.72
CA SER D 552 12.71 -53.43 -13.07
C SER D 552 14.11 -53.11 -12.55
N HIS D 553 14.56 -53.80 -11.48
CA HIS D 553 15.82 -53.51 -10.76
C HIS D 553 16.93 -54.48 -11.17
N GLN D 554 16.60 -55.41 -12.07
CA GLN D 554 17.48 -56.51 -12.55
C GLN D 554 17.97 -56.19 -13.97
N ASP D 555 19.12 -55.52 -14.10
CA ASP D 555 19.72 -55.26 -15.45
C ASP D 555 21.19 -54.99 -15.21
N PRO D 556 22.06 -56.01 -15.38
CA PRO D 556 23.51 -55.85 -15.15
C PRO D 556 24.27 -55.26 -16.35
N GLY D 557 23.51 -54.79 -17.36
CA GLY D 557 23.93 -54.46 -18.75
C GLY D 557 24.93 -53.31 -18.88
N VAL D 558 25.36 -52.69 -17.78
CA VAL D 558 26.37 -51.59 -17.84
C VAL D 558 27.69 -52.15 -18.38
N THR D 559 27.96 -53.42 -18.06
CA THR D 559 29.11 -54.22 -18.58
C THR D 559 29.18 -54.11 -20.11
N SER D 560 28.11 -54.49 -20.82
CA SER D 560 27.96 -54.32 -22.29
C SER D 560 28.43 -52.92 -22.72
N VAL D 561 27.80 -51.88 -22.15
CA VAL D 561 27.98 -50.43 -22.50
C VAL D 561 29.46 -50.02 -22.38
N LEU D 562 30.07 -50.36 -21.24
CA LEU D 562 31.50 -50.10 -20.94
C LEU D 562 32.44 -50.85 -21.90
N LEU D 563 32.05 -52.03 -22.42
CA LEU D 563 32.88 -52.83 -23.38
C LEU D 563 33.05 -52.07 -24.70
N ASN D 564 32.07 -51.24 -25.10
CA ASN D 564 32.16 -50.38 -26.30
C ASN D 564 33.12 -49.19 -26.06
N LYS D 565 33.97 -49.20 -25.02
CA LYS D 565 35.04 -48.18 -24.83
C LYS D 565 36.36 -48.87 -24.48
N CYS D 566 36.53 -50.12 -24.91
CA CYS D 566 37.73 -50.95 -24.60
C CYS D 566 38.51 -51.26 -25.88
N PHE D 567 39.39 -50.34 -26.28
CA PHE D 567 40.02 -50.26 -27.63
C PHE D 567 41.38 -49.55 -27.60
N HIS D 568 42.12 -49.72 -28.71
CA HIS D 568 43.32 -48.90 -29.03
CA HIS D 568 43.37 -49.02 -29.08
C HIS D 568 44.37 -48.98 -27.92
N ASN D 569 44.14 -49.81 -26.89
CA ASN D 569 44.97 -49.88 -25.66
C ASN D 569 44.99 -48.50 -24.97
N ASP D 570 43.86 -47.78 -25.00
CA ASP D 570 43.67 -46.53 -24.22
C ASP D 570 43.71 -46.89 -22.74
N HIS D 571 43.09 -48.01 -22.39
CA HIS D 571 43.01 -48.60 -21.02
C HIS D 571 42.37 -47.56 -20.09
N VAL D 572 41.15 -47.13 -20.43
CA VAL D 572 40.41 -46.09 -19.64
C VAL D 572 39.13 -46.71 -19.04
N ILE D 573 38.84 -47.97 -19.32
CA ILE D 573 37.72 -48.71 -18.66
C ILE D 573 38.29 -49.78 -17.73
N GLY D 574 37.57 -50.02 -16.65
CA GLY D 574 37.84 -51.07 -15.64
C GLY D 574 36.53 -51.69 -15.23
N ILE D 575 36.22 -52.87 -15.75
CA ILE D 575 35.11 -53.73 -15.24
C ILE D 575 35.75 -54.75 -14.29
N TYR D 576 35.39 -54.70 -13.01
CA TYR D 576 35.89 -55.56 -11.92
C TYR D 576 34.70 -56.26 -11.27
N PHE D 577 34.88 -57.54 -10.93
CA PHE D 577 33.88 -58.34 -10.19
C PHE D 577 34.49 -58.73 -8.84
N ALA D 578 34.08 -58.02 -7.78
CA ALA D 578 34.45 -58.27 -6.37
C ALA D 578 33.83 -59.59 -5.92
N THR D 579 34.66 -60.65 -5.87
CA THR D 579 34.26 -62.05 -5.55
C THR D 579 33.79 -62.08 -4.09
N ASP D 580 34.51 -61.35 -3.23
CA ASP D 580 34.22 -61.26 -1.78
C ASP D 580 34.81 -59.96 -1.23
N ALA D 581 34.59 -59.68 0.05
CA ALA D 581 35.11 -58.51 0.81
C ALA D 581 36.61 -58.34 0.55
N ASN D 582 37.33 -59.46 0.46
CA ASN D 582 38.81 -59.49 0.32
C ASN D 582 39.22 -59.07 -1.11
N MET D 583 38.53 -59.58 -2.13
CA MET D 583 38.73 -59.15 -3.53
C MET D 583 38.35 -57.67 -3.64
N LEU D 584 37.17 -57.29 -3.14
CA LEU D 584 36.67 -55.89 -3.14
C LEU D 584 37.74 -54.95 -2.57
N LEU D 585 38.39 -55.28 -1.45
CA LEU D 585 39.48 -54.44 -0.88
C LEU D 585 40.64 -54.35 -1.88
N ALA D 586 40.93 -55.43 -2.58
CA ALA D 586 42.04 -55.50 -3.56
C ALA D 586 41.71 -54.57 -4.74
N ILE D 587 40.48 -54.67 -5.25
CA ILE D 587 39.99 -53.88 -6.41
C ILE D 587 40.06 -52.40 -6.02
N ALA D 588 39.58 -52.06 -4.82
CA ALA D 588 39.45 -50.66 -4.33
C ALA D 588 40.82 -49.98 -4.30
N GLU D 589 41.87 -50.72 -3.95
CA GLU D 589 43.24 -50.14 -3.79
C GLU D 589 43.78 -49.76 -5.17
N LYS D 590 43.62 -50.66 -6.15
CA LYS D 590 44.02 -50.45 -7.57
C LYS D 590 43.30 -49.19 -8.05
N CYS D 591 41.97 -49.19 -7.93
CA CYS D 591 41.04 -48.13 -8.39
C CYS D 591 41.40 -46.77 -7.76
N TYR D 592 41.53 -46.69 -6.43
CA TYR D 592 41.81 -45.42 -5.72
C TYR D 592 43.19 -44.88 -6.07
N LYS D 593 44.08 -45.75 -6.55
CA LYS D 593 45.44 -45.40 -7.02
C LYS D 593 45.42 -44.98 -8.50
N SER D 594 44.52 -45.54 -9.34
CA SER D 594 44.48 -45.35 -10.81
C SER D 594 44.11 -43.90 -11.20
N THR D 595 44.30 -43.59 -12.48
CA THR D 595 44.07 -42.27 -13.11
C THR D 595 43.57 -42.51 -14.54
N ASN D 596 42.95 -41.50 -15.15
CA ASN D 596 42.47 -41.51 -16.56
C ASN D 596 41.74 -42.83 -16.84
N LYS D 597 40.95 -43.29 -15.87
CA LYS D 597 40.07 -44.48 -15.97
C LYS D 597 38.67 -44.19 -15.40
N ILE D 598 37.64 -44.78 -16.00
CA ILE D 598 36.34 -45.16 -15.37
C ILE D 598 36.48 -46.58 -14.83
N ASN D 599 36.12 -46.80 -13.57
CA ASN D 599 36.32 -48.07 -12.83
C ASN D 599 35.00 -48.52 -12.22
N ALA D 600 34.23 -49.33 -12.93
CA ALA D 600 33.02 -50.01 -12.43
C ALA D 600 33.41 -51.23 -11.58
N ILE D 601 33.21 -51.12 -10.27
CA ILE D 601 33.34 -52.19 -9.24
C ILE D 601 31.96 -52.84 -9.00
N ILE D 602 31.79 -54.12 -9.34
CA ILE D 602 30.52 -54.87 -9.09
C ILE D 602 30.74 -55.80 -7.90
N ALA D 603 29.98 -55.57 -6.83
CA ALA D 603 30.12 -56.22 -5.51
C ALA D 603 28.72 -56.48 -4.97
N GLY D 604 28.59 -57.46 -4.08
CA GLY D 604 27.33 -57.75 -3.35
C GLY D 604 27.31 -57.01 -2.02
N LYS D 605 26.11 -56.58 -1.59
CA LYS D 605 25.84 -56.01 -0.25
C LYS D 605 25.27 -57.13 0.62
N GLN D 606 24.70 -58.15 -0.03
CA GLN D 606 24.03 -59.29 0.63
C GLN D 606 25.03 -60.09 1.46
N PRO D 607 24.54 -60.80 2.50
CA PRO D 607 25.35 -61.72 3.27
C PRO D 607 25.81 -62.81 2.30
N ALA D 608 27.13 -62.98 2.15
CA ALA D 608 27.66 -64.03 1.25
C ALA D 608 28.98 -64.52 1.80
N ALA D 609 29.42 -65.66 1.27
CA ALA D 609 30.68 -66.34 1.63
C ALA D 609 31.86 -65.49 1.15
N THR D 610 32.97 -65.55 1.91
CA THR D 610 34.30 -64.98 1.60
C THR D 610 35.25 -66.13 1.25
N TRP D 611 35.75 -66.16 0.00
CA TRP D 611 36.52 -67.28 -0.58
C TRP D 611 38.02 -67.05 -0.45
N LEU D 612 38.51 -65.86 -0.80
CA LEU D 612 39.97 -65.56 -0.88
C LEU D 612 40.39 -64.81 0.37
N THR D 613 41.63 -65.02 0.79
CA THR D 613 42.36 -64.13 1.73
C THR D 613 42.72 -62.90 0.89
N LEU D 614 43.43 -61.93 1.49
CA LEU D 614 43.87 -60.69 0.78
C LEU D 614 44.90 -61.04 -0.30
N ASP D 615 45.90 -61.86 0.02
CA ASP D 615 46.96 -62.33 -0.92
C ASP D 615 46.35 -63.10 -2.10
N GLU D 616 45.50 -64.11 -1.87
CA GLU D 616 44.75 -64.84 -2.93
C GLU D 616 44.01 -63.85 -3.86
N ALA D 617 43.38 -62.81 -3.30
CA ALA D 617 42.62 -61.78 -4.06
C ALA D 617 43.57 -60.91 -4.89
N ARG D 618 44.58 -60.28 -4.27
CA ARG D 618 45.62 -59.46 -4.97
C ARG D 618 46.23 -60.26 -6.12
N ALA D 619 46.57 -61.51 -5.84
CA ALA D 619 47.18 -62.49 -6.78
C ALA D 619 46.28 -62.61 -8.01
N GLU D 620 44.98 -62.84 -7.79
CA GLU D 620 43.98 -63.12 -8.87
C GLU D 620 43.74 -61.87 -9.72
N LEU D 621 43.98 -60.68 -9.17
CA LEU D 621 43.64 -59.38 -9.81
C LEU D 621 44.79 -58.92 -10.71
N GLU D 622 46.03 -59.08 -10.26
CA GLU D 622 47.25 -58.78 -11.06
C GLU D 622 47.10 -59.42 -12.44
N LYS D 623 46.61 -60.67 -12.51
CA LYS D 623 46.37 -61.37 -13.80
C LYS D 623 44.95 -61.05 -14.28
N GLY D 624 43.98 -61.03 -13.37
CA GLY D 624 42.57 -60.78 -13.71
C GLY D 624 41.72 -62.02 -13.55
N ALA D 625 42.22 -63.17 -14.00
CA ALA D 625 41.62 -64.50 -13.69
C ALA D 625 42.67 -65.34 -12.95
N ALA D 626 42.22 -66.33 -12.17
CA ALA D 626 43.08 -67.35 -11.53
C ALA D 626 42.36 -68.69 -11.54
N ALA D 627 43.16 -69.76 -11.48
CA ALA D 627 42.70 -71.11 -11.10
C ALA D 627 42.70 -71.16 -9.57
N TRP D 628 41.71 -71.87 -9.03
CA TRP D 628 41.54 -72.11 -7.58
C TRP D 628 41.87 -73.57 -7.27
N ASP D 629 43.14 -73.82 -6.92
CA ASP D 629 43.77 -75.17 -6.87
C ASP D 629 43.17 -75.91 -5.67
N TRP D 630 42.88 -75.18 -4.59
CA TRP D 630 42.23 -75.66 -3.33
C TRP D 630 40.78 -76.15 -3.59
N ALA D 631 40.18 -75.83 -4.74
CA ALA D 631 38.77 -76.14 -5.08
C ALA D 631 38.67 -77.11 -6.27
N SER D 632 39.76 -77.30 -7.02
CA SER D 632 39.79 -78.21 -8.18
C SER D 632 40.05 -79.63 -7.66
N THR D 633 39.24 -80.59 -8.09
CA THR D 633 39.45 -82.04 -7.81
C THR D 633 40.48 -82.58 -8.82
N ALA D 634 40.64 -81.92 -9.96
CA ALA D 634 41.73 -82.16 -10.93
C ALA D 634 43.00 -81.47 -10.43
N LYS D 635 44.19 -82.00 -10.76
CA LYS D 635 45.53 -81.48 -10.35
C LYS D 635 46.24 -80.81 -11.53
N ASN D 636 45.71 -80.94 -12.75
CA ASN D 636 46.25 -80.30 -13.99
C ASN D 636 45.18 -80.37 -15.09
N ASN D 637 45.49 -79.79 -16.26
CA ASN D 637 44.55 -79.59 -17.39
C ASN D 637 44.03 -80.94 -17.93
N ASP D 638 44.90 -81.97 -18.03
CA ASP D 638 44.62 -83.28 -18.68
C ASP D 638 43.65 -84.09 -17.81
N GLU D 639 43.92 -84.17 -16.51
CA GLU D 639 43.06 -84.85 -15.49
C GLU D 639 41.62 -84.28 -15.58
N ALA D 640 41.50 -82.94 -15.64
CA ALA D 640 40.25 -82.13 -15.49
C ALA D 640 39.21 -82.51 -16.58
N GLU D 641 38.02 -82.94 -16.18
CA GLU D 641 36.95 -83.41 -17.13
C GLU D 641 36.05 -82.23 -17.54
N VAL D 642 36.06 -81.14 -16.76
CA VAL D 642 35.31 -79.88 -17.01
C VAL D 642 35.94 -78.75 -16.21
N VAL D 643 36.03 -77.57 -16.82
CA VAL D 643 36.41 -76.30 -16.13
C VAL D 643 35.14 -75.59 -15.64
N LEU D 644 35.12 -75.20 -14.36
CA LEU D 644 34.01 -74.44 -13.72
C LEU D 644 34.45 -72.98 -13.52
N ALA D 645 33.94 -72.07 -14.36
CA ALA D 645 34.33 -70.65 -14.42
C ALA D 645 33.16 -69.77 -13.91
N ALA D 646 33.50 -68.78 -13.08
CA ALA D 646 32.56 -67.75 -12.60
C ALA D 646 33.23 -66.38 -12.61
N ALA D 647 32.47 -65.35 -13.02
CA ALA D 647 32.73 -63.92 -12.70
C ALA D 647 31.56 -63.41 -11.86
N GLY D 648 31.80 -63.13 -10.57
CA GLY D 648 30.79 -62.48 -9.72
C GLY D 648 30.48 -63.27 -8.47
N ASP D 649 30.41 -62.54 -7.35
CA ASP D 649 30.08 -63.00 -5.96
C ASP D 649 28.99 -64.09 -5.95
N VAL D 650 27.88 -63.91 -6.69
CA VAL D 650 26.78 -64.92 -6.72
C VAL D 650 27.13 -66.02 -7.73
N PRO D 651 27.40 -65.71 -9.03
CA PRO D 651 27.83 -66.76 -9.97
C PRO D 651 28.85 -67.71 -9.32
N THR D 652 29.90 -67.15 -8.70
CA THR D 652 30.92 -67.86 -7.90
C THR D 652 30.23 -68.81 -6.90
N GLN D 653 29.44 -68.24 -5.99
CA GLN D 653 28.71 -69.00 -4.94
C GLN D 653 28.07 -70.26 -5.57
N GLU D 654 27.10 -70.12 -6.47
CA GLU D 654 26.42 -71.26 -7.15
C GLU D 654 27.46 -72.24 -7.75
N ILE D 655 28.59 -71.71 -8.25
CA ILE D 655 29.66 -72.48 -8.95
C ILE D 655 30.38 -73.37 -7.94
N MET D 656 30.72 -72.87 -6.74
CA MET D 656 31.29 -73.70 -5.64
C MET D 656 30.29 -74.77 -5.19
N ALA D 657 29.04 -74.40 -4.93
CA ALA D 657 27.99 -75.33 -4.44
C ALA D 657 27.75 -76.44 -5.49
N ALA D 658 27.93 -76.14 -6.79
CA ALA D 658 27.95 -77.12 -7.90
C ALA D 658 29.17 -78.04 -7.74
N SER D 659 30.35 -77.45 -7.51
CA SER D 659 31.65 -78.14 -7.31
C SER D 659 31.58 -79.14 -6.14
N ASP D 660 30.92 -78.79 -5.04
CA ASP D 660 30.70 -79.69 -3.88
C ASP D 660 29.74 -80.82 -4.25
N LYS D 661 28.76 -80.56 -5.12
CA LYS D 661 27.80 -81.63 -5.51
C LYS D 661 28.52 -82.59 -6.48
N LEU D 662 29.44 -82.07 -7.31
CA LEU D 662 30.23 -82.85 -8.31
C LEU D 662 31.32 -83.64 -7.58
N LYS D 663 31.92 -83.06 -6.53
CA LYS D 663 32.93 -83.73 -5.66
C LYS D 663 32.40 -85.09 -5.21
N GLU D 664 31.15 -85.13 -4.71
CA GLU D 664 30.48 -86.35 -4.18
C GLU D 664 30.15 -87.32 -5.32
N LEU D 665 29.92 -86.86 -6.55
CA LEU D 665 29.70 -87.75 -7.72
C LEU D 665 31.04 -88.32 -8.22
N GLY D 666 32.16 -87.74 -7.79
CA GLY D 666 33.54 -88.21 -8.03
C GLY D 666 34.19 -87.57 -9.25
N VAL D 667 33.74 -86.38 -9.67
CA VAL D 667 34.11 -85.74 -10.98
C VAL D 667 35.38 -84.90 -10.83
N LYS D 668 36.35 -85.09 -11.73
CA LYS D 668 37.58 -84.26 -11.82
C LYS D 668 37.18 -82.93 -12.46
N PHE D 669 37.44 -81.78 -11.82
CA PHE D 669 37.08 -80.44 -12.37
C PHE D 669 38.10 -79.38 -11.95
N LYS D 670 38.46 -78.50 -12.88
CA LYS D 670 39.16 -77.22 -12.60
C LYS D 670 38.11 -76.18 -12.21
N VAL D 671 38.38 -75.35 -11.18
CA VAL D 671 37.56 -74.16 -10.80
C VAL D 671 38.37 -72.89 -11.09
N VAL D 672 37.81 -71.98 -11.90
CA VAL D 672 38.47 -70.70 -12.27
C VAL D 672 37.60 -69.53 -11.79
N ASN D 673 38.25 -68.43 -11.41
CA ASN D 673 37.59 -67.18 -10.98
C ASN D 673 38.13 -65.97 -11.75
N VAL D 674 37.19 -65.21 -12.32
CA VAL D 674 37.39 -63.99 -13.16
C VAL D 674 36.96 -62.75 -12.35
N ALA D 675 37.94 -61.94 -11.95
CA ALA D 675 37.74 -60.66 -11.22
C ALA D 675 37.72 -59.52 -12.25
N ASP D 676 38.87 -59.24 -12.88
CA ASP D 676 39.03 -58.39 -14.09
C ASP D 676 38.34 -59.10 -15.26
N LEU D 677 37.60 -58.37 -16.10
CA LEU D 677 36.84 -58.91 -17.25
C LEU D 677 37.64 -58.68 -18.52
N LEU D 678 38.44 -57.62 -18.53
CA LEU D 678 39.21 -57.20 -19.73
C LEU D 678 40.48 -58.06 -19.82
N SER D 679 40.78 -58.84 -18.77
CA SER D 679 41.74 -59.95 -18.83
C SER D 679 41.37 -60.88 -20.01
N LEU D 680 40.12 -61.34 -20.09
CA LEU D 680 39.62 -62.26 -21.14
C LEU D 680 39.58 -61.58 -22.51
N GLN D 681 39.85 -60.28 -22.61
CA GLN D 681 39.75 -59.54 -23.90
C GLN D 681 40.88 -60.02 -24.82
N SER D 682 40.59 -60.16 -26.13
CA SER D 682 41.54 -60.51 -27.21
C SER D 682 42.92 -59.87 -26.94
N ALA D 683 44.01 -60.64 -27.11
CA ALA D 683 45.40 -60.23 -26.81
C ALA D 683 45.95 -59.30 -27.90
N LYS D 684 45.33 -59.26 -29.08
CA LYS D 684 45.63 -58.30 -30.18
C LYS D 684 45.05 -56.92 -29.85
N GLU D 685 43.75 -56.87 -29.53
CA GLU D 685 42.98 -55.66 -29.11
C GLU D 685 43.61 -55.05 -27.84
N ASN D 686 43.92 -55.90 -26.85
CA ASN D 686 44.24 -55.51 -25.44
C ASN D 686 45.62 -56.06 -25.07
N ASP D 687 46.61 -55.17 -24.88
CA ASP D 687 48.01 -55.51 -24.53
C ASP D 687 48.14 -55.77 -23.02
N GLU D 688 47.05 -55.65 -22.24
CA GLU D 688 47.03 -55.87 -20.76
C GLU D 688 46.35 -57.21 -20.47
N ALA D 689 45.64 -57.76 -21.46
CA ALA D 689 44.89 -59.03 -21.36
C ALA D 689 45.86 -60.22 -21.17
N LEU D 690 45.31 -61.33 -20.66
CA LEU D 690 45.98 -62.66 -20.68
C LEU D 690 46.53 -62.92 -22.09
N THR D 691 47.83 -63.29 -22.18
CA THR D 691 48.44 -63.80 -23.44
C THR D 691 47.71 -65.12 -23.77
N ASP D 692 47.47 -65.42 -25.04
CA ASP D 692 46.79 -66.66 -25.48
C ASP D 692 47.37 -67.90 -24.76
N GLU D 693 48.68 -67.90 -24.46
CA GLU D 693 49.36 -68.92 -23.61
C GLU D 693 48.55 -69.08 -22.32
N GLU D 694 48.55 -68.04 -21.46
CA GLU D 694 47.94 -67.94 -20.10
C GLU D 694 46.43 -68.24 -20.15
N PHE D 695 45.74 -67.76 -21.18
CA PHE D 695 44.30 -68.09 -21.36
C PHE D 695 44.17 -69.61 -21.35
N ALA D 696 44.88 -70.28 -22.27
CA ALA D 696 44.90 -71.76 -22.47
C ALA D 696 45.28 -72.48 -21.16
N ASP D 697 46.37 -72.03 -20.52
CA ASP D 697 46.85 -72.54 -19.21
C ASP D 697 45.64 -72.65 -18.27
N ILE D 698 44.84 -71.58 -18.16
CA ILE D 698 43.78 -71.40 -17.12
C ILE D 698 42.50 -72.17 -17.53
N PHE D 699 41.91 -71.91 -18.70
CA PHE D 699 40.60 -72.46 -19.12
C PHE D 699 40.78 -73.75 -19.91
N THR D 700 42.02 -74.23 -20.05
CA THR D 700 42.44 -75.40 -20.89
C THR D 700 42.40 -75.02 -22.39
N ALA D 701 42.72 -75.98 -23.26
CA ALA D 701 42.68 -75.86 -24.74
C ALA D 701 41.66 -76.82 -25.35
N ASP D 702 41.36 -77.94 -24.66
CA ASP D 702 40.53 -79.06 -25.21
C ASP D 702 39.28 -79.27 -24.36
N LYS D 703 39.24 -78.84 -23.08
CA LYS D 703 38.15 -79.18 -22.12
C LYS D 703 36.98 -78.20 -22.27
N PRO D 704 35.72 -78.65 -22.02
CA PRO D 704 34.55 -77.76 -22.09
C PRO D 704 34.42 -76.93 -20.79
N VAL D 705 34.10 -75.64 -20.92
CA VAL D 705 34.12 -74.64 -19.81
C VAL D 705 32.69 -74.23 -19.48
N LEU D 706 32.24 -74.48 -18.26
CA LEU D 706 30.98 -73.90 -17.74
C LEU D 706 31.33 -72.53 -17.17
N PHE D 707 30.79 -71.48 -17.78
CA PHE D 707 31.01 -70.07 -17.38
C PHE D 707 29.70 -69.48 -16.83
N ALA D 708 29.61 -69.40 -15.50
CA ALA D 708 28.58 -68.61 -14.76
C ALA D 708 29.04 -67.15 -14.70
N TYR D 709 28.39 -66.30 -15.48
CA TYR D 709 28.72 -64.85 -15.63
C TYR D 709 27.68 -64.03 -14.86
N HIS D 710 28.14 -62.99 -14.17
CA HIS D 710 27.30 -62.00 -13.46
C HIS D 710 26.22 -61.41 -14.37
N SER D 711 26.61 -60.95 -15.57
CA SER D 711 25.76 -60.10 -16.47
C SER D 711 25.20 -60.96 -17.62
N TYR D 712 24.99 -60.34 -18.77
CA TYR D 712 24.39 -61.00 -19.96
C TYR D 712 25.44 -61.91 -20.62
N ALA D 713 25.02 -63.15 -20.92
CA ALA D 713 25.80 -64.19 -21.60
C ALA D 713 26.58 -63.57 -22.78
N HIS D 714 25.85 -62.86 -23.66
CA HIS D 714 26.36 -62.14 -24.85
C HIS D 714 27.76 -61.53 -24.58
N ASP D 715 27.96 -60.85 -23.46
CA ASP D 715 29.21 -60.07 -23.22
C ASP D 715 30.42 -60.96 -23.50
N VAL D 716 30.45 -62.13 -22.84
CA VAL D 716 31.66 -63.00 -22.70
C VAL D 716 32.00 -63.58 -24.09
N ARG D 717 31.01 -64.19 -24.74
CA ARG D 717 31.09 -64.72 -26.13
C ARG D 717 31.91 -63.76 -27.00
N GLY D 718 31.46 -62.49 -27.09
CA GLY D 718 32.05 -61.44 -27.93
C GLY D 718 33.49 -61.13 -27.57
N LEU D 719 33.91 -61.34 -26.32
CA LEU D 719 35.30 -61.02 -25.88
C LEU D 719 36.27 -62.08 -26.40
N ILE D 720 35.77 -63.32 -26.57
CA ILE D 720 36.59 -64.58 -26.70
C ILE D 720 36.43 -65.19 -28.10
N TYR D 721 35.87 -64.48 -29.08
CA TYR D 721 35.69 -64.97 -30.48
C TYR D 721 37.00 -65.56 -31.04
N ASP D 722 38.17 -65.05 -30.62
CA ASP D 722 39.51 -65.39 -31.14
C ASP D 722 40.43 -65.84 -30.00
N ARG D 723 39.90 -66.69 -29.12
CA ARG D 723 40.60 -67.17 -27.90
C ARG D 723 40.68 -68.69 -27.97
N PRO D 724 41.77 -69.29 -27.44
CA PRO D 724 41.87 -70.74 -27.32
C PRO D 724 40.67 -71.37 -26.61
N ASN D 725 39.90 -72.21 -27.30
CA ASN D 725 38.95 -73.19 -26.69
C ASN D 725 37.55 -72.54 -26.64
N HIS D 726 37.37 -71.47 -27.39
CA HIS D 726 36.24 -70.53 -27.26
C HIS D 726 34.91 -71.20 -27.64
N ASP D 727 34.94 -72.20 -28.53
CA ASP D 727 33.71 -72.90 -28.99
C ASP D 727 33.21 -73.85 -27.88
N ASN D 728 34.02 -74.08 -26.85
CA ASN D 728 33.73 -75.09 -25.80
C ASN D 728 33.06 -74.43 -24.60
N PHE D 729 33.35 -73.13 -24.39
CA PHE D 729 32.73 -72.26 -23.36
C PHE D 729 31.21 -72.34 -23.51
N ASN D 730 30.54 -72.92 -22.52
CA ASN D 730 29.06 -72.88 -22.33
C ASN D 730 28.81 -71.79 -21.27
N VAL D 731 28.47 -70.58 -21.73
CA VAL D 731 28.39 -69.33 -20.91
C VAL D 731 26.95 -69.12 -20.45
N HIS D 732 26.66 -69.33 -19.16
CA HIS D 732 25.35 -68.99 -18.52
C HIS D 732 25.47 -67.59 -17.89
N GLY D 733 24.43 -66.77 -18.03
CA GLY D 733 24.41 -65.41 -17.47
C GLY D 733 23.01 -65.02 -17.07
N TYR D 734 22.77 -63.73 -16.82
CA TYR D 734 21.39 -63.21 -16.66
C TYR D 734 20.70 -63.26 -18.04
N GLU D 735 19.48 -63.80 -18.11
CA GLU D 735 18.76 -64.12 -19.38
C GLU D 735 17.39 -63.44 -19.38
N GLU D 736 17.30 -62.25 -18.74
CA GLU D 736 16.08 -61.42 -18.59
C GLU D 736 14.96 -62.26 -17.96
N GLU D 737 15.25 -62.99 -16.90
CA GLU D 737 14.21 -63.77 -16.16
C GLU D 737 14.22 -63.33 -14.70
N GLY D 738 13.06 -63.31 -14.08
CA GLY D 738 12.97 -63.06 -12.63
C GLY D 738 11.75 -62.25 -12.25
N SER D 739 11.56 -62.09 -10.94
CA SER D 739 10.49 -61.30 -10.34
C SER D 739 10.92 -60.91 -8.93
N THR D 740 9.95 -60.46 -8.14
CA THR D 740 10.03 -60.36 -6.67
C THR D 740 9.77 -61.79 -6.20
N THR D 741 10.79 -62.42 -5.63
CA THR D 741 10.86 -63.89 -5.43
C THR D 741 11.91 -64.16 -4.36
N THR D 742 12.51 -65.34 -4.34
CA THR D 742 13.57 -65.69 -3.35
C THR D 742 14.90 -65.61 -4.08
N PRO D 743 16.03 -65.59 -3.36
CA PRO D 743 17.35 -65.61 -4.00
C PRO D 743 17.56 -66.84 -4.90
N TYR D 744 17.17 -68.02 -4.41
CA TYR D 744 17.27 -69.30 -5.16
C TYR D 744 16.54 -69.14 -6.51
N ASP D 745 15.26 -68.77 -6.49
CA ASP D 745 14.43 -68.68 -7.71
C ASP D 745 15.07 -67.69 -8.72
N MET D 746 15.91 -66.74 -8.26
CA MET D 746 16.56 -65.74 -9.16
C MET D 746 17.61 -66.43 -10.04
N VAL D 747 18.58 -67.08 -9.40
CA VAL D 747 19.65 -67.89 -10.07
C VAL D 747 18.97 -69.07 -10.79
N ARG D 748 17.92 -69.64 -10.19
CA ARG D 748 17.14 -70.77 -10.77
C ARG D 748 16.67 -70.38 -12.16
N VAL D 749 15.84 -69.35 -12.26
CA VAL D 749 14.96 -69.12 -13.45
C VAL D 749 15.83 -68.55 -14.62
N ASN D 750 17.09 -68.21 -14.33
CA ASN D 750 18.14 -67.73 -15.28
C ASN D 750 19.16 -68.86 -15.50
N ARG D 751 18.75 -70.09 -15.17
CA ARG D 751 19.49 -71.35 -15.41
C ARG D 751 20.95 -71.16 -14.96
N ILE D 752 21.17 -70.64 -13.74
CA ILE D 752 22.55 -70.48 -13.16
C ILE D 752 22.59 -70.90 -11.67
N ASP D 753 21.49 -71.42 -11.12
CA ASP D 753 21.46 -72.09 -9.78
C ASP D 753 22.46 -73.26 -9.75
N ARG D 754 23.11 -73.46 -8.60
CA ARG D 754 24.07 -74.57 -8.35
C ARG D 754 23.54 -75.88 -8.99
N TYR D 755 22.25 -76.20 -8.79
CA TYR D 755 21.64 -77.46 -9.25
C TYR D 755 21.79 -77.55 -10.77
N GLU D 756 21.42 -76.49 -11.50
CA GLU D 756 21.48 -76.48 -12.99
C GLU D 756 22.93 -76.44 -13.47
N LEU D 757 23.84 -75.83 -12.69
CA LEU D 757 25.29 -75.75 -13.05
C LEU D 757 25.91 -77.14 -12.95
N THR D 758 25.51 -77.92 -11.94
CA THR D 758 25.90 -79.35 -11.76
C THR D 758 25.44 -80.12 -13.00
N ALA D 759 24.13 -80.26 -13.18
CA ALA D 759 23.50 -80.96 -14.32
C ALA D 759 24.17 -80.52 -15.64
N GLU D 760 24.37 -79.22 -15.88
CA GLU D 760 24.98 -78.72 -17.13
C GLU D 760 26.39 -79.31 -17.27
N ALA D 761 27.13 -79.37 -16.16
CA ALA D 761 28.51 -79.89 -16.13
C ALA D 761 28.47 -81.36 -16.57
N LEU D 762 27.55 -82.13 -15.97
CA LEU D 762 27.37 -83.58 -16.25
C LEU D 762 27.05 -83.75 -17.73
N ARG D 763 26.11 -82.96 -18.27
CA ARG D 763 25.70 -82.95 -19.71
C ARG D 763 26.92 -82.78 -20.61
N MET D 764 27.87 -81.93 -20.23
CA MET D 764 29.03 -81.55 -21.06
C MET D 764 30.10 -82.64 -21.05
N ILE D 765 30.13 -83.50 -20.01
CA ILE D 765 30.97 -84.72 -19.98
C ILE D 765 30.17 -85.83 -20.66
N ASP D 766 29.25 -86.49 -19.94
CA ASP D 766 28.50 -87.67 -20.47
C ASP D 766 27.06 -87.58 -19.98
N ALA D 767 26.13 -87.28 -20.90
CA ALA D 767 24.69 -87.08 -20.62
C ALA D 767 23.95 -88.42 -20.49
N ASP D 768 24.68 -89.55 -20.50
CA ASP D 768 24.13 -90.94 -20.39
C ASP D 768 24.65 -91.62 -19.11
N LYS D 769 25.96 -91.54 -18.85
CA LYS D 769 26.59 -92.10 -17.61
C LYS D 769 25.95 -91.40 -16.42
N TYR D 770 25.76 -90.10 -16.59
CA TYR D 770 25.33 -89.16 -15.53
C TYR D 770 23.85 -88.81 -15.69
N ALA D 771 23.17 -89.38 -16.70
CA ALA D 771 21.69 -89.35 -16.86
C ALA D 771 20.96 -89.71 -15.56
N ASP D 772 21.65 -90.37 -14.61
CA ASP D 772 21.07 -90.76 -13.30
C ASP D 772 20.72 -89.49 -12.52
N LYS D 773 21.74 -88.68 -12.16
CA LYS D 773 21.58 -87.52 -11.23
C LYS D 773 20.92 -86.38 -12.01
N ILE D 774 21.55 -85.96 -13.12
CA ILE D 774 21.01 -84.98 -14.10
C ILE D 774 19.48 -84.89 -13.97
N ASP D 775 18.79 -86.01 -14.14
CA ASP D 775 17.31 -86.15 -14.15
C ASP D 775 16.73 -85.83 -12.76
N GLU D 776 17.41 -86.25 -11.68
CA GLU D 776 17.00 -86.05 -10.25
C GLU D 776 17.37 -84.61 -9.79
N LEU D 777 18.25 -83.93 -10.55
CA LEU D 777 18.65 -82.52 -10.30
C LEU D 777 17.61 -81.58 -10.92
N GLU D 778 17.13 -81.85 -12.13
CA GLU D 778 15.93 -81.20 -12.74
C GLU D 778 14.69 -81.44 -11.87
N LYS D 779 14.67 -82.51 -11.07
CA LYS D 779 13.56 -82.82 -10.13
C LYS D 779 13.71 -81.91 -8.90
N PHE D 780 14.93 -81.67 -8.43
CA PHE D 780 15.17 -80.96 -7.14
C PHE D 780 15.00 -79.45 -7.33
N ARG D 781 15.24 -78.96 -8.56
CA ARG D 781 15.04 -77.55 -8.93
C ARG D 781 13.54 -77.23 -8.85
N ASP D 782 12.69 -78.17 -9.24
CA ASP D 782 11.21 -78.04 -9.13
C ASP D 782 10.79 -78.20 -7.66
N GLU D 783 11.46 -79.07 -6.89
CA GLU D 783 11.14 -79.36 -5.46
C GLU D 783 11.47 -78.11 -4.63
N ALA D 784 12.66 -77.52 -4.86
CA ALA D 784 13.25 -76.40 -4.08
C ALA D 784 12.52 -75.06 -4.31
N PHE D 785 11.89 -74.90 -5.49
CA PHE D 785 10.99 -73.77 -5.85
C PHE D 785 9.64 -73.97 -5.18
N GLN D 786 9.03 -75.15 -5.38
CA GLN D 786 7.71 -75.50 -4.79
C GLN D 786 7.80 -75.35 -3.27
N PHE D 787 9.02 -75.50 -2.70
CA PHE D 787 9.29 -75.27 -1.26
C PHE D 787 9.04 -73.80 -0.94
N ALA D 788 9.67 -72.92 -1.75
CA ALA D 788 9.60 -71.43 -1.67
C ALA D 788 8.15 -70.95 -1.79
N VAL D 789 7.39 -71.52 -2.73
CA VAL D 789 5.95 -71.20 -2.95
C VAL D 789 5.13 -71.61 -1.72
N ASP D 790 5.55 -72.65 -1.00
CA ASP D 790 4.77 -73.26 0.11
C ASP D 790 5.12 -72.56 1.43
N ASN D 791 6.39 -72.20 1.65
CA ASN D 791 6.91 -71.78 2.98
C ASN D 791 7.30 -70.29 3.00
N GLY D 792 7.72 -69.73 1.87
CA GLY D 792 8.05 -68.29 1.74
C GLY D 792 9.50 -67.97 2.14
N TYR D 793 10.36 -69.00 2.19
CA TYR D 793 11.84 -68.92 2.20
C TYR D 793 12.38 -70.08 1.36
N ASP D 794 13.70 -70.19 1.19
CA ASP D 794 14.34 -71.20 0.30
C ASP D 794 14.49 -72.54 1.04
N HIS D 795 14.66 -73.62 0.27
CA HIS D 795 14.97 -74.97 0.79
C HIS D 795 16.26 -74.92 1.60
N PRO D 796 16.32 -75.60 2.76
CA PRO D 796 17.53 -75.60 3.59
C PRO D 796 18.79 -76.06 2.83
N ASP D 797 18.66 -76.95 1.84
CA ASP D 797 19.80 -77.41 1.00
C ASP D 797 20.53 -76.17 0.45
N TYR D 798 19.77 -75.11 0.11
CA TYR D 798 20.27 -73.83 -0.49
C TYR D 798 20.83 -72.89 0.61
N THR D 799 20.09 -72.69 1.69
CA THR D 799 20.35 -71.65 2.72
C THR D 799 21.44 -72.11 3.69
N ASP D 800 21.20 -73.27 4.32
CA ASP D 800 22.09 -73.90 5.33
C ASP D 800 23.44 -74.25 4.68
N TRP D 801 23.49 -74.49 3.37
CA TRP D 801 24.71 -74.94 2.66
C TRP D 801 25.94 -74.11 3.06
N VAL D 802 26.99 -74.80 3.50
CA VAL D 802 28.36 -74.25 3.68
C VAL D 802 29.25 -75.00 2.70
N TYR D 803 30.42 -74.45 2.36
CA TYR D 803 31.45 -75.10 1.50
C TYR D 803 32.13 -76.20 2.34
N SER D 804 32.17 -77.42 1.81
CA SER D 804 32.94 -78.57 2.35
C SER D 804 34.26 -78.07 2.98
N GLY D 805 34.93 -77.10 2.34
CA GLY D 805 36.27 -76.59 2.71
C GLY D 805 36.29 -75.76 3.99
N VAL D 806 35.13 -75.53 4.64
CA VAL D 806 35.02 -74.71 5.88
C VAL D 806 35.06 -75.68 7.08
N ASN D 807 35.92 -75.37 8.07
CA ASN D 807 36.06 -76.04 9.39
C ASN D 807 34.73 -75.95 10.16
N THR D 808 33.91 -77.02 10.12
CA THR D 808 32.50 -77.07 10.62
C THR D 808 32.47 -77.22 12.16
N ASP D 809 33.60 -76.96 12.83
CA ASP D 809 33.75 -77.04 14.31
C ASP D 809 34.00 -75.64 14.87
N THR E 2 11.95 -39.40 36.54
CA THR E 2 11.64 -38.34 35.55
C THR E 2 10.22 -37.84 35.81
N SER E 3 9.94 -36.60 35.46
CA SER E 3 8.58 -36.02 35.57
C SER E 3 7.60 -36.98 34.91
N PRO E 4 6.47 -37.30 35.59
CA PRO E 4 5.45 -38.18 35.02
C PRO E 4 4.50 -37.44 34.08
N VAL E 5 3.99 -38.15 33.08
CA VAL E 5 2.98 -37.63 32.12
C VAL E 5 1.64 -37.80 32.80
N ILE E 6 1.02 -36.69 33.18
CA ILE E 6 -0.29 -36.71 33.89
C ILE E 6 -1.35 -36.22 32.90
N GLY E 7 -2.49 -36.89 32.85
CA GLY E 7 -3.66 -36.39 32.09
C GLY E 7 -3.40 -36.51 30.61
N THR E 8 -4.09 -35.70 29.82
CA THR E 8 -4.06 -35.73 28.33
C THR E 8 -3.47 -34.42 27.84
N PRO E 9 -2.14 -34.33 27.70
CA PRO E 9 -1.48 -33.04 27.50
C PRO E 9 -1.70 -32.49 26.09
N TRP E 10 -1.77 -31.15 25.98
CA TRP E 10 -1.75 -30.36 24.72
C TRP E 10 -2.93 -30.73 23.83
N LYS E 11 -4.10 -30.99 24.44
CA LYS E 11 -5.33 -31.37 23.72
C LYS E 11 -6.14 -30.09 23.50
N LYS E 12 -6.56 -29.84 22.25
CA LYS E 12 -7.53 -28.80 21.90
C LYS E 12 -8.94 -29.23 22.33
N LEU E 13 -9.80 -28.23 22.60
CA LEU E 13 -11.18 -28.46 23.07
C LEU E 13 -12.07 -28.77 21.87
N ASN E 14 -11.90 -28.07 20.74
CA ASN E 14 -12.62 -28.36 19.46
C ASN E 14 -14.11 -27.98 19.52
N ALA E 15 -14.67 -27.78 20.71
CA ALA E 15 -15.99 -27.14 20.92
C ALA E 15 -15.76 -25.80 21.63
N PRO E 16 -16.71 -24.85 21.57
CA PRO E 16 -16.64 -23.67 22.44
C PRO E 16 -16.81 -24.11 23.90
N VAL E 17 -16.34 -23.29 24.84
CA VAL E 17 -16.52 -23.47 26.31
C VAL E 17 -18.01 -23.36 26.66
N SER E 18 -18.55 -24.35 27.36
CA SER E 18 -19.99 -24.37 27.71
C SER E 18 -20.33 -23.15 28.60
N GLU E 19 -21.53 -22.60 28.47
CA GLU E 19 -22.11 -21.58 29.38
C GLU E 19 -22.08 -22.09 30.83
N GLU E 20 -22.37 -23.37 31.05
CA GLU E 20 -22.56 -23.97 32.39
C GLU E 20 -21.21 -23.92 33.12
N ALA E 21 -20.11 -24.28 32.44
CA ALA E 21 -18.73 -24.17 32.96
C ALA E 21 -18.42 -22.73 33.38
N LEU E 22 -18.78 -21.76 32.55
CA LEU E 22 -18.45 -20.33 32.77
C LEU E 22 -19.24 -19.80 33.98
N GLU E 23 -20.51 -20.17 34.13
CA GLU E 23 -21.36 -19.94 35.34
C GLU E 23 -20.62 -20.39 36.61
N GLY E 24 -20.06 -21.59 36.57
CA GLY E 24 -19.26 -22.18 37.64
C GLY E 24 -18.03 -21.34 37.92
N VAL E 25 -17.33 -20.91 36.87
CA VAL E 25 -16.14 -20.04 37.04
C VAL E 25 -16.54 -18.74 37.78
N ASP E 26 -17.65 -18.14 37.40
CA ASP E 26 -18.16 -16.92 38.06
C ASP E 26 -18.41 -17.24 39.53
N LYS E 27 -19.12 -18.33 39.84
CA LYS E 27 -19.40 -18.70 41.26
C LYS E 27 -18.08 -18.99 41.99
N TYR E 28 -17.13 -19.66 41.33
CA TYR E 28 -15.76 -19.85 41.87
C TYR E 28 -15.22 -18.48 42.31
N TRP E 29 -15.29 -17.50 41.41
CA TRP E 29 -14.67 -16.16 41.57
C TRP E 29 -15.29 -15.49 42.78
N ARG E 30 -16.62 -15.43 42.76
CA ARG E 30 -17.46 -14.86 43.83
C ARG E 30 -17.10 -15.50 45.17
N VAL E 31 -17.04 -16.85 45.24
CA VAL E 31 -16.75 -17.52 46.54
C VAL E 31 -15.27 -17.34 46.86
N ALA E 32 -14.38 -17.39 45.87
CA ALA E 32 -12.93 -17.27 46.15
C ALA E 32 -12.71 -15.89 46.77
N ASN E 33 -13.37 -14.84 46.25
CA ASN E 33 -13.26 -13.44 46.76
C ASN E 33 -13.87 -13.37 48.17
N TYR E 34 -15.00 -14.04 48.38
CA TYR E 34 -15.67 -14.11 49.71
C TYR E 34 -14.76 -14.77 50.75
N LEU E 35 -14.24 -15.97 50.46
CA LEU E 35 -13.28 -16.67 51.35
C LEU E 35 -12.04 -15.79 51.56
N SER E 36 -11.61 -15.03 50.56
CA SER E 36 -10.39 -14.19 50.64
C SER E 36 -10.67 -13.04 51.64
N ILE E 37 -11.78 -12.34 51.48
CA ILE E 37 -12.15 -11.24 52.44
C ILE E 37 -12.41 -11.83 53.83
N GLY E 38 -13.07 -12.99 53.90
CA GLY E 38 -13.26 -13.73 55.17
C GLY E 38 -11.94 -13.84 55.93
N GLN E 39 -10.94 -14.40 55.26
CA GLN E 39 -9.60 -14.69 55.83
C GLN E 39 -8.97 -13.41 56.36
N ILE E 40 -9.18 -12.28 55.69
CA ILE E 40 -8.50 -11.01 56.07
C ILE E 40 -9.22 -10.42 57.29
N TYR E 41 -10.56 -10.37 57.23
CA TYR E 41 -11.39 -9.54 58.12
C TYR E 41 -12.04 -10.29 59.28
N LEU E 42 -12.40 -11.59 59.20
CA LEU E 42 -13.36 -12.21 60.18
C LEU E 42 -12.69 -13.19 61.16
N ARG E 43 -12.85 -12.93 62.46
CA ARG E 43 -12.45 -13.86 63.54
C ARG E 43 -13.55 -14.90 63.75
N SER E 44 -14.79 -14.59 63.42
CA SER E 44 -15.92 -15.47 63.74
C SER E 44 -17.09 -15.13 62.83
N ASN E 45 -18.05 -16.03 62.76
CA ASN E 45 -19.39 -15.75 62.18
C ASN E 45 -19.22 -15.66 60.67
N PRO E 46 -18.55 -16.67 60.08
CA PRO E 46 -18.17 -16.65 58.66
C PRO E 46 -19.32 -16.39 57.69
N LEU E 47 -20.54 -16.88 57.97
CA LEU E 47 -21.73 -16.66 57.09
C LEU E 47 -22.58 -15.49 57.57
N MET E 48 -22.02 -14.60 58.39
CA MET E 48 -22.72 -13.37 58.83
C MET E 48 -24.11 -13.69 59.38
N LYS E 49 -24.26 -14.69 60.27
CA LYS E 49 -25.52 -14.96 61.02
C LYS E 49 -25.77 -13.86 62.08
N GLU E 50 -27.02 -13.48 62.30
CA GLU E 50 -27.35 -12.38 63.24
C GLU E 50 -27.14 -12.87 64.66
N PRO E 51 -26.66 -11.97 65.54
CA PRO E 51 -26.15 -10.69 65.10
C PRO E 51 -24.73 -10.82 64.53
N PHE E 52 -24.50 -10.22 63.36
CA PHE E 52 -23.16 -10.00 62.77
C PHE E 52 -22.72 -8.57 63.10
N THR E 53 -21.62 -8.42 63.83
CA THR E 53 -21.18 -7.14 64.44
C THR E 53 -19.66 -7.05 64.36
N ARG E 54 -19.13 -5.85 64.66
CA ARG E 54 -17.70 -5.51 64.71
C ARG E 54 -16.99 -6.52 65.60
N GLU E 55 -17.71 -7.23 66.46
CA GLU E 55 -17.09 -8.22 67.36
C GLU E 55 -16.63 -9.43 66.54
N ASP E 56 -17.21 -9.70 65.36
CA ASP E 56 -16.81 -10.86 64.52
C ASP E 56 -15.60 -10.50 63.63
N VAL E 57 -15.16 -9.24 63.66
CA VAL E 57 -14.03 -8.72 62.83
C VAL E 57 -12.72 -8.83 63.62
N LYS E 58 -11.63 -9.25 62.96
CA LYS E 58 -10.26 -9.32 63.56
C LYS E 58 -9.79 -7.95 64.08
N HIS E 59 -9.14 -7.95 65.23
CA HIS E 59 -8.61 -6.73 65.91
C HIS E 59 -7.59 -6.06 64.99
N ARG E 60 -6.66 -6.84 64.46
CA ARG E 60 -5.64 -6.40 63.48
C ARG E 60 -5.96 -7.04 62.12
N LEU E 61 -6.00 -6.21 61.09
CA LEU E 61 -6.26 -6.65 59.68
C LEU E 61 -4.93 -6.94 59.02
N VAL E 62 -4.71 -8.20 58.67
CA VAL E 62 -3.41 -8.69 58.11
C VAL E 62 -3.74 -9.36 56.79
N GLY E 63 -3.03 -8.95 55.74
CA GLY E 63 -3.12 -9.58 54.42
C GLY E 63 -3.47 -8.59 53.34
N HIS E 64 -3.50 -9.05 52.11
CA HIS E 64 -3.50 -8.19 50.90
C HIS E 64 -4.72 -8.52 50.05
N TRP E 65 -5.50 -7.51 49.70
CA TRP E 65 -6.65 -7.62 48.78
C TRP E 65 -6.26 -7.31 47.31
N GLY E 66 -5.56 -6.21 47.05
CA GLY E 66 -5.39 -5.63 45.71
C GLY E 66 -5.23 -6.70 44.63
N THR E 67 -4.23 -7.55 44.74
CA THR E 67 -3.88 -8.54 43.69
C THR E 67 -4.89 -9.68 43.62
N THR E 68 -5.52 -9.98 44.75
CA THR E 68 -6.31 -11.23 45.03
C THR E 68 -7.50 -11.42 44.10
N PRO E 69 -8.44 -10.46 43.90
CA PRO E 69 -9.57 -10.69 43.02
C PRO E 69 -9.16 -11.04 41.57
N GLY E 70 -8.08 -10.43 41.12
CA GLY E 70 -7.47 -10.78 39.83
C GLY E 70 -6.97 -12.22 39.82
N LEU E 71 -6.31 -12.66 40.88
CA LEU E 71 -5.79 -14.05 40.99
C LEU E 71 -6.96 -15.02 41.03
N ASN E 72 -8.01 -14.70 41.79
CA ASN E 72 -9.24 -15.51 41.93
C ASN E 72 -9.87 -15.67 40.54
N PHE E 73 -9.85 -14.62 39.72
CA PHE E 73 -10.35 -14.63 38.32
C PHE E 73 -9.53 -15.63 37.52
N LEU E 74 -8.23 -15.43 37.48
CA LEU E 74 -7.34 -16.28 36.67
C LEU E 74 -7.49 -17.74 37.11
N ILE E 75 -7.36 -18.04 38.40
CA ILE E 75 -7.38 -19.43 38.95
C ILE E 75 -8.73 -20.09 38.66
N GLY E 76 -9.82 -19.34 38.78
CA GLY E 76 -11.13 -19.80 38.30
C GLY E 76 -11.01 -20.33 36.88
N HIS E 77 -10.64 -19.47 35.94
CA HIS E 77 -10.60 -19.80 34.49
C HIS E 77 -9.62 -20.96 34.26
N ILE E 78 -8.51 -20.96 34.97
CA ILE E 78 -7.50 -22.03 34.88
C ILE E 78 -8.08 -23.36 35.35
N ASN E 79 -8.84 -23.37 36.46
CA ASN E 79 -9.46 -24.61 37.01
C ASN E 79 -10.44 -25.19 35.96
N ARG E 80 -11.28 -24.35 35.38
CA ARG E 80 -12.17 -24.71 34.25
C ARG E 80 -11.32 -25.38 33.16
N PHE E 81 -10.30 -24.68 32.71
CA PHE E 81 -9.36 -25.09 31.64
C PHE E 81 -8.80 -26.49 31.93
N ILE E 82 -8.31 -26.71 33.16
CA ILE E 82 -7.69 -27.99 33.58
C ILE E 82 -8.69 -29.12 33.35
N ALA E 83 -9.90 -28.95 33.89
CA ALA E 83 -10.94 -29.99 33.93
C ALA E 83 -11.41 -30.29 32.50
N ASP E 84 -11.42 -29.30 31.62
CA ASP E 84 -11.97 -29.44 30.25
C ASP E 84 -10.93 -30.16 29.38
N HIS E 85 -9.65 -30.03 29.70
CA HIS E 85 -8.50 -30.37 28.82
C HIS E 85 -7.72 -31.57 29.40
N GLY E 86 -7.91 -31.87 30.69
CA GLY E 86 -7.08 -32.87 31.40
C GLY E 86 -5.63 -32.46 31.36
N GLN E 87 -5.37 -31.14 31.44
CA GLN E 87 -4.01 -30.57 31.28
C GLN E 87 -3.28 -30.57 32.61
N ASN E 88 -2.10 -31.18 32.59
CA ASN E 88 -1.14 -31.21 33.73
C ASN E 88 -0.65 -29.78 33.95
N THR E 89 -1.24 -29.08 34.93
CA THR E 89 -0.98 -27.64 35.17
C THR E 89 -0.41 -27.41 36.57
N VAL E 90 0.58 -26.52 36.66
CA VAL E 90 1.11 -25.90 37.89
C VAL E 90 1.11 -24.37 37.70
N ILE E 91 0.63 -23.61 38.68
CA ILE E 91 0.60 -22.13 38.59
C ILE E 91 1.76 -21.57 39.40
N ILE E 92 2.27 -20.41 38.99
CA ILE E 92 3.26 -19.61 39.76
C ILE E 92 2.55 -18.31 40.11
N MET E 93 2.31 -18.12 41.39
CA MET E 93 1.63 -16.91 41.89
C MET E 93 2.71 -15.88 42.19
N GLY E 94 3.19 -15.20 41.15
CA GLY E 94 4.22 -14.16 41.30
C GLY E 94 3.90 -13.25 42.48
N PRO E 95 2.73 -12.61 42.47
CA PRO E 95 2.28 -11.81 43.61
C PRO E 95 1.79 -12.74 44.74
N GLY E 96 2.74 -13.20 45.56
CA GLY E 96 2.47 -14.20 46.60
C GLY E 96 1.72 -13.61 47.78
N HIS E 97 1.63 -12.28 47.87
CA HIS E 97 0.85 -11.55 48.90
C HIS E 97 -0.64 -11.86 48.67
N GLY E 98 -0.96 -12.45 47.51
CA GLY E 98 -2.29 -12.97 47.18
C GLY E 98 -2.58 -14.32 47.83
N GLY E 99 -2.01 -14.59 49.00
CA GLY E 99 -2.15 -15.82 49.79
C GLY E 99 -3.60 -16.29 49.93
N PRO E 100 -4.57 -15.41 50.23
CA PRO E 100 -5.96 -15.84 50.34
C PRO E 100 -6.44 -16.53 49.05
N ALA E 101 -5.80 -16.22 47.92
CA ALA E 101 -6.21 -16.75 46.61
C ALA E 101 -5.83 -18.23 46.59
N GLY E 102 -4.64 -18.55 47.07
CA GLY E 102 -4.14 -19.94 47.12
C GLY E 102 -4.80 -20.78 48.20
N THR E 103 -5.07 -20.20 49.36
CA THR E 103 -5.78 -20.93 50.44
C THR E 103 -7.20 -21.16 49.96
N SER E 104 -7.84 -20.13 49.42
CA SER E 104 -9.23 -20.24 48.91
C SER E 104 -9.29 -21.37 47.87
N GLN E 105 -8.33 -21.44 46.96
CA GLN E 105 -8.31 -22.47 45.88
C GLN E 105 -8.21 -23.85 46.50
N SER E 106 -7.32 -24.04 47.48
CA SER E 106 -7.05 -25.35 48.11
C SER E 106 -8.27 -25.77 48.91
N TYR E 107 -8.89 -24.81 49.60
CA TYR E 107 -10.14 -25.09 50.36
C TYR E 107 -11.21 -25.57 49.36
N LEU E 108 -11.19 -25.03 48.14
CA LEU E 108 -12.30 -25.23 47.18
C LEU E 108 -12.07 -26.47 46.34
N ASP E 109 -10.82 -26.83 46.05
CA ASP E 109 -10.55 -28.01 45.19
C ASP E 109 -10.61 -29.29 46.04
N GLY E 110 -10.64 -29.16 47.38
CA GLY E 110 -10.78 -30.24 48.38
C GLY E 110 -9.49 -30.56 49.14
N THR E 111 -8.35 -30.11 48.63
CA THR E 111 -7.01 -30.52 49.13
C THR E 111 -6.79 -29.95 50.53
N TYR E 112 -7.42 -28.83 50.86
CA TYR E 112 -7.15 -28.20 52.17
C TYR E 112 -7.70 -29.11 53.27
N THR E 113 -8.93 -29.60 53.12
CA THR E 113 -9.58 -30.51 54.08
C THR E 113 -8.85 -31.88 54.09
N GLU E 114 -8.53 -32.44 52.92
CA GLU E 114 -7.73 -33.70 52.84
C GLU E 114 -6.45 -33.52 53.66
N THR E 115 -5.85 -32.35 53.63
CA THR E 115 -4.50 -32.11 54.21
C THR E 115 -4.65 -31.78 55.70
N PHE E 116 -5.64 -30.94 56.03
CA PHE E 116 -5.93 -30.41 57.38
C PHE E 116 -7.35 -30.77 57.76
N PRO E 117 -7.56 -31.96 58.40
CA PRO E 117 -8.91 -32.53 58.61
C PRO E 117 -9.78 -31.71 59.55
N LYS E 118 -9.17 -30.92 60.44
CA LYS E 118 -9.87 -29.97 61.35
C LYS E 118 -10.53 -28.84 60.55
N ILE E 119 -10.07 -28.58 59.32
CA ILE E 119 -10.63 -27.48 58.50
C ILE E 119 -11.72 -28.06 57.59
N THR E 120 -12.88 -28.27 58.18
CA THR E 120 -14.00 -29.02 57.56
C THR E 120 -14.72 -28.13 56.55
N LYS E 121 -15.45 -28.78 55.65
CA LYS E 121 -16.29 -28.20 54.59
C LYS E 121 -17.65 -27.94 55.21
N ASP E 122 -17.67 -27.18 56.28
CA ASP E 122 -18.89 -26.77 57.01
C ASP E 122 -18.62 -25.42 57.69
N GLU E 123 -19.62 -24.88 58.38
CA GLU E 123 -19.54 -23.56 59.04
C GLU E 123 -18.44 -23.52 60.08
N ALA E 124 -18.28 -24.58 60.85
CA ALA E 124 -17.23 -24.63 61.89
C ALA E 124 -15.85 -24.53 61.23
N GLY E 125 -15.61 -25.28 60.15
CA GLY E 125 -14.31 -25.31 59.47
C GLY E 125 -14.03 -23.96 58.85
N LEU E 126 -15.06 -23.39 58.20
CA LEU E 126 -15.07 -22.01 57.64
C LEU E 126 -14.62 -21.02 58.72
N GLN E 127 -15.28 -21.03 59.88
CA GLN E 127 -14.95 -20.18 61.05
C GLN E 127 -13.46 -20.35 61.34
N LYS E 128 -12.95 -21.58 61.35
CA LYS E 128 -11.52 -21.84 61.65
C LYS E 128 -10.64 -21.37 60.47
N PHE E 129 -11.04 -21.68 59.23
CA PHE E 129 -10.33 -21.29 58.00
C PHE E 129 -10.09 -19.77 58.00
N PHE E 130 -11.14 -18.99 58.26
CA PHE E 130 -11.08 -17.52 58.29
C PHE E 130 -10.13 -17.08 59.39
N ARG E 131 -10.29 -17.66 60.58
CA ARG E 131 -9.57 -17.16 61.78
C ARG E 131 -8.08 -17.42 61.61
N GLN E 132 -7.72 -18.63 61.17
CA GLN E 132 -6.31 -19.10 61.12
C GLN E 132 -5.48 -18.21 60.15
N PHE E 133 -6.08 -17.57 59.15
CA PHE E 133 -5.28 -16.82 58.14
C PHE E 133 -4.52 -15.68 58.82
N SER E 134 -3.19 -15.70 58.80
CA SER E 134 -2.36 -14.57 59.28
C SER E 134 -2.65 -14.23 60.75
N TYR E 135 -2.96 -15.25 61.54
CA TYR E 135 -3.35 -15.23 62.97
C TYR E 135 -2.30 -16.01 63.76
N PRO E 136 -1.97 -15.61 65.02
CA PRO E 136 -1.05 -16.39 65.84
C PRO E 136 -1.47 -17.86 65.96
N GLY E 137 -0.50 -18.76 65.75
CA GLY E 137 -0.70 -20.22 65.78
C GLY E 137 -1.58 -20.64 64.63
N GLY E 138 -1.65 -19.82 63.58
CA GLY E 138 -2.39 -20.09 62.33
C GLY E 138 -1.45 -20.32 61.16
N ILE E 139 -1.84 -19.83 59.98
CA ILE E 139 -1.11 -20.02 58.69
C ILE E 139 -0.64 -18.66 58.12
N PRO E 140 0.35 -18.69 57.20
CA PRO E 140 0.95 -17.45 56.68
C PRO E 140 -0.01 -16.63 55.81
N SER E 141 0.39 -15.40 55.43
CA SER E 141 -0.38 -14.44 54.59
C SER E 141 0.01 -14.55 53.12
N HIS E 142 1.03 -15.35 52.80
CA HIS E 142 1.59 -15.51 51.44
C HIS E 142 1.27 -16.92 50.97
N PHE E 143 1.53 -17.21 49.69
CA PHE E 143 1.31 -18.55 49.09
C PHE E 143 2.41 -19.47 49.59
N ALA E 144 2.43 -19.67 50.93
CA ALA E 144 3.48 -20.35 51.71
C ALA E 144 3.55 -21.83 51.34
N PRO E 145 4.66 -22.53 51.70
CA PRO E 145 4.72 -23.99 51.52
C PRO E 145 3.68 -24.78 52.34
N GLU E 146 3.06 -24.16 53.36
CA GLU E 146 1.96 -24.74 54.18
C GLU E 146 0.69 -24.90 53.31
N THR E 147 0.70 -24.40 52.08
CA THR E 147 -0.50 -24.32 51.23
C THR E 147 -0.43 -25.33 50.10
N PRO E 148 -1.33 -26.33 50.01
CA PRO E 148 -1.30 -27.23 48.87
C PRO E 148 -1.40 -26.43 47.56
N GLY E 149 -0.51 -26.75 46.61
CA GLY E 149 -0.49 -26.21 45.23
C GLY E 149 0.69 -25.28 45.00
N SER E 150 1.50 -25.03 46.03
CA SER E 150 2.55 -23.98 46.02
C SER E 150 3.93 -24.60 45.83
N ILE E 151 4.68 -24.11 44.84
CA ILE E 151 6.14 -24.30 44.68
C ILE E 151 6.83 -22.93 44.72
N HIS E 152 6.08 -21.88 45.07
CA HIS E 152 6.54 -20.47 44.97
C HIS E 152 5.76 -19.58 45.95
N GLU E 153 6.45 -19.02 46.95
CA GLU E 153 5.81 -18.20 48.01
C GLU E 153 5.47 -16.80 47.49
N GLY E 154 6.34 -16.22 46.68
CA GLY E 154 6.13 -14.88 46.14
C GLY E 154 6.15 -13.82 47.23
N GLY E 155 7.00 -13.98 48.23
CA GLY E 155 7.15 -12.98 49.29
C GLY E 155 8.20 -11.98 48.90
N GLU E 156 9.35 -12.50 48.48
CA GLU E 156 10.40 -11.71 47.79
C GLU E 156 10.14 -11.79 46.29
N LEU E 157 9.86 -10.65 45.68
CA LEU E 157 9.34 -10.63 44.30
C LEU E 157 10.49 -10.80 43.32
N GLY E 158 10.25 -11.50 42.20
CA GLY E 158 11.05 -11.40 40.97
C GLY E 158 11.48 -12.75 40.40
N TYR E 159 11.07 -13.87 40.99
CA TYR E 159 11.54 -15.23 40.60
C TYR E 159 10.39 -16.04 40.01
N ALA E 160 9.30 -15.36 39.66
CA ALA E 160 8.13 -16.00 39.06
C ALA E 160 8.58 -16.74 37.80
N LEU E 161 9.39 -16.08 36.97
CA LEU E 161 9.65 -16.60 35.60
C LEU E 161 10.75 -17.65 35.64
N SER E 162 11.83 -17.40 36.36
CA SER E 162 12.86 -18.43 36.60
C SER E 162 12.18 -19.72 37.10
N HIS E 163 11.41 -19.65 38.18
CA HIS E 163 10.75 -20.86 38.73
C HIS E 163 9.89 -21.50 37.64
N ALA E 164 9.11 -20.70 36.91
CA ALA E 164 8.15 -21.20 35.89
C ALA E 164 8.92 -21.94 34.79
N TYR E 165 10.00 -21.34 34.29
CA TYR E 165 10.87 -21.94 33.23
C TYR E 165 11.64 -23.15 33.77
N GLY E 166 12.09 -23.11 35.03
CA GLY E 166 12.69 -24.26 35.73
C GLY E 166 11.76 -25.47 35.81
N ALA E 167 10.51 -25.25 36.23
CA ALA E 167 9.48 -26.30 36.43
C ALA E 167 9.26 -27.09 35.14
N ILE E 168 9.34 -26.47 33.97
CA ILE E 168 8.92 -27.12 32.70
C ILE E 168 10.09 -27.82 32.04
N MET E 169 11.32 -27.64 32.52
CA MET E 169 12.48 -28.35 31.91
C MET E 169 12.28 -29.86 32.10
N ASP E 170 12.46 -30.62 31.05
CA ASP E 170 12.43 -32.11 31.08
C ASP E 170 11.05 -32.52 31.55
N ASN E 171 10.06 -31.66 31.34
CA ASN E 171 8.67 -31.88 31.80
C ASN E 171 7.72 -31.57 30.66
N PRO E 172 7.79 -32.32 29.53
CA PRO E 172 7.07 -31.97 28.32
C PRO E 172 5.55 -31.86 28.52
N SER E 173 4.97 -32.54 29.51
CA SER E 173 3.50 -32.54 29.72
C SER E 173 3.07 -31.36 30.63
N LEU E 174 4.01 -30.65 31.25
CA LEU E 174 3.65 -29.58 32.21
C LEU E 174 3.35 -28.28 31.45
N PHE E 175 2.15 -27.76 31.63
CA PHE E 175 1.78 -26.37 31.29
C PHE E 175 1.93 -25.55 32.57
N VAL E 176 2.58 -24.40 32.53
CA VAL E 176 2.78 -23.52 33.72
C VAL E 176 2.32 -22.10 33.42
N PRO E 177 1.11 -21.71 33.85
CA PRO E 177 0.70 -20.30 33.84
C PRO E 177 1.47 -19.56 34.94
N ALA E 178 2.45 -18.73 34.53
CA ALA E 178 3.26 -17.89 35.43
C ALA E 178 2.58 -16.53 35.56
N ILE E 179 1.96 -16.29 36.70
CA ILE E 179 1.33 -14.97 36.95
C ILE E 179 2.43 -14.08 37.50
N VAL E 180 2.70 -12.98 36.80
CA VAL E 180 3.76 -11.98 37.12
C VAL E 180 3.10 -10.66 37.55
N GLY E 181 3.53 -10.07 38.66
CA GLY E 181 3.04 -8.74 39.08
C GLY E 181 3.60 -7.69 38.16
N ASP E 182 2.90 -6.59 37.91
CA ASP E 182 3.48 -5.52 37.06
C ASP E 182 4.52 -4.81 37.92
N GLY E 183 4.32 -4.82 39.25
CA GLY E 183 5.32 -4.31 40.19
C GLY E 183 6.55 -5.19 40.13
N GLU E 184 6.34 -6.49 40.33
CA GLU E 184 7.37 -7.55 40.23
C GLU E 184 8.18 -7.43 38.93
N ALA E 185 7.55 -7.02 37.83
CA ALA E 185 8.18 -6.98 36.49
C ALA E 185 9.18 -5.81 36.38
N GLU E 186 9.18 -4.87 37.33
CA GLU E 186 10.18 -3.77 37.44
C GLU E 186 11.47 -4.27 38.12
N THR E 187 11.44 -5.45 38.73
CA THR E 187 12.63 -6.06 39.38
C THR E 187 13.59 -6.58 38.30
N GLY E 188 14.88 -6.59 38.59
CA GLY E 188 15.90 -7.12 37.67
C GLY E 188 15.62 -8.57 37.33
N PRO E 189 15.51 -9.44 38.35
CA PRO E 189 15.42 -10.87 38.10
C PRO E 189 14.25 -11.17 37.15
N LEU E 190 13.12 -10.47 37.32
CA LEU E 190 11.93 -10.74 36.45
C LEU E 190 12.28 -10.26 35.04
N ALA E 191 12.82 -9.05 34.92
CA ALA E 191 13.08 -8.39 33.61
C ALA E 191 13.84 -9.35 32.67
N THR E 192 14.88 -10.04 33.15
CA THR E 192 15.68 -11.01 32.35
C THR E 192 14.97 -12.37 32.32
N GLY E 193 14.16 -12.69 33.32
CA GLY E 193 13.38 -13.94 33.30
C GLY E 193 12.64 -14.12 31.98
N TRP E 194 12.21 -13.01 31.39
CA TRP E 194 11.43 -13.01 30.13
C TRP E 194 12.21 -13.74 29.02
N GLN E 195 13.55 -13.70 29.02
CA GLN E 195 14.39 -14.14 27.87
C GLN E 195 14.60 -15.66 27.90
N SER E 196 14.13 -16.29 28.96
CA SER E 196 14.25 -17.75 29.22
C SER E 196 13.77 -18.56 28.03
N ASN E 197 12.93 -17.97 27.18
CA ASN E 197 12.26 -18.68 26.06
C ASN E 197 13.29 -18.99 24.93
N LYS E 198 14.49 -18.42 24.94
CA LYS E 198 15.56 -18.86 24.02
C LYS E 198 16.33 -20.04 24.63
N LEU E 199 16.00 -20.45 25.86
CA LEU E 199 16.77 -21.49 26.61
C LEU E 199 15.90 -22.70 26.91
N VAL E 200 14.72 -22.82 26.30
CA VAL E 200 13.87 -24.03 26.43
C VAL E 200 13.45 -24.50 25.04
N ASN E 201 13.10 -25.79 24.95
CA ASN E 201 12.71 -26.44 23.69
C ASN E 201 11.28 -26.95 23.87
N PRO E 202 10.39 -26.67 22.91
CA PRO E 202 9.01 -27.10 23.00
C PRO E 202 8.77 -28.61 22.85
N ARG E 203 9.76 -29.40 22.42
CA ARG E 203 9.59 -30.88 22.35
C ARG E 203 9.97 -31.48 23.70
N THR E 204 11.17 -31.16 24.22
CA THR E 204 11.71 -31.82 25.40
C THR E 204 11.21 -31.13 26.67
N ASP E 205 10.90 -29.84 26.59
CA ASP E 205 10.38 -29.10 27.76
C ASP E 205 8.88 -28.92 27.61
N GLY E 206 8.23 -28.46 28.68
CA GLY E 206 6.83 -27.98 28.69
C GLY E 206 6.70 -26.54 28.19
N ILE E 207 5.60 -25.90 28.54
CA ILE E 207 5.28 -24.53 28.09
C ILE E 207 4.98 -23.67 29.31
N VAL E 208 5.62 -22.54 29.39
CA VAL E 208 5.23 -21.43 30.28
C VAL E 208 4.39 -20.45 29.47
N LEU E 209 3.20 -20.12 29.99
CA LEU E 209 2.38 -18.97 29.54
C LEU E 209 2.57 -17.86 30.56
N PRO E 210 3.44 -16.86 30.32
CA PRO E 210 3.55 -15.74 31.25
C PRO E 210 2.23 -14.96 31.27
N ILE E 211 1.74 -14.60 32.45
CA ILE E 211 0.54 -13.75 32.56
C ILE E 211 0.93 -12.49 33.32
N LEU E 212 1.08 -11.37 32.62
CA LEU E 212 1.41 -10.08 33.26
C LEU E 212 0.16 -9.63 33.97
N HIS E 213 0.17 -9.63 35.30
CA HIS E 213 -0.95 -9.17 36.16
C HIS E 213 -0.91 -7.64 36.17
N LEU E 214 -1.25 -7.02 35.04
CA LEU E 214 -1.11 -5.56 34.84
C LEU E 214 -2.27 -4.86 35.54
N ASN E 215 -2.23 -4.80 36.86
CA ASN E 215 -3.38 -4.24 37.62
C ASN E 215 -3.12 -2.75 37.82
N GLY E 216 -1.98 -2.26 37.35
CA GLY E 216 -1.73 -0.83 37.14
C GLY E 216 -0.79 -0.26 38.19
N TYR E 217 -0.57 -1.01 39.28
CA TYR E 217 -0.06 -0.46 40.56
C TYR E 217 0.75 -1.51 41.28
N LYS E 218 1.77 -1.05 41.98
CA LYS E 218 2.45 -1.74 43.10
C LYS E 218 1.84 -1.17 44.40
N ILE E 219 2.63 -0.80 45.41
CA ILE E 219 2.13 -0.45 46.77
C ILE E 219 1.56 0.97 46.74
N ALA E 220 2.35 1.93 46.28
CA ALA E 220 2.01 3.38 46.41
C ALA E 220 2.42 4.10 45.12
N ASN E 221 2.41 3.38 44.00
CA ASN E 221 2.85 3.93 42.70
C ASN E 221 2.18 3.20 41.56
N PRO E 222 2.10 3.80 40.37
CA PRO E 222 1.71 3.04 39.19
C PRO E 222 2.89 2.18 38.78
N THR E 223 2.68 1.34 37.78
CA THR E 223 3.69 0.41 37.23
C THR E 223 4.12 0.95 35.87
N ILE E 224 5.43 0.96 35.64
CA ILE E 224 6.04 1.45 34.38
C ILE E 224 5.34 0.77 33.22
N LEU E 225 5.09 -0.54 33.29
CA LEU E 225 4.55 -1.28 32.11
C LEU E 225 3.09 -0.88 31.86
N SER E 226 2.37 -0.36 32.86
CA SER E 226 0.97 0.08 32.70
C SER E 226 0.91 1.54 32.20
N ARG E 227 1.96 2.35 32.30
CA ARG E 227 1.91 3.79 31.95
C ARG E 227 2.71 4.08 30.67
N ILE E 228 3.26 3.06 30.03
CA ILE E 228 3.79 3.23 28.66
C ILE E 228 2.67 2.93 27.66
N SER E 229 2.86 3.34 26.41
CA SER E 229 1.93 3.09 25.30
C SER E 229 1.76 1.57 25.14
N ASP E 230 0.56 1.12 24.81
CA ASP E 230 0.29 -0.29 24.47
C ASP E 230 1.26 -0.72 23.36
N GLU E 231 1.53 0.16 22.38
CA GLU E 231 2.40 -0.17 21.22
C GLU E 231 3.75 -0.63 21.76
N GLU E 232 4.31 0.13 22.71
CA GLU E 232 5.63 -0.16 23.34
C GLU E 232 5.57 -1.49 24.09
N LEU E 233 4.48 -1.76 24.80
CA LEU E 233 4.32 -3.01 25.59
C LEU E 233 4.27 -4.22 24.63
N HIS E 234 3.57 -4.09 23.51
CA HIS E 234 3.43 -5.19 22.50
C HIS E 234 4.78 -5.44 21.85
N GLU E 235 5.45 -4.38 21.41
CA GLU E 235 6.81 -4.50 20.82
C GLU E 235 7.77 -5.10 21.85
N PHE E 236 7.74 -4.62 23.09
CA PHE E 236 8.64 -5.13 24.14
C PHE E 236 8.61 -6.67 24.18
N PHE E 237 7.40 -7.25 24.30
CA PHE E 237 7.15 -8.70 24.43
C PHE E 237 7.40 -9.41 23.09
N HIS E 238 7.05 -8.79 21.96
CA HIS E 238 7.36 -9.39 20.62
C HIS E 238 8.87 -9.51 20.48
N GLY E 239 9.59 -8.49 20.94
CA GLY E 239 11.05 -8.44 20.84
C GLY E 239 11.68 -9.48 21.72
N MET E 240 10.96 -9.96 22.73
CA MET E 240 11.51 -10.98 23.65
C MET E 240 11.01 -12.34 23.21
N GLY E 241 10.38 -12.38 22.03
CA GLY E 241 10.05 -13.62 21.33
C GLY E 241 8.79 -14.26 21.84
N TYR E 242 7.81 -13.41 22.17
CA TYR E 242 6.44 -13.82 22.58
C TYR E 242 5.45 -13.24 21.59
N GLU E 243 4.29 -13.87 21.45
CA GLU E 243 3.11 -13.35 20.71
C GLU E 243 2.23 -12.77 21.80
N PRO E 244 2.24 -11.44 22.00
CA PRO E 244 1.51 -10.80 23.08
C PRO E 244 0.02 -10.72 22.73
N TYR E 245 -0.82 -11.33 23.56
CA TYR E 245 -2.30 -11.15 23.59
C TYR E 245 -2.63 -10.23 24.79
N GLU E 246 -3.54 -9.31 24.59
CA GLU E 246 -3.97 -8.40 25.69
C GLU E 246 -5.46 -8.63 25.96
N PHE E 247 -5.81 -8.65 27.25
CA PHE E 247 -7.19 -8.77 27.73
C PHE E 247 -7.40 -7.62 28.71
N VAL E 248 -8.43 -6.83 28.50
CA VAL E 248 -8.79 -5.67 29.35
C VAL E 248 -10.23 -5.88 29.82
N ALA E 249 -10.47 -5.80 31.13
CA ALA E 249 -11.80 -6.00 31.73
C ALA E 249 -11.90 -5.23 33.04
N GLY E 250 -13.09 -4.73 33.33
CA GLY E 250 -13.46 -4.20 34.66
C GLY E 250 -13.29 -2.69 34.77
N PHE E 251 -12.93 -2.00 33.71
CA PHE E 251 -12.77 -0.52 33.78
C PHE E 251 -14.10 0.12 33.42
N ASP E 252 -15.11 -0.71 33.15
CA ASP E 252 -16.43 -0.30 32.60
C ASP E 252 -17.52 -1.18 33.21
N ASP E 253 -18.72 -1.15 32.68
CA ASP E 253 -19.91 -1.81 33.26
C ASP E 253 -20.11 -3.18 32.62
N GLU E 254 -19.14 -3.69 31.87
CA GLU E 254 -19.31 -4.99 31.17
C GLU E 254 -19.80 -6.02 32.18
N ASP E 255 -20.86 -6.76 31.91
CA ASP E 255 -21.32 -7.73 32.92
C ASP E 255 -20.27 -8.87 33.03
N HIS E 256 -20.17 -9.48 34.20
CA HIS E 256 -19.11 -10.45 34.56
C HIS E 256 -19.16 -11.66 33.59
N MET E 257 -20.35 -12.12 33.24
CA MET E 257 -20.52 -13.27 32.32
C MET E 257 -19.91 -12.97 30.95
N SER E 258 -20.07 -11.78 30.43
CA SER E 258 -19.49 -11.36 29.14
C SER E 258 -17.97 -11.43 29.29
N ILE E 259 -17.49 -10.98 30.46
CA ILE E 259 -16.03 -10.94 30.77
C ILE E 259 -15.55 -12.39 30.77
N HIS E 260 -16.32 -13.30 31.35
CA HIS E 260 -15.93 -14.73 31.43
C HIS E 260 -15.91 -15.34 30.01
N ARG E 261 -16.93 -15.09 29.19
CA ARG E 261 -16.96 -15.56 27.78
C ARG E 261 -15.68 -15.07 27.09
N ARG E 262 -15.48 -13.75 27.00
CA ARG E 262 -14.33 -13.14 26.25
C ARG E 262 -13.02 -13.78 26.74
N PHE E 263 -12.86 -13.91 28.06
CA PHE E 263 -11.60 -14.42 28.61
C PHE E 263 -11.43 -15.89 28.20
N ALA E 264 -12.49 -16.69 28.35
CA ALA E 264 -12.49 -18.14 28.01
C ALA E 264 -12.12 -18.32 26.54
N GLU E 265 -12.73 -17.53 25.68
CA GLU E 265 -12.53 -17.61 24.21
C GLU E 265 -11.08 -17.27 23.88
N LEU E 266 -10.51 -16.25 24.54
CA LEU E 266 -9.12 -15.81 24.28
C LEU E 266 -8.13 -16.87 24.81
N TRP E 267 -8.46 -17.46 25.95
CA TRP E 267 -7.67 -18.51 26.63
C TRP E 267 -7.54 -19.73 25.71
N GLU E 268 -8.66 -20.15 25.14
CA GLU E 268 -8.78 -21.32 24.26
C GLU E 268 -8.05 -21.01 22.95
N THR E 269 -8.05 -19.75 22.50
CA THR E 269 -7.24 -19.28 21.34
C THR E 269 -5.75 -19.35 21.70
N ILE E 270 -5.39 -18.79 22.85
CA ILE E 270 -3.98 -18.92 23.27
C ILE E 270 -3.61 -20.41 23.32
N TRP E 271 -4.50 -21.24 23.84
CA TRP E 271 -4.22 -22.68 24.08
C TRP E 271 -4.06 -23.41 22.73
N ASP E 272 -5.00 -23.17 21.83
CA ASP E 272 -4.96 -23.65 20.41
C ASP E 272 -3.58 -23.37 19.82
N GLU E 273 -2.98 -22.22 20.07
CA GLU E 273 -1.64 -21.84 19.53
C GLU E 273 -0.56 -22.66 20.25
N ILE E 274 -0.59 -22.69 21.59
CA ILE E 274 0.33 -23.49 22.45
C ILE E 274 0.28 -24.95 22.00
N CYS E 275 -0.91 -25.50 21.76
CA CYS E 275 -1.08 -26.86 21.18
C CYS E 275 -0.40 -26.95 19.81
N ASP E 276 -0.67 -26.03 18.88
CA ASP E 276 -0.02 -26.03 17.54
C ASP E 276 1.50 -26.01 17.71
N ILE E 277 2.01 -25.20 18.64
CA ILE E 277 3.48 -25.17 18.88
C ILE E 277 3.95 -26.57 19.26
N LYS E 278 3.13 -27.27 20.05
CA LYS E 278 3.51 -28.56 20.65
C LYS E 278 3.42 -29.66 19.61
N ALA E 279 2.44 -29.61 18.71
CA ALA E 279 2.34 -30.57 17.57
C ALA E 279 3.52 -30.35 16.62
N THR E 280 3.77 -29.11 16.22
CA THR E 280 4.84 -28.70 15.27
C THR E 280 6.18 -29.13 15.84
N ALA E 281 6.37 -29.09 17.16
CA ALA E 281 7.67 -29.45 17.76
C ALA E 281 7.90 -30.96 17.71
N GLN E 282 6.83 -31.78 17.57
CA GLN E 282 6.97 -33.26 17.37
C GLN E 282 7.65 -33.53 16.01
N THR E 283 7.72 -32.54 15.11
CA THR E 283 8.34 -32.65 13.76
C THR E 283 9.56 -31.72 13.59
N ASP E 284 9.37 -30.43 13.89
CA ASP E 284 10.40 -29.37 13.80
C ASP E 284 10.58 -28.76 15.19
N ASN E 285 11.74 -28.97 15.81
CA ASN E 285 11.98 -28.47 17.18
C ASN E 285 13.31 -27.71 17.19
N VAL E 286 13.74 -27.21 16.03
CA VAL E 286 15.01 -26.42 15.93
C VAL E 286 14.63 -24.97 15.63
N HIS E 287 13.43 -24.72 15.11
CA HIS E 287 12.91 -23.36 14.81
C HIS E 287 12.12 -22.86 16.01
N ARG E 288 12.68 -21.87 16.71
CA ARG E 288 12.11 -21.32 17.95
C ARG E 288 10.80 -20.65 17.57
N PRO E 289 9.68 -20.99 18.21
CA PRO E 289 8.43 -20.30 17.93
C PRO E 289 8.34 -19.04 18.79
N PHE E 290 7.44 -18.12 18.45
CA PHE E 290 6.99 -17.02 19.35
C PHE E 290 5.94 -17.60 20.30
N TYR E 291 6.27 -17.68 21.59
CA TYR E 291 5.42 -18.28 22.65
C TYR E 291 4.42 -17.23 23.10
N PRO E 292 3.10 -17.54 23.08
CA PRO E 292 2.09 -16.64 23.62
C PRO E 292 2.46 -16.17 25.02
N MET E 293 2.19 -14.90 25.30
CA MET E 293 2.16 -14.37 26.67
C MET E 293 0.88 -13.56 26.74
N LEU E 294 0.30 -13.41 27.94
CA LEU E 294 -1.00 -12.73 28.13
C LEU E 294 -0.78 -11.49 28.99
N ILE E 295 -1.11 -10.33 28.46
CA ILE E 295 -1.24 -9.09 29.28
C ILE E 295 -2.66 -9.04 29.82
N PHE E 296 -2.80 -9.24 31.12
CA PHE E 296 -4.09 -9.24 31.85
C PHE E 296 -4.23 -7.89 32.55
N ARG E 297 -5.03 -6.98 31.95
CA ARG E 297 -5.18 -5.55 32.37
C ARG E 297 -6.53 -5.40 33.07
N THR E 298 -6.49 -5.39 34.40
CA THR E 298 -7.69 -5.32 35.27
C THR E 298 -7.39 -4.31 36.35
N PRO E 299 -8.42 -3.68 36.95
CA PRO E 299 -8.18 -2.70 38.02
C PRO E 299 -7.71 -3.44 39.29
N LYS E 300 -6.65 -2.95 39.92
CA LYS E 300 -6.25 -3.45 41.26
C LYS E 300 -7.45 -3.32 42.22
N GLY E 301 -7.68 -4.36 43.03
CA GLY E 301 -8.75 -4.45 44.06
C GLY E 301 -10.10 -4.76 43.43
N TRP E 302 -10.06 -5.17 42.17
CA TRP E 302 -11.24 -5.48 41.32
C TRP E 302 -12.36 -6.05 42.17
N THR E 303 -13.52 -5.39 42.16
CA THR E 303 -14.81 -5.82 42.78
C THR E 303 -14.94 -5.32 44.23
N CYS E 304 -13.92 -4.69 44.82
CA CYS E 304 -14.04 -3.96 46.12
C CYS E 304 -14.77 -2.64 45.86
N PRO E 305 -15.19 -1.90 46.91
CA PRO E 305 -15.85 -0.60 46.72
C PRO E 305 -14.94 0.36 45.93
N LYS E 306 -15.51 0.97 44.88
CA LYS E 306 -14.78 1.84 43.92
C LYS E 306 -14.18 3.02 44.70
N TYR E 307 -14.97 3.61 45.58
CA TYR E 307 -14.56 4.71 46.51
C TYR E 307 -14.83 4.27 47.94
N ILE E 308 -13.90 4.55 48.86
CA ILE E 308 -14.07 4.51 50.35
C ILE E 308 -13.61 5.86 50.91
N ASP E 309 -14.46 6.52 51.71
CA ASP E 309 -14.17 7.81 52.39
C ASP E 309 -13.73 8.87 51.38
N GLY E 310 -14.28 8.88 50.17
CA GLY E 310 -13.91 9.86 49.13
C GLY E 310 -12.70 9.45 48.31
N LYS E 311 -11.94 8.43 48.71
CA LYS E 311 -10.69 8.01 48.03
C LYS E 311 -10.95 6.87 47.01
N LYS E 312 -10.50 7.04 45.77
CA LYS E 312 -10.59 5.95 44.75
C LYS E 312 -9.79 4.77 45.25
N THR E 313 -10.40 3.59 45.23
CA THR E 313 -9.87 2.36 45.87
C THR E 313 -9.75 1.22 44.85
N GLU E 314 -10.85 0.79 44.24
CA GLU E 314 -10.79 -0.07 43.03
C GLU E 314 -9.94 0.70 42.01
N GLY E 315 -9.00 0.02 41.34
CA GLY E 315 -8.15 0.56 40.27
C GLY E 315 -7.24 1.65 40.80
N SER E 316 -6.80 1.49 42.04
CA SER E 316 -5.76 2.32 42.71
C SER E 316 -4.84 1.44 43.53
N TRP E 317 -3.66 1.99 43.84
CA TRP E 317 -2.70 1.46 44.84
C TRP E 317 -3.37 1.33 46.23
N ARG E 318 -4.35 2.19 46.56
CA ARG E 318 -4.96 2.23 47.91
C ARG E 318 -5.52 0.86 48.29
N SER E 319 -5.83 0.01 47.31
CA SER E 319 -6.40 -1.34 47.53
C SER E 319 -5.28 -2.36 47.72
N HIS E 320 -4.01 -1.95 47.60
CA HIS E 320 -2.86 -2.88 47.64
C HIS E 320 -3.05 -3.89 48.77
N GLN E 321 -3.25 -3.38 49.98
CA GLN E 321 -3.36 -4.24 51.18
C GLN E 321 -4.82 -4.49 51.56
N VAL E 322 -5.44 -3.54 52.25
CA VAL E 322 -6.91 -3.56 52.55
C VAL E 322 -7.46 -2.21 52.11
N PRO E 323 -8.45 -2.20 51.22
CA PRO E 323 -9.09 -0.93 50.83
C PRO E 323 -9.72 -0.23 52.05
N LEU E 324 -10.17 -1.02 53.01
CA LEU E 324 -10.91 -0.59 54.23
C LEU E 324 -9.98 -0.81 55.42
N ALA E 325 -9.42 0.29 55.94
CA ALA E 325 -8.32 0.29 56.92
C ALA E 325 -8.78 -0.43 58.20
N SER E 326 -10.07 -0.35 58.52
CA SER E 326 -10.69 -0.80 59.80
C SER E 326 -12.19 -1.02 59.56
N ALA E 327 -12.74 -2.11 60.09
CA ALA E 327 -14.20 -2.32 60.06
C ALA E 327 -14.77 -2.20 61.47
N ARG E 328 -13.95 -1.81 62.45
CA ARG E 328 -14.31 -1.83 63.88
C ARG E 328 -14.31 -0.43 64.45
N ASP E 329 -13.63 0.53 63.83
CA ASP E 329 -13.46 1.89 64.40
C ASP E 329 -14.81 2.62 64.38
N THR E 330 -15.63 2.48 63.33
CA THR E 330 -16.92 3.20 63.15
C THR E 330 -17.97 2.27 62.57
N GLU E 331 -19.23 2.62 62.77
CA GLU E 331 -20.39 1.82 62.30
C GLU E 331 -20.42 1.91 60.75
N ALA E 332 -20.10 3.07 60.17
CA ALA E 332 -20.08 3.28 58.71
C ALA E 332 -19.02 2.37 58.07
N HIS E 333 -17.84 2.25 58.68
CA HIS E 333 -16.76 1.37 58.17
C HIS E 333 -17.23 -0.08 58.25
N PHE E 334 -17.85 -0.48 59.35
CA PHE E 334 -18.42 -1.83 59.50
C PHE E 334 -19.45 -2.08 58.37
N GLU E 335 -20.28 -1.10 58.04
CA GLU E 335 -21.37 -1.28 57.04
C GLU E 335 -20.70 -1.52 55.67
N VAL E 336 -19.62 -0.83 55.37
CA VAL E 336 -18.88 -0.99 54.09
C VAL E 336 -18.44 -2.46 53.94
N LEU E 337 -17.82 -3.03 54.99
CA LEU E 337 -17.40 -4.46 55.00
C LEU E 337 -18.63 -5.32 54.76
N LYS E 338 -19.70 -5.10 55.52
CA LYS E 338 -20.95 -5.91 55.37
C LYS E 338 -21.39 -5.86 53.90
N ASN E 339 -21.67 -4.68 53.36
CA ASN E 339 -22.18 -4.51 51.98
C ASN E 339 -21.22 -5.20 51.00
N TRP E 340 -19.92 -5.14 51.27
CA TRP E 340 -18.86 -5.67 50.37
C TRP E 340 -18.98 -7.21 50.35
N LEU E 341 -19.00 -7.85 51.52
CA LEU E 341 -19.15 -9.32 51.64
C LEU E 341 -20.47 -9.73 50.97
N GLU E 342 -21.53 -8.97 51.22
CA GLU E 342 -22.87 -9.27 50.66
C GLU E 342 -22.86 -9.18 49.12
N SER E 343 -21.99 -8.37 48.51
CA SER E 343 -22.03 -8.12 47.04
C SER E 343 -21.73 -9.42 46.28
N TYR E 344 -20.99 -10.36 46.87
CA TYR E 344 -20.67 -11.67 46.22
C TYR E 344 -21.85 -12.64 46.30
N LYS E 345 -22.87 -12.29 47.11
CA LYS E 345 -24.16 -13.02 47.27
C LYS E 345 -23.86 -14.41 47.84
N PRO E 346 -23.31 -14.47 49.06
CA PRO E 346 -22.87 -15.73 49.64
C PRO E 346 -24.00 -16.74 49.93
N GLU E 347 -25.22 -16.23 50.05
CA GLU E 347 -26.44 -17.03 50.34
C GLU E 347 -26.69 -17.99 49.16
N GLU E 348 -26.24 -17.64 47.95
CA GLU E 348 -26.30 -18.54 46.77
C GLU E 348 -25.12 -19.53 46.76
N LEU E 349 -24.06 -19.33 47.54
CA LEU E 349 -22.77 -20.08 47.38
C LEU E 349 -22.67 -21.18 48.41
N PHE E 350 -23.25 -21.01 49.61
CA PHE E 350 -23.18 -21.97 50.75
C PHE E 350 -24.57 -22.53 51.06
N ASP E 351 -24.65 -23.82 51.44
CA ASP E 351 -25.89 -24.46 51.95
C ASP E 351 -26.05 -24.09 53.43
N ALA E 352 -27.13 -24.52 54.09
CA ALA E 352 -27.49 -24.19 55.49
C ALA E 352 -26.42 -24.72 56.48
N ASN E 353 -25.69 -25.76 56.09
CA ASN E 353 -24.63 -26.43 56.88
C ASN E 353 -23.34 -25.61 56.80
N GLY E 354 -23.28 -24.60 55.91
CA GLY E 354 -22.09 -23.76 55.66
C GLY E 354 -21.07 -24.40 54.71
N ALA E 355 -21.51 -25.41 53.97
CA ALA E 355 -20.69 -26.08 52.95
C ALA E 355 -20.90 -25.33 51.64
N VAL E 356 -19.86 -25.20 50.83
CA VAL E 356 -19.98 -24.62 49.45
C VAL E 356 -20.86 -25.59 48.67
N LYS E 357 -21.87 -25.07 47.98
CA LYS E 357 -22.84 -25.86 47.19
C LYS E 357 -22.13 -26.56 46.02
N ASP E 358 -22.63 -27.71 45.59
CA ASP E 358 -22.04 -28.52 44.48
C ASP E 358 -22.08 -27.75 43.14
N ASP E 359 -23.08 -26.90 42.89
CA ASP E 359 -23.24 -26.17 41.61
C ASP E 359 -22.03 -25.22 41.45
N VAL E 360 -21.36 -24.91 42.57
CA VAL E 360 -20.25 -23.93 42.60
C VAL E 360 -18.98 -24.63 42.12
N LEU E 361 -18.80 -25.92 42.44
CA LEU E 361 -17.51 -26.64 42.26
C LEU E 361 -17.60 -27.76 41.20
N ALA E 362 -18.68 -27.81 40.42
CA ALA E 362 -18.99 -28.92 39.48
C ALA E 362 -18.00 -28.89 38.31
N PHE E 363 -17.65 -27.69 37.82
CA PHE E 363 -16.64 -27.44 36.76
C PHE E 363 -15.23 -27.86 37.20
N MET E 364 -14.95 -28.01 38.49
CA MET E 364 -13.56 -28.12 39.00
C MET E 364 -12.97 -29.46 38.58
N PRO E 365 -11.63 -29.53 38.40
CA PRO E 365 -10.98 -30.79 38.11
C PRO E 365 -11.04 -31.71 39.35
N LYS E 366 -10.85 -33.01 39.11
CA LYS E 366 -10.87 -34.06 40.16
C LYS E 366 -9.47 -34.68 40.22
N GLY E 367 -9.22 -35.48 41.26
CA GLY E 367 -8.00 -36.28 41.43
C GLY E 367 -6.76 -35.41 41.38
N GLU E 368 -5.73 -35.88 40.66
CA GLU E 368 -4.36 -35.33 40.75
C GLU E 368 -4.17 -34.16 39.79
N LEU E 369 -5.19 -33.82 38.98
CA LEU E 369 -5.19 -32.62 38.10
C LEU E 369 -5.42 -31.34 38.93
N ARG E 370 -6.13 -31.47 40.05
CA ARG E 370 -6.47 -30.37 40.99
C ARG E 370 -5.18 -29.63 41.30
N ILE E 371 -5.21 -28.29 41.34
CA ILE E 371 -3.99 -27.46 41.52
C ILE E 371 -3.25 -27.96 42.77
N GLY E 372 -3.98 -28.22 43.85
CA GLY E 372 -3.41 -28.52 45.18
C GLY E 372 -2.93 -29.96 45.32
N ALA E 373 -3.36 -30.83 44.41
CA ALA E 373 -3.13 -32.29 44.43
C ALA E 373 -2.02 -32.71 43.46
N ASN E 374 -1.63 -31.80 42.55
CA ASN E 374 -0.70 -32.12 41.43
C ASN E 374 0.66 -32.46 42.04
N PRO E 375 1.22 -33.67 41.79
CA PRO E 375 2.49 -34.08 42.39
C PRO E 375 3.62 -33.14 41.95
N ASN E 376 3.47 -32.41 40.86
CA ASN E 376 4.46 -31.37 40.47
C ASN E 376 4.49 -30.30 41.56
N ALA E 377 3.39 -30.08 42.29
CA ALA E 377 3.35 -29.07 43.38
C ALA E 377 3.85 -29.67 44.71
N ASN E 378 4.27 -30.93 44.67
CA ASN E 378 4.81 -31.69 45.84
C ASN E 378 5.83 -32.71 45.34
N GLY E 379 6.80 -32.19 44.58
CA GLY E 379 7.84 -32.92 43.82
C GLY E 379 8.47 -34.05 44.59
N GLY E 380 8.58 -33.95 45.90
CA GLY E 380 8.98 -35.08 46.77
C GLY E 380 8.34 -36.41 46.37
N VAL E 381 7.05 -36.41 45.95
CA VAL E 381 6.31 -37.67 45.64
C VAL E 381 6.77 -38.22 44.29
N ILE E 382 7.44 -37.40 43.47
CA ILE E 382 7.93 -37.74 42.09
C ILE E 382 9.38 -38.16 42.20
N ARG E 383 10.14 -37.36 42.96
CA ARG E 383 11.59 -37.55 43.25
C ARG E 383 11.91 -39.03 43.46
N ASN E 384 12.83 -39.54 42.64
CA ASN E 384 13.57 -40.80 42.85
C ASN E 384 14.96 -40.47 43.36
N ASP E 385 15.55 -41.38 44.12
CA ASP E 385 17.01 -41.35 44.39
C ASP E 385 17.72 -41.41 43.02
N LEU E 386 18.80 -40.66 42.86
CA LEU E 386 19.64 -40.74 41.64
C LEU E 386 20.37 -42.09 41.63
N LYS E 387 20.39 -42.79 40.48
CA LYS E 387 21.36 -43.89 40.19
C LYS E 387 22.77 -43.29 40.15
N LEU E 388 23.48 -43.25 41.27
CA LEU E 388 24.88 -42.73 41.34
C LEU E 388 25.82 -43.83 40.88
N PRO E 389 26.87 -43.52 40.09
CA PRO E 389 27.96 -44.46 39.87
C PRO E 389 28.76 -44.47 41.18
N ASN E 390 29.49 -45.56 41.48
CA ASN E 390 30.25 -45.63 42.76
C ASN E 390 31.50 -44.77 42.58
N LEU E 391 31.80 -44.01 43.63
CA LEU E 391 32.78 -42.91 43.64
C LEU E 391 34.18 -43.45 43.37
N GLU E 392 34.46 -44.68 43.82
CA GLU E 392 35.79 -45.36 43.73
C GLU E 392 36.39 -45.13 42.33
N ASP E 393 35.57 -45.17 41.26
CA ASP E 393 35.95 -44.98 39.83
C ASP E 393 36.54 -43.58 39.57
N TYR E 394 36.26 -42.58 40.40
CA TYR E 394 36.68 -41.18 40.17
C TYR E 394 37.81 -40.84 41.13
N GLU E 395 38.09 -41.72 42.11
CA GLU E 395 39.06 -41.45 43.21
C GLU E 395 40.41 -41.11 42.59
N VAL E 396 41.04 -40.05 43.09
CA VAL E 396 42.47 -39.72 42.83
C VAL E 396 43.28 -40.78 43.59
N LYS E 397 43.57 -41.91 42.92
CA LYS E 397 44.19 -43.12 43.50
C LYS E 397 45.67 -42.84 43.79
N GLU E 398 46.20 -41.75 43.22
CA GLU E 398 47.63 -41.34 43.27
C GLU E 398 48.02 -40.85 44.68
N VAL E 399 47.07 -40.79 45.63
CA VAL E 399 47.37 -40.32 47.02
C VAL E 399 47.84 -41.52 47.86
N ALA E 400 47.25 -42.70 47.63
CA ALA E 400 47.78 -44.02 48.08
C ALA E 400 49.18 -44.21 47.47
N GLU E 401 49.26 -44.53 46.18
CA GLU E 401 50.52 -44.84 45.44
C GLU E 401 51.69 -43.97 45.93
N TYR E 402 51.60 -42.64 45.82
CA TYR E 402 52.74 -41.70 46.06
C TYR E 402 52.56 -40.88 47.36
N GLY E 403 51.51 -41.12 48.14
CA GLY E 403 51.33 -40.49 49.47
C GLY E 403 50.62 -39.15 49.42
N HIS E 404 50.38 -38.57 50.61
CA HIS E 404 49.52 -37.39 50.87
C HIS E 404 50.19 -36.12 50.36
N GLY E 405 49.54 -35.44 49.40
CA GLY E 405 49.94 -34.09 48.92
C GLY E 405 50.40 -34.12 47.48
N TRP E 406 50.25 -35.26 46.80
CA TRP E 406 50.58 -35.50 45.36
C TRP E 406 49.80 -34.56 44.43
N GLY E 407 50.39 -34.25 43.30
CA GLY E 407 49.65 -33.74 42.13
C GLY E 407 49.49 -32.24 42.15
N GLN E 408 49.28 -31.68 40.96
CA GLN E 408 48.78 -30.31 40.67
C GLN E 408 47.48 -30.50 39.89
N LEU E 409 46.56 -31.32 40.41
CA LEU E 409 45.23 -31.54 39.79
C LEU E 409 44.28 -30.40 40.17
N GLU E 410 43.30 -30.13 39.30
CA GLU E 410 42.26 -29.09 39.53
C GLU E 410 40.95 -29.79 39.94
N ALA E 411 40.57 -29.63 41.22
CA ALA E 411 39.64 -30.54 41.93
C ALA E 411 38.33 -30.65 41.17
N THR E 412 37.84 -29.54 40.62
CA THR E 412 36.48 -29.43 40.01
C THR E 412 36.37 -30.34 38.79
N ARG E 413 37.47 -30.68 38.10
CA ARG E 413 37.46 -31.62 36.94
C ARG E 413 36.91 -32.98 37.37
N THR E 414 37.17 -33.38 38.61
CA THR E 414 36.83 -34.74 39.14
C THR E 414 35.32 -34.79 39.35
N LEU E 415 34.76 -33.72 39.92
CA LEU E 415 33.30 -33.52 40.12
C LEU E 415 32.64 -33.41 38.74
N GLY E 416 33.31 -32.70 37.82
CA GLY E 416 32.95 -32.67 36.39
C GLY E 416 32.65 -34.07 35.89
N ALA E 417 33.67 -34.95 35.93
CA ALA E 417 33.61 -36.35 35.44
C ALA E 417 32.51 -37.10 36.19
N TYR E 418 32.52 -36.98 37.53
CA TYR E 418 31.50 -37.63 38.42
C TYR E 418 30.12 -37.27 37.89
N THR E 419 29.85 -35.96 37.76
CA THR E 419 28.53 -35.37 37.39
C THR E 419 28.17 -35.74 35.94
N ARG E 420 29.15 -35.66 35.02
CA ARG E 420 29.01 -36.25 33.67
C ARG E 420 28.22 -37.56 33.76
N ASP E 421 28.70 -38.55 34.53
CA ASP E 421 28.15 -39.95 34.47
C ASP E 421 26.80 -40.02 35.21
N ILE E 422 26.58 -39.15 36.20
CA ILE E 422 25.24 -38.98 36.87
C ILE E 422 24.22 -38.61 35.78
N ILE E 423 24.57 -37.66 34.91
CA ILE E 423 23.70 -37.19 33.80
C ILE E 423 23.44 -38.38 32.87
N LYS E 424 24.48 -39.14 32.50
CA LYS E 424 24.36 -40.31 31.58
C LYS E 424 23.40 -41.35 32.18
N ASN E 425 23.45 -41.56 33.49
CA ASN E 425 22.65 -42.60 34.21
C ASN E 425 21.28 -42.06 34.62
N ASN E 426 21.08 -40.75 34.63
CA ASN E 426 19.83 -40.06 35.03
C ASN E 426 19.45 -39.00 34.00
N PRO E 427 19.16 -39.40 32.75
CA PRO E 427 18.83 -38.42 31.71
C PRO E 427 17.43 -37.93 32.09
N ARG E 428 17.16 -36.65 31.83
CA ARG E 428 15.80 -36.08 32.04
C ARG E 428 15.50 -35.99 33.54
N ASP E 429 16.51 -36.07 34.42
CA ASP E 429 16.33 -35.99 35.90
C ASP E 429 17.41 -35.12 36.54
N PHE E 430 18.46 -34.77 35.80
CA PHE E 430 19.63 -34.02 36.30
C PHE E 430 20.08 -32.97 35.27
N ARG E 431 20.28 -31.76 35.77
CA ARG E 431 20.65 -30.55 34.98
C ARG E 431 21.78 -29.84 35.69
N ILE E 432 22.74 -29.34 34.92
CA ILE E 432 23.75 -28.33 35.36
C ILE E 432 23.28 -26.96 34.85
N PHE E 433 23.39 -25.96 35.70
CA PHE E 433 23.11 -24.55 35.37
C PHE E 433 24.39 -23.80 35.67
N GLY E 434 24.67 -22.73 34.94
CA GLY E 434 25.92 -21.95 35.17
C GLY E 434 25.86 -20.64 34.40
N PRO E 435 26.21 -19.50 35.03
CA PRO E 435 26.13 -18.22 34.36
C PRO E 435 27.38 -18.01 33.48
N ASP E 436 27.50 -18.80 32.40
CA ASP E 436 28.59 -18.66 31.38
C ASP E 436 29.91 -18.95 32.11
N GLU E 437 29.88 -19.95 33.00
CA GLU E 437 31.00 -20.33 33.89
C GLU E 437 31.18 -21.85 33.98
N THR E 438 30.25 -22.67 33.45
CA THR E 438 30.36 -24.15 33.53
C THR E 438 31.80 -24.55 33.16
N ALA E 439 32.29 -24.17 31.97
CA ALA E 439 33.63 -24.58 31.47
C ALA E 439 34.72 -23.92 32.30
N SER E 440 34.52 -22.66 32.72
CA SER E 440 35.49 -21.87 33.53
C SER E 440 35.72 -22.55 34.89
N ASN E 441 34.65 -23.09 35.48
CA ASN E 441 34.63 -23.86 36.76
C ASN E 441 34.93 -25.34 36.49
N ARG E 442 35.01 -25.73 35.21
CA ARG E 442 35.63 -27.00 34.71
C ARG E 442 34.66 -28.16 34.87
N LEU E 443 33.39 -27.97 34.55
CA LEU E 443 32.38 -29.07 34.59
C LEU E 443 32.11 -29.52 33.15
N GLN E 444 32.98 -29.13 32.21
CA GLN E 444 32.77 -29.34 30.75
C GLN E 444 32.68 -30.83 30.43
N ALA E 445 33.22 -31.70 31.28
CA ALA E 445 33.15 -33.17 31.09
C ALA E 445 31.75 -33.56 30.60
N SER E 446 30.73 -32.92 31.15
CA SER E 446 29.29 -33.10 30.85
C SER E 446 29.03 -33.15 29.33
N TYR E 447 29.76 -32.33 28.55
CA TYR E 447 29.55 -32.15 27.08
C TYR E 447 29.87 -33.45 26.33
N GLU E 448 30.54 -34.39 26.99
CA GLU E 448 30.79 -35.74 26.44
C GLU E 448 29.46 -36.47 26.23
N VAL E 449 28.47 -36.29 27.11
CA VAL E 449 27.17 -37.05 27.10
C VAL E 449 25.94 -36.18 26.79
N THR E 450 26.04 -34.84 26.78
CA THR E 450 24.86 -33.94 26.55
C THR E 450 25.36 -32.62 25.94
N ASN E 451 24.51 -31.59 25.89
CA ASN E 451 24.91 -30.27 25.35
C ASN E 451 24.33 -29.14 26.21
N LYS E 452 24.93 -27.95 26.13
CA LYS E 452 24.28 -26.66 26.43
C LYS E 452 22.99 -26.58 25.61
N GLN E 453 21.86 -26.41 26.31
CA GLN E 453 20.53 -26.19 25.69
C GLN E 453 20.51 -24.77 25.15
N TRP E 454 20.22 -24.61 23.85
CA TRP E 454 20.28 -23.29 23.17
C TRP E 454 19.26 -23.29 22.06
N ASP E 455 18.20 -22.49 22.24
CA ASP E 455 17.10 -22.34 21.26
C ASP E 455 17.06 -20.89 20.76
N ALA E 456 18.22 -20.26 20.65
CA ALA E 456 18.43 -19.05 19.80
C ALA E 456 19.09 -19.51 18.49
N GLY E 457 19.72 -18.58 17.78
CA GLY E 457 20.36 -18.80 16.48
C GLY E 457 21.69 -19.53 16.60
N TYR E 458 21.89 -20.49 15.69
CA TYR E 458 23.17 -21.14 15.28
C TYR E 458 23.67 -20.42 14.03
N ILE E 459 24.95 -20.03 13.99
CA ILE E 459 25.58 -19.38 12.81
C ILE E 459 26.68 -20.29 12.23
N SER E 460 27.51 -20.96 13.04
CA SER E 460 28.72 -21.65 12.53
C SER E 460 29.27 -22.70 13.50
N ASP E 461 29.62 -23.89 12.97
CA ASP E 461 30.33 -24.99 13.70
C ASP E 461 31.66 -24.51 14.31
N GLU E 462 32.23 -23.40 13.85
CA GLU E 462 33.51 -22.88 14.39
C GLU E 462 33.30 -22.23 15.76
N VAL E 463 32.05 -21.87 16.11
CA VAL E 463 31.76 -21.08 17.35
C VAL E 463 30.71 -21.79 18.22
N ASP E 464 29.89 -22.68 17.63
CA ASP E 464 28.65 -23.21 18.27
C ASP E 464 28.90 -24.60 18.86
N GLU E 465 30.05 -24.80 19.47
CA GLU E 465 30.47 -26.07 20.11
C GLU E 465 29.61 -26.39 21.36
N HIS E 466 29.11 -27.64 21.43
CA HIS E 466 28.48 -28.27 22.62
C HIS E 466 27.15 -27.58 22.91
N MET E 467 26.40 -27.29 21.84
CA MET E 467 25.09 -26.59 21.87
C MET E 467 24.09 -27.41 21.07
N HIS E 468 22.89 -27.57 21.59
CA HIS E 468 21.83 -28.34 20.91
C HIS E 468 20.52 -27.72 21.40
N VAL E 469 19.45 -27.85 20.63
CA VAL E 469 18.14 -27.24 20.98
C VAL E 469 17.61 -27.87 22.28
N SER E 470 18.10 -29.08 22.61
CA SER E 470 17.87 -29.86 23.85
C SER E 470 19.22 -30.23 24.45
N GLY E 471 19.33 -30.26 25.77
CA GLY E 471 20.57 -30.58 26.48
C GLY E 471 20.40 -30.38 27.96
N GLN E 472 21.15 -31.11 28.78
CA GLN E 472 20.98 -31.09 30.25
C GLN E 472 21.84 -29.97 30.85
N VAL E 473 22.41 -29.08 30.02
CA VAL E 473 23.20 -27.91 30.50
C VAL E 473 22.56 -26.62 29.98
N VAL E 474 22.52 -25.61 30.83
CA VAL E 474 21.78 -24.35 30.57
C VAL E 474 22.63 -23.25 31.17
N GLU E 475 23.19 -22.40 30.31
CA GLU E 475 23.96 -21.20 30.72
C GLU E 475 23.20 -19.94 30.27
N GLN E 476 23.30 -18.88 31.07
CA GLN E 476 22.86 -17.49 30.78
C GLN E 476 23.61 -16.63 31.78
N LEU E 477 24.15 -15.49 31.36
CA LEU E 477 24.91 -14.62 32.29
C LEU E 477 23.89 -13.93 33.21
N SER E 478 23.34 -14.69 34.16
CA SER E 478 22.34 -14.27 35.17
C SER E 478 22.31 -15.30 36.28
N GLU E 479 22.92 -14.98 37.41
CA GLU E 479 22.87 -15.81 38.64
C GLU E 479 21.42 -16.08 39.06
N HIS E 480 20.55 -15.05 39.00
CA HIS E 480 19.12 -15.14 39.41
C HIS E 480 18.47 -16.30 38.66
N GLN E 481 18.74 -16.35 37.35
CA GLN E 481 18.12 -17.30 36.39
C GLN E 481 18.56 -18.71 36.72
N MET E 482 19.84 -18.90 37.03
CA MET E 482 20.42 -20.25 37.28
C MET E 482 19.89 -20.75 38.64
N GLU E 483 19.99 -19.93 39.69
CA GLU E 483 19.44 -20.25 41.03
C GLU E 483 17.95 -20.57 40.86
N GLY E 484 17.21 -19.66 40.21
CA GLY E 484 15.75 -19.78 39.99
C GLY E 484 15.35 -21.04 39.25
N PHE E 485 16.02 -21.34 38.13
CA PHE E 485 15.71 -22.50 37.26
C PHE E 485 15.85 -23.77 38.08
N LEU E 486 16.98 -23.90 38.76
CA LEU E 486 17.30 -25.13 39.52
C LEU E 486 16.35 -25.27 40.72
N GLU E 487 16.10 -24.20 41.49
CA GLU E 487 15.14 -24.22 42.64
C GLU E 487 13.87 -24.94 42.20
N ALA E 488 13.37 -24.65 41.01
CA ALA E 488 12.08 -25.20 40.53
C ALA E 488 12.28 -26.59 39.89
N TYR E 489 13.46 -26.83 39.32
CA TYR E 489 13.79 -28.18 38.80
C TYR E 489 13.65 -29.16 39.98
N LEU E 490 14.00 -28.72 41.20
CA LEU E 490 14.02 -29.51 42.44
C LEU E 490 12.60 -29.63 43.03
N LEU E 491 11.93 -28.51 43.21
CA LEU E 491 10.56 -28.46 43.79
C LEU E 491 9.66 -29.40 43.00
N THR E 492 9.94 -29.62 41.72
CA THR E 492 9.13 -30.48 40.80
C THR E 492 9.74 -31.88 40.67
N GLY E 493 10.72 -32.20 41.51
CA GLY E 493 11.10 -33.58 41.87
C GLY E 493 12.32 -34.09 41.11
N ARG E 494 13.19 -33.18 40.68
CA ARG E 494 14.41 -33.56 39.94
C ARG E 494 15.62 -33.04 40.74
N HIS E 495 16.82 -33.22 40.19
CA HIS E 495 18.09 -32.92 40.90
C HIS E 495 18.94 -32.02 40.02
N GLY E 496 19.98 -31.46 40.61
CA GLY E 496 21.03 -30.83 39.80
C GLY E 496 21.97 -30.05 40.65
N ILE E 497 22.69 -29.15 39.99
CA ILE E 497 23.84 -28.41 40.53
C ILE E 497 24.05 -27.21 39.61
N TRP E 498 24.37 -26.06 40.19
CA TRP E 498 24.96 -24.96 39.42
C TRP E 498 26.25 -24.55 40.08
N SER E 499 27.08 -23.86 39.30
CA SER E 499 28.46 -23.41 39.58
C SER E 499 28.46 -21.88 39.52
N SER E 500 29.25 -21.23 40.35
CA SER E 500 29.39 -19.76 40.30
C SER E 500 30.74 -19.41 40.87
N TYR E 501 31.43 -18.47 40.21
CA TYR E 501 32.48 -17.63 40.80
C TYR E 501 31.99 -17.22 42.19
N GLU E 502 32.80 -17.49 43.20
CA GLU E 502 32.47 -17.33 44.64
C GLU E 502 31.86 -15.95 44.94
N SER E 503 32.46 -14.85 44.47
CA SER E 503 32.04 -13.48 44.84
C SER E 503 30.60 -13.22 44.41
N PHE E 504 30.23 -13.79 43.26
CA PHE E 504 28.97 -13.48 42.55
C PHE E 504 27.86 -14.41 43.04
N VAL E 505 28.15 -15.31 43.97
CA VAL E 505 27.06 -16.02 44.68
C VAL E 505 26.29 -14.96 45.47
N HIS E 506 26.93 -13.85 45.84
CA HIS E 506 26.29 -12.74 46.61
C HIS E 506 25.16 -12.09 45.82
N VAL E 507 25.21 -12.24 44.50
CA VAL E 507 24.16 -11.69 43.60
C VAL E 507 22.82 -12.34 43.97
N ILE E 508 22.83 -13.62 44.37
CA ILE E 508 21.61 -14.42 44.69
C ILE E 508 21.52 -14.78 46.19
N ASP E 509 22.10 -13.99 47.09
CA ASP E 509 22.04 -14.27 48.54
C ASP E 509 20.58 -14.39 48.94
N SER E 510 19.73 -13.50 48.42
CA SER E 510 18.35 -13.33 48.91
C SER E 510 17.55 -14.54 48.42
N MET E 511 17.90 -15.08 47.26
CA MET E 511 17.24 -16.28 46.70
C MET E 511 17.56 -17.47 47.60
N LEU E 512 18.76 -17.50 48.17
CA LEU E 512 19.23 -18.55 49.11
C LEU E 512 18.41 -18.47 50.40
N ASN E 513 18.33 -17.28 50.99
CA ASN E 513 17.53 -16.95 52.20
C ASN E 513 16.12 -17.50 52.02
N GLN E 514 15.53 -17.22 50.86
CA GLN E 514 14.09 -17.49 50.63
C GLN E 514 13.89 -19.01 50.51
N HIS E 515 14.78 -19.70 49.77
CA HIS E 515 14.79 -21.18 49.66
C HIS E 515 15.14 -21.82 51.02
N ALA E 516 16.09 -21.27 51.77
CA ALA E 516 16.35 -21.75 53.13
C ALA E 516 15.05 -21.68 53.94
N LYS E 517 14.35 -20.54 53.90
CA LYS E 517 13.13 -20.31 54.71
C LYS E 517 11.99 -21.22 54.26
N TRP E 518 11.95 -21.56 52.97
CA TRP E 518 11.01 -22.59 52.45
C TRP E 518 11.26 -23.95 53.14
N LEU E 519 12.51 -24.43 53.13
CA LEU E 519 12.94 -25.71 53.73
C LEU E 519 12.77 -25.68 55.26
N GLU E 520 13.16 -24.59 55.92
CA GLU E 520 12.92 -24.38 57.38
C GLU E 520 11.44 -24.67 57.70
N ALA E 521 10.50 -23.96 57.08
CA ALA E 521 9.06 -24.15 57.37
C ALA E 521 8.75 -25.62 57.13
N THR E 522 9.27 -26.18 56.04
CA THR E 522 8.88 -27.53 55.54
C THR E 522 9.23 -28.57 56.60
N VAL E 523 10.52 -28.64 56.96
CA VAL E 523 11.05 -29.70 57.88
C VAL E 523 10.44 -29.52 59.26
N ARG E 524 10.10 -28.28 59.67
CA ARG E 524 9.52 -28.02 61.01
C ARG E 524 8.07 -28.48 61.10
N GLU E 525 7.21 -28.15 60.13
CA GLU E 525 5.75 -28.23 60.34
C GLU E 525 4.97 -28.60 59.07
N ILE E 526 5.62 -29.11 58.02
CA ILE E 526 4.87 -29.50 56.79
C ILE E 526 5.21 -30.93 56.40
N PRO E 527 4.87 -31.95 57.25
CA PRO E 527 5.27 -33.34 56.96
C PRO E 527 4.59 -33.98 55.73
N TRP E 528 3.49 -33.42 55.22
CA TRP E 528 2.79 -33.92 53.99
C TRP E 528 3.58 -33.51 52.72
N ARG E 529 4.43 -32.48 52.83
CA ARG E 529 5.33 -32.01 51.75
C ARG E 529 6.60 -32.86 51.79
N LYS E 530 6.66 -33.87 50.93
CA LYS E 530 7.71 -34.92 50.95
C LYS E 530 9.05 -34.26 50.59
N PRO E 531 10.20 -34.86 50.98
CA PRO E 531 11.49 -34.19 50.82
C PRO E 531 11.86 -34.03 49.34
N ILE E 532 12.48 -32.89 49.01
CA ILE E 532 12.91 -32.57 47.61
C ILE E 532 14.42 -32.76 47.56
N ALA E 533 14.97 -32.97 46.37
CA ALA E 533 16.44 -32.95 46.18
C ALA E 533 16.98 -31.65 46.74
N SER E 534 18.25 -31.63 47.10
CA SER E 534 18.95 -30.46 47.68
C SER E 534 19.49 -29.54 46.58
N MET E 535 19.55 -28.26 46.92
CA MET E 535 20.08 -27.18 46.05
C MET E 535 21.58 -27.21 46.18
N ASN E 536 22.28 -27.69 45.14
CA ASN E 536 23.73 -28.01 45.13
C ASN E 536 24.46 -26.92 44.36
N LEU E 537 25.18 -26.06 45.06
CA LEU E 537 25.86 -24.89 44.48
C LEU E 537 27.35 -25.09 44.65
N LEU E 538 28.04 -25.46 43.57
CA LEU E 538 29.51 -25.47 43.53
C LEU E 538 29.98 -24.02 43.49
N VAL E 539 30.65 -23.59 44.56
CA VAL E 539 31.29 -22.26 44.74
C VAL E 539 32.78 -22.43 44.41
N SER E 540 33.17 -22.17 43.17
CA SER E 540 34.57 -22.34 42.69
C SER E 540 35.17 -20.99 42.29
N SER E 541 36.29 -21.00 41.55
CA SER E 541 37.03 -19.78 41.15
C SER E 541 37.04 -18.79 42.32
N HIS E 542 37.59 -19.19 43.48
CA HIS E 542 37.32 -18.56 44.81
C HIS E 542 38.33 -17.45 45.09
N VAL E 543 38.23 -16.82 46.27
CA VAL E 543 38.86 -15.49 46.56
C VAL E 543 40.37 -15.57 46.40
N TRP E 544 40.99 -16.68 46.76
CA TRP E 544 42.47 -16.85 46.84
C TRP E 544 43.05 -16.91 45.42
N ARG E 545 42.21 -17.24 44.44
CA ARG E 545 42.62 -17.50 43.03
C ARG E 545 41.90 -16.52 42.09
N GLN E 546 41.59 -15.31 42.57
CA GLN E 546 41.06 -14.16 41.76
C GLN E 546 42.13 -13.07 41.76
N ASP E 547 43.38 -13.51 41.68
CA ASP E 547 44.54 -12.64 41.41
C ASP E 547 44.47 -12.13 39.97
N HIS E 548 43.84 -12.89 39.05
CA HIS E 548 43.75 -12.56 37.59
C HIS E 548 42.55 -11.66 37.26
N ASN E 549 41.60 -11.43 38.20
CA ASN E 549 40.42 -10.54 38.01
C ASN E 549 40.45 -9.39 39.04
N GLY E 550 41.01 -9.59 40.22
CA GLY E 550 41.33 -8.48 41.15
C GLY E 550 40.27 -8.34 42.23
N PHE E 551 40.24 -7.18 42.89
CA PHE E 551 39.57 -6.95 44.19
C PHE E 551 38.06 -7.21 44.12
N SER E 552 37.43 -6.88 42.99
CA SER E 552 35.96 -6.96 42.76
C SER E 552 35.49 -8.42 42.75
N HIS E 553 36.37 -9.38 42.47
CA HIS E 553 36.01 -10.83 42.40
C HIS E 553 36.40 -11.56 43.69
N GLN E 554 36.78 -10.80 44.73
CA GLN E 554 37.37 -11.34 45.98
C GLN E 554 36.36 -11.13 47.11
N ASP E 555 35.42 -12.07 47.30
CA ASP E 555 34.47 -11.99 48.43
C ASP E 555 33.92 -13.38 48.72
N PRO E 556 34.43 -14.05 49.76
CA PRO E 556 33.97 -15.40 50.10
C PRO E 556 32.78 -15.41 51.07
N GLY E 557 32.09 -14.26 51.22
CA GLY E 557 31.17 -13.96 52.34
C GLY E 557 29.83 -14.71 52.30
N VAL E 558 29.55 -15.51 51.26
CA VAL E 558 28.32 -16.34 51.18
C VAL E 558 28.24 -17.20 52.44
N THR E 559 29.38 -17.60 53.00
CA THR E 559 29.42 -18.40 54.25
C THR E 559 28.76 -17.59 55.37
N SER E 560 29.19 -16.36 55.62
CA SER E 560 28.56 -15.51 56.67
C SER E 560 27.03 -15.53 56.47
N VAL E 561 26.59 -15.48 55.22
CA VAL E 561 25.15 -15.39 54.85
C VAL E 561 24.48 -16.71 55.26
N LEU E 562 25.07 -17.85 54.89
CA LEU E 562 24.45 -19.19 55.06
C LEU E 562 24.41 -19.61 56.54
N LEU E 563 25.22 -18.99 57.40
CA LEU E 563 25.27 -19.26 58.86
C LEU E 563 23.97 -18.77 59.50
N ASN E 564 23.36 -17.74 58.92
CA ASN E 564 22.12 -17.12 59.47
C ASN E 564 20.91 -17.99 59.13
N LYS E 565 21.11 -19.22 58.64
CA LYS E 565 20.02 -20.18 58.34
C LYS E 565 20.33 -21.55 58.98
N CYS E 566 21.09 -21.55 60.07
CA CYS E 566 21.58 -22.79 60.74
C CYS E 566 21.10 -22.84 62.19
N PHE E 567 19.81 -23.19 62.43
CA PHE E 567 19.16 -23.11 63.76
C PHE E 567 18.16 -24.26 63.98
N HIS E 568 17.67 -24.43 65.22
N HIS E 568 17.71 -24.40 65.24
CA HIS E 568 16.53 -25.29 65.61
CA HIS E 568 16.64 -25.29 65.75
C HIS E 568 16.73 -26.73 65.11
C HIS E 568 16.75 -26.69 65.11
N ASN E 569 17.96 -27.12 64.80
CA ASN E 569 18.25 -28.49 64.24
C ASN E 569 17.46 -28.73 62.95
N ASP E 570 17.27 -27.67 62.17
CA ASP E 570 16.56 -27.68 60.87
C ASP E 570 17.36 -28.53 59.90
N HIS E 571 18.69 -28.38 59.90
CA HIS E 571 19.61 -29.12 59.02
C HIS E 571 19.16 -28.99 57.56
N VAL E 572 19.01 -27.74 57.09
CA VAL E 572 18.59 -27.39 55.69
C VAL E 572 19.78 -26.73 54.95
N ILE E 573 20.93 -26.55 55.61
CA ILE E 573 22.16 -25.86 55.14
C ILE E 573 23.36 -26.78 55.32
N GLY E 574 24.06 -27.14 54.24
CA GLY E 574 25.45 -27.65 54.27
C GLY E 574 26.43 -26.54 53.86
N ILE E 575 27.57 -26.44 54.56
CA ILE E 575 28.72 -25.57 54.14
C ILE E 575 30.00 -26.41 54.14
N TYR E 576 30.21 -27.19 53.08
CA TYR E 576 31.34 -28.15 52.97
C TYR E 576 32.51 -27.45 52.25
N PHE E 577 33.74 -27.70 52.70
CA PHE E 577 35.02 -27.25 52.08
C PHE E 577 35.71 -28.46 51.44
N ALA E 578 35.90 -28.47 50.12
CA ALA E 578 36.49 -29.61 49.38
C ALA E 578 38.01 -29.42 49.36
N THR E 579 38.65 -30.06 50.34
CA THR E 579 40.11 -30.05 50.61
C THR E 579 40.86 -30.38 49.32
N ASP E 580 40.29 -31.32 48.57
CA ASP E 580 40.90 -31.90 47.35
C ASP E 580 39.82 -32.67 46.59
N ALA E 581 40.18 -33.22 45.42
CA ALA E 581 39.25 -33.92 44.52
C ALA E 581 38.53 -35.06 45.25
N ASN E 582 39.17 -35.66 46.26
CA ASN E 582 38.63 -36.87 46.93
C ASN E 582 37.62 -36.44 47.99
N MET E 583 37.89 -35.34 48.70
CA MET E 583 36.91 -34.75 49.65
C MET E 583 35.70 -34.22 48.88
N LEU E 584 35.93 -33.52 47.78
CA LEU E 584 34.87 -32.98 46.88
C LEU E 584 33.93 -34.09 46.46
N LEU E 585 34.51 -35.22 46.05
CA LEU E 585 33.80 -36.46 45.63
C LEU E 585 32.91 -36.96 46.78
N ALA E 586 33.48 -37.07 47.98
CA ALA E 586 32.77 -37.54 49.18
C ALA E 586 31.65 -36.54 49.52
N ILE E 587 31.93 -35.24 49.45
CA ILE E 587 30.93 -34.16 49.67
C ILE E 587 29.80 -34.26 48.63
N ALA E 588 30.14 -34.23 47.34
CA ALA E 588 29.18 -34.35 46.22
C ALA E 588 28.24 -35.55 46.43
N GLU E 589 28.78 -36.73 46.76
CA GLU E 589 27.97 -37.96 46.98
C GLU E 589 26.92 -37.68 48.06
N LYS E 590 27.34 -37.05 49.16
CA LYS E 590 26.48 -36.73 50.33
C LYS E 590 25.41 -35.75 49.86
N CYS E 591 25.83 -34.70 49.16
CA CYS E 591 24.96 -33.63 48.63
C CYS E 591 23.91 -34.19 47.64
N TYR E 592 24.32 -35.09 46.74
CA TYR E 592 23.47 -35.71 45.69
C TYR E 592 22.44 -36.66 46.32
N LYS E 593 22.76 -37.28 47.46
CA LYS E 593 21.83 -38.21 48.18
C LYS E 593 20.99 -37.44 49.22
N SER E 594 21.45 -36.25 49.64
CA SER E 594 20.74 -35.41 50.65
C SER E 594 19.37 -35.03 50.13
N THR E 595 18.49 -34.60 51.02
CA THR E 595 17.19 -33.98 50.67
C THR E 595 17.00 -32.74 51.54
N ASN E 596 16.08 -31.88 51.11
CA ASN E 596 15.64 -30.65 51.82
C ASN E 596 16.84 -29.86 52.33
N LYS E 597 17.83 -29.57 51.49
CA LYS E 597 19.02 -28.75 51.89
C LYS E 597 19.42 -27.75 50.78
N ILE E 598 20.10 -26.67 51.20
CA ILE E 598 21.00 -25.83 50.36
C ILE E 598 22.41 -26.28 50.73
N ASN E 599 23.15 -26.90 49.80
CA ASN E 599 24.55 -27.37 50.00
C ASN E 599 25.51 -26.46 49.22
N ALA E 600 26.23 -25.56 49.89
CA ALA E 600 27.29 -24.73 49.28
C ALA E 600 28.58 -25.54 49.30
N ILE E 601 29.00 -26.06 48.15
CA ILE E 601 30.25 -26.85 48.02
C ILE E 601 31.35 -25.88 47.55
N ILE E 602 32.33 -25.59 48.41
CA ILE E 602 33.49 -24.70 48.11
C ILE E 602 34.71 -25.56 47.70
N ALA E 603 35.14 -25.44 46.43
CA ALA E 603 36.22 -26.23 45.79
C ALA E 603 37.00 -25.35 44.80
N GLY E 604 38.32 -25.47 44.79
CA GLY E 604 39.24 -24.87 43.81
C GLY E 604 39.18 -25.54 42.44
N LYS E 605 39.27 -24.73 41.39
CA LYS E 605 39.40 -25.15 39.97
C LYS E 605 40.85 -24.98 39.52
N GLN E 606 41.70 -24.43 40.41
CA GLN E 606 43.15 -24.16 40.20
C GLN E 606 43.93 -25.45 40.47
N PRO E 607 45.16 -25.59 39.91
CA PRO E 607 46.00 -26.75 40.19
C PRO E 607 46.39 -26.76 41.68
N ALA E 608 46.22 -27.92 42.34
CA ALA E 608 46.33 -28.10 43.81
C ALA E 608 46.63 -29.57 44.20
N ALA E 609 47.40 -29.69 45.29
CA ALA E 609 47.66 -30.93 46.06
C ALA E 609 46.36 -31.68 46.38
N THR E 610 46.33 -32.98 46.08
CA THR E 610 45.33 -33.97 46.58
C THR E 610 45.84 -34.59 47.89
N TRP E 611 45.18 -34.33 49.03
CA TRP E 611 45.65 -34.66 50.41
C TRP E 611 45.14 -36.02 50.90
N LEU E 612 43.87 -36.37 50.66
CA LEU E 612 43.24 -37.53 51.30
C LEU E 612 42.98 -38.60 50.25
N THR E 613 42.89 -39.86 50.68
CA THR E 613 42.20 -40.93 49.93
C THR E 613 40.70 -40.68 50.14
N LEU E 614 39.88 -41.42 49.41
CA LEU E 614 38.41 -41.32 49.49
C LEU E 614 37.93 -41.84 50.85
N ASP E 615 38.50 -42.96 51.35
CA ASP E 615 38.16 -43.58 52.67
C ASP E 615 38.44 -42.59 53.82
N GLU E 616 39.57 -41.88 53.74
CA GLU E 616 40.03 -40.90 54.74
C GLU E 616 39.08 -39.72 54.76
N ALA E 617 38.64 -39.30 53.57
CA ALA E 617 37.73 -38.15 53.34
C ALA E 617 36.35 -38.52 53.87
N ARG E 618 35.81 -39.69 53.50
CA ARG E 618 34.49 -40.20 53.98
C ARG E 618 34.46 -40.14 55.51
N ALA E 619 35.54 -40.59 56.15
CA ALA E 619 35.72 -40.64 57.63
C ALA E 619 35.63 -39.22 58.20
N GLU E 620 36.40 -38.28 57.65
CA GLU E 620 36.49 -36.86 58.11
C GLU E 620 35.13 -36.17 57.97
N LEU E 621 34.48 -36.33 56.81
CA LEU E 621 33.19 -35.71 56.50
C LEU E 621 32.15 -36.17 57.51
N GLU E 622 32.09 -37.49 57.78
CA GLU E 622 31.03 -38.10 58.62
C GLU E 622 31.00 -37.43 60.01
N LYS E 623 32.15 -37.01 60.54
CA LYS E 623 32.26 -36.27 61.84
C LYS E 623 32.31 -34.76 61.56
N GLY E 624 32.89 -34.39 60.41
CA GLY E 624 32.95 -33.01 59.90
C GLY E 624 34.34 -32.42 59.98
N ALA E 625 35.10 -32.77 61.01
CA ALA E 625 36.56 -32.53 61.12
C ALA E 625 37.23 -33.83 61.54
N ALA E 626 38.53 -33.94 61.28
CA ALA E 626 39.38 -35.05 61.77
C ALA E 626 40.76 -34.47 62.10
N ALA E 627 41.50 -35.12 63.01
CA ALA E 627 42.95 -34.91 63.20
C ALA E 627 43.67 -35.58 62.02
N TRP E 628 44.62 -34.88 61.42
CA TRP E 628 45.45 -35.45 60.33
C TRP E 628 46.68 -36.07 60.98
N ASP E 629 46.46 -37.22 61.63
CA ASP E 629 47.46 -38.07 62.34
C ASP E 629 48.74 -38.16 61.48
N TRP E 630 48.58 -38.60 60.23
CA TRP E 630 49.68 -38.84 59.25
C TRP E 630 50.55 -37.58 59.06
N ALA E 631 50.13 -36.41 59.56
CA ALA E 631 50.88 -35.14 59.44
C ALA E 631 51.01 -34.44 60.80
N SER E 632 50.27 -34.86 61.83
CA SER E 632 50.51 -34.46 63.24
C SER E 632 51.90 -34.98 63.63
N THR E 633 52.85 -34.12 64.00
CA THR E 633 54.14 -34.54 64.61
C THR E 633 53.91 -34.96 66.08
N ALA E 634 53.09 -34.21 66.83
CA ALA E 634 52.58 -34.62 68.17
C ALA E 634 51.75 -35.91 68.05
N LYS E 635 51.92 -36.84 69.00
CA LYS E 635 51.28 -38.19 69.01
C LYS E 635 50.02 -38.13 69.87
N ASN E 636 49.91 -37.14 70.77
CA ASN E 636 48.70 -36.93 71.61
C ASN E 636 48.57 -35.45 72.00
N ASN E 637 47.47 -35.09 72.64
CA ASN E 637 47.05 -33.67 72.84
C ASN E 637 48.03 -32.99 73.78
N ASP E 638 48.39 -33.61 74.90
CA ASP E 638 49.13 -32.88 75.99
C ASP E 638 50.63 -32.80 75.64
N GLU E 639 51.06 -33.44 74.55
CA GLU E 639 52.43 -33.31 73.99
C GLU E 639 52.49 -32.14 72.99
N ALA E 640 51.34 -31.70 72.46
CA ALA E 640 51.23 -30.72 71.35
C ALA E 640 51.52 -29.31 71.85
N GLU E 641 52.41 -28.57 71.17
CA GLU E 641 52.75 -27.17 71.55
C GLU E 641 51.75 -26.21 70.88
N VAL E 642 51.34 -26.54 69.64
CA VAL E 642 50.36 -25.74 68.86
C VAL E 642 49.51 -26.67 67.97
N VAL E 643 48.23 -26.30 67.74
CA VAL E 643 47.31 -26.99 66.79
C VAL E 643 47.14 -26.09 65.55
N LEU E 644 47.42 -26.67 64.38
CA LEU E 644 47.23 -26.04 63.04
C LEU E 644 45.92 -26.56 62.47
N ALA E 645 44.94 -25.66 62.28
CA ALA E 645 43.61 -25.96 61.71
C ALA E 645 43.46 -25.24 60.37
N ALA E 646 42.95 -25.95 59.36
CA ALA E 646 42.56 -25.38 58.05
C ALA E 646 41.11 -25.77 57.71
N ALA E 647 40.38 -24.81 57.16
CA ALA E 647 39.19 -25.02 56.28
C ALA E 647 39.52 -24.44 54.91
N GLY E 648 39.58 -25.31 53.90
CA GLY E 648 39.53 -24.89 52.49
C GLY E 648 40.83 -25.10 51.76
N ASP E 649 40.73 -25.53 50.49
CA ASP E 649 41.80 -26.12 49.64
C ASP E 649 43.08 -25.27 49.70
N VAL E 650 42.99 -23.94 49.85
CA VAL E 650 44.16 -23.01 49.93
C VAL E 650 44.58 -22.84 51.40
N PRO E 651 43.69 -22.44 52.35
CA PRO E 651 44.05 -22.49 53.76
C PRO E 651 44.71 -23.83 54.15
N THR E 652 44.15 -24.96 53.73
CA THR E 652 44.71 -26.33 53.88
C THR E 652 46.14 -26.38 53.29
N GLN E 653 46.30 -25.96 52.03
CA GLN E 653 47.59 -25.97 51.30
C GLN E 653 48.65 -25.18 52.10
N GLU E 654 48.30 -24.06 52.73
CA GLU E 654 49.29 -23.11 53.35
C GLU E 654 49.52 -23.46 54.82
N ILE E 655 48.56 -24.13 55.46
CA ILE E 655 48.70 -24.71 56.82
C ILE E 655 49.60 -25.95 56.73
N MET E 656 49.48 -26.76 55.67
CA MET E 656 50.35 -27.95 55.40
C MET E 656 51.80 -27.53 55.10
N ALA E 657 52.02 -26.41 54.39
CA ALA E 657 53.34 -25.91 53.95
C ALA E 657 53.99 -25.05 55.05
N ALA E 658 53.22 -24.68 56.07
CA ALA E 658 53.75 -24.15 57.36
C ALA E 658 54.07 -25.32 58.30
N SER E 659 53.66 -26.55 57.96
CA SER E 659 53.86 -27.77 58.78
C SER E 659 55.19 -28.42 58.41
N ASP E 660 55.71 -28.16 57.22
CA ASP E 660 57.05 -28.65 56.79
C ASP E 660 58.09 -27.67 57.35
N LYS E 661 57.76 -26.38 57.43
CA LYS E 661 58.64 -25.33 58.01
C LYS E 661 58.82 -25.58 59.52
N LEU E 662 57.79 -26.12 60.20
CA LEU E 662 57.72 -26.31 61.68
C LEU E 662 58.27 -27.69 62.09
N LYS E 663 58.37 -28.63 61.14
CA LYS E 663 58.95 -30.00 61.33
C LYS E 663 60.48 -29.89 61.38
N GLU E 664 61.04 -29.06 60.50
CA GLU E 664 62.48 -28.71 60.41
C GLU E 664 62.94 -27.99 61.70
N LEU E 665 61.99 -27.43 62.48
CA LEU E 665 62.25 -26.79 63.81
C LEU E 665 61.78 -27.71 64.94
N GLY E 666 61.47 -28.97 64.56
CA GLY E 666 60.99 -30.08 65.42
C GLY E 666 59.93 -29.63 66.40
N VAL E 667 58.92 -28.89 65.94
CA VAL E 667 57.78 -28.50 66.82
C VAL E 667 56.80 -29.68 66.79
N LYS E 668 56.22 -30.00 67.95
CA LYS E 668 55.17 -31.04 68.10
C LYS E 668 53.84 -30.31 67.94
N PHE E 669 53.11 -30.63 66.87
CA PHE E 669 51.83 -29.98 66.47
C PHE E 669 50.83 -31.04 66.00
N LYS E 670 49.55 -30.79 66.30
CA LYS E 670 48.39 -31.53 65.73
C LYS E 670 47.96 -30.75 64.49
N VAL E 671 47.63 -31.44 63.41
CA VAL E 671 47.01 -30.82 62.20
C VAL E 671 45.55 -31.29 62.12
N VAL E 672 44.64 -30.31 62.06
CA VAL E 672 43.18 -30.54 61.92
C VAL E 672 42.75 -29.94 60.57
N ASN E 673 41.81 -30.62 59.92
CA ASN E 673 41.16 -30.17 58.65
C ASN E 673 39.65 -30.22 58.87
N VAL E 674 38.98 -29.07 58.74
CA VAL E 674 37.50 -28.94 58.87
C VAL E 674 36.93 -28.93 57.45
N ALA E 675 36.02 -29.87 57.16
CA ALA E 675 35.31 -30.04 55.85
C ALA E 675 33.87 -29.54 56.01
N ASP E 676 33.06 -30.18 56.87
CA ASP E 676 31.73 -29.67 57.31
C ASP E 676 31.96 -28.54 58.33
N LEU E 677 31.68 -27.30 57.95
CA LEU E 677 31.92 -26.11 58.82
C LEU E 677 30.99 -26.15 60.03
N LEU E 678 29.84 -26.82 59.89
CA LEU E 678 28.72 -26.76 60.87
C LEU E 678 28.97 -27.77 61.99
N SER E 679 29.90 -28.71 61.78
CA SER E 679 30.41 -29.66 62.80
C SER E 679 31.05 -28.87 63.96
N LEU E 680 31.56 -27.65 63.70
CA LEU E 680 32.20 -26.76 64.72
C LEU E 680 31.17 -25.99 65.55
N GLN E 681 29.88 -26.18 65.27
CA GLN E 681 28.79 -25.34 65.84
C GLN E 681 28.43 -25.84 67.24
N SER E 682 28.21 -24.90 68.17
CA SER E 682 27.78 -25.22 69.55
C SER E 682 26.82 -26.42 69.53
N ALA E 683 27.18 -27.49 70.25
CA ALA E 683 26.45 -28.78 70.32
C ALA E 683 25.11 -28.55 71.00
N LYS E 684 25.01 -27.43 71.72
CA LYS E 684 23.78 -26.81 72.28
C LYS E 684 22.73 -26.60 71.16
N GLU E 685 23.16 -26.05 70.01
CA GLU E 685 22.32 -25.57 68.89
C GLU E 685 22.19 -26.63 67.78
N ASN E 686 23.18 -27.51 67.65
CA ASN E 686 23.30 -28.43 66.49
C ASN E 686 23.50 -29.85 67.00
N ASP E 687 22.46 -30.69 66.96
CA ASP E 687 22.47 -32.08 67.47
C ASP E 687 23.31 -32.99 66.54
N GLU E 688 23.80 -32.49 65.41
CA GLU E 688 24.63 -33.23 64.43
C GLU E 688 26.09 -32.79 64.54
N ALA E 689 26.35 -31.66 65.20
CA ALA E 689 27.72 -31.16 65.43
C ALA E 689 28.50 -32.17 66.29
N LEU E 690 29.80 -31.91 66.43
CA LEU E 690 30.73 -32.57 67.40
C LEU E 690 30.28 -32.23 68.83
N THR E 691 30.28 -33.24 69.73
CA THR E 691 30.13 -33.05 71.19
C THR E 691 31.29 -32.16 71.65
N ASP E 692 31.20 -31.51 72.81
CA ASP E 692 32.32 -30.75 73.42
C ASP E 692 33.48 -31.70 73.77
N GLU E 693 33.18 -32.97 74.05
CA GLU E 693 34.18 -34.07 74.12
C GLU E 693 34.93 -34.10 72.76
N GLU E 694 34.24 -34.56 71.71
CA GLU E 694 34.79 -34.84 70.35
C GLU E 694 35.58 -33.62 69.84
N PHE E 695 35.09 -32.41 70.14
CA PHE E 695 35.74 -31.12 69.77
C PHE E 695 37.09 -31.04 70.50
N ALA E 696 37.07 -31.10 71.83
CA ALA E 696 38.23 -31.02 72.74
C ALA E 696 39.23 -32.13 72.38
N ASP E 697 38.70 -33.34 72.17
CA ASP E 697 39.44 -34.52 71.64
C ASP E 697 40.27 -34.11 70.42
N ILE E 698 39.64 -33.45 69.45
CA ILE E 698 40.22 -33.10 68.11
C ILE E 698 41.07 -31.83 68.16
N PHE E 699 40.59 -30.73 68.76
CA PHE E 699 41.29 -29.41 68.80
C PHE E 699 42.04 -29.20 70.12
N THR E 700 42.18 -30.22 70.98
CA THR E 700 42.75 -30.13 72.37
C THR E 700 41.91 -29.20 73.26
N ALA E 701 42.15 -29.24 74.58
CA ALA E 701 41.35 -28.54 75.61
C ALA E 701 42.05 -27.28 76.13
N ASP E 702 43.36 -27.11 75.87
CA ASP E 702 44.20 -26.05 76.51
C ASP E 702 45.34 -25.55 75.61
N LYS E 703 45.50 -26.06 74.38
CA LYS E 703 46.63 -25.68 73.47
C LYS E 703 46.20 -24.55 72.54
N PRO E 704 47.10 -23.57 72.25
CA PRO E 704 46.86 -22.59 71.19
C PRO E 704 46.59 -23.22 69.82
N VAL E 705 45.59 -22.70 69.12
CA VAL E 705 45.12 -23.22 67.80
C VAL E 705 45.27 -22.09 66.79
N LEU E 706 46.00 -22.35 65.71
CA LEU E 706 46.03 -21.47 64.51
C LEU E 706 45.05 -22.06 63.51
N PHE E 707 43.91 -21.37 63.31
CA PHE E 707 42.88 -21.70 62.29
C PHE E 707 43.07 -20.77 61.09
N ALA E 708 43.37 -21.37 59.93
CA ALA E 708 43.40 -20.72 58.59
C ALA E 708 42.08 -21.00 57.88
N TYR E 709 41.24 -19.97 57.77
CA TYR E 709 39.85 -20.08 57.25
C TYR E 709 39.78 -19.53 55.83
N HIS E 710 39.10 -20.25 54.94
CA HIS E 710 38.80 -19.81 53.55
C HIS E 710 38.20 -18.39 53.54
N SER E 711 37.09 -18.22 54.26
CA SER E 711 36.26 -16.99 54.22
C SER E 711 36.64 -16.09 55.40
N TYR E 712 35.73 -15.22 55.85
CA TYR E 712 35.99 -14.16 56.86
C TYR E 712 36.07 -14.81 58.23
N ALA E 713 37.07 -14.44 59.02
CA ALA E 713 37.42 -15.09 60.30
C ALA E 713 36.19 -15.01 61.21
N HIS E 714 35.54 -13.86 61.25
CA HIS E 714 34.33 -13.59 62.06
C HIS E 714 33.43 -14.86 62.07
N ASP E 715 33.41 -15.63 60.98
CA ASP E 715 32.54 -16.84 60.84
C ASP E 715 32.81 -17.83 61.97
N VAL E 716 34.06 -18.29 62.05
CA VAL E 716 34.53 -19.28 63.06
C VAL E 716 34.51 -18.65 64.47
N ARG E 717 35.03 -17.42 64.65
CA ARG E 717 35.04 -16.73 65.96
C ARG E 717 33.65 -16.76 66.60
N GLY E 718 32.56 -16.60 65.84
CA GLY E 718 31.17 -16.55 66.38
C GLY E 718 30.50 -17.91 66.51
N LEU E 719 30.98 -18.95 65.80
CA LEU E 719 30.42 -20.33 65.82
C LEU E 719 30.76 -21.05 67.14
N ILE E 720 31.98 -20.80 67.67
CA ILE E 720 32.62 -21.60 68.75
C ILE E 720 32.61 -20.85 70.10
N TYR E 721 31.81 -19.80 70.24
CA TYR E 721 31.76 -18.90 71.43
C TYR E 721 31.65 -19.73 72.73
N ASP E 722 31.10 -20.94 72.70
CA ASP E 722 30.87 -21.77 73.92
C ASP E 722 31.63 -23.10 73.81
N ARG E 723 32.43 -23.28 72.77
CA ARG E 723 33.31 -24.46 72.64
C ARG E 723 34.38 -24.43 73.73
N PRO E 724 34.86 -25.61 74.18
CA PRO E 724 36.09 -25.69 74.96
C PRO E 724 37.30 -25.15 74.18
N ASN E 725 38.08 -24.26 74.82
CA ASN E 725 39.43 -23.84 74.36
C ASN E 725 39.29 -22.60 73.48
N HIS E 726 38.05 -22.16 73.26
CA HIS E 726 37.67 -21.22 72.17
C HIS E 726 38.51 -19.94 72.24
N ASP E 727 38.95 -19.52 73.43
CA ASP E 727 39.79 -18.30 73.63
C ASP E 727 41.23 -18.52 73.11
N ASN E 728 41.62 -19.77 72.81
CA ASN E 728 43.01 -20.09 72.40
C ASN E 728 43.12 -20.17 70.88
N PHE E 729 42.00 -20.10 70.14
CA PHE E 729 41.96 -20.06 68.66
C PHE E 729 42.42 -18.67 68.22
N ASN E 730 43.53 -18.58 67.49
CA ASN E 730 43.92 -17.41 66.65
C ASN E 730 43.46 -17.73 65.23
N VAL E 731 42.43 -17.02 64.74
CA VAL E 731 41.77 -17.33 63.42
C VAL E 731 42.21 -16.30 62.37
N HIS E 732 42.71 -16.80 61.24
CA HIS E 732 43.06 -16.02 60.02
C HIS E 732 42.11 -16.45 58.90
N GLY E 733 41.60 -15.46 58.16
CA GLY E 733 40.86 -15.65 56.90
C GLY E 733 41.01 -14.42 56.03
N TYR E 734 40.20 -14.32 54.98
CA TYR E 734 40.15 -13.15 54.06
C TYR E 734 39.85 -11.90 54.92
N GLU E 735 40.57 -10.80 54.67
CA GLU E 735 40.56 -9.57 55.50
C GLU E 735 40.42 -8.32 54.61
N GLU E 736 39.82 -8.49 53.42
CA GLU E 736 39.47 -7.38 52.51
C GLU E 736 40.77 -6.77 51.99
N GLU E 737 41.71 -7.64 51.64
CA GLU E 737 43.06 -7.25 51.18
C GLU E 737 43.37 -8.07 49.93
N GLY E 738 43.78 -7.41 48.84
CA GLY E 738 44.04 -8.10 47.56
C GLY E 738 43.94 -7.15 46.40
N SER E 739 44.10 -7.69 45.19
CA SER E 739 44.24 -6.93 43.91
C SER E 739 44.54 -7.91 42.78
N THR E 740 44.87 -7.38 41.62
CA THR E 740 45.43 -8.15 40.49
C THR E 740 46.91 -8.36 40.80
N THR E 741 47.32 -9.60 41.06
CA THR E 741 48.67 -9.93 41.59
C THR E 741 48.95 -11.42 41.35
N THR E 742 49.67 -12.08 42.25
CA THR E 742 50.03 -13.51 42.09
C THR E 742 49.41 -14.30 43.22
N PRO E 743 49.27 -15.64 43.05
CA PRO E 743 48.67 -16.49 44.08
C PRO E 743 49.22 -16.27 45.51
N TYR E 744 50.54 -16.10 45.62
CA TYR E 744 51.25 -15.86 46.90
C TYR E 744 50.80 -14.50 47.45
N ASP E 745 50.81 -13.45 46.63
CA ASP E 745 50.55 -12.07 47.11
C ASP E 745 49.15 -12.02 47.72
N MET E 746 48.26 -12.91 47.24
CA MET E 746 46.84 -12.99 47.67
C MET E 746 46.77 -13.57 49.09
N VAL E 747 47.45 -14.69 49.33
CA VAL E 747 47.51 -15.33 50.67
C VAL E 747 48.39 -14.42 51.54
N ARG E 748 49.50 -13.89 50.99
CA ARG E 748 50.40 -13.00 51.76
C ARG E 748 49.56 -11.90 52.38
N VAL E 749 49.02 -11.00 51.57
CA VAL E 749 48.50 -9.68 52.00
C VAL E 749 47.31 -9.87 52.96
N ASN E 750 46.75 -11.09 53.06
CA ASN E 750 45.70 -11.48 54.05
C ASN E 750 46.29 -12.34 55.19
N ARG E 751 47.60 -12.26 55.45
CA ARG E 751 48.24 -12.87 56.65
C ARG E 751 47.78 -14.32 56.79
N ILE E 752 47.96 -15.11 55.74
CA ILE E 752 47.59 -16.56 55.70
C ILE E 752 48.52 -17.31 54.73
N ASP E 753 49.59 -16.66 54.27
CA ASP E 753 50.72 -17.33 53.56
C ASP E 753 51.40 -18.30 54.50
N ARG E 754 51.85 -19.45 54.00
CA ARG E 754 52.60 -20.48 54.77
C ARG E 754 53.62 -19.79 55.69
N TYR E 755 54.31 -18.76 55.22
CA TYR E 755 55.34 -18.00 56.00
C TYR E 755 54.66 -17.43 57.26
N GLU E 756 53.67 -16.54 57.14
CA GLU E 756 53.05 -15.86 58.30
C GLU E 756 52.37 -16.85 59.25
N LEU E 757 51.89 -17.98 58.73
CA LEU E 757 51.27 -19.07 59.54
C LEU E 757 52.37 -19.69 60.40
N THR E 758 53.50 -20.06 59.79
CA THR E 758 54.69 -20.61 60.48
C THR E 758 55.05 -19.64 61.61
N ALA E 759 55.39 -18.40 61.26
CA ALA E 759 55.73 -17.31 62.21
C ALA E 759 54.63 -17.08 63.26
N GLU E 760 53.37 -17.47 63.00
CA GLU E 760 52.24 -17.18 63.94
C GLU E 760 52.19 -18.31 64.98
N ALA E 761 52.27 -19.55 64.54
CA ALA E 761 52.45 -20.73 65.41
C ALA E 761 53.53 -20.44 66.45
N LEU E 762 54.63 -19.84 66.01
CA LEU E 762 55.83 -19.62 66.86
C LEU E 762 55.54 -18.51 67.88
N ARG E 763 54.86 -17.43 67.47
CA ARG E 763 54.46 -16.29 68.35
C ARG E 763 53.57 -16.79 69.50
N MET E 764 52.84 -17.89 69.27
CA MET E 764 51.86 -18.48 70.20
C MET E 764 52.54 -19.50 71.12
N ILE E 765 53.58 -20.20 70.65
CA ILE E 765 54.40 -21.10 71.50
C ILE E 765 55.29 -20.23 72.39
N ASP E 766 56.27 -19.53 71.81
CA ASP E 766 57.23 -18.65 72.55
C ASP E 766 57.71 -17.52 71.62
N ALA E 767 57.31 -16.28 71.92
CA ALA E 767 57.65 -15.05 71.15
C ALA E 767 59.13 -14.72 71.26
N ASP E 768 59.81 -15.22 72.31
CA ASP E 768 61.25 -14.94 72.62
C ASP E 768 62.12 -16.07 72.04
N LYS E 769 61.85 -17.33 72.40
CA LYS E 769 62.63 -18.53 71.98
C LYS E 769 62.73 -18.58 70.45
N TYR E 770 61.83 -17.88 69.74
CA TYR E 770 61.75 -17.94 68.26
C TYR E 770 61.89 -16.54 67.64
N ALA E 771 62.01 -15.45 68.43
CA ALA E 771 62.06 -14.04 67.95
C ALA E 771 62.96 -13.92 66.71
N ASP E 772 63.89 -14.86 66.54
CA ASP E 772 64.86 -14.92 65.42
C ASP E 772 64.16 -15.49 64.18
N LYS E 773 63.65 -16.74 64.26
CA LYS E 773 62.98 -17.47 63.13
C LYS E 773 61.74 -16.71 62.68
N ILE E 774 61.05 -16.05 63.62
CA ILE E 774 59.89 -15.14 63.34
C ILE E 774 60.35 -14.07 62.36
N ASP E 775 61.36 -13.28 62.76
CA ASP E 775 61.81 -12.04 62.09
C ASP E 775 62.49 -12.35 60.74
N GLU E 776 63.01 -13.56 60.58
CA GLU E 776 63.60 -14.10 59.31
C GLU E 776 62.48 -14.34 58.30
N LEU E 777 61.36 -14.93 58.74
CA LEU E 777 60.17 -15.29 57.91
C LEU E 777 59.40 -14.03 57.50
N GLU E 778 59.28 -13.05 58.39
CA GLU E 778 58.74 -11.69 58.09
C GLU E 778 59.61 -11.05 57.01
N LYS E 779 60.93 -11.13 57.17
CA LYS E 779 61.91 -10.54 56.23
C LYS E 779 61.74 -11.22 54.86
N PHE E 780 61.43 -12.52 54.87
CA PHE E 780 61.35 -13.37 53.65
C PHE E 780 60.03 -13.13 52.91
N ARG E 781 59.00 -12.58 53.56
CA ARG E 781 57.68 -12.27 52.94
C ARG E 781 57.83 -11.05 52.01
N ASP E 782 58.40 -9.95 52.52
CA ASP E 782 58.80 -8.76 51.72
C ASP E 782 59.70 -9.21 50.57
N GLU E 783 60.46 -10.29 50.76
CA GLU E 783 61.43 -10.78 49.75
C GLU E 783 60.64 -11.48 48.63
N ALA E 784 59.71 -12.37 48.98
CA ALA E 784 59.00 -13.26 48.03
C ALA E 784 57.97 -12.47 47.21
N PHE E 785 57.63 -11.26 47.67
CA PHE E 785 56.72 -10.30 47.00
C PHE E 785 57.52 -9.46 46.00
N GLN E 786 58.62 -8.84 46.46
CA GLN E 786 59.55 -8.03 45.63
C GLN E 786 60.11 -8.93 44.52
N PHE E 787 60.24 -10.24 44.74
CA PHE E 787 60.56 -11.19 43.64
C PHE E 787 59.48 -11.02 42.57
N ALA E 788 58.22 -11.22 42.97
CA ALA E 788 57.02 -11.24 42.09
C ALA E 788 56.90 -9.93 41.30
N VAL E 789 57.09 -8.77 41.96
CA VAL E 789 57.19 -7.41 41.33
C VAL E 789 58.23 -7.44 40.20
N ASP E 790 59.45 -7.89 40.49
CA ASP E 790 60.63 -7.85 39.58
C ASP E 790 60.44 -8.85 38.43
N ASN E 791 60.00 -10.08 38.70
CA ASN E 791 60.01 -11.20 37.73
C ASN E 791 58.60 -11.48 37.17
N GLY E 792 57.53 -10.99 37.80
CA GLY E 792 56.14 -11.14 37.32
C GLY E 792 55.59 -12.54 37.50
N TYR E 793 56.27 -13.38 38.27
CA TYR E 793 55.76 -14.69 38.73
C TYR E 793 56.19 -14.88 40.19
N ASP E 794 56.04 -16.10 40.73
CA ASP E 794 56.19 -16.33 42.19
C ASP E 794 57.50 -17.06 42.51
N HIS E 795 58.06 -16.65 43.65
CA HIS E 795 59.33 -17.14 44.23
C HIS E 795 59.30 -18.66 44.25
N PRO E 796 60.33 -19.36 43.68
CA PRO E 796 60.23 -20.80 43.49
C PRO E 796 60.06 -21.57 44.80
N ASP E 797 60.40 -20.97 45.95
CA ASP E 797 60.06 -21.53 47.29
C ASP E 797 58.55 -21.80 47.33
N TYR E 798 57.74 -20.78 47.02
CA TYR E 798 56.24 -20.83 47.06
C TYR E 798 55.71 -21.83 46.01
N THR E 799 56.03 -21.63 44.72
CA THR E 799 55.40 -22.34 43.59
C THR E 799 55.84 -23.80 43.55
N ASP E 800 57.13 -24.08 43.78
CA ASP E 800 57.76 -25.41 43.56
C ASP E 800 57.58 -26.32 44.78
N TRP E 801 57.38 -25.77 46.00
CA TRP E 801 57.17 -26.49 47.29
C TRP E 801 56.22 -27.69 47.13
N VAL E 802 56.52 -28.80 47.82
CA VAL E 802 55.73 -30.06 47.82
C VAL E 802 55.82 -30.65 49.24
N TYR E 803 54.80 -31.38 49.70
CA TYR E 803 54.71 -31.89 51.10
C TYR E 803 55.74 -33.03 51.29
N SER E 804 56.29 -33.14 52.50
CA SER E 804 57.16 -34.28 52.94
C SER E 804 56.56 -35.60 52.43
N GLY E 805 55.43 -36.01 53.01
CA GLY E 805 54.75 -37.30 52.79
C GLY E 805 54.65 -37.70 51.33
N VAL E 806 55.06 -36.83 50.39
CA VAL E 806 55.06 -37.08 48.93
C VAL E 806 56.28 -37.95 48.59
N ASN E 807 56.02 -39.20 48.21
CA ASN E 807 57.00 -40.26 47.84
C ASN E 807 57.55 -39.96 46.44
N THR E 808 58.34 -38.88 46.28
CA THR E 808 58.87 -38.40 44.96
C THR E 808 59.61 -39.56 44.26
N ASP E 809 58.89 -40.33 43.42
CA ASP E 809 59.38 -41.57 42.74
C ASP E 809 59.78 -41.25 41.29
N THR F 2 25.70 21.87 43.48
CA THR F 2 24.94 21.30 42.34
C THR F 2 25.95 20.87 41.26
N SER F 3 25.51 20.18 40.22
CA SER F 3 26.45 19.68 39.17
C SER F 3 26.78 20.86 38.25
N PRO F 4 28.08 21.06 37.89
CA PRO F 4 28.45 22.21 37.08
C PRO F 4 28.20 22.03 35.58
N VAL F 5 27.98 23.16 34.90
CA VAL F 5 27.80 23.26 33.44
C VAL F 5 29.18 23.41 32.81
N ILE F 6 29.60 22.41 32.05
CA ILE F 6 30.94 22.26 31.46
C ILE F 6 30.81 22.31 29.93
N GLY F 7 31.58 23.18 29.29
CA GLY F 7 31.66 23.25 27.83
C GLY F 7 30.41 23.86 27.24
N THR F 8 30.18 23.59 25.96
CA THR F 8 29.04 24.01 25.12
C THR F 8 28.12 22.81 24.89
N PRO F 9 27.14 22.55 25.78
CA PRO F 9 26.42 21.28 25.76
C PRO F 9 25.38 21.28 24.62
N TRP F 10 25.06 20.09 24.10
CA TRP F 10 23.94 19.84 23.16
C TRP F 10 24.11 20.68 21.88
N LYS F 11 25.34 20.82 21.39
CA LYS F 11 25.71 21.59 20.16
C LYS F 11 25.74 20.68 18.92
N LYS F 12 25.07 21.10 17.86
CA LYS F 12 25.17 20.43 16.53
C LYS F 12 26.48 20.87 15.89
N LEU F 13 27.06 19.97 15.09
CA LEU F 13 28.32 20.22 14.38
C LEU F 13 28.07 21.15 13.19
N ASN F 14 27.04 20.88 12.38
CA ASN F 14 26.63 21.81 11.29
C ASN F 14 27.60 21.71 10.09
N ALA F 15 28.31 20.59 9.93
CA ALA F 15 29.25 20.33 8.84
C ALA F 15 29.63 18.85 8.90
N PRO F 16 30.16 18.28 7.80
CA PRO F 16 30.71 16.93 7.87
C PRO F 16 31.96 16.97 8.77
N VAL F 17 32.19 15.84 9.43
CA VAL F 17 33.42 15.59 10.22
C VAL F 17 34.58 15.76 9.22
N SER F 18 35.65 16.46 9.57
CA SER F 18 36.82 16.68 8.67
C SER F 18 37.49 15.33 8.42
N GLU F 19 38.19 15.18 7.28
CA GLU F 19 38.97 13.95 6.95
C GLU F 19 40.14 13.83 7.95
N GLU F 20 40.69 14.99 8.33
CA GLU F 20 41.78 15.17 9.31
C GLU F 20 41.35 14.56 10.65
N ALA F 21 40.13 14.86 11.12
CA ALA F 21 39.60 14.39 12.42
C ALA F 21 39.53 12.86 12.40
N LEU F 22 39.02 12.28 11.31
CA LEU F 22 38.82 10.82 11.14
C LEU F 22 40.16 10.12 10.93
N GLU F 23 41.15 10.79 10.34
CA GLU F 23 42.53 10.22 10.27
C GLU F 23 43.00 10.05 11.73
N GLY F 24 42.92 11.15 12.50
CA GLY F 24 43.15 11.17 13.96
C GLY F 24 42.52 9.99 14.65
N VAL F 25 41.23 9.77 14.46
CA VAL F 25 40.53 8.67 15.19
C VAL F 25 41.17 7.32 14.85
N ASP F 26 41.47 7.02 13.58
CA ASP F 26 42.04 5.69 13.18
C ASP F 26 43.42 5.51 13.82
N LYS F 27 44.24 6.55 13.85
CA LYS F 27 45.51 6.56 14.61
C LYS F 27 45.21 6.24 16.08
N TYR F 28 44.35 7.04 16.73
CA TYR F 28 43.89 6.76 18.11
C TYR F 28 43.54 5.27 18.25
N TRP F 29 42.67 4.76 17.37
CA TRP F 29 42.20 3.35 17.43
C TRP F 29 43.40 2.42 17.41
N ARG F 30 44.26 2.59 16.41
CA ARG F 30 45.48 1.78 16.18
C ARG F 30 46.37 1.83 17.43
N VAL F 31 46.73 3.03 17.90
CA VAL F 31 47.66 3.19 19.06
C VAL F 31 47.03 2.59 20.32
N ALA F 32 45.70 2.73 20.52
CA ALA F 32 45.02 2.28 21.75
C ALA F 32 44.92 0.75 21.70
N ASN F 33 44.65 0.16 20.54
CA ASN F 33 44.79 -1.31 20.31
C ASN F 33 46.24 -1.74 20.61
N TYR F 34 47.23 -0.93 20.19
CA TYR F 34 48.67 -1.21 20.42
C TYR F 34 48.91 -1.16 21.93
N LEU F 35 48.59 -0.05 22.60
CA LEU F 35 48.74 0.11 24.09
C LEU F 35 47.98 -1.00 24.86
N SER F 36 46.85 -1.47 24.36
CA SER F 36 46.03 -2.48 25.05
C SER F 36 46.72 -3.86 24.97
N ILE F 37 47.20 -4.29 23.81
CA ILE F 37 47.91 -5.60 23.65
C ILE F 37 49.23 -5.55 24.44
N GLY F 38 49.92 -4.41 24.36
CA GLY F 38 51.09 -4.11 25.20
C GLY F 38 50.85 -4.39 26.68
N GLN F 39 49.75 -3.88 27.25
CA GLN F 39 49.48 -4.01 28.70
C GLN F 39 49.32 -5.49 29.01
N ILE F 40 48.77 -6.26 28.07
CA ILE F 40 48.35 -7.67 28.36
C ILE F 40 49.57 -8.57 28.29
N TYR F 41 50.45 -8.30 27.32
CA TYR F 41 51.49 -9.26 26.82
C TYR F 41 52.92 -8.82 27.16
N LEU F 42 53.24 -7.53 27.30
CA LEU F 42 54.63 -7.02 27.30
C LEU F 42 55.02 -6.46 28.67
N ARG F 43 56.01 -7.10 29.33
CA ARG F 43 56.70 -6.64 30.57
C ARG F 43 57.81 -5.64 30.24
N SER F 44 58.35 -5.69 29.01
CA SER F 44 59.45 -4.78 28.58
C SER F 44 59.50 -4.65 27.05
N ASN F 45 60.23 -3.63 26.58
CA ASN F 45 60.50 -3.34 25.15
C ASN F 45 59.16 -3.02 24.49
N PRO F 46 58.51 -1.90 24.89
CA PRO F 46 57.22 -1.52 24.32
C PRO F 46 57.25 -1.35 22.80
N LEU F 47 58.24 -0.65 22.23
CA LEU F 47 58.23 -0.24 20.79
C LEU F 47 58.85 -1.33 19.90
N MET F 48 59.11 -2.52 20.44
CA MET F 48 59.62 -3.71 19.69
C MET F 48 60.96 -3.40 19.00
N LYS F 49 61.82 -2.60 19.63
CA LYS F 49 63.19 -2.30 19.14
C LYS F 49 64.00 -3.59 19.15
N GLU F 50 64.65 -3.92 18.03
CA GLU F 50 65.52 -5.13 17.87
C GLU F 50 66.59 -5.11 18.97
N PRO F 51 66.79 -6.20 19.76
CA PRO F 51 66.02 -7.44 19.64
C PRO F 51 64.68 -7.41 20.40
N PHE F 52 63.62 -7.89 19.73
CA PHE F 52 62.28 -8.15 20.30
C PHE F 52 62.11 -9.67 20.39
N THR F 53 62.20 -10.24 21.60
CA THR F 53 62.21 -11.71 21.82
C THR F 53 61.13 -12.10 22.82
N ARG F 54 61.06 -13.41 23.07
CA ARG F 54 60.07 -14.03 23.98
C ARG F 54 60.26 -13.53 25.42
N GLU F 55 61.33 -12.79 25.71
CA GLU F 55 61.69 -12.41 27.11
C GLU F 55 61.12 -11.02 27.39
N ASP F 56 60.57 -10.38 26.35
CA ASP F 56 59.90 -9.06 26.46
C ASP F 56 58.43 -9.26 26.84
N VAL F 57 57.91 -10.49 26.73
CA VAL F 57 56.51 -10.90 27.05
C VAL F 57 56.35 -11.09 28.56
N LYS F 58 55.11 -11.11 29.05
CA LYS F 58 54.77 -11.46 30.46
C LYS F 58 54.62 -12.98 30.61
N HIS F 59 55.01 -13.51 31.78
CA HIS F 59 54.92 -14.95 32.10
C HIS F 59 53.45 -15.35 32.18
N ARG F 60 52.72 -14.72 33.11
CA ARG F 60 51.25 -14.86 33.34
C ARG F 60 50.54 -13.84 32.43
N LEU F 61 49.65 -14.30 31.55
CA LEU F 61 48.83 -13.43 30.68
C LEU F 61 47.51 -13.07 31.39
N VAL F 62 47.33 -11.80 31.75
CA VAL F 62 46.19 -11.37 32.62
C VAL F 62 45.60 -10.10 32.02
N GLY F 63 44.28 -10.10 31.79
CA GLY F 63 43.57 -9.00 31.11
C GLY F 63 42.69 -9.53 29.98
N HIS F 64 41.80 -8.69 29.45
CA HIS F 64 40.79 -9.13 28.45
C HIS F 64 40.95 -8.33 27.16
N TRP F 65 40.94 -9.06 26.03
CA TRP F 65 41.12 -8.50 24.68
C TRP F 65 39.75 -8.33 24.01
N GLY F 66 39.00 -9.43 23.87
CA GLY F 66 37.76 -9.54 23.08
C GLY F 66 36.95 -8.25 23.00
N THR F 67 36.74 -7.58 24.15
CA THR F 67 35.86 -6.40 24.21
C THR F 67 36.63 -5.12 23.84
N THR F 68 37.94 -5.08 24.11
CA THR F 68 38.82 -3.87 24.09
C THR F 68 38.90 -3.20 22.70
N PRO F 69 39.17 -3.89 21.57
CA PRO F 69 39.30 -3.19 20.30
C PRO F 69 38.01 -2.41 20.02
N GLY F 70 36.85 -3.06 20.25
CA GLY F 70 35.52 -2.46 20.09
C GLY F 70 35.35 -1.23 20.97
N LEU F 71 35.79 -1.33 22.23
CA LEU F 71 35.74 -0.18 23.18
C LEU F 71 36.65 0.91 22.62
N ASN F 72 37.79 0.53 22.06
CA ASN F 72 38.82 1.51 21.64
C ASN F 72 38.28 2.33 20.47
N PHE F 73 37.73 1.63 19.48
CA PHE F 73 36.99 2.24 18.35
C PHE F 73 36.05 3.32 18.92
N LEU F 74 35.20 2.94 19.90
CA LEU F 74 34.11 3.81 20.42
C LEU F 74 34.69 5.01 21.15
N ILE F 75 35.63 4.75 22.04
CA ILE F 75 36.23 5.81 22.90
C ILE F 75 36.95 6.82 21.98
N GLY F 76 37.59 6.32 20.94
CA GLY F 76 38.29 7.18 19.96
C GLY F 76 37.31 8.16 19.34
N HIS F 77 36.24 7.61 18.77
CA HIS F 77 35.17 8.39 18.08
C HIS F 77 34.48 9.33 19.07
N ILE F 78 34.42 8.97 20.35
CA ILE F 78 33.79 9.80 21.41
C ILE F 78 34.70 10.99 21.68
N ASN F 79 36.01 10.78 21.64
CA ASN F 79 37.01 11.84 21.94
C ASN F 79 36.92 12.89 20.82
N ARG F 80 36.83 12.43 19.57
CA ARG F 80 36.62 13.27 18.38
C ARG F 80 35.36 14.11 18.59
N PHE F 81 34.28 13.45 19.00
CA PHE F 81 32.98 14.07 19.30
C PHE F 81 33.12 15.15 20.40
N ILE F 82 33.76 14.83 21.52
CA ILE F 82 33.90 15.74 22.69
C ILE F 82 34.63 17.01 22.24
N ALA F 83 35.70 16.85 21.47
CA ALA F 83 36.60 17.94 20.99
C ALA F 83 35.87 18.83 19.97
N ASP F 84 35.12 18.23 19.04
CA ASP F 84 34.39 18.98 17.97
C ASP F 84 33.22 19.78 18.54
N HIS F 85 32.59 19.29 19.59
CA HIS F 85 31.28 19.73 20.12
C HIS F 85 31.43 20.47 21.47
N GLY F 86 32.41 20.10 22.32
CA GLY F 86 32.60 20.72 23.64
C GLY F 86 31.62 20.13 24.63
N GLN F 87 31.33 18.83 24.50
CA GLN F 87 30.23 18.17 25.23
C GLN F 87 30.77 17.57 26.52
N ASN F 88 30.20 18.04 27.64
CA ASN F 88 30.31 17.42 28.97
C ASN F 88 30.02 15.91 28.81
N THR F 89 31.04 15.07 29.00
CA THR F 89 30.96 13.62 28.69
C THR F 89 31.68 12.77 29.76
N VAL F 90 30.91 11.81 30.27
CA VAL F 90 31.35 10.68 31.14
C VAL F 90 31.01 9.39 30.42
N ILE F 91 31.92 8.44 30.33
CA ILE F 91 31.60 7.10 29.75
C ILE F 91 31.31 6.15 30.92
N ILE F 92 30.45 5.16 30.69
CA ILE F 92 30.33 3.98 31.58
C ILE F 92 30.81 2.77 30.80
N MET F 93 31.91 2.16 31.25
CA MET F 93 32.44 0.93 30.64
C MET F 93 31.70 -0.24 31.25
N GLY F 94 30.59 -0.63 30.64
CA GLY F 94 29.82 -1.82 31.02
C GLY F 94 30.74 -3.02 31.16
N PRO F 95 31.48 -3.37 30.10
CA PRO F 95 32.43 -4.47 30.14
C PRO F 95 33.69 -3.84 30.73
N GLY F 96 33.66 -3.64 32.06
CA GLY F 96 34.77 -3.12 32.88
C GLY F 96 36.01 -3.98 32.78
N HIS F 97 35.88 -5.24 32.34
CA HIS F 97 37.02 -6.15 32.06
C HIS F 97 37.83 -5.66 30.84
N GLY F 98 37.34 -4.65 30.13
CA GLY F 98 38.09 -3.92 29.08
C GLY F 98 38.93 -2.81 29.68
N GLY F 99 39.45 -3.02 30.89
CA GLY F 99 40.36 -2.10 31.62
C GLY F 99 41.40 -1.47 30.71
N PRO F 100 42.12 -2.25 29.87
CA PRO F 100 43.16 -1.70 28.98
C PRO F 100 42.73 -0.47 28.18
N ALA F 101 41.46 -0.48 27.74
CA ALA F 101 40.86 0.59 26.92
C ALA F 101 40.79 1.88 27.73
N GLY F 102 40.42 1.80 29.00
CA GLY F 102 40.24 2.99 29.87
C GLY F 102 41.56 3.58 30.35
N THR F 103 42.54 2.71 30.62
CA THR F 103 43.92 3.13 30.92
C THR F 103 44.54 3.72 29.65
N SER F 104 44.42 3.01 28.51
CA SER F 104 44.94 3.49 27.21
C SER F 104 44.43 4.92 26.99
N GLN F 105 43.14 5.15 27.23
CA GLN F 105 42.46 6.45 27.03
C GLN F 105 43.17 7.52 27.85
N SER F 106 43.40 7.21 29.12
CA SER F 106 43.90 8.18 30.14
C SER F 106 45.34 8.58 29.82
N TYR F 107 46.15 7.63 29.34
CA TYR F 107 47.55 7.84 28.89
C TYR F 107 47.54 8.84 27.71
N LEU F 108 46.75 8.54 26.68
CA LEU F 108 46.62 9.32 25.43
C LEU F 108 46.06 10.72 25.68
N ASP F 109 45.09 10.89 26.58
CA ASP F 109 44.47 12.22 26.83
C ASP F 109 45.38 13.00 27.80
N GLY F 110 46.38 12.32 28.38
CA GLY F 110 47.41 12.93 29.22
C GLY F 110 47.01 13.10 30.68
N THR F 111 45.88 12.54 31.12
CA THR F 111 45.47 12.54 32.55
C THR F 111 46.24 11.46 33.31
N TYR F 112 46.77 10.43 32.63
CA TYR F 112 47.52 9.35 33.33
C TYR F 112 48.83 9.94 33.87
N THR F 113 49.50 10.77 33.08
CA THR F 113 50.83 11.36 33.40
C THR F 113 50.62 12.52 34.38
N GLU F 114 49.47 13.16 34.36
CA GLU F 114 49.16 14.28 35.29
C GLU F 114 48.89 13.73 36.70
N THR F 115 48.49 12.46 36.82
CA THR F 115 48.11 11.76 38.08
C THR F 115 49.25 10.85 38.58
N PHE F 116 49.99 10.25 37.65
CA PHE F 116 51.18 9.38 37.89
C PHE F 116 52.39 9.94 37.15
N PRO F 117 53.05 11.00 37.65
CA PRO F 117 54.10 11.69 36.88
C PRO F 117 55.24 10.72 36.53
N LYS F 118 55.35 9.63 37.29
CA LYS F 118 56.29 8.51 37.04
C LYS F 118 56.00 7.88 35.68
N ILE F 119 54.73 7.80 35.25
CA ILE F 119 54.36 7.20 33.94
C ILE F 119 54.38 8.32 32.90
N THR F 120 55.52 8.47 32.21
CA THR F 120 55.89 9.63 31.35
C THR F 120 55.51 9.30 29.91
N LYS F 121 55.58 10.28 29.01
CA LYS F 121 55.18 10.13 27.58
C LYS F 121 56.42 9.89 26.72
N ASP F 122 56.98 8.68 26.81
CA ASP F 122 58.27 8.26 26.17
C ASP F 122 58.42 6.73 26.30
N GLU F 123 59.41 6.14 25.63
CA GLU F 123 59.66 4.66 25.66
C GLU F 123 59.76 4.19 27.12
N ALA F 124 60.37 4.97 28.00
CA ALA F 124 60.60 4.62 29.42
C ALA F 124 59.25 4.44 30.12
N GLY F 125 58.35 5.42 29.93
CA GLY F 125 56.96 5.46 30.45
C GLY F 125 56.09 4.36 29.87
N LEU F 126 56.14 4.11 28.55
CA LEU F 126 55.42 2.99 27.90
C LEU F 126 55.75 1.67 28.60
N GLN F 127 57.02 1.47 28.96
CA GLN F 127 57.59 0.23 29.55
C GLN F 127 56.99 0.02 30.96
N LYS F 128 56.94 1.08 31.76
CA LYS F 128 56.29 1.05 33.09
C LYS F 128 54.77 0.79 32.91
N PHE F 129 54.18 1.43 31.91
CA PHE F 129 52.73 1.41 31.63
C PHE F 129 52.30 0.02 31.17
N PHE F 130 53.03 -0.61 30.27
CA PHE F 130 52.74 -2.01 29.83
C PHE F 130 52.96 -2.97 31.00
N ARG F 131 54.01 -2.76 31.79
CA ARG F 131 54.33 -3.66 32.91
C ARG F 131 53.23 -3.56 33.98
N GLN F 132 52.97 -2.34 34.48
CA GLN F 132 52.20 -2.08 35.73
C GLN F 132 50.80 -2.71 35.65
N PHE F 133 50.24 -2.81 34.44
CA PHE F 133 48.84 -3.29 34.20
C PHE F 133 48.67 -4.70 34.74
N SER F 134 47.77 -4.89 35.72
CA SER F 134 47.30 -6.22 36.22
C SER F 134 48.52 -7.06 36.60
N TYR F 135 49.31 -6.55 37.53
CA TYR F 135 50.69 -7.00 37.80
C TYR F 135 51.04 -6.56 39.21
N PRO F 136 51.72 -7.44 39.99
CA PRO F 136 52.01 -7.19 41.40
C PRO F 136 52.50 -5.76 41.68
N GLY F 137 51.96 -5.12 42.72
CA GLY F 137 52.33 -3.75 43.14
C GLY F 137 52.06 -2.76 42.03
N GLY F 138 51.07 -3.07 41.19
CA GLY F 138 50.63 -2.28 40.04
C GLY F 138 49.16 -1.87 40.15
N ILE F 139 48.42 -1.98 39.04
CA ILE F 139 47.05 -1.44 38.85
C ILE F 139 46.15 -2.56 38.36
N PRO F 140 44.82 -2.49 38.64
CA PRO F 140 43.92 -3.59 38.30
C PRO F 140 43.64 -3.85 36.81
N SER F 141 43.10 -5.06 36.54
CA SER F 141 42.69 -5.64 35.23
C SER F 141 41.43 -4.95 34.69
N HIS F 142 40.61 -4.40 35.58
CA HIS F 142 39.30 -3.76 35.26
C HIS F 142 39.48 -2.23 35.24
N PHE F 143 38.43 -1.50 34.89
CA PHE F 143 38.44 -0.02 34.79
C PHE F 143 38.23 0.52 36.20
N ALA F 144 39.13 0.13 37.11
CA ALA F 144 39.04 0.31 38.58
C ALA F 144 39.05 1.79 38.92
N PRO F 145 38.75 2.18 40.18
CA PRO F 145 38.77 3.59 40.57
C PRO F 145 40.13 4.29 40.46
N GLU F 146 41.21 3.49 40.39
CA GLU F 146 42.61 3.97 40.23
C GLU F 146 42.79 4.64 38.86
N THR F 147 41.79 4.53 37.97
CA THR F 147 41.82 5.01 36.56
C THR F 147 41.04 6.31 36.42
N PRO F 148 41.63 7.44 35.96
CA PRO F 148 40.85 8.66 35.76
C PRO F 148 39.85 8.43 34.62
N GLY F 149 38.60 8.87 34.83
CA GLY F 149 37.47 8.74 33.89
C GLY F 149 36.45 7.69 34.32
N SER F 150 36.81 6.84 35.29
CA SER F 150 35.97 5.73 35.80
C SER F 150 35.17 6.21 37.03
N ILE F 151 33.85 5.98 37.01
CA ILE F 151 32.96 5.91 38.20
C ILE F 151 32.24 4.56 38.22
N HIS F 152 32.77 3.59 37.47
CA HIS F 152 32.15 2.26 37.24
C HIS F 152 33.25 1.26 36.90
N GLU F 153 33.61 0.37 37.84
CA GLU F 153 34.60 -0.72 37.62
C GLU F 153 34.07 -1.70 36.57
N GLY F 154 32.79 -2.03 36.66
CA GLY F 154 32.17 -3.07 35.80
C GLY F 154 32.87 -4.40 36.00
N GLY F 155 33.32 -4.67 37.22
CA GLY F 155 33.78 -6.00 37.66
C GLY F 155 32.58 -6.92 37.78
N GLU F 156 31.68 -6.57 38.69
CA GLU F 156 30.37 -7.26 38.82
C GLU F 156 29.43 -6.63 37.79
N LEU F 157 29.19 -7.39 36.72
CA LEU F 157 28.37 -6.94 35.57
C LEU F 157 26.92 -6.71 36.00
N GLY F 158 26.29 -5.68 35.43
CA GLY F 158 24.83 -5.50 35.43
C GLY F 158 24.39 -4.12 35.85
N TYR F 159 25.29 -3.27 36.35
CA TYR F 159 24.91 -1.96 36.98
C TYR F 159 25.25 -0.83 36.01
N ALA F 160 25.51 -1.13 34.72
CA ALA F 160 26.01 -0.12 33.75
C ALA F 160 24.96 0.99 33.59
N LEU F 161 23.70 0.59 33.42
CA LEU F 161 22.61 1.53 33.08
C LEU F 161 22.13 2.29 34.32
N SER F 162 22.06 1.62 35.47
CA SER F 162 21.63 2.24 36.75
C SER F 162 22.63 3.36 37.07
N HIS F 163 23.92 3.06 36.89
CA HIS F 163 24.99 4.07 37.10
C HIS F 163 24.86 5.19 36.07
N ALA F 164 24.62 4.88 34.81
CA ALA F 164 24.53 5.92 33.76
C ALA F 164 23.41 6.88 34.15
N TYR F 165 22.27 6.33 34.53
CA TYR F 165 21.02 7.10 34.74
C TYR F 165 21.10 7.86 36.07
N GLY F 166 21.77 7.30 37.07
CA GLY F 166 22.05 8.06 38.30
C GLY F 166 22.89 9.29 37.98
N ALA F 167 23.94 9.11 37.17
CA ALA F 167 24.96 10.14 36.82
C ALA F 167 24.29 11.37 36.23
N ILE F 168 23.24 11.19 35.43
CA ILE F 168 22.61 12.28 34.61
C ILE F 168 21.59 13.03 35.46
N MET F 169 21.04 12.40 36.50
CA MET F 169 20.05 13.04 37.39
C MET F 169 20.60 14.34 37.95
N ASP F 170 19.78 15.37 37.94
CA ASP F 170 20.11 16.78 38.29
C ASP F 170 21.38 17.28 37.60
N ASN F 171 21.71 16.72 36.42
CA ASN F 171 22.98 16.98 35.68
C ASN F 171 22.67 17.29 34.21
N PRO F 172 21.94 18.40 33.93
CA PRO F 172 21.40 18.66 32.59
C PRO F 172 22.43 18.83 31.46
N SER F 173 23.68 19.20 31.76
CA SER F 173 24.76 19.32 30.73
C SER F 173 25.40 17.95 30.46
N LEU F 174 25.28 16.98 31.35
CA LEU F 174 26.07 15.72 31.21
C LEU F 174 25.50 14.82 30.12
N PHE F 175 26.38 14.29 29.27
CA PHE F 175 26.10 13.24 28.27
C PHE F 175 26.82 11.96 28.72
N VAL F 176 26.16 10.82 28.72
CA VAL F 176 26.77 9.56 29.22
C VAL F 176 26.59 8.46 28.18
N PRO F 177 27.57 8.29 27.26
CA PRO F 177 27.60 7.08 26.45
C PRO F 177 27.84 5.94 27.44
N ALA F 178 26.88 5.02 27.53
CA ALA F 178 26.89 3.90 28.48
C ALA F 178 27.04 2.61 27.67
N ILE F 179 28.26 2.06 27.69
CA ILE F 179 28.58 0.89 26.85
C ILE F 179 28.16 -0.32 27.65
N VAL F 180 27.30 -1.14 27.08
CA VAL F 180 26.72 -2.33 27.76
C VAL F 180 27.18 -3.59 27.04
N GLY F 181 27.71 -4.58 27.74
CA GLY F 181 28.03 -5.89 27.14
C GLY F 181 26.77 -6.61 26.72
N ASP F 182 26.80 -7.37 25.64
CA ASP F 182 25.67 -8.23 25.24
C ASP F 182 25.52 -9.37 26.28
N GLY F 183 26.57 -9.71 27.03
CA GLY F 183 26.52 -10.65 28.17
C GLY F 183 25.98 -9.97 29.43
N GLU F 184 26.45 -8.75 29.72
CA GLU F 184 25.87 -7.90 30.79
C GLU F 184 24.34 -7.82 30.64
N ALA F 185 23.83 -7.75 29.41
CA ALA F 185 22.41 -7.59 29.08
C ALA F 185 21.57 -8.79 29.54
N GLU F 186 22.19 -9.95 29.77
CA GLU F 186 21.45 -11.17 30.18
C GLU F 186 21.14 -11.12 31.67
N THR F 187 21.82 -10.25 32.44
CA THR F 187 21.65 -10.10 33.91
C THR F 187 20.38 -9.31 34.23
N GLY F 188 19.78 -9.63 35.38
CA GLY F 188 18.58 -8.94 35.89
C GLY F 188 18.81 -7.44 36.02
N PRO F 189 19.79 -6.99 36.81
CA PRO F 189 19.95 -5.56 37.08
C PRO F 189 20.04 -4.72 35.81
N LEU F 190 20.66 -5.29 34.77
CA LEU F 190 20.83 -4.58 33.47
C LEU F 190 19.46 -4.60 32.78
N ALA F 191 18.90 -5.79 32.59
CA ALA F 191 17.62 -5.96 31.90
C ALA F 191 16.62 -4.92 32.44
N THR F 192 16.57 -4.65 33.76
CA THR F 192 15.58 -3.68 34.32
C THR F 192 16.09 -2.24 34.13
N GLY F 193 17.42 -2.03 34.10
CA GLY F 193 18.08 -0.73 33.91
C GLY F 193 17.64 -0.02 32.63
N TRP F 194 17.24 -0.75 31.59
CA TRP F 194 16.83 -0.17 30.30
C TRP F 194 15.62 0.73 30.52
N GLN F 195 14.77 0.41 31.49
CA GLN F 195 13.47 1.08 31.74
C GLN F 195 13.68 2.42 32.47
N SER F 196 14.90 2.76 32.87
CA SER F 196 15.20 3.99 33.65
C SER F 196 14.80 5.22 32.86
N ASN F 197 14.55 5.10 31.54
CA ASN F 197 14.22 6.26 30.67
C ASN F 197 12.80 6.77 30.98
N LYS F 198 12.00 6.06 31.78
CA LYS F 198 10.71 6.63 32.25
C LYS F 198 10.87 7.33 33.59
N LEU F 199 12.07 7.32 34.19
CA LEU F 199 12.33 7.91 35.53
C LEU F 199 13.28 9.10 35.48
N VAL F 200 13.69 9.54 34.27
CA VAL F 200 14.58 10.73 34.03
C VAL F 200 13.88 11.70 33.09
N ASN F 201 14.26 12.98 33.17
CA ASN F 201 13.57 14.05 32.42
C ASN F 201 14.63 14.77 31.58
N PRO F 202 14.36 14.98 30.27
CA PRO F 202 15.36 15.51 29.35
C PRO F 202 15.64 17.00 29.54
N ARG F 203 14.90 17.72 30.38
CA ARG F 203 15.25 19.15 30.69
C ARG F 203 16.12 19.26 31.94
N THR F 204 15.75 18.56 33.01
CA THR F 204 16.34 18.74 34.37
C THR F 204 17.41 17.67 34.60
N ASP F 205 17.43 16.61 33.80
CA ASP F 205 18.53 15.62 33.89
C ASP F 205 19.25 15.64 32.54
N GLY F 206 20.41 14.98 32.43
CA GLY F 206 21.16 14.92 31.17
C GLY F 206 20.64 13.81 30.29
N ILE F 207 21.50 13.29 29.44
CA ILE F 207 21.16 12.24 28.45
C ILE F 207 22.15 11.08 28.61
N VAL F 208 21.61 9.87 28.63
CA VAL F 208 22.35 8.59 28.51
C VAL F 208 22.11 8.10 27.10
N LEU F 209 23.19 7.85 26.34
CA LEU F 209 23.12 7.06 25.09
C LEU F 209 23.62 5.66 25.43
N PRO F 210 22.70 4.68 25.54
CA PRO F 210 23.07 3.28 25.70
C PRO F 210 23.71 2.79 24.39
N ILE F 211 24.87 2.18 24.51
CA ILE F 211 25.52 1.51 23.37
C ILE F 211 25.58 0.02 23.71
N LEU F 212 24.82 -0.79 23.00
CA LEU F 212 24.94 -2.25 23.16
C LEU F 212 26.20 -2.67 22.42
N HIS F 213 27.20 -3.14 23.16
CA HIS F 213 28.45 -3.74 22.62
C HIS F 213 28.13 -5.18 22.18
N LEU F 214 27.44 -5.30 21.05
CA LEU F 214 26.95 -6.59 20.53
C LEU F 214 28.10 -7.27 19.79
N ASN F 215 29.06 -7.81 20.53
CA ASN F 215 30.25 -8.46 19.93
C ASN F 215 29.99 -9.95 19.72
N GLY F 216 28.81 -10.43 20.08
CA GLY F 216 28.29 -11.73 19.62
C GLY F 216 28.37 -12.80 20.68
N TYR F 217 29.19 -12.55 21.71
CA TYR F 217 29.64 -13.60 22.66
C TYR F 217 29.83 -13.02 24.06
N LYS F 218 29.82 -13.91 25.04
CA LYS F 218 30.32 -13.65 26.42
C LYS F 218 31.62 -14.46 26.53
N ILE F 219 31.84 -15.24 27.58
CA ILE F 219 33.11 -15.97 27.83
C ILE F 219 33.21 -17.22 26.94
N ALA F 220 32.15 -18.03 26.88
CA ALA F 220 32.15 -19.41 26.32
C ALA F 220 30.87 -19.69 25.51
N ASN F 221 30.05 -18.68 25.33
CA ASN F 221 28.68 -18.80 24.76
C ASN F 221 28.40 -17.60 23.86
N PRO F 222 27.51 -17.77 22.86
CA PRO F 222 27.04 -16.62 22.10
C PRO F 222 26.14 -15.88 23.09
N THR F 223 25.85 -14.61 22.83
CA THR F 223 24.88 -13.81 23.61
C THR F 223 23.55 -14.01 22.93
N ILE F 224 22.49 -14.05 23.76
CA ILE F 224 21.07 -14.17 23.37
C ILE F 224 20.73 -13.01 22.43
N LEU F 225 21.07 -11.77 22.79
CA LEU F 225 20.66 -10.62 21.98
C LEU F 225 21.32 -10.59 20.58
N SER F 226 22.43 -11.30 20.35
CA SER F 226 23.13 -11.38 19.03
C SER F 226 22.57 -12.49 18.15
N ARG F 227 21.86 -13.47 18.71
CA ARG F 227 21.39 -14.69 18.00
C ARG F 227 19.85 -14.70 17.89
N ILE F 228 19.18 -13.64 18.32
CA ILE F 228 17.74 -13.45 18.00
C ILE F 228 17.71 -12.65 16.69
N SER F 229 16.57 -12.59 16.00
CA SER F 229 16.48 -11.87 14.71
C SER F 229 16.74 -10.39 15.00
N ASP F 230 17.23 -9.67 13.99
CA ASP F 230 17.52 -8.23 14.11
C ASP F 230 16.17 -7.51 14.31
N GLU F 231 15.09 -8.12 13.84
CA GLU F 231 13.73 -7.52 13.92
C GLU F 231 13.32 -7.54 15.39
N GLU F 232 13.46 -8.68 16.07
CA GLU F 232 13.18 -8.80 17.53
C GLU F 232 14.11 -7.85 18.31
N LEU F 233 15.39 -7.83 17.99
CA LEU F 233 16.34 -6.90 18.66
C LEU F 233 15.79 -5.47 18.57
N HIS F 234 15.41 -5.03 17.38
CA HIS F 234 14.96 -3.63 17.14
C HIS F 234 13.69 -3.35 17.94
N GLU F 235 12.70 -4.24 17.85
CA GLU F 235 11.39 -4.15 18.54
C GLU F 235 11.61 -4.05 20.04
N PHE F 236 12.49 -4.90 20.55
CA PHE F 236 12.86 -4.94 21.99
C PHE F 236 13.17 -3.53 22.50
N PHE F 237 14.09 -2.83 21.85
CA PHE F 237 14.63 -1.55 22.35
C PHE F 237 13.57 -0.46 22.15
N HIS F 238 12.82 -0.57 21.06
CA HIS F 238 11.72 0.36 20.74
C HIS F 238 10.67 0.20 21.86
N GLY F 239 10.31 -1.06 22.20
CA GLY F 239 9.32 -1.36 23.26
C GLY F 239 9.70 -0.76 24.62
N MET F 240 11.00 -0.59 24.87
CA MET F 240 11.55 -0.03 26.11
C MET F 240 11.80 1.48 25.96
N GLY F 241 11.36 2.08 24.84
CA GLY F 241 11.24 3.55 24.70
C GLY F 241 12.47 4.17 24.08
N TYR F 242 13.19 3.38 23.28
CA TYR F 242 14.46 3.76 22.59
C TYR F 242 14.26 3.78 21.07
N GLU F 243 15.00 4.68 20.41
CA GLU F 243 15.12 4.76 18.94
C GLU F 243 16.36 3.96 18.57
N PRO F 244 16.25 2.69 18.16
CA PRO F 244 17.44 1.87 17.93
C PRO F 244 18.17 2.13 16.60
N TYR F 245 19.48 2.43 16.69
CA TYR F 245 20.42 2.53 15.55
C TYR F 245 21.36 1.34 15.57
N GLU F 246 21.62 0.74 14.41
CA GLU F 246 22.53 -0.42 14.27
C GLU F 246 23.68 -0.02 13.35
N PHE F 247 24.88 -0.23 13.85
CA PHE F 247 26.13 -0.17 13.07
C PHE F 247 26.72 -1.58 13.02
N VAL F 248 26.87 -2.12 11.80
CA VAL F 248 27.55 -3.40 11.48
C VAL F 248 28.85 -3.06 10.74
N ALA F 249 29.96 -3.65 11.17
CA ALA F 249 31.33 -3.32 10.70
C ALA F 249 32.29 -4.45 11.10
N GLY F 250 33.29 -4.70 10.25
CA GLY F 250 34.45 -5.53 10.57
C GLY F 250 34.21 -7.01 10.29
N PHE F 251 33.06 -7.37 9.72
CA PHE F 251 32.78 -8.77 9.31
C PHE F 251 33.15 -9.00 7.83
N ASP F 252 33.55 -7.95 7.10
CA ASP F 252 34.02 -8.04 5.69
C ASP F 252 35.33 -7.27 5.58
N ASP F 253 35.79 -7.03 4.35
CA ASP F 253 37.13 -6.48 3.98
C ASP F 253 37.05 -4.95 3.80
N GLU F 254 35.89 -4.34 4.08
CA GLU F 254 35.69 -2.87 4.12
C GLU F 254 36.88 -2.21 4.84
N ASP F 255 37.44 -1.16 4.24
CA ASP F 255 38.67 -0.51 4.76
C ASP F 255 38.32 0.34 5.99
N HIS F 256 39.21 0.31 6.97
CA HIS F 256 39.05 1.00 8.28
C HIS F 256 38.55 2.43 8.06
N MET F 257 39.03 3.13 7.04
CA MET F 257 38.77 4.58 6.91
C MET F 257 37.30 4.79 6.53
N SER F 258 36.75 3.88 5.73
CA SER F 258 35.31 3.85 5.37
C SER F 258 34.45 3.55 6.61
N ILE F 259 34.90 2.63 7.48
CA ILE F 259 34.21 2.29 8.74
C ILE F 259 34.10 3.56 9.58
N HIS F 260 35.22 4.28 9.74
CA HIS F 260 35.27 5.56 10.48
C HIS F 260 34.28 6.55 9.87
N ARG F 261 34.26 6.67 8.55
CA ARG F 261 33.44 7.68 7.83
C ARG F 261 31.98 7.33 8.16
N ARG F 262 31.56 6.08 7.91
CA ARG F 262 30.18 5.60 8.19
C ARG F 262 29.82 5.88 9.66
N PHE F 263 30.67 5.45 10.60
CA PHE F 263 30.40 5.57 12.06
C PHE F 263 30.21 7.04 12.46
N ALA F 264 31.09 7.93 12.01
CA ALA F 264 31.06 9.35 12.41
C ALA F 264 29.78 9.98 11.88
N GLU F 265 29.37 9.59 10.68
CA GLU F 265 28.10 10.02 10.07
C GLU F 265 26.98 9.61 11.02
N LEU F 266 26.90 8.31 11.34
CA LEU F 266 25.79 7.77 12.16
C LEU F 266 25.82 8.48 13.53
N TRP F 267 27.00 8.60 14.14
CA TRP F 267 27.21 9.23 15.47
C TRP F 267 26.62 10.64 15.47
N GLU F 268 26.95 11.45 14.46
CA GLU F 268 26.49 12.86 14.34
C GLU F 268 24.99 12.94 14.06
N THR F 269 24.44 11.94 13.37
CA THR F 269 22.97 11.79 13.12
C THR F 269 22.26 11.52 14.45
N ILE F 270 22.76 10.56 15.24
CA ILE F 270 22.28 10.29 16.62
C ILE F 270 22.42 11.56 17.49
N TRP F 271 23.58 12.20 17.44
CA TRP F 271 23.82 13.44 18.21
C TRP F 271 22.82 14.54 17.83
N ASP F 272 22.49 14.69 16.54
CA ASP F 272 21.52 15.71 16.07
C ASP F 272 20.14 15.42 16.73
N GLU F 273 19.76 14.14 16.84
CA GLU F 273 18.50 13.71 17.51
C GLU F 273 18.52 14.14 18.97
N ILE F 274 19.58 13.75 19.70
CA ILE F 274 19.78 14.07 21.13
C ILE F 274 19.73 15.60 21.34
N CYS F 275 20.31 16.37 20.43
CA CYS F 275 20.30 17.84 20.50
C CYS F 275 18.87 18.37 20.30
N ASP F 276 18.13 17.77 19.36
CA ASP F 276 16.71 18.09 19.08
C ASP F 276 15.86 17.71 20.33
N ILE F 277 16.20 16.60 20.99
CA ILE F 277 15.52 16.16 22.24
C ILE F 277 15.74 17.24 23.31
N LYS F 278 16.99 17.68 23.48
CA LYS F 278 17.42 18.63 24.51
C LYS F 278 16.89 20.04 24.22
N ALA F 279 16.78 20.38 22.94
CA ALA F 279 16.22 21.67 22.51
C ALA F 279 14.71 21.67 22.76
N THR F 280 14.03 20.60 22.33
CA THR F 280 12.56 20.44 22.52
C THR F 280 12.24 20.58 24.03
N ALA F 281 12.98 19.87 24.88
CA ALA F 281 12.76 19.77 26.33
C ALA F 281 12.80 21.14 27.03
N GLN F 282 13.46 22.14 26.45
CA GLN F 282 13.50 23.52 27.04
C GLN F 282 12.09 24.11 26.93
N THR F 283 11.25 23.52 26.05
CA THR F 283 9.83 23.89 25.79
C THR F 283 8.84 22.80 26.28
N ASP F 284 9.04 21.56 25.90
CA ASP F 284 8.15 20.43 26.25
C ASP F 284 9.01 19.36 26.92
N ASN F 285 8.96 19.30 28.25
CA ASN F 285 9.63 18.23 29.02
C ASN F 285 8.57 17.37 29.71
N VAL F 286 7.30 17.39 29.26
CA VAL F 286 6.24 16.49 29.81
C VAL F 286 6.05 15.27 28.89
N HIS F 287 6.40 15.37 27.60
CA HIS F 287 6.28 14.28 26.61
C HIS F 287 7.61 13.53 26.51
N ARG F 288 7.61 12.27 26.93
CA ARG F 288 8.80 11.40 26.92
C ARG F 288 9.15 11.11 25.47
N PRO F 289 10.35 11.52 24.99
CA PRO F 289 10.80 11.16 23.66
C PRO F 289 11.38 9.74 23.67
N PHE F 290 11.44 9.14 22.49
CA PHE F 290 12.21 7.91 22.28
C PHE F 290 13.67 8.34 22.23
N TYR F 291 14.46 7.85 23.17
CA TYR F 291 15.86 8.22 23.28
C TYR F 291 16.59 7.32 22.32
N PRO F 292 17.55 7.86 21.53
CA PRO F 292 18.35 7.00 20.67
C PRO F 292 19.13 5.98 21.51
N MET F 293 19.42 4.83 20.92
CA MET F 293 20.40 3.91 21.48
C MET F 293 21.15 3.25 20.32
N LEU F 294 22.39 2.85 20.55
CA LEU F 294 23.29 2.35 19.50
C LEU F 294 23.52 0.85 19.72
N ILE F 295 23.02 0.04 18.79
CA ILE F 295 23.44 -1.37 18.61
C ILE F 295 24.73 -1.38 17.80
N PHE F 296 25.85 -1.65 18.46
CA PHE F 296 27.22 -1.70 17.89
C PHE F 296 27.56 -3.17 17.66
N ARG F 297 27.37 -3.64 16.44
CA ARG F 297 27.60 -5.06 16.11
C ARG F 297 28.94 -5.17 15.36
N THR F 298 29.98 -5.63 16.05
CA THR F 298 31.37 -5.82 15.54
C THR F 298 31.86 -7.19 15.99
N PRO F 299 32.87 -7.82 15.32
CA PRO F 299 33.35 -9.13 15.74
C PRO F 299 34.04 -8.96 17.08
N LYS F 300 33.82 -9.91 17.99
CA LYS F 300 34.57 -9.95 19.26
C LYS F 300 36.03 -10.14 18.90
N GLY F 301 36.91 -9.34 19.51
CA GLY F 301 38.37 -9.44 19.34
C GLY F 301 38.83 -8.74 18.07
N TRP F 302 37.93 -8.00 17.43
CA TRP F 302 38.19 -7.18 16.21
C TRP F 302 39.68 -6.79 16.07
N THR F 303 40.27 -7.12 14.91
CA THR F 303 41.67 -6.83 14.49
C THR F 303 42.67 -7.83 15.09
N CYS F 304 42.26 -8.77 15.95
CA CYS F 304 43.10 -9.93 16.32
C CYS F 304 43.24 -10.82 15.07
N PRO F 305 44.23 -11.74 15.01
CA PRO F 305 44.28 -12.72 13.93
C PRO F 305 42.92 -13.41 13.74
N LYS F 306 42.45 -13.48 12.49
CA LYS F 306 41.17 -14.13 12.13
C LYS F 306 41.15 -15.57 12.67
N TYR F 307 42.30 -16.26 12.68
CA TYR F 307 42.49 -17.63 13.24
C TYR F 307 43.84 -17.74 13.95
N ILE F 308 43.91 -18.65 14.92
CA ILE F 308 45.15 -19.01 15.67
C ILE F 308 45.12 -20.51 15.97
N ASP F 309 46.08 -21.25 15.43
CA ASP F 309 46.15 -22.72 15.56
C ASP F 309 44.82 -23.30 15.06
N GLY F 310 44.38 -22.90 13.86
CA GLY F 310 43.17 -23.40 13.16
C GLY F 310 41.85 -23.24 13.93
N LYS F 311 41.78 -22.33 14.90
CA LYS F 311 40.56 -22.03 15.70
C LYS F 311 40.13 -20.59 15.40
N LYS F 312 38.86 -20.37 15.04
CA LYS F 312 38.32 -18.99 14.84
C LYS F 312 38.39 -18.20 16.15
N THR F 313 39.10 -17.06 16.11
CA THR F 313 39.40 -16.14 17.25
C THR F 313 38.70 -14.79 17.05
N GLU F 314 38.84 -14.14 15.89
CA GLU F 314 38.07 -12.91 15.60
C GLU F 314 36.63 -13.36 15.40
N GLY F 315 35.67 -12.70 16.07
CA GLY F 315 34.24 -13.07 15.97
C GLY F 315 33.92 -14.38 16.67
N SER F 316 34.60 -14.63 17.78
CA SER F 316 34.46 -15.86 18.61
C SER F 316 34.66 -15.54 20.09
N TRP F 317 34.06 -16.36 20.93
CA TRP F 317 34.22 -16.33 22.41
C TRP F 317 35.69 -16.58 22.80
N ARG F 318 36.51 -17.17 21.91
CA ARG F 318 37.93 -17.53 22.20
C ARG F 318 38.79 -16.28 22.36
N SER F 319 38.36 -15.14 21.83
CA SER F 319 39.10 -13.86 22.01
C SER F 319 38.73 -13.19 23.34
N HIS F 320 37.86 -13.82 24.14
CA HIS F 320 37.23 -13.19 25.34
C HIS F 320 38.33 -12.68 26.27
N GLN F 321 39.23 -13.58 26.67
CA GLN F 321 40.45 -13.23 27.45
C GLN F 321 41.55 -12.83 26.47
N VAL F 322 42.27 -13.81 25.95
CA VAL F 322 43.42 -13.62 25.00
C VAL F 322 43.24 -14.67 23.90
N PRO F 323 43.27 -14.25 22.62
CA PRO F 323 43.14 -15.21 21.53
C PRO F 323 44.44 -16.04 21.39
N LEU F 324 45.58 -15.41 21.73
CA LEU F 324 46.93 -16.01 21.86
C LEU F 324 47.14 -16.47 23.31
N ALA F 325 46.86 -17.75 23.60
CA ALA F 325 46.93 -18.37 24.95
C ALA F 325 48.27 -18.07 25.63
N SER F 326 49.35 -18.01 24.85
CA SER F 326 50.74 -17.72 25.32
C SER F 326 51.58 -17.26 24.12
N ALA F 327 52.54 -16.35 24.36
CA ALA F 327 53.51 -15.86 23.35
C ALA F 327 54.94 -16.33 23.67
N ARG F 328 55.09 -17.27 24.61
CA ARG F 328 56.41 -17.78 25.11
C ARG F 328 56.53 -19.29 24.93
N ASP F 329 55.41 -19.99 24.69
CA ASP F 329 55.42 -21.48 24.64
C ASP F 329 56.13 -21.91 23.35
N THR F 330 55.82 -21.29 22.20
CA THR F 330 56.49 -21.61 20.90
C THR F 330 57.02 -20.30 20.33
N GLU F 331 57.80 -20.39 19.25
CA GLU F 331 58.31 -19.24 18.45
C GLU F 331 57.19 -18.81 17.49
N ALA F 332 56.55 -19.79 16.83
CA ALA F 332 55.36 -19.57 15.98
C ALA F 332 54.39 -18.63 16.69
N HIS F 333 54.11 -18.87 17.97
CA HIS F 333 53.14 -18.09 18.80
C HIS F 333 53.69 -16.69 19.06
N PHE F 334 55.00 -16.54 19.21
CA PHE F 334 55.63 -15.20 19.30
C PHE F 334 55.49 -14.48 17.95
N GLU F 335 55.72 -15.17 16.84
CA GLU F 335 55.57 -14.59 15.47
C GLU F 335 54.17 -13.95 15.37
N VAL F 336 53.14 -14.68 15.83
CA VAL F 336 51.72 -14.25 15.73
C VAL F 336 51.53 -12.96 16.51
N LEU F 337 52.05 -12.89 17.74
CA LEU F 337 52.08 -11.64 18.55
C LEU F 337 52.80 -10.53 17.79
N LYS F 338 54.02 -10.77 17.29
CA LYS F 338 54.83 -9.74 16.58
C LYS F 338 54.01 -9.19 15.41
N ASN F 339 53.48 -10.07 14.55
CA ASN F 339 52.73 -9.71 13.34
C ASN F 339 51.52 -8.86 13.74
N TRP F 340 50.80 -9.31 14.76
CA TRP F 340 49.59 -8.64 15.31
C TRP F 340 49.93 -7.22 15.78
N LEU F 341 50.94 -7.08 16.64
CA LEU F 341 51.44 -5.76 17.11
C LEU F 341 51.89 -4.87 15.94
N GLU F 342 52.40 -5.44 14.85
CA GLU F 342 52.98 -4.70 13.70
C GLU F 342 51.85 -4.14 12.82
N SER F 343 50.70 -4.84 12.74
CA SER F 343 49.54 -4.53 11.85
C SER F 343 48.88 -3.18 12.23
N TYR F 344 49.15 -2.62 13.41
CA TYR F 344 48.76 -1.23 13.78
C TYR F 344 49.80 -0.22 13.26
N LYS F 345 50.89 -0.70 12.65
CA LYS F 345 51.98 0.15 12.10
C LYS F 345 52.46 1.12 13.18
N PRO F 346 52.99 0.63 14.32
CA PRO F 346 53.40 1.49 15.44
C PRO F 346 54.46 2.55 15.12
N GLU F 347 55.30 2.29 14.11
CA GLU F 347 56.32 3.27 13.63
C GLU F 347 55.68 4.58 13.14
N GLU F 348 54.42 4.57 12.69
CA GLU F 348 53.68 5.82 12.25
C GLU F 348 53.08 6.53 13.48
N LEU F 349 53.02 5.86 14.64
CA LEU F 349 52.25 6.30 15.83
C LEU F 349 53.17 6.90 16.89
N PHE F 350 54.39 6.38 17.00
CA PHE F 350 55.42 6.85 17.97
C PHE F 350 56.60 7.48 17.23
N ASP F 351 57.18 8.56 17.80
CA ASP F 351 58.47 9.15 17.34
C ASP F 351 59.59 8.38 18.03
N ALA F 352 60.80 8.32 17.45
CA ALA F 352 61.93 7.46 17.88
C ALA F 352 62.19 7.68 19.38
N ASN F 353 61.67 8.78 19.92
CA ASN F 353 61.71 9.16 21.36
C ASN F 353 60.76 8.27 22.20
N GLY F 354 59.68 7.77 21.61
CA GLY F 354 58.65 6.93 22.28
C GLY F 354 57.43 7.72 22.76
N ALA F 355 57.37 9.02 22.48
CA ALA F 355 56.16 9.87 22.60
C ALA F 355 55.16 9.45 21.50
N VAL F 356 53.87 9.48 21.80
CA VAL F 356 52.83 9.36 20.76
C VAL F 356 52.93 10.66 19.96
N LYS F 357 52.95 10.56 18.64
CA LYS F 357 53.17 11.73 17.74
C LYS F 357 52.10 12.80 18.00
N ASP F 358 52.13 13.89 17.25
CA ASP F 358 51.20 15.05 17.40
C ASP F 358 49.99 14.86 16.48
N ASP F 359 50.19 14.35 15.28
CA ASP F 359 49.10 14.04 14.31
C ASP F 359 48.15 12.98 14.91
N VAL F 360 48.54 12.26 15.96
CA VAL F 360 47.71 11.18 16.57
C VAL F 360 46.73 11.78 17.58
N LEU F 361 47.05 12.88 18.25
CA LEU F 361 46.24 13.43 19.36
C LEU F 361 45.68 14.81 19.00
N ALA F 362 46.14 15.43 17.92
CA ALA F 362 45.67 16.75 17.46
C ALA F 362 44.14 16.84 17.59
N PHE F 363 43.41 15.74 17.36
CA PHE F 363 41.93 15.71 17.22
C PHE F 363 41.25 15.69 18.59
N MET F 364 42.03 15.46 19.66
CA MET F 364 41.56 15.04 21.00
C MET F 364 41.04 16.23 21.78
N PRO F 365 40.17 15.98 22.78
CA PRO F 365 39.70 17.04 23.67
C PRO F 365 40.84 17.51 24.58
N LYS F 366 40.71 18.70 25.15
CA LYS F 366 41.72 19.27 26.08
C LYS F 366 41.00 19.84 27.30
N GLY F 367 41.72 19.98 28.40
CA GLY F 367 41.21 20.62 29.61
C GLY F 367 40.25 19.69 30.30
N GLU F 368 39.17 20.25 30.86
CA GLU F 368 38.23 19.53 31.75
C GLU F 368 37.28 18.66 30.92
N LEU F 369 37.20 18.86 29.60
CA LEU F 369 36.38 18.05 28.67
C LEU F 369 36.99 16.67 28.43
N ARG F 370 38.23 16.42 28.86
CA ARG F 370 38.91 15.12 28.66
C ARG F 370 38.21 14.06 29.50
N ILE F 371 38.07 12.85 28.97
CA ILE F 371 37.39 11.74 29.68
C ILE F 371 37.97 11.62 31.10
N GLY F 372 39.29 11.78 31.20
CA GLY F 372 40.05 11.70 32.46
C GLY F 372 39.80 12.87 33.38
N ALA F 373 39.82 14.08 32.86
CA ALA F 373 39.85 15.32 33.65
C ALA F 373 38.44 15.69 34.10
N ASN F 374 37.38 15.08 33.55
CA ASN F 374 36.00 15.60 33.78
C ASN F 374 35.63 15.44 35.26
N PRO F 375 35.26 16.53 35.97
CA PRO F 375 35.00 16.47 37.40
C PRO F 375 33.88 15.51 37.81
N ASN F 376 32.94 15.19 36.93
CA ASN F 376 31.88 14.18 37.17
C ASN F 376 32.50 12.78 37.37
N ALA F 377 33.73 12.54 36.90
CA ALA F 377 34.40 11.22 37.06
C ALA F 377 35.25 11.25 38.33
N ASN F 378 35.22 12.38 39.03
CA ASN F 378 35.93 12.63 40.31
C ASN F 378 35.03 13.48 41.20
N GLY F 379 33.87 12.93 41.55
CA GLY F 379 32.71 13.69 42.03
C GLY F 379 33.01 14.48 43.29
N GLY F 380 33.95 14.01 44.10
CA GLY F 380 34.39 14.71 45.31
C GLY F 380 34.75 16.16 45.03
N VAL F 381 35.27 16.48 43.83
CA VAL F 381 35.74 17.87 43.53
C VAL F 381 34.52 18.77 43.33
N ILE F 382 33.33 18.19 43.18
CA ILE F 382 32.02 18.88 42.93
C ILE F 382 31.24 18.93 44.25
N ARG F 383 31.24 17.80 44.97
CA ARG F 383 30.59 17.63 46.29
C ARG F 383 30.73 18.91 47.13
N ASN F 384 29.62 19.57 47.43
CA ASN F 384 29.56 20.59 48.50
C ASN F 384 29.10 19.90 49.78
N ASP F 385 29.30 20.54 50.91
CA ASP F 385 28.60 20.18 52.17
C ASP F 385 27.12 20.51 52.00
N LEU F 386 26.24 19.64 52.53
CA LEU F 386 24.80 19.94 52.69
C LEU F 386 24.66 21.11 53.67
N LYS F 387 23.82 22.11 53.36
CA LYS F 387 23.23 23.04 54.37
C LYS F 387 22.24 22.22 55.19
N LEU F 388 22.63 21.82 56.41
CA LEU F 388 21.80 20.98 57.29
C LEU F 388 20.93 21.86 58.18
N PRO F 389 19.65 21.46 58.39
CA PRO F 389 18.78 22.18 59.30
C PRO F 389 19.27 21.84 60.71
N ASN F 390 18.71 22.54 61.69
CA ASN F 390 19.09 22.50 63.12
C ASN F 390 18.48 21.28 63.81
N LEU F 391 19.30 20.33 64.29
CA LEU F 391 18.84 19.00 64.81
C LEU F 391 17.89 19.18 65.98
N GLU F 392 18.11 20.20 66.82
CA GLU F 392 17.23 20.55 67.98
C GLU F 392 15.78 20.73 67.52
N ASP F 393 15.56 21.22 66.29
CA ASP F 393 14.20 21.58 65.81
C ASP F 393 13.38 20.31 65.63
N TYR F 394 14.02 19.13 65.60
CA TYR F 394 13.38 17.83 65.31
C TYR F 394 13.25 16.98 66.57
N GLU F 395 13.89 17.39 67.66
CA GLU F 395 14.03 16.55 68.89
C GLU F 395 12.64 16.17 69.40
N VAL F 396 12.53 14.95 69.93
CA VAL F 396 11.36 14.58 70.78
C VAL F 396 11.62 15.21 72.16
N LYS F 397 10.92 16.31 72.45
CA LYS F 397 11.11 17.15 73.65
C LYS F 397 10.47 16.47 74.87
N GLU F 398 9.53 15.55 74.65
CA GLU F 398 8.68 14.97 75.72
C GLU F 398 9.49 14.08 76.68
N VAL F 399 10.68 13.61 76.31
CA VAL F 399 11.49 12.70 77.18
C VAL F 399 11.96 13.53 78.39
N ALA F 400 12.35 14.79 78.18
CA ALA F 400 12.61 15.76 79.26
C ALA F 400 11.34 15.88 80.11
N GLU F 401 10.22 16.27 79.48
CA GLU F 401 8.95 16.52 80.19
C GLU F 401 8.61 15.34 81.11
N TYR F 402 8.34 14.14 80.59
CA TYR F 402 7.67 13.04 81.34
C TYR F 402 8.64 11.87 81.55
N GLY F 403 9.83 11.91 80.99
CA GLY F 403 10.89 10.96 81.38
C GLY F 403 11.08 9.85 80.36
N HIS F 404 12.09 9.01 80.58
CA HIS F 404 12.54 7.95 79.65
C HIS F 404 11.41 6.93 79.51
N GLY F 405 11.13 6.51 78.27
CA GLY F 405 10.18 5.43 77.94
C GLY F 405 8.87 6.00 77.45
N TRP F 406 8.81 7.31 77.21
CA TRP F 406 7.55 8.01 76.89
C TRP F 406 7.16 7.80 75.44
N GLY F 407 5.87 7.56 75.22
CA GLY F 407 5.24 7.77 73.90
C GLY F 407 5.15 6.49 73.10
N GLN F 408 4.44 6.57 71.97
CA GLN F 408 4.29 5.51 70.96
C GLN F 408 4.53 6.14 69.58
N LEU F 409 5.60 6.93 69.43
CA LEU F 409 5.98 7.59 68.14
C LEU F 409 6.59 6.57 67.17
N GLU F 410 6.41 6.86 65.89
CA GLU F 410 7.07 6.13 64.78
C GLU F 410 8.35 6.91 64.45
N ALA F 411 9.50 6.36 64.80
CA ALA F 411 10.81 7.05 64.73
C ALA F 411 11.10 7.57 63.31
N THR F 412 10.73 6.82 62.28
CA THR F 412 11.13 7.12 60.88
C THR F 412 10.45 8.41 60.45
N ARG F 413 9.29 8.75 61.01
CA ARG F 413 8.60 10.05 60.75
C ARG F 413 9.53 11.22 61.07
N THR F 414 10.32 11.11 62.15
CA THR F 414 11.31 12.14 62.58
C THR F 414 12.40 12.27 61.51
N LEU F 415 12.99 11.16 61.09
CA LEU F 415 14.02 11.14 60.03
C LEU F 415 13.47 11.79 58.75
N GLY F 416 12.21 11.47 58.43
CA GLY F 416 11.49 11.97 57.26
C GLY F 416 11.28 13.47 57.29
N ALA F 417 10.87 14.07 58.42
CA ALA F 417 10.72 15.54 58.53
C ALA F 417 12.10 16.21 58.38
N TYR F 418 13.14 15.62 58.94
CA TYR F 418 14.53 16.14 58.90
C TYR F 418 15.03 16.19 57.44
N THR F 419 14.94 15.05 56.75
CA THR F 419 15.36 14.84 55.34
C THR F 419 14.52 15.72 54.37
N ARG F 420 13.26 15.97 54.72
CA ARG F 420 12.36 16.89 53.98
C ARG F 420 13.05 18.25 53.92
N ASP F 421 13.54 18.71 55.07
CA ASP F 421 14.08 20.09 55.17
C ASP F 421 15.46 20.12 54.53
N ILE F 422 16.16 18.99 54.51
CA ILE F 422 17.47 18.85 53.82
C ILE F 422 17.24 19.13 52.32
N ILE F 423 16.30 18.45 51.69
CA ILE F 423 15.92 18.62 50.26
C ILE F 423 15.59 20.10 50.03
N LYS F 424 14.70 20.66 50.84
CA LYS F 424 14.21 22.07 50.71
C LYS F 424 15.40 23.02 50.61
N ASN F 425 16.48 22.75 51.36
CA ASN F 425 17.67 23.63 51.55
C ASN F 425 18.77 23.30 50.55
N ASN F 426 18.80 22.05 50.07
CA ASN F 426 19.80 21.52 49.10
C ASN F 426 19.05 21.04 47.87
N PRO F 427 18.35 21.95 47.18
CA PRO F 427 17.56 21.59 46.02
C PRO F 427 18.52 21.15 44.91
N ARG F 428 18.12 20.12 44.17
CA ARG F 428 18.90 19.60 43.02
C ARG F 428 20.25 19.02 43.49
N ASP F 429 20.46 18.82 44.81
CA ASP F 429 21.72 18.26 45.40
C ASP F 429 21.49 16.99 46.22
N PHE F 430 20.25 16.69 46.59
CA PHE F 430 19.90 15.59 47.52
C PHE F 430 18.75 14.83 46.88
N ARG F 431 18.80 13.50 46.91
CA ARG F 431 17.71 12.63 46.40
C ARG F 431 17.37 11.52 47.39
N ILE F 432 16.09 11.16 47.46
CA ILE F 432 15.57 9.92 48.14
C ILE F 432 15.25 8.89 47.06
N PHE F 433 15.73 7.67 47.23
CA PHE F 433 15.35 6.52 46.37
C PHE F 433 14.58 5.55 47.27
N GLY F 434 13.68 4.78 46.68
CA GLY F 434 12.89 3.78 47.41
C GLY F 434 12.25 2.83 46.43
N PRO F 435 12.29 1.51 46.70
CA PRO F 435 11.63 0.51 45.86
C PRO F 435 10.14 0.41 46.19
N ASP F 436 9.42 1.49 45.95
CA ASP F 436 7.96 1.54 46.19
C ASP F 436 7.69 1.39 47.70
N GLU F 437 8.58 1.94 48.56
CA GLU F 437 8.55 1.80 50.06
C GLU F 437 8.80 3.13 50.79
N THR F 438 8.93 4.25 50.08
CA THR F 438 9.33 5.52 50.73
C THR F 438 8.24 5.86 51.77
N ALA F 439 6.97 5.72 51.42
CA ALA F 439 5.81 6.02 52.29
C ALA F 439 5.68 4.94 53.34
N SER F 440 5.88 3.70 52.92
CA SER F 440 5.73 2.52 53.81
C SER F 440 6.73 2.63 54.97
N ASN F 441 7.89 3.23 54.72
CA ASN F 441 8.97 3.39 55.73
C ASN F 441 8.81 4.73 56.44
N ARG F 442 7.79 5.51 56.08
CA ARG F 442 7.36 6.75 56.76
C ARG F 442 8.30 7.91 56.45
N LEU F 443 8.80 8.05 55.21
CA LEU F 443 9.71 9.15 54.76
C LEU F 443 8.99 10.16 53.86
N GLN F 444 7.67 10.15 53.86
CA GLN F 444 6.81 10.81 52.86
C GLN F 444 6.60 12.29 53.17
N ALA F 445 7.16 12.82 54.27
CA ALA F 445 7.06 14.26 54.57
C ALA F 445 7.82 15.01 53.46
N SER F 446 8.74 14.33 52.79
CA SER F 446 9.48 14.84 51.61
C SER F 446 8.50 15.40 50.59
N TYR F 447 7.33 14.78 50.48
CA TYR F 447 6.34 15.10 49.43
C TYR F 447 5.85 16.53 49.65
N GLU F 448 6.07 17.09 50.84
CA GLU F 448 5.72 18.49 51.18
C GLU F 448 6.48 19.46 50.27
N VAL F 449 7.69 19.14 49.84
CA VAL F 449 8.63 20.12 49.20
C VAL F 449 9.04 19.66 47.79
N THR F 450 9.04 18.37 47.51
CA THR F 450 9.35 17.78 46.19
C THR F 450 8.30 16.71 45.86
N ASN F 451 8.49 15.99 44.75
CA ASN F 451 7.58 14.96 44.23
C ASN F 451 8.37 13.72 43.83
N LYS F 452 7.68 12.60 43.62
CA LYS F 452 8.29 11.40 42.98
C LYS F 452 8.49 11.76 41.51
N GLN F 453 9.71 11.63 41.00
CA GLN F 453 10.01 11.83 39.57
C GLN F 453 9.40 10.69 38.76
N TRP F 454 8.57 11.03 37.80
CA TRP F 454 7.82 10.09 36.92
C TRP F 454 7.66 10.67 35.51
N ASP F 455 8.21 9.98 34.52
CA ASP F 455 8.19 10.40 33.11
C ASP F 455 7.67 9.24 32.24
N ALA F 456 6.78 8.41 32.80
CA ALA F 456 5.83 7.59 31.99
C ALA F 456 4.47 8.30 32.07
N GLY F 457 3.38 7.63 31.78
CA GLY F 457 2.09 8.32 31.62
C GLY F 457 1.49 8.70 32.96
N TYR F 458 0.72 9.78 32.93
CA TYR F 458 -0.21 10.25 33.98
C TYR F 458 -1.61 9.92 33.49
N ILE F 459 -2.58 9.77 34.38
CA ILE F 459 -3.95 9.34 33.99
C ILE F 459 -4.99 10.08 34.83
N SER F 460 -4.75 10.35 36.11
CA SER F 460 -5.82 10.85 36.99
C SER F 460 -5.23 11.45 38.26
N ASP F 461 -5.69 12.63 38.67
CA ASP F 461 -5.38 13.25 39.97
C ASP F 461 -5.90 12.43 41.15
N GLU F 462 -6.66 11.35 40.93
CA GLU F 462 -7.22 10.51 42.03
C GLU F 462 -6.25 9.37 42.34
N VAL F 463 -5.21 9.18 41.54
CA VAL F 463 -4.18 8.14 41.77
C VAL F 463 -2.77 8.72 41.66
N ASP F 464 -2.58 9.77 40.86
CA ASP F 464 -1.23 10.30 40.52
C ASP F 464 -0.86 11.38 41.52
N GLU F 465 -0.79 11.03 42.80
CA GLU F 465 -0.47 11.96 43.91
C GLU F 465 1.05 12.01 44.07
N HIS F 466 1.59 13.19 44.39
CA HIS F 466 3.01 13.37 44.80
C HIS F 466 3.94 12.91 43.67
N MET F 467 3.59 13.22 42.43
CA MET F 467 4.32 12.75 41.23
C MET F 467 4.45 13.90 40.22
N HIS F 468 5.66 14.19 39.77
CA HIS F 468 5.97 15.22 38.74
C HIS F 468 7.03 14.64 37.79
N VAL F 469 7.14 15.18 36.58
CA VAL F 469 8.15 14.73 35.57
C VAL F 469 9.55 15.02 36.12
N SER F 470 9.67 16.00 37.00
CA SER F 470 10.92 16.34 37.74
C SER F 470 10.61 16.26 39.23
N GLY F 471 11.50 15.62 40.01
CA GLY F 471 11.43 15.66 41.47
C GLY F 471 12.64 14.97 42.08
N GLN F 472 12.78 15.03 43.41
CA GLN F 472 14.00 14.61 44.13
C GLN F 472 13.79 13.21 44.72
N VAL F 473 12.59 12.64 44.55
CA VAL F 473 12.26 11.26 44.98
C VAL F 473 12.07 10.38 43.74
N VAL F 474 12.67 9.21 43.72
CA VAL F 474 12.46 8.25 42.62
C VAL F 474 12.12 6.90 43.22
N GLU F 475 11.12 6.23 42.64
CA GLU F 475 10.68 4.89 43.05
C GLU F 475 10.51 4.01 41.80
N GLN F 476 11.14 2.85 41.84
CA GLN F 476 10.88 1.67 40.99
C GLN F 476 10.97 0.45 41.90
N LEU F 477 10.25 -0.63 41.60
CA LEU F 477 10.32 -1.88 42.39
C LEU F 477 11.52 -2.66 41.86
N SER F 478 12.69 -2.11 42.13
CA SER F 478 13.98 -2.76 41.94
C SER F 478 14.96 -2.14 42.93
N GLU F 479 15.39 -2.94 43.88
CA GLU F 479 16.47 -2.57 44.83
C GLU F 479 17.75 -2.33 44.01
N HIS F 480 18.01 -3.09 42.94
CA HIS F 480 19.18 -2.89 42.05
C HIS F 480 19.18 -1.48 41.46
N GLN F 481 18.02 -0.96 41.07
CA GLN F 481 17.91 0.38 40.42
C GLN F 481 18.12 1.45 41.49
N MET F 482 17.50 1.28 42.64
CA MET F 482 17.53 2.31 43.71
C MET F 482 18.96 2.47 44.22
N GLU F 483 19.61 1.35 44.57
CA GLU F 483 21.04 1.24 44.98
C GLU F 483 21.94 1.87 43.90
N GLY F 484 21.77 1.42 42.65
CA GLY F 484 22.52 1.86 41.46
C GLY F 484 22.40 3.36 41.19
N PHE F 485 21.19 3.87 41.14
CA PHE F 485 20.94 5.31 40.85
C PHE F 485 21.69 6.14 41.89
N LEU F 486 21.56 5.75 43.16
CA LEU F 486 22.06 6.57 44.29
C LEU F 486 23.59 6.53 44.23
N GLU F 487 24.15 5.34 44.01
CA GLU F 487 25.62 5.17 43.88
C GLU F 487 26.14 6.21 42.87
N ALA F 488 25.68 6.15 41.63
CA ALA F 488 26.19 7.07 40.59
C ALA F 488 25.91 8.54 40.99
N TYR F 489 24.86 8.79 41.76
CA TYR F 489 24.46 10.18 42.16
C TYR F 489 25.53 10.78 43.09
N LEU F 490 26.12 9.93 43.93
CA LEU F 490 27.13 10.29 44.95
C LEU F 490 28.51 10.44 44.28
N LEU F 491 28.83 9.51 43.37
CA LEU F 491 30.08 9.46 42.58
C LEU F 491 30.22 10.74 41.73
N THR F 492 29.11 11.32 41.24
CA THR F 492 29.07 12.54 40.41
C THR F 492 28.93 13.78 41.31
N GLY F 493 29.10 13.56 42.62
CA GLY F 493 29.30 14.59 43.64
C GLY F 493 28.00 15.16 44.18
N ARG F 494 27.00 14.31 44.42
CA ARG F 494 25.74 14.70 45.11
C ARG F 494 25.50 13.79 46.33
N HIS F 495 24.41 14.03 47.06
CA HIS F 495 24.01 13.35 48.32
C HIS F 495 22.64 12.70 48.18
N GLY F 496 22.36 11.66 48.98
CA GLY F 496 21.00 11.11 49.10
C GLY F 496 20.86 10.00 50.13
N ILE F 497 19.65 9.45 50.21
CA ILE F 497 19.31 8.31 51.10
C ILE F 497 18.35 7.42 50.33
N TRP F 498 18.38 6.12 50.59
CA TRP F 498 17.28 5.24 50.18
C TRP F 498 16.86 4.39 51.36
N SER F 499 15.67 3.81 51.31
CA SER F 499 15.08 2.98 52.39
C SER F 499 14.68 1.64 51.80
N SER F 500 14.64 0.61 52.61
CA SER F 500 14.23 -0.72 52.13
C SER F 500 13.72 -1.54 53.31
N TYR F 501 12.79 -2.45 53.04
CA TYR F 501 12.48 -3.54 53.99
C TYR F 501 13.78 -4.30 54.24
N GLU F 502 14.15 -4.37 55.52
CA GLU F 502 15.36 -5.03 56.02
C GLU F 502 15.64 -6.31 55.23
N SER F 503 14.66 -7.20 55.10
CA SER F 503 14.90 -8.52 54.48
C SER F 503 15.41 -8.33 53.06
N PHE F 504 14.87 -7.36 52.34
CA PHE F 504 15.03 -7.24 50.87
C PHE F 504 16.29 -6.45 50.58
N VAL F 505 16.96 -5.93 51.61
CA VAL F 505 18.29 -5.30 51.44
C VAL F 505 19.21 -6.38 50.87
N HIS F 506 18.94 -7.64 51.17
CA HIS F 506 19.73 -8.80 50.70
C HIS F 506 19.73 -8.83 49.17
N VAL F 507 18.76 -8.24 48.50
CA VAL F 507 18.68 -8.32 47.01
C VAL F 507 19.96 -7.73 46.41
N ILE F 508 20.51 -6.73 47.10
CA ILE F 508 21.62 -5.86 46.64
C ILE F 508 22.82 -6.00 47.60
N ASP F 509 22.95 -7.13 48.30
CA ASP F 509 24.18 -7.45 49.09
C ASP F 509 25.37 -7.23 48.15
N SER F 510 25.35 -7.87 46.97
CA SER F 510 26.47 -7.91 45.98
C SER F 510 26.87 -6.48 45.58
N MET F 511 25.94 -5.53 45.59
CA MET F 511 26.18 -4.12 45.20
C MET F 511 26.81 -3.36 46.38
N LEU F 512 26.37 -3.68 47.61
CA LEU F 512 27.02 -3.15 48.83
C LEU F 512 28.49 -3.59 48.81
N ASN F 513 28.73 -4.89 48.62
CA ASN F 513 30.09 -5.46 48.43
C ASN F 513 30.88 -4.55 47.48
N GLN F 514 30.42 -4.43 46.23
CA GLN F 514 31.12 -3.73 45.12
C GLN F 514 31.40 -2.27 45.48
N HIS F 515 30.44 -1.57 46.09
CA HIS F 515 30.63 -0.13 46.44
C HIS F 515 31.59 -0.05 47.64
N ALA F 516 31.41 -0.87 48.67
CA ALA F 516 32.37 -0.96 49.80
C ALA F 516 33.80 -1.10 49.26
N LYS F 517 34.04 -2.06 48.35
CA LYS F 517 35.36 -2.32 47.72
C LYS F 517 35.86 -1.10 46.92
N TRP F 518 34.98 -0.38 46.25
CA TRP F 518 35.28 0.91 45.60
C TRP F 518 35.82 1.89 46.64
N LEU F 519 35.18 1.92 47.81
CA LEU F 519 35.45 2.90 48.86
C LEU F 519 36.72 2.47 49.59
N GLU F 520 36.85 1.17 49.85
CA GLU F 520 38.05 0.54 50.49
C GLU F 520 39.31 0.95 49.70
N ALA F 521 39.39 0.60 48.42
CA ALA F 521 40.47 0.98 47.46
C ALA F 521 40.70 2.49 47.44
N THR F 522 39.65 3.29 47.50
CA THR F 522 39.75 4.77 47.35
C THR F 522 40.48 5.33 48.57
N VAL F 523 40.09 4.92 49.78
CA VAL F 523 40.63 5.52 51.03
C VAL F 523 42.07 5.02 51.22
N ARG F 524 42.35 3.77 50.82
CA ARG F 524 43.70 3.15 50.88
C ARG F 524 44.74 3.85 49.99
N GLU F 525 44.51 4.02 48.68
CA GLU F 525 45.59 4.44 47.74
C GLU F 525 45.08 5.29 46.57
N ILE F 526 44.09 6.17 46.77
CA ILE F 526 43.57 7.07 45.69
C ILE F 526 43.24 8.42 46.31
N PRO F 527 44.28 9.14 46.80
CA PRO F 527 44.07 10.49 47.35
C PRO F 527 43.60 11.57 46.35
N TRP F 528 43.80 11.36 45.05
CA TRP F 528 43.43 12.36 44.00
C TRP F 528 41.92 12.30 43.81
N ARG F 529 41.34 11.14 44.05
CA ARG F 529 39.87 10.89 44.05
C ARG F 529 39.31 11.45 45.36
N LYS F 530 38.87 12.71 45.35
CA LYS F 530 38.36 13.44 46.53
C LYS F 530 37.16 12.69 47.15
N PRO F 531 36.78 12.95 48.42
CA PRO F 531 35.76 12.15 49.08
C PRO F 531 34.35 12.49 48.61
N ILE F 532 33.57 11.45 48.34
CA ILE F 532 32.14 11.49 47.88
C ILE F 532 31.23 11.38 49.11
N ALA F 533 30.01 11.90 49.02
CA ALA F 533 28.95 11.72 50.03
C ALA F 533 28.71 10.22 50.28
N SER F 534 28.16 9.89 51.45
CA SER F 534 27.96 8.48 51.85
C SER F 534 26.65 7.93 51.27
N MET F 535 26.67 6.63 50.96
CA MET F 535 25.50 5.84 50.56
C MET F 535 24.73 5.52 51.86
N ASN F 536 23.70 6.33 52.16
CA ASN F 536 22.89 6.27 53.39
C ASN F 536 21.65 5.42 53.12
N LEU F 537 21.49 4.31 53.86
CA LEU F 537 20.47 3.27 53.65
C LEU F 537 19.64 3.11 54.94
N LEU F 538 18.43 3.67 54.97
CA LEU F 538 17.46 3.44 56.07
C LEU F 538 16.99 2.00 55.98
N VAL F 539 17.35 1.16 56.96
CA VAL F 539 16.86 -0.26 57.04
C VAL F 539 15.75 -0.30 58.06
N SER F 540 14.49 -0.30 57.60
CA SER F 540 13.31 -0.31 58.48
C SER F 540 12.45 -1.50 58.09
N SER F 541 11.18 -1.48 58.53
CA SER F 541 10.20 -2.59 58.46
C SER F 541 10.95 -3.87 58.78
N HIS F 542 11.49 -3.90 60.01
CA HIS F 542 12.59 -4.82 60.39
C HIS F 542 11.97 -6.09 60.93
N VAL F 543 12.80 -7.09 61.22
CA VAL F 543 12.38 -8.50 61.44
C VAL F 543 11.31 -8.57 62.56
N TRP F 544 11.48 -7.81 63.63
CA TRP F 544 10.66 -7.92 64.86
C TRP F 544 9.22 -7.51 64.58
N ARG F 545 9.02 -6.61 63.61
CA ARG F 545 7.69 -6.07 63.30
C ARG F 545 7.34 -6.42 61.85
N GLN F 546 7.86 -7.56 61.35
CA GLN F 546 7.36 -8.24 60.12
C GLN F 546 6.43 -9.42 60.53
N ASP F 547 5.74 -9.25 61.66
CA ASP F 547 4.67 -10.16 62.14
C ASP F 547 3.46 -10.12 61.20
N HIS F 548 3.28 -9.02 60.44
CA HIS F 548 2.18 -8.83 59.44
C HIS F 548 2.51 -9.50 58.10
N ASN F 549 3.78 -9.57 57.70
CA ASN F 549 4.12 -10.18 56.38
C ASN F 549 4.60 -11.62 56.54
N GLY F 550 5.40 -11.92 57.56
CA GLY F 550 5.69 -13.31 57.92
C GLY F 550 7.12 -13.68 57.62
N PHE F 551 7.41 -14.97 57.57
CA PHE F 551 8.77 -15.55 57.63
C PHE F 551 9.66 -14.96 56.52
N SER F 552 9.20 -14.97 55.28
CA SER F 552 9.90 -14.45 54.08
C SER F 552 10.46 -13.03 54.29
N HIS F 553 9.79 -12.23 55.13
CA HIS F 553 10.09 -10.78 55.33
C HIS F 553 10.98 -10.57 56.55
N GLN F 554 11.44 -11.68 57.15
CA GLN F 554 12.09 -11.66 58.50
C GLN F 554 13.53 -12.11 58.33
N ASP F 555 14.43 -11.18 58.06
CA ASP F 555 15.87 -11.52 57.86
C ASP F 555 16.75 -10.27 58.07
N PRO F 556 17.33 -10.11 59.29
CA PRO F 556 18.16 -8.95 59.59
C PRO F 556 19.65 -9.19 59.24
N GLY F 557 19.92 -10.16 58.37
CA GLY F 557 21.26 -10.59 57.92
C GLY F 557 22.14 -9.46 57.38
N VAL F 558 21.61 -8.34 56.95
CA VAL F 558 22.46 -7.35 56.23
C VAL F 558 23.64 -6.98 57.15
N THR F 559 23.39 -6.85 58.46
CA THR F 559 24.44 -6.57 59.48
C THR F 559 25.60 -7.54 59.28
N SER F 560 25.33 -8.84 59.26
CA SER F 560 26.33 -9.93 59.05
C SER F 560 27.21 -9.66 57.81
N VAL F 561 26.60 -9.28 56.69
CA VAL F 561 27.24 -9.01 55.37
C VAL F 561 28.18 -7.80 55.47
N LEU F 562 27.73 -6.71 56.11
CA LEU F 562 28.48 -5.43 56.21
C LEU F 562 29.72 -5.58 57.09
N LEU F 563 29.64 -6.43 58.13
CA LEU F 563 30.78 -6.73 59.04
C LEU F 563 31.96 -7.27 58.23
N ASN F 564 31.70 -7.91 57.08
CA ASN F 564 32.73 -8.49 56.18
C ASN F 564 33.39 -7.38 55.35
N LYS F 565 33.22 -6.11 55.71
CA LYS F 565 33.84 -4.92 55.06
C LYS F 565 34.25 -3.89 56.13
N CYS F 566 34.56 -4.39 57.33
CA CYS F 566 35.07 -3.60 58.48
C CYS F 566 36.50 -4.03 58.85
N PHE F 567 37.50 -3.58 58.09
CA PHE F 567 38.93 -3.98 58.22
C PHE F 567 39.82 -2.74 58.06
N HIS F 568 41.15 -2.91 58.22
CA HIS F 568 42.22 -1.95 57.84
C HIS F 568 41.94 -0.51 58.32
N ASN F 569 41.00 -0.30 59.24
CA ASN F 569 40.55 1.05 59.68
C ASN F 569 40.24 1.92 58.46
N ASP F 570 39.68 1.31 57.40
CA ASP F 570 39.10 1.99 56.21
C ASP F 570 37.98 2.91 56.68
N HIS F 571 37.12 2.44 57.59
CA HIS F 571 35.96 3.18 58.14
C HIS F 571 35.06 3.60 56.98
N VAL F 572 34.57 2.61 56.22
CA VAL F 572 33.70 2.78 55.02
C VAL F 572 32.30 2.17 55.29
N ILE F 573 32.05 1.64 56.48
CA ILE F 573 30.79 0.98 56.92
C ILE F 573 30.37 1.62 58.24
N GLY F 574 29.18 2.22 58.28
CA GLY F 574 28.44 2.55 59.51
C GLY F 574 27.35 1.51 59.72
N ILE F 575 27.23 0.95 60.91
CA ILE F 575 26.06 0.08 61.24
C ILE F 575 25.46 0.64 62.53
N TYR F 576 24.37 1.39 62.40
CA TYR F 576 23.73 2.10 63.53
C TYR F 576 22.33 1.52 63.79
N PHE F 577 21.97 1.42 65.07
CA PHE F 577 20.62 1.09 65.60
C PHE F 577 20.07 2.34 66.28
N ALA F 578 19.15 3.03 65.62
CA ALA F 578 18.30 4.09 66.22
C ALA F 578 17.46 3.45 67.32
N THR F 579 17.95 3.56 68.55
CA THR F 579 17.23 3.28 69.82
C THR F 579 15.82 3.88 69.77
N ASP F 580 15.69 5.10 69.26
CA ASP F 580 14.42 5.88 69.20
C ASP F 580 14.64 7.01 68.19
N ALA F 581 13.67 7.93 68.06
CA ALA F 581 13.71 9.04 67.09
C ALA F 581 14.91 9.94 67.39
N ASN F 582 15.25 10.13 68.67
CA ASN F 582 16.33 11.06 69.06
C ASN F 582 17.67 10.44 68.68
N MET F 583 17.87 9.15 68.93
CA MET F 583 19.08 8.45 68.43
C MET F 583 19.10 8.57 66.90
N LEU F 584 17.95 8.44 66.23
CA LEU F 584 17.88 8.46 64.75
C LEU F 584 18.35 9.82 64.20
N LEU F 585 17.92 10.94 64.76
CA LEU F 585 18.35 12.31 64.36
C LEU F 585 19.87 12.43 64.48
N ALA F 586 20.41 12.03 65.63
CA ALA F 586 21.86 12.05 65.90
C ALA F 586 22.56 11.17 64.87
N ILE F 587 22.04 9.98 64.59
CA ILE F 587 22.68 9.02 63.64
C ILE F 587 22.64 9.63 62.23
N ALA F 588 21.55 10.32 61.92
CA ALA F 588 21.25 10.90 60.59
C ALA F 588 22.29 11.99 60.30
N GLU F 589 22.34 13.04 61.14
CA GLU F 589 23.33 14.15 61.05
C GLU F 589 24.72 13.57 60.84
N LYS F 590 25.05 12.52 61.61
CA LYS F 590 26.38 11.87 61.49
C LYS F 590 26.55 11.37 60.05
N CYS F 591 25.58 10.60 59.54
CA CYS F 591 25.61 10.00 58.18
C CYS F 591 25.59 11.05 57.06
N TYR F 592 24.80 12.12 57.19
CA TYR F 592 24.62 13.19 56.15
C TYR F 592 25.87 14.09 56.03
N LYS F 593 26.66 14.20 57.12
CA LYS F 593 27.95 14.94 57.16
C LYS F 593 29.06 13.99 56.71
N SER F 594 28.83 12.70 56.94
CA SER F 594 29.77 11.59 56.65
C SER F 594 30.19 11.65 55.17
N THR F 595 31.37 11.14 54.83
CA THR F 595 31.82 10.89 53.44
C THR F 595 32.51 9.54 53.35
N ASN F 596 32.62 9.02 52.13
CA ASN F 596 33.34 7.79 51.74
C ASN F 596 32.83 6.59 52.57
N LYS F 597 31.54 6.56 52.90
CA LYS F 597 30.90 5.46 53.68
C LYS F 597 29.63 4.90 53.00
N ILE F 598 29.35 3.63 53.29
CA ILE F 598 28.00 3.00 53.28
C ILE F 598 27.46 2.97 54.71
N ASN F 599 26.52 3.84 55.05
CA ASN F 599 25.86 3.87 56.38
C ASN F 599 24.56 3.05 56.32
N ALA F 600 24.47 1.99 57.12
CA ALA F 600 23.23 1.21 57.35
C ALA F 600 22.61 1.67 58.67
N ILE F 601 21.45 2.34 58.59
CA ILE F 601 20.67 2.89 59.74
C ILE F 601 19.46 1.99 60.01
N ILE F 602 19.58 1.07 60.99
CA ILE F 602 18.48 0.16 61.39
C ILE F 602 17.57 0.89 62.39
N ALA F 603 16.38 1.26 61.93
CA ALA F 603 15.39 2.00 62.73
C ALA F 603 14.02 1.40 62.44
N GLY F 604 13.19 1.30 63.48
CA GLY F 604 11.81 0.81 63.39
C GLY F 604 10.88 1.94 63.04
N LYS F 605 9.76 1.58 62.40
CA LYS F 605 8.67 2.49 61.94
C LYS F 605 7.41 2.25 62.78
N GLN F 606 7.40 1.17 63.58
CA GLN F 606 6.28 0.84 64.50
C GLN F 606 6.24 1.89 65.61
N PRO F 607 5.08 2.03 66.29
CA PRO F 607 4.98 2.89 67.46
C PRO F 607 5.87 2.25 68.53
N ALA F 608 6.74 3.06 69.12
CA ALA F 608 7.67 2.63 70.18
C ALA F 608 7.87 3.80 71.13
N ALA F 609 8.43 3.48 72.30
CA ALA F 609 8.84 4.43 73.35
C ALA F 609 10.08 5.20 72.87
N THR F 610 10.23 6.42 73.37
CA THR F 610 11.43 7.26 73.19
C THR F 610 12.20 7.21 74.51
N TRP F 611 13.47 6.80 74.46
CA TRP F 611 14.32 6.49 75.64
C TRP F 611 15.25 7.64 76.01
N LEU F 612 15.67 8.45 75.03
CA LEU F 612 16.77 9.44 75.16
C LEU F 612 16.33 10.81 74.65
N THR F 613 16.87 11.86 75.26
CA THR F 613 16.90 13.22 74.72
C THR F 613 17.94 13.21 73.60
N LEU F 614 18.08 14.32 72.88
CA LEU F 614 19.01 14.44 71.73
C LEU F 614 20.44 14.46 72.28
N ASP F 615 20.63 15.05 73.48
CA ASP F 615 21.95 15.22 74.14
C ASP F 615 22.47 13.86 74.59
N GLU F 616 21.61 13.08 75.25
CA GLU F 616 21.92 11.68 75.69
C GLU F 616 22.24 10.83 74.46
N ALA F 617 21.53 11.10 73.37
CA ALA F 617 21.68 10.45 72.05
C ALA F 617 23.08 10.74 71.47
N ARG F 618 23.41 12.03 71.28
CA ARG F 618 24.73 12.48 70.76
C ARG F 618 25.83 11.78 71.55
N ALA F 619 25.84 12.03 72.87
CA ALA F 619 26.70 11.42 73.90
C ALA F 619 26.82 9.93 73.64
N GLU F 620 25.69 9.21 73.67
CA GLU F 620 25.73 7.73 73.51
C GLU F 620 26.34 7.36 72.15
N LEU F 621 26.03 8.13 71.10
CA LEU F 621 26.45 7.84 69.71
C LEU F 621 27.94 8.17 69.53
N GLU F 622 28.40 9.31 70.07
CA GLU F 622 29.84 9.70 70.16
C GLU F 622 30.77 8.52 70.47
N LYS F 623 30.36 7.62 71.37
CA LYS F 623 31.16 6.44 71.79
C LYS F 623 30.56 5.16 71.18
N GLY F 624 29.23 5.11 71.03
CA GLY F 624 28.51 4.05 70.30
C GLY F 624 27.87 3.05 71.24
N ALA F 625 28.10 3.21 72.54
CA ALA F 625 27.40 2.53 73.65
C ALA F 625 27.50 3.42 74.88
N ALA F 626 26.46 3.42 75.70
CA ALA F 626 26.40 4.15 76.99
C ALA F 626 25.79 3.20 78.04
N ALA F 627 26.14 3.41 79.30
CA ALA F 627 25.38 2.92 80.46
C ALA F 627 24.25 3.94 80.66
N TRP F 628 23.05 3.44 80.90
CA TRP F 628 21.88 4.30 81.23
C TRP F 628 21.79 4.37 82.75
N ASP F 629 22.45 5.38 83.33
CA ASP F 629 22.54 5.61 84.80
C ASP F 629 21.13 5.56 85.36
N TRP F 630 20.27 6.43 84.81
CA TRP F 630 18.85 6.62 85.23
C TRP F 630 18.08 5.29 85.24
N ALA F 631 18.52 4.29 84.48
CA ALA F 631 17.82 3.00 84.31
C ALA F 631 18.35 1.94 85.27
N SER F 632 19.63 2.01 85.62
CA SER F 632 20.34 1.02 86.46
C SER F 632 19.81 1.12 87.89
N THR F 633 19.69 -0.02 88.58
CA THR F 633 19.42 -0.08 90.04
C THR F 633 20.77 -0.12 90.78
N ALA F 634 21.76 -0.78 90.19
CA ALA F 634 23.18 -0.76 90.61
C ALA F 634 23.75 0.64 90.37
N LYS F 635 24.42 1.23 91.37
CA LYS F 635 25.01 2.59 91.28
C LYS F 635 26.50 2.48 90.91
N ASN F 636 27.09 1.28 90.94
CA ASN F 636 28.43 1.03 90.32
C ASN F 636 28.57 -0.46 89.95
N ASN F 637 29.65 -0.81 89.25
CA ASN F 637 29.85 -2.13 88.56
C ASN F 637 29.99 -3.28 89.56
N ASP F 638 30.43 -3.01 90.79
CA ASP F 638 30.60 -4.02 91.88
C ASP F 638 29.22 -4.40 92.44
N GLU F 639 28.34 -3.41 92.66
CA GLU F 639 26.96 -3.59 93.22
C GLU F 639 26.12 -4.45 92.25
N ALA F 640 26.31 -4.27 90.93
CA ALA F 640 25.54 -4.90 89.83
C ALA F 640 25.63 -6.43 89.83
N GLU F 641 24.47 -7.12 89.77
CA GLU F 641 24.34 -8.60 89.81
C GLU F 641 24.30 -9.17 88.39
N VAL F 642 23.90 -8.34 87.43
CA VAL F 642 23.80 -8.69 85.98
C VAL F 642 23.79 -7.37 85.21
N VAL F 643 24.39 -7.34 84.02
CA VAL F 643 24.25 -6.22 83.03
C VAL F 643 23.22 -6.59 81.95
N LEU F 644 22.18 -5.76 81.81
CA LEU F 644 21.20 -5.83 80.70
C LEU F 644 21.69 -4.94 79.55
N ALA F 645 21.89 -5.52 78.37
CA ALA F 645 22.35 -4.80 77.17
C ALA F 645 21.40 -5.06 75.99
N ALA F 646 20.99 -3.98 75.30
CA ALA F 646 20.21 -4.02 74.04
C ALA F 646 20.97 -3.30 72.92
N ALA F 647 20.82 -3.81 71.71
CA ALA F 647 21.12 -3.11 70.44
C ALA F 647 19.88 -3.23 69.55
N GLY F 648 19.22 -2.11 69.26
CA GLY F 648 17.99 -2.10 68.46
C GLY F 648 16.77 -1.70 69.27
N ASP F 649 15.88 -0.92 68.67
CA ASP F 649 14.64 -0.39 69.29
C ASP F 649 13.90 -1.51 70.03
N VAL F 650 13.67 -2.67 69.42
CA VAL F 650 12.75 -3.69 70.00
C VAL F 650 13.48 -4.44 71.11
N PRO F 651 14.70 -4.98 70.88
CA PRO F 651 15.49 -5.53 71.98
C PRO F 651 15.58 -4.58 73.18
N THR F 652 15.71 -3.28 72.92
CA THR F 652 15.75 -2.19 73.93
C THR F 652 14.46 -2.19 74.75
N GLN F 653 13.32 -2.23 74.08
CA GLN F 653 11.96 -2.27 74.70
C GLN F 653 11.88 -3.47 75.66
N GLU F 654 12.15 -4.68 75.15
CA GLU F 654 12.02 -5.94 75.91
C GLU F 654 12.97 -5.91 77.11
N ILE F 655 14.23 -5.56 76.86
CA ILE F 655 15.26 -5.44 77.92
C ILE F 655 14.77 -4.46 78.99
N MET F 656 14.26 -3.29 78.59
CA MET F 656 13.78 -2.26 79.54
C MET F 656 12.59 -2.80 80.36
N ALA F 657 11.72 -3.60 79.74
CA ALA F 657 10.53 -4.17 80.42
C ALA F 657 11.00 -5.21 81.44
N ALA F 658 11.95 -6.05 81.04
CA ALA F 658 12.62 -7.04 81.91
C ALA F 658 13.15 -6.28 83.12
N SER F 659 13.80 -5.14 82.86
CA SER F 659 14.43 -4.27 83.88
C SER F 659 13.40 -3.89 84.95
N ASP F 660 12.13 -3.72 84.61
CA ASP F 660 11.10 -3.30 85.60
C ASP F 660 10.68 -4.49 86.48
N LYS F 661 10.85 -5.72 86.01
CA LYS F 661 10.45 -6.93 86.76
C LYS F 661 11.62 -7.33 87.64
N LEU F 662 12.85 -7.12 87.15
CA LEU F 662 14.07 -7.27 87.96
C LEU F 662 14.05 -6.25 89.09
N LYS F 663 13.54 -5.04 88.83
CA LYS F 663 13.48 -3.92 89.81
C LYS F 663 12.49 -4.27 90.92
N GLU F 664 11.34 -4.88 90.60
CA GLU F 664 10.24 -5.16 91.56
C GLU F 664 10.49 -6.52 92.24
N LEU F 665 11.72 -7.03 92.15
CA LEU F 665 12.23 -8.21 92.90
C LEU F 665 13.55 -7.83 93.59
N GLY F 666 13.80 -6.52 93.75
CA GLY F 666 14.97 -5.94 94.44
C GLY F 666 16.32 -6.32 93.83
N VAL F 667 16.37 -6.80 92.58
CA VAL F 667 17.64 -7.17 91.87
C VAL F 667 18.40 -5.88 91.54
N LYS F 668 19.73 -5.95 91.51
CA LYS F 668 20.61 -4.80 91.18
C LYS F 668 21.25 -5.08 89.82
N PHE F 669 21.05 -4.20 88.85
CA PHE F 669 21.46 -4.44 87.43
C PHE F 669 21.92 -3.13 86.78
N LYS F 670 22.88 -3.25 85.88
CA LYS F 670 23.31 -2.18 84.94
C LYS F 670 22.47 -2.31 83.66
N VAL F 671 22.10 -1.17 83.06
CA VAL F 671 21.45 -1.10 81.72
C VAL F 671 22.40 -0.43 80.70
N VAL F 672 22.77 -1.16 79.66
CA VAL F 672 23.66 -0.66 78.57
C VAL F 672 22.86 -0.62 77.27
N ASN F 673 23.14 0.37 76.44
CA ASN F 673 22.54 0.49 75.09
C ASN F 673 23.66 0.66 74.05
N VAL F 674 23.68 -0.20 73.02
CA VAL F 674 24.57 -0.06 71.83
C VAL F 674 23.78 0.60 70.70
N ALA F 675 24.26 1.76 70.21
CA ALA F 675 23.76 2.52 69.05
C ALA F 675 24.63 2.27 67.81
N ASP F 676 25.94 2.28 67.98
CA ASP F 676 26.93 1.99 66.91
C ASP F 676 27.53 0.60 67.17
N LEU F 677 27.19 -0.38 66.33
CA LEU F 677 27.60 -1.79 66.49
C LEU F 677 29.12 -1.93 66.42
N LEU F 678 29.79 -1.09 65.61
CA LEU F 678 31.24 -1.25 65.36
C LEU F 678 32.04 -0.65 66.54
N SER F 679 31.38 0.00 67.51
CA SER F 679 32.01 0.38 68.80
C SER F 679 32.33 -0.89 69.64
N LEU F 680 31.66 -2.03 69.43
CA LEU F 680 31.96 -3.30 70.15
C LEU F 680 33.09 -4.05 69.46
N GLN F 681 33.69 -3.50 68.41
CA GLN F 681 34.71 -4.22 67.62
C GLN F 681 36.03 -4.22 68.42
N SER F 682 36.73 -5.36 68.41
CA SER F 682 38.16 -5.51 68.80
C SER F 682 38.92 -4.20 68.55
N ALA F 683 39.40 -3.54 69.62
CA ALA F 683 40.15 -2.27 69.54
C ALA F 683 41.52 -2.51 68.89
N LYS F 684 41.93 -3.78 68.72
CA LYS F 684 43.02 -4.22 67.81
C LYS F 684 42.63 -3.95 66.35
N GLU F 685 41.36 -4.17 65.98
CA GLU F 685 40.89 -4.15 64.57
C GLU F 685 40.43 -2.73 64.20
N ASN F 686 39.91 -1.93 65.15
CA ASN F 686 39.21 -0.65 64.85
C ASN F 686 39.57 0.41 65.91
N ASP F 687 40.30 1.45 65.49
CA ASP F 687 40.83 2.54 66.34
C ASP F 687 39.76 3.61 66.61
N GLU F 688 38.49 3.30 66.36
CA GLU F 688 37.34 4.15 66.71
C GLU F 688 36.48 3.41 67.73
N ALA F 689 36.65 2.09 67.83
CA ALA F 689 35.96 1.22 68.81
C ALA F 689 36.28 1.70 70.23
N LEU F 690 35.36 1.44 71.16
CA LEU F 690 35.61 1.52 72.62
C LEU F 690 36.92 0.79 72.89
N THR F 691 37.76 1.38 73.75
CA THR F 691 38.95 0.73 74.35
C THR F 691 38.48 -0.39 75.31
N ASP F 692 39.33 -1.41 75.51
CA ASP F 692 39.04 -2.54 76.42
C ASP F 692 38.65 -1.97 77.79
N GLU F 693 39.18 -0.80 78.17
CA GLU F 693 38.87 -0.12 79.45
C GLU F 693 37.43 0.40 79.42
N GLU F 694 37.12 1.24 78.42
CA GLU F 694 35.77 1.85 78.20
C GLU F 694 34.71 0.74 78.15
N PHE F 695 35.01 -0.35 77.45
CA PHE F 695 34.18 -1.56 77.27
C PHE F 695 33.87 -2.23 78.63
N ALA F 696 34.93 -2.62 79.35
CA ALA F 696 34.88 -3.24 80.70
C ALA F 696 34.18 -2.30 81.68
N ASP F 697 34.38 -0.99 81.54
CA ASP F 697 33.69 0.02 82.41
C ASP F 697 32.18 -0.12 82.19
N ILE F 698 31.76 0.00 80.93
CA ILE F 698 30.32 -0.05 80.52
C ILE F 698 29.76 -1.45 80.86
N PHE F 699 30.39 -2.55 80.42
CA PHE F 699 29.85 -3.92 80.57
C PHE F 699 30.37 -4.66 81.82
N THR F 700 31.05 -3.99 82.76
CA THR F 700 31.73 -4.60 83.93
C THR F 700 32.79 -5.59 83.41
N ALA F 701 33.72 -6.02 84.27
CA ALA F 701 34.83 -6.90 83.88
C ALA F 701 34.56 -8.35 84.28
N ASP F 702 33.58 -8.59 85.15
CA ASP F 702 33.39 -9.91 85.81
C ASP F 702 31.91 -10.30 85.92
N LYS F 703 30.96 -9.39 85.62
CA LYS F 703 29.49 -9.66 85.76
C LYS F 703 28.97 -10.34 84.49
N PRO F 704 27.91 -11.17 84.61
CA PRO F 704 27.28 -11.77 83.43
C PRO F 704 26.46 -10.69 82.71
N VAL F 705 26.54 -10.66 81.38
CA VAL F 705 25.87 -9.66 80.49
C VAL F 705 24.80 -10.37 79.69
N LEU F 706 23.53 -10.01 79.89
CA LEU F 706 22.41 -10.39 79.00
C LEU F 706 22.33 -9.38 77.85
N PHE F 707 22.55 -9.85 76.62
CA PHE F 707 22.56 -8.99 75.40
C PHE F 707 21.39 -9.36 74.50
N ALA F 708 20.40 -8.45 74.41
CA ALA F 708 19.32 -8.49 73.39
C ALA F 708 19.80 -7.73 72.14
N TYR F 709 20.11 -8.49 71.07
CA TYR F 709 20.65 -8.01 69.77
C TYR F 709 19.55 -8.03 68.72
N HIS F 710 19.44 -6.93 67.97
CA HIS F 710 18.44 -6.75 66.90
C HIS F 710 18.48 -7.94 65.94
N SER F 711 19.67 -8.35 65.53
CA SER F 711 19.89 -9.27 64.38
C SER F 711 20.36 -10.62 64.92
N TYR F 712 21.09 -11.38 64.10
CA TYR F 712 21.64 -12.73 64.43
C TYR F 712 22.71 -12.59 65.52
N ALA F 713 22.58 -13.40 66.56
CA ALA F 713 23.48 -13.42 67.74
C ALA F 713 24.93 -13.67 67.29
N HIS F 714 25.15 -14.53 66.30
CA HIS F 714 26.49 -14.81 65.70
C HIS F 714 27.27 -13.49 65.45
N ASP F 715 26.58 -12.40 65.11
CA ASP F 715 27.24 -11.11 64.79
C ASP F 715 28.06 -10.65 65.99
N VAL F 716 27.42 -10.49 67.14
CA VAL F 716 28.04 -9.93 68.37
C VAL F 716 29.06 -10.95 68.89
N ARG F 717 28.75 -12.25 68.85
CA ARG F 717 29.62 -13.36 69.35
C ARG F 717 30.96 -13.32 68.60
N GLY F 718 30.97 -12.96 67.31
CA GLY F 718 32.19 -12.84 66.51
C GLY F 718 32.94 -11.52 66.71
N LEU F 719 32.24 -10.47 67.13
CA LEU F 719 32.76 -9.08 67.21
C LEU F 719 33.55 -8.85 68.52
N ILE F 720 33.30 -9.65 69.55
CA ILE F 720 33.77 -9.40 70.94
C ILE F 720 34.68 -10.53 71.40
N TYR F 721 35.07 -11.44 70.49
CA TYR F 721 35.91 -12.64 70.78
C TYR F 721 37.07 -12.28 71.72
N ASP F 722 37.59 -11.04 71.64
CA ASP F 722 38.80 -10.56 72.38
C ASP F 722 38.43 -9.43 73.37
N ARG F 723 37.23 -9.44 73.94
CA ARG F 723 36.76 -8.34 74.83
C ARG F 723 36.71 -8.80 76.30
N PRO F 724 37.03 -7.89 77.25
CA PRO F 724 36.75 -8.14 78.65
C PRO F 724 35.37 -8.78 78.87
N ASN F 725 35.36 -9.94 79.52
CA ASN F 725 34.13 -10.50 80.15
C ASN F 725 33.25 -11.09 79.04
N HIS F 726 33.86 -11.50 77.93
CA HIS F 726 33.13 -11.87 76.68
C HIS F 726 32.45 -13.22 76.87
N ASP F 727 33.01 -14.12 77.67
CA ASP F 727 32.42 -15.47 77.94
C ASP F 727 31.20 -15.33 78.85
N ASN F 728 31.06 -14.19 79.52
CA ASN F 728 29.91 -13.85 80.40
C ASN F 728 28.76 -13.16 79.66
N PHE F 729 28.95 -12.86 78.37
CA PHE F 729 27.89 -12.29 77.49
C PHE F 729 26.90 -13.42 77.13
N ASN F 730 25.60 -13.19 77.39
CA ASN F 730 24.50 -14.11 76.96
C ASN F 730 23.69 -13.40 75.90
N VAL F 731 24.01 -13.68 74.63
CA VAL F 731 23.48 -12.92 73.46
C VAL F 731 22.23 -13.66 72.98
N HIS F 732 21.08 -13.01 73.07
CA HIS F 732 19.83 -13.44 72.42
C HIS F 732 19.64 -12.57 71.17
N GLY F 733 19.24 -13.20 70.06
CA GLY F 733 18.93 -12.47 68.82
C GLY F 733 17.92 -13.21 67.99
N TYR F 734 17.74 -12.79 66.74
CA TYR F 734 16.83 -13.45 65.78
C TYR F 734 17.44 -14.82 65.48
N GLU F 735 16.59 -15.85 65.37
CA GLU F 735 16.99 -17.27 65.36
C GLU F 735 16.18 -18.05 64.32
N GLU F 736 15.69 -17.34 63.28
CA GLU F 736 14.88 -17.94 62.18
C GLU F 736 13.64 -18.60 62.79
N GLU F 737 13.04 -17.96 63.78
CA GLU F 737 11.69 -18.35 64.26
C GLU F 737 10.79 -17.18 63.91
N GLY F 738 9.52 -17.46 63.66
CA GLY F 738 8.51 -16.42 63.41
C GLY F 738 7.53 -16.84 62.33
N SER F 739 6.46 -16.08 62.24
CA SER F 739 5.37 -16.34 61.27
C SER F 739 4.57 -15.04 61.11
N THR F 740 3.40 -15.16 60.52
CA THR F 740 2.37 -14.10 60.59
C THR F 740 1.76 -14.27 61.97
N THR F 741 1.98 -13.33 62.88
CA THR F 741 1.68 -13.53 64.31
C THR F 741 1.62 -12.16 64.98
N THR F 742 1.70 -12.10 66.30
CA THR F 742 1.61 -10.85 67.09
C THR F 742 3.02 -10.37 67.38
N PRO F 743 3.21 -9.09 67.71
CA PRO F 743 4.53 -8.57 68.09
C PRO F 743 5.21 -9.36 69.21
N TYR F 744 4.44 -9.81 70.19
CA TYR F 744 4.99 -10.51 71.37
C TYR F 744 5.48 -11.88 70.92
N ASP F 745 4.68 -12.57 70.13
CA ASP F 745 5.02 -13.94 69.67
C ASP F 745 6.32 -13.93 68.88
N MET F 746 6.65 -12.79 68.26
CA MET F 746 7.85 -12.63 67.40
C MET F 746 9.06 -12.63 68.33
N VAL F 747 9.01 -11.85 69.41
CA VAL F 747 10.10 -11.84 70.43
C VAL F 747 10.08 -13.18 71.21
N ARG F 748 8.91 -13.62 71.66
CA ARG F 748 8.74 -14.89 72.40
C ARG F 748 9.44 -16.03 71.66
N VAL F 749 9.08 -16.27 70.40
CA VAL F 749 9.50 -17.48 69.65
C VAL F 749 11.01 -17.42 69.31
N ASN F 750 11.67 -16.25 69.41
CA ASN F 750 13.14 -16.03 69.27
C ASN F 750 13.81 -15.82 70.65
N ARG F 751 13.08 -16.14 71.73
CA ARG F 751 13.56 -16.13 73.15
C ARG F 751 14.20 -14.78 73.47
N ILE F 752 13.53 -13.69 73.13
CA ILE F 752 14.04 -12.31 73.41
C ILE F 752 12.88 -11.44 73.92
N ASP F 753 11.79 -12.05 74.34
CA ASP F 753 10.69 -11.37 75.05
C ASP F 753 11.14 -10.96 76.46
N ARG F 754 10.51 -9.93 77.04
CA ARG F 754 10.82 -9.41 78.40
C ARG F 754 10.74 -10.53 79.46
N TYR F 755 9.82 -11.47 79.33
CA TYR F 755 9.63 -12.55 80.34
C TYR F 755 10.83 -13.51 80.29
N GLU F 756 11.30 -13.90 79.10
CA GLU F 756 12.49 -14.76 78.96
C GLU F 756 13.74 -13.97 79.36
N LEU F 757 13.75 -12.68 79.07
CA LEU F 757 14.95 -11.85 79.35
C LEU F 757 15.04 -11.70 80.88
N THR F 758 13.92 -11.45 81.55
CA THR F 758 13.82 -11.49 83.04
C THR F 758 14.31 -12.87 83.53
N ALA F 759 13.74 -13.96 83.03
CA ALA F 759 14.09 -15.35 83.43
C ALA F 759 15.59 -15.60 83.25
N GLU F 760 16.19 -15.18 82.13
CA GLU F 760 17.62 -15.47 81.82
C GLU F 760 18.50 -14.71 82.83
N ALA F 761 18.17 -13.44 83.12
CA ALA F 761 18.88 -12.59 84.09
C ALA F 761 18.92 -13.33 85.43
N LEU F 762 17.76 -13.82 85.90
CA LEU F 762 17.60 -14.67 87.11
C LEU F 762 18.38 -15.99 86.97
N ARG F 763 18.33 -16.68 85.83
CA ARG F 763 19.05 -17.98 85.62
C ARG F 763 20.57 -17.78 85.77
N MET F 764 21.08 -16.60 85.39
CA MET F 764 22.54 -16.25 85.38
C MET F 764 22.96 -15.68 86.73
N ILE F 765 22.01 -15.33 87.59
CA ILE F 765 22.23 -14.91 89.00
C ILE F 765 22.14 -16.15 89.90
N ASP F 766 20.94 -16.74 90.03
CA ASP F 766 20.69 -17.92 90.89
C ASP F 766 19.56 -18.78 90.31
N ALA F 767 19.95 -19.69 89.42
CA ALA F 767 19.09 -20.76 88.85
C ALA F 767 18.20 -21.36 89.96
N ASP F 768 18.66 -21.37 91.22
CA ASP F 768 18.05 -22.11 92.36
C ASP F 768 17.23 -21.17 93.27
N LYS F 769 17.84 -20.11 93.76
CA LYS F 769 17.18 -19.11 94.65
C LYS F 769 15.88 -18.62 94.00
N TYR F 770 15.84 -18.55 92.67
CA TYR F 770 14.74 -17.89 91.91
C TYR F 770 13.92 -18.90 91.08
N ALA F 771 14.26 -20.19 91.12
CA ALA F 771 13.61 -21.27 90.33
C ALA F 771 12.06 -21.16 90.38
N ASP F 772 11.50 -20.41 91.34
CA ASP F 772 10.03 -20.25 91.51
C ASP F 772 9.53 -19.13 90.61
N LYS F 773 10.27 -18.01 90.55
CA LYS F 773 9.98 -16.86 89.65
C LYS F 773 10.30 -17.24 88.21
N ILE F 774 11.45 -17.89 87.98
CA ILE F 774 11.88 -18.46 86.66
C ILE F 774 10.79 -19.39 86.12
N ASP F 775 10.35 -20.35 86.92
CA ASP F 775 9.29 -21.33 86.54
C ASP F 775 7.98 -20.58 86.26
N GLU F 776 7.69 -19.51 87.00
CA GLU F 776 6.43 -18.72 86.90
C GLU F 776 6.48 -17.85 85.64
N LEU F 777 7.60 -17.16 85.41
CA LEU F 777 7.90 -16.42 84.15
C LEU F 777 7.77 -17.38 82.93
N GLU F 778 8.43 -18.54 82.90
CA GLU F 778 8.24 -19.53 81.82
C GLU F 778 6.76 -19.90 81.61
N LYS F 779 5.94 -19.92 82.66
CA LYS F 779 4.54 -20.39 82.56
C LYS F 779 3.70 -19.25 81.97
N PHE F 780 4.04 -17.99 82.27
CA PHE F 780 3.36 -16.80 81.71
C PHE F 780 3.64 -16.65 80.19
N ARG F 781 4.85 -16.95 79.72
CA ARG F 781 5.24 -16.94 78.29
C ARG F 781 4.32 -17.88 77.50
N ASP F 782 4.10 -19.09 78.00
CA ASP F 782 3.24 -20.13 77.35
C ASP F 782 1.77 -19.75 77.54
N GLU F 783 1.47 -18.74 78.34
CA GLU F 783 0.08 -18.40 78.77
C GLU F 783 -0.37 -17.11 78.08
N ALA F 784 0.57 -16.21 77.79
CA ALA F 784 0.36 -14.98 76.98
C ALA F 784 0.30 -15.33 75.48
N PHE F 785 1.04 -16.33 75.01
CA PHE F 785 0.96 -16.84 73.62
C PHE F 785 -0.44 -17.40 73.42
N GLN F 786 -0.86 -18.24 74.36
CA GLN F 786 -2.21 -18.87 74.34
C GLN F 786 -3.30 -17.77 74.38
N PHE F 787 -3.06 -16.68 75.10
CA PHE F 787 -4.00 -15.53 75.12
C PHE F 787 -4.16 -14.98 73.70
N ALA F 788 -3.05 -14.88 72.94
CA ALA F 788 -2.99 -14.24 71.61
C ALA F 788 -3.69 -15.12 70.59
N VAL F 789 -3.44 -16.43 70.64
CA VAL F 789 -4.18 -17.40 69.77
C VAL F 789 -5.68 -17.22 70.02
N ASP F 790 -6.08 -17.21 71.28
CA ASP F 790 -7.51 -17.20 71.69
C ASP F 790 -8.14 -15.86 71.32
N ASN F 791 -7.44 -14.74 71.50
CA ASN F 791 -8.07 -13.38 71.45
C ASN F 791 -7.57 -12.57 70.25
N GLY F 792 -6.45 -12.98 69.65
CA GLY F 792 -5.91 -12.41 68.41
C GLY F 792 -5.24 -11.06 68.62
N TYR F 793 -5.06 -10.67 69.87
CA TYR F 793 -4.18 -9.54 70.26
C TYR F 793 -3.34 -10.02 71.45
N ASP F 794 -2.36 -9.22 71.86
CA ASP F 794 -1.36 -9.63 72.86
C ASP F 794 -1.92 -9.41 74.26
N HIS F 795 -1.40 -10.17 75.23
CA HIS F 795 -1.81 -10.10 76.66
C HIS F 795 -1.59 -8.68 77.18
N PRO F 796 -2.55 -8.12 77.95
CA PRO F 796 -2.46 -6.73 78.41
C PRO F 796 -1.19 -6.40 79.21
N ASP F 797 -0.58 -7.39 79.83
CA ASP F 797 0.69 -7.16 80.56
C ASP F 797 1.80 -6.72 79.58
N TYR F 798 1.86 -7.33 78.38
CA TYR F 798 2.87 -7.00 77.32
C TYR F 798 2.52 -5.65 76.70
N THR F 799 1.22 -5.44 76.48
CA THR F 799 0.65 -4.36 75.65
C THR F 799 0.67 -3.04 76.40
N ASP F 800 0.23 -3.05 77.66
CA ASP F 800 -0.10 -1.84 78.47
C ASP F 800 1.11 -1.40 79.29
N TRP F 801 2.13 -2.26 79.44
CA TRP F 801 3.41 -1.89 80.11
C TRP F 801 3.86 -0.49 79.66
N VAL F 802 4.18 0.39 80.62
CA VAL F 802 5.05 1.60 80.44
C VAL F 802 6.20 1.49 81.44
N TYR F 803 7.40 1.91 81.04
CA TYR F 803 8.60 2.02 81.94
C TYR F 803 8.22 2.76 83.24
N SER F 804 8.76 2.24 84.36
CA SER F 804 8.73 2.81 85.74
C SER F 804 8.80 4.32 85.71
N GLY F 805 9.76 4.87 84.96
CA GLY F 805 10.22 6.26 85.03
C GLY F 805 9.48 7.20 84.10
N VAL F 806 8.18 7.02 83.91
CA VAL F 806 7.30 7.91 83.08
C VAL F 806 6.25 8.61 83.96
N ASN F 807 5.52 9.58 83.39
CA ASN F 807 4.21 10.11 83.84
C ASN F 807 4.42 11.40 84.64
N THR F 808 3.39 12.25 84.65
CA THR F 808 3.36 13.64 85.18
C THR F 808 3.36 13.61 86.71
N THR G 2 7.39 0.25 -54.56
CA THR G 2 7.30 0.21 -53.10
C THR G 2 7.83 1.54 -52.57
N SER G 3 7.26 2.02 -51.46
CA SER G 3 7.77 3.22 -50.76
C SER G 3 9.27 3.09 -50.66
N PRO G 4 10.03 4.17 -50.96
CA PRO G 4 11.47 4.15 -50.76
C PRO G 4 11.86 4.45 -49.32
N VAL G 5 13.01 3.92 -48.89
CA VAL G 5 13.64 4.27 -47.59
C VAL G 5 14.38 5.61 -47.78
N ILE G 6 13.98 6.64 -47.03
CA ILE G 6 14.57 8.02 -47.08
C ILE G 6 15.26 8.27 -45.73
N GLY G 7 16.45 8.86 -45.77
CA GLY G 7 17.19 9.31 -44.59
C GLY G 7 17.55 8.12 -43.75
N THR G 8 17.66 8.34 -42.43
CA THR G 8 18.15 7.39 -41.40
C THR G 8 17.03 7.18 -40.40
N PRO G 9 16.10 6.23 -40.65
CA PRO G 9 14.86 6.15 -39.88
C PRO G 9 15.01 5.55 -38.48
N TRP G 10 14.19 6.02 -37.54
CA TRP G 10 13.99 5.45 -36.18
C TRP G 10 15.27 5.55 -35.37
N LYS G 11 15.95 6.70 -35.50
CA LYS G 11 17.29 6.97 -34.90
C LYS G 11 17.09 7.85 -33.67
N LYS G 12 17.55 7.39 -32.52
CA LYS G 12 17.62 8.19 -31.27
C LYS G 12 18.71 9.26 -31.38
N LEU G 13 18.53 10.36 -30.66
CA LEU G 13 19.47 11.50 -30.63
C LEU G 13 20.67 11.18 -29.72
N ASN G 14 20.43 10.69 -28.50
CA ASN G 14 21.53 10.33 -27.55
C ASN G 14 22.33 11.59 -27.24
N ALA G 15 21.62 12.64 -26.86
CA ALA G 15 22.13 14.03 -26.69
C ALA G 15 20.95 14.94 -26.39
N PRO G 16 21.17 15.99 -25.59
CA PRO G 16 20.19 17.05 -25.47
C PRO G 16 20.00 17.79 -26.80
N VAL G 17 18.78 18.22 -27.07
CA VAL G 17 18.53 19.24 -28.12
C VAL G 17 19.37 20.45 -27.75
N SER G 18 20.27 20.89 -28.64
CA SER G 18 21.18 22.04 -28.44
C SER G 18 20.36 23.32 -28.25
N GLU G 19 20.92 24.31 -27.56
CA GLU G 19 20.36 25.68 -27.42
C GLU G 19 20.25 26.35 -28.79
N GLU G 20 21.20 26.12 -29.70
CA GLU G 20 21.23 26.73 -31.05
C GLU G 20 19.91 26.40 -31.79
N ALA G 21 19.54 25.12 -31.82
CA ALA G 21 18.37 24.63 -32.56
C ALA G 21 17.10 25.27 -31.96
N LEU G 22 16.98 25.35 -30.63
CA LEU G 22 15.76 25.88 -29.98
C LEU G 22 15.67 27.38 -30.26
N GLU G 23 16.80 28.07 -30.29
CA GLU G 23 16.84 29.51 -30.71
C GLU G 23 16.29 29.62 -32.15
N GLY G 24 16.68 28.71 -33.03
CA GLY G 24 16.20 28.65 -34.42
C GLY G 24 14.73 28.37 -34.46
N VAL G 25 14.26 27.41 -33.65
CA VAL G 25 12.82 27.02 -33.59
C VAL G 25 12.03 28.25 -33.12
N ASP G 26 12.47 28.96 -32.09
CA ASP G 26 11.77 30.21 -31.67
C ASP G 26 11.74 31.19 -32.85
N LYS G 27 12.85 31.42 -33.53
CA LYS G 27 12.85 32.35 -34.70
C LYS G 27 11.90 31.83 -35.80
N TYR G 28 11.96 30.53 -36.09
CA TYR G 28 11.02 29.85 -37.04
C TYR G 28 9.60 30.19 -36.63
N TRP G 29 9.27 29.92 -35.37
CA TRP G 29 7.90 30.09 -34.82
C TRP G 29 7.49 31.54 -35.04
N ARG G 30 8.36 32.50 -34.68
CA ARG G 30 8.05 33.95 -34.79
C ARG G 30 7.85 34.33 -36.27
N VAL G 31 8.73 33.85 -37.16
CA VAL G 31 8.64 34.27 -38.59
C VAL G 31 7.43 33.60 -39.23
N ALA G 32 7.17 32.33 -38.91
CA ALA G 32 5.99 31.61 -39.44
C ALA G 32 4.75 32.38 -39.05
N ASN G 33 4.70 32.87 -37.79
CA ASN G 33 3.56 33.62 -37.25
C ASN G 33 3.43 34.91 -38.06
N TYR G 34 4.54 35.61 -38.26
CA TYR G 34 4.58 36.88 -39.03
C TYR G 34 4.10 36.62 -40.47
N LEU G 35 4.71 35.64 -41.15
CA LEU G 35 4.31 35.22 -42.52
C LEU G 35 2.84 34.81 -42.55
N SER G 36 2.34 34.18 -41.51
CA SER G 36 0.92 33.74 -41.43
C SER G 36 0.00 34.96 -41.31
N ILE G 37 0.28 35.86 -40.38
CA ILE G 37 -0.53 37.11 -40.19
C ILE G 37 -0.40 37.94 -41.47
N GLY G 38 0.82 38.00 -42.01
CA GLY G 38 1.07 38.72 -43.28
C GLY G 38 0.12 38.26 -44.38
N GLN G 39 0.09 36.94 -44.61
CA GLN G 39 -0.76 36.27 -45.63
C GLN G 39 -2.21 36.65 -45.37
N ILE G 40 -2.61 36.75 -44.11
CA ILE G 40 -4.05 37.03 -43.81
C ILE G 40 -4.31 38.50 -44.06
N TYR G 41 -3.48 39.38 -43.52
CA TYR G 41 -3.79 40.82 -43.34
C TYR G 41 -3.27 41.75 -44.45
N LEU G 42 -2.17 41.44 -45.14
CA LEU G 42 -1.38 42.47 -45.88
C LEU G 42 -1.46 42.30 -47.41
N ARG G 43 -1.86 43.38 -48.08
CA ARG G 43 -1.85 43.45 -49.56
C ARG G 43 -0.49 43.93 -50.02
N SER G 44 0.29 44.56 -49.15
CA SER G 44 1.57 45.17 -49.57
C SER G 44 2.37 45.64 -48.36
N ASN G 45 3.59 46.09 -48.59
CA ASN G 45 4.48 46.63 -47.54
C ASN G 45 4.71 45.52 -46.55
N PRO G 46 5.22 44.36 -46.99
CA PRO G 46 5.37 43.21 -46.10
C PRO G 46 6.24 43.48 -44.86
N LEU G 47 7.16 44.44 -44.91
CA LEU G 47 8.10 44.67 -43.79
C LEU G 47 7.75 45.98 -43.08
N MET G 48 6.56 46.51 -43.27
CA MET G 48 6.08 47.69 -42.53
C MET G 48 7.09 48.85 -42.68
N LYS G 49 7.58 49.11 -43.90
CA LYS G 49 8.41 50.31 -44.21
C LYS G 49 7.54 51.59 -44.22
N GLU G 50 8.01 52.64 -43.56
CA GLU G 50 7.18 53.85 -43.33
C GLU G 50 7.05 54.55 -44.66
N PRO G 51 5.86 55.03 -45.03
CA PRO G 51 4.65 54.90 -44.24
C PRO G 51 3.97 53.53 -44.42
N PHE G 52 3.62 52.91 -43.29
CA PHE G 52 2.82 51.68 -43.16
C PHE G 52 1.46 52.09 -42.61
N THR G 53 0.40 51.93 -43.40
CA THR G 53 -0.93 52.52 -43.13
C THR G 53 -2.02 51.48 -43.40
N ARG G 54 -3.23 51.79 -42.93
CA ARG G 54 -4.52 51.22 -43.41
C ARG G 54 -4.34 50.59 -44.79
N GLU G 55 -3.70 51.32 -45.70
CA GLU G 55 -3.77 51.02 -47.14
C GLU G 55 -2.98 49.75 -47.43
N ASP G 56 -2.04 49.38 -46.57
CA ASP G 56 -1.27 48.13 -46.77
C ASP G 56 -2.06 46.91 -46.29
N VAL G 57 -3.29 47.09 -45.76
CA VAL G 57 -4.13 45.99 -45.21
C VAL G 57 -5.15 45.54 -46.27
N LYS G 58 -5.38 44.24 -46.41
CA LYS G 58 -6.30 43.67 -47.42
C LYS G 58 -7.71 44.19 -47.12
N HIS G 59 -8.52 44.44 -48.15
CA HIS G 59 -9.89 44.98 -48.01
C HIS G 59 -10.75 43.95 -47.26
N ARG G 60 -10.43 42.67 -47.47
CA ARG G 60 -11.22 41.50 -47.01
C ARG G 60 -10.25 40.50 -46.40
N LEU G 61 -10.49 40.14 -45.14
CA LEU G 61 -9.68 39.20 -44.34
C LEU G 61 -10.25 37.79 -44.49
N VAL G 62 -9.44 36.93 -45.10
CA VAL G 62 -9.77 35.53 -45.43
C VAL G 62 -8.62 34.70 -44.88
N GLY G 63 -8.92 33.72 -44.05
CA GLY G 63 -7.88 32.91 -43.40
C GLY G 63 -8.16 32.76 -41.93
N HIS G 64 -7.41 31.89 -41.30
CA HIS G 64 -7.67 31.38 -39.93
C HIS G 64 -6.38 31.52 -39.16
N TRP G 65 -6.47 32.22 -38.04
CA TRP G 65 -5.34 32.46 -37.11
C TRP G 65 -5.36 31.41 -35.99
N GLY G 66 -6.53 31.08 -35.44
CA GLY G 66 -6.69 30.34 -34.16
C GLY G 66 -5.70 29.19 -34.02
N THR G 67 -5.63 28.30 -35.02
CA THR G 67 -4.94 26.98 -34.98
C THR G 67 -3.48 27.20 -35.34
N THR G 68 -3.25 28.23 -36.17
CA THR G 68 -1.97 28.54 -36.91
C THR G 68 -0.77 28.62 -35.98
N PRO G 69 -0.75 29.43 -34.88
CA PRO G 69 0.42 29.55 -34.03
C PRO G 69 0.76 28.22 -33.35
N GLY G 70 -0.24 27.44 -33.02
CA GLY G 70 0.03 26.08 -32.50
C GLY G 70 0.65 25.21 -33.58
N LEU G 71 0.06 25.20 -34.79
CA LEU G 71 0.65 24.49 -35.96
C LEU G 71 2.07 24.98 -36.21
N ASN G 72 2.33 26.30 -36.18
CA ASN G 72 3.67 26.86 -36.47
C ASN G 72 4.67 26.37 -35.43
N PHE G 73 4.28 26.41 -34.16
CA PHE G 73 5.04 25.83 -33.04
C PHE G 73 5.38 24.36 -33.33
N LEU G 74 4.38 23.54 -33.61
CA LEU G 74 4.59 22.08 -33.78
C LEU G 74 5.50 21.86 -35.00
N ILE G 75 5.17 22.49 -36.12
CA ILE G 75 5.94 22.31 -37.40
C ILE G 75 7.36 22.84 -37.19
N GLY G 76 7.51 23.91 -36.43
CA GLY G 76 8.84 24.40 -36.03
C GLY G 76 9.64 23.30 -35.35
N HIS G 77 9.07 22.69 -34.32
CA HIS G 77 9.70 21.59 -33.55
C HIS G 77 9.89 20.37 -34.43
N ILE G 78 8.93 20.05 -35.30
CA ILE G 78 9.06 18.89 -36.22
C ILE G 78 10.23 19.10 -37.20
N ASN G 79 10.32 20.28 -37.82
CA ASN G 79 11.44 20.65 -38.75
C ASN G 79 12.76 20.40 -38.00
N ARG G 80 12.92 20.98 -36.80
CA ARG G 80 14.12 20.75 -35.96
C ARG G 80 14.40 19.24 -35.84
N PHE G 81 13.39 18.47 -35.47
CA PHE G 81 13.46 17.01 -35.25
C PHE G 81 13.97 16.31 -36.51
N ILE G 82 13.37 16.61 -37.66
CA ILE G 82 13.68 15.96 -38.97
C ILE G 82 15.17 16.14 -39.26
N ALA G 83 15.64 17.38 -39.11
CA ALA G 83 17.02 17.78 -39.43
C ALA G 83 17.95 17.01 -38.52
N ASP G 84 17.63 16.98 -37.22
CA ASP G 84 18.48 16.41 -36.16
C ASP G 84 18.53 14.89 -36.33
N HIS G 85 17.49 14.28 -36.91
CA HIS G 85 17.26 12.81 -36.91
C HIS G 85 17.40 12.19 -38.31
N GLY G 86 17.17 12.96 -39.38
CA GLY G 86 17.18 12.44 -40.77
C GLY G 86 15.96 11.56 -40.99
N GLN G 87 14.87 11.91 -40.31
CA GLN G 87 13.65 11.10 -40.22
C GLN G 87 12.70 11.46 -41.35
N ASN G 88 12.45 10.46 -42.21
CA ASN G 88 11.42 10.45 -43.27
C ASN G 88 10.07 10.77 -42.63
N THR G 89 9.60 12.01 -42.81
CA THR G 89 8.46 12.61 -42.08
C THR G 89 7.52 13.26 -43.10
N VAL G 90 6.24 12.89 -43.02
CA VAL G 90 5.09 13.55 -43.70
C VAL G 90 4.14 13.98 -42.59
N ILE G 91 3.69 15.24 -42.57
CA ILE G 91 2.70 15.71 -41.56
C ILE G 91 1.30 15.61 -42.14
N ILE G 92 0.32 15.40 -41.29
CA ILE G 92 -1.13 15.51 -41.62
C ILE G 92 -1.59 16.68 -40.78
N MET G 93 -2.00 17.74 -41.46
CA MET G 93 -2.55 18.95 -40.84
C MET G 93 -4.06 18.70 -40.76
N GLY G 94 -4.49 18.08 -39.68
CA GLY G 94 -5.93 17.89 -39.48
C GLY G 94 -6.65 19.22 -39.59
N PRO G 95 -6.22 20.27 -38.84
CA PRO G 95 -6.86 21.59 -38.92
C PRO G 95 -6.31 22.30 -40.17
N GLY G 96 -6.74 21.83 -41.34
CA GLY G 96 -6.29 22.28 -42.66
C GLY G 96 -6.62 23.74 -42.92
N HIS G 97 -7.53 24.34 -42.15
CA HIS G 97 -7.80 25.80 -42.17
C HIS G 97 -6.59 26.60 -41.66
N GLY G 98 -5.62 25.93 -41.03
CA GLY G 98 -4.27 26.51 -40.76
C GLY G 98 -3.39 26.54 -42.00
N GLY G 99 -3.94 26.75 -43.19
CA GLY G 99 -3.18 26.85 -44.44
C GLY G 99 -1.90 27.69 -44.32
N PRO G 100 -1.94 28.91 -43.74
CA PRO G 100 -0.78 29.80 -43.72
C PRO G 100 0.42 29.14 -43.02
N ALA G 101 0.14 28.20 -42.15
CA ALA G 101 1.19 27.41 -41.47
C ALA G 101 1.89 26.57 -42.52
N GLY G 102 1.15 25.96 -43.45
CA GLY G 102 1.68 25.08 -44.51
C GLY G 102 2.36 25.88 -45.60
N THR G 103 1.82 27.05 -45.93
CA THR G 103 2.45 27.96 -46.93
C THR G 103 3.75 28.49 -46.33
N SER G 104 3.69 29.03 -45.12
CA SER G 104 4.88 29.55 -44.38
C SER G 104 5.96 28.47 -44.37
N GLN G 105 5.59 27.23 -44.05
CA GLN G 105 6.56 26.11 -43.91
C GLN G 105 7.25 25.92 -45.27
N SER G 106 6.49 25.88 -46.35
CA SER G 106 7.03 25.69 -47.73
C SER G 106 7.95 26.84 -48.11
N TYR G 107 7.52 28.06 -47.83
CA TYR G 107 8.28 29.29 -48.14
C TYR G 107 9.58 29.29 -47.35
N LEU G 108 9.55 28.79 -46.11
CA LEU G 108 10.71 28.75 -45.18
C LEU G 108 11.65 27.57 -45.51
N ASP G 109 11.13 26.41 -45.91
CA ASP G 109 12.00 25.25 -46.26
C ASP G 109 12.57 25.42 -47.66
N GLY G 110 12.03 26.33 -48.47
CA GLY G 110 12.61 26.69 -49.78
C GLY G 110 11.85 26.10 -50.96
N THR G 111 10.91 25.20 -50.72
CA THR G 111 10.18 24.46 -51.77
C THR G 111 9.20 25.42 -52.44
N TYR G 112 8.78 26.48 -51.74
CA TYR G 112 7.77 27.38 -52.32
C TYR G 112 8.39 28.06 -53.55
N THR G 113 9.60 28.55 -53.42
CA THR G 113 10.32 29.34 -54.45
C THR G 113 10.82 28.38 -55.55
N GLU G 114 11.24 27.17 -55.20
CA GLU G 114 11.67 26.13 -56.17
C GLU G 114 10.49 25.76 -57.07
N THR G 115 9.27 25.74 -56.53
CA THR G 115 8.04 25.26 -57.21
C THR G 115 7.38 26.43 -57.92
N PHE G 116 7.44 27.62 -57.33
CA PHE G 116 6.82 28.89 -57.82
C PHE G 116 7.89 29.97 -57.90
N PRO G 117 8.68 30.01 -59.00
CA PRO G 117 9.85 30.90 -59.08
C PRO G 117 9.57 32.41 -58.94
N LYS G 118 8.34 32.88 -59.19
CA LYS G 118 7.98 34.34 -59.10
C LYS G 118 7.94 34.76 -57.63
N ILE G 119 7.67 33.82 -56.72
CA ILE G 119 7.57 34.07 -55.25
C ILE G 119 8.97 33.94 -54.64
N THR G 120 9.72 35.05 -54.71
CA THR G 120 11.18 35.14 -54.49
C THR G 120 11.44 35.32 -52.99
N LYS G 121 12.68 35.08 -52.58
CA LYS G 121 13.17 35.20 -51.17
C LYS G 121 13.73 36.61 -51.00
N ASP G 122 12.82 37.57 -51.08
CA ASP G 122 13.11 39.02 -51.05
C ASP G 122 11.78 39.74 -50.80
N GLU G 123 11.78 41.06 -50.71
CA GLU G 123 10.63 41.86 -50.25
C GLU G 123 9.54 41.83 -51.34
N ALA G 124 9.95 41.88 -52.58
CA ALA G 124 9.04 41.75 -53.72
C ALA G 124 8.33 40.39 -53.62
N GLY G 125 9.06 39.31 -53.29
CA GLY G 125 8.49 37.95 -53.16
C GLY G 125 7.53 37.89 -51.99
N LEU G 126 7.99 38.33 -50.82
CA LEU G 126 7.16 38.51 -49.61
C LEU G 126 5.86 39.24 -49.99
N GLN G 127 5.95 40.28 -50.81
CA GLN G 127 4.77 41.10 -51.14
C GLN G 127 3.79 40.20 -51.92
N LYS G 128 4.31 39.36 -52.84
CA LYS G 128 3.47 38.50 -53.71
C LYS G 128 2.84 37.38 -52.87
N PHE G 129 3.65 36.82 -51.97
CA PHE G 129 3.35 35.67 -51.09
C PHE G 129 2.20 36.03 -50.14
N PHE G 130 2.21 37.23 -49.54
CA PHE G 130 1.10 37.73 -48.68
C PHE G 130 -0.12 37.97 -49.56
N ARG G 131 0.05 38.73 -50.63
CA ARG G 131 -1.13 39.13 -51.43
C ARG G 131 -1.85 37.85 -51.90
N GLN G 132 -1.09 36.86 -52.41
CA GLN G 132 -1.68 35.73 -53.16
C GLN G 132 -2.56 34.87 -52.25
N PHE G 133 -2.33 34.89 -50.94
CA PHE G 133 -3.03 34.00 -50.00
C PHE G 133 -4.54 34.30 -50.04
N SER G 134 -5.35 33.30 -50.41
CA SER G 134 -6.82 33.42 -50.37
C SER G 134 -7.29 34.67 -51.13
N TYR G 135 -6.66 34.96 -52.26
CA TYR G 135 -6.86 36.19 -53.08
C TYR G 135 -7.21 35.80 -54.51
N PRO G 136 -8.09 36.56 -55.22
CA PRO G 136 -8.48 36.17 -56.57
C PRO G 136 -7.20 35.99 -57.37
N GLY G 137 -7.10 34.86 -58.07
CA GLY G 137 -6.00 34.54 -58.99
C GLY G 137 -4.76 34.10 -58.24
N GLY G 138 -4.85 34.00 -56.91
CA GLY G 138 -3.76 33.48 -56.06
C GLY G 138 -4.05 32.07 -55.59
N ILE G 139 -3.73 31.74 -54.34
CA ILE G 139 -3.74 30.35 -53.81
C ILE G 139 -4.81 30.15 -52.73
N PRO G 140 -5.21 28.89 -52.44
CA PRO G 140 -6.26 28.60 -51.44
C PRO G 140 -5.94 29.00 -49.98
N SER G 141 -6.95 28.94 -49.10
CA SER G 141 -6.83 29.28 -47.64
C SER G 141 -6.55 28.00 -46.84
N HIS G 142 -6.72 26.82 -47.43
CA HIS G 142 -6.46 25.53 -46.74
C HIS G 142 -5.11 25.00 -47.20
N PHE G 143 -4.66 23.92 -46.59
CA PHE G 143 -3.39 23.21 -46.91
C PHE G 143 -3.64 22.36 -48.16
N ALA G 144 -3.85 23.06 -49.27
CA ALA G 144 -4.39 22.50 -50.53
C ALA G 144 -3.29 21.76 -51.29
N PRO G 145 -3.63 20.99 -52.35
CA PRO G 145 -2.63 20.32 -53.17
C PRO G 145 -1.66 21.25 -53.92
N GLU G 146 -1.97 22.55 -54.06
CA GLU G 146 -1.02 23.55 -54.65
C GLU G 146 0.10 23.86 -53.64
N THR G 147 -0.02 23.37 -52.41
CA THR G 147 1.01 23.53 -51.35
C THR G 147 1.93 22.33 -51.30
N PRO G 148 3.23 22.53 -51.58
CA PRO G 148 4.20 21.48 -51.35
C PRO G 148 4.10 21.00 -49.90
N GLY G 149 4.13 19.67 -49.73
CA GLY G 149 4.19 18.96 -48.43
C GLY G 149 2.82 18.50 -47.99
N SER G 150 1.78 18.83 -48.74
CA SER G 150 0.38 18.43 -48.43
C SER G 150 -0.02 17.15 -49.18
N ILE G 151 -0.51 16.14 -48.44
CA ILE G 151 -1.30 15.00 -48.99
C ILE G 151 -2.69 15.01 -48.35
N HIS G 152 -3.02 16.09 -47.65
CA HIS G 152 -4.24 16.22 -46.82
C HIS G 152 -4.59 17.70 -46.69
N GLU G 153 -5.72 18.12 -47.23
CA GLU G 153 -6.19 19.53 -47.26
C GLU G 153 -6.78 19.87 -45.90
N GLY G 154 -7.71 19.07 -45.37
CA GLY G 154 -8.31 19.29 -44.04
C GLY G 154 -9.43 20.32 -44.09
N GLY G 155 -10.07 20.44 -45.24
CA GLY G 155 -11.26 21.30 -45.40
C GLY G 155 -12.45 20.61 -44.80
N GLU G 156 -12.67 19.36 -45.22
CA GLU G 156 -13.63 18.46 -44.56
C GLU G 156 -12.87 17.70 -43.47
N LEU G 157 -13.17 18.00 -42.20
CA LEU G 157 -12.44 17.46 -41.03
C LEU G 157 -12.91 16.04 -40.79
N GLY G 158 -12.02 15.19 -40.29
CA GLY G 158 -12.38 13.82 -39.85
C GLY G 158 -11.41 12.78 -40.34
N TYR G 159 -10.67 13.02 -41.44
CA TYR G 159 -9.88 11.99 -42.17
C TYR G 159 -8.40 12.07 -41.81
N ALA G 160 -8.04 12.89 -40.81
CA ALA G 160 -6.64 13.05 -40.36
C ALA G 160 -6.01 11.68 -40.11
N LEU G 161 -6.69 10.83 -39.35
CA LEU G 161 -6.08 9.57 -38.84
C LEU G 161 -6.11 8.45 -39.89
N SER G 162 -7.21 8.28 -40.60
CA SER G 162 -7.32 7.33 -41.73
C SER G 162 -6.18 7.62 -42.73
N HIS G 163 -5.99 8.88 -43.13
CA HIS G 163 -4.91 9.24 -44.10
C HIS G 163 -3.57 8.96 -43.47
N ALA G 164 -3.41 9.27 -42.19
CA ALA G 164 -2.15 9.04 -41.45
C ALA G 164 -1.79 7.55 -41.51
N TYR G 165 -2.75 6.70 -41.19
CA TYR G 165 -2.49 5.24 -41.02
C TYR G 165 -2.27 4.60 -42.42
N GLY G 166 -3.01 5.09 -43.42
CA GLY G 166 -2.87 4.67 -44.83
C GLY G 166 -1.49 5.00 -45.37
N ALA G 167 -1.00 6.20 -45.09
CA ALA G 167 0.33 6.67 -45.54
C ALA G 167 1.42 5.69 -45.09
N ILE G 168 1.29 5.08 -43.90
CA ILE G 168 2.38 4.27 -43.27
C ILE G 168 2.24 2.80 -43.65
N MET G 169 1.08 2.37 -44.11
CA MET G 169 0.96 0.96 -44.50
C MET G 169 2.02 0.68 -45.57
N ASP G 170 2.79 -0.38 -45.36
CA ASP G 170 3.87 -0.87 -46.26
C ASP G 170 4.93 0.22 -46.42
N ASN G 171 5.10 1.07 -45.40
CA ASN G 171 5.92 2.31 -45.46
C ASN G 171 6.75 2.40 -44.19
N PRO G 172 7.54 1.33 -43.90
CA PRO G 172 8.17 1.16 -42.59
C PRO G 172 9.12 2.28 -42.14
N SER G 173 9.64 3.09 -43.05
CA SER G 173 10.57 4.21 -42.74
C SER G 173 9.78 5.49 -42.49
N LEU G 174 8.49 5.53 -42.82
CA LEU G 174 7.74 6.79 -42.79
C LEU G 174 7.21 7.01 -41.38
N PHE G 175 7.41 8.21 -40.87
CA PHE G 175 6.82 8.69 -39.60
C PHE G 175 5.78 9.73 -39.96
N VAL G 176 4.57 9.62 -39.42
CA VAL G 176 3.49 10.61 -39.67
C VAL G 176 3.01 11.19 -38.35
N PRO G 177 3.54 12.37 -37.96
CA PRO G 177 2.86 13.21 -36.98
C PRO G 177 1.51 13.58 -37.59
N ALA G 178 0.42 13.08 -37.03
CA ALA G 178 -0.96 13.37 -37.49
C ALA G 178 -1.56 14.37 -36.51
N ILE G 179 -1.57 15.65 -36.89
CA ILE G 179 -2.07 16.71 -35.99
C ILE G 179 -3.58 16.70 -36.15
N VAL G 180 -4.30 16.48 -35.04
CA VAL G 180 -5.78 16.35 -35.00
C VAL G 180 -6.42 17.52 -34.24
N GLY G 181 -7.41 18.16 -34.85
CA GLY G 181 -8.29 19.14 -34.20
C GLY G 181 -8.94 18.50 -33.01
N ASP G 182 -9.07 19.22 -31.90
CA ASP G 182 -9.83 18.72 -30.74
C ASP G 182 -11.31 18.82 -31.14
N GLY G 183 -11.63 19.68 -32.12
CA GLY G 183 -12.97 19.76 -32.72
C GLY G 183 -13.16 18.63 -33.71
N GLU G 184 -12.25 18.54 -34.67
CA GLU G 184 -12.18 17.37 -35.57
C GLU G 184 -12.35 16.05 -34.79
N ALA G 185 -11.81 15.95 -33.58
CA ALA G 185 -11.86 14.69 -32.78
C ALA G 185 -13.31 14.31 -32.41
N GLU G 186 -14.23 15.27 -32.49
CA GLU G 186 -15.68 15.11 -32.26
C GLU G 186 -16.42 14.50 -33.45
N THR G 187 -15.83 14.55 -34.65
CA THR G 187 -16.37 13.85 -35.85
C THR G 187 -16.35 12.33 -35.64
N GLY G 188 -17.35 11.63 -36.18
CA GLY G 188 -17.36 10.15 -36.25
C GLY G 188 -16.11 9.55 -36.89
N PRO G 189 -15.76 9.94 -38.12
CA PRO G 189 -14.59 9.35 -38.79
C PRO G 189 -13.32 9.43 -37.94
N LEU G 190 -13.17 10.51 -37.17
CA LEU G 190 -11.90 10.70 -36.43
C LEU G 190 -11.93 9.74 -35.24
N ALA G 191 -13.08 9.70 -34.54
CA ALA G 191 -13.29 8.86 -33.34
C ALA G 191 -12.89 7.41 -33.64
N THR G 192 -13.30 6.83 -34.79
CA THR G 192 -12.94 5.44 -35.15
C THR G 192 -11.49 5.40 -35.65
N GLY G 193 -11.03 6.44 -36.31
CA GLY G 193 -9.63 6.51 -36.80
C GLY G 193 -8.63 6.20 -35.71
N TRP G 194 -8.92 6.60 -34.47
CA TRP G 194 -8.10 6.26 -33.27
C TRP G 194 -7.81 4.76 -33.20
N GLN G 195 -8.75 3.87 -33.60
CA GLN G 195 -8.64 2.38 -33.40
C GLN G 195 -7.73 1.71 -34.45
N SER G 196 -7.23 2.45 -35.43
CA SER G 196 -6.42 1.92 -36.56
C SER G 196 -5.17 1.22 -36.05
N ASN G 197 -4.78 1.45 -34.80
CA ASN G 197 -3.51 0.93 -34.24
C ASN G 197 -3.63 -0.59 -34.02
N LYS G 198 -4.83 -1.20 -34.17
CA LYS G 198 -4.98 -2.68 -34.13
C LYS G 198 -4.84 -3.27 -35.55
N LEU G 199 -4.77 -2.43 -36.58
CA LEU G 199 -4.74 -2.86 -38.02
C LEU G 199 -3.43 -2.47 -38.70
N VAL G 200 -2.42 -2.09 -37.92
CA VAL G 200 -1.09 -1.77 -38.47
C VAL G 200 -0.10 -2.55 -37.64
N ASN G 201 1.08 -2.77 -38.22
CA ASN G 201 2.10 -3.62 -37.61
C ASN G 201 3.35 -2.76 -37.53
N PRO G 202 3.98 -2.65 -36.34
CA PRO G 202 5.17 -1.80 -36.22
C PRO G 202 6.41 -2.23 -37.01
N ARG G 203 6.42 -3.39 -37.69
CA ARG G 203 7.59 -3.83 -38.50
C ARG G 203 7.37 -3.51 -39.98
N THR G 204 6.27 -3.97 -40.55
CA THR G 204 6.00 -3.95 -42.01
C THR G 204 5.34 -2.62 -42.41
N ASP G 205 4.82 -1.88 -41.43
CA ASP G 205 4.28 -0.50 -41.60
C ASP G 205 5.13 0.47 -40.77
N GLY G 206 4.99 1.76 -41.06
CA GLY G 206 5.58 2.84 -40.28
C GLY G 206 4.77 3.13 -39.02
N ILE G 207 4.97 4.33 -38.48
CA ILE G 207 4.43 4.79 -37.17
C ILE G 207 3.67 6.09 -37.39
N VAL G 208 2.43 6.15 -36.90
CA VAL G 208 1.72 7.43 -36.72
C VAL G 208 1.86 7.84 -35.27
N LEU G 209 2.26 9.10 -35.04
CA LEU G 209 2.11 9.83 -33.77
C LEU G 209 0.91 10.76 -33.88
N PRO G 210 -0.26 10.38 -33.32
CA PRO G 210 -1.38 11.32 -33.22
C PRO G 210 -0.96 12.45 -32.27
N ILE G 211 -1.29 13.68 -32.65
CA ILE G 211 -1.11 14.88 -31.79
C ILE G 211 -2.49 15.52 -31.71
N LEU G 212 -3.13 15.43 -30.55
CA LEU G 212 -4.41 16.12 -30.30
C LEU G 212 -4.06 17.60 -30.13
N HIS G 213 -4.39 18.43 -31.11
CA HIS G 213 -4.23 19.91 -31.00
C HIS G 213 -5.36 20.43 -30.09
N LEU G 214 -5.18 20.22 -28.78
CA LEU G 214 -6.20 20.53 -27.75
C LEU G 214 -6.08 22.01 -27.34
N ASN G 215 -6.48 22.90 -28.23
CA ASN G 215 -6.39 24.37 -28.02
C ASN G 215 -7.70 24.86 -27.37
N GLY G 216 -8.61 23.93 -27.06
CA GLY G 216 -9.71 24.09 -26.11
C GLY G 216 -11.02 24.41 -26.77
N TYR G 217 -10.98 24.66 -28.09
CA TYR G 217 -12.06 25.33 -28.85
C TYR G 217 -12.04 24.86 -30.29
N LYS G 218 -13.26 24.90 -30.82
CA LYS G 218 -13.59 24.83 -32.25
C LYS G 218 -14.01 26.25 -32.64
N ILE G 219 -15.06 26.45 -33.43
CA ILE G 219 -15.40 27.78 -33.99
C ILE G 219 -15.98 28.66 -32.89
N ALA G 220 -17.06 28.18 -32.26
CA ALA G 220 -17.91 28.98 -31.36
C ALA G 220 -18.22 28.19 -30.09
N ASN G 221 -17.38 27.24 -29.72
CA ASN G 221 -17.66 26.27 -28.63
C ASN G 221 -16.34 25.72 -28.11
N PRO G 222 -16.35 25.26 -26.86
CA PRO G 222 -15.23 24.48 -26.37
C PRO G 222 -15.38 23.09 -27.00
N THR G 223 -14.33 22.30 -26.85
CA THR G 223 -14.29 20.91 -27.31
C THR G 223 -14.50 20.02 -26.11
N ILE G 224 -15.26 18.94 -26.31
CA ILE G 224 -15.50 17.89 -25.29
C ILE G 224 -14.17 17.45 -24.66
N LEU G 225 -13.18 17.15 -25.47
CA LEU G 225 -11.95 16.52 -24.93
C LEU G 225 -11.23 17.50 -24.00
N SER G 226 -11.44 18.81 -24.14
CA SER G 226 -10.73 19.83 -23.34
C SER G 226 -11.50 20.14 -22.05
N ARG G 227 -12.79 19.84 -21.96
CA ARG G 227 -13.62 20.19 -20.78
C ARG G 227 -14.10 18.93 -20.03
N ILE G 228 -13.51 17.76 -20.25
CA ILE G 228 -13.67 16.57 -19.36
C ILE G 228 -12.41 16.50 -18.50
N SER G 229 -12.40 15.69 -17.45
CA SER G 229 -11.25 15.56 -16.53
C SER G 229 -10.06 15.02 -17.33
N ASP G 230 -8.85 15.44 -16.94
CA ASP G 230 -7.59 14.92 -17.52
C ASP G 230 -7.56 13.39 -17.36
N GLU G 231 -8.07 12.86 -16.24
CA GLU G 231 -8.02 11.41 -15.94
C GLU G 231 -8.86 10.73 -17.03
N GLU G 232 -10.05 11.24 -17.28
CA GLU G 232 -10.86 10.64 -18.35
C GLU G 232 -10.07 10.71 -19.67
N LEU G 233 -9.54 11.87 -20.03
CA LEU G 233 -8.81 12.05 -21.30
C LEU G 233 -7.72 10.96 -21.41
N HIS G 234 -6.96 10.71 -20.36
CA HIS G 234 -5.82 9.74 -20.41
C HIS G 234 -6.37 8.31 -20.55
N GLU G 235 -7.39 7.97 -19.77
CA GLU G 235 -8.03 6.65 -19.73
C GLU G 235 -8.51 6.30 -21.13
N PHE G 236 -9.13 7.29 -21.76
CA PHE G 236 -9.72 7.19 -23.10
C PHE G 236 -8.65 6.71 -24.07
N PHE G 237 -7.53 7.43 -24.14
CA PHE G 237 -6.45 7.11 -25.10
C PHE G 237 -5.77 5.80 -24.70
N HIS G 238 -5.66 5.52 -23.40
CA HIS G 238 -4.96 4.29 -22.95
C HIS G 238 -5.85 3.11 -23.36
N GLY G 239 -7.16 3.28 -23.21
CA GLY G 239 -8.15 2.27 -23.62
C GLY G 239 -8.04 1.94 -25.09
N MET G 240 -7.62 2.92 -25.90
CA MET G 240 -7.56 2.81 -27.38
C MET G 240 -6.16 2.36 -27.82
N GLY G 241 -5.29 2.01 -26.88
CA GLY G 241 -4.01 1.37 -27.21
C GLY G 241 -2.90 2.36 -27.41
N TYR G 242 -3.01 3.55 -26.81
CA TYR G 242 -1.94 4.59 -26.83
C TYR G 242 -1.37 4.83 -25.42
N GLU G 243 -0.07 5.17 -25.33
CA GLU G 243 0.54 5.74 -24.11
C GLU G 243 0.41 7.26 -24.23
N PRO G 244 -0.59 7.90 -23.58
CA PRO G 244 -0.80 9.33 -23.73
C PRO G 244 0.21 10.16 -22.93
N TYR G 245 0.84 11.11 -23.60
CA TYR G 245 1.70 12.17 -23.01
C TYR G 245 1.00 13.50 -23.17
N GLU G 246 0.99 14.31 -22.13
CA GLU G 246 0.37 15.65 -22.20
C GLU G 246 1.43 16.75 -22.05
N PHE G 247 1.31 17.78 -22.89
CA PHE G 247 2.11 19.01 -22.88
C PHE G 247 1.17 20.20 -22.66
N VAL G 248 1.43 21.00 -21.64
CA VAL G 248 0.68 22.25 -21.38
C VAL G 248 1.64 23.42 -21.49
N ALA G 249 1.30 24.43 -22.29
CA ALA G 249 2.10 25.65 -22.42
C ALA G 249 1.19 26.82 -22.77
N GLY G 250 1.59 28.05 -22.39
CA GLY G 250 1.05 29.30 -22.96
C GLY G 250 -0.07 29.91 -22.14
N PHE G 251 -0.51 29.26 -21.07
CA PHE G 251 -1.59 29.76 -20.17
C PHE G 251 -1.02 30.67 -19.08
N ASP G 252 0.29 30.75 -18.94
CA ASP G 252 0.95 31.50 -17.84
C ASP G 252 1.97 32.41 -18.52
N ASP G 253 2.98 32.89 -17.79
CA ASP G 253 4.02 33.83 -18.28
C ASP G 253 5.32 33.07 -18.58
N GLU G 254 5.28 31.74 -18.73
CA GLU G 254 6.52 30.99 -18.97
C GLU G 254 7.16 31.55 -20.24
N ASP G 255 8.47 31.83 -20.20
CA ASP G 255 9.15 32.45 -21.35
C ASP G 255 9.23 31.36 -22.43
N HIS G 256 9.20 31.80 -23.67
CA HIS G 256 9.10 30.95 -24.88
C HIS G 256 10.25 29.95 -24.88
N MET G 257 11.44 30.33 -24.45
CA MET G 257 12.57 29.38 -24.49
C MET G 257 12.31 28.25 -23.50
N SER G 258 11.73 28.54 -22.35
CA SER G 258 11.41 27.49 -21.37
C SER G 258 10.45 26.48 -22.03
N ILE G 259 9.45 27.02 -22.73
CA ILE G 259 8.40 26.24 -23.43
C ILE G 259 9.05 25.35 -24.49
N HIS G 260 9.98 25.89 -25.29
CA HIS G 260 10.67 25.11 -26.35
C HIS G 260 11.52 24.02 -25.71
N ARG G 261 12.13 24.25 -24.54
CA ARG G 261 13.07 23.28 -23.92
C ARG G 261 12.26 22.08 -23.41
N ARG G 262 11.14 22.37 -22.72
CA ARG G 262 10.24 21.34 -22.17
C ARG G 262 9.65 20.52 -23.31
N PHE G 263 9.14 21.19 -24.33
CA PHE G 263 8.52 20.54 -25.50
C PHE G 263 9.56 19.63 -26.19
N ALA G 264 10.73 20.17 -26.51
CA ALA G 264 11.80 19.43 -27.23
C ALA G 264 12.23 18.21 -26.40
N GLU G 265 12.18 18.32 -25.08
CA GLU G 265 12.57 17.22 -24.17
C GLU G 265 11.47 16.15 -24.22
N LEU G 266 10.23 16.56 -24.02
CA LEU G 266 9.05 15.66 -24.15
C LEU G 266 9.16 14.92 -25.48
N TRP G 267 9.49 15.67 -26.53
CA TRP G 267 9.38 15.21 -27.94
C TRP G 267 10.37 14.06 -28.16
N GLU G 268 11.59 14.27 -27.69
CA GLU G 268 12.65 13.27 -27.80
C GLU G 268 12.31 12.10 -26.87
N THR G 269 11.56 12.31 -25.80
CA THR G 269 11.14 11.20 -24.90
C THR G 269 10.13 10.33 -25.68
N ILE G 270 9.18 10.95 -26.34
CA ILE G 270 8.15 10.25 -27.16
C ILE G 270 8.85 9.56 -28.33
N TRP G 271 9.87 10.21 -28.88
CA TRP G 271 10.61 9.67 -30.04
C TRP G 271 11.43 8.45 -29.62
N ASP G 272 12.08 8.52 -28.45
CA ASP G 272 12.77 7.36 -27.83
C ASP G 272 11.79 6.17 -27.73
N GLU G 273 10.57 6.38 -27.26
CA GLU G 273 9.64 5.22 -27.09
C GLU G 273 9.36 4.63 -28.47
N ILE G 274 9.21 5.48 -29.48
CA ILE G 274 8.83 5.07 -30.86
C ILE G 274 9.98 4.26 -31.45
N CYS G 275 11.21 4.68 -31.15
CA CYS G 275 12.44 4.00 -31.62
C CYS G 275 12.50 2.62 -30.95
N ASP G 276 12.22 2.55 -29.64
CA ASP G 276 12.09 1.27 -28.87
C ASP G 276 11.02 0.37 -29.51
N ILE G 277 9.85 0.91 -29.84
CA ILE G 277 8.79 0.10 -30.50
C ILE G 277 9.30 -0.44 -31.84
N LYS G 278 9.99 0.39 -32.61
CA LYS G 278 10.47 0.01 -33.98
C LYS G 278 11.60 -1.01 -33.91
N ALA G 279 12.49 -0.89 -32.94
CA ALA G 279 13.56 -1.86 -32.67
C ALA G 279 12.93 -3.19 -32.20
N THR G 280 12.04 -3.14 -31.20
CA THR G 280 11.37 -4.36 -30.66
C THR G 280 10.73 -5.12 -31.83
N ALA G 281 10.07 -4.39 -32.75
CA ALA G 281 9.23 -4.95 -33.83
C ALA G 281 10.06 -5.77 -34.84
N GLN G 282 11.36 -5.50 -34.99
CA GLN G 282 12.28 -6.35 -35.80
C GLN G 282 12.25 -7.79 -35.24
N THR G 283 12.17 -7.93 -33.92
CA THR G 283 12.30 -9.22 -33.18
C THR G 283 10.91 -9.82 -32.96
N ASP G 284 10.08 -9.07 -32.24
CA ASP G 284 8.67 -9.40 -31.87
C ASP G 284 7.71 -8.40 -32.52
N ASN G 285 6.74 -8.87 -33.29
CA ASN G 285 5.74 -7.98 -33.93
C ASN G 285 4.39 -8.69 -33.95
N VAL G 286 4.16 -9.61 -32.99
CA VAL G 286 2.84 -10.27 -32.81
C VAL G 286 2.17 -9.65 -31.57
N HIS G 287 2.97 -8.99 -30.73
CA HIS G 287 2.51 -8.28 -29.52
C HIS G 287 2.39 -6.80 -29.83
N ARG G 288 1.15 -6.31 -29.92
CA ARG G 288 0.82 -4.89 -30.11
C ARG G 288 1.36 -4.02 -28.97
N PRO G 289 2.24 -3.04 -29.25
CA PRO G 289 2.63 -2.08 -28.22
C PRO G 289 1.53 -1.02 -28.01
N PHE G 290 1.63 -0.27 -26.93
CA PHE G 290 0.92 1.03 -26.75
C PHE G 290 1.76 2.09 -27.48
N TYR G 291 1.23 2.66 -28.56
CA TYR G 291 1.90 3.73 -29.33
C TYR G 291 1.69 5.05 -28.60
N PRO G 292 2.79 5.82 -28.39
CA PRO G 292 2.68 7.15 -27.82
C PRO G 292 1.69 7.96 -28.65
N MET G 293 0.91 8.80 -28.00
CA MET G 293 0.24 9.92 -28.68
C MET G 293 0.48 11.14 -27.81
N LEU G 294 0.29 12.34 -28.35
CA LEU G 294 0.63 13.59 -27.64
C LEU G 294 -0.64 14.43 -27.52
N ILE G 295 -0.99 14.79 -26.28
CA ILE G 295 -2.02 15.84 -26.01
C ILE G 295 -1.29 17.18 -25.93
N PHE G 296 -1.57 18.09 -26.87
CA PHE G 296 -0.93 19.41 -27.00
C PHE G 296 -1.96 20.44 -26.54
N ARG G 297 -1.85 20.82 -25.27
CA ARG G 297 -2.78 21.78 -24.62
C ARG G 297 -2.12 23.16 -24.62
N THR G 298 -2.54 24.02 -25.54
CA THR G 298 -2.09 25.43 -25.68
C THR G 298 -3.30 26.28 -25.94
N PRO G 299 -3.28 27.60 -25.67
CA PRO G 299 -4.47 28.41 -25.88
C PRO G 299 -4.64 28.70 -27.39
N LYS G 300 -5.83 28.49 -27.90
CA LYS G 300 -6.23 28.84 -29.28
C LYS G 300 -5.84 30.32 -29.53
N GLY G 301 -5.19 30.57 -30.66
CA GLY G 301 -4.73 31.91 -31.13
C GLY G 301 -3.45 32.36 -30.43
N TRP G 302 -2.80 31.47 -29.70
CA TRP G 302 -1.55 31.68 -28.93
C TRP G 302 -0.69 32.79 -29.55
N THR G 303 -0.39 33.83 -28.76
CA THR G 303 0.54 34.97 -29.05
C THR G 303 -0.15 36.13 -29.75
N CYS G 304 -1.43 36.01 -30.07
CA CYS G 304 -2.22 37.18 -30.50
C CYS G 304 -2.55 37.96 -29.24
N PRO G 305 -3.04 39.20 -29.39
CA PRO G 305 -3.39 40.00 -28.20
C PRO G 305 -4.35 39.23 -27.29
N LYS G 306 -4.10 39.24 -25.98
CA LYS G 306 -4.90 38.50 -24.96
C LYS G 306 -6.36 38.97 -24.99
N TYR G 307 -6.59 40.28 -25.12
CA TYR G 307 -7.91 40.96 -25.12
C TYR G 307 -7.88 41.90 -26.31
N ILE G 308 -8.96 41.98 -27.08
CA ILE G 308 -9.19 43.02 -28.11
C ILE G 308 -10.59 43.56 -27.89
N ASP G 309 -10.72 44.87 -27.73
CA ASP G 309 -12.01 45.53 -27.46
C ASP G 309 -12.67 44.82 -26.26
N GLY G 310 -11.88 44.46 -25.25
CA GLY G 310 -12.34 43.86 -23.99
C GLY G 310 -12.80 42.40 -24.09
N LYS G 311 -12.82 41.81 -25.29
CA LYS G 311 -13.15 40.37 -25.46
C LYS G 311 -11.87 39.53 -25.36
N LYS G 312 -11.89 38.47 -24.54
CA LYS G 312 -10.81 37.44 -24.53
C LYS G 312 -10.67 36.80 -25.92
N THR G 313 -9.46 36.83 -26.49
CA THR G 313 -9.18 36.39 -27.88
C THR G 313 -8.11 35.29 -27.82
N GLU G 314 -6.96 35.50 -27.20
CA GLU G 314 -6.06 34.37 -26.91
C GLU G 314 -6.79 33.44 -25.95
N GLY G 315 -6.76 32.12 -26.20
CA GLY G 315 -7.42 31.13 -25.32
C GLY G 315 -8.93 31.24 -25.37
N SER G 316 -9.46 31.42 -26.56
CA SER G 316 -10.90 31.58 -26.85
C SER G 316 -11.18 31.17 -28.30
N TRP G 317 -12.40 30.68 -28.55
CA TRP G 317 -12.99 30.47 -29.89
C TRP G 317 -12.97 31.76 -30.72
N ARG G 318 -12.95 32.94 -30.08
CA ARG G 318 -12.90 34.26 -30.77
C ARG G 318 -11.67 34.40 -31.68
N SER G 319 -10.59 33.65 -31.41
CA SER G 319 -9.36 33.68 -32.21
C SER G 319 -9.47 32.77 -33.45
N HIS G 320 -10.61 32.12 -33.67
CA HIS G 320 -10.73 30.98 -34.61
C HIS G 320 -10.40 31.40 -36.04
N GLN G 321 -11.11 32.40 -36.57
CA GLN G 321 -10.91 33.00 -37.90
C GLN G 321 -9.83 34.11 -37.76
N VAL G 322 -10.23 35.33 -37.43
CA VAL G 322 -9.28 36.47 -37.14
C VAL G 322 -9.61 37.02 -35.75
N PRO G 323 -8.64 37.15 -34.83
CA PRO G 323 -8.96 37.71 -33.52
C PRO G 323 -9.32 39.20 -33.62
N LEU G 324 -8.80 39.85 -34.65
CA LEU G 324 -8.99 41.27 -35.01
C LEU G 324 -9.77 41.30 -36.32
N ALA G 325 -11.05 41.68 -36.25
CA ALA G 325 -12.06 41.52 -37.32
C ALA G 325 -11.73 42.47 -38.48
N SER G 326 -11.26 43.67 -38.19
CA SER G 326 -10.79 44.66 -39.20
C SER G 326 -9.57 45.41 -38.67
N ALA G 327 -8.62 45.75 -39.54
CA ALA G 327 -7.50 46.65 -39.22
C ALA G 327 -7.60 47.92 -40.08
N ARG G 328 -8.73 48.14 -40.76
CA ARG G 328 -8.91 49.36 -41.59
C ARG G 328 -10.03 50.24 -41.04
N ASP G 329 -10.86 49.73 -40.15
CA ASP G 329 -12.10 50.45 -39.77
C ASP G 329 -11.69 51.66 -38.92
N THR G 330 -10.78 51.46 -37.95
CA THR G 330 -10.32 52.52 -37.01
C THR G 330 -8.80 52.49 -36.88
N GLU G 331 -8.26 53.65 -36.50
CA GLU G 331 -6.83 53.91 -36.21
CA GLU G 331 -6.81 53.82 -36.29
C GLU G 331 -6.38 52.91 -35.13
N ALA G 332 -7.24 52.66 -34.13
CA ALA G 332 -6.88 51.87 -32.92
C ALA G 332 -6.72 50.39 -33.31
N HIS G 333 -7.65 49.87 -34.10
CA HIS G 333 -7.54 48.51 -34.69
C HIS G 333 -6.26 48.43 -35.51
N PHE G 334 -5.95 49.45 -36.32
CA PHE G 334 -4.72 49.43 -37.14
C PHE G 334 -3.53 49.25 -36.20
N GLU G 335 -3.51 49.99 -35.10
CA GLU G 335 -2.41 49.99 -34.10
C GLU G 335 -2.32 48.60 -33.48
N VAL G 336 -3.44 47.93 -33.23
CA VAL G 336 -3.45 46.55 -32.66
C VAL G 336 -2.75 45.61 -33.66
N LEU G 337 -3.11 45.64 -34.96
CA LEU G 337 -2.40 44.86 -36.00
C LEU G 337 -0.91 45.19 -36.00
N LYS G 338 -0.58 46.48 -36.09
CA LYS G 338 0.84 46.96 -36.13
C LYS G 338 1.56 46.42 -34.88
N ASN G 339 0.99 46.62 -33.69
CA ASN G 339 1.62 46.18 -32.43
C ASN G 339 1.81 44.67 -32.48
N TRP G 340 0.81 43.95 -32.94
CA TRP G 340 0.82 42.47 -32.97
C TRP G 340 1.99 42.01 -33.87
N LEU G 341 2.10 42.64 -35.04
CA LEU G 341 3.11 42.24 -36.05
C LEU G 341 4.49 42.53 -35.46
N GLU G 342 4.64 43.67 -34.77
CA GLU G 342 5.94 44.09 -34.18
C GLU G 342 6.30 43.14 -33.02
N SER G 343 5.31 42.55 -32.37
CA SER G 343 5.51 41.66 -31.20
C SER G 343 6.42 40.49 -31.58
N TYR G 344 6.51 40.10 -32.85
CA TYR G 344 7.39 39.02 -33.33
C TYR G 344 8.79 39.56 -33.62
N LYS G 345 8.97 40.88 -33.59
CA LYS G 345 10.27 41.56 -33.84
C LYS G 345 10.80 41.13 -35.21
N PRO G 346 10.10 41.49 -36.30
CA PRO G 346 10.51 41.12 -37.65
C PRO G 346 11.89 41.62 -38.10
N GLU G 347 12.32 42.75 -37.53
CA GLU G 347 13.62 43.41 -37.84
C GLU G 347 14.77 42.52 -37.40
N GLU G 348 14.55 41.53 -36.54
CA GLU G 348 15.59 40.51 -36.22
C GLU G 348 15.49 39.31 -37.18
N LEU G 349 14.48 39.26 -38.05
CA LEU G 349 14.12 38.02 -38.79
C LEU G 349 14.41 38.20 -40.28
N PHE G 350 14.31 39.43 -40.79
CA PHE G 350 14.49 39.77 -42.23
C PHE G 350 15.74 40.64 -42.38
N ASP G 351 16.43 40.53 -43.53
CA ASP G 351 17.61 41.35 -43.92
C ASP G 351 17.06 42.54 -44.71
N ALA G 352 17.92 43.44 -45.19
CA ALA G 352 17.51 44.72 -45.81
C ALA G 352 16.77 44.45 -47.12
N ASN G 353 17.15 43.36 -47.83
CA ASN G 353 16.54 42.88 -49.10
C ASN G 353 15.18 42.19 -48.84
N GLY G 354 14.74 42.04 -47.57
CA GLY G 354 13.49 41.38 -47.19
C GLY G 354 13.59 39.86 -47.27
N ALA G 355 14.79 39.30 -47.22
CA ALA G 355 15.02 37.84 -47.17
C ALA G 355 15.11 37.43 -45.71
N VAL G 356 14.54 36.28 -45.36
CA VAL G 356 14.64 35.71 -43.99
C VAL G 356 16.13 35.47 -43.72
N LYS G 357 16.60 35.87 -42.56
CA LYS G 357 18.03 35.80 -42.18
C LYS G 357 18.43 34.34 -42.11
N ASP G 358 19.63 34.00 -42.58
CA ASP G 358 20.27 32.66 -42.47
C ASP G 358 20.12 32.05 -41.06
N ASP G 359 20.27 32.83 -40.00
CA ASP G 359 20.33 32.32 -38.60
C ASP G 359 18.94 31.82 -38.16
N VAL G 360 17.88 32.19 -38.88
CA VAL G 360 16.48 31.78 -38.60
C VAL G 360 16.26 30.37 -39.15
N LEU G 361 16.92 30.00 -40.24
CA LEU G 361 16.54 28.82 -41.04
C LEU G 361 17.64 27.76 -40.96
N ALA G 362 18.65 27.96 -40.12
CA ALA G 362 19.91 27.18 -40.13
C ALA G 362 19.70 25.77 -39.58
N PHE G 363 18.70 25.57 -38.72
CA PHE G 363 18.32 24.29 -38.09
C PHE G 363 17.48 23.43 -39.06
N MET G 364 16.99 23.99 -40.17
CA MET G 364 15.94 23.34 -40.99
C MET G 364 16.51 22.14 -41.72
N PRO G 365 15.66 21.17 -42.10
CA PRO G 365 16.11 20.08 -42.96
C PRO G 365 16.52 20.61 -44.34
N LYS G 366 17.38 19.87 -45.04
CA LYS G 366 17.79 20.15 -46.43
C LYS G 366 17.26 19.03 -47.34
N GLY G 367 16.99 19.38 -48.59
CA GLY G 367 16.80 18.39 -49.66
C GLY G 367 15.48 17.67 -49.48
N GLU G 368 15.48 16.35 -49.57
CA GLU G 368 14.22 15.57 -49.70
C GLU G 368 13.60 15.29 -48.33
N LEU G 369 14.29 15.58 -47.22
CA LEU G 369 13.76 15.45 -45.83
C LEU G 369 12.79 16.61 -45.60
N ARG G 370 13.00 17.75 -46.27
CA ARG G 370 12.14 18.94 -46.11
C ARG G 370 10.69 18.47 -46.24
N ILE G 371 9.81 18.99 -45.40
CA ILE G 371 8.36 18.63 -45.47
C ILE G 371 7.89 18.87 -46.91
N GLY G 372 8.36 19.95 -47.54
CA GLY G 372 7.88 20.36 -48.86
C GLY G 372 8.36 19.47 -49.99
N ALA G 373 9.52 18.81 -49.85
CA ALA G 373 10.21 18.09 -50.94
C ALA G 373 10.00 16.57 -50.84
N ASN G 374 9.50 16.07 -49.71
CA ASN G 374 9.41 14.61 -49.45
C ASN G 374 8.61 13.99 -50.58
N PRO G 375 9.13 12.94 -51.28
CA PRO G 375 8.38 12.23 -52.32
C PRO G 375 7.04 11.65 -51.80
N ASN G 376 6.99 11.19 -50.54
CA ASN G 376 5.70 10.69 -49.98
C ASN G 376 4.61 11.78 -50.13
N ALA G 377 4.94 13.08 -50.17
CA ALA G 377 3.96 14.18 -50.33
C ALA G 377 3.75 14.51 -51.82
N ASN G 378 4.45 13.82 -52.71
CA ASN G 378 4.28 13.90 -54.19
C ASN G 378 4.30 12.46 -54.72
N GLY G 379 3.51 11.58 -54.12
CA GLY G 379 3.55 10.12 -54.26
C GLY G 379 3.67 9.65 -55.70
N GLY G 380 3.05 10.36 -56.64
CA GLY G 380 3.20 10.15 -58.10
C GLY G 380 4.65 10.09 -58.57
N VAL G 381 5.64 10.55 -57.80
CA VAL G 381 7.08 10.48 -58.18
C VAL G 381 7.60 9.12 -57.76
N ILE G 382 6.89 8.46 -56.86
CA ILE G 382 7.13 7.09 -56.32
C ILE G 382 6.36 6.04 -57.14
N ARG G 383 5.16 6.37 -57.59
CA ARG G 383 4.26 5.42 -58.29
C ARG G 383 5.01 4.76 -59.46
N ASN G 384 5.09 3.44 -59.45
CA ASN G 384 5.46 2.60 -60.61
C ASN G 384 4.15 2.10 -61.23
N ASP G 385 4.20 1.75 -62.52
CA ASP G 385 3.18 0.92 -63.20
C ASP G 385 3.12 -0.44 -62.47
N LEU G 386 1.91 -0.95 -62.23
CA LEU G 386 1.70 -2.33 -61.71
C LEU G 386 2.14 -3.30 -62.79
N LYS G 387 2.93 -4.31 -62.41
CA LYS G 387 3.21 -5.54 -63.20
C LYS G 387 1.92 -6.36 -63.22
N LEU G 388 1.05 -6.12 -64.20
CA LEU G 388 -0.27 -6.78 -64.37
C LEU G 388 -0.12 -8.13 -65.08
N PRO G 389 -0.80 -9.21 -64.66
CA PRO G 389 -0.73 -10.46 -65.40
C PRO G 389 -1.55 -10.30 -66.69
N ASN G 390 -1.36 -11.26 -67.61
CA ASN G 390 -1.99 -11.30 -68.95
C ASN G 390 -3.49 -11.50 -68.73
N LEU G 391 -4.32 -10.60 -69.22
CA LEU G 391 -5.77 -10.59 -68.92
C LEU G 391 -6.43 -11.85 -69.49
N GLU G 392 -5.85 -12.42 -70.55
CA GLU G 392 -6.33 -13.65 -71.27
C GLU G 392 -6.49 -14.79 -70.27
N ASP G 393 -5.59 -14.93 -69.30
CA ASP G 393 -5.52 -16.14 -68.41
C ASP G 393 -6.75 -16.26 -67.51
N TYR G 394 -7.63 -15.24 -67.43
CA TYR G 394 -8.78 -15.15 -66.48
C TYR G 394 -10.11 -15.10 -67.25
N GLU G 395 -10.05 -14.90 -68.58
CA GLU G 395 -11.21 -14.83 -69.50
C GLU G 395 -12.04 -16.09 -69.33
N VAL G 396 -13.36 -15.90 -69.31
CA VAL G 396 -14.39 -16.96 -69.49
C VAL G 396 -14.35 -17.36 -70.96
N LYS G 397 -13.59 -18.42 -71.28
CA LYS G 397 -13.36 -18.98 -72.64
C LYS G 397 -14.64 -19.66 -73.14
N GLU G 398 -15.52 -20.03 -72.20
CA GLU G 398 -16.79 -20.77 -72.42
C GLU G 398 -17.75 -19.97 -73.31
N VAL G 399 -17.48 -18.71 -73.65
CA VAL G 399 -18.39 -17.87 -74.50
C VAL G 399 -18.09 -18.12 -75.99
N ALA G 400 -16.82 -18.35 -76.33
CA ALA G 400 -16.34 -18.84 -77.64
C ALA G 400 -16.97 -20.22 -77.93
N GLU G 401 -16.72 -21.22 -77.06
CA GLU G 401 -17.21 -22.62 -77.18
C GLU G 401 -18.75 -22.67 -77.27
N TYR G 402 -19.48 -22.39 -76.17
CA TYR G 402 -20.93 -22.68 -75.98
C TYR G 402 -21.81 -21.47 -76.39
N GLY G 403 -21.19 -20.32 -76.68
CA GLY G 403 -21.90 -19.13 -77.18
C GLY G 403 -22.21 -18.08 -76.11
N HIS G 404 -22.78 -16.96 -76.57
CA HIS G 404 -23.10 -15.73 -75.80
C HIS G 404 -24.29 -16.01 -74.88
N GLY G 405 -24.13 -15.80 -73.58
CA GLY G 405 -25.19 -15.92 -72.54
C GLY G 405 -25.05 -17.18 -71.71
N TRP G 406 -23.92 -17.88 -71.84
CA TRP G 406 -23.61 -19.16 -71.13
C TRP G 406 -23.46 -18.94 -69.63
N GLY G 407 -23.61 -20.01 -68.87
CA GLY G 407 -22.98 -20.15 -67.54
C GLY G 407 -23.79 -19.52 -66.42
N GLN G 408 -23.49 -19.95 -65.19
CA GLN G 408 -24.03 -19.37 -63.93
C GLN G 408 -22.83 -18.90 -63.10
N LEU G 409 -21.85 -18.25 -63.72
CA LEU G 409 -20.61 -17.76 -63.06
C LEU G 409 -20.94 -16.52 -62.22
N GLU G 410 -20.21 -16.33 -61.10
CA GLU G 410 -20.24 -15.14 -60.21
C GLU G 410 -19.07 -14.20 -60.54
N ALA G 411 -19.36 -13.07 -61.17
CA ALA G 411 -18.39 -12.27 -61.94
C ALA G 411 -17.29 -11.74 -61.01
N THR G 412 -17.65 -11.15 -59.85
CA THR G 412 -16.67 -10.63 -58.86
C THR G 412 -15.58 -11.68 -58.61
N ARG G 413 -15.91 -12.97 -58.65
CA ARG G 413 -14.94 -14.09 -58.40
C ARG G 413 -13.75 -14.03 -59.38
N THR G 414 -13.96 -13.53 -60.61
CA THR G 414 -12.89 -13.45 -61.64
C THR G 414 -11.97 -12.26 -61.30
N LEU G 415 -12.56 -11.09 -61.04
CA LEU G 415 -11.82 -9.93 -60.50
C LEU G 415 -11.00 -10.37 -59.29
N GLY G 416 -11.58 -11.20 -58.42
CA GLY G 416 -10.85 -11.76 -57.25
C GLY G 416 -9.59 -12.50 -57.65
N ALA G 417 -9.67 -13.36 -58.67
CA ALA G 417 -8.54 -14.14 -59.17
C ALA G 417 -7.53 -13.20 -59.83
N TYR G 418 -8.00 -12.32 -60.72
CA TYR G 418 -7.14 -11.32 -61.40
C TYR G 418 -6.35 -10.55 -60.33
N THR G 419 -7.05 -10.04 -59.31
CA THR G 419 -6.50 -9.12 -58.25
C THR G 419 -5.55 -9.87 -57.31
N ARG G 420 -5.88 -11.12 -56.95
CA ARG G 420 -4.96 -12.11 -56.28
C ARG G 420 -3.60 -12.03 -56.98
N ASP G 421 -3.58 -12.15 -58.30
CA ASP G 421 -2.29 -12.37 -59.02
C ASP G 421 -1.55 -11.03 -59.09
N ILE G 422 -2.27 -9.90 -59.23
CA ILE G 422 -1.70 -8.53 -59.08
C ILE G 422 -0.98 -8.43 -57.74
N ILE G 423 -1.61 -8.89 -56.64
CA ILE G 423 -0.96 -8.87 -55.30
C ILE G 423 0.28 -9.77 -55.30
N LYS G 424 0.18 -11.00 -55.81
CA LYS G 424 1.34 -11.93 -55.88
C LYS G 424 2.50 -11.25 -56.64
N ASN G 425 2.21 -10.53 -57.72
CA ASN G 425 3.24 -9.95 -58.64
C ASN G 425 3.74 -8.58 -58.15
N ASN G 426 2.93 -7.86 -57.36
CA ASN G 426 3.15 -6.48 -56.87
C ASN G 426 3.07 -6.45 -55.35
N PRO G 427 3.98 -7.15 -54.64
CA PRO G 427 3.87 -7.26 -53.19
C PRO G 427 4.30 -5.89 -52.62
N ARG G 428 3.66 -5.47 -51.53
CA ARG G 428 3.95 -4.19 -50.82
C ARG G 428 3.52 -2.97 -51.67
N ASP G 429 2.89 -3.17 -52.83
CA ASP G 429 2.49 -2.07 -53.73
C ASP G 429 0.99 -2.07 -53.94
N PHE G 430 0.29 -3.05 -53.40
CA PHE G 430 -1.15 -3.27 -53.69
C PHE G 430 -1.84 -3.79 -52.44
N ARG G 431 -3.02 -3.25 -52.16
CA ARG G 431 -3.83 -3.50 -50.94
C ARG G 431 -5.32 -3.61 -51.32
N ILE G 432 -6.01 -4.58 -50.72
CA ILE G 432 -7.50 -4.62 -50.70
C ILE G 432 -7.99 -4.13 -49.34
N PHE G 433 -9.00 -3.27 -49.35
CA PHE G 433 -9.69 -2.76 -48.15
C PHE G 433 -11.17 -3.18 -48.29
N GLY G 434 -11.81 -3.55 -47.17
CA GLY G 434 -13.24 -3.90 -47.24
C GLY G 434 -13.85 -3.75 -45.88
N PRO G 435 -15.06 -3.19 -45.74
CA PRO G 435 -15.66 -3.03 -44.42
C PRO G 435 -16.27 -4.37 -43.99
N ASP G 436 -15.45 -5.41 -43.80
CA ASP G 436 -15.94 -6.75 -43.37
C ASP G 436 -16.72 -7.41 -44.52
N GLU G 437 -16.34 -7.14 -45.77
CA GLU G 437 -17.19 -7.48 -46.93
C GLU G 437 -16.37 -8.14 -48.03
N THR G 438 -15.07 -8.31 -47.85
CA THR G 438 -14.18 -8.90 -48.86
C THR G 438 -14.72 -10.30 -49.26
N ALA G 439 -14.94 -11.25 -48.34
CA ALA G 439 -15.49 -12.60 -48.65
C ALA G 439 -16.86 -12.48 -49.33
N SER G 440 -17.72 -11.64 -48.76
CA SER G 440 -19.11 -11.44 -49.21
C SER G 440 -19.11 -10.97 -50.66
N ASN G 441 -18.12 -10.13 -51.05
CA ASN G 441 -18.01 -9.54 -52.41
C ASN G 441 -17.20 -10.51 -53.29
N ARG G 442 -16.77 -11.63 -52.73
CA ARG G 442 -16.19 -12.81 -53.42
C ARG G 442 -14.81 -12.44 -53.97
N LEU G 443 -14.02 -11.69 -53.20
CA LEU G 443 -12.60 -11.38 -53.51
C LEU G 443 -11.65 -12.24 -52.65
N GLN G 444 -12.18 -13.31 -52.02
CA GLN G 444 -11.42 -14.15 -51.04
C GLN G 444 -10.26 -14.90 -51.72
N ALA G 445 -10.21 -14.94 -53.06
CA ALA G 445 -9.13 -15.62 -53.80
C ALA G 445 -7.78 -15.04 -53.35
N SER G 446 -7.78 -13.75 -53.01
CA SER G 446 -6.64 -12.96 -52.49
C SER G 446 -6.01 -13.68 -51.29
N TYR G 447 -6.83 -14.33 -50.45
CA TYR G 447 -6.37 -15.05 -49.23
C TYR G 447 -5.43 -16.20 -49.63
N GLU G 448 -5.44 -16.65 -50.89
CA GLU G 448 -4.49 -17.69 -51.36
C GLU G 448 -3.04 -17.17 -51.30
N VAL G 449 -2.79 -15.84 -51.35
CA VAL G 449 -1.40 -15.28 -51.45
C VAL G 449 -1.09 -14.27 -50.30
N THR G 450 -2.10 -13.74 -49.61
CA THR G 450 -1.92 -12.78 -48.50
C THR G 450 -2.98 -13.08 -47.45
N ASN G 451 -3.09 -12.24 -46.41
CA ASN G 451 -3.99 -12.38 -45.24
C ASN G 451 -4.63 -11.03 -44.94
N LYS G 452 -5.74 -11.06 -44.20
CA LYS G 452 -6.27 -9.89 -43.46
C LYS G 452 -5.24 -9.53 -42.40
N GLN G 453 -4.69 -8.31 -42.50
CA GLN G 453 -3.83 -7.68 -41.47
C GLN G 453 -4.64 -7.47 -40.17
N TRP G 454 -4.15 -8.03 -39.06
CA TRP G 454 -4.88 -7.98 -37.77
C TRP G 454 -3.86 -7.97 -36.65
N ASP G 455 -3.86 -6.89 -35.87
CA ASP G 455 -2.89 -6.67 -34.78
C ASP G 455 -3.63 -6.43 -33.46
N ALA G 456 -4.90 -6.81 -33.36
CA ALA G 456 -5.49 -7.22 -32.06
C ALA G 456 -5.18 -8.70 -31.82
N GLY G 457 -5.95 -9.32 -30.93
CA GLY G 457 -5.61 -10.63 -30.34
C GLY G 457 -6.08 -11.77 -31.21
N TYR G 458 -5.49 -12.95 -31.02
CA TYR G 458 -5.91 -14.24 -31.63
C TYR G 458 -6.33 -15.19 -30.51
N ILE G 459 -7.26 -16.10 -30.80
CA ILE G 459 -7.80 -17.06 -29.79
C ILE G 459 -7.81 -18.50 -30.33
N SER G 460 -7.93 -18.74 -31.64
CA SER G 460 -8.31 -20.09 -32.16
C SER G 460 -8.25 -20.18 -33.70
N ASP G 461 -7.43 -21.11 -34.23
CA ASP G 461 -7.45 -21.57 -35.65
C ASP G 461 -8.86 -21.95 -36.14
N GLU G 462 -9.83 -22.18 -35.24
CA GLU G 462 -11.21 -22.57 -35.65
C GLU G 462 -12.01 -21.33 -36.09
N VAL G 463 -11.54 -20.12 -35.78
CA VAL G 463 -12.28 -18.84 -36.08
C VAL G 463 -11.36 -17.88 -36.82
N ASP G 464 -10.05 -17.90 -36.55
CA ASP G 464 -9.12 -16.86 -37.04
C ASP G 464 -8.48 -17.29 -38.37
N GLU G 465 -9.29 -17.58 -39.36
CA GLU G 465 -8.80 -17.98 -40.71
C GLU G 465 -8.31 -16.72 -41.47
N HIS G 466 -7.18 -16.87 -42.15
CA HIS G 466 -6.69 -15.95 -43.22
C HIS G 466 -6.36 -14.57 -42.60
N MET G 467 -6.03 -14.55 -41.32
CA MET G 467 -5.60 -13.35 -40.56
C MET G 467 -4.13 -13.53 -40.15
N HIS G 468 -3.35 -12.47 -40.20
CA HIS G 468 -1.91 -12.49 -39.82
C HIS G 468 -1.55 -11.06 -39.39
N VAL G 469 -0.47 -10.85 -38.65
CA VAL G 469 -0.18 -9.48 -38.13
C VAL G 469 0.20 -8.52 -39.28
N SER G 470 0.65 -9.06 -40.41
CA SER G 470 0.92 -8.36 -41.70
C SER G 470 0.12 -9.07 -42.79
N GLY G 471 -0.40 -8.29 -43.73
CA GLY G 471 -1.10 -8.79 -44.92
C GLY G 471 -1.65 -7.64 -45.72
N GLN G 472 -2.05 -7.90 -46.95
CA GLN G 472 -2.31 -6.82 -47.94
C GLN G 472 -3.81 -6.55 -47.98
N VAL G 473 -4.58 -7.31 -47.21
CA VAL G 473 -6.05 -7.12 -47.02
C VAL G 473 -6.28 -6.57 -45.63
N VAL G 474 -7.09 -5.52 -45.52
CA VAL G 474 -7.44 -4.88 -44.23
C VAL G 474 -8.94 -4.69 -44.24
N GLU G 475 -9.61 -5.25 -43.24
CA GLU G 475 -11.04 -4.98 -42.96
C GLU G 475 -11.16 -4.31 -41.57
N GLN G 476 -12.09 -3.37 -41.52
CA GLN G 476 -12.70 -2.82 -40.30
C GLN G 476 -14.11 -2.40 -40.73
N LEU G 477 -15.11 -2.65 -39.89
CA LEU G 477 -16.47 -2.22 -40.21
C LEU G 477 -16.50 -0.68 -40.08
N SER G 478 -15.92 -0.01 -41.09
CA SER G 478 -16.00 1.46 -41.28
C SER G 478 -15.63 1.76 -42.73
N GLU G 479 -16.58 2.28 -43.50
CA GLU G 479 -16.31 2.71 -44.89
C GLU G 479 -15.28 3.86 -44.84
N HIS G 480 -15.49 4.83 -43.93
CA HIS G 480 -14.57 5.98 -43.74
C HIS G 480 -13.13 5.46 -43.71
N GLN G 481 -12.90 4.47 -42.86
CA GLN G 481 -11.54 3.93 -42.57
C GLN G 481 -10.97 3.35 -43.87
N MET G 482 -11.78 2.57 -44.56
CA MET G 482 -11.32 1.83 -45.77
C MET G 482 -11.00 2.85 -46.88
N GLU G 483 -11.94 3.79 -47.14
CA GLU G 483 -11.76 4.88 -48.13
C GLU G 483 -10.52 5.66 -47.75
N GLY G 484 -10.43 6.03 -46.47
CA GLY G 484 -9.39 6.95 -45.95
C GLY G 484 -8.04 6.32 -46.08
N PHE G 485 -7.93 5.06 -45.65
CA PHE G 485 -6.69 4.23 -45.75
C PHE G 485 -6.20 4.20 -47.21
N LEU G 486 -7.09 3.96 -48.15
CA LEU G 486 -6.66 3.70 -49.55
C LEU G 486 -6.24 5.06 -50.12
N GLU G 487 -7.05 6.11 -49.88
CA GLU G 487 -6.72 7.49 -50.33
C GLU G 487 -5.24 7.79 -50.06
N ALA G 488 -4.73 7.49 -48.86
CA ALA G 488 -3.33 7.83 -48.48
C ALA G 488 -2.34 6.84 -49.09
N TYR G 489 -2.73 5.57 -49.24
CA TYR G 489 -1.89 4.50 -49.87
C TYR G 489 -1.58 4.96 -51.32
N LEU G 490 -2.60 5.53 -51.96
CA LEU G 490 -2.53 6.10 -53.32
C LEU G 490 -1.68 7.35 -53.35
N LEU G 491 -2.01 8.33 -52.49
CA LEU G 491 -1.31 9.64 -52.40
C LEU G 491 0.18 9.45 -52.13
N THR G 492 0.57 8.38 -51.43
CA THR G 492 1.99 8.09 -51.09
C THR G 492 2.60 7.13 -52.13
N GLY G 493 1.86 6.87 -53.21
CA GLY G 493 2.44 6.36 -54.47
C GLY G 493 2.17 4.88 -54.72
N ARG G 494 1.13 4.29 -54.08
CA ARG G 494 0.81 2.84 -54.23
C ARG G 494 -0.58 2.71 -54.85
N HIS G 495 -1.10 1.48 -54.86
CA HIS G 495 -2.29 1.07 -55.63
C HIS G 495 -3.22 0.24 -54.76
N GLY G 496 -4.47 0.13 -55.16
CA GLY G 496 -5.32 -0.87 -54.53
C GLY G 496 -6.72 -0.76 -55.02
N ILE G 497 -7.61 -1.39 -54.27
CA ILE G 497 -9.06 -1.47 -54.53
C ILE G 497 -9.73 -1.70 -53.17
N TRP G 498 -10.93 -1.17 -52.99
CA TRP G 498 -11.84 -1.64 -51.93
C TRP G 498 -13.20 -1.97 -52.53
N SER G 499 -13.92 -2.83 -51.83
CA SER G 499 -15.27 -3.33 -52.18
C SER G 499 -16.22 -2.78 -51.11
N SER G 500 -17.47 -2.56 -51.47
CA SER G 500 -18.52 -2.18 -50.51
C SER G 500 -19.85 -2.57 -51.13
N TYR G 501 -20.76 -3.07 -50.30
CA TYR G 501 -22.21 -3.07 -50.63
C TYR G 501 -22.54 -1.71 -51.23
N GLU G 502 -23.21 -1.74 -52.36
CA GLU G 502 -23.57 -0.54 -53.15
C GLU G 502 -24.20 0.54 -52.24
N SER G 503 -25.16 0.17 -51.41
CA SER G 503 -25.99 1.10 -50.60
C SER G 503 -25.11 1.93 -49.67
N PHE G 504 -24.00 1.33 -49.22
CA PHE G 504 -23.18 1.85 -48.08
C PHE G 504 -21.97 2.62 -48.61
N VAL G 505 -21.71 2.61 -49.92
CA VAL G 505 -20.74 3.55 -50.56
C VAL G 505 -21.17 4.95 -50.16
N HIS G 506 -22.46 5.16 -49.94
CA HIS G 506 -23.04 6.47 -49.57
C HIS G 506 -22.44 7.00 -48.25
N VAL G 507 -22.04 6.12 -47.34
CA VAL G 507 -21.38 6.53 -46.07
C VAL G 507 -20.19 7.45 -46.44
N ILE G 508 -19.45 7.12 -47.48
CA ILE G 508 -18.19 7.84 -47.84
C ILE G 508 -18.40 8.73 -49.08
N ASP G 509 -19.63 9.15 -49.35
CA ASP G 509 -19.94 10.06 -50.48
C ASP G 509 -19.02 11.26 -50.37
N SER G 510 -18.91 11.82 -49.16
CA SER G 510 -18.26 13.15 -48.97
C SER G 510 -16.75 12.99 -49.14
N MET G 511 -16.21 11.80 -48.95
CA MET G 511 -14.76 11.58 -49.10
C MET G 511 -14.47 11.43 -50.59
N LEU G 512 -15.42 10.90 -51.35
CA LEU G 512 -15.25 10.81 -52.83
C LEU G 512 -15.17 12.23 -53.39
N ASN G 513 -16.10 13.09 -52.94
CA ASN G 513 -16.16 14.53 -53.26
C ASN G 513 -14.77 15.16 -53.01
N GLN G 514 -14.26 15.00 -51.80
CA GLN G 514 -13.01 15.67 -51.40
C GLN G 514 -11.83 15.11 -52.20
N HIS G 515 -11.76 13.81 -52.45
CA HIS G 515 -10.68 13.20 -53.28
C HIS G 515 -10.82 13.60 -54.76
N ALA G 516 -12.05 13.69 -55.24
CA ALA G 516 -12.34 14.11 -56.62
C ALA G 516 -11.77 15.51 -56.75
N LYS G 517 -12.18 16.42 -55.87
CA LYS G 517 -11.81 17.85 -55.88
C LYS G 517 -10.29 18.01 -55.81
N TRP G 518 -9.66 17.14 -55.03
CA TRP G 518 -8.18 17.07 -54.99
C TRP G 518 -7.64 16.83 -56.40
N LEU G 519 -8.21 15.86 -57.14
CA LEU G 519 -7.70 15.43 -58.48
C LEU G 519 -8.09 16.48 -59.53
N GLU G 520 -9.28 17.07 -59.43
CA GLU G 520 -9.74 18.21 -60.26
C GLU G 520 -8.69 19.32 -60.24
N ALA G 521 -8.33 19.87 -59.07
CA ALA G 521 -7.34 20.96 -58.96
C ALA G 521 -5.99 20.50 -59.51
N THR G 522 -5.59 19.28 -59.21
CA THR G 522 -4.27 18.72 -59.60
C THR G 522 -4.09 18.71 -61.12
N VAL G 523 -5.10 18.31 -61.90
CA VAL G 523 -4.90 18.04 -63.35
C VAL G 523 -4.98 19.37 -64.07
N ARG G 524 -5.78 20.28 -63.50
CA ARG G 524 -6.02 21.66 -64.01
C ARG G 524 -4.76 22.53 -63.87
N GLU G 525 -4.19 22.68 -62.67
CA GLU G 525 -3.15 23.72 -62.41
C GLU G 525 -1.99 23.21 -61.56
N ILE G 526 -1.87 21.91 -61.29
CA ILE G 526 -0.72 21.41 -60.46
C ILE G 526 0.10 20.42 -61.26
N PRO G 527 0.80 20.90 -62.31
CA PRO G 527 1.55 19.99 -63.16
C PRO G 527 2.75 19.36 -62.45
N TRP G 528 3.17 19.90 -61.29
CA TRP G 528 4.37 19.43 -60.53
C TRP G 528 3.98 18.28 -59.60
N ARG G 529 2.67 18.11 -59.39
CA ARG G 529 2.11 16.97 -58.62
C ARG G 529 1.90 15.85 -59.61
N LYS G 530 2.89 14.96 -59.73
CA LYS G 530 2.84 13.83 -60.69
C LYS G 530 1.63 12.94 -60.41
N PRO G 531 1.12 12.26 -61.46
CA PRO G 531 -0.09 11.43 -61.34
C PRO G 531 0.03 10.28 -60.31
N ILE G 532 -1.06 10.02 -59.58
CA ILE G 532 -1.18 8.94 -58.54
C ILE G 532 -2.03 7.83 -59.13
N ALA G 533 -1.94 6.63 -58.58
CA ALA G 533 -2.84 5.52 -58.98
C ALA G 533 -4.25 5.97 -58.65
N SER G 534 -5.18 5.38 -59.38
CA SER G 534 -6.61 5.72 -59.27
C SER G 534 -7.20 5.05 -58.01
N MET G 535 -8.27 5.69 -57.52
CA MET G 535 -9.10 5.20 -56.40
C MET G 535 -10.08 4.23 -57.02
N ASN G 536 -9.74 2.96 -56.91
CA ASN G 536 -10.53 1.84 -57.50
C ASN G 536 -11.51 1.35 -56.44
N LEU G 537 -12.81 1.50 -56.71
CA LEU G 537 -13.92 1.07 -55.81
C LEU G 537 -14.77 0.00 -56.52
N LEU G 538 -14.72 -1.25 -56.05
CA LEU G 538 -15.66 -2.31 -56.51
C LEU G 538 -17.00 -2.11 -55.80
N VAL G 539 -18.04 -1.66 -56.52
CA VAL G 539 -19.43 -1.50 -56.02
C VAL G 539 -20.20 -2.78 -56.36
N SER G 540 -20.47 -3.67 -55.38
CA SER G 540 -21.12 -4.99 -55.58
C SER G 540 -22.29 -5.22 -54.61
N SER G 541 -22.73 -6.48 -54.48
CA SER G 541 -23.91 -6.82 -53.66
C SER G 541 -24.90 -5.70 -53.90
N HIS G 542 -25.28 -5.51 -55.17
CA HIS G 542 -25.93 -4.28 -55.66
C HIS G 542 -27.44 -4.42 -55.49
N VAL G 543 -28.17 -3.39 -55.88
CA VAL G 543 -29.59 -3.18 -55.50
C VAL G 543 -30.44 -4.36 -55.93
N TRP G 544 -30.12 -4.97 -57.07
CA TRP G 544 -30.98 -5.96 -57.77
C TRP G 544 -30.89 -7.31 -57.05
N ARG G 545 -29.87 -7.49 -56.23
CA ARG G 545 -29.63 -8.71 -55.44
C ARG G 545 -29.48 -8.33 -53.97
N GLN G 546 -30.23 -7.33 -53.50
CA GLN G 546 -30.40 -7.03 -52.04
C GLN G 546 -31.85 -7.43 -51.75
N ASP G 547 -32.18 -8.62 -52.28
CA ASP G 547 -33.46 -9.35 -52.12
C ASP G 547 -33.44 -10.00 -50.72
N HIS G 548 -32.25 -10.36 -50.24
CA HIS G 548 -32.00 -11.09 -48.97
C HIS G 548 -31.78 -10.13 -47.77
N ASN G 549 -31.54 -8.82 -47.98
CA ASN G 549 -31.36 -7.83 -46.86
C ASN G 549 -32.50 -6.81 -46.86
N GLY G 550 -33.02 -6.42 -48.02
CA GLY G 550 -34.21 -5.56 -48.11
C GLY G 550 -33.89 -4.09 -48.34
N PHE G 551 -34.89 -3.25 -48.10
CA PHE G 551 -34.99 -1.88 -48.62
C PHE G 551 -33.71 -1.09 -48.26
N SER G 552 -33.39 -1.03 -46.96
CA SER G 552 -32.16 -0.45 -46.34
C SER G 552 -30.92 -0.60 -47.23
N HIS G 553 -30.73 -1.76 -47.87
CA HIS G 553 -29.52 -2.07 -48.68
C HIS G 553 -29.76 -1.81 -50.17
N GLN G 554 -30.83 -1.10 -50.53
CA GLN G 554 -31.16 -0.87 -51.95
C GLN G 554 -31.04 0.61 -52.29
N ASP G 555 -29.82 1.01 -52.70
CA ASP G 555 -29.49 2.38 -53.14
C ASP G 555 -28.27 2.36 -54.06
N PRO G 556 -28.44 2.34 -55.40
CA PRO G 556 -27.30 2.46 -56.33
C PRO G 556 -26.93 3.91 -56.69
N GLY G 557 -27.41 4.90 -55.90
CA GLY G 557 -27.29 6.34 -56.14
C GLY G 557 -25.86 6.90 -56.07
N VAL G 558 -24.85 6.10 -55.81
CA VAL G 558 -23.44 6.58 -55.92
C VAL G 558 -23.25 7.16 -57.32
N THR G 559 -23.81 6.52 -58.35
CA THR G 559 -23.66 6.97 -59.76
C THR G 559 -24.03 8.45 -59.81
N SER G 560 -25.12 8.83 -59.13
CA SER G 560 -25.66 10.21 -59.14
C SER G 560 -24.59 11.17 -58.60
N VAL G 561 -23.95 10.76 -57.52
CA VAL G 561 -22.93 11.56 -56.82
C VAL G 561 -21.76 11.75 -57.79
N LEU G 562 -21.25 10.66 -58.35
CA LEU G 562 -20.00 10.68 -59.14
C LEU G 562 -20.18 11.53 -60.41
N LEU G 563 -21.41 11.69 -60.92
CA LEU G 563 -21.69 12.52 -62.13
C LEU G 563 -21.43 14.01 -61.86
N ASN G 564 -21.53 14.42 -60.60
CA ASN G 564 -21.39 15.85 -60.17
C ASN G 564 -19.89 16.17 -60.03
N LYS G 565 -19.00 15.23 -60.35
CA LYS G 565 -17.54 15.50 -60.50
C LYS G 565 -17.03 15.16 -61.91
N CYS G 566 -17.80 15.47 -62.96
CA CYS G 566 -17.52 15.06 -64.37
C CYS G 566 -17.56 16.29 -65.28
N PHE G 567 -16.51 17.10 -65.28
CA PHE G 567 -16.53 18.43 -65.95
C PHE G 567 -15.17 18.81 -66.55
N HIS G 568 -15.15 19.89 -67.33
N HIS G 568 -15.21 19.86 -67.36
CA HIS G 568 -13.92 20.60 -67.80
CA HIS G 568 -14.07 20.59 -68.01
C HIS G 568 -12.96 19.63 -68.48
C HIS G 568 -12.99 19.62 -68.45
N ASN G 569 -13.41 18.43 -68.87
CA ASN G 569 -12.51 17.36 -69.41
C ASN G 569 -11.40 17.09 -68.39
N ASP G 570 -11.74 17.08 -67.10
CA ASP G 570 -10.77 16.76 -66.02
C ASP G 570 -10.49 15.27 -66.14
N HIS G 571 -11.55 14.51 -66.43
CA HIS G 571 -11.50 13.05 -66.65
C HIS G 571 -10.94 12.39 -65.39
N VAL G 572 -11.52 12.67 -64.20
CA VAL G 572 -11.01 12.13 -62.90
C VAL G 572 -11.98 11.10 -62.29
N ILE G 573 -13.17 10.97 -62.86
CA ILE G 573 -14.19 9.98 -62.48
C ILE G 573 -14.26 8.93 -63.60
N GLY G 574 -14.42 7.67 -63.21
CA GLY G 574 -14.83 6.52 -64.04
C GLY G 574 -16.05 5.85 -63.41
N ILE G 575 -17.12 5.66 -64.18
CA ILE G 575 -18.29 4.84 -63.78
C ILE G 575 -18.46 3.72 -64.80
N TYR G 576 -18.05 2.51 -64.44
CA TYR G 576 -18.09 1.32 -65.34
C TYR G 576 -19.12 0.33 -64.79
N PHE G 577 -20.02 -0.16 -65.65
CA PHE G 577 -20.92 -1.29 -65.35
C PHE G 577 -20.33 -2.55 -65.96
N ALA G 578 -19.96 -3.55 -65.14
CA ALA G 578 -19.36 -4.81 -65.59
C ALA G 578 -20.50 -5.76 -65.95
N THR G 579 -20.91 -5.68 -67.22
CA THR G 579 -21.82 -6.59 -67.97
C THR G 579 -21.63 -8.06 -67.55
N ASP G 580 -20.38 -8.48 -67.39
CA ASP G 580 -20.06 -9.85 -66.96
C ASP G 580 -18.58 -9.92 -66.60
N ALA G 581 -18.12 -11.11 -66.26
CA ALA G 581 -16.73 -11.38 -65.81
C ALA G 581 -15.76 -10.84 -66.87
N ASN G 582 -16.14 -10.91 -68.15
CA ASN G 582 -15.20 -10.56 -69.23
C ASN G 582 -15.14 -9.03 -69.37
N MET G 583 -16.29 -8.34 -69.38
CA MET G 583 -16.31 -6.85 -69.34
C MET G 583 -15.60 -6.38 -68.07
N LEU G 584 -15.82 -7.09 -66.94
CA LEU G 584 -15.21 -6.75 -65.62
C LEU G 584 -13.69 -6.80 -65.76
N LEU G 585 -13.13 -7.88 -66.31
CA LEU G 585 -11.65 -8.01 -66.52
C LEU G 585 -11.13 -6.81 -67.33
N ALA G 586 -11.85 -6.39 -68.38
CA ALA G 586 -11.44 -5.30 -69.28
C ALA G 586 -11.52 -3.95 -68.54
N ILE G 587 -12.52 -3.75 -67.68
CA ILE G 587 -12.63 -2.50 -66.87
C ILE G 587 -11.50 -2.51 -65.83
N ALA G 588 -11.39 -3.60 -65.07
CA ALA G 588 -10.30 -3.76 -64.08
C ALA G 588 -8.98 -3.25 -64.67
N GLU G 589 -8.63 -3.72 -65.87
CA GLU G 589 -7.30 -3.49 -66.49
C GLU G 589 -7.11 -1.99 -66.76
N LYS G 590 -8.10 -1.34 -67.34
CA LYS G 590 -8.11 0.12 -67.64
C LYS G 590 -7.90 0.87 -66.32
N CYS G 591 -8.75 0.60 -65.33
CA CYS G 591 -8.74 1.20 -63.95
C CYS G 591 -7.39 1.02 -63.25
N TYR G 592 -6.82 -0.19 -63.26
CA TYR G 592 -5.54 -0.51 -62.60
C TYR G 592 -4.35 0.21 -63.29
N LYS G 593 -4.49 0.59 -64.56
CA LYS G 593 -3.44 1.29 -65.34
C LYS G 593 -3.70 2.80 -65.26
N SER G 594 -4.94 3.19 -64.99
CA SER G 594 -5.37 4.61 -64.92
C SER G 594 -4.64 5.29 -63.77
N THR G 595 -4.34 6.58 -63.97
CA THR G 595 -3.90 7.51 -62.92
C THR G 595 -4.92 8.65 -62.74
N ASN G 596 -4.90 9.29 -61.57
CA ASN G 596 -5.62 10.56 -61.24
C ASN G 596 -7.11 10.37 -61.39
N LYS G 597 -7.65 9.20 -61.05
CA LYS G 597 -9.08 8.89 -61.23
C LYS G 597 -9.67 8.39 -59.92
N ILE G 598 -10.97 8.55 -59.79
CA ILE G 598 -11.81 7.65 -58.94
C ILE G 598 -12.61 6.79 -59.91
N ASN G 599 -12.44 5.46 -59.87
CA ASN G 599 -13.17 4.48 -60.71
C ASN G 599 -14.16 3.68 -59.86
N ALA G 600 -15.46 3.93 -60.04
CA ALA G 600 -16.55 3.05 -59.56
C ALA G 600 -16.76 1.91 -60.56
N ILE G 601 -16.70 0.68 -60.08
CA ILE G 601 -16.89 -0.53 -60.89
C ILE G 601 -18.09 -1.27 -60.31
N ILE G 602 -19.28 -1.04 -60.88
CA ILE G 602 -20.52 -1.81 -60.58
C ILE G 602 -20.45 -3.20 -61.25
N ALA G 603 -20.31 -4.22 -60.40
CA ALA G 603 -20.18 -5.66 -60.76
C ALA G 603 -21.09 -6.47 -59.82
N GLY G 604 -21.91 -7.36 -60.39
CA GLY G 604 -22.74 -8.36 -59.68
C GLY G 604 -21.90 -9.48 -59.06
N LYS G 605 -22.25 -9.89 -57.84
CA LYS G 605 -21.57 -11.06 -57.18
C LYS G 605 -22.45 -12.31 -57.34
N GLN G 606 -23.69 -12.13 -57.79
CA GLN G 606 -24.66 -13.22 -58.01
C GLN G 606 -24.25 -14.01 -59.24
N PRO G 607 -24.65 -15.31 -59.30
CA PRO G 607 -24.37 -16.14 -60.48
C PRO G 607 -25.15 -15.55 -61.65
N ALA G 608 -24.51 -15.36 -62.82
CA ALA G 608 -25.17 -14.78 -64.01
C ALA G 608 -24.53 -15.26 -65.32
N ALA G 609 -25.19 -14.87 -66.42
CA ALA G 609 -24.75 -15.17 -67.80
C ALA G 609 -23.50 -14.34 -68.08
N THR G 610 -22.53 -14.93 -68.76
CA THR G 610 -21.38 -14.27 -69.43
C THR G 610 -21.77 -14.00 -70.89
N TRP G 611 -21.79 -12.72 -71.30
CA TRP G 611 -22.31 -12.22 -72.62
C TRP G 611 -21.20 -12.05 -73.67
N LEU G 612 -20.09 -11.42 -73.32
CA LEU G 612 -19.00 -11.09 -74.29
C LEU G 612 -17.83 -12.02 -74.07
N THR G 613 -16.98 -12.15 -75.09
CA THR G 613 -15.56 -12.57 -74.94
C THR G 613 -14.78 -11.32 -74.55
N LEU G 614 -13.52 -11.50 -74.17
CA LEU G 614 -12.60 -10.38 -73.81
C LEU G 614 -12.50 -9.44 -75.00
N ASP G 615 -12.11 -9.98 -76.18
CA ASP G 615 -11.85 -9.21 -77.42
C ASP G 615 -13.04 -8.27 -77.64
N GLU G 616 -14.27 -8.76 -77.48
CA GLU G 616 -15.49 -7.96 -77.71
C GLU G 616 -15.65 -6.94 -76.59
N ALA G 617 -15.51 -7.41 -75.35
CA ALA G 617 -15.55 -6.58 -74.12
C ALA G 617 -14.64 -5.36 -74.30
N ARG G 618 -13.36 -5.58 -74.67
CA ARG G 618 -12.32 -4.51 -74.95
C ARG G 618 -12.80 -3.53 -76.03
N ALA G 619 -13.48 -4.02 -77.05
CA ALA G 619 -13.97 -3.21 -78.18
C ALA G 619 -15.12 -2.35 -77.67
N GLU G 620 -16.00 -2.90 -76.86
CA GLU G 620 -17.15 -2.14 -76.32
C GLU G 620 -16.59 -1.03 -75.43
N LEU G 621 -15.62 -1.38 -74.57
CA LEU G 621 -15.08 -0.48 -73.53
C LEU G 621 -14.46 0.74 -74.23
N GLU G 622 -13.50 0.51 -75.14
CA GLU G 622 -12.71 1.58 -75.82
C GLU G 622 -13.66 2.64 -76.37
N LYS G 623 -14.83 2.24 -76.82
CA LYS G 623 -15.82 3.19 -77.39
C LYS G 623 -16.66 3.70 -76.23
N GLY G 624 -17.03 2.79 -75.31
CA GLY G 624 -17.90 3.03 -74.16
C GLY G 624 -19.24 2.32 -74.26
N ALA G 625 -19.87 2.35 -75.43
CA ALA G 625 -21.11 1.60 -75.77
C ALA G 625 -20.89 0.79 -77.05
N ALA G 626 -21.81 -0.09 -77.45
CA ALA G 626 -21.70 -0.92 -78.69
C ALA G 626 -23.03 -1.60 -79.02
N ALA G 627 -23.42 -1.46 -80.29
CA ALA G 627 -24.26 -2.42 -81.05
C ALA G 627 -23.74 -3.82 -80.75
N TRP G 628 -24.60 -4.72 -80.29
CA TRP G 628 -24.34 -6.18 -80.21
C TRP G 628 -24.91 -6.82 -81.48
N ASP G 629 -24.06 -7.00 -82.50
CA ASP G 629 -24.50 -7.33 -83.88
C ASP G 629 -25.16 -8.70 -83.80
N TRP G 630 -24.42 -9.66 -83.22
CA TRP G 630 -24.77 -11.09 -82.97
C TRP G 630 -26.09 -11.28 -82.21
N ALA G 631 -26.62 -10.27 -81.51
CA ALA G 631 -27.86 -10.39 -80.69
C ALA G 631 -29.04 -9.71 -81.37
N SER G 632 -28.77 -8.80 -82.32
CA SER G 632 -29.78 -8.00 -83.05
C SER G 632 -30.47 -8.86 -84.13
N THR G 633 -31.78 -8.70 -84.28
CA THR G 633 -32.62 -9.32 -85.34
C THR G 633 -32.65 -8.39 -86.56
N ALA G 634 -32.54 -7.06 -86.32
CA ALA G 634 -32.36 -6.01 -87.36
C ALA G 634 -30.88 -5.94 -87.74
N LYS G 635 -30.57 -5.80 -89.04
CA LYS G 635 -29.19 -5.85 -89.59
C LYS G 635 -28.79 -4.49 -90.16
N ASN G 636 -29.60 -3.46 -89.91
CA ASN G 636 -29.20 -2.05 -90.10
C ASN G 636 -30.18 -1.17 -89.31
N ASN G 637 -29.90 0.14 -89.20
CA ASN G 637 -30.64 1.11 -88.36
C ASN G 637 -31.98 1.49 -89.01
N ASP G 638 -32.18 1.27 -90.31
CA ASP G 638 -33.49 1.56 -90.97
C ASP G 638 -34.45 0.42 -90.65
N GLU G 639 -33.94 -0.81 -90.62
CA GLU G 639 -34.70 -2.07 -90.44
C GLU G 639 -35.33 -2.11 -89.04
N ALA G 640 -34.55 -1.73 -88.01
CA ALA G 640 -34.88 -1.81 -86.57
C ALA G 640 -36.12 -0.99 -86.20
N GLU G 641 -37.09 -1.60 -85.53
CA GLU G 641 -38.34 -0.95 -85.07
C GLU G 641 -38.14 -0.39 -83.65
N VAL G 642 -37.14 -0.92 -82.93
CA VAL G 642 -36.83 -0.56 -81.52
C VAL G 642 -35.34 -0.86 -81.21
N VAL G 643 -34.71 -0.01 -80.39
CA VAL G 643 -33.37 -0.28 -79.79
C VAL G 643 -33.59 -0.70 -78.34
N LEU G 644 -32.96 -1.81 -77.96
CA LEU G 644 -32.90 -2.34 -76.57
C LEU G 644 -31.49 -2.06 -76.06
N ALA G 645 -31.37 -1.13 -75.10
CA ALA G 645 -30.10 -0.75 -74.44
C ALA G 645 -30.12 -1.15 -72.96
N ALA G 646 -28.99 -1.65 -72.46
CA ALA G 646 -28.79 -1.97 -71.02
C ALA G 646 -27.41 -1.51 -70.57
N ALA G 647 -27.37 -0.86 -69.40
CA ALA G 647 -26.15 -0.72 -68.56
C ALA G 647 -26.37 -1.47 -67.24
N GLY G 648 -25.54 -2.48 -67.02
CA GLY G 648 -25.57 -3.28 -65.79
C GLY G 648 -25.87 -4.72 -66.08
N ASP G 649 -25.16 -5.62 -65.40
CA ASP G 649 -25.26 -7.10 -65.47
C ASP G 649 -26.73 -7.54 -65.48
N VAL G 650 -27.56 -6.94 -64.61
CA VAL G 650 -28.98 -7.38 -64.40
C VAL G 650 -29.91 -6.64 -65.36
N PRO G 651 -29.84 -5.31 -65.56
CA PRO G 651 -30.63 -4.71 -66.65
C PRO G 651 -30.30 -5.41 -67.99
N THR G 652 -29.04 -5.80 -68.20
CA THR G 652 -28.58 -6.55 -69.40
C THR G 652 -29.37 -7.87 -69.45
N GLN G 653 -29.16 -8.75 -68.47
CA GLN G 653 -29.96 -10.00 -68.28
C GLN G 653 -31.41 -9.80 -68.74
N GLU G 654 -32.18 -8.93 -68.08
CA GLU G 654 -33.61 -8.72 -68.41
C GLU G 654 -33.77 -8.19 -69.84
N ILE G 655 -32.79 -7.47 -70.38
CA ILE G 655 -32.88 -6.97 -71.78
C ILE G 655 -32.66 -8.14 -72.74
N MET G 656 -31.67 -9.00 -72.50
CA MET G 656 -31.34 -10.20 -73.34
C MET G 656 -32.49 -11.21 -73.33
N ALA G 657 -33.12 -11.44 -72.18
CA ALA G 657 -34.29 -12.32 -72.01
C ALA G 657 -35.46 -11.72 -72.78
N ALA G 658 -35.63 -10.40 -72.72
CA ALA G 658 -36.75 -9.72 -73.41
C ALA G 658 -36.52 -9.81 -74.92
N SER G 659 -35.25 -9.87 -75.37
CA SER G 659 -34.86 -9.91 -76.81
C SER G 659 -35.31 -11.26 -77.41
N ASP G 660 -35.08 -12.37 -76.70
CA ASP G 660 -35.67 -13.71 -76.98
C ASP G 660 -37.21 -13.67 -77.12
N LYS G 661 -37.93 -12.99 -76.24
CA LYS G 661 -39.41 -12.98 -76.32
C LYS G 661 -39.80 -12.17 -77.55
N LEU G 662 -39.03 -11.13 -77.91
CA LEU G 662 -39.31 -10.23 -79.07
C LEU G 662 -38.87 -10.92 -80.38
N LYS G 663 -37.88 -11.82 -80.31
CA LYS G 663 -37.42 -12.65 -81.45
C LYS G 663 -38.55 -13.56 -81.95
N GLU G 664 -39.08 -14.41 -81.06
CA GLU G 664 -40.22 -15.34 -81.25
C GLU G 664 -41.44 -14.61 -81.85
N LEU G 665 -41.59 -13.30 -81.60
CA LEU G 665 -42.68 -12.47 -82.18
C LEU G 665 -42.28 -11.94 -83.57
N GLY G 666 -41.04 -12.20 -84.00
CA GLY G 666 -40.46 -11.79 -85.30
C GLY G 666 -40.02 -10.34 -85.33
N VAL G 667 -39.85 -9.69 -84.18
CA VAL G 667 -39.62 -8.22 -84.05
C VAL G 667 -38.17 -7.90 -84.46
N LYS G 668 -38.00 -6.81 -85.21
CA LYS G 668 -36.71 -6.28 -85.72
C LYS G 668 -36.15 -5.25 -84.73
N PHE G 669 -35.02 -5.56 -84.08
CA PHE G 669 -34.45 -4.75 -82.98
C PHE G 669 -32.92 -4.79 -83.02
N LYS G 670 -32.32 -3.67 -82.60
CA LYS G 670 -30.87 -3.54 -82.30
C LYS G 670 -30.70 -3.77 -80.79
N VAL G 671 -29.62 -4.46 -80.38
CA VAL G 671 -29.25 -4.63 -78.95
C VAL G 671 -27.97 -3.82 -78.70
N VAL G 672 -28.04 -2.91 -77.74
CA VAL G 672 -26.91 -2.00 -77.37
C VAL G 672 -26.55 -2.25 -75.91
N ASN G 673 -25.27 -2.45 -75.63
CA ASN G 673 -24.70 -2.52 -74.26
C ASN G 673 -23.85 -1.28 -73.98
N VAL G 674 -23.99 -0.71 -72.78
CA VAL G 674 -23.24 0.49 -72.28
C VAL G 674 -22.41 0.04 -71.08
N ALA G 675 -21.07 0.12 -71.17
CA ALA G 675 -20.12 -0.25 -70.10
C ALA G 675 -19.51 1.00 -69.43
N ASP G 676 -19.26 2.07 -70.19
CA ASP G 676 -18.75 3.37 -69.67
C ASP G 676 -19.91 4.34 -69.61
N LEU G 677 -20.36 4.74 -68.43
CA LEU G 677 -21.54 5.62 -68.34
C LEU G 677 -21.23 6.97 -68.99
N LEU G 678 -19.95 7.37 -69.04
CA LEU G 678 -19.55 8.74 -69.46
C LEU G 678 -19.42 8.83 -70.98
N SER G 679 -19.21 7.70 -71.65
CA SER G 679 -19.35 7.60 -73.14
C SER G 679 -20.61 8.32 -73.63
N LEU G 680 -21.68 8.34 -72.85
CA LEU G 680 -22.99 8.94 -73.24
C LEU G 680 -23.02 10.45 -73.01
N GLN G 681 -22.09 10.98 -72.21
CA GLN G 681 -22.14 12.41 -71.78
C GLN G 681 -21.94 13.28 -73.02
N SER G 682 -22.64 14.42 -73.11
CA SER G 682 -22.54 15.39 -74.24
C SER G 682 -21.11 15.45 -74.79
N ALA G 683 -20.94 15.52 -76.12
CA ALA G 683 -19.61 15.63 -76.77
C ALA G 683 -19.04 17.02 -76.48
N LYS G 684 -19.89 18.04 -76.29
CA LYS G 684 -19.48 19.44 -75.99
C LYS G 684 -18.78 19.52 -74.62
N GLU G 685 -19.35 18.91 -73.56
CA GLU G 685 -18.77 18.82 -72.19
C GLU G 685 -17.56 17.88 -72.17
N ASN G 686 -17.66 16.68 -72.75
CA ASN G 686 -16.69 15.58 -72.53
C ASN G 686 -16.10 15.12 -73.86
N ASP G 687 -14.78 15.27 -74.03
CA ASP G 687 -14.11 15.17 -75.35
C ASP G 687 -13.75 13.71 -75.60
N GLU G 688 -14.08 12.82 -74.65
CA GLU G 688 -13.77 11.37 -74.73
C GLU G 688 -15.07 10.59 -74.89
N ALA G 689 -16.21 11.28 -74.77
CA ALA G 689 -17.57 10.74 -75.06
C ALA G 689 -17.66 10.32 -76.53
N LEU G 690 -18.69 9.56 -76.88
CA LEU G 690 -19.01 9.30 -78.29
C LEU G 690 -19.30 10.65 -78.95
N THR G 691 -18.86 10.84 -80.19
CA THR G 691 -19.29 11.96 -81.04
C THR G 691 -20.80 11.81 -81.27
N ASP G 692 -21.51 12.90 -81.53
CA ASP G 692 -22.93 12.86 -81.92
C ASP G 692 -23.13 11.82 -83.03
N GLU G 693 -22.23 11.79 -84.01
CA GLU G 693 -22.20 10.85 -85.16
C GLU G 693 -22.26 9.39 -84.65
N GLU G 694 -21.24 8.95 -83.88
CA GLU G 694 -21.09 7.59 -83.28
C GLU G 694 -22.31 7.26 -82.40
N PHE G 695 -22.83 8.25 -81.69
CA PHE G 695 -24.00 8.10 -80.79
C PHE G 695 -25.23 7.70 -81.62
N ALA G 696 -25.59 8.52 -82.62
CA ALA G 696 -26.75 8.32 -83.50
C ALA G 696 -26.60 7.00 -84.28
N ASP G 697 -25.37 6.64 -84.62
CA ASP G 697 -25.00 5.38 -85.30
C ASP G 697 -25.27 4.19 -84.40
N ILE G 698 -25.20 4.34 -83.08
CA ILE G 698 -25.40 3.19 -82.15
C ILE G 698 -26.88 3.15 -81.77
N PHE G 699 -27.42 4.27 -81.31
CA PHE G 699 -28.79 4.37 -80.75
C PHE G 699 -29.78 4.81 -81.83
N THR G 700 -29.33 4.97 -83.08
CA THR G 700 -30.16 5.40 -84.25
C THR G 700 -30.60 6.86 -84.09
N ALA G 701 -30.83 7.52 -85.24
CA ALA G 701 -31.24 8.94 -85.31
C ALA G 701 -32.71 9.11 -84.92
N ASP G 702 -33.56 8.08 -85.12
CA ASP G 702 -35.03 8.30 -85.13
C ASP G 702 -35.84 7.14 -84.54
N LYS G 703 -35.23 6.04 -84.08
CA LYS G 703 -36.00 4.89 -83.54
C LYS G 703 -36.23 5.01 -82.03
N PRO G 704 -37.32 4.43 -81.50
CA PRO G 704 -37.48 4.29 -80.04
C PRO G 704 -36.38 3.42 -79.40
N VAL G 705 -35.82 3.93 -78.30
CA VAL G 705 -34.79 3.22 -77.49
C VAL G 705 -35.38 2.93 -76.12
N LEU G 706 -35.41 1.65 -75.74
CA LEU G 706 -35.73 1.18 -74.39
C LEU G 706 -34.43 1.02 -73.62
N PHE G 707 -34.16 1.93 -72.67
CA PHE G 707 -32.89 1.91 -71.88
C PHE G 707 -33.16 1.35 -70.47
N ALA G 708 -32.60 0.16 -70.18
CA ALA G 708 -32.69 -0.54 -68.87
C ALA G 708 -31.39 -0.23 -68.12
N TYR G 709 -31.50 0.60 -67.07
CA TYR G 709 -30.33 1.23 -66.39
C TYR G 709 -30.23 0.68 -64.97
N HIS G 710 -28.99 0.43 -64.53
CA HIS G 710 -28.66 -0.16 -63.20
C HIS G 710 -29.16 0.71 -62.06
N SER G 711 -29.05 2.03 -62.21
CA SER G 711 -29.26 3.00 -61.09
C SER G 711 -30.49 3.85 -61.36
N TYR G 712 -30.52 5.10 -60.87
CA TYR G 712 -31.69 6.00 -61.00
C TYR G 712 -31.73 6.52 -62.45
N ALA G 713 -32.89 6.42 -63.07
CA ALA G 713 -33.13 6.77 -64.48
C ALA G 713 -32.62 8.20 -64.73
N HIS G 714 -33.02 9.10 -63.81
CA HIS G 714 -32.57 10.50 -63.75
C HIS G 714 -31.12 10.58 -64.25
N ASP G 715 -30.23 9.65 -63.88
CA ASP G 715 -28.80 9.72 -64.32
C ASP G 715 -28.75 9.81 -65.85
N VAL G 716 -29.22 8.77 -66.55
CA VAL G 716 -29.12 8.66 -68.03
C VAL G 716 -29.88 9.83 -68.68
N ARG G 717 -31.10 10.14 -68.22
CA ARG G 717 -31.90 11.30 -68.72
C ARG G 717 -31.06 12.59 -68.69
N GLY G 718 -30.44 12.94 -67.55
CA GLY G 718 -29.65 14.17 -67.39
C GLY G 718 -28.40 14.21 -68.28
N LEU G 719 -27.76 13.07 -68.53
CA LEU G 719 -26.51 12.95 -69.34
C LEU G 719 -26.74 13.28 -70.83
N ILE G 720 -27.88 12.88 -71.40
CA ILE G 720 -28.08 12.78 -72.88
C ILE G 720 -28.96 13.93 -73.39
N TYR G 721 -29.28 14.93 -72.56
CA TYR G 721 -30.22 16.03 -72.90
C TYR G 721 -29.94 16.65 -74.29
N ASP G 722 -28.71 16.57 -74.83
CA ASP G 722 -28.36 17.24 -76.12
C ASP G 722 -27.91 16.20 -77.15
N ARG G 723 -28.25 14.93 -76.95
CA ARG G 723 -27.80 13.85 -77.85
C ARG G 723 -28.84 13.66 -78.94
N PRO G 724 -28.38 13.20 -80.12
CA PRO G 724 -29.29 12.78 -81.18
C PRO G 724 -30.34 11.83 -80.59
N ASN G 725 -31.63 12.18 -80.71
CA ASN G 725 -32.71 11.17 -80.57
C ASN G 725 -32.93 10.93 -79.08
N HIS G 726 -32.40 11.81 -78.23
CA HIS G 726 -32.53 11.68 -76.76
C HIS G 726 -34.02 11.61 -76.38
N ASP G 727 -34.89 12.23 -77.18
CA ASP G 727 -36.34 12.34 -76.84
C ASP G 727 -37.05 10.97 -76.96
N ASN G 728 -36.44 10.00 -77.65
CA ASN G 728 -37.00 8.65 -77.91
C ASN G 728 -36.50 7.65 -76.85
N PHE G 729 -35.62 8.09 -75.95
CA PHE G 729 -35.10 7.27 -74.84
C PHE G 729 -36.23 7.08 -73.83
N ASN G 730 -36.61 5.83 -73.61
CA ASN G 730 -37.49 5.35 -72.52
C ASN G 730 -36.58 4.62 -71.52
N VAL G 731 -36.16 5.35 -70.48
CA VAL G 731 -35.15 4.91 -69.46
C VAL G 731 -35.89 4.33 -68.27
N HIS G 732 -35.59 3.08 -67.96
CA HIS G 732 -36.07 2.31 -66.78
C HIS G 732 -34.86 2.10 -65.89
N GLY G 733 -35.04 2.29 -64.59
CA GLY G 733 -34.02 1.96 -63.58
C GLY G 733 -34.63 1.74 -62.21
N TYR G 734 -33.79 1.63 -61.18
CA TYR G 734 -34.25 1.46 -59.78
C TYR G 734 -35.09 2.69 -59.45
N GLU G 735 -36.18 2.46 -58.70
CA GLU G 735 -37.25 3.44 -58.47
C GLU G 735 -37.68 3.43 -57.01
N GLU G 736 -36.83 3.00 -56.08
CA GLU G 736 -37.18 3.01 -54.63
C GLU G 736 -38.37 2.06 -54.39
N GLU G 737 -38.36 0.92 -55.07
CA GLU G 737 -39.30 -0.22 -54.84
C GLU G 737 -38.44 -1.42 -54.51
N GLY G 738 -38.86 -2.22 -53.55
CA GLY G 738 -38.05 -3.36 -53.12
C GLY G 738 -38.44 -3.74 -51.72
N SER G 739 -37.81 -4.78 -51.19
CA SER G 739 -38.15 -5.38 -49.89
C SER G 739 -37.27 -6.60 -49.70
N THR G 740 -37.57 -7.40 -48.70
CA THR G 740 -36.94 -8.72 -48.53
C THR G 740 -37.87 -9.66 -49.31
N THR G 741 -37.40 -10.21 -50.44
CA THR G 741 -38.24 -10.87 -51.48
C THR G 741 -37.33 -11.69 -52.38
N THR G 742 -37.65 -11.84 -53.68
CA THR G 742 -36.90 -12.71 -54.63
C THR G 742 -36.30 -11.88 -55.78
N PRO G 743 -35.23 -12.43 -56.43
CA PRO G 743 -34.56 -11.74 -57.54
C PRO G 743 -35.54 -11.15 -58.57
N TYR G 744 -36.56 -11.93 -58.94
CA TYR G 744 -37.55 -11.54 -59.97
C TYR G 744 -38.45 -10.43 -59.42
N ASP G 745 -38.85 -10.55 -58.15
CA ASP G 745 -39.76 -9.56 -57.51
C ASP G 745 -39.02 -8.21 -57.51
N MET G 746 -37.69 -8.24 -57.39
CA MET G 746 -36.85 -7.02 -57.27
C MET G 746 -36.93 -6.25 -58.58
N VAL G 747 -36.84 -6.94 -59.73
CA VAL G 747 -36.91 -6.28 -61.08
C VAL G 747 -38.37 -5.95 -61.35
N ARG G 748 -39.29 -6.81 -60.90
CA ARG G 748 -40.73 -6.62 -61.22
C ARG G 748 -41.15 -5.28 -60.62
N VAL G 749 -40.84 -5.07 -59.34
CA VAL G 749 -41.46 -3.99 -58.54
C VAL G 749 -40.84 -2.64 -58.98
N ASN G 750 -39.69 -2.66 -59.65
CA ASN G 750 -39.02 -1.48 -60.27
C ASN G 750 -39.29 -1.40 -61.79
N ARG G 751 -40.16 -2.25 -62.34
CA ARG G 751 -40.63 -2.19 -63.75
C ARG G 751 -39.44 -2.36 -64.69
N ILE G 752 -38.55 -3.33 -64.41
CA ILE G 752 -37.36 -3.62 -65.26
C ILE G 752 -37.17 -5.15 -65.44
N ASP G 753 -38.14 -5.98 -65.06
CA ASP G 753 -38.12 -7.43 -65.38
C ASP G 753 -38.27 -7.64 -66.89
N ARG G 754 -37.63 -8.68 -67.44
CA ARG G 754 -37.79 -9.14 -68.86
C ARG G 754 -39.24 -8.97 -69.34
N TYR G 755 -40.22 -9.36 -68.53
CA TYR G 755 -41.65 -9.34 -68.95
C TYR G 755 -42.06 -7.91 -69.29
N GLU G 756 -41.94 -6.99 -68.34
CA GLU G 756 -42.26 -5.55 -68.51
C GLU G 756 -41.48 -4.89 -69.65
N LEU G 757 -40.22 -5.26 -69.85
CA LEU G 757 -39.33 -4.69 -70.90
C LEU G 757 -39.89 -5.09 -72.27
N THR G 758 -40.15 -6.39 -72.43
CA THR G 758 -40.82 -6.99 -73.61
C THR G 758 -42.12 -6.22 -73.87
N ALA G 759 -42.98 -6.08 -72.87
CA ALA G 759 -44.23 -5.30 -72.97
C ALA G 759 -43.93 -3.85 -73.39
N GLU G 760 -42.87 -3.25 -72.83
CA GLU G 760 -42.54 -1.81 -73.03
C GLU G 760 -41.96 -1.65 -74.44
N ALA G 761 -41.19 -2.64 -74.92
CA ALA G 761 -40.74 -2.70 -76.33
C ALA G 761 -41.97 -2.67 -77.28
N LEU G 762 -42.98 -3.49 -76.99
CA LEU G 762 -44.17 -3.65 -77.88
C LEU G 762 -45.03 -2.39 -77.77
N ARG G 763 -45.17 -1.79 -76.58
CA ARG G 763 -45.86 -0.47 -76.41
C ARG G 763 -45.23 0.60 -77.30
N MET G 764 -43.91 0.55 -77.50
CA MET G 764 -43.19 1.61 -78.26
C MET G 764 -43.28 1.40 -79.78
N ILE G 765 -43.58 0.19 -80.25
CA ILE G 765 -43.79 -0.13 -81.70
C ILE G 765 -45.27 0.12 -82.03
N ASP G 766 -46.17 -0.61 -81.38
CA ASP G 766 -47.61 -0.59 -81.67
C ASP G 766 -48.36 -1.15 -80.46
N ALA G 767 -48.80 -0.26 -79.56
CA ALA G 767 -49.72 -0.60 -78.44
C ALA G 767 -50.92 -1.38 -78.98
N ASP G 768 -51.41 -1.03 -80.20
CA ASP G 768 -52.55 -1.65 -80.92
C ASP G 768 -52.23 -3.08 -81.40
N LYS G 769 -51.35 -3.25 -82.39
CA LYS G 769 -50.94 -4.56 -82.96
C LYS G 769 -50.70 -5.59 -81.85
N TYR G 770 -50.14 -5.15 -80.72
CA TYR G 770 -49.54 -6.06 -79.70
C TYR G 770 -50.31 -6.04 -78.36
N ALA G 771 -51.37 -5.24 -78.20
CA ALA G 771 -52.22 -5.18 -76.99
C ALA G 771 -52.40 -6.60 -76.42
N ASP G 772 -52.83 -7.55 -77.26
CA ASP G 772 -53.06 -8.97 -76.89
C ASP G 772 -51.80 -9.52 -76.19
N LYS G 773 -50.60 -9.29 -76.74
CA LYS G 773 -49.35 -9.89 -76.23
C LYS G 773 -48.86 -9.12 -74.99
N ILE G 774 -49.14 -7.82 -74.92
CA ILE G 774 -48.81 -6.94 -73.76
C ILE G 774 -49.59 -7.44 -72.53
N ASP G 775 -50.90 -7.67 -72.68
CA ASP G 775 -51.83 -8.17 -71.63
C ASP G 775 -51.35 -9.55 -71.15
N GLU G 776 -50.92 -10.41 -72.06
CA GLU G 776 -50.43 -11.78 -71.69
C GLU G 776 -49.23 -11.63 -70.76
N LEU G 777 -48.32 -10.72 -71.13
CA LEU G 777 -47.03 -10.46 -70.44
C LEU G 777 -47.27 -9.78 -69.08
N GLU G 778 -48.18 -8.80 -68.99
CA GLU G 778 -48.59 -8.21 -67.69
C GLU G 778 -49.19 -9.28 -66.77
N LYS G 779 -50.11 -10.12 -67.24
CA LYS G 779 -50.73 -11.20 -66.42
C LYS G 779 -49.63 -12.15 -65.91
N PHE G 780 -48.68 -12.53 -66.77
CA PHE G 780 -47.60 -13.48 -66.41
C PHE G 780 -46.68 -12.92 -65.33
N ARG G 781 -46.71 -11.60 -65.11
CA ARG G 781 -45.90 -10.93 -64.06
C ARG G 781 -46.51 -11.24 -62.69
N ASP G 782 -47.82 -11.06 -62.54
CA ASP G 782 -48.52 -11.35 -61.25
C ASP G 782 -48.46 -12.86 -61.02
N GLU G 783 -48.60 -13.64 -62.09
CA GLU G 783 -48.60 -15.13 -61.99
C GLU G 783 -47.22 -15.61 -61.51
N ALA G 784 -46.14 -14.89 -61.82
CA ALA G 784 -44.75 -15.31 -61.50
C ALA G 784 -44.35 -14.79 -60.11
N PHE G 785 -45.04 -13.73 -59.67
CA PHE G 785 -44.96 -13.19 -58.30
C PHE G 785 -45.72 -14.13 -57.37
N GLN G 786 -46.97 -14.45 -57.73
CA GLN G 786 -47.84 -15.37 -56.95
C GLN G 786 -47.12 -16.71 -56.81
N PHE G 787 -46.41 -17.14 -57.86
CA PHE G 787 -45.65 -18.42 -57.84
C PHE G 787 -44.69 -18.35 -56.67
N ALA G 788 -43.97 -17.22 -56.56
CA ALA G 788 -42.88 -16.98 -55.59
C ALA G 788 -43.43 -16.99 -54.16
N VAL G 789 -44.57 -16.32 -53.95
CA VAL G 789 -45.33 -16.24 -52.66
C VAL G 789 -45.73 -17.65 -52.19
N ASP G 790 -46.32 -18.44 -53.08
CA ASP G 790 -46.82 -19.79 -52.74
C ASP G 790 -45.61 -20.66 -52.40
N ASN G 791 -44.57 -20.58 -53.24
CA ASN G 791 -43.54 -21.64 -53.32
C ASN G 791 -42.27 -21.26 -52.53
N GLY G 792 -41.97 -19.97 -52.40
CA GLY G 792 -40.74 -19.48 -51.73
C GLY G 792 -39.51 -19.54 -52.62
N TYR G 793 -39.70 -19.33 -53.93
CA TYR G 793 -38.65 -19.28 -54.98
C TYR G 793 -39.37 -18.90 -56.29
N ASP G 794 -38.61 -18.59 -57.35
CA ASP G 794 -39.13 -17.86 -58.53
C ASP G 794 -39.59 -18.86 -59.60
N HIS G 795 -40.51 -18.39 -60.45
CA HIS G 795 -41.12 -19.17 -61.56
C HIS G 795 -40.02 -19.67 -62.48
N PRO G 796 -40.01 -20.96 -62.87
CA PRO G 796 -38.94 -21.51 -63.73
C PRO G 796 -38.69 -20.82 -65.07
N ASP G 797 -39.68 -20.09 -65.61
CA ASP G 797 -39.50 -19.32 -66.86
C ASP G 797 -38.45 -18.24 -66.62
N TYR G 798 -38.52 -17.59 -65.43
CA TYR G 798 -37.50 -16.62 -64.94
C TYR G 798 -36.19 -17.36 -64.62
N THR G 799 -36.29 -18.35 -63.74
CA THR G 799 -35.14 -19.04 -63.11
C THR G 799 -34.34 -19.75 -64.19
N ASP G 800 -34.99 -20.58 -65.00
CA ASP G 800 -34.30 -21.59 -65.85
C ASP G 800 -33.93 -21.01 -67.23
N TRP G 801 -34.43 -19.82 -67.59
CA TRP G 801 -34.20 -19.18 -68.91
C TRP G 801 -32.73 -19.21 -69.28
N VAL G 802 -32.45 -19.38 -70.57
CA VAL G 802 -31.08 -19.35 -71.16
C VAL G 802 -31.19 -18.69 -72.54
N TYR G 803 -30.23 -17.83 -72.88
CA TYR G 803 -30.27 -17.08 -74.17
C TYR G 803 -30.35 -18.11 -75.31
N SER G 804 -31.30 -17.89 -76.23
CA SER G 804 -31.45 -18.65 -77.51
C SER G 804 -30.06 -19.01 -78.08
N GLY G 805 -29.13 -18.06 -78.08
CA GLY G 805 -27.79 -18.19 -78.69
C GLY G 805 -26.86 -19.17 -77.98
N VAL G 806 -27.32 -19.89 -76.95
CA VAL G 806 -26.45 -20.90 -76.26
C VAL G 806 -26.57 -22.25 -76.97
N ASN G 807 -25.46 -22.96 -77.16
CA ASN G 807 -25.43 -24.29 -77.83
C ASN G 807 -26.39 -25.24 -77.10
N THR H 2 -44.68 17.32 -25.83
CA THR H 2 -43.83 17.17 -24.62
C THR H 2 -43.96 15.71 -24.17
N SER H 3 -42.84 15.00 -24.03
CA SER H 3 -42.81 13.54 -23.73
C SER H 3 -43.65 13.25 -22.49
N PRO H 4 -44.46 12.17 -22.50
CA PRO H 4 -45.26 11.83 -21.33
C PRO H 4 -44.45 11.06 -20.28
N VAL H 5 -44.81 11.26 -19.02
CA VAL H 5 -44.30 10.47 -17.87
C VAL H 5 -45.20 9.24 -17.78
N ILE H 6 -44.59 8.09 -18.07
CA ILE H 6 -45.23 6.75 -18.15
C ILE H 6 -44.65 5.90 -17.02
N GLY H 7 -45.48 5.04 -16.44
CA GLY H 7 -45.03 4.05 -15.45
C GLY H 7 -44.59 4.71 -14.16
N THR H 8 -43.76 4.02 -13.39
CA THR H 8 -43.17 4.51 -12.13
C THR H 8 -41.66 4.55 -12.29
N PRO H 9 -41.07 5.71 -12.71
CA PRO H 9 -39.71 5.73 -13.21
C PRO H 9 -38.66 5.69 -12.08
N TRP H 10 -37.49 5.11 -12.37
CA TRP H 10 -36.28 5.13 -11.50
C TRP H 10 -36.61 4.60 -10.10
N LYS H 11 -37.35 3.48 -10.00
CA LYS H 11 -37.71 2.81 -8.73
C LYS H 11 -36.77 1.64 -8.54
N LYS H 12 -36.13 1.57 -7.38
CA LYS H 12 -35.36 0.39 -6.94
C LYS H 12 -36.36 -0.73 -6.66
N LEU H 13 -35.91 -1.99 -6.76
CA LEU H 13 -36.69 -3.19 -6.41
C LEU H 13 -36.70 -3.40 -4.89
N ASN H 14 -35.54 -3.37 -4.23
CA ASN H 14 -35.44 -3.49 -2.73
C ASN H 14 -35.63 -4.94 -2.23
N ALA H 15 -36.25 -5.81 -3.01
CA ALA H 15 -36.30 -7.28 -2.82
C ALA H 15 -35.44 -7.93 -3.90
N PRO H 16 -34.88 -9.14 -3.70
CA PRO H 16 -34.22 -9.83 -4.81
C PRO H 16 -35.26 -10.15 -5.90
N VAL H 17 -34.76 -10.51 -7.07
CA VAL H 17 -35.62 -10.99 -8.19
C VAL H 17 -36.14 -12.37 -7.82
N SER H 18 -37.46 -12.59 -7.87
CA SER H 18 -38.15 -13.86 -7.57
C SER H 18 -37.71 -14.99 -8.54
N GLU H 19 -37.48 -16.17 -7.98
CA GLU H 19 -37.17 -17.43 -8.70
C GLU H 19 -38.23 -17.64 -9.78
N GLU H 20 -39.49 -17.30 -9.47
CA GLU H 20 -40.66 -17.43 -10.38
C GLU H 20 -40.41 -16.60 -11.65
N ALA H 21 -40.04 -15.32 -11.50
CA ALA H 21 -39.86 -14.37 -12.62
C ALA H 21 -38.70 -14.83 -13.50
N LEU H 22 -37.61 -15.34 -12.89
CA LEU H 22 -36.43 -15.87 -13.63
C LEU H 22 -36.81 -17.12 -14.43
N GLU H 23 -37.67 -17.99 -13.90
CA GLU H 23 -38.17 -19.17 -14.65
C GLU H 23 -38.93 -18.67 -15.88
N GLY H 24 -39.69 -17.59 -15.72
CA GLY H 24 -40.36 -16.91 -16.84
C GLY H 24 -39.35 -16.57 -17.93
N VAL H 25 -38.31 -15.84 -17.54
CA VAL H 25 -37.29 -15.27 -18.45
C VAL H 25 -36.66 -16.41 -19.25
N ASP H 26 -36.28 -17.50 -18.58
CA ASP H 26 -35.68 -18.67 -19.26
C ASP H 26 -36.64 -19.17 -20.35
N LYS H 27 -37.94 -19.22 -20.02
CA LYS H 27 -38.98 -19.68 -20.97
C LYS H 27 -39.07 -18.66 -22.11
N TYR H 28 -39.25 -17.38 -21.82
CA TYR H 28 -39.19 -16.31 -22.85
C TYR H 28 -37.98 -16.62 -23.74
N TRP H 29 -36.82 -16.75 -23.12
CA TRP H 29 -35.59 -16.93 -23.92
C TRP H 29 -35.77 -18.09 -24.88
N ARG H 30 -36.10 -19.27 -24.34
CA ARG H 30 -36.22 -20.55 -25.09
C ARG H 30 -37.25 -20.39 -26.22
N VAL H 31 -38.41 -19.80 -25.93
CA VAL H 31 -39.51 -19.68 -26.93
C VAL H 31 -39.11 -18.65 -27.99
N ALA H 32 -38.52 -17.51 -27.59
CA ALA H 32 -38.04 -16.45 -28.52
C ALA H 32 -36.99 -17.04 -29.47
N ASN H 33 -36.08 -17.85 -28.96
CA ASN H 33 -35.08 -18.58 -29.78
C ASN H 33 -35.81 -19.49 -30.79
N TYR H 34 -36.88 -20.20 -30.34
CA TYR H 34 -37.66 -21.15 -31.17
C TYR H 34 -38.34 -20.32 -32.27
N LEU H 35 -39.22 -19.37 -31.91
CA LEU H 35 -39.82 -18.42 -32.88
C LEU H 35 -38.77 -17.86 -33.85
N SER H 36 -37.52 -17.70 -33.43
CA SER H 36 -36.52 -16.92 -34.21
C SER H 36 -35.95 -17.87 -35.25
N ILE H 37 -35.61 -19.10 -34.86
CA ILE H 37 -35.12 -20.18 -35.79
C ILE H 37 -36.24 -20.55 -36.79
N GLY H 38 -37.43 -20.86 -36.27
CA GLY H 38 -38.68 -20.97 -37.05
C GLY H 38 -38.74 -19.98 -38.20
N GLN H 39 -38.81 -18.66 -37.92
CA GLN H 39 -38.95 -17.58 -38.93
C GLN H 39 -37.86 -17.72 -39.99
N ILE H 40 -36.67 -18.15 -39.62
CA ILE H 40 -35.56 -18.25 -40.60
C ILE H 40 -35.85 -19.43 -41.52
N TYR H 41 -36.18 -20.60 -40.95
CA TYR H 41 -36.00 -21.97 -41.52
C TYR H 41 -37.30 -22.62 -42.02
N LEU H 42 -38.46 -22.37 -41.39
CA LEU H 42 -39.70 -23.16 -41.60
C LEU H 42 -40.73 -22.38 -42.44
N ARG H 43 -41.27 -23.01 -43.49
CA ARG H 43 -42.44 -22.50 -44.28
C ARG H 43 -43.76 -23.05 -43.73
N SER H 44 -43.72 -24.15 -42.99
CA SER H 44 -44.95 -24.83 -42.52
C SER H 44 -44.65 -25.76 -41.34
N ASN H 45 -45.70 -26.21 -40.64
CA ASN H 45 -45.61 -27.21 -39.55
C ASN H 45 -44.71 -26.62 -38.46
N PRO H 46 -45.12 -25.49 -37.86
CA PRO H 46 -44.32 -24.78 -36.86
C PRO H 46 -43.95 -25.59 -35.60
N LEU H 47 -44.86 -26.46 -35.14
CA LEU H 47 -44.74 -27.22 -33.86
C LEU H 47 -44.17 -28.60 -34.11
N MET H 48 -43.78 -28.93 -35.35
CA MET H 48 -43.09 -30.21 -35.69
C MET H 48 -43.99 -31.44 -35.41
N LYS H 49 -45.32 -31.30 -35.47
CA LYS H 49 -46.30 -32.42 -35.48
C LYS H 49 -45.91 -33.39 -36.59
N GLU H 50 -45.83 -34.70 -36.31
CA GLU H 50 -45.41 -35.68 -37.33
C GLU H 50 -46.46 -35.72 -38.45
N PRO H 51 -46.05 -35.91 -39.73
CA PRO H 51 -44.63 -36.00 -40.09
C PRO H 51 -44.03 -34.58 -40.26
N PHE H 52 -42.87 -34.37 -39.64
CA PHE H 52 -42.02 -33.18 -39.80
C PHE H 52 -40.85 -33.58 -40.72
N THR H 53 -40.84 -33.03 -41.94
CA THR H 53 -39.83 -33.30 -43.01
C THR H 53 -39.44 -32.02 -43.75
N ARG H 54 -38.37 -32.14 -44.53
CA ARG H 54 -37.71 -31.08 -45.34
C ARG H 54 -38.72 -30.26 -46.15
N GLU H 55 -39.92 -30.80 -46.42
CA GLU H 55 -41.02 -30.11 -47.15
C GLU H 55 -41.52 -28.92 -46.32
N ASP H 56 -41.17 -28.91 -45.03
CA ASP H 56 -41.57 -27.86 -44.05
C ASP H 56 -40.54 -26.71 -44.00
N VAL H 57 -39.35 -26.92 -44.57
CA VAL H 57 -38.18 -25.99 -44.53
C VAL H 57 -38.19 -25.05 -45.74
N LYS H 58 -37.91 -23.76 -45.50
CA LYS H 58 -37.83 -22.72 -46.56
C LYS H 58 -36.76 -23.07 -47.59
N HIS H 59 -37.00 -22.67 -48.84
CA HIS H 59 -36.11 -22.98 -49.97
C HIS H 59 -34.85 -22.15 -49.82
N ARG H 60 -34.97 -20.83 -49.77
CA ARG H 60 -33.83 -19.89 -49.53
C ARG H 60 -33.84 -19.50 -48.04
N LEU H 61 -32.71 -19.65 -47.34
CA LEU H 61 -32.57 -19.22 -45.92
C LEU H 61 -32.16 -17.75 -45.84
N VAL H 62 -33.06 -16.91 -45.36
CA VAL H 62 -32.89 -15.42 -45.27
C VAL H 62 -33.14 -15.05 -43.80
N GLY H 63 -32.25 -14.25 -43.22
CA GLY H 63 -32.31 -13.87 -41.80
C GLY H 63 -30.99 -14.15 -41.12
N HIS H 64 -30.79 -13.56 -39.93
CA HIS H 64 -29.54 -13.69 -39.15
C HIS H 64 -29.89 -14.36 -37.82
N TRP H 65 -29.09 -15.38 -37.49
CA TRP H 65 -29.16 -16.11 -36.20
C TRP H 65 -28.13 -15.51 -35.23
N GLY H 66 -26.89 -15.35 -35.69
CA GLY H 66 -25.70 -15.09 -34.84
C GLY H 66 -25.99 -14.11 -33.72
N THR H 67 -26.45 -12.90 -34.05
CA THR H 67 -26.74 -11.84 -33.07
C THR H 67 -27.92 -12.24 -32.17
N THR H 68 -28.86 -13.04 -32.69
CA THR H 68 -30.27 -13.14 -32.21
C THR H 68 -30.42 -13.78 -30.83
N PRO H 69 -29.80 -14.93 -30.50
CA PRO H 69 -30.01 -15.51 -29.18
C PRO H 69 -29.59 -14.49 -28.09
N GLY H 70 -28.49 -13.80 -28.33
CA GLY H 70 -27.99 -12.69 -27.48
C GLY H 70 -29.10 -11.66 -27.24
N LEU H 71 -29.71 -11.21 -28.32
CA LEU H 71 -30.79 -10.20 -28.23
C LEU H 71 -31.90 -10.79 -27.37
N ASN H 72 -32.23 -12.06 -27.61
CA ASN H 72 -33.42 -12.71 -27.02
C ASN H 72 -33.22 -12.75 -25.49
N PHE H 73 -32.05 -13.18 -25.02
CA PHE H 73 -31.69 -13.17 -23.59
C PHE H 73 -31.87 -11.80 -22.96
N LEU H 74 -31.36 -10.75 -23.62
CA LEU H 74 -31.40 -9.35 -23.10
C LEU H 74 -32.84 -8.92 -23.00
N ILE H 75 -33.60 -9.12 -24.08
CA ILE H 75 -34.97 -8.56 -24.19
C ILE H 75 -35.84 -9.31 -23.18
N GLY H 76 -35.60 -10.61 -23.05
CA GLY H 76 -36.29 -11.42 -22.03
C GLY H 76 -36.14 -10.76 -20.67
N HIS H 77 -34.89 -10.48 -20.28
CA HIS H 77 -34.49 -9.83 -19.01
C HIS H 77 -35.00 -8.38 -18.90
N ILE H 78 -35.03 -7.62 -19.99
CA ILE H 78 -35.54 -6.22 -19.99
C ILE H 78 -37.05 -6.26 -19.74
N ASN H 79 -37.73 -7.24 -20.32
CA ASN H 79 -39.20 -7.40 -20.16
C ASN H 79 -39.51 -7.71 -18.68
N ARG H 80 -38.74 -8.60 -18.07
CA ARG H 80 -38.81 -8.85 -16.60
C ARG H 80 -38.62 -7.49 -15.86
N PHE H 81 -37.47 -6.85 -16.03
CA PHE H 81 -37.15 -5.50 -15.53
C PHE H 81 -38.38 -4.59 -15.67
N ILE H 82 -38.94 -4.46 -16.87
CA ILE H 82 -39.98 -3.42 -17.09
C ILE H 82 -41.17 -3.71 -16.17
N ALA H 83 -41.59 -4.98 -16.17
CA ALA H 83 -42.79 -5.48 -15.47
C ALA H 83 -42.66 -5.19 -13.98
N ASP H 84 -41.51 -5.55 -13.37
CA ASP H 84 -41.28 -5.44 -11.91
C ASP H 84 -41.15 -3.99 -11.48
N HIS H 85 -40.60 -3.11 -12.31
CA HIS H 85 -40.24 -1.72 -11.94
C HIS H 85 -41.27 -0.71 -12.46
N GLY H 86 -42.05 -1.09 -13.46
CA GLY H 86 -42.91 -0.12 -14.19
C GLY H 86 -42.08 0.96 -14.86
N GLN H 87 -40.99 0.58 -15.50
CA GLN H 87 -40.06 1.55 -16.14
C GLN H 87 -40.40 1.76 -17.62
N ASN H 88 -40.83 2.98 -17.93
CA ASN H 88 -40.79 3.59 -19.29
C ASN H 88 -39.49 3.20 -20.02
N THR H 89 -39.52 2.23 -20.93
CA THR H 89 -38.34 1.66 -21.63
C THR H 89 -38.55 1.52 -23.15
N VAL H 90 -37.65 2.13 -23.92
CA VAL H 90 -37.53 1.96 -25.40
C VAL H 90 -36.18 1.29 -25.66
N ILE H 91 -36.13 0.22 -26.46
CA ILE H 91 -34.83 -0.43 -26.79
C ILE H 91 -34.40 0.07 -28.17
N ILE H 92 -33.09 0.14 -28.39
CA ILE H 92 -32.44 0.47 -29.68
C ILE H 92 -31.65 -0.78 -30.04
N MET H 93 -32.04 -1.45 -31.12
CA MET H 93 -31.45 -2.76 -31.48
C MET H 93 -30.34 -2.47 -32.49
N GLY H 94 -29.14 -2.21 -32.01
CA GLY H 94 -28.08 -1.84 -32.94
C GLY H 94 -28.01 -2.85 -34.08
N PRO H 95 -27.85 -4.16 -33.76
CA PRO H 95 -27.73 -5.20 -34.78
C PRO H 95 -29.17 -5.45 -35.20
N GLY H 96 -29.64 -4.59 -36.10
CA GLY H 96 -31.01 -4.61 -36.64
C GLY H 96 -31.27 -5.82 -37.52
N HIS H 97 -30.22 -6.47 -38.02
CA HIS H 97 -30.27 -7.79 -38.73
C HIS H 97 -30.76 -8.90 -37.78
N GLY H 98 -30.91 -8.60 -36.50
CA GLY H 98 -31.53 -9.48 -35.48
C GLY H 98 -33.02 -9.20 -35.39
N GLY H 99 -33.67 -8.86 -36.51
CA GLY H 99 -35.13 -8.65 -36.63
C GLY H 99 -35.99 -9.80 -36.08
N PRO H 100 -35.61 -11.10 -36.24
CA PRO H 100 -36.37 -12.20 -35.62
C PRO H 100 -36.60 -12.02 -34.11
N ALA H 101 -35.64 -11.43 -33.40
CA ALA H 101 -35.78 -11.11 -31.95
C ALA H 101 -36.85 -10.03 -31.76
N GLY H 102 -36.98 -9.09 -32.70
CA GLY H 102 -37.91 -7.95 -32.54
C GLY H 102 -39.34 -8.33 -32.86
N THR H 103 -39.51 -9.20 -33.86
CA THR H 103 -40.80 -9.82 -34.24
C THR H 103 -41.21 -10.81 -33.15
N SER H 104 -40.29 -11.67 -32.69
CA SER H 104 -40.55 -12.59 -31.54
C SER H 104 -41.09 -11.77 -30.34
N GLN H 105 -40.39 -10.70 -29.96
CA GLN H 105 -40.76 -9.86 -28.79
C GLN H 105 -42.21 -9.43 -28.97
N SER H 106 -42.51 -8.97 -30.19
CA SER H 106 -43.83 -8.36 -30.51
C SER H 106 -44.90 -9.46 -30.52
N TYR H 107 -44.55 -10.65 -31.02
CA TYR H 107 -45.46 -11.83 -31.03
C TYR H 107 -45.83 -12.18 -29.59
N LEU H 108 -44.82 -12.27 -28.71
CA LEU H 108 -44.96 -12.75 -27.31
C LEU H 108 -45.54 -11.68 -26.38
N ASP H 109 -45.40 -10.38 -26.66
CA ASP H 109 -45.92 -9.32 -25.76
C ASP H 109 -47.35 -8.96 -26.16
N GLY H 110 -47.77 -9.43 -27.35
CA GLY H 110 -49.15 -9.35 -27.84
C GLY H 110 -49.40 -8.13 -28.71
N THR H 111 -48.36 -7.37 -29.02
CA THR H 111 -48.50 -6.22 -29.95
C THR H 111 -48.59 -6.76 -31.39
N TYR H 112 -48.00 -7.93 -31.70
CA TYR H 112 -47.95 -8.40 -33.10
C TYR H 112 -49.39 -8.71 -33.51
N THR H 113 -50.06 -9.58 -32.76
CA THR H 113 -51.47 -9.99 -33.01
C THR H 113 -52.34 -8.73 -32.94
N GLU H 114 -52.18 -7.90 -31.93
CA GLU H 114 -52.89 -6.60 -31.81
C GLU H 114 -52.76 -5.78 -33.11
N THR H 115 -51.65 -5.84 -33.84
CA THR H 115 -51.36 -4.96 -35.03
C THR H 115 -51.65 -5.69 -36.35
N PHE H 116 -51.36 -6.99 -36.41
CA PHE H 116 -51.62 -7.87 -37.58
C PHE H 116 -52.56 -8.99 -37.14
N PRO H 117 -53.89 -8.74 -37.07
CA PRO H 117 -54.82 -9.69 -36.46
C PRO H 117 -54.84 -11.05 -37.18
N LYS H 118 -54.47 -11.04 -38.44
CA LYS H 118 -54.27 -12.23 -39.29
C LYS H 118 -53.28 -13.16 -38.59
N ILE H 119 -52.31 -12.63 -37.84
CA ILE H 119 -51.26 -13.46 -37.20
C ILE H 119 -51.68 -13.80 -35.76
N THR H 120 -52.31 -14.97 -35.59
CA THR H 120 -53.07 -15.36 -34.37
C THR H 120 -52.15 -16.07 -33.38
N LYS H 121 -52.61 -16.19 -32.13
CA LYS H 121 -51.91 -16.83 -30.99
C LYS H 121 -52.36 -18.30 -30.94
N ASP H 122 -52.03 -19.04 -32.01
CA ASP H 122 -52.40 -20.46 -32.26
C ASP H 122 -51.48 -21.02 -33.33
N GLU H 123 -51.58 -22.34 -33.59
CA GLU H 123 -50.72 -23.08 -34.55
C GLU H 123 -50.75 -22.43 -35.94
N ALA H 124 -51.92 -21.97 -36.38
CA ALA H 124 -52.14 -21.46 -37.75
C ALA H 124 -51.46 -20.09 -37.91
N GLY H 125 -51.66 -19.19 -36.93
CA GLY H 125 -50.98 -17.88 -36.80
C GLY H 125 -49.46 -18.03 -36.75
N LEU H 126 -48.99 -18.92 -35.90
CA LEU H 126 -47.56 -19.32 -35.77
C LEU H 126 -47.00 -19.73 -37.13
N GLN H 127 -47.84 -20.20 -38.04
CA GLN H 127 -47.37 -20.76 -39.34
C GLN H 127 -47.19 -19.62 -40.33
N LYS H 128 -48.15 -18.69 -40.38
CA LYS H 128 -48.05 -17.47 -41.22
C LYS H 128 -46.86 -16.64 -40.71
N PHE H 129 -46.77 -16.48 -39.38
CA PHE H 129 -45.66 -15.81 -38.66
C PHE H 129 -44.30 -16.33 -39.17
N PHE H 130 -44.07 -17.65 -39.23
CA PHE H 130 -42.79 -18.22 -39.70
C PHE H 130 -42.61 -17.96 -41.20
N ARG H 131 -43.65 -18.19 -41.99
CA ARG H 131 -43.53 -18.07 -43.46
C ARG H 131 -43.20 -16.61 -43.83
N GLN H 132 -43.87 -15.62 -43.19
CA GLN H 132 -43.86 -14.22 -43.64
C GLN H 132 -42.46 -13.62 -43.51
N PHE H 133 -41.66 -14.13 -42.59
CA PHE H 133 -40.33 -13.54 -42.29
C PHE H 133 -39.41 -13.65 -43.52
N SER H 134 -39.00 -12.50 -44.07
CA SER H 134 -38.00 -12.43 -45.17
C SER H 134 -38.46 -13.37 -46.30
N TYR H 135 -39.62 -13.06 -46.85
CA TYR H 135 -40.41 -13.93 -47.75
C TYR H 135 -41.33 -13.03 -48.58
N PRO H 136 -41.38 -13.30 -49.91
CA PRO H 136 -42.23 -12.54 -50.82
C PRO H 136 -43.61 -12.22 -50.24
N GLY H 137 -43.99 -10.94 -50.27
CA GLY H 137 -45.30 -10.45 -49.84
C GLY H 137 -45.42 -10.52 -48.32
N GLY H 138 -44.28 -10.74 -47.63
CA GLY H 138 -44.16 -10.89 -46.16
C GLY H 138 -43.53 -9.66 -45.49
N ILE H 139 -42.65 -9.88 -44.51
CA ILE H 139 -42.07 -8.79 -43.67
C ILE H 139 -40.55 -8.80 -43.80
N PRO H 140 -39.93 -7.62 -43.52
CA PRO H 140 -38.46 -7.48 -43.58
C PRO H 140 -37.68 -8.38 -42.60
N SER H 141 -36.37 -8.52 -42.88
CA SER H 141 -35.38 -9.38 -42.19
C SER H 141 -34.68 -8.60 -41.07
N HIS H 142 -35.00 -7.30 -40.96
CA HIS H 142 -34.45 -6.31 -40.00
C HIS H 142 -35.58 -5.84 -39.08
N PHE H 143 -35.22 -5.13 -38.00
CA PHE H 143 -36.15 -4.54 -37.00
C PHE H 143 -36.76 -3.28 -37.62
N ALA H 144 -37.50 -3.49 -38.72
CA ALA H 144 -37.96 -2.47 -39.69
C ALA H 144 -39.09 -1.69 -39.04
N PRO H 145 -39.48 -0.54 -39.62
CA PRO H 145 -40.59 0.24 -39.10
C PRO H 145 -41.91 -0.56 -39.00
N GLU H 146 -42.01 -1.61 -39.79
CA GLU H 146 -43.16 -2.56 -39.79
C GLU H 146 -43.29 -3.25 -38.44
N THR H 147 -42.24 -3.30 -37.62
CA THR H 147 -42.25 -4.03 -36.32
C THR H 147 -42.65 -3.11 -35.18
N PRO H 148 -43.67 -3.43 -34.37
CA PRO H 148 -43.97 -2.66 -33.15
C PRO H 148 -42.78 -2.73 -32.20
N GLY H 149 -42.44 -1.60 -31.58
CA GLY H 149 -41.27 -1.47 -30.67
C GLY H 149 -40.06 -0.77 -31.28
N SER H 150 -40.00 -0.63 -32.61
CA SER H 150 -38.78 -0.17 -33.34
C SER H 150 -38.85 1.32 -33.67
N ILE H 151 -37.76 2.05 -33.42
CA ILE H 151 -37.52 3.41 -34.00
C ILE H 151 -36.16 3.38 -34.67
N HIS H 152 -35.65 2.21 -34.99
CA HIS H 152 -34.26 2.04 -35.46
C HIS H 152 -34.13 0.68 -36.12
N GLU H 153 -33.94 0.65 -37.44
CA GLU H 153 -33.87 -0.57 -38.25
C GLU H 153 -32.56 -1.29 -38.00
N GLY H 154 -31.46 -0.56 -37.81
CA GLY H 154 -30.11 -1.15 -37.75
C GLY H 154 -29.71 -1.83 -39.06
N GLY H 155 -30.26 -1.38 -40.18
CA GLY H 155 -29.83 -1.87 -41.51
C GLY H 155 -28.44 -1.33 -41.78
N GLU H 156 -28.38 -0.01 -41.85
CA GLU H 156 -27.11 0.75 -41.98
C GLU H 156 -26.61 0.91 -40.56
N LEU H 157 -25.47 0.29 -40.25
CA LEU H 157 -24.96 0.24 -38.87
C LEU H 157 -24.38 1.60 -38.51
N GLY H 158 -24.55 2.00 -37.23
CA GLY H 158 -23.71 3.01 -36.57
C GLY H 158 -24.50 4.12 -35.91
N TYR H 159 -25.82 4.13 -36.00
CA TYR H 159 -26.63 5.29 -35.53
C TYR H 159 -27.29 4.95 -34.20
N ALA H 160 -26.85 3.86 -33.56
CA ALA H 160 -27.54 3.27 -32.40
C ALA H 160 -27.53 4.25 -31.22
N LEU H 161 -26.35 4.84 -30.96
CA LEU H 161 -26.12 5.72 -29.80
C LEU H 161 -26.70 7.10 -30.06
N SER H 162 -26.48 7.66 -31.25
CA SER H 162 -27.07 8.98 -31.61
C SER H 162 -28.60 8.85 -31.53
N HIS H 163 -29.17 7.74 -32.00
CA HIS H 163 -30.62 7.51 -31.86
C HIS H 163 -30.99 7.35 -30.38
N ALA H 164 -30.17 6.62 -29.61
CA ALA H 164 -30.49 6.37 -28.18
C ALA H 164 -30.57 7.71 -27.43
N TYR H 165 -29.62 8.61 -27.69
CA TYR H 165 -29.41 9.87 -26.91
C TYR H 165 -30.37 10.98 -27.38
N GLY H 166 -30.74 10.99 -28.65
CA GLY H 166 -31.84 11.83 -29.14
C GLY H 166 -33.12 11.53 -28.39
N ALA H 167 -33.40 10.24 -28.15
CA ALA H 167 -34.70 9.74 -27.65
C ALA H 167 -34.93 10.25 -26.22
N ILE H 168 -33.87 10.26 -25.43
CA ILE H 168 -33.98 10.61 -23.99
C ILE H 168 -34.01 12.13 -23.84
N MET H 169 -33.63 12.90 -24.85
CA MET H 169 -33.59 14.37 -24.67
C MET H 169 -34.99 14.92 -24.36
N ASP H 170 -35.12 15.70 -23.30
CA ASP H 170 -36.40 16.29 -22.87
C ASP H 170 -37.38 15.15 -22.56
N ASN H 171 -36.86 13.98 -22.21
CA ASN H 171 -37.62 12.73 -21.95
C ASN H 171 -37.19 12.13 -20.60
N PRO H 172 -37.40 12.87 -19.49
CA PRO H 172 -36.84 12.48 -18.19
C PRO H 172 -37.23 11.11 -17.62
N SER H 173 -38.41 10.57 -17.95
CA SER H 173 -38.85 9.22 -17.49
C SER H 173 -38.33 8.09 -18.40
N LEU H 174 -37.74 8.40 -19.55
CA LEU H 174 -37.41 7.36 -20.54
C LEU H 174 -36.09 6.67 -20.21
N PHE H 175 -36.11 5.37 -19.98
CA PHE H 175 -34.90 4.53 -19.94
C PHE H 175 -34.67 4.00 -21.36
N VAL H 176 -33.43 4.02 -21.86
CA VAL H 176 -33.13 3.45 -23.20
C VAL H 176 -31.96 2.49 -23.10
N PRO H 177 -32.20 1.18 -22.91
CA PRO H 177 -31.16 0.17 -23.07
C PRO H 177 -30.83 0.17 -24.56
N ALA H 178 -29.60 0.54 -24.92
CA ALA H 178 -29.17 0.72 -26.32
C ALA H 178 -28.16 -0.35 -26.62
N ILE H 179 -28.53 -1.33 -27.44
CA ILE H 179 -27.69 -2.52 -27.74
C ILE H 179 -26.85 -2.18 -28.96
N VAL H 180 -25.53 -2.33 -28.86
CA VAL H 180 -24.55 -1.90 -29.89
C VAL H 180 -23.76 -3.12 -30.35
N GLY H 181 -23.75 -3.39 -31.66
CA GLY H 181 -22.90 -4.46 -32.21
C GLY H 181 -21.47 -4.17 -31.88
N ASP H 182 -20.67 -5.19 -31.61
CA ASP H 182 -19.23 -4.92 -31.44
C ASP H 182 -18.65 -4.57 -32.82
N GLY H 183 -19.25 -5.08 -33.90
CA GLY H 183 -18.90 -4.68 -35.27
C GLY H 183 -19.37 -3.26 -35.53
N GLU H 184 -20.65 -2.99 -35.26
CA GLU H 184 -21.19 -1.61 -35.31
C GLU H 184 -20.25 -0.64 -34.61
N ALA H 185 -19.67 -1.01 -33.48
CA ALA H 185 -18.88 -0.07 -32.67
C ALA H 185 -17.62 0.36 -33.46
N GLU H 186 -17.27 -0.34 -34.55
CA GLU H 186 -16.05 0.00 -35.35
C GLU H 186 -16.36 1.16 -36.31
N THR H 187 -17.64 1.47 -36.52
CA THR H 187 -18.01 2.57 -37.43
C THR H 187 -17.73 3.91 -36.76
N GLY H 188 -17.51 4.95 -37.57
CA GLY H 188 -17.20 6.30 -37.10
C GLY H 188 -18.38 6.87 -36.33
N PRO H 189 -19.60 6.76 -36.89
CA PRO H 189 -20.78 7.33 -36.24
C PRO H 189 -20.99 6.75 -34.85
N LEU H 190 -20.68 5.46 -34.68
CA LEU H 190 -20.91 4.81 -33.37
C LEU H 190 -19.84 5.34 -32.42
N ALA H 191 -18.58 5.31 -32.87
CA ALA H 191 -17.40 5.72 -32.06
C ALA H 191 -17.60 7.12 -31.47
N THR H 192 -18.21 8.06 -32.18
CA THR H 192 -18.40 9.42 -31.64
C THR H 192 -19.65 9.45 -30.75
N GLY H 193 -20.59 8.55 -30.99
CA GLY H 193 -21.87 8.51 -30.26
C GLY H 193 -21.70 8.27 -28.78
N TRP H 194 -20.65 7.56 -28.39
CA TRP H 194 -20.32 7.29 -26.97
C TRP H 194 -20.20 8.61 -26.20
N GLN H 195 -19.77 9.70 -26.84
CA GLN H 195 -19.40 10.98 -26.19
C GLN H 195 -20.65 11.82 -25.87
N SER H 196 -21.81 11.41 -26.35
CA SER H 196 -23.15 12.05 -26.14
C SER H 196 -23.43 12.31 -24.65
N ASN H 197 -22.75 11.59 -23.74
CA ASN H 197 -23.03 11.69 -22.28
C ASN H 197 -22.58 13.07 -21.74
N LYS H 198 -21.85 13.89 -22.51
CA LYS H 198 -21.48 15.27 -22.09
C LYS H 198 -22.47 16.27 -22.64
N LEU H 199 -23.50 15.81 -23.37
CA LEU H 199 -24.49 16.70 -24.04
C LEU H 199 -25.90 16.47 -23.47
N VAL H 200 -26.03 15.57 -22.50
CA VAL H 200 -27.33 15.26 -21.85
C VAL H 200 -27.23 15.54 -20.35
N ASN H 201 -28.36 15.83 -19.75
CA ASN H 201 -28.47 16.19 -18.32
C ASN H 201 -29.36 15.14 -17.67
N PRO H 202 -28.86 14.48 -16.60
CA PRO H 202 -29.64 13.45 -15.91
C PRO H 202 -30.90 13.96 -15.19
N ARG H 203 -31.10 15.25 -14.98
CA ARG H 203 -32.41 15.74 -14.46
C ARG H 203 -33.40 15.94 -15.61
N THR H 204 -32.99 16.62 -16.69
CA THR H 204 -33.92 17.12 -17.73
C THR H 204 -34.02 16.12 -18.89
N ASP H 205 -33.01 15.30 -19.10
CA ASP H 205 -33.08 14.21 -20.11
C ASP H 205 -33.27 12.88 -19.39
N GLY H 206 -33.55 11.83 -20.16
CA GLY H 206 -33.63 10.47 -19.63
C GLY H 206 -32.23 9.88 -19.43
N ILE H 207 -32.17 8.56 -19.44
CA ILE H 207 -30.93 7.76 -19.23
C ILE H 207 -30.84 6.75 -20.37
N VAL H 208 -29.67 6.71 -20.99
CA VAL H 208 -29.24 5.67 -21.94
C VAL H 208 -28.27 4.76 -21.21
N LEU H 209 -28.59 3.46 -21.20
CA LEU H 209 -27.65 2.39 -20.83
C LEU H 209 -27.12 1.80 -22.13
N PRO H 210 -25.91 2.16 -22.57
CA PRO H 210 -25.24 1.39 -23.61
C PRO H 210 -25.08 -0.08 -23.18
N ILE H 211 -25.48 -0.99 -24.05
CA ILE H 211 -25.14 -2.44 -23.91
C ILE H 211 -24.28 -2.81 -25.10
N LEU H 212 -22.99 -3.05 -24.89
CA LEU H 212 -22.12 -3.51 -25.98
C LEU H 212 -22.38 -5.02 -26.12
N HIS H 213 -22.94 -5.44 -27.24
CA HIS H 213 -23.20 -6.86 -27.58
C HIS H 213 -21.88 -7.46 -28.04
N LEU H 214 -21.01 -7.75 -27.10
CA LEU H 214 -19.64 -8.21 -27.41
C LEU H 214 -19.68 -9.71 -27.73
N ASN H 215 -20.13 -10.05 -28.93
CA ASN H 215 -20.37 -11.46 -29.32
C ASN H 215 -19.13 -11.97 -30.06
N GLY H 216 -18.10 -11.13 -30.15
CA GLY H 216 -16.75 -11.51 -30.60
C GLY H 216 -16.56 -11.35 -32.10
N TYR H 217 -17.63 -11.10 -32.86
CA TYR H 217 -17.57 -11.22 -34.33
C TYR H 217 -18.52 -10.27 -35.01
N LYS H 218 -18.17 -9.94 -36.24
CA LYS H 218 -19.06 -9.30 -37.23
C LYS H 218 -19.30 -10.41 -38.29
N ILE H 219 -19.12 -10.17 -39.58
CA ILE H 219 -19.64 -11.08 -40.62
C ILE H 219 -18.63 -12.21 -40.79
N ALA H 220 -17.38 -11.85 -41.10
CA ALA H 220 -16.34 -12.84 -41.45
C ALA H 220 -15.06 -12.53 -40.70
N ASN H 221 -15.17 -11.78 -39.61
CA ASN H 221 -14.00 -11.29 -38.81
C ASN H 221 -14.34 -11.21 -37.33
N PRO H 222 -13.32 -11.25 -36.47
CA PRO H 222 -13.52 -10.89 -35.06
C PRO H 222 -13.76 -9.38 -34.98
N THR H 223 -14.24 -8.88 -33.85
CA THR H 223 -14.37 -7.42 -33.60
C THR H 223 -13.16 -6.95 -32.79
N ILE H 224 -12.74 -5.70 -33.01
CA ILE H 224 -11.56 -5.06 -32.35
C ILE H 224 -11.83 -5.06 -30.84
N LEU H 225 -13.03 -4.68 -30.42
CA LEU H 225 -13.30 -4.45 -28.98
C LEU H 225 -13.33 -5.79 -28.23
N SER H 226 -13.49 -6.93 -28.91
CA SER H 226 -13.54 -8.26 -28.24
C SER H 226 -12.12 -8.81 -28.11
N ARG H 227 -11.16 -8.27 -28.86
CA ARG H 227 -9.79 -8.84 -28.95
C ARG H 227 -8.72 -7.88 -28.39
N ILE H 228 -9.09 -6.69 -27.92
CA ILE H 228 -8.19 -5.88 -27.03
C ILE H 228 -8.31 -6.42 -25.60
N SER H 229 -7.39 -6.02 -24.71
CA SER H 229 -7.43 -6.48 -23.28
C SER H 229 -8.76 -6.03 -22.68
N ASP H 230 -9.29 -6.79 -21.74
CA ASP H 230 -10.46 -6.37 -20.92
C ASP H 230 -10.11 -5.03 -20.22
N GLU H 231 -8.86 -4.87 -19.78
CA GLU H 231 -8.37 -3.66 -19.07
C GLU H 231 -8.52 -2.45 -20.02
N GLU H 232 -7.99 -2.52 -21.24
CA GLU H 232 -8.16 -1.46 -22.26
C GLU H 232 -9.65 -1.16 -22.48
N LEU H 233 -10.48 -2.19 -22.66
CA LEU H 233 -11.93 -2.03 -22.91
C LEU H 233 -12.54 -1.23 -21.75
N HIS H 234 -12.11 -1.47 -20.53
CA HIS H 234 -12.69 -0.81 -19.33
C HIS H 234 -12.21 0.64 -19.24
N GLU H 235 -10.92 0.92 -19.45
CA GLU H 235 -10.40 2.30 -19.42
C GLU H 235 -11.10 3.10 -20.51
N PHE H 236 -11.36 2.44 -21.64
CA PHE H 236 -11.94 3.05 -22.86
C PHE H 236 -13.30 3.65 -22.50
N PHE H 237 -14.16 2.83 -21.89
CA PHE H 237 -15.54 3.24 -21.54
C PHE H 237 -15.49 4.21 -20.37
N HIS H 238 -14.55 4.05 -19.45
CA HIS H 238 -14.40 4.96 -18.28
C HIS H 238 -13.98 6.34 -18.79
N GLY H 239 -13.06 6.38 -19.77
CA GLY H 239 -12.49 7.63 -20.33
C GLY H 239 -13.54 8.46 -21.07
N MET H 240 -14.58 7.79 -21.55
CA MET H 240 -15.74 8.41 -22.23
C MET H 240 -16.86 8.65 -21.22
N GLY H 241 -16.58 8.53 -19.93
CA GLY H 241 -17.51 8.99 -18.87
C GLY H 241 -18.56 7.96 -18.47
N TYR H 242 -18.26 6.67 -18.61
CA TYR H 242 -19.15 5.54 -18.27
C TYR H 242 -18.54 4.73 -17.11
N GLU H 243 -19.41 4.16 -16.27
CA GLU H 243 -19.03 3.15 -15.26
C GLU H 243 -19.28 1.81 -15.90
N PRO H 244 -18.23 1.14 -16.42
CA PRO H 244 -18.42 -0.13 -17.14
C PRO H 244 -18.63 -1.34 -16.22
N TYR H 245 -19.76 -2.04 -16.38
CA TYR H 245 -20.04 -3.38 -15.83
C TYR H 245 -19.90 -4.41 -16.95
N GLU H 246 -19.38 -5.58 -16.66
CA GLU H 246 -19.19 -6.64 -17.67
C GLU H 246 -19.81 -7.96 -17.18
N PHE H 247 -20.63 -8.58 -18.01
CA PHE H 247 -21.27 -9.88 -17.79
C PHE H 247 -20.73 -10.86 -18.83
N VAL H 248 -20.31 -12.04 -18.39
CA VAL H 248 -19.75 -13.13 -19.25
C VAL H 248 -20.51 -14.44 -18.95
N ALA H 249 -21.21 -14.95 -19.96
CA ALA H 249 -22.01 -16.19 -19.86
C ALA H 249 -21.95 -16.99 -21.19
N GLY H 250 -21.98 -18.32 -21.08
CA GLY H 250 -22.26 -19.23 -22.20
C GLY H 250 -21.01 -19.81 -22.83
N PHE H 251 -19.83 -19.54 -22.27
CA PHE H 251 -18.55 -20.10 -22.77
C PHE H 251 -18.25 -21.41 -22.03
N ASP H 252 -19.14 -21.83 -21.13
CA ASP H 252 -18.96 -23.03 -20.27
C ASP H 252 -20.32 -23.69 -20.00
N ASP H 253 -20.37 -24.67 -19.11
CA ASP H 253 -21.57 -25.55 -18.93
C ASP H 253 -22.50 -24.97 -17.88
N GLU H 254 -22.19 -23.80 -17.32
CA GLU H 254 -23.02 -23.16 -16.26
C GLU H 254 -24.46 -23.21 -16.75
N ASP H 255 -25.39 -23.69 -15.91
CA ASP H 255 -26.77 -23.96 -16.37
C ASP H 255 -27.51 -22.63 -16.53
N HIS H 256 -28.57 -22.64 -17.33
CA HIS H 256 -29.28 -21.41 -17.78
C HIS H 256 -29.80 -20.64 -16.56
N MET H 257 -30.25 -21.35 -15.53
CA MET H 257 -30.93 -20.70 -14.38
C MET H 257 -29.89 -19.83 -13.64
N SER H 258 -28.66 -20.33 -13.47
CA SER H 258 -27.56 -19.58 -12.81
C SER H 258 -27.29 -18.29 -13.62
N ILE H 259 -27.04 -18.46 -14.91
CA ILE H 259 -26.80 -17.33 -15.84
C ILE H 259 -27.86 -16.27 -15.55
N HIS H 260 -29.13 -16.66 -15.50
CA HIS H 260 -30.27 -15.73 -15.39
C HIS H 260 -30.23 -15.05 -14.01
N ARG H 261 -29.77 -15.77 -12.97
CA ARG H 261 -29.74 -15.24 -11.59
C ARG H 261 -28.61 -14.21 -11.50
N ARG H 262 -27.39 -14.56 -11.97
CA ARG H 262 -26.23 -13.65 -12.05
C ARG H 262 -26.65 -12.37 -12.78
N PHE H 263 -27.13 -12.52 -14.02
CA PHE H 263 -27.52 -11.38 -14.88
C PHE H 263 -28.50 -10.50 -14.12
N ALA H 264 -29.51 -11.08 -13.47
CA ALA H 264 -30.64 -10.30 -12.90
C ALA H 264 -30.11 -9.49 -11.71
N GLU H 265 -29.22 -10.07 -10.91
CA GLU H 265 -28.56 -9.37 -9.78
C GLU H 265 -27.78 -8.20 -10.35
N LEU H 266 -26.93 -8.46 -11.34
CA LEU H 266 -26.08 -7.44 -12.00
C LEU H 266 -26.96 -6.32 -12.53
N TRP H 267 -28.04 -6.68 -13.21
CA TRP H 267 -28.92 -5.71 -13.90
C TRP H 267 -29.53 -4.76 -12.87
N GLU H 268 -29.88 -5.34 -11.72
CA GLU H 268 -30.55 -4.64 -10.59
C GLU H 268 -29.51 -3.77 -9.88
N THR H 269 -28.25 -4.21 -9.82
CA THR H 269 -27.13 -3.41 -9.26
C THR H 269 -26.90 -2.16 -10.14
N ILE H 270 -26.84 -2.32 -11.46
CA ILE H 270 -26.75 -1.19 -12.43
C ILE H 270 -27.97 -0.27 -12.30
N TRP H 271 -29.15 -0.86 -12.21
CA TRP H 271 -30.40 -0.06 -12.15
C TRP H 271 -30.40 0.79 -10.87
N ASP H 272 -29.99 0.20 -9.76
CA ASP H 272 -29.81 0.90 -8.47
C ASP H 272 -28.94 2.14 -8.72
N GLU H 273 -27.83 1.95 -9.41
CA GLU H 273 -26.86 3.04 -9.70
C GLU H 273 -27.58 4.10 -10.53
N ILE H 274 -28.38 3.69 -11.51
CA ILE H 274 -29.17 4.62 -12.36
C ILE H 274 -30.20 5.37 -11.52
N CYS H 275 -30.85 4.71 -10.56
CA CYS H 275 -31.89 5.34 -9.70
C CYS H 275 -31.23 6.37 -8.79
N ASP H 276 -29.95 6.17 -8.44
CA ASP H 276 -29.15 7.09 -7.58
C ASP H 276 -28.72 8.28 -8.43
N ILE H 277 -28.34 8.03 -9.69
CA ILE H 277 -28.02 9.15 -10.61
C ILE H 277 -29.24 10.05 -10.73
N LYS H 278 -30.41 9.45 -10.84
CA LYS H 278 -31.65 10.20 -11.14
C LYS H 278 -32.13 10.94 -9.89
N ALA H 279 -31.91 10.32 -8.73
CA ALA H 279 -32.35 10.88 -7.45
C ALA H 279 -31.41 12.04 -7.09
N THR H 280 -30.09 11.83 -7.16
CA THR H 280 -29.10 12.91 -7.05
C THR H 280 -29.43 14.06 -8.01
N ALA H 281 -29.84 13.78 -9.25
CA ALA H 281 -30.03 14.83 -10.27
C ALA H 281 -31.18 15.75 -9.86
N GLN H 282 -32.01 15.32 -8.91
CA GLN H 282 -33.15 16.14 -8.45
C GLN H 282 -32.57 17.29 -7.62
N THR H 283 -31.37 17.09 -7.04
CA THR H 283 -30.68 18.04 -6.13
C THR H 283 -29.51 18.73 -6.87
N ASP H 284 -28.67 17.93 -7.52
CA ASP H 284 -27.41 18.35 -8.16
C ASP H 284 -27.38 17.81 -9.59
N ASN H 285 -27.72 18.64 -10.59
CA ASN H 285 -27.58 18.30 -12.02
C ASN H 285 -26.44 19.11 -12.67
N VAL H 286 -25.49 19.67 -11.90
CA VAL H 286 -24.35 20.41 -12.52
C VAL H 286 -23.09 19.50 -12.49
N HIS H 287 -23.05 18.47 -11.69
CA HIS H 287 -21.91 17.53 -11.71
C HIS H 287 -22.30 16.35 -12.60
N ARG H 288 -21.50 16.09 -13.63
CA ARG H 288 -21.70 14.96 -14.55
C ARG H 288 -21.42 13.65 -13.83
N PRO H 289 -22.37 12.70 -13.81
CA PRO H 289 -22.15 11.39 -13.19
C PRO H 289 -21.48 10.44 -14.19
N PHE H 290 -20.86 9.37 -13.72
CA PHE H 290 -20.35 8.28 -14.58
C PHE H 290 -21.50 7.32 -14.80
N TYR H 291 -22.05 7.34 -16.02
CA TYR H 291 -23.27 6.60 -16.37
C TYR H 291 -22.86 5.16 -16.54
N PRO H 292 -23.58 4.19 -15.94
CA PRO H 292 -23.29 2.78 -16.20
C PRO H 292 -23.38 2.47 -17.70
N MET H 293 -22.56 1.54 -18.15
CA MET H 293 -22.79 0.88 -19.45
C MET H 293 -22.51 -0.61 -19.24
N LEU H 294 -23.05 -1.48 -20.10
CA LEU H 294 -22.90 -2.93 -19.90
C LEU H 294 -22.13 -3.55 -21.08
N ILE H 295 -21.06 -4.25 -20.75
CA ILE H 295 -20.34 -5.12 -21.69
C ILE H 295 -20.93 -6.52 -21.57
N PHE H 296 -21.69 -6.95 -22.57
CA PHE H 296 -22.42 -8.23 -22.61
C PHE H 296 -21.59 -9.16 -23.48
N ARG H 297 -20.73 -9.95 -22.84
CA ARG H 297 -19.83 -10.89 -23.54
C ARG H 297 -20.45 -12.30 -23.51
N THR H 298 -20.93 -12.77 -24.66
CA THR H 298 -21.61 -14.08 -24.87
C THR H 298 -21.18 -14.60 -26.24
N PRO H 299 -21.25 -15.92 -26.53
CA PRO H 299 -20.75 -16.49 -27.78
C PRO H 299 -21.74 -16.16 -28.91
N LYS H 300 -21.26 -15.77 -30.10
CA LYS H 300 -22.17 -15.47 -31.24
C LYS H 300 -22.91 -16.78 -31.56
N GLY H 301 -24.21 -16.74 -31.82
CA GLY H 301 -25.02 -17.95 -32.13
C GLY H 301 -25.42 -18.75 -30.88
N TRP H 302 -25.23 -18.18 -29.70
CA TRP H 302 -25.54 -18.79 -28.38
C TRP H 302 -26.69 -19.78 -28.54
N THR H 303 -26.48 -21.04 -28.18
CA THR H 303 -27.49 -22.14 -28.08
C THR H 303 -27.70 -22.86 -29.42
N CYS H 304 -26.96 -22.53 -30.49
CA CYS H 304 -26.99 -23.31 -31.74
C CYS H 304 -26.04 -24.49 -31.54
N PRO H 305 -26.07 -25.51 -32.43
CA PRO H 305 -25.07 -26.55 -32.40
C PRO H 305 -23.65 -25.95 -32.37
N LYS H 306 -22.84 -26.38 -31.41
CA LYS H 306 -21.46 -25.89 -31.18
C LYS H 306 -20.63 -26.08 -32.44
N TYR H 307 -20.83 -27.19 -33.16
CA TYR H 307 -20.14 -27.56 -34.44
C TYR H 307 -21.13 -28.14 -35.46
N ILE H 308 -20.97 -27.75 -36.73
CA ILE H 308 -21.76 -28.26 -37.87
C ILE H 308 -20.82 -28.62 -39.00
N ASP H 309 -20.81 -29.90 -39.41
CA ASP H 309 -19.90 -30.42 -40.46
C ASP H 309 -18.46 -30.07 -40.06
N GLY H 310 -18.10 -30.25 -38.79
CA GLY H 310 -16.71 -30.06 -38.29
C GLY H 310 -16.24 -28.60 -38.26
N LYS H 311 -17.13 -27.62 -38.47
CA LYS H 311 -16.84 -26.17 -38.40
C LYS H 311 -17.45 -25.57 -37.14
N LYS H 312 -16.62 -24.98 -36.26
CA LYS H 312 -17.10 -24.26 -35.05
C LYS H 312 -18.12 -23.19 -35.44
N THR H 313 -19.28 -23.25 -34.82
CA THR H 313 -20.51 -22.56 -35.27
C THR H 313 -20.97 -21.59 -34.15
N GLU H 314 -21.22 -22.12 -32.95
CA GLU H 314 -21.42 -21.33 -31.72
C GLU H 314 -20.09 -20.66 -31.36
N GLY H 315 -20.13 -19.35 -31.06
CA GLY H 315 -18.93 -18.56 -30.76
C GLY H 315 -18.04 -18.40 -31.98
N SER H 316 -18.65 -18.23 -33.14
CA SER H 316 -17.96 -18.00 -34.44
C SER H 316 -18.71 -16.98 -35.28
N TRP H 317 -18.02 -16.38 -36.23
CA TRP H 317 -18.63 -15.55 -37.31
C TRP H 317 -19.49 -16.42 -38.25
N ARG H 318 -19.26 -17.74 -38.31
CA ARG H 318 -20.06 -18.70 -39.13
C ARG H 318 -21.54 -18.71 -38.75
N SER H 319 -21.90 -18.39 -37.50
CA SER H 319 -23.33 -18.27 -37.07
C SER H 319 -23.92 -16.94 -37.51
N HIS H 320 -23.16 -16.10 -38.25
CA HIS H 320 -23.56 -14.69 -38.52
C HIS H 320 -24.94 -14.70 -39.18
N GLN H 321 -25.07 -15.32 -40.36
CA GLN H 321 -26.34 -15.41 -41.13
C GLN H 321 -27.13 -16.63 -40.61
N VAL H 322 -26.71 -17.83 -40.98
CA VAL H 322 -27.29 -19.11 -40.49
C VAL H 322 -26.13 -20.07 -40.29
N PRO H 323 -26.12 -20.79 -39.16
CA PRO H 323 -25.05 -21.75 -38.89
C PRO H 323 -25.21 -22.99 -39.80
N LEU H 324 -26.46 -23.31 -40.15
CA LEU H 324 -26.79 -24.50 -40.97
C LEU H 324 -27.24 -23.95 -42.33
N ALA H 325 -26.35 -24.03 -43.33
CA ALA H 325 -26.48 -23.37 -44.65
C ALA H 325 -27.77 -23.82 -45.35
N SER H 326 -28.11 -25.11 -45.22
CA SER H 326 -29.33 -25.77 -45.78
C SER H 326 -29.83 -26.82 -44.80
N ALA H 327 -31.15 -26.96 -44.66
CA ALA H 327 -31.81 -28.07 -43.93
C ALA H 327 -32.64 -28.91 -44.92
N ARG H 328 -32.44 -28.73 -46.24
CA ARG H 328 -33.11 -29.49 -47.34
C ARG H 328 -32.14 -30.43 -48.07
N ASP H 329 -30.93 -29.98 -48.37
CA ASP H 329 -29.96 -30.71 -49.25
C ASP H 329 -29.79 -32.16 -48.76
N THR H 330 -29.73 -32.41 -47.45
CA THR H 330 -29.49 -33.78 -46.92
C THR H 330 -30.36 -34.04 -45.68
N GLU H 331 -30.51 -35.32 -45.32
CA GLU H 331 -31.29 -35.78 -44.15
C GLU H 331 -30.52 -35.40 -42.88
N ALA H 332 -29.21 -35.69 -42.84
CA ALA H 332 -28.29 -35.35 -41.73
C ALA H 332 -28.44 -33.87 -41.34
N HIS H 333 -28.61 -32.98 -42.35
CA HIS H 333 -28.74 -31.52 -42.14
C HIS H 333 -30.11 -31.22 -41.52
N PHE H 334 -31.18 -31.63 -42.17
CA PHE H 334 -32.54 -31.55 -41.59
C PHE H 334 -32.57 -32.10 -40.16
N GLU H 335 -31.78 -33.13 -39.88
CA GLU H 335 -31.71 -33.77 -38.54
C GLU H 335 -31.17 -32.73 -37.55
N VAL H 336 -30.11 -32.01 -37.93
CA VAL H 336 -29.46 -30.97 -37.07
C VAL H 336 -30.50 -29.90 -36.73
N LEU H 337 -31.24 -29.45 -37.74
CA LEU H 337 -32.37 -28.52 -37.56
C LEU H 337 -33.35 -29.09 -36.53
N LYS H 338 -33.72 -30.37 -36.68
CA LYS H 338 -34.76 -31.04 -35.85
C LYS H 338 -34.28 -31.02 -34.39
N ASN H 339 -33.07 -31.53 -34.14
CA ASN H 339 -32.42 -31.55 -32.80
C ASN H 339 -32.40 -30.15 -32.19
N TRP H 340 -31.82 -29.20 -32.94
CA TRP H 340 -31.64 -27.78 -32.54
C TRP H 340 -32.98 -27.22 -32.07
N LEU H 341 -34.02 -27.26 -32.92
CA LEU H 341 -35.40 -26.80 -32.57
C LEU H 341 -35.94 -27.51 -31.32
N GLU H 342 -35.53 -28.76 -31.06
CA GLU H 342 -36.09 -29.61 -29.99
C GLU H 342 -35.45 -29.21 -28.66
N SER H 343 -34.22 -28.68 -28.69
CA SER H 343 -33.39 -28.36 -27.50
C SER H 343 -34.01 -27.22 -26.69
N TYR H 344 -34.93 -26.44 -27.24
CA TYR H 344 -35.65 -25.39 -26.47
C TYR H 344 -36.86 -26.00 -25.79
N LYS H 345 -37.16 -27.28 -26.10
CA LYS H 345 -38.24 -28.13 -25.54
C LYS H 345 -39.57 -27.41 -25.75
N PRO H 346 -40.00 -27.26 -27.01
CA PRO H 346 -41.24 -26.55 -27.31
C PRO H 346 -42.48 -27.22 -26.71
N GLU H 347 -42.43 -28.53 -26.48
CA GLU H 347 -43.54 -29.29 -25.85
C GLU H 347 -43.94 -28.62 -24.52
N GLU H 348 -42.98 -27.99 -23.82
CA GLU H 348 -43.21 -27.32 -22.49
C GLU H 348 -43.76 -25.89 -22.68
N LEU H 349 -43.52 -25.27 -23.84
CA LEU H 349 -43.73 -23.81 -24.11
C LEU H 349 -45.06 -23.57 -24.82
N PHE H 350 -45.54 -24.57 -25.57
CA PHE H 350 -46.78 -24.49 -26.37
C PHE H 350 -47.85 -25.46 -25.82
N ASP H 351 -49.09 -24.98 -25.71
CA ASP H 351 -50.30 -25.81 -25.44
C ASP H 351 -50.73 -26.44 -26.79
N ALA H 352 -51.53 -27.50 -26.79
CA ALA H 352 -51.79 -28.34 -27.99
C ALA H 352 -52.41 -27.49 -29.11
N ASN H 353 -53.12 -26.42 -28.73
CA ASN H 353 -53.75 -25.45 -29.66
C ASN H 353 -52.71 -24.55 -30.36
N GLY H 354 -51.41 -24.66 -30.04
CA GLY H 354 -50.30 -23.89 -30.64
C GLY H 354 -50.10 -22.47 -30.07
N ALA H 355 -50.69 -22.14 -28.92
CA ALA H 355 -50.46 -20.87 -28.18
C ALA H 355 -49.32 -21.09 -27.16
N VAL H 356 -48.58 -20.04 -26.85
CA VAL H 356 -47.52 -20.10 -25.79
C VAL H 356 -48.26 -20.24 -24.48
N LYS H 357 -47.77 -21.09 -23.57
CA LYS H 357 -48.42 -21.36 -22.28
C LYS H 357 -48.36 -20.09 -21.45
N ASP H 358 -49.33 -19.91 -20.55
CA ASP H 358 -49.49 -18.73 -19.68
C ASP H 358 -48.25 -18.54 -18.79
N ASP H 359 -47.56 -19.63 -18.40
CA ASP H 359 -46.47 -19.57 -17.40
C ASP H 359 -45.17 -19.10 -18.10
N VAL H 360 -45.18 -19.04 -19.43
CA VAL H 360 -44.07 -18.48 -20.26
C VAL H 360 -44.10 -16.96 -20.11
N LEU H 361 -45.27 -16.34 -20.09
CA LEU H 361 -45.50 -14.89 -20.28
C LEU H 361 -46.11 -14.21 -19.05
N ALA H 362 -46.05 -14.85 -17.88
CA ALA H 362 -46.71 -14.33 -16.67
C ALA H 362 -45.89 -13.15 -16.12
N PHE H 363 -44.58 -13.17 -16.35
CA PHE H 363 -43.59 -12.15 -15.93
C PHE H 363 -43.65 -10.90 -16.84
N MET H 364 -44.37 -10.94 -17.96
CA MET H 364 -44.27 -9.93 -19.04
C MET H 364 -44.98 -8.66 -18.61
N PRO H 365 -44.57 -7.51 -19.15
CA PRO H 365 -45.25 -6.25 -18.88
C PRO H 365 -46.62 -6.26 -19.56
N LYS H 366 -47.50 -5.35 -19.15
CA LYS H 366 -48.87 -5.20 -19.69
C LYS H 366 -49.00 -3.79 -20.26
N GLY H 367 -49.95 -3.59 -21.18
CA GLY H 367 -50.34 -2.27 -21.68
C GLY H 367 -49.15 -1.53 -22.26
N GLU H 368 -49.07 -0.25 -21.94
CA GLU H 368 -48.23 0.72 -22.69
C GLU H 368 -46.77 0.63 -22.25
N LEU H 369 -46.46 -0.15 -21.21
CA LEU H 369 -45.09 -0.49 -20.74
C LEU H 369 -44.47 -1.56 -21.64
N ARG H 370 -45.26 -2.29 -22.42
CA ARG H 370 -44.69 -3.34 -23.30
C ARG H 370 -43.84 -2.66 -24.37
N ILE H 371 -42.69 -3.27 -24.64
CA ILE H 371 -41.72 -2.77 -25.64
C ILE H 371 -42.49 -2.32 -26.88
N GLY H 372 -43.45 -3.14 -27.32
CA GLY H 372 -44.14 -2.97 -28.60
C GLY H 372 -45.20 -1.89 -28.56
N ALA H 373 -45.69 -1.57 -27.38
CA ALA H 373 -46.88 -0.70 -27.23
C ALA H 373 -46.45 0.68 -26.74
N ASN H 374 -45.19 0.86 -26.35
CA ASN H 374 -44.76 2.11 -25.67
C ASN H 374 -44.80 3.24 -26.69
N PRO H 375 -45.52 4.33 -26.35
CA PRO H 375 -45.82 5.39 -27.32
C PRO H 375 -44.56 6.09 -27.83
N ASN H 376 -43.46 5.98 -27.10
CA ASN H 376 -42.16 6.51 -27.53
C ASN H 376 -41.67 5.71 -28.75
N ALA H 377 -42.14 4.47 -28.95
CA ALA H 377 -41.71 3.65 -30.11
C ALA H 377 -42.63 3.89 -31.32
N ASN H 378 -43.66 4.72 -31.15
CA ASN H 378 -44.54 5.22 -32.23
C ASN H 378 -44.88 6.67 -31.88
N GLY H 379 -43.88 7.53 -32.00
CA GLY H 379 -43.85 8.90 -31.44
C GLY H 379 -44.88 9.79 -32.09
N GLY H 380 -45.30 9.44 -33.30
CA GLY H 380 -46.48 10.07 -33.91
C GLY H 380 -47.60 10.23 -32.88
N VAL H 381 -47.84 9.25 -31.99
CA VAL H 381 -49.04 9.31 -31.10
C VAL H 381 -48.82 10.38 -30.04
N ILE H 382 -47.58 10.79 -29.80
CA ILE H 382 -47.22 11.81 -28.77
C ILE H 382 -47.14 13.20 -29.41
N ARG H 383 -46.52 13.25 -30.59
CA ARG H 383 -46.35 14.45 -31.46
C ARG H 383 -47.56 15.36 -31.32
N ASN H 384 -47.34 16.63 -31.00
CA ASN H 384 -48.34 17.72 -31.10
C ASN H 384 -47.87 18.71 -32.17
N ASP H 385 -48.78 19.48 -32.73
CA ASP H 385 -48.43 20.64 -33.57
C ASP H 385 -47.63 21.59 -32.68
N LEU H 386 -46.63 22.27 -33.25
CA LEU H 386 -45.94 23.42 -32.61
C LEU H 386 -46.90 24.61 -32.56
N LYS H 387 -46.93 25.34 -31.44
CA LYS H 387 -47.51 26.70 -31.35
C LYS H 387 -46.57 27.63 -32.09
N LEU H 388 -46.93 28.05 -33.31
CA LEU H 388 -46.07 28.88 -34.22
C LEU H 388 -46.41 30.36 -34.07
N PRO H 389 -45.39 31.25 -34.01
CA PRO H 389 -45.67 32.69 -34.00
C PRO H 389 -46.10 33.11 -35.41
N ASN H 390 -46.84 34.22 -35.49
CA ASN H 390 -47.27 34.86 -36.75
C ASN H 390 -46.07 35.04 -37.67
N LEU H 391 -46.11 34.52 -38.90
CA LEU H 391 -45.04 34.73 -39.90
C LEU H 391 -44.90 36.23 -40.22
N GLU H 392 -45.97 37.00 -40.04
CA GLU H 392 -46.07 38.44 -40.40
C GLU H 392 -44.99 39.23 -39.66
N ASP H 393 -44.69 38.87 -38.40
CA ASP H 393 -43.84 39.65 -37.46
C ASP H 393 -42.37 39.57 -37.90
N TYR H 394 -42.00 38.64 -38.79
CA TYR H 394 -40.61 38.41 -39.26
C TYR H 394 -40.43 38.99 -40.66
N GLU H 395 -41.54 39.27 -41.34
CA GLU H 395 -41.51 39.73 -42.75
C GLU H 395 -40.57 40.92 -42.85
N VAL H 396 -39.70 40.89 -43.85
CA VAL H 396 -38.97 42.10 -44.32
C VAL H 396 -39.99 43.00 -45.00
N LYS H 397 -40.42 44.07 -44.31
CA LYS H 397 -41.46 45.03 -44.74
C LYS H 397 -40.91 45.95 -45.86
N GLU H 398 -39.59 46.06 -45.98
CA GLU H 398 -38.85 47.08 -46.77
C GLU H 398 -39.02 46.85 -48.29
N VAL H 399 -39.42 45.66 -48.73
CA VAL H 399 -39.60 45.34 -50.19
C VAL H 399 -40.85 46.09 -50.68
N ALA H 400 -41.91 46.03 -49.88
CA ALA H 400 -43.18 46.72 -50.14
C ALA H 400 -42.94 48.24 -50.11
N GLU H 401 -41.99 48.72 -49.29
CA GLU H 401 -41.73 50.19 -49.12
C GLU H 401 -40.93 50.74 -50.31
N TYR H 402 -39.76 50.16 -50.59
CA TYR H 402 -38.76 50.67 -51.55
C TYR H 402 -38.65 49.81 -52.83
N GLY H 403 -39.40 48.72 -52.96
CA GLY H 403 -39.42 47.93 -54.21
C GLY H 403 -38.53 46.69 -54.17
N HIS H 404 -38.85 45.72 -55.03
CA HIS H 404 -38.12 44.44 -55.24
C HIS H 404 -36.64 44.71 -55.47
N GLY H 405 -35.74 43.98 -54.80
CA GLY H 405 -34.28 44.10 -54.97
C GLY H 405 -33.61 44.89 -53.86
N TRP H 406 -34.36 45.32 -52.85
CA TRP H 406 -33.83 46.14 -51.73
C TRP H 406 -32.85 45.35 -50.83
N GLY H 407 -31.78 46.02 -50.42
CA GLY H 407 -31.05 45.77 -49.16
C GLY H 407 -29.89 44.79 -49.26
N GLN H 408 -29.19 44.67 -48.15
CA GLN H 408 -28.01 43.79 -47.95
C GLN H 408 -28.30 42.95 -46.69
N LEU H 409 -29.50 42.37 -46.58
CA LEU H 409 -29.87 41.48 -45.44
C LEU H 409 -29.26 40.09 -45.60
N GLU H 410 -29.19 39.39 -44.47
CA GLU H 410 -28.63 38.03 -44.34
C GLU H 410 -29.85 37.16 -44.03
N ALA H 411 -30.35 36.44 -45.02
CA ALA H 411 -31.69 35.81 -44.92
C ALA H 411 -31.77 34.92 -43.67
N THR H 412 -30.73 34.16 -43.33
CA THR H 412 -30.82 33.16 -42.25
C THR H 412 -31.10 33.84 -40.90
N ARG H 413 -30.77 35.12 -40.72
CA ARG H 413 -31.11 35.88 -39.48
C ARG H 413 -32.62 35.88 -39.20
N THR H 414 -33.45 35.91 -40.24
CA THR H 414 -34.92 35.97 -40.13
C THR H 414 -35.43 34.59 -39.68
N LEU H 415 -34.85 33.52 -40.22
CA LEU H 415 -35.12 32.13 -39.74
C LEU H 415 -34.69 32.01 -38.28
N GLY H 416 -33.64 32.72 -37.87
CA GLY H 416 -33.20 32.71 -36.47
C GLY H 416 -34.21 33.38 -35.55
N ALA H 417 -34.72 34.55 -35.89
CA ALA H 417 -35.69 35.28 -35.07
C ALA H 417 -36.92 34.39 -34.90
N TYR H 418 -37.27 33.69 -35.97
CA TYR H 418 -38.52 32.90 -36.05
C TYR H 418 -38.38 31.66 -35.14
N THR H 419 -37.29 30.92 -35.29
CA THR H 419 -37.04 29.65 -34.57
C THR H 419 -36.90 29.95 -33.08
N ARG H 420 -36.21 31.05 -32.75
CA ARG H 420 -36.10 31.57 -31.36
C ARG H 420 -37.49 31.51 -30.72
N ASP H 421 -38.49 32.07 -31.38
CA ASP H 421 -39.82 32.27 -30.76
C ASP H 421 -40.58 30.93 -30.79
N ILE H 422 -40.18 30.03 -31.68
CA ILE H 422 -40.77 28.66 -31.74
C ILE H 422 -40.32 27.97 -30.45
N ILE H 423 -39.04 28.06 -30.13
CA ILE H 423 -38.46 27.46 -28.88
C ILE H 423 -39.15 28.11 -27.67
N LYS H 424 -39.19 29.44 -27.59
CA LYS H 424 -39.88 30.16 -26.49
C LYS H 424 -41.28 29.58 -26.23
N ASN H 425 -42.05 29.32 -27.29
CA ASN H 425 -43.50 28.97 -27.22
C ASN H 425 -43.71 27.45 -27.09
N ASN H 426 -42.66 26.65 -27.30
CA ASN H 426 -42.71 25.16 -27.36
C ASN H 426 -41.52 24.60 -26.61
N PRO H 427 -41.37 24.94 -25.31
CA PRO H 427 -40.22 24.50 -24.53
C PRO H 427 -40.35 22.99 -24.40
N ARG H 428 -39.24 22.28 -24.34
CA ARG H 428 -39.22 20.81 -24.12
C ARG H 428 -39.69 20.07 -25.37
N ASP H 429 -39.96 20.77 -26.47
CA ASP H 429 -40.65 20.21 -27.66
C ASP H 429 -39.92 20.51 -28.98
N PHE H 430 -38.86 21.29 -28.94
CA PHE H 430 -38.14 21.79 -30.13
C PHE H 430 -36.67 21.94 -29.78
N ARG H 431 -35.83 21.47 -30.70
CA ARG H 431 -34.36 21.49 -30.57
C ARG H 431 -33.74 21.97 -31.88
N ILE H 432 -32.77 22.87 -31.75
CA ILE H 432 -31.76 23.17 -32.80
C ILE H 432 -30.54 22.28 -32.54
N PHE H 433 -30.07 21.57 -33.55
CA PHE H 433 -28.77 20.85 -33.54
C PHE H 433 -27.86 21.59 -34.53
N GLY H 434 -26.54 21.49 -34.38
CA GLY H 434 -25.64 22.13 -35.36
C GLY H 434 -24.20 21.79 -35.07
N PRO H 435 -23.40 21.45 -36.10
CA PRO H 435 -22.05 20.94 -35.90
C PRO H 435 -21.09 22.12 -35.75
N ASP H 436 -21.29 22.88 -34.67
CA ASP H 436 -20.44 24.04 -34.28
C ASP H 436 -20.65 25.18 -35.28
N GLU H 437 -21.87 25.32 -35.78
CA GLU H 437 -22.22 26.18 -36.94
C GLU H 437 -23.51 26.99 -36.69
N THR H 438 -24.10 26.94 -35.49
CA THR H 438 -25.41 27.61 -35.26
C THR H 438 -25.18 29.12 -35.39
N ALA H 439 -24.15 29.64 -34.75
CA ALA H 439 -23.84 31.08 -34.89
C ALA H 439 -23.38 31.35 -36.33
N SER H 440 -22.57 30.47 -36.93
CA SER H 440 -21.97 30.73 -38.27
C SER H 440 -23.07 30.88 -39.30
N ASN H 441 -24.14 30.04 -39.21
CA ASN H 441 -25.32 30.04 -40.12
C ASN H 441 -26.35 31.10 -39.67
N ARG H 442 -26.09 31.79 -38.57
CA ARG H 442 -26.79 33.02 -38.15
C ARG H 442 -28.12 32.68 -37.47
N LEU H 443 -28.16 31.57 -36.71
CA LEU H 443 -29.38 31.08 -35.99
C LEU H 443 -29.29 31.35 -34.48
N GLN H 444 -28.35 32.20 -34.05
CA GLN H 444 -27.99 32.42 -32.63
C GLN H 444 -29.01 33.33 -31.92
N ALA H 445 -30.03 33.88 -32.60
CA ALA H 445 -31.07 34.67 -31.92
C ALA H 445 -31.75 33.79 -30.89
N SER H 446 -31.74 32.47 -31.15
CA SER H 446 -32.31 31.43 -30.27
C SER H 446 -31.58 31.45 -28.92
N TYR H 447 -30.39 32.03 -28.85
CA TYR H 447 -29.61 32.13 -27.58
C TYR H 447 -30.26 33.15 -26.64
N GLU H 448 -31.27 33.91 -27.09
CA GLU H 448 -31.97 34.90 -26.24
C GLU H 448 -32.94 34.18 -25.30
N VAL H 449 -33.40 32.95 -25.63
CA VAL H 449 -34.47 32.26 -24.86
C VAL H 449 -34.02 30.89 -24.34
N THR H 450 -32.94 30.35 -24.83
CA THR H 450 -32.38 29.08 -24.32
C THR H 450 -30.88 29.21 -24.41
N ASN H 451 -30.17 28.11 -24.16
CA ASN H 451 -28.70 28.03 -24.21
C ASN H 451 -28.30 26.77 -25.00
N LYS H 452 -27.01 26.67 -25.31
CA LYS H 452 -26.38 25.42 -25.78
C LYS H 452 -26.26 24.49 -24.58
N GLN H 453 -26.82 23.30 -24.67
CA GLN H 453 -26.73 22.24 -23.65
C GLN H 453 -25.30 21.75 -23.61
N TRP H 454 -24.68 21.78 -22.44
CA TRP H 454 -23.27 21.40 -22.27
C TRP H 454 -23.09 20.82 -20.86
N ASP H 455 -22.70 19.54 -20.78
CA ASP H 455 -22.57 18.82 -19.48
C ASP H 455 -21.15 18.26 -19.37
N ALA H 456 -20.15 19.01 -19.88
CA ALA H 456 -18.71 18.92 -19.55
C ALA H 456 -18.33 20.17 -18.73
N GLY H 457 -17.04 20.41 -18.54
CA GLY H 457 -16.54 21.48 -17.65
C GLY H 457 -16.87 22.89 -18.16
N TYR H 458 -17.22 23.77 -17.22
CA TYR H 458 -17.23 25.25 -17.36
C TYR H 458 -15.91 25.76 -16.78
N ILE H 459 -15.33 26.85 -17.30
CA ILE H 459 -14.07 27.43 -16.76
C ILE H 459 -14.17 28.95 -16.55
N SER H 460 -14.95 29.70 -17.34
CA SER H 460 -14.93 31.18 -17.30
C SER H 460 -16.09 31.81 -18.06
N ASP H 461 -16.67 32.86 -17.50
CA ASP H 461 -17.69 33.70 -18.19
C ASP H 461 -17.11 34.42 -19.41
N GLU H 462 -15.80 34.56 -19.57
CA GLU H 462 -15.17 35.26 -20.73
C GLU H 462 -15.27 34.39 -22.00
N VAL H 463 -15.51 33.08 -21.85
CA VAL H 463 -15.55 32.15 -23.01
C VAL H 463 -16.83 31.33 -23.03
N ASP H 464 -17.45 31.05 -21.88
CA ASP H 464 -18.54 30.06 -21.74
C ASP H 464 -19.89 30.72 -21.90
N GLU H 465 -20.05 31.50 -22.97
CA GLU H 465 -21.24 32.29 -23.32
C GLU H 465 -22.33 31.33 -23.83
N HIS H 466 -23.56 31.57 -23.37
CA HIS H 466 -24.80 30.96 -23.91
C HIS H 466 -24.72 29.43 -23.78
N MET H 467 -24.19 28.95 -22.67
CA MET H 467 -24.03 27.52 -22.35
C MET H 467 -24.61 27.25 -20.97
N HIS H 468 -25.35 26.16 -20.82
CA HIS H 468 -25.98 25.70 -19.56
C HIS H 468 -26.04 24.17 -19.60
N VAL H 469 -26.23 23.52 -18.45
CA VAL H 469 -26.30 22.03 -18.33
C VAL H 469 -27.54 21.53 -19.06
N SER H 470 -28.54 22.40 -19.26
CA SER H 470 -29.85 22.14 -19.92
C SER H 470 -30.08 23.22 -20.95
N GLY H 471 -30.48 22.86 -22.17
CA GLY H 471 -30.87 23.90 -23.15
C GLY H 471 -31.32 23.27 -24.45
N GLN H 472 -32.02 24.03 -25.25
CA GLN H 472 -32.72 23.45 -26.42
C GLN H 472 -31.76 23.37 -27.61
N VAL H 473 -30.58 23.98 -27.54
CA VAL H 473 -29.58 23.95 -28.66
C VAL H 473 -28.49 22.98 -28.26
N VAL H 474 -28.07 22.12 -29.18
CA VAL H 474 -26.95 21.18 -28.92
C VAL H 474 -26.01 21.20 -30.13
N GLU H 475 -24.71 21.21 -29.86
CA GLU H 475 -23.64 21.39 -30.86
C GLU H 475 -22.51 20.44 -30.49
N GLN H 476 -22.15 19.60 -31.45
CA GLN H 476 -20.92 18.77 -31.48
C GLN H 476 -20.42 18.90 -32.93
N LEU H 477 -19.10 18.83 -33.18
CA LEU H 477 -18.52 18.76 -34.54
C LEU H 477 -18.61 17.30 -35.03
N SER H 478 -19.84 16.90 -35.32
CA SER H 478 -20.19 15.65 -36.01
C SER H 478 -21.57 15.85 -36.64
N GLU H 479 -21.62 15.86 -37.97
CA GLU H 479 -22.90 15.88 -38.72
C GLU H 479 -23.68 14.62 -38.33
N HIS H 480 -23.00 13.48 -38.16
CA HIS H 480 -23.65 12.20 -37.77
C HIS H 480 -24.46 12.38 -36.50
N GLN H 481 -23.83 12.90 -35.46
CA GLN H 481 -24.46 13.10 -34.14
C GLN H 481 -25.68 14.01 -34.30
N MET H 482 -25.54 15.09 -35.06
CA MET H 482 -26.60 16.10 -35.23
C MET H 482 -27.78 15.48 -35.99
N GLU H 483 -27.54 14.78 -37.11
CA GLU H 483 -28.60 14.10 -37.88
C GLU H 483 -29.24 13.07 -36.96
N GLY H 484 -28.40 12.27 -36.30
CA GLY H 484 -28.76 11.21 -35.34
C GLY H 484 -29.64 11.69 -34.22
N PHE H 485 -29.20 12.67 -33.43
CA PHE H 485 -29.98 13.19 -32.28
C PHE H 485 -31.34 13.64 -32.79
N LEU H 486 -31.38 14.38 -33.91
CA LEU H 486 -32.65 15.03 -34.36
C LEU H 486 -33.61 13.94 -34.84
N GLU H 487 -33.15 13.04 -35.72
CA GLU H 487 -33.91 11.83 -36.14
C GLU H 487 -34.65 11.17 -34.96
N ALA H 488 -33.95 10.81 -33.87
CA ALA H 488 -34.58 10.13 -32.72
C ALA H 488 -35.50 11.10 -31.95
N TYR H 489 -35.21 12.40 -31.97
CA TYR H 489 -36.01 13.38 -31.22
C TYR H 489 -37.36 13.50 -31.93
N LEU H 490 -37.34 13.36 -33.27
CA LEU H 490 -38.57 13.35 -34.11
C LEU H 490 -39.31 12.01 -33.94
N LEU H 491 -38.60 10.87 -33.90
CA LEU H 491 -39.23 9.53 -33.83
C LEU H 491 -39.97 9.33 -32.51
N THR H 492 -39.63 10.10 -31.49
CA THR H 492 -40.19 10.03 -30.12
C THR H 492 -41.19 11.16 -29.96
N GLY H 493 -41.49 11.85 -31.05
CA GLY H 493 -42.65 12.75 -31.10
C GLY H 493 -42.32 14.19 -30.81
N ARG H 494 -41.06 14.62 -30.99
CA ARG H 494 -40.71 16.06 -30.82
C ARG H 494 -40.37 16.68 -32.20
N HIS H 495 -39.78 17.88 -32.21
CA HIS H 495 -39.59 18.74 -33.41
C HIS H 495 -38.19 19.36 -33.41
N GLY H 496 -37.73 19.87 -34.55
CA GLY H 496 -36.44 20.56 -34.59
C GLY H 496 -35.96 20.92 -35.97
N ILE H 497 -34.86 21.64 -35.98
CA ILE H 497 -34.08 21.99 -37.19
C ILE H 497 -32.61 21.75 -36.84
N TRP H 498 -31.82 21.32 -37.81
CA TRP H 498 -30.37 21.49 -37.74
C TRP H 498 -29.85 22.20 -39.01
N SER H 499 -28.66 22.78 -38.91
CA SER H 499 -28.05 23.57 -39.99
C SER H 499 -26.69 22.96 -40.29
N SER H 500 -26.23 23.10 -41.52
CA SER H 500 -24.90 22.63 -41.94
C SER H 500 -24.42 23.54 -43.06
N TYR H 501 -23.14 23.82 -43.11
CA TYR H 501 -22.50 24.24 -44.37
C TYR H 501 -22.90 23.17 -45.40
N GLU H 502 -23.21 23.63 -46.60
CA GLU H 502 -23.80 22.81 -47.67
C GLU H 502 -22.84 21.67 -48.03
N SER H 503 -21.59 21.98 -48.31
CA SER H 503 -20.60 20.97 -48.75
C SER H 503 -20.66 19.75 -47.83
N PHE H 504 -20.89 19.94 -46.54
CA PHE H 504 -20.64 18.91 -45.49
C PHE H 504 -21.92 18.18 -45.13
N VAL H 505 -23.03 18.58 -45.75
CA VAL H 505 -24.27 17.77 -45.66
C VAL H 505 -23.95 16.36 -46.18
N HIS H 506 -23.08 16.27 -47.16
CA HIS H 506 -22.71 15.00 -47.83
C HIS H 506 -22.22 13.99 -46.79
N VAL H 507 -21.75 14.45 -45.65
CA VAL H 507 -21.17 13.56 -44.61
C VAL H 507 -22.25 12.55 -44.23
N ILE H 508 -23.50 13.01 -44.21
CA ILE H 508 -24.69 12.25 -43.70
C ILE H 508 -25.69 12.01 -44.84
N ASP H 509 -25.21 11.97 -46.09
CA ASP H 509 -26.00 11.53 -47.28
C ASP H 509 -26.65 10.18 -46.94
N SER H 510 -25.87 9.22 -46.43
CA SER H 510 -26.30 7.82 -46.19
C SER H 510 -27.40 7.79 -45.11
N MET H 511 -27.33 8.69 -44.14
CA MET H 511 -28.35 8.80 -43.06
C MET H 511 -29.62 9.41 -43.65
N LEU H 512 -29.51 10.38 -44.56
CA LEU H 512 -30.71 10.89 -45.25
C LEU H 512 -31.39 9.73 -46.01
N ASN H 513 -30.61 8.89 -46.72
CA ASN H 513 -31.10 7.69 -47.45
C ASN H 513 -31.93 6.81 -46.48
N GLN H 514 -31.41 6.48 -45.30
CA GLN H 514 -32.07 5.53 -44.36
C GLN H 514 -33.35 6.13 -43.78
N HIS H 515 -33.29 7.33 -43.25
CA HIS H 515 -34.51 8.03 -42.79
C HIS H 515 -35.52 8.18 -43.96
N ALA H 516 -35.06 8.48 -45.18
CA ALA H 516 -35.96 8.57 -46.34
C ALA H 516 -36.65 7.20 -46.52
N LYS H 517 -35.87 6.11 -46.53
CA LYS H 517 -36.38 4.73 -46.70
C LYS H 517 -37.38 4.43 -45.58
N TRP H 518 -36.98 4.66 -44.33
CA TRP H 518 -37.89 4.57 -43.16
C TRP H 518 -39.21 5.28 -43.49
N LEU H 519 -39.13 6.52 -43.98
CA LEU H 519 -40.33 7.36 -44.27
C LEU H 519 -41.11 6.83 -45.48
N GLU H 520 -40.40 6.42 -46.55
CA GLU H 520 -40.96 5.77 -47.78
C GLU H 520 -41.77 4.54 -47.34
N ALA H 521 -41.15 3.60 -46.64
CA ALA H 521 -41.82 2.38 -46.09
C ALA H 521 -43.01 2.78 -45.24
N THR H 522 -42.86 3.76 -44.37
CA THR H 522 -43.93 4.12 -43.39
C THR H 522 -45.17 4.59 -44.13
N VAL H 523 -45.04 5.37 -45.21
CA VAL H 523 -46.22 6.10 -45.79
C VAL H 523 -46.94 5.21 -46.81
N ARG H 524 -46.21 4.28 -47.43
CA ARG H 524 -46.74 3.21 -48.32
C ARG H 524 -47.59 2.21 -47.52
N GLU H 525 -47.01 1.51 -46.54
CA GLU H 525 -47.61 0.27 -45.97
C GLU H 525 -47.58 0.18 -44.43
N ILE H 526 -47.47 1.28 -43.68
CA ILE H 526 -47.44 1.20 -42.18
C ILE H 526 -48.29 2.29 -41.59
N PRO H 527 -49.62 2.24 -41.82
CA PRO H 527 -50.54 3.27 -41.34
C PRO H 527 -50.79 3.28 -39.82
N TRP H 528 -50.40 2.23 -39.08
CA TRP H 528 -50.50 2.20 -37.60
C TRP H 528 -49.42 3.11 -36.97
N ARG H 529 -48.30 3.29 -37.67
CA ARG H 529 -47.16 4.14 -37.27
C ARG H 529 -47.48 5.60 -37.62
N LYS H 530 -47.96 6.40 -36.66
CA LYS H 530 -48.50 7.77 -36.89
C LYS H 530 -47.37 8.71 -37.30
N PRO H 531 -47.68 9.80 -38.03
CA PRO H 531 -46.66 10.64 -38.62
C PRO H 531 -45.90 11.41 -37.55
N ILE H 532 -44.59 11.52 -37.79
CA ILE H 532 -43.57 12.26 -36.98
C ILE H 532 -43.25 13.60 -37.68
N ALA H 533 -42.71 14.55 -36.94
CA ALA H 533 -42.31 15.87 -37.47
C ALA H 533 -41.20 15.64 -38.47
N SER H 534 -41.04 16.58 -39.39
CA SER H 534 -40.06 16.45 -40.50
C SER H 534 -38.65 16.74 -39.98
N MET H 535 -37.70 16.08 -40.62
CA MET H 535 -36.26 16.33 -40.46
C MET H 535 -35.96 17.56 -41.33
N ASN H 536 -35.96 18.72 -40.70
CA ASN H 536 -35.77 20.06 -41.30
C ASN H 536 -34.28 20.42 -41.22
N LEU H 537 -33.66 20.73 -42.37
CA LEU H 537 -32.19 20.85 -42.54
C LEU H 537 -31.89 22.15 -43.29
N LEU H 538 -31.47 23.18 -42.57
CA LEU H 538 -31.02 24.46 -43.16
C LEU H 538 -29.67 24.23 -43.82
N VAL H 539 -29.63 24.33 -45.15
CA VAL H 539 -28.39 24.24 -45.97
C VAL H 539 -28.00 25.67 -46.32
N SER H 540 -26.86 26.12 -45.82
CA SER H 540 -26.45 27.53 -45.92
C SER H 540 -24.95 27.57 -46.08
N SER H 541 -24.35 28.77 -45.95
CA SER H 541 -22.94 28.94 -46.31
C SER H 541 -22.68 28.11 -47.57
N HIS H 542 -23.45 28.37 -48.63
CA HIS H 542 -23.57 27.51 -49.83
C HIS H 542 -22.47 27.87 -50.82
N VAL H 543 -22.44 27.17 -51.95
CA VAL H 543 -21.27 27.10 -52.88
C VAL H 543 -20.91 28.49 -53.39
N TRP H 544 -21.90 29.33 -53.72
CA TRP H 544 -21.64 30.61 -54.42
C TRP H 544 -20.94 31.64 -53.53
N ARG H 545 -20.93 31.42 -52.21
CA ARG H 545 -20.34 32.32 -51.20
C ARG H 545 -19.44 31.52 -50.27
N GLN H 546 -18.78 30.47 -50.78
CA GLN H 546 -17.65 29.75 -50.14
C GLN H 546 -16.35 30.19 -50.84
N ASP H 547 -16.40 31.42 -51.38
CA ASP H 547 -15.26 32.18 -51.97
C ASP H 547 -14.17 32.38 -50.92
N HIS H 548 -14.51 32.49 -49.64
CA HIS H 548 -13.58 32.63 -48.48
C HIS H 548 -12.99 31.29 -48.01
N ASN H 549 -13.67 30.14 -48.17
CA ASN H 549 -13.15 28.82 -47.68
C ASN H 549 -12.60 27.99 -48.83
N GLY H 550 -13.08 28.19 -50.05
CA GLY H 550 -12.43 27.60 -51.23
C GLY H 550 -13.09 26.31 -51.65
N PHE H 551 -12.42 25.60 -52.58
CA PHE H 551 -12.93 24.46 -53.38
C PHE H 551 -13.49 23.33 -52.50
N SER H 552 -12.85 22.96 -51.39
CA SER H 552 -13.31 21.91 -50.45
C SER H 552 -14.76 22.16 -49.98
N HIS H 553 -15.20 23.41 -49.96
CA HIS H 553 -16.49 23.84 -49.36
C HIS H 553 -17.56 24.09 -50.43
N GLN H 554 -17.24 23.79 -51.69
CA GLN H 554 -18.08 24.13 -52.87
C GLN H 554 -18.61 22.81 -53.47
N ASP H 555 -19.69 22.28 -52.87
CA ASP H 555 -20.39 21.10 -53.39
C ASP H 555 -21.84 21.20 -52.96
N PRO H 556 -22.73 21.69 -53.87
CA PRO H 556 -24.18 21.70 -53.60
C PRO H 556 -24.91 20.40 -53.98
N GLY H 557 -24.19 19.29 -54.18
CA GLY H 557 -24.71 18.02 -54.73
C GLY H 557 -25.73 17.30 -53.85
N VAL H 558 -26.01 17.76 -52.64
CA VAL H 558 -26.98 17.07 -51.76
C VAL H 558 -28.32 17.05 -52.50
N THR H 559 -28.57 18.06 -53.36
CA THR H 559 -29.78 18.19 -54.21
C THR H 559 -29.96 16.92 -55.01
N SER H 560 -28.90 16.53 -55.73
CA SER H 560 -28.82 15.31 -56.57
C SER H 560 -29.17 14.04 -55.76
N VAL H 561 -28.59 13.89 -54.57
CA VAL H 561 -28.82 12.75 -53.64
C VAL H 561 -30.31 12.67 -53.26
N LEU H 562 -30.90 13.79 -52.83
CA LEU H 562 -32.30 13.82 -52.34
C LEU H 562 -33.26 13.45 -53.49
N LEU H 563 -32.90 13.77 -54.74
CA LEU H 563 -33.74 13.50 -55.94
C LEU H 563 -33.90 11.98 -56.16
N ASN H 564 -33.00 11.16 -55.63
CA ASN H 564 -33.05 9.67 -55.71
C ASN H 564 -33.97 9.08 -54.61
N LYS H 565 -34.77 9.91 -53.96
CA LYS H 565 -35.80 9.49 -52.96
C LYS H 565 -37.09 10.27 -53.27
N CYS H 566 -37.33 10.54 -54.55
CA CYS H 566 -38.49 11.32 -55.05
C CYS H 566 -39.26 10.46 -56.05
N PHE H 567 -39.97 9.44 -55.56
CA PHE H 567 -40.70 8.44 -56.36
C PHE H 567 -42.06 8.11 -55.74
N HIS H 568 -42.90 7.37 -56.48
N HIS H 568 -42.90 7.46 -56.56
CA HIS H 568 -44.11 6.64 -55.99
CA HIS H 568 -44.17 6.76 -56.24
C HIS H 568 -45.09 7.60 -55.28
C HIS H 568 -45.04 7.60 -55.30
N ASN H 569 -44.95 8.92 -55.45
CA ASN H 569 -45.83 9.92 -54.79
C ASN H 569 -45.78 9.72 -53.27
N ASP H 570 -44.63 9.27 -52.76
CA ASP H 570 -44.32 9.17 -51.32
C ASP H 570 -44.29 10.57 -50.67
N HIS H 571 -43.71 11.57 -51.34
CA HIS H 571 -43.68 12.98 -50.86
C HIS H 571 -43.03 13.02 -49.47
N VAL H 572 -41.86 12.40 -49.35
CA VAL H 572 -41.03 12.40 -48.11
C VAL H 572 -39.81 13.31 -48.32
N ILE H 573 -39.61 13.92 -49.49
CA ILE H 573 -38.47 14.85 -49.74
C ILE H 573 -39.02 16.23 -50.09
N GLY H 574 -38.62 17.26 -49.33
CA GLY H 574 -38.75 18.68 -49.68
C GLY H 574 -37.40 19.25 -50.10
N ILE H 575 -37.30 19.94 -51.24
CA ILE H 575 -36.07 20.66 -51.66
C ILE H 575 -36.44 22.10 -51.99
N TYR H 576 -36.18 23.02 -51.07
CA TYR H 576 -36.62 24.43 -51.17
C TYR H 576 -35.38 25.30 -51.35
N PHE H 577 -35.49 26.30 -52.22
CA PHE H 577 -34.49 27.35 -52.50
C PHE H 577 -35.08 28.66 -51.97
N ALA H 578 -34.55 29.12 -50.85
CA ALA H 578 -34.96 30.41 -50.25
C ALA H 578 -34.35 31.52 -51.11
N THR H 579 -35.21 32.24 -51.82
CA THR H 579 -34.83 33.34 -52.74
C THR H 579 -34.35 34.51 -51.89
N ASP H 580 -34.97 34.70 -50.74
CA ASP H 580 -34.66 35.81 -49.82
C ASP H 580 -35.24 35.47 -48.45
N ALA H 581 -35.21 36.43 -47.52
CA ALA H 581 -35.65 36.22 -46.12
C ALA H 581 -37.11 35.78 -46.15
N ASN H 582 -37.88 36.43 -47.00
CA ASN H 582 -39.35 36.29 -47.00
C ASN H 582 -39.70 34.91 -47.57
N MET H 583 -39.00 34.48 -48.62
CA MET H 583 -39.21 33.13 -49.17
C MET H 583 -38.80 32.11 -48.11
N LEU H 584 -37.77 32.43 -47.31
CA LEU H 584 -37.24 31.53 -46.26
C LEU H 584 -38.30 31.33 -45.17
N LEU H 585 -39.02 32.38 -44.75
CA LEU H 585 -40.09 32.28 -43.72
C LEU H 585 -41.23 31.37 -44.21
N ALA H 586 -41.74 31.61 -45.43
CA ALA H 586 -42.78 30.80 -46.10
C ALA H 586 -42.40 29.30 -46.13
N ILE H 587 -41.18 28.98 -46.59
CA ILE H 587 -40.61 27.59 -46.65
C ILE H 587 -40.58 27.03 -45.23
N ALA H 588 -40.14 27.86 -44.28
CA ALA H 588 -39.88 27.49 -42.87
C ALA H 588 -41.19 27.06 -42.22
N GLU H 589 -42.20 27.91 -42.28
CA GLU H 589 -43.55 27.62 -41.75
C GLU H 589 -44.07 26.34 -42.38
N LYS H 590 -44.00 26.21 -43.70
CA LYS H 590 -44.50 25.01 -44.40
C LYS H 590 -43.80 23.77 -43.82
N CYS H 591 -42.47 23.80 -43.71
CA CYS H 591 -41.63 22.67 -43.19
C CYS H 591 -41.94 22.33 -41.72
N TYR H 592 -42.17 23.33 -40.86
CA TYR H 592 -42.35 23.17 -39.39
C TYR H 592 -43.73 22.60 -39.11
N LYS H 593 -44.68 22.83 -40.04
CA LYS H 593 -46.05 22.29 -40.03
C LYS H 593 -46.04 20.88 -40.61
N SER H 594 -45.12 20.57 -41.53
CA SER H 594 -45.05 19.29 -42.30
C SER H 594 -44.83 18.09 -41.38
N THR H 595 -45.01 16.89 -41.92
CA THR H 595 -44.76 15.58 -41.24
C THR H 595 -44.17 14.60 -42.25
N ASN H 596 -43.58 13.51 -41.76
CA ASN H 596 -43.10 12.38 -42.59
C ASN H 596 -42.23 12.87 -43.78
N LYS H 597 -41.45 13.94 -43.59
CA LYS H 597 -40.55 14.50 -44.63
C LYS H 597 -39.12 14.67 -44.08
N ILE H 598 -38.14 14.60 -44.97
CA ILE H 598 -36.80 15.23 -44.90
C ILE H 598 -36.91 16.50 -45.74
N ASN H 599 -36.94 17.67 -45.11
CA ASN H 599 -37.01 19.00 -45.78
C ASN H 599 -35.59 19.58 -45.85
N ALA H 600 -35.08 19.95 -47.03
CA ALA H 600 -33.75 20.57 -47.19
C ALA H 600 -33.96 22.00 -47.69
N ILE H 601 -33.64 22.99 -46.84
CA ILE H 601 -33.82 24.44 -47.12
C ILE H 601 -32.46 25.05 -47.46
N ILE H 602 -32.22 25.34 -48.73
CA ILE H 602 -30.99 26.04 -49.22
C ILE H 602 -31.24 27.56 -49.14
N ALA H 603 -30.51 28.23 -48.24
CA ALA H 603 -30.64 29.68 -47.98
C ALA H 603 -29.24 30.23 -47.76
N GLY H 604 -28.95 31.40 -48.31
CA GLY H 604 -27.70 32.15 -48.07
C GLY H 604 -27.71 32.87 -46.72
N LYS H 605 -26.50 33.10 -46.21
CA LYS H 605 -26.23 33.86 -44.98
C LYS H 605 -25.54 35.16 -45.36
N GLN H 606 -25.11 35.28 -46.61
CA GLN H 606 -24.35 36.47 -47.09
C GLN H 606 -25.35 37.63 -47.22
N PRO H 607 -24.91 38.89 -47.12
CA PRO H 607 -25.79 40.01 -47.43
C PRO H 607 -26.31 39.87 -48.88
N ALA H 608 -27.61 40.09 -49.09
CA ALA H 608 -28.29 39.87 -50.40
C ALA H 608 -29.60 40.65 -50.46
N ALA H 609 -30.04 40.93 -51.69
CA ALA H 609 -31.29 41.65 -51.99
C ALA H 609 -32.44 40.83 -51.41
N THR H 610 -33.53 41.49 -51.06
CA THR H 610 -34.85 40.86 -50.82
C THR H 610 -35.70 41.16 -52.05
N TRP H 611 -36.26 40.13 -52.67
CA TRP H 611 -36.97 40.20 -53.97
C TRP H 611 -38.50 40.21 -53.82
N LEU H 612 -39.05 39.37 -52.94
CA LEU H 612 -40.50 39.13 -52.79
C LEU H 612 -40.99 39.68 -51.44
N THR H 613 -42.25 40.09 -51.33
CA THR H 613 -42.93 40.28 -50.03
C THR H 613 -43.31 38.89 -49.50
N LEU H 614 -43.83 38.82 -48.29
CA LEU H 614 -44.23 37.52 -47.70
C LEU H 614 -45.28 36.90 -48.63
N ASP H 615 -46.30 37.70 -49.00
CA ASP H 615 -47.43 37.27 -49.89
C ASP H 615 -46.89 36.70 -51.20
N GLU H 616 -45.98 37.40 -51.89
CA GLU H 616 -45.43 36.96 -53.19
C GLU H 616 -44.74 35.59 -53.03
N ALA H 617 -44.05 35.41 -51.90
CA ALA H 617 -43.27 34.20 -51.57
C ALA H 617 -44.23 33.05 -51.28
N ARG H 618 -45.24 33.28 -50.44
CA ARG H 618 -46.32 32.30 -50.13
C ARG H 618 -46.90 31.75 -51.44
N ALA H 619 -47.27 32.65 -52.33
CA ALA H 619 -47.83 32.41 -53.68
C ALA H 619 -46.86 31.55 -54.50
N GLU H 620 -45.67 32.04 -54.78
CA GLU H 620 -44.67 31.28 -55.59
C GLU H 620 -44.46 29.87 -54.96
N LEU H 621 -44.52 29.74 -53.64
CA LEU H 621 -44.19 28.48 -52.92
C LEU H 621 -45.29 27.44 -53.07
N GLU H 622 -46.55 27.85 -52.95
CA GLU H 622 -47.75 26.99 -53.09
C GLU H 622 -47.75 26.27 -54.45
N LYS H 623 -47.29 26.91 -55.52
CA LYS H 623 -47.18 26.23 -56.83
C LYS H 623 -45.75 25.74 -57.04
N GLY H 624 -44.76 26.41 -56.46
CA GLY H 624 -43.34 26.00 -56.51
C GLY H 624 -42.51 26.88 -57.42
N ALA H 625 -43.11 27.55 -58.38
CA ALA H 625 -42.40 28.40 -59.37
C ALA H 625 -43.36 29.52 -59.75
N ALA H 626 -42.87 30.54 -60.46
CA ALA H 626 -43.67 31.74 -60.74
C ALA H 626 -42.95 32.62 -61.75
N ALA H 627 -43.74 33.16 -62.69
CA ALA H 627 -43.34 34.32 -63.51
C ALA H 627 -43.24 35.49 -62.53
N TRP H 628 -42.25 36.36 -62.70
CA TRP H 628 -42.13 37.63 -61.95
C TRP H 628 -42.55 38.77 -62.86
N ASP H 629 -43.83 39.09 -62.82
CA ASP H 629 -44.46 40.03 -63.77
C ASP H 629 -43.72 41.37 -63.63
N TRP H 630 -43.57 41.88 -62.40
CA TRP H 630 -42.96 43.20 -62.07
C TRP H 630 -41.54 43.32 -62.65
N ALA H 631 -40.88 42.18 -62.96
CA ALA H 631 -39.49 42.07 -63.43
C ALA H 631 -39.39 41.92 -64.95
N SER H 632 -40.50 41.56 -65.59
CA SER H 632 -40.59 41.06 -66.99
C SER H 632 -40.86 42.24 -67.92
N THR H 633 -40.07 42.39 -68.99
CA THR H 633 -40.30 43.45 -70.01
C THR H 633 -41.36 42.93 -70.96
N ALA H 634 -41.40 41.62 -71.25
CA ALA H 634 -42.50 40.93 -71.97
C ALA H 634 -43.81 41.07 -71.20
N LYS H 635 -44.96 41.05 -71.90
CA LYS H 635 -46.33 41.19 -71.33
C LYS H 635 -47.06 39.83 -71.32
N ASN H 636 -46.72 38.95 -72.26
CA ASN H 636 -47.27 37.58 -72.40
C ASN H 636 -46.17 36.72 -73.02
N ASN H 637 -46.38 35.41 -73.18
CA ASN H 637 -45.35 34.46 -73.62
C ASN H 637 -45.00 34.66 -75.10
N ASP H 638 -45.89 35.26 -75.90
CA ASP H 638 -45.69 35.44 -77.38
C ASP H 638 -44.68 36.57 -77.61
N GLU H 639 -44.83 37.68 -76.88
CA GLU H 639 -43.92 38.87 -76.97
C GLU H 639 -42.49 38.45 -76.59
N ALA H 640 -42.35 37.68 -75.51
CA ALA H 640 -41.08 37.24 -74.88
C ALA H 640 -40.12 36.64 -75.93
N GLU H 641 -38.90 37.18 -76.02
CA GLU H 641 -37.84 36.65 -76.90
C GLU H 641 -37.03 35.58 -76.15
N VAL H 642 -37.06 35.62 -74.81
CA VAL H 642 -36.26 34.74 -73.89
C VAL H 642 -36.88 34.69 -72.50
N VAL H 643 -36.73 33.54 -71.82
CA VAL H 643 -37.15 33.32 -70.40
C VAL H 643 -35.91 33.16 -69.52
N LEU H 644 -35.76 34.11 -68.59
CA LEU H 644 -34.70 34.15 -67.57
C LEU H 644 -35.25 33.49 -66.30
N ALA H 645 -34.74 32.31 -65.97
CA ALA H 645 -35.19 31.50 -64.80
C ALA H 645 -33.98 31.25 -63.87
N ALA H 646 -34.23 31.41 -62.57
CA ALA H 646 -33.23 31.23 -61.49
C ALA H 646 -33.81 30.32 -60.39
N ALA H 647 -32.96 29.42 -59.89
CA ALA H 647 -33.21 28.64 -58.65
C ALA H 647 -32.00 28.82 -57.74
N GLY H 648 -32.24 29.43 -56.58
CA GLY H 648 -31.19 29.78 -55.62
C GLY H 648 -31.07 31.29 -55.52
N ASP H 649 -30.73 31.76 -54.32
CA ASP H 649 -30.69 33.20 -53.96
C ASP H 649 -29.63 33.90 -54.85
N VAL H 650 -28.52 33.24 -55.19
CA VAL H 650 -27.43 33.92 -55.96
C VAL H 650 -27.77 33.90 -57.46
N PRO H 651 -28.13 32.73 -58.03
CA PRO H 651 -28.62 32.72 -59.41
C PRO H 651 -29.69 33.78 -59.65
N THR H 652 -30.67 33.89 -58.74
CA THR H 652 -31.69 34.96 -58.77
C THR H 652 -30.97 36.29 -58.90
N GLN H 653 -29.93 36.52 -58.10
CA GLN H 653 -29.22 37.82 -58.10
C GLN H 653 -28.59 38.06 -59.48
N GLU H 654 -27.93 37.05 -60.06
CA GLU H 654 -27.18 37.21 -61.32
C GLU H 654 -28.16 37.39 -62.47
N ILE H 655 -29.29 36.70 -62.39
CA ILE H 655 -30.37 36.73 -63.43
C ILE H 655 -31.01 38.12 -63.40
N MET H 656 -31.35 38.65 -62.22
CA MET H 656 -32.00 39.97 -62.06
C MET H 656 -31.09 41.06 -62.62
N ALA H 657 -29.78 40.92 -62.40
CA ALA H 657 -28.78 41.89 -62.90
C ALA H 657 -28.63 41.73 -64.42
N ALA H 658 -28.57 40.50 -64.91
CA ALA H 658 -28.55 40.25 -66.37
C ALA H 658 -29.78 40.97 -66.96
N SER H 659 -30.94 40.79 -66.33
CA SER H 659 -32.27 41.36 -66.72
C SER H 659 -32.19 42.88 -66.90
N ASP H 660 -31.52 43.62 -66.00
CA ASP H 660 -31.32 45.09 -66.12
C ASP H 660 -30.45 45.46 -67.33
N LYS H 661 -29.43 44.67 -67.68
CA LYS H 661 -28.57 44.90 -68.87
C LYS H 661 -29.38 44.60 -70.15
N LEU H 662 -30.18 43.54 -70.15
CA LEU H 662 -31.08 43.18 -71.27
C LEU H 662 -32.12 44.28 -71.45
N LYS H 663 -32.65 44.78 -70.33
CA LYS H 663 -33.65 45.89 -70.27
C LYS H 663 -33.11 47.10 -71.04
N GLU H 664 -31.83 47.42 -70.90
CA GLU H 664 -31.23 48.63 -71.53
C GLU H 664 -31.01 48.42 -73.04
N LEU H 665 -30.73 47.19 -73.49
CA LEU H 665 -30.62 46.85 -74.93
C LEU H 665 -32.02 46.71 -75.54
N GLY H 666 -33.07 46.92 -74.74
CA GLY H 666 -34.47 46.91 -75.18
C GLY H 666 -35.02 45.53 -75.54
N VAL H 667 -34.43 44.44 -75.00
CA VAL H 667 -34.91 43.03 -75.18
C VAL H 667 -36.21 42.85 -74.39
N LYS H 668 -37.12 42.01 -74.91
CA LYS H 668 -38.36 41.58 -74.22
C LYS H 668 -38.09 40.19 -73.63
N PHE H 669 -38.26 40.04 -72.32
CA PHE H 669 -37.90 38.81 -71.59
C PHE H 669 -38.92 38.61 -70.46
N LYS H 670 -39.09 37.34 -70.09
CA LYS H 670 -39.91 36.89 -68.93
C LYS H 670 -38.92 36.41 -67.85
N VAL H 671 -39.19 36.76 -66.59
CA VAL H 671 -38.37 36.35 -65.41
C VAL H 671 -39.13 35.29 -64.60
N VAL H 672 -38.52 34.12 -64.43
CA VAL H 672 -39.13 33.04 -63.61
C VAL H 672 -38.23 32.77 -62.39
N ASN H 673 -38.83 32.62 -61.21
CA ASN H 673 -38.15 32.09 -60.00
C ASN H 673 -38.71 30.71 -59.61
N VAL H 674 -37.83 29.77 -59.33
CA VAL H 674 -38.17 28.43 -58.76
C VAL H 674 -37.72 28.41 -57.29
N ALA H 675 -38.66 28.08 -56.38
CA ALA H 675 -38.48 27.92 -54.92
C ALA H 675 -38.60 26.44 -54.52
N ASP H 676 -39.38 25.65 -55.26
CA ASP H 676 -39.62 24.21 -54.99
C ASP H 676 -39.07 23.39 -56.18
N LEU H 677 -37.90 22.76 -56.03
CA LEU H 677 -37.28 22.02 -57.14
C LEU H 677 -38.26 20.97 -57.69
N LEU H 678 -39.05 20.31 -56.83
CA LEU H 678 -39.86 19.11 -57.22
C LEU H 678 -41.13 19.50 -58.00
N SER H 679 -41.57 20.75 -57.94
CA SER H 679 -42.58 21.36 -58.85
C SER H 679 -42.21 21.16 -60.33
N LEU H 680 -40.93 21.03 -60.69
CA LEU H 680 -40.48 20.80 -62.09
C LEU H 680 -40.51 19.31 -62.42
N GLN H 681 -40.69 18.44 -61.42
CA GLN H 681 -40.67 16.99 -61.67
C GLN H 681 -41.82 16.67 -62.64
N SER H 682 -41.60 15.73 -63.57
CA SER H 682 -42.63 15.19 -64.50
C SER H 682 -43.97 15.05 -63.76
N ALA H 683 -45.07 15.54 -64.32
CA ALA H 683 -46.39 15.41 -63.67
C ALA H 683 -46.84 13.94 -63.74
N LYS H 684 -46.13 13.12 -64.51
CA LYS H 684 -46.32 11.64 -64.55
C LYS H 684 -45.82 11.02 -63.25
N GLU H 685 -44.68 11.49 -62.71
CA GLU H 685 -44.01 10.85 -61.54
C GLU H 685 -44.49 11.49 -60.23
N ASN H 686 -44.93 12.74 -60.25
CA ASN H 686 -45.22 13.49 -59.01
C ASN H 686 -46.53 14.27 -59.18
N ASP H 687 -47.60 13.84 -58.50
CA ASP H 687 -48.96 14.46 -58.56
C ASP H 687 -48.93 15.89 -57.98
N GLU H 688 -47.89 16.29 -57.27
CA GLU H 688 -47.79 17.62 -56.62
C GLU H 688 -47.00 18.58 -57.51
N ALA H 689 -46.31 18.07 -58.53
CA ALA H 689 -45.57 18.94 -59.48
C ALA H 689 -46.57 19.85 -60.21
N LEU H 690 -46.05 20.85 -60.93
CA LEU H 690 -46.78 21.64 -61.94
C LEU H 690 -47.27 20.64 -63.00
N THR H 691 -48.51 20.81 -63.47
CA THR H 691 -49.03 20.15 -64.70
C THR H 691 -48.29 20.71 -65.92
N ASP H 692 -48.16 19.92 -66.99
CA ASP H 692 -47.50 20.36 -68.26
C ASP H 692 -48.11 21.71 -68.71
N GLU H 693 -49.41 21.95 -68.47
CA GLU H 693 -50.10 23.23 -68.83
C GLU H 693 -49.49 24.37 -68.01
N GLU H 694 -49.44 24.24 -66.69
CA GLU H 694 -48.86 25.25 -65.76
C GLU H 694 -47.39 25.50 -66.11
N PHE H 695 -46.63 24.43 -66.35
CA PHE H 695 -45.22 24.49 -66.77
C PHE H 695 -45.08 25.37 -68.03
N ALA H 696 -45.73 24.96 -69.11
CA ALA H 696 -45.72 25.65 -70.42
C ALA H 696 -46.14 27.13 -70.27
N ASP H 697 -47.04 27.45 -69.33
CA ASP H 697 -47.54 28.83 -69.10
C ASP H 697 -46.42 29.69 -68.51
N ILE H 698 -45.54 29.09 -67.71
CA ILE H 698 -44.41 29.78 -67.01
C ILE H 698 -43.19 29.83 -67.96
N PHE H 699 -42.79 28.69 -68.52
CA PHE H 699 -41.54 28.55 -69.32
C PHE H 699 -41.76 28.74 -70.83
N THR H 700 -43.01 28.91 -71.30
CA THR H 700 -43.51 29.53 -72.57
C THR H 700 -43.85 28.51 -73.67
N ALA H 701 -43.16 27.37 -73.75
CA ALA H 701 -43.44 26.28 -74.74
C ALA H 701 -42.62 26.36 -76.03
N ASP H 702 -42.20 27.55 -76.49
CA ASP H 702 -41.48 27.68 -77.80
C ASP H 702 -40.24 28.56 -77.63
N LYS H 703 -40.30 29.57 -76.75
CA LYS H 703 -39.17 30.49 -76.46
C LYS H 703 -38.04 29.75 -75.73
N PRO H 704 -36.76 30.13 -75.96
CA PRO H 704 -35.66 29.49 -75.25
C PRO H 704 -35.69 30.03 -73.81
N VAL H 705 -35.31 29.16 -72.87
CA VAL H 705 -35.23 29.45 -71.43
C VAL H 705 -33.78 29.42 -70.99
N LEU H 706 -33.31 30.53 -70.40
CA LEU H 706 -32.00 30.59 -69.67
C LEU H 706 -32.26 30.27 -68.19
N PHE H 707 -31.82 29.09 -67.74
CA PHE H 707 -32.04 28.61 -66.35
C PHE H 707 -30.70 28.69 -65.60
N ALA H 708 -30.66 29.61 -64.62
CA ALA H 708 -29.56 29.73 -63.66
C ALA H 708 -29.94 28.96 -62.40
N TYR H 709 -29.23 27.87 -62.10
CA TYR H 709 -29.55 26.88 -61.03
C TYR H 709 -28.42 26.81 -60.00
N HIS H 710 -28.83 26.78 -58.73
CA HIS H 710 -27.93 26.81 -57.55
C HIS H 710 -26.92 25.68 -57.66
N SER H 711 -27.39 24.49 -57.99
CA SER H 711 -26.59 23.25 -57.85
C SER H 711 -26.14 22.88 -59.26
N TYR H 712 -25.87 21.59 -59.48
CA TYR H 712 -25.37 21.01 -60.75
C TYR H 712 -26.52 20.93 -61.76
N ALA H 713 -26.29 21.41 -63.00
CA ALA H 713 -27.34 21.58 -64.04
C ALA H 713 -27.98 20.22 -64.36
N HIS H 714 -27.19 19.14 -64.32
CA HIS H 714 -27.67 17.74 -64.47
C HIS H 714 -28.98 17.54 -63.69
N ASP H 715 -29.13 18.10 -62.49
CA ASP H 715 -30.35 17.90 -61.67
C ASP H 715 -31.56 18.31 -62.50
N VAL H 716 -31.52 19.48 -63.13
CA VAL H 716 -32.72 20.02 -63.85
C VAL H 716 -32.86 19.24 -65.18
N ARG H 717 -31.79 19.04 -65.93
CA ARG H 717 -31.86 18.44 -67.28
C ARG H 717 -32.57 17.08 -67.19
N GLY H 718 -32.43 16.35 -66.06
CA GLY H 718 -33.04 15.04 -65.79
C GLY H 718 -34.44 15.15 -65.16
N LEU H 719 -34.76 16.25 -64.50
CA LEU H 719 -36.10 16.48 -63.91
C LEU H 719 -37.14 16.75 -64.99
N ILE H 720 -36.79 17.55 -66.01
CA ILE H 720 -37.70 18.13 -67.03
C ILE H 720 -37.58 17.39 -68.38
N TYR H 721 -37.08 16.15 -68.44
CA TYR H 721 -36.79 15.41 -69.70
C TYR H 721 -38.06 15.22 -70.54
N ASP H 722 -39.24 15.13 -69.91
CA ASP H 722 -40.53 14.88 -70.63
C ASP H 722 -41.38 16.15 -70.60
N ARG H 723 -40.81 17.30 -70.28
CA ARG H 723 -41.61 18.53 -70.05
C ARG H 723 -41.77 19.29 -71.37
N PRO H 724 -42.90 20.03 -71.57
CA PRO H 724 -43.03 20.89 -72.74
C PRO H 724 -41.81 21.81 -72.83
N ASN H 725 -41.25 21.98 -74.02
CA ASN H 725 -40.25 23.05 -74.31
C ASN H 725 -38.90 22.69 -73.71
N HIS H 726 -38.74 21.48 -73.18
CA HIS H 726 -37.52 21.08 -72.44
C HIS H 726 -36.24 21.32 -73.28
N ASP H 727 -36.25 21.12 -74.61
CA ASP H 727 -35.02 21.15 -75.46
C ASP H 727 -34.54 22.60 -75.64
N ASN H 728 -35.38 23.58 -75.35
CA ASN H 728 -35.04 25.02 -75.38
C ASN H 728 -34.51 25.50 -74.01
N PHE H 729 -34.38 24.62 -73.01
CA PHE H 729 -33.82 24.98 -71.68
C PHE H 729 -32.28 24.96 -71.79
N ASN H 730 -31.66 26.12 -71.61
CA ASN H 730 -30.20 26.31 -71.50
C ASN H 730 -29.88 26.48 -70.01
N VAL H 731 -29.45 25.40 -69.34
CA VAL H 731 -29.31 25.35 -67.85
C VAL H 731 -27.84 25.56 -67.46
N HIS H 732 -27.60 26.60 -66.67
CA HIS H 732 -26.32 26.91 -66.00
C HIS H 732 -26.47 26.61 -64.50
N GLY H 733 -25.47 25.92 -63.95
CA GLY H 733 -25.37 25.52 -62.54
C GLY H 733 -23.91 25.46 -62.15
N TYR H 734 -23.62 25.00 -60.93
CA TYR H 734 -22.22 24.88 -60.47
C TYR H 734 -21.54 23.79 -61.31
N GLU H 735 -20.27 24.00 -61.61
CA GLU H 735 -19.55 23.33 -62.73
C GLU H 735 -18.17 22.89 -62.24
N GLU H 736 -18.00 22.73 -60.93
CA GLU H 736 -16.72 22.36 -60.26
C GLU H 736 -15.62 23.35 -60.66
N GLU H 737 -15.96 24.63 -60.72
CA GLU H 737 -15.01 25.74 -60.87
C GLU H 737 -15.13 26.55 -59.57
N GLY H 738 -14.03 27.09 -59.09
CA GLY H 738 -14.00 27.98 -57.92
C GLY H 738 -12.71 27.81 -57.14
N SER H 739 -12.56 28.62 -56.11
CA SER H 739 -11.38 28.63 -55.22
C SER H 739 -11.67 29.68 -54.17
N THR H 740 -10.65 30.15 -53.50
CA THR H 740 -10.84 31.26 -52.57
C THR H 740 -10.59 32.49 -53.43
N THR H 741 -11.63 33.29 -53.61
CA THR H 741 -11.67 34.35 -54.63
C THR H 741 -12.73 35.34 -54.19
N THR H 742 -13.35 36.04 -55.14
CA THR H 742 -14.37 37.08 -54.85
C THR H 742 -15.73 36.48 -55.19
N PRO H 743 -16.83 37.00 -54.63
CA PRO H 743 -18.14 36.49 -55.01
C PRO H 743 -18.32 36.45 -56.54
N TYR H 744 -17.82 37.49 -57.23
CA TYR H 744 -18.00 37.65 -58.69
C TYR H 744 -17.23 36.53 -59.42
N ASP H 745 -15.99 36.31 -59.07
CA ASP H 745 -15.23 35.24 -59.75
C ASP H 745 -15.98 33.89 -59.59
N MET H 746 -16.66 33.67 -58.46
CA MET H 746 -17.32 32.36 -58.19
C MET H 746 -18.38 32.10 -59.27
N VAL H 747 -19.23 33.10 -59.48
CA VAL H 747 -20.28 33.05 -60.53
C VAL H 747 -19.57 33.04 -61.91
N ARG H 748 -18.56 33.89 -62.10
CA ARG H 748 -17.87 34.04 -63.41
C ARG H 748 -17.33 32.68 -63.85
N VAL H 749 -16.45 32.11 -63.06
CA VAL H 749 -15.67 30.92 -63.44
C VAL H 749 -16.66 29.75 -63.68
N ASN H 750 -17.86 29.82 -63.12
CA ASN H 750 -18.94 28.80 -63.33
C ASN H 750 -19.94 29.27 -64.39
N ARG H 751 -19.65 30.36 -65.12
CA ARG H 751 -20.44 30.84 -66.28
C ARG H 751 -21.89 31.07 -65.86
N ILE H 752 -22.12 31.72 -64.73
CA ILE H 752 -23.49 32.01 -64.23
C ILE H 752 -23.49 33.42 -63.63
N ASP H 753 -22.46 34.21 -63.94
CA ASP H 753 -22.39 35.66 -63.61
C ASP H 753 -23.34 36.43 -64.52
N ARG H 754 -23.84 37.58 -64.07
CA ARG H 754 -24.79 38.45 -64.82
C ARG H 754 -24.30 38.74 -66.24
N TYR H 755 -22.98 38.86 -66.47
CA TYR H 755 -22.43 39.26 -67.79
C TYR H 755 -22.63 38.10 -68.75
N GLU H 756 -22.11 36.92 -68.41
CA GLU H 756 -22.28 35.68 -69.21
C GLU H 756 -23.77 35.40 -69.40
N LEU H 757 -24.58 35.58 -68.36
CA LEU H 757 -26.03 35.29 -68.50
C LEU H 757 -26.60 36.22 -69.56
N THR H 758 -26.40 37.54 -69.43
CA THR H 758 -26.79 38.54 -70.46
C THR H 758 -26.30 38.10 -71.85
N ALA H 759 -25.01 37.78 -72.00
CA ALA H 759 -24.43 37.32 -73.27
C ALA H 759 -25.18 36.08 -73.78
N GLU H 760 -25.42 35.09 -72.90
CA GLU H 760 -26.07 33.80 -73.26
C GLU H 760 -27.46 34.09 -73.81
N ALA H 761 -28.18 34.99 -73.15
CA ALA H 761 -29.53 35.42 -73.55
C ALA H 761 -29.47 36.03 -74.95
N LEU H 762 -28.44 36.83 -75.26
CA LEU H 762 -28.29 37.46 -76.60
C LEU H 762 -28.03 36.35 -77.62
N ARG H 763 -27.00 35.52 -77.40
CA ARG H 763 -26.65 34.36 -78.28
C ARG H 763 -27.95 33.65 -78.71
N MET H 764 -28.80 33.34 -77.74
CA MET H 764 -30.05 32.53 -77.90
C MET H 764 -31.14 33.31 -78.66
N ILE H 765 -31.16 34.64 -78.61
CA ILE H 765 -32.12 35.47 -79.43
C ILE H 765 -31.51 35.60 -80.83
N ASP H 766 -30.52 36.47 -81.02
CA ASP H 766 -29.84 36.60 -82.33
C ASP H 766 -28.35 36.85 -82.08
N ALA H 767 -27.56 35.79 -82.28
CA ALA H 767 -26.08 35.72 -82.18
C ALA H 767 -25.43 36.79 -83.08
N ASP H 768 -25.80 36.82 -84.37
CA ASP H 768 -25.15 37.69 -85.39
C ASP H 768 -25.64 39.12 -85.17
N LYS H 769 -26.92 39.31 -84.86
CA LYS H 769 -27.53 40.66 -84.66
C LYS H 769 -26.85 41.36 -83.47
N TYR H 770 -26.41 40.58 -82.49
CA TYR H 770 -25.87 41.11 -81.21
C TYR H 770 -24.37 40.81 -81.05
N ALA H 771 -23.73 40.18 -82.05
CA ALA H 771 -22.33 39.67 -82.05
C ALA H 771 -21.36 40.57 -81.28
N ASP H 772 -21.56 41.90 -81.33
CA ASP H 772 -20.62 42.92 -80.82
C ASP H 772 -20.94 43.26 -79.36
N LYS H 773 -22.22 43.30 -78.94
CA LYS H 773 -22.60 43.56 -77.53
C LYS H 773 -22.23 42.33 -76.69
N ILE H 774 -22.34 41.13 -77.30
CA ILE H 774 -21.84 39.81 -76.77
C ILE H 774 -20.33 39.88 -76.58
N ASP H 775 -19.61 40.40 -77.57
CA ASP H 775 -18.13 40.42 -77.56
C ASP H 775 -17.64 41.47 -76.56
N GLU H 776 -18.41 42.55 -76.36
CA GLU H 776 -18.17 43.63 -75.37
C GLU H 776 -18.31 43.04 -73.94
N LEU H 777 -19.30 42.16 -73.74
CA LEU H 777 -19.67 41.51 -72.46
C LEU H 777 -18.61 40.48 -72.05
N GLU H 778 -18.18 39.60 -72.95
CA GLU H 778 -17.04 38.66 -72.73
C GLU H 778 -15.77 39.45 -72.40
N LYS H 779 -15.52 40.58 -73.04
CA LYS H 779 -14.30 41.37 -72.78
C LYS H 779 -14.38 41.88 -71.32
N PHE H 780 -15.54 42.44 -70.95
CA PHE H 780 -15.74 43.03 -69.60
C PHE H 780 -15.60 41.94 -68.54
N ARG H 781 -16.04 40.72 -68.86
CA ARG H 781 -15.98 39.57 -67.93
C ARG H 781 -14.53 39.38 -67.50
N ASP H 782 -13.60 39.45 -68.46
CA ASP H 782 -12.16 39.29 -68.18
C ASP H 782 -11.66 40.54 -67.46
N GLU H 783 -12.20 41.72 -67.73
CA GLU H 783 -11.70 42.99 -67.13
C GLU H 783 -12.06 43.04 -65.64
N ALA H 784 -13.28 42.66 -65.27
CA ALA H 784 -13.75 42.62 -63.86
C ALA H 784 -12.93 41.58 -63.06
N PHE H 785 -12.66 40.41 -63.63
CA PHE H 785 -11.74 39.44 -63.01
C PHE H 785 -10.40 40.13 -62.74
N GLN H 786 -9.83 40.76 -63.77
CA GLN H 786 -8.49 41.41 -63.75
C GLN H 786 -8.55 42.58 -62.74
N PHE H 787 -9.70 43.24 -62.62
CA PHE H 787 -9.97 44.27 -61.59
C PHE H 787 -9.91 43.68 -60.17
N ALA H 788 -10.52 42.52 -59.95
CA ALA H 788 -10.42 41.76 -58.66
C ALA H 788 -8.96 41.37 -58.41
N VAL H 789 -8.31 40.69 -59.37
CA VAL H 789 -6.90 40.25 -59.18
C VAL H 789 -6.08 41.45 -58.72
N ASP H 790 -6.29 42.63 -59.30
CA ASP H 790 -5.44 43.83 -59.10
C ASP H 790 -5.85 44.61 -57.84
N ASN H 791 -7.10 44.56 -57.39
CA ASN H 791 -7.54 45.46 -56.28
C ASN H 791 -7.96 44.66 -55.03
N GLY H 792 -8.35 43.41 -55.20
CA GLY H 792 -8.67 42.50 -54.08
C GLY H 792 -10.09 42.68 -53.60
N TYR H 793 -10.88 43.46 -54.31
CA TYR H 793 -12.36 43.48 -54.24
C TYR H 793 -12.86 43.56 -55.68
N ASP H 794 -14.18 43.53 -55.86
CA ASP H 794 -14.85 43.31 -57.17
C ASP H 794 -15.12 44.64 -57.85
N HIS H 795 -15.10 44.62 -59.19
CA HIS H 795 -15.39 45.79 -60.03
C HIS H 795 -16.64 46.45 -59.48
N PRO H 796 -16.71 47.79 -59.37
CA PRO H 796 -17.85 48.45 -58.74
C PRO H 796 -19.15 48.30 -59.57
N ASP H 797 -19.03 47.90 -60.83
CA ASP H 797 -20.21 47.59 -61.69
C ASP H 797 -20.97 46.43 -61.07
N TYR H 798 -20.26 45.40 -60.57
CA TYR H 798 -20.83 44.17 -60.00
C TYR H 798 -21.33 44.44 -58.56
N THR H 799 -20.52 45.20 -57.88
CA THR H 799 -20.57 45.47 -56.43
C THR H 799 -21.72 46.42 -56.10
N ASP H 800 -21.82 47.51 -56.86
CA ASP H 800 -22.71 48.68 -56.58
C ASP H 800 -24.07 48.51 -57.26
N TRP H 801 -24.19 47.61 -58.25
CA TRP H 801 -25.49 47.33 -58.92
C TRP H 801 -26.61 47.22 -57.87
N VAL H 802 -27.75 47.81 -58.17
CA VAL H 802 -29.02 47.70 -57.39
C VAL H 802 -30.08 47.47 -58.45
N TYR H 803 -31.05 46.56 -58.25
CA TYR H 803 -32.16 46.38 -59.22
C TYR H 803 -32.79 47.75 -59.50
N SER H 804 -32.89 48.06 -60.79
CA SER H 804 -33.50 49.28 -61.36
C SER H 804 -34.81 49.59 -60.63
N GLY H 805 -35.56 48.55 -60.24
CA GLY H 805 -36.86 48.64 -59.55
C GLY H 805 -36.77 49.11 -58.11
N VAL H 806 -35.60 49.53 -57.62
CA VAL H 806 -35.46 50.11 -56.24
C VAL H 806 -35.40 51.63 -56.35
N ASN H 807 -36.09 52.37 -55.46
CA ASN H 807 -36.08 53.86 -55.40
C ASN H 807 -35.55 54.32 -54.05
N THR H 808 -34.63 55.30 -54.05
CA THR H 808 -33.86 55.87 -52.91
C THR H 808 -34.43 55.36 -51.57
#